data_3KZ4
#
_entry.id   3KZ4
#
_cell.length_a   740.750
_cell.length_b   1198.070
_cell.length_c   1345.410
_cell.angle_alpha   90.000
_cell.angle_beta   90.000
_cell.angle_gamma   90.000
#
_symmetry.space_group_name_H-M   'P 21 21 21'
#
loop_
_entity.id
_entity.type
_entity.pdbx_description
1 polymer 'Inner capsid protein VP2'
2 polymer 'Intermediate capsid protein VP6'
3 non-polymer 'ZINC ION'
#
loop_
_entity_poly.entity_id
_entity_poly.type
_entity_poly.pdbx_seq_one_letter_code
_entity_poly.pdbx_strand_id
1 'polypeptide(L)'
;MAYRKRGARREANINNNDRMQEKDDEKQDQNNRMQLSDKVLSKKEEVVTDSQEEIKIADEVKKSTKEESKQLLEVLKTKE
EHQKEIQYEILQKTIPTFEPKESILKKLEDIKPEQAKKQTKLFRIFEPRQLPIYRANGEKELRNRWYWKLKKDTLPDGDY
DVREYFLNLYDQVLTEMPDYLLLKDMAVENKNSRDAGKVVDSETASICDAIFQDEETEGAVRRFIAEMRQRVQADRNVVN
YPSILHPIDYAFNEYFLQHQLVEPLNNDIIFNYIPERIRNDVNYILNMDRNLPSTARYIRPNLLQDRLNLHDNFESLWDT
ITTSNYILARSVVPDLKELVSTEAQIQKMSQDLQLEALTIQSETQFLTGINSQAANDCFKTLIAAMLSQRTMSLDFVTTN
YMSLISGMWLLTVVPNDMFIRESLVACQLAIVNTIIYPAFGMQRMHYRNGDPQTPFQIAEQQIQNFQVANWLHFVNNNQF
RQVVIDGVLNQVLNDNIRNGHVINQLMEALMQLSRQQFPTMPVDYKRSIQRGILLLSNRLGQLVDLTRLLAYNYETLMAC
VTMNMQHVQTLTTEKLQLTSVTSLCMLIGNATVIPSPQTLFHYYNVNVNFHSNYNERINDAVAIITAANRLNLYQKKMKA
IVEDFLKRLHIFDVARVPDDQMYRLRDRLRLLPVEVRRLDIFNLILMNMDQIERASDKIAQGVIIAYRDMQLERDEMYGY
VNIARNLDGFQQINLEELMRTGDYAQITNMLLNNQPVALVGALPFVTDSSVISLIAKLDATVFAQIVKLRKVDTLKPILY
KINSDSNDFYLVANYDWVPTSTTKVYKQVPQQFDFRNSMHMLTSNLTFTVYSDLLAFVSADTVEPINAVAFDNMRIMNEL
;
A,B
2 'polypeptide(L)'
;MDVLYSLSKTLKDARDKIVEGTLYSNVSDLIQQFNQMIITMNGNEFQTGGIGNLPIRNWNFDFGLLGTTLLNLDANYVET
ARNTIDYFVDFVDNVCMDEMVRESQRNGIAPQSDSLRKLSGLKFKRINFDNSSEYIENWNLQNRRQRTGFTFHKPNIFPY
SASFTLNRSQPAHDNLMGTMWLNAGSEIQVAGFDYSCAINAPANTQQFEHIVQLRRVLTTATITLLPDAERFSFPRVINS
ADGATTWYFNPVILRPNNVEVEFLLNGQIINTYQARFGTIIARNFDTIRLSFQLMRPPNMTPAVAALFPNAQPFEHHATV
GLTLRIESAVCESVLADASETMLANVTSVRQEYAIPVGPVFPPGMNWTDLITNYSPSREDNLQRVFTVASIRSMLVK
;
C,D,E,F,G,H,I,J,K,L,M,N,O
#
loop_
_chem_comp.id
_chem_comp.type
_chem_comp.name
_chem_comp.formula
ZN non-polymer 'ZINC ION' 'Zn 2'
#
# COMPACT_ATOMS: atom_id res chain seq x y z
N PRO A 100 59.25 43.18 35.15
CA PRO A 100 58.75 44.51 34.73
C PRO A 100 59.81 45.42 34.09
N LYS A 101 59.32 45.94 32.94
CA LYS A 101 59.91 46.83 31.92
C LYS A 101 61.33 46.50 31.47
N GLU A 102 62.34 46.78 32.29
CA GLU A 102 63.70 46.41 31.92
C GLU A 102 63.88 44.89 32.15
N SER A 103 62.77 44.14 32.19
CA SER A 103 62.72 42.68 32.42
C SER A 103 62.54 41.87 31.12
N ILE A 104 62.17 42.57 30.04
CA ILE A 104 61.96 41.96 28.72
C ILE A 104 63.06 42.48 27.78
N LEU A 105 63.78 43.50 28.23
CA LEU A 105 64.87 44.13 27.47
C LEU A 105 66.18 43.34 27.71
N LYS A 106 66.44 42.98 28.97
CA LYS A 106 67.65 42.22 29.30
C LYS A 106 67.52 40.82 28.71
N LYS A 107 66.29 40.37 28.50
CA LYS A 107 66.05 39.06 27.92
C LYS A 107 66.24 39.20 26.40
N LEU A 108 66.06 40.43 25.90
CA LEU A 108 66.17 40.71 24.47
C LEU A 108 67.59 41.08 24.02
N GLU A 109 68.22 42.02 24.72
CA GLU A 109 69.59 42.44 24.41
C GLU A 109 70.51 41.21 24.57
N ASP A 110 70.17 40.35 25.54
CA ASP A 110 70.95 39.16 25.86
C ASP A 110 70.64 37.97 24.97
N ILE A 111 70.55 38.18 23.67
CA ILE A 111 70.26 37.09 22.76
C ILE A 111 71.40 36.96 21.74
N LYS A 112 72.17 35.88 21.85
CA LYS A 112 73.30 35.66 20.96
C LYS A 112 73.20 34.30 20.27
N PRO A 113 72.37 34.19 19.24
CA PRO A 113 72.17 32.94 18.48
C PRO A 113 73.33 32.72 17.54
N GLU A 114 74.16 33.75 17.43
CA GLU A 114 75.32 33.71 16.56
C GLU A 114 76.44 32.86 17.15
N GLN A 115 76.20 31.55 17.13
CA GLN A 115 77.14 30.56 17.61
C GLN A 115 77.83 30.15 16.30
N ALA A 116 79.12 29.84 16.35
CA ALA A 116 79.80 29.44 15.13
C ALA A 116 80.07 27.94 15.18
N LYS A 117 79.07 27.14 14.80
CA LYS A 117 79.17 25.68 14.79
C LYS A 117 80.32 25.18 13.88
N LYS A 118 81.10 24.21 14.36
CA LYS A 118 82.21 23.62 13.60
C LYS A 118 82.50 22.21 14.13
N GLN A 119 83.37 21.47 13.43
CA GLN A 119 83.69 20.12 13.88
C GLN A 119 85.16 19.71 13.76
N THR A 120 85.44 18.58 14.39
CA THR A 120 86.76 17.98 14.42
C THR A 120 86.64 16.60 13.78
N LYS A 121 86.40 15.60 14.62
CA LYS A 121 86.24 14.21 14.20
C LYS A 121 85.38 14.02 12.95
N LEU A 122 85.85 13.20 12.02
CA LEU A 122 85.09 12.93 10.80
C LEU A 122 84.00 12.01 11.30
N PHE A 123 82.75 12.36 11.05
CA PHE A 123 81.68 11.52 11.57
C PHE A 123 81.46 10.19 10.88
N ARG A 124 81.89 9.12 11.53
CA ARG A 124 81.70 7.78 11.01
C ARG A 124 80.87 6.98 12.01
N ILE A 125 80.54 5.76 11.66
CA ILE A 125 79.72 4.96 12.54
C ILE A 125 80.30 3.57 12.69
N PHE A 126 80.99 3.10 11.65
CA PHE A 126 81.58 1.78 11.70
C PHE A 126 83.09 1.72 11.47
N GLU A 127 83.73 1.06 12.43
CA GLU A 127 85.15 0.83 12.45
C GLU A 127 85.28 -0.62 11.99
N PRO A 128 86.28 -0.90 11.15
CA PRO A 128 86.41 -2.30 10.73
C PRO A 128 86.93 -3.14 11.90
N ARG A 129 86.75 -4.45 11.83
CA ARG A 129 87.23 -5.31 12.92
C ARG A 129 87.77 -6.63 12.39
N GLN A 130 88.30 -7.44 13.29
CA GLN A 130 88.89 -8.74 12.95
C GLN A 130 87.90 -9.83 12.57
N LEU A 131 87.93 -10.92 13.35
CA LEU A 131 87.10 -12.11 13.19
C LEU A 131 87.74 -13.16 12.30
N PRO A 132 87.76 -14.43 12.74
CA PRO A 132 88.34 -15.52 11.98
C PRO A 132 87.52 -15.87 10.74
N ILE A 133 88.19 -16.46 9.76
CA ILE A 133 87.58 -16.88 8.49
C ILE A 133 87.16 -18.34 8.53
N TYR A 134 85.99 -18.63 7.97
CA TYR A 134 85.50 -20.00 7.96
C TYR A 134 85.24 -20.50 6.54
N ARG A 135 86.24 -21.15 5.94
CA ARG A 135 86.10 -21.69 4.60
C ARG A 135 85.05 -22.79 4.63
N ALA A 136 84.21 -22.84 3.60
CA ALA A 136 83.18 -23.87 3.54
C ALA A 136 83.85 -25.10 4.09
N ASN A 137 83.13 -25.88 4.88
CA ASN A 137 83.66 -27.08 5.52
C ASN A 137 83.92 -26.77 6.99
N GLY A 138 83.91 -25.49 7.34
CA GLY A 138 84.07 -25.09 8.73
C GLY A 138 85.41 -25.15 9.45
N GLU A 139 86.48 -24.79 8.77
CA GLU A 139 87.80 -24.78 9.40
C GLU A 139 88.30 -23.34 9.38
N LYS A 140 89.13 -23.00 10.34
CA LYS A 140 89.70 -21.65 10.41
C LYS A 140 90.96 -21.74 9.56
N GLU A 141 91.09 -20.92 8.53
CA GLU A 141 92.29 -21.04 7.71
C GLU A 141 93.39 -20.07 8.11
N LEU A 142 93.19 -19.40 9.24
CA LEU A 142 94.18 -18.45 9.75
C LEU A 142 94.08 -17.09 9.05
N ARG A 143 95.20 -16.35 9.01
CA ARG A 143 95.30 -15.03 8.39
C ARG A 143 94.23 -14.04 8.87
N ASN A 144 92.97 -14.47 8.86
CA ASN A 144 91.81 -13.68 9.31
C ASN A 144 91.48 -12.49 8.41
N ARG A 145 90.19 -12.30 8.10
CA ARG A 145 89.75 -11.21 7.22
C ARG A 145 89.11 -10.04 7.98
N TRP A 146 88.94 -8.90 7.30
CA TRP A 146 88.36 -7.69 7.92
C TRP A 146 86.98 -7.26 7.43
N TYR A 147 86.03 -7.17 8.37
CA TYR A 147 84.66 -6.77 8.05
C TYR A 147 84.23 -5.50 8.77
N TRP A 148 82.96 -5.13 8.58
CA TRP A 148 82.41 -3.92 9.18
C TRP A 148 81.31 -4.11 10.20
N LYS A 149 81.53 -3.59 11.42
CA LYS A 149 80.52 -3.65 12.47
C LYS A 149 80.43 -2.24 13.03
N LEU A 150 79.34 -1.95 13.73
CA LEU A 150 79.14 -0.61 14.24
C LEU A 150 79.65 -0.30 15.63
N LYS A 151 80.08 0.95 15.81
CA LYS A 151 80.52 1.40 17.11
C LYS A 151 79.18 1.69 17.74
N LYS A 152 78.84 0.92 18.77
CA LYS A 152 77.59 1.11 19.49
C LYS A 152 76.39 0.42 18.82
N ASP A 153 76.09 -0.81 19.29
CA ASP A 153 74.98 -1.62 18.79
C ASP A 153 73.69 -1.32 19.53
N THR A 154 73.58 -0.10 20.04
CA THR A 154 72.42 0.35 20.81
C THR A 154 71.06 -0.25 20.44
N LEU A 155 70.80 -0.38 19.14
CA LEU A 155 69.54 -0.93 18.62
C LEU A 155 68.62 -1.64 19.62
N PRO A 156 67.35 -1.22 19.68
CA PRO A 156 66.23 -1.67 20.52
C PRO A 156 65.60 -3.05 20.33
N ASP A 157 64.53 -3.23 21.11
CA ASP A 157 63.72 -4.43 21.14
C ASP A 157 62.30 -3.99 20.86
N GLY A 158 61.92 -4.05 19.59
CA GLY A 158 60.59 -3.63 19.17
C GLY A 158 60.70 -2.57 18.10
N ASP A 159 60.23 -2.88 16.89
CA ASP A 159 60.30 -1.94 15.77
C ASP A 159 60.09 -0.50 16.19
N TYR A 160 59.05 -0.25 16.98
CA TYR A 160 58.75 1.10 17.41
C TYR A 160 59.95 1.76 18.08
N ASP A 161 60.43 1.18 19.18
CA ASP A 161 61.56 1.76 19.89
C ASP A 161 62.72 2.04 18.93
N VAL A 162 62.82 1.23 17.89
CA VAL A 162 63.86 1.37 16.87
C VAL A 162 63.75 2.72 16.17
N ARG A 163 62.62 2.90 15.51
CA ARG A 163 62.38 4.13 14.80
C ARG A 163 62.68 5.36 15.66
N GLU A 164 62.18 5.37 16.89
CA GLU A 164 62.41 6.49 17.79
C GLU A 164 63.92 6.70 17.93
N TYR A 165 64.65 5.62 18.15
CA TYR A 165 66.11 5.69 18.30
C TYR A 165 66.78 6.53 17.22
N PHE A 166 66.56 6.14 15.97
CA PHE A 166 67.12 6.85 14.84
C PHE A 166 66.83 8.33 14.97
N LEU A 167 65.56 8.61 15.25
CA LEU A 167 65.10 9.96 15.43
C LEU A 167 66.11 10.78 16.23
N ASN A 168 66.53 10.28 17.39
CA ASN A 168 67.47 11.01 18.23
C ASN A 168 68.73 11.32 17.44
N LEU A 169 69.09 10.43 16.54
CA LEU A 169 70.27 10.63 15.71
C LEU A 169 70.11 11.91 14.94
N TYR A 170 68.92 12.10 14.41
CA TYR A 170 68.65 13.31 13.67
C TYR A 170 68.92 14.52 14.56
N ASP A 171 68.39 14.52 15.78
CA ASP A 171 68.58 15.67 16.69
C ASP A 171 70.06 15.84 16.99
N GLN A 172 70.78 14.74 17.20
CA GLN A 172 72.21 14.85 17.48
C GLN A 172 72.93 15.38 16.24
N VAL A 173 72.54 14.88 15.07
CA VAL A 173 73.16 15.34 13.85
C VAL A 173 73.09 16.86 13.69
N LEU A 174 71.90 17.42 13.93
CA LEU A 174 71.67 18.87 13.81
C LEU A 174 72.44 19.73 14.83
N THR A 175 72.45 19.28 16.09
CA THR A 175 73.16 20.01 17.12
C THR A 175 74.67 19.99 16.84
N GLU A 176 75.14 18.96 16.13
CA GLU A 176 76.56 18.84 15.77
C GLU A 176 76.77 19.27 14.32
N MET A 177 75.65 19.54 13.66
CA MET A 177 75.63 19.99 12.28
C MET A 177 76.76 20.98 12.04
N PRO A 178 77.83 20.55 11.37
CA PRO A 178 79.00 21.37 11.05
C PRO A 178 78.68 22.59 10.20
N ASP A 179 78.66 23.77 10.80
CA ASP A 179 78.34 25.00 10.06
C ASP A 179 79.30 25.20 8.88
N TYR A 180 80.59 24.99 9.12
CA TYR A 180 81.59 25.14 8.07
C TYR A 180 82.67 24.10 8.36
N LEU A 181 83.70 24.03 7.52
CA LEU A 181 84.75 23.05 7.76
C LEU A 181 86.12 23.42 7.22
N LEU A 182 87.16 22.93 7.89
CA LEU A 182 88.53 23.20 7.50
C LEU A 182 89.40 22.02 7.91
N LEU A 183 90.39 21.68 7.08
CA LEU A 183 91.25 20.54 7.37
C LEU A 183 92.65 20.78 7.92
N LYS A 184 93.18 22.00 7.77
CA LYS A 184 94.51 22.28 8.33
C LYS A 184 94.41 21.84 9.79
N ASP A 185 93.21 22.00 10.37
CA ASP A 185 92.89 21.65 11.76
C ASP A 185 92.56 20.17 11.91
N MET A 186 92.80 19.40 10.86
CA MET A 186 92.49 17.97 10.92
C MET A 186 93.72 17.10 10.68
N ALA A 187 94.87 17.75 10.49
CA ALA A 187 96.13 17.07 10.24
C ALA A 187 96.32 15.83 11.13
N VAL A 188 97.17 14.91 10.69
CA VAL A 188 97.52 13.67 11.39
C VAL A 188 98.71 13.14 10.60
N GLU A 189 99.43 12.15 11.11
CA GLU A 189 100.57 11.65 10.36
C GLU A 189 100.52 10.17 10.00
N ASN A 190 101.09 9.84 8.84
CA ASN A 190 101.15 8.49 8.33
C ASN A 190 102.49 7.88 8.74
N LYS A 191 102.45 6.71 9.38
CA LYS A 191 103.70 6.06 9.80
C LYS A 191 104.58 5.70 8.60
N ASN A 192 103.94 5.39 7.48
CA ASN A 192 104.63 4.99 6.27
C ASN A 192 104.40 6.03 5.17
N SER A 193 104.74 5.68 3.92
CA SER A 193 104.56 6.57 2.74
C SER A 193 105.82 7.15 2.14
N ARG A 194 105.68 7.77 0.96
CA ARG A 194 106.81 8.40 0.30
C ARG A 194 107.40 9.42 1.26
N ASP A 195 106.60 9.85 2.24
CA ASP A 195 107.06 10.83 3.23
C ASP A 195 106.05 11.19 4.32
N ALA A 196 106.16 12.42 4.83
CA ALA A 196 105.30 12.97 5.88
C ALA A 196 103.93 12.31 5.93
N GLY A 197 103.27 12.25 4.79
CA GLY A 197 101.97 11.61 4.71
C GLY A 197 100.77 12.42 5.17
N LYS A 198 100.92 13.18 6.25
CA LYS A 198 99.83 14.00 6.81
C LYS A 198 98.48 13.58 6.18
N VAL A 199 97.71 12.74 6.90
CA VAL A 199 96.41 12.25 6.43
C VAL A 199 95.22 12.77 7.27
N VAL A 200 94.07 12.10 7.22
CA VAL A 200 92.92 12.61 7.98
C VAL A 200 92.16 11.77 8.99
N ASP A 201 92.30 12.14 10.27
CA ASP A 201 91.63 11.51 11.41
C ASP A 201 92.27 10.25 11.99
N SER A 202 92.78 10.38 13.20
CA SER A 202 93.39 9.29 13.96
C SER A 202 93.04 7.87 13.50
N GLU A 203 91.73 7.59 13.43
CA GLU A 203 91.23 6.28 13.01
C GLU A 203 91.91 5.86 11.72
N THR A 204 91.92 6.77 10.77
CA THR A 204 92.54 6.53 9.48
C THR A 204 93.92 5.96 9.77
N ALA A 205 94.70 6.70 10.55
CA ALA A 205 96.05 6.30 10.92
C ALA A 205 96.11 4.88 11.45
N SER A 206 95.53 4.72 12.64
CA SER A 206 95.49 3.42 13.30
C SER A 206 95.42 2.31 12.26
N ILE A 207 94.24 2.19 11.69
CA ILE A 207 93.94 1.19 10.67
C ILE A 207 95.13 0.80 9.82
N CYS A 208 95.75 1.78 9.20
CA CYS A 208 96.90 1.53 8.35
C CYS A 208 97.96 0.71 9.07
N ASP A 209 98.55 1.32 10.08
CA ASP A 209 99.59 0.69 10.87
C ASP A 209 99.15 -0.72 11.24
N ALA A 210 97.87 -0.87 11.57
CA ALA A 210 97.33 -2.15 11.95
C ALA A 210 97.43 -3.19 10.84
N ILE A 211 96.68 -2.99 9.77
CA ILE A 211 96.69 -3.93 8.65
C ILE A 211 98.11 -4.13 8.19
N PHE A 212 98.89 -3.06 8.29
CA PHE A 212 100.26 -3.08 7.86
C PHE A 212 101.16 -3.99 8.71
N GLN A 213 100.54 -4.88 9.48
CA GLN A 213 101.28 -5.80 10.33
C GLN A 213 100.71 -7.22 10.31
N ASP A 214 99.39 -7.33 10.44
CA ASP A 214 98.73 -8.62 10.41
C ASP A 214 98.69 -9.14 8.98
N GLU A 215 99.76 -9.83 8.57
CA GLU A 215 99.88 -10.40 7.24
C GLU A 215 98.52 -10.53 6.53
N GLU A 216 98.24 -9.55 5.67
CA GLU A 216 97.01 -9.42 4.88
C GLU A 216 97.15 -9.85 3.41
N THR A 217 96.36 -9.26 2.49
CA THR A 217 96.41 -9.63 1.05
C THR A 217 97.78 -9.33 0.44
N GLU A 218 98.68 -8.82 1.28
CA GLU A 218 100.06 -8.51 0.91
C GLU A 218 100.29 -7.23 0.09
N GLY A 219 101.31 -7.27 -0.77
CA GLY A 219 101.67 -6.14 -1.60
C GLY A 219 100.66 -5.03 -1.76
N ALA A 220 99.91 -5.10 -2.85
CA ALA A 220 98.88 -4.12 -3.22
C ALA A 220 98.35 -3.26 -2.06
N VAL A 221 98.32 -3.84 -0.87
CA VAL A 221 97.86 -3.09 0.28
C VAL A 221 99.00 -2.23 0.82
N ARG A 222 100.07 -2.88 1.26
CA ARG A 222 101.23 -2.18 1.80
C ARG A 222 101.59 -1.07 0.81
N ARG A 223 101.71 -1.44 -0.45
CA ARG A 223 102.03 -0.54 -1.55
C ARG A 223 101.21 0.73 -1.51
N PHE A 224 99.90 0.54 -1.64
CA PHE A 224 98.95 1.62 -1.64
C PHE A 224 99.17 2.50 -0.43
N ILE A 225 99.02 1.90 0.75
CA ILE A 225 99.22 2.64 1.98
C ILE A 225 100.46 3.51 1.81
N ALA A 226 101.45 3.02 1.08
CA ALA A 226 102.69 3.78 0.87
C ALA A 226 102.52 5.10 0.12
N GLU A 227 102.62 5.03 -1.21
CA GLU A 227 102.50 6.22 -2.04
C GLU A 227 101.10 6.82 -1.90
N MET A 228 100.65 6.96 -0.65
CA MET A 228 99.34 7.53 -0.26
C MET A 228 99.56 8.80 0.56
N ARG A 229 99.54 9.95 -0.11
CA ARG A 229 99.81 11.22 0.55
C ARG A 229 98.87 12.40 0.28
N GLN A 230 99.32 13.57 0.73
CA GLN A 230 98.61 14.83 0.58
C GLN A 230 99.41 15.76 -0.31
N ARG A 231 98.78 16.83 -0.79
CA ARG A 231 99.46 17.85 -1.62
C ARG A 231 98.51 19.04 -1.79
N VAL A 232 99.11 20.23 -1.83
CA VAL A 232 98.34 21.46 -1.94
C VAL A 232 98.45 22.18 -3.27
N GLN A 233 97.30 22.65 -3.76
CA GLN A 233 97.24 23.40 -5.00
C GLN A 233 97.08 24.88 -4.63
N ALA A 234 97.97 25.33 -3.73
CA ALA A 234 98.02 26.70 -3.22
C ALA A 234 97.21 27.77 -3.94
N ASP A 235 97.47 27.93 -5.23
CA ASP A 235 96.82 28.92 -6.08
C ASP A 235 95.31 29.11 -5.91
N ARG A 236 94.55 28.03 -5.91
CA ARG A 236 93.10 28.15 -5.76
C ARG A 236 92.70 28.02 -4.28
N ASN A 237 93.68 27.97 -3.39
CA ASN A 237 93.43 27.85 -1.95
C ASN A 237 92.76 26.51 -1.67
N VAL A 238 93.07 25.53 -2.52
CA VAL A 238 92.52 24.18 -2.40
C VAL A 238 93.41 23.26 -1.58
N VAL A 239 92.82 22.18 -1.08
CA VAL A 239 93.55 21.22 -0.25
C VAL A 239 93.20 19.77 -0.56
N ASN A 240 94.23 18.94 -0.75
CA ASN A 240 94.00 17.54 -1.04
C ASN A 240 94.52 16.63 0.07
N TYR A 241 93.58 16.07 0.83
CA TYR A 241 93.86 15.18 1.96
C TYR A 241 93.24 13.78 1.73
N PRO A 242 94.03 12.70 1.92
CA PRO A 242 93.51 11.33 1.74
C PRO A 242 92.74 10.90 2.99
N SER A 243 91.89 9.90 2.87
CA SER A 243 91.12 9.43 4.04
C SER A 243 90.31 8.18 3.73
N ILE A 244 90.19 7.30 4.72
CA ILE A 244 89.43 6.07 4.53
C ILE A 244 88.18 6.15 5.37
N LEU A 245 87.08 5.62 4.84
CA LEU A 245 85.82 5.70 5.57
C LEU A 245 84.89 4.50 5.44
N HIS A 246 84.06 4.55 4.40
CA HIS A 246 83.08 3.52 4.15
C HIS A 246 82.02 4.23 3.32
N PRO A 247 81.62 3.64 2.19
CA PRO A 247 80.62 4.21 1.31
C PRO A 247 79.64 5.15 2.04
N ILE A 248 79.12 4.70 3.18
CA ILE A 248 78.17 5.51 3.94
C ILE A 248 78.81 6.70 4.62
N ASP A 249 80.08 6.56 4.93
CA ASP A 249 80.75 7.66 5.57
C ASP A 249 81.08 8.74 4.53
N TYR A 250 81.74 8.37 3.44
CA TYR A 250 82.07 9.32 2.38
C TYR A 250 80.77 10.08 2.13
N ALA A 251 79.69 9.33 2.06
CA ALA A 251 78.37 9.89 1.82
C ALA A 251 78.17 11.14 2.67
N PHE A 252 78.31 10.96 3.97
CA PHE A 252 78.14 12.06 4.90
C PHE A 252 79.07 13.23 4.58
N ASN A 253 80.18 13.17 5.29
CA ASN A 253 81.24 14.14 5.20
C ASN A 253 81.26 14.85 3.83
N GLU A 254 80.98 14.10 2.77
CA GLU A 254 80.95 14.68 1.43
C GLU A 254 80.06 15.90 1.47
N TYR A 255 78.74 15.68 1.47
CA TYR A 255 77.82 16.79 1.47
C TYR A 255 78.16 17.94 2.40
N PHE A 256 78.83 17.60 3.49
CA PHE A 256 79.27 18.61 4.44
C PHE A 256 80.21 19.57 3.76
N LEU A 257 80.92 19.07 2.76
CA LEU A 257 81.85 19.89 2.03
C LEU A 257 81.13 20.68 0.94
N GLN A 258 80.23 20.02 0.23
CA GLN A 258 79.50 20.63 -0.89
C GLN A 258 78.37 21.54 -0.42
N HIS A 259 78.30 21.76 0.87
CA HIS A 259 77.26 22.59 1.40
C HIS A 259 77.78 23.84 2.14
N GLN A 260 78.75 23.67 3.04
CA GLN A 260 79.33 24.79 3.83
C GLN A 260 78.66 26.15 3.69
N LEU A 261 77.76 26.49 4.60
CA LEU A 261 77.05 27.77 4.54
C LEU A 261 77.93 28.95 4.93
N VAL A 262 78.96 29.22 4.15
CA VAL A 262 79.85 30.33 4.44
C VAL A 262 80.26 31.07 3.20
N GLU A 263 79.47 32.07 2.83
CA GLU A 263 79.74 32.87 1.65
C GLU A 263 81.00 33.72 1.85
N PRO A 264 81.51 34.36 0.77
CA PRO A 264 82.71 35.21 0.78
C PRO A 264 82.61 36.37 1.74
N LEU A 265 83.38 37.42 1.45
CA LEU A 265 83.38 38.63 2.28
C LEU A 265 84.35 39.71 1.80
N ASN A 266 83.81 40.68 1.06
CA ASN A 266 84.60 41.79 0.54
C ASN A 266 84.07 43.09 1.10
N ASN A 267 84.83 44.15 0.93
CA ASN A 267 84.43 45.45 1.43
C ASN A 267 82.99 45.66 0.97
N ASP A 268 82.81 45.52 -0.34
CA ASP A 268 81.52 45.69 -0.97
C ASP A 268 80.34 45.04 -0.26
N ILE A 269 80.49 43.80 0.20
CA ILE A 269 79.38 43.15 0.87
C ILE A 269 79.04 43.79 2.21
N ILE A 270 80.06 44.20 2.94
CA ILE A 270 79.86 44.87 4.23
C ILE A 270 79.01 46.11 3.98
N PHE A 271 79.47 46.90 3.02
CA PHE A 271 78.83 48.13 2.58
C PHE A 271 77.36 47.80 2.29
N ASN A 272 77.14 46.72 1.55
CA ASN A 272 75.80 46.29 1.16
C ASN A 272 74.91 45.81 2.30
N TYR A 273 75.45 45.25 3.40
CA TYR A 273 74.45 44.93 4.40
C TYR A 273 74.01 46.03 5.31
N ILE A 274 74.39 47.25 4.95
CA ILE A 274 74.01 48.44 5.68
C ILE A 274 72.86 49.05 4.87
N PRO A 275 71.60 48.76 5.25
CA PRO A 275 70.34 49.19 4.62
C PRO A 275 70.47 50.23 3.49
N GLU A 276 70.01 49.81 2.30
CA GLU A 276 70.04 50.61 1.07
C GLU A 276 69.17 51.87 1.13
N ARG A 277 69.09 52.47 2.32
CA ARG A 277 68.31 53.68 2.52
C ARG A 277 68.96 54.55 3.59
N ILE A 278 70.09 54.09 4.10
CA ILE A 278 70.81 54.83 5.11
C ILE A 278 72.13 55.28 4.53
N ARG A 279 72.79 54.40 3.80
CA ARG A 279 74.05 54.76 3.16
C ARG A 279 73.63 55.94 2.28
N ASN A 280 72.42 55.79 1.72
CA ASN A 280 71.80 56.78 0.84
C ASN A 280 71.42 58.04 1.61
N ASP A 281 70.92 57.88 2.83
CA ASP A 281 70.57 59.06 3.61
C ASP A 281 71.81 59.93 3.76
N VAL A 282 71.63 61.19 3.41
CA VAL A 282 72.70 62.16 3.45
C VAL A 282 73.28 62.41 4.82
N ASN A 283 72.50 63.07 5.66
CA ASN A 283 72.88 63.43 7.02
C ASN A 283 73.85 62.53 7.76
N TYR A 284 74.05 61.30 7.29
CA TYR A 284 75.00 60.44 7.97
C TYR A 284 76.19 60.02 7.12
N ILE A 285 77.28 59.69 7.82
CA ILE A 285 78.51 59.30 7.17
C ILE A 285 79.19 58.04 7.67
N LEU A 286 79.54 57.21 6.72
CA LEU A 286 80.19 55.94 6.92
C LEU A 286 81.71 56.14 6.97
N ASN A 287 82.48 55.07 7.15
CA ASN A 287 83.96 55.11 7.19
C ASN A 287 84.60 53.91 7.88
N MET A 288 85.53 53.23 7.21
CA MET A 288 86.21 52.07 7.81
C MET A 288 87.74 52.14 7.97
N ASP A 289 88.24 51.35 8.91
CA ASP A 289 89.66 51.34 9.25
C ASP A 289 90.50 50.20 8.68
N ARG A 290 89.94 49.34 7.83
CA ARG A 290 90.74 48.23 7.30
C ARG A 290 90.31 47.70 5.93
N ASN A 291 91.17 46.91 5.29
CA ASN A 291 90.88 46.31 3.99
C ASN A 291 90.86 44.79 4.08
N LEU A 292 89.68 44.18 3.91
CA LEU A 292 89.50 42.73 3.99
C LEU A 292 90.34 41.88 3.05
N PRO A 293 90.87 40.75 3.55
CA PRO A 293 91.70 39.85 2.73
C PRO A 293 90.83 38.94 1.88
N SER A 294 91.43 38.39 0.84
CA SER A 294 90.74 37.48 -0.04
C SER A 294 90.36 36.25 0.76
N THR A 295 90.90 36.17 1.97
CA THR A 295 90.68 35.03 2.85
C THR A 295 89.38 35.07 3.69
N ALA A 296 88.62 36.17 3.61
CA ALA A 296 87.38 36.34 4.40
C ALA A 296 86.15 35.50 4.05
N ARG A 297 85.23 35.36 5.03
CA ARG A 297 83.98 34.58 4.89
C ARG A 297 82.93 35.12 5.88
N TYR A 298 81.64 34.77 5.78
CA TYR A 298 80.70 35.38 6.74
C TYR A 298 79.38 34.85 7.34
N ILE A 299 78.89 33.66 7.04
CA ILE A 299 77.60 33.24 7.65
C ILE A 299 76.45 34.17 7.23
N ARG A 300 75.51 33.71 6.42
CA ARG A 300 74.42 34.61 6.05
C ARG A 300 73.25 34.44 7.01
N PRO A 301 73.07 35.40 7.92
CA PRO A 301 71.94 35.26 8.85
C PRO A 301 70.69 35.35 8.00
N ASN A 302 70.04 34.22 7.72
CA ASN A 302 68.85 34.25 6.89
C ASN A 302 67.69 34.86 7.64
N LEU A 303 66.86 35.60 6.92
CA LEU A 303 65.72 36.29 7.50
C LEU A 303 64.51 36.32 6.59
N LEU A 304 63.89 35.18 6.37
CA LEU A 304 62.71 35.08 5.54
C LEU A 304 61.53 35.58 6.36
N GLN A 305 60.41 35.88 5.71
CA GLN A 305 59.23 36.42 6.39
C GLN A 305 58.53 35.50 7.39
N ASP A 306 57.55 36.07 8.12
CA ASP A 306 56.77 35.35 9.14
C ASP A 306 56.08 34.15 8.54
N ARG A 307 56.87 33.18 8.12
CA ARG A 307 56.35 31.97 7.52
C ARG A 307 55.23 31.38 8.37
N LEU A 308 54.88 32.08 9.45
CA LEU A 308 53.83 31.59 10.33
C LEU A 308 52.60 32.46 10.55
N ASN A 309 52.44 33.53 9.77
CA ASN A 309 51.27 34.39 9.90
C ASN A 309 50.75 34.30 11.34
N LEU A 310 51.60 34.79 12.23
CA LEU A 310 51.39 34.77 13.67
C LEU A 310 50.45 35.86 14.19
N HIS A 311 49.64 36.43 13.29
CA HIS A 311 48.71 37.50 13.62
C HIS A 311 47.27 37.10 13.33
N ASP A 312 47.13 35.99 12.62
CA ASP A 312 45.83 35.48 12.25
C ASP A 312 45.33 34.55 13.34
N ASN A 313 44.46 35.05 14.21
CA ASN A 313 43.88 34.28 15.30
C ASN A 313 44.74 34.22 16.57
N PHE A 314 46.05 34.27 16.41
CA PHE A 314 46.95 34.17 17.55
C PHE A 314 47.13 35.41 18.39
N GLU A 315 46.41 36.48 18.07
CA GLU A 315 46.48 37.75 18.79
C GLU A 315 47.32 37.69 20.06
N SER A 316 46.93 36.81 20.97
CA SER A 316 47.62 36.60 22.24
C SER A 316 49.13 36.82 22.14
N LEU A 317 49.74 36.20 21.15
CA LEU A 317 51.16 36.30 20.98
C LEU A 317 51.63 37.58 20.29
N TRP A 318 50.84 38.10 19.34
CA TRP A 318 51.23 39.32 18.68
C TRP A 318 51.41 40.38 19.75
N ASP A 319 50.41 40.46 20.63
CA ASP A 319 50.45 41.42 21.72
C ASP A 319 51.81 41.33 22.42
N THR A 320 52.25 40.12 22.71
CA THR A 320 53.54 39.92 23.40
C THR A 320 54.73 40.40 22.55
N ILE A 321 54.60 40.26 21.23
CA ILE A 321 55.63 40.68 20.30
C ILE A 321 55.67 42.20 20.30
N THR A 322 54.56 42.80 19.89
CA THR A 322 54.43 44.24 19.83
C THR A 322 55.09 44.79 21.08
N THR A 323 54.55 44.40 22.23
CA THR A 323 55.10 44.81 23.51
C THR A 323 56.61 44.83 23.36
N SER A 324 57.17 43.64 23.20
CA SER A 324 58.60 43.51 23.03
C SER A 324 59.17 44.55 22.05
N ASN A 325 58.89 44.38 20.76
CA ASN A 325 59.39 45.32 19.75
C ASN A 325 59.25 46.76 20.24
N TYR A 326 58.20 47.04 21.00
CA TYR A 326 57.97 48.39 21.53
C TYR A 326 59.04 48.82 22.54
N ILE A 327 59.24 48.05 23.60
CA ILE A 327 60.25 48.42 24.58
C ILE A 327 61.57 48.63 23.87
N LEU A 328 61.86 47.68 22.98
CA LEU A 328 63.04 47.70 22.15
C LEU A 328 63.22 49.12 21.62
N ALA A 329 62.15 49.62 20.99
CA ALA A 329 62.13 50.94 20.40
C ALA A 329 62.49 52.04 21.38
N ARG A 330 61.77 52.13 22.49
CA ARG A 330 62.07 53.15 23.47
C ARG A 330 63.56 53.14 23.80
N SER A 331 64.13 51.95 23.98
CA SER A 331 65.55 51.84 24.28
C SER A 331 66.37 52.68 23.29
N VAL A 332 65.77 53.03 22.16
CA VAL A 332 66.46 53.83 21.15
C VAL A 332 66.03 55.28 21.22
N VAL A 333 64.85 55.52 20.65
CA VAL A 333 64.21 56.82 20.58
C VAL A 333 64.96 57.89 21.36
N PRO A 334 65.92 58.54 20.70
CA PRO A 334 66.76 59.60 21.26
C PRO A 334 66.12 60.45 22.36
N ASP A 335 66.83 60.61 23.47
CA ASP A 335 66.36 61.42 24.58
C ASP A 335 66.48 62.86 24.06
N LEU A 336 65.39 63.62 24.11
CA LEU A 336 65.35 65.02 23.63
C LEU A 336 66.44 65.97 24.15
N LYS A 337 66.41 67.22 23.69
CA LYS A 337 67.40 68.22 24.11
C LYS A 337 66.88 69.66 24.28
N GLU A 338 67.41 70.33 25.30
CA GLU A 338 67.08 71.72 25.66
C GLU A 338 65.78 72.28 25.13
N LEU A 339 64.83 72.55 26.04
CA LEU A 339 63.54 73.10 25.66
C LEU A 339 62.90 73.94 26.76
N VAL A 340 62.72 75.22 26.47
CA VAL A 340 62.12 76.19 27.40
C VAL A 340 61.97 75.68 28.83
N SER A 341 62.80 76.19 29.74
CA SER A 341 62.75 75.78 31.13
C SER A 341 61.30 75.70 31.59
N THR A 342 60.95 74.55 32.14
CA THR A 342 59.62 74.27 32.62
C THR A 342 58.95 75.53 33.18
N GLU A 343 59.44 76.02 34.32
CA GLU A 343 58.88 77.21 34.98
C GLU A 343 58.57 78.39 34.04
N ALA A 344 59.58 78.93 33.37
CA ALA A 344 59.35 80.07 32.47
C ALA A 344 58.06 80.00 31.65
N GLN A 345 57.95 78.99 30.81
CA GLN A 345 56.79 78.84 29.94
C GLN A 345 55.48 78.81 30.71
N ILE A 346 55.33 77.84 31.62
CA ILE A 346 54.09 77.74 32.37
C ILE A 346 53.73 79.06 33.03
N GLN A 347 54.72 79.91 33.31
CA GLN A 347 54.40 81.19 33.95
C GLN A 347 53.77 82.17 32.96
N LYS A 348 54.34 82.28 31.76
CA LYS A 348 53.75 83.18 30.76
C LYS A 348 52.38 82.61 30.43
N MET A 349 52.27 81.30 30.64
CA MET A 349 51.06 80.54 30.41
C MET A 349 49.88 81.10 31.21
N SER A 350 50.08 81.30 32.50
CA SER A 350 49.04 81.82 33.41
C SER A 350 48.65 83.23 32.98
N GLN A 351 49.65 83.97 32.53
CA GLN A 351 49.51 85.34 32.06
C GLN A 351 48.55 85.46 30.89
N ASP A 352 49.07 85.07 29.73
CA ASP A 352 48.35 85.14 28.48
C ASP A 352 46.85 84.90 28.62
N LEU A 353 46.45 84.11 29.62
CA LEU A 353 45.02 83.81 29.83
C LEU A 353 44.24 84.71 30.79
N GLN A 354 44.93 85.30 31.76
CA GLN A 354 44.29 86.18 32.75
C GLN A 354 43.44 85.36 33.72
N LEU A 355 44.01 85.00 34.90
CA LEU A 355 43.27 84.22 35.89
C LEU A 355 42.75 84.99 37.12
N GLU A 356 42.58 84.37 38.30
CA GLU A 356 42.04 85.13 39.43
C GLU A 356 41.81 84.51 40.83
N ALA A 357 40.57 84.66 41.29
CA ALA A 357 40.05 84.20 42.58
C ALA A 357 38.69 83.45 42.39
N LEU A 358 38.62 82.16 42.78
CA LEU A 358 37.45 81.21 42.62
C LEU A 358 36.66 81.46 41.32
N THR A 359 37.37 82.02 40.33
CA THR A 359 36.87 82.34 38.98
C THR A 359 37.71 81.49 38.02
N ILE A 360 37.39 80.21 37.96
CA ILE A 360 38.14 79.28 37.14
C ILE A 360 37.57 79.18 35.72
N GLN A 361 38.46 78.88 34.78
CA GLN A 361 38.06 78.73 33.39
C GLN A 361 39.00 77.76 32.69
N SER A 362 40.25 78.19 32.51
CA SER A 362 41.26 77.39 31.85
C SER A 362 42.23 76.77 32.84
N GLU A 363 42.07 77.11 34.12
CA GLU A 363 42.95 76.63 35.16
C GLU A 363 43.30 75.14 35.25
N THR A 364 42.53 74.26 34.62
CA THR A 364 42.84 72.83 34.71
C THR A 364 43.77 72.33 33.59
N GLN A 365 44.36 73.27 32.86
CA GLN A 365 45.26 72.96 31.72
C GLN A 365 46.75 72.96 32.06
N PHE A 366 47.11 72.74 33.31
CA PHE A 366 48.53 72.77 33.59
C PHE A 366 49.02 71.86 34.68
N LEU A 367 48.30 70.75 34.83
CA LEU A 367 48.72 69.68 35.71
C LEU A 367 49.41 68.96 34.53
N THR A 368 49.74 69.79 33.52
CA THR A 368 50.38 69.40 32.25
C THR A 368 51.84 69.82 32.08
N GLY A 369 52.32 70.65 32.99
CA GLY A 369 53.70 71.07 32.91
C GLY A 369 54.60 69.86 32.77
N ILE A 370 55.00 69.29 33.91
CA ILE A 370 55.90 68.11 33.97
C ILE A 370 56.11 67.49 32.60
N ASN A 371 57.11 68.02 31.88
CA ASN A 371 57.44 67.54 30.54
C ASN A 371 58.91 67.16 30.50
N SER A 372 59.67 67.70 31.45
CA SER A 372 61.09 67.39 31.56
C SER A 372 61.09 65.87 31.74
N GLN A 373 59.90 65.33 31.64
CA GLN A 373 59.62 63.92 31.78
C GLN A 373 58.58 63.55 30.71
N ALA A 374 57.49 64.31 30.67
CA ALA A 374 56.39 64.04 29.74
C ALA A 374 56.71 64.11 28.26
N ALA A 375 57.41 65.16 27.85
CA ALA A 375 57.75 65.30 26.45
C ALA A 375 58.62 64.14 25.99
N ASN A 376 59.62 63.79 26.79
CA ASN A 376 60.50 62.69 26.41
C ASN A 376 59.68 61.40 26.33
N ASP A 377 58.79 61.18 27.29
CA ASP A 377 57.95 59.97 27.29
C ASP A 377 57.03 60.01 26.07
N CYS A 378 56.26 61.08 25.96
CA CYS A 378 55.33 61.25 24.85
C CYS A 378 56.02 61.06 23.51
N PHE A 379 57.23 61.58 23.41
CA PHE A 379 57.99 61.46 22.19
C PHE A 379 58.33 60.00 21.93
N LYS A 380 59.17 59.41 22.79
CA LYS A 380 59.56 58.01 22.65
C LYS A 380 58.29 57.23 22.35
N THR A 381 57.46 57.11 23.38
CA THR A 381 56.20 56.39 23.31
C THR A 381 55.57 56.45 21.92
N LEU A 382 55.43 57.64 21.37
CA LEU A 382 54.82 57.75 20.06
C LEU A 382 55.52 56.96 18.98
N ILE A 383 56.83 57.11 18.87
CA ILE A 383 57.55 56.39 17.82
C ILE A 383 57.35 54.89 17.96
N ALA A 384 57.94 54.31 18.99
CA ALA A 384 57.84 52.88 19.23
C ALA A 384 56.45 52.40 18.81
N ALA A 385 55.43 53.04 19.38
CA ALA A 385 54.07 52.70 19.06
C ALA A 385 54.01 52.36 17.57
N MET A 386 54.37 53.35 16.76
CA MET A 386 54.39 53.19 15.32
C MET A 386 55.20 51.99 14.88
N LEU A 387 56.48 52.01 15.20
CA LEU A 387 57.40 50.94 14.85
C LEU A 387 56.81 49.58 15.19
N SER A 388 56.83 49.25 16.48
CA SER A 388 56.29 47.97 16.93
C SER A 388 54.92 47.85 16.31
N GLN A 389 54.29 49.00 16.14
CA GLN A 389 52.96 49.08 15.59
C GLN A 389 52.05 48.49 16.67
N ARG A 390 52.09 49.15 17.82
CA ARG A 390 51.31 48.80 18.99
C ARG A 390 50.14 49.76 19.07
N THR A 391 49.08 49.38 19.78
CA THR A 391 47.90 50.24 19.89
C THR A 391 47.72 50.79 21.32
N MET A 392 47.61 52.11 21.42
CA MET A 392 47.48 52.75 22.73
C MET A 392 46.08 53.26 23.12
N SER A 393 45.95 53.60 24.40
CA SER A 393 44.69 54.10 24.98
C SER A 393 44.80 55.62 25.21
N LEU A 394 43.81 56.22 25.90
CA LEU A 394 43.84 57.67 26.14
C LEU A 394 43.20 58.17 27.45
N ASP A 395 44.06 58.68 28.35
CA ASP A 395 43.63 59.20 29.65
C ASP A 395 43.59 60.73 29.68
N PHE A 396 42.38 61.28 29.64
CA PHE A 396 42.20 62.71 29.67
C PHE A 396 41.17 63.13 30.70
N VAL A 397 40.65 64.34 30.54
CA VAL A 397 39.63 64.89 31.42
C VAL A 397 38.69 65.56 30.41
N THR A 398 37.59 66.14 30.85
CA THR A 398 36.71 66.81 29.89
C THR A 398 36.77 68.32 30.18
N THR A 399 37.43 68.66 31.29
CA THR A 399 37.60 70.06 31.73
C THR A 399 39.00 70.58 31.39
N ASN A 400 39.75 69.79 30.63
CA ASN A 400 41.12 70.14 30.24
C ASN A 400 41.19 70.44 28.74
N TYR A 401 40.29 71.31 28.28
CA TYR A 401 40.18 71.66 26.87
C TYR A 401 41.52 71.72 26.13
N MET A 402 42.47 72.43 26.72
CA MET A 402 43.80 72.57 26.14
C MET A 402 44.24 71.19 25.69
N SER A 403 44.38 70.31 26.68
CA SER A 403 44.78 68.93 26.44
C SER A 403 44.10 68.39 25.18
N LEU A 404 42.91 68.91 24.87
CA LEU A 404 42.19 68.46 23.68
C LEU A 404 42.79 69.08 22.44
N ILE A 405 42.92 70.40 22.45
CA ILE A 405 43.50 71.11 21.33
C ILE A 405 44.66 70.26 20.82
N SER A 406 45.69 70.09 21.65
CA SER A 406 46.86 69.31 21.28
C SER A 406 46.45 67.98 20.65
N GLY A 407 45.35 67.41 21.12
CA GLY A 407 44.91 66.15 20.53
C GLY A 407 44.87 66.31 19.03
N MET A 408 44.25 67.40 18.59
CA MET A 408 44.15 67.71 17.18
C MET A 408 45.52 67.65 16.54
N TRP A 409 46.54 68.02 17.31
CA TRP A 409 47.90 67.95 16.80
C TRP A 409 48.07 66.47 16.48
N LEU A 410 48.03 65.65 17.52
CA LEU A 410 48.18 64.21 17.41
C LEU A 410 47.45 63.60 16.23
N LEU A 411 46.13 63.67 16.33
CA LEU A 411 45.21 63.14 15.36
C LEU A 411 45.56 63.42 13.91
N THR A 412 45.92 64.67 13.66
CA THR A 412 46.30 65.09 12.33
C THR A 412 47.37 64.12 11.88
N VAL A 413 48.21 63.74 12.83
CA VAL A 413 49.32 62.84 12.59
C VAL A 413 48.92 61.38 12.43
N VAL A 414 49.18 60.59 13.47
CA VAL A 414 48.88 59.17 13.45
C VAL A 414 47.53 58.85 12.82
N PRO A 415 47.54 58.07 11.73
CA PRO A 415 46.36 57.65 10.95
C PRO A 415 45.15 57.10 11.71
N ASN A 416 45.01 57.49 12.98
CA ASN A 416 43.87 57.07 13.79
C ASN A 416 43.74 55.57 14.00
N ASP A 417 43.79 54.79 12.94
CA ASP A 417 43.69 53.33 13.06
C ASP A 417 44.76 52.84 14.04
N MET A 418 45.67 53.72 14.39
CA MET A 418 46.75 53.40 15.32
C MET A 418 46.30 53.43 16.77
N PHE A 419 45.11 53.98 17.01
CA PHE A 419 44.58 54.02 18.36
C PHE A 419 43.43 53.04 18.41
N ILE A 420 43.05 52.63 19.61
CA ILE A 420 41.95 51.69 19.78
C ILE A 420 40.70 52.37 19.27
N ARG A 421 39.60 51.63 19.17
CA ARG A 421 38.37 52.21 18.70
C ARG A 421 37.72 53.02 19.82
N GLU A 422 37.50 52.38 20.94
CA GLU A 422 36.88 53.05 22.08
C GLU A 422 37.63 54.29 22.53
N SER A 423 38.73 54.60 21.86
CA SER A 423 39.44 55.79 22.30
C SER A 423 39.27 56.94 21.31
N LEU A 424 39.34 56.64 20.02
CA LEU A 424 39.16 57.70 19.02
C LEU A 424 37.73 58.19 19.18
N VAL A 425 36.82 57.25 19.47
CA VAL A 425 35.42 57.60 19.64
C VAL A 425 35.32 58.72 20.67
N ALA A 426 35.70 58.39 21.89
CA ALA A 426 35.66 59.35 22.98
C ALA A 426 36.23 60.68 22.51
N CYS A 427 37.54 60.69 22.34
CA CYS A 427 38.22 61.88 21.93
C CYS A 427 37.45 62.78 20.97
N GLN A 428 37.26 62.32 19.74
CA GLN A 428 36.57 63.13 18.74
C GLN A 428 35.26 63.73 19.23
N LEU A 429 34.31 62.89 19.64
CA LEU A 429 33.02 63.40 20.13
C LEU A 429 33.23 64.47 21.20
N ALA A 430 34.22 64.26 22.06
CA ALA A 430 34.53 65.22 23.12
C ALA A 430 34.90 66.56 22.49
N ILE A 431 35.63 66.48 21.37
CA ILE A 431 36.02 67.68 20.64
C ILE A 431 34.75 68.26 20.04
N VAL A 432 34.19 67.50 19.10
CA VAL A 432 32.98 67.89 18.41
C VAL A 432 31.91 68.55 19.27
N ASN A 433 31.64 67.98 20.45
CA ASN A 433 30.60 68.45 21.40
C ASN A 433 30.93 69.61 22.37
N THR A 434 32.17 69.70 22.86
CA THR A 434 32.54 70.76 23.83
C THR A 434 33.59 71.74 23.30
N ILE A 435 34.05 71.51 22.08
CA ILE A 435 35.09 72.33 21.49
C ILE A 435 34.74 73.14 20.26
N ILE A 436 34.01 72.54 19.33
CA ILE A 436 33.73 73.22 18.07
C ILE A 436 32.33 73.79 17.85
N TYR A 437 31.34 73.21 18.49
CA TYR A 437 30.00 73.74 18.35
C TYR A 437 29.81 74.95 19.30
N PRO A 438 30.01 74.75 20.64
CA PRO A 438 29.90 75.69 21.78
C PRO A 438 30.59 77.07 21.77
N ALA A 439 31.06 77.51 20.61
CA ALA A 439 31.71 78.82 20.43
C ALA A 439 31.66 79.15 18.95
N PHE A 440 31.04 78.24 18.19
CA PHE A 440 30.86 78.42 16.76
C PHE A 440 29.37 78.44 16.49
N GLY A 441 28.63 79.12 17.38
CA GLY A 441 27.19 79.24 17.27
C GLY A 441 26.52 78.11 16.50
N MET A 442 27.05 76.90 16.69
CA MET A 442 26.55 75.73 16.01
C MET A 442 25.85 74.73 16.94
N GLN A 443 25.83 75.03 18.24
CA GLN A 443 25.21 74.13 19.23
C GLN A 443 23.85 73.56 18.78
N ARG A 444 22.76 74.17 19.26
CA ARG A 444 21.40 73.73 18.95
C ARG A 444 21.25 72.30 19.48
N MET A 445 22.03 71.39 18.91
CA MET A 445 22.03 70.00 19.32
C MET A 445 23.48 69.67 19.67
N HIS A 446 23.75 69.67 20.98
CA HIS A 446 25.08 69.38 21.51
C HIS A 446 25.59 68.06 20.96
N TYR A 447 24.97 67.63 19.85
CA TYR A 447 25.37 66.42 19.18
C TYR A 447 24.98 65.16 19.94
N ARG A 448 23.97 64.45 19.46
CA ARG A 448 23.58 63.21 20.11
C ARG A 448 24.23 62.09 19.31
N ASN A 449 24.82 61.12 20.01
CA ASN A 449 25.51 59.98 19.39
C ASN A 449 25.10 58.62 19.97
N GLY A 450 25.29 57.56 19.18
CA GLY A 450 24.92 56.23 19.65
C GLY A 450 25.90 55.09 19.37
N ASP A 451 27.19 55.38 19.25
CA ASP A 451 28.19 54.33 19.01
C ASP A 451 28.23 53.99 17.49
N PRO A 452 28.85 52.85 17.08
CA PRO A 452 28.99 52.34 15.71
C PRO A 452 28.72 53.29 14.54
N GLN A 453 29.69 53.34 13.62
CA GLN A 453 29.73 54.21 12.42
C GLN A 453 30.93 55.06 12.84
N THR A 454 31.20 56.20 12.20
CA THR A 454 32.36 57.02 12.63
C THR A 454 31.98 58.41 13.16
N PRO A 455 31.73 58.55 14.48
CA PRO A 455 31.35 59.82 15.10
C PRO A 455 32.23 61.05 14.78
N PHE A 456 33.43 60.83 14.25
CA PHE A 456 34.25 61.98 13.89
C PHE A 456 33.76 62.29 12.50
N GLN A 457 33.98 61.32 11.63
CA GLN A 457 33.58 61.36 10.25
C GLN A 457 32.34 62.21 10.07
N ILE A 458 31.19 61.67 10.49
CA ILE A 458 29.90 62.33 10.39
C ILE A 458 29.95 63.85 10.51
N ALA A 459 30.93 64.36 11.25
CA ALA A 459 31.08 65.80 11.41
C ALA A 459 31.44 66.44 10.06
N GLU A 460 32.08 65.65 9.19
CA GLU A 460 32.50 66.06 7.85
C GLU A 460 31.28 66.48 7.02
N GLN A 461 30.40 65.52 6.74
CA GLN A 461 29.18 65.79 5.98
C GLN A 461 28.22 66.66 6.79
N GLN A 462 28.73 67.22 7.88
CA GLN A 462 27.94 68.07 8.76
C GLN A 462 27.94 69.53 8.35
N ILE A 463 28.58 70.36 9.18
CA ILE A 463 28.64 71.80 8.94
C ILE A 463 29.54 72.17 7.77
N GLN A 464 29.42 73.42 7.32
CA GLN A 464 30.21 73.93 6.21
C GLN A 464 31.14 75.07 6.61
N ASN A 465 32.30 75.08 5.98
CA ASN A 465 33.34 76.06 6.23
C ASN A 465 34.51 75.35 5.56
N PHE A 466 35.26 76.01 4.69
CA PHE A 466 36.34 75.28 4.03
C PHE A 466 37.52 74.92 4.91
N GLN A 467 38.15 75.91 5.51
CA GLN A 467 39.28 75.61 6.38
C GLN A 467 38.88 74.40 7.24
N VAL A 468 37.82 74.55 8.04
CA VAL A 468 37.33 73.45 8.89
C VAL A 468 37.16 72.15 8.08
N ALA A 469 36.52 72.28 6.93
CA ALA A 469 36.23 71.16 6.04
C ALA A 469 37.41 70.32 5.51
N ASN A 470 38.56 70.93 5.25
CA ASN A 470 39.67 70.12 4.74
C ASN A 470 40.23 69.24 5.84
N TRP A 471 40.32 69.79 7.03
CA TRP A 471 40.84 69.07 8.18
C TRP A 471 40.14 67.73 8.24
N LEU A 472 38.83 67.79 8.29
CA LEU A 472 38.03 66.61 8.38
C LEU A 472 38.36 65.52 7.38
N HIS A 473 38.40 65.84 6.09
CA HIS A 473 38.71 64.80 5.12
C HIS A 473 40.12 64.30 5.26
N PHE A 474 41.08 65.21 5.45
CA PHE A 474 42.46 64.80 5.59
C PHE A 474 42.69 63.92 6.82
N VAL A 475 42.03 64.26 7.92
CA VAL A 475 42.22 63.48 9.13
C VAL A 475 41.44 62.19 9.09
N ASN A 476 40.17 62.31 8.74
CA ASN A 476 39.29 61.17 8.69
C ASN A 476 39.82 60.05 7.81
N ASN A 477 39.81 60.27 6.50
CA ASN A 477 40.28 59.27 5.56
C ASN A 477 41.79 59.12 5.49
N ASN A 478 42.50 59.67 6.48
CA ASN A 478 43.96 59.55 6.51
C ASN A 478 44.37 58.22 7.10
N GLN A 479 45.12 57.45 6.33
CA GLN A 479 45.58 56.15 6.79
C GLN A 479 47.05 55.98 6.57
N PHE A 480 47.47 54.73 6.65
CA PHE A 480 48.84 54.36 6.44
C PHE A 480 48.98 53.93 5.00
N ARG A 481 50.17 54.11 4.45
CA ARG A 481 50.44 53.72 3.09
C ARG A 481 51.16 52.37 3.22
N GLN A 482 50.51 51.30 2.77
CA GLN A 482 51.07 49.95 2.83
C GLN A 482 52.19 49.82 1.80
N VAL A 483 53.44 49.85 2.24
CA VAL A 483 54.57 49.75 1.33
C VAL A 483 55.47 48.53 1.49
N VAL A 484 55.74 47.89 0.36
CA VAL A 484 56.55 46.68 0.29
C VAL A 484 58.05 46.99 0.36
N ILE A 485 58.80 46.33 -0.54
CA ILE A 485 60.26 46.44 -0.67
C ILE A 485 60.85 47.74 -0.14
N ASP A 486 62.08 47.65 0.36
CA ASP A 486 62.81 48.80 0.89
C ASP A 486 64.30 48.45 0.84
N GLY A 487 64.73 47.86 -0.27
CA GLY A 487 66.10 47.44 -0.40
C GLY A 487 66.19 46.06 0.24
N VAL A 488 65.11 45.29 0.05
CA VAL A 488 64.89 43.91 0.54
C VAL A 488 63.52 43.91 1.26
N LEU A 489 62.71 42.86 1.03
CA LEU A 489 61.36 42.72 1.62
C LEU A 489 61.24 43.24 3.07
N ASN A 490 61.03 44.55 3.21
CA ASN A 490 60.88 45.16 4.52
C ASN A 490 59.44 45.11 5.00
N GLN A 491 58.49 45.25 4.08
CA GLN A 491 57.09 45.19 4.45
C GLN A 491 56.82 46.24 5.53
N VAL A 492 57.20 47.47 5.22
CA VAL A 492 57.06 48.59 6.12
C VAL A 492 55.74 49.34 5.96
N LEU A 493 55.28 49.97 7.04
CA LEU A 493 54.07 50.76 7.01
C LEU A 493 54.52 52.21 7.08
N ASN A 494 54.20 53.01 6.07
CA ASN A 494 54.62 54.40 6.12
C ASN A 494 53.50 55.39 6.28
N ASP A 495 53.90 56.56 6.75
CA ASP A 495 53.01 57.67 6.97
C ASP A 495 52.94 58.53 5.70
N ASN A 496 51.71 58.82 5.27
CA ASN A 496 51.38 59.61 4.09
C ASN A 496 52.45 60.64 3.70
N ILE A 497 53.21 60.36 2.63
CA ILE A 497 54.28 61.25 2.15
C ILE A 497 53.96 62.69 2.55
N ARG A 498 52.72 63.09 2.28
CA ARG A 498 52.22 64.41 2.60
C ARG A 498 52.73 64.92 3.94
N ASN A 499 52.35 64.21 4.99
CA ASN A 499 52.72 64.57 6.35
C ASN A 499 54.21 64.70 6.64
N GLY A 500 55.01 63.76 6.16
CA GLY A 500 56.43 63.84 6.41
C GLY A 500 56.90 65.25 6.11
N HIS A 501 57.16 66.04 7.15
CA HIS A 501 57.64 67.43 7.06
C HIS A 501 56.92 68.38 6.09
N VAL A 502 56.41 67.88 4.96
CA VAL A 502 55.68 68.76 4.04
C VAL A 502 54.37 68.93 4.79
N ILE A 503 54.52 69.44 6.01
CA ILE A 503 53.46 69.66 6.99
C ILE A 503 52.48 70.78 6.71
N ASN A 504 52.13 71.01 5.44
CA ASN A 504 51.16 72.05 5.12
C ASN A 504 49.87 71.70 5.88
N GLN A 505 49.94 70.56 6.59
CA GLN A 505 48.81 70.07 7.36
C GLN A 505 48.75 70.88 8.65
N LEU A 506 49.89 71.01 9.30
CA LEU A 506 49.99 71.78 10.53
C LEU A 506 49.54 73.20 10.26
N MET A 507 50.11 73.82 9.23
CA MET A 507 49.77 75.20 8.85
C MET A 507 48.28 75.30 8.56
N GLU A 508 47.72 74.24 7.99
CA GLU A 508 46.32 74.26 7.71
C GLU A 508 45.54 73.98 9.01
N ALA A 509 46.07 73.08 9.84
CA ALA A 509 45.42 72.75 11.11
C ALA A 509 45.29 74.03 11.93
N LEU A 510 46.23 74.94 11.73
CA LEU A 510 46.19 76.18 12.45
C LEU A 510 45.26 77.18 11.78
N MET A 511 45.43 77.38 10.47
CA MET A 511 44.59 78.36 9.78
C MET A 511 43.11 78.09 10.06
N GLN A 512 42.76 76.83 10.19
CA GLN A 512 41.38 76.46 10.46
C GLN A 512 40.97 76.87 11.86
N LEU A 513 41.96 76.90 12.75
CA LEU A 513 41.76 77.30 14.14
C LEU A 513 41.67 78.82 14.24
N SER A 514 42.41 79.50 13.37
CA SER A 514 42.44 80.97 13.36
C SER A 514 41.14 81.56 12.84
N ARG A 515 40.40 80.75 12.08
CA ARG A 515 39.16 81.22 11.46
C ARG A 515 37.82 80.90 12.12
N GLN A 516 37.75 79.89 12.96
CA GLN A 516 36.47 79.61 13.60
C GLN A 516 36.34 80.43 14.88
N GLN A 517 37.44 81.00 15.36
CA GLN A 517 37.39 81.81 16.57
C GLN A 517 36.69 83.14 16.26
N PHE A 518 35.59 83.05 15.52
CA PHE A 518 34.81 84.21 15.12
C PHE A 518 33.43 84.33 15.84
N PRO A 519 32.45 83.45 15.53
CA PRO A 519 31.12 83.52 16.19
C PRO A 519 31.05 82.97 17.62
N THR A 520 29.83 82.81 18.17
CA THR A 520 29.65 82.29 19.55
C THR A 520 28.22 82.04 20.09
N MET A 521 28.13 81.68 21.38
CA MET A 521 26.86 81.39 22.05
C MET A 521 26.73 81.64 23.57
N PRO A 522 27.52 80.94 24.42
CA PRO A 522 27.38 81.20 25.85
C PRO A 522 28.30 82.29 26.44
N VAL A 523 28.27 83.49 25.84
CA VAL A 523 29.07 84.68 26.26
C VAL A 523 30.55 84.50 26.62
N ASP A 524 30.81 83.95 27.80
CA ASP A 524 32.17 83.72 28.25
C ASP A 524 32.57 82.41 27.58
N TYR A 525 33.12 81.46 28.34
CA TYR A 525 33.51 80.18 27.76
C TYR A 525 34.43 80.40 26.58
N LYS A 526 34.01 81.22 25.62
CA LYS A 526 34.84 81.48 24.46
C LYS A 526 36.17 82.05 24.93
N ARG A 527 36.13 82.93 25.93
CA ARG A 527 37.33 83.52 26.48
C ARG A 527 38.39 82.45 26.72
N SER A 528 38.11 81.56 27.66
CA SER A 528 39.04 80.50 28.03
C SER A 528 39.42 79.59 26.87
N ILE A 529 38.43 79.29 26.03
CA ILE A 529 38.62 78.42 24.88
C ILE A 529 39.56 78.97 23.82
N GLN A 530 39.20 80.10 23.25
CA GLN A 530 40.07 80.63 22.21
C GLN A 530 41.46 81.03 22.71
N ARG A 531 41.55 81.47 23.95
CA ARG A 531 42.85 81.86 24.52
C ARG A 531 43.79 80.66 24.44
N GLY A 532 43.28 79.47 24.74
CA GLY A 532 44.11 78.30 24.69
C GLY A 532 44.52 78.04 23.25
N ILE A 533 43.55 78.17 22.35
CA ILE A 533 43.79 77.94 20.92
C ILE A 533 44.95 78.76 20.41
N LEU A 534 45.01 80.01 20.85
CA LEU A 534 46.08 80.87 20.37
C LEU A 534 47.44 80.36 20.80
N LEU A 535 47.52 79.75 21.98
CA LEU A 535 48.80 79.25 22.43
C LEU A 535 49.36 78.19 21.51
N LEU A 536 48.52 77.66 20.64
CA LEU A 536 48.92 76.64 19.66
C LEU A 536 49.43 77.37 18.44
N SER A 537 48.74 78.46 18.11
CA SER A 537 49.07 79.30 16.97
C SER A 537 50.47 79.90 17.05
N ASN A 538 50.74 80.70 18.08
CA ASN A 538 52.06 81.33 18.26
C ASN A 538 53.14 80.25 18.14
N ARG A 539 52.92 79.19 18.91
CA ARG A 539 53.80 78.04 18.96
C ARG A 539 53.86 77.31 17.60
N LEU A 540 52.84 77.51 16.76
CA LEU A 540 52.77 76.87 15.44
C LEU A 540 54.09 76.93 14.70
N GLY A 541 54.79 78.04 14.86
CA GLY A 541 56.06 78.17 14.19
C GLY A 541 56.88 76.97 14.62
N GLN A 542 56.79 76.66 15.92
CA GLN A 542 57.52 75.53 16.50
C GLN A 542 56.82 74.20 16.27
N LEU A 543 55.51 74.17 16.43
CA LEU A 543 54.77 72.94 16.23
C LEU A 543 55.16 72.35 14.89
N VAL A 544 55.34 73.22 13.89
CA VAL A 544 55.75 72.79 12.55
C VAL A 544 56.88 71.80 12.74
N ASP A 545 57.75 72.12 13.68
CA ASP A 545 58.92 71.30 13.98
C ASP A 545 58.58 69.89 14.49
N LEU A 546 58.01 69.77 15.69
CA LEU A 546 57.65 68.45 16.24
C LEU A 546 57.37 67.43 15.16
N THR A 547 56.51 67.83 14.23
CA THR A 547 56.13 66.98 13.13
C THR A 547 57.38 66.48 12.44
N ARG A 548 58.23 67.43 12.07
CA ARG A 548 59.49 67.15 11.40
C ARG A 548 60.19 66.05 12.18
N LEU A 549 60.44 66.33 13.46
CA LEU A 549 61.12 65.39 14.30
C LEU A 549 60.62 63.97 14.08
N LEU A 550 59.45 63.66 14.60
CA LEU A 550 58.88 62.34 14.44
C LEU A 550 59.04 61.88 13.02
N ALA A 551 58.49 62.68 12.11
CA ALA A 551 58.56 62.38 10.68
C ALA A 551 59.87 61.65 10.42
N TYR A 552 60.98 62.34 10.67
CA TYR A 552 62.28 61.76 10.46
C TYR A 552 62.47 60.49 11.27
N ASN A 553 62.71 60.66 12.56
CA ASN A 553 62.93 59.53 13.46
C ASN A 553 62.19 58.25 13.05
N TYR A 554 60.88 58.24 13.11
CA TYR A 554 60.15 57.04 12.71
C TYR A 554 60.69 56.63 11.35
N GLU A 555 60.52 57.53 10.38
CA GLU A 555 60.99 57.30 9.01
C GLU A 555 62.43 56.83 8.93
N THR A 556 63.19 57.04 9.99
CA THR A 556 64.58 56.60 10.03
C THR A 556 64.61 55.22 10.66
N LEU A 557 64.59 55.19 11.98
CA LEU A 557 64.59 53.93 12.71
C LEU A 557 64.06 52.84 11.80
N MET A 558 62.85 53.07 11.29
CA MET A 558 62.18 52.14 10.38
C MET A 558 63.08 51.05 9.77
N ALA A 559 63.75 51.41 8.67
CA ALA A 559 64.65 50.51 7.92
C ALA A 559 65.26 49.38 8.73
N CYS A 560 65.70 49.70 9.93
CA CYS A 560 66.35 48.75 10.83
C CYS A 560 65.51 47.52 11.20
N VAL A 561 64.23 47.53 10.87
CA VAL A 561 63.38 46.40 11.21
C VAL A 561 63.29 45.42 10.05
N THR A 562 63.56 44.15 10.33
CA THR A 562 63.45 43.14 9.31
C THR A 562 62.20 42.36 9.67
N MET A 563 61.65 42.69 10.83
CA MET A 563 60.44 42.05 11.34
C MET A 563 59.18 42.63 10.74
N ASN A 564 59.03 42.37 9.45
CA ASN A 564 57.90 42.81 8.65
C ASN A 564 56.68 43.12 9.50
N MET A 565 56.65 44.31 10.10
CA MET A 565 55.53 44.72 10.95
C MET A 565 54.28 44.97 10.11
N GLN A 566 53.10 44.73 10.69
CA GLN A 566 51.84 44.93 9.95
C GLN A 566 50.88 45.95 10.55
N HIS A 567 49.60 45.63 10.64
CA HIS A 567 48.62 46.59 11.16
C HIS A 567 47.42 45.91 11.84
N VAL A 568 47.58 45.45 13.08
CA VAL A 568 46.49 44.80 13.80
C VAL A 568 46.21 45.46 15.14
N GLN A 569 45.10 45.09 15.77
CA GLN A 569 44.74 45.63 17.07
C GLN A 569 45.46 44.85 18.15
N THR A 570 46.25 45.56 18.97
CA THR A 570 47.01 44.93 20.05
C THR A 570 46.04 44.29 21.05
N LEU A 571 46.27 44.54 22.34
CA LEU A 571 45.41 44.00 23.37
C LEU A 571 45.85 44.46 24.75
N THR A 572 47.15 44.62 24.97
CA THR A 572 47.62 45.09 26.27
C THR A 572 47.55 46.62 26.32
N THR A 573 47.39 47.23 25.16
CA THR A 573 47.25 48.69 25.01
C THR A 573 48.08 49.59 25.92
N GLU A 574 49.17 50.14 25.39
CA GLU A 574 50.00 51.04 26.18
C GLU A 574 49.21 52.32 26.42
N LYS A 575 49.31 52.87 27.65
CA LYS A 575 48.58 54.08 28.01
C LYS A 575 49.32 55.38 27.78
N LEU A 576 48.59 56.34 27.19
CA LEU A 576 49.11 57.67 26.89
C LEU A 576 48.13 58.78 27.29
N GLN A 577 48.59 59.69 28.15
CA GLN A 577 47.76 60.79 28.63
C GLN A 577 47.88 62.02 27.74
N LEU A 578 46.77 62.74 27.57
CA LEU A 578 46.76 63.94 26.76
C LEU A 578 47.59 64.96 27.53
N THR A 579 47.81 64.64 28.80
CA THR A 579 48.61 65.46 29.68
C THR A 579 49.94 65.70 28.94
N SER A 580 50.80 64.68 28.95
CA SER A 580 52.10 64.73 28.27
C SER A 580 52.00 65.32 26.85
N VAL A 581 51.09 64.77 26.05
CA VAL A 581 50.87 65.26 24.68
C VAL A 581 51.00 66.77 24.71
N THR A 582 49.98 67.39 25.31
CA THR A 582 49.88 68.83 25.46
C THR A 582 51.22 69.49 25.83
N SER A 583 51.96 68.86 26.73
CA SER A 583 53.25 69.43 27.14
C SER A 583 54.18 69.52 25.95
N LEU A 584 54.53 68.35 25.44
CA LEU A 584 55.40 68.22 24.29
C LEU A 584 55.05 69.36 23.33
N CYS A 585 53.78 69.42 22.96
CA CYS A 585 53.29 70.43 22.04
C CYS A 585 53.85 71.83 22.29
N MET A 586 53.15 72.65 23.05
CA MET A 586 53.65 74.00 23.24
C MET A 586 55.04 74.13 23.83
N LEU A 587 55.68 73.06 24.25
CA LEU A 587 57.00 73.20 24.85
C LEU A 587 58.25 72.83 24.02
N ILE A 588 58.39 73.31 22.78
CA ILE A 588 59.56 72.94 21.95
C ILE A 588 60.03 73.96 20.91
N GLY A 589 61.07 73.59 20.16
CA GLY A 589 61.61 74.44 19.11
C GLY A 589 63.10 74.69 19.16
N ASN A 590 63.62 75.39 18.15
CA ASN A 590 65.05 75.74 18.10
C ASN A 590 65.95 74.51 18.22
N ALA A 591 65.40 73.42 18.74
CA ALA A 591 66.17 72.22 18.94
C ALA A 591 66.05 71.23 17.81
N THR A 592 67.11 70.43 17.63
CA THR A 592 67.15 69.41 16.60
C THR A 592 67.89 68.23 17.21
N VAL A 593 67.23 67.08 17.24
CA VAL A 593 67.81 65.88 17.82
C VAL A 593 67.75 64.72 16.83
N ILE A 594 68.69 63.79 16.96
CA ILE A 594 68.73 62.68 16.05
C ILE A 594 69.45 61.42 16.53
N PRO A 595 68.99 60.26 16.03
CA PRO A 595 69.46 58.91 16.31
C PRO A 595 70.97 58.76 16.30
N SER A 596 71.54 58.38 17.42
CA SER A 596 72.97 58.18 17.47
C SER A 596 73.31 57.03 16.54
N PRO A 597 74.50 57.06 15.94
CA PRO A 597 74.90 55.98 15.04
C PRO A 597 74.81 54.66 15.78
N GLN A 598 75.82 54.43 16.62
CA GLN A 598 75.92 53.24 17.45
C GLN A 598 74.54 52.73 17.86
N THR A 599 73.67 53.66 18.22
CA THR A 599 72.32 53.30 18.61
C THR A 599 71.69 52.51 17.48
N LEU A 600 71.54 53.14 16.32
CA LEU A 600 70.93 52.50 15.17
C LEU A 600 71.35 51.06 14.94
N PHE A 601 72.65 50.83 14.76
CA PHE A 601 73.14 49.47 14.53
C PHE A 601 72.54 48.52 15.52
N HIS A 602 72.87 48.76 16.79
CA HIS A 602 72.38 47.94 17.86
C HIS A 602 70.97 47.46 17.55
N TYR A 603 70.14 48.38 17.06
CA TYR A 603 68.75 48.07 16.72
C TYR A 603 68.69 47.03 15.62
N TYR A 604 69.38 47.30 14.52
CA TYR A 604 69.42 46.36 13.40
C TYR A 604 69.78 45.03 14.04
N ASN A 605 71.03 44.94 14.49
CA ASN A 605 71.55 43.74 15.11
C ASN A 605 70.50 42.90 15.82
N VAL A 606 69.80 43.50 16.78
CA VAL A 606 68.81 42.72 17.50
C VAL A 606 67.79 42.08 16.58
N ASN A 607 66.88 42.87 16.01
CA ASN A 607 65.87 42.30 15.12
C ASN A 607 66.53 41.19 14.32
N VAL A 608 67.71 41.47 13.77
CA VAL A 608 68.48 40.51 12.99
C VAL A 608 68.48 39.16 13.69
N ASN A 609 69.30 39.07 14.74
CA ASN A 609 69.44 37.85 15.53
C ASN A 609 68.07 37.21 15.62
N PHE A 610 67.22 37.86 16.39
CA PHE A 610 65.88 37.43 16.61
C PHE A 610 65.29 36.71 15.40
N HIS A 611 65.26 37.42 14.28
CA HIS A 611 64.78 36.93 13.00
C HIS A 611 65.46 35.57 12.81
N SER A 612 66.76 35.63 12.58
CA SER A 612 67.59 34.46 12.38
C SER A 612 67.14 33.30 13.28
N ASN A 613 66.89 33.61 14.54
CA ASN A 613 66.45 32.59 15.46
C ASN A 613 65.09 32.04 15.04
N TYR A 614 64.13 32.93 14.88
CA TYR A 614 62.80 32.52 14.46
C TYR A 614 62.96 31.62 13.23
N ASN A 615 63.44 32.18 12.13
CA ASN A 615 63.65 31.42 10.90
C ASN A 615 64.32 30.08 11.18
N GLU A 616 65.47 30.13 11.83
CA GLU A 616 66.23 28.92 12.13
C GLU A 616 65.40 27.90 12.89
N ARG A 617 64.95 28.22 14.10
CA ARG A 617 64.17 27.26 14.87
C ARG A 617 63.05 26.68 14.01
N ILE A 618 62.44 27.54 13.19
CA ILE A 618 61.40 27.14 12.27
C ILE A 618 61.89 25.91 11.52
N ASN A 619 63.02 26.06 10.84
CA ASN A 619 63.61 24.95 10.09
C ASN A 619 63.85 23.79 11.04
N ASP A 620 64.52 24.05 12.17
CA ASP A 620 64.77 23.01 13.17
C ASP A 620 63.46 22.30 13.47
N ALA A 621 62.42 23.10 13.69
CA ALA A 621 61.10 22.57 13.98
C ALA A 621 60.59 21.68 12.86
N VAL A 622 60.28 22.29 11.73
CA VAL A 622 59.78 21.57 10.56
C VAL A 622 60.49 20.23 10.39
N ALA A 623 61.78 20.32 10.07
CA ALA A 623 62.61 19.14 9.85
C ALA A 623 62.19 17.98 10.73
N ILE A 624 62.10 18.26 12.03
CA ILE A 624 61.71 17.25 12.98
C ILE A 624 60.35 16.68 12.64
N ILE A 625 59.31 17.49 12.81
CA ILE A 625 57.95 17.03 12.54
C ILE A 625 57.80 16.16 11.31
N THR A 626 58.30 16.62 10.16
CA THR A 626 58.18 15.84 8.93
C THR A 626 58.80 14.46 9.14
N ALA A 627 60.01 14.45 9.70
CA ALA A 627 60.69 13.19 9.97
C ALA A 627 59.74 12.37 10.84
N ALA A 628 59.24 13.04 11.87
CA ALA A 628 58.31 12.44 12.80
C ALA A 628 57.19 11.65 12.12
N ASN A 629 56.77 12.10 10.95
CA ASN A 629 55.68 11.39 10.29
C ASN A 629 56.15 10.20 9.48
N ARG A 630 57.00 10.43 8.49
CA ARG A 630 57.49 9.29 7.71
C ARG A 630 58.28 8.40 8.66
N LEU A 631 57.66 8.09 9.80
CA LEU A 631 58.22 7.24 10.83
C LEU A 631 57.10 6.51 11.55
N ASN A 632 55.86 6.94 11.30
CA ASN A 632 54.71 6.31 11.92
C ASN A 632 54.77 6.29 13.44
N LEU A 633 55.32 7.33 14.04
CA LEU A 633 55.38 7.37 15.49
C LEU A 633 54.09 7.93 16.06
N TYR A 634 53.02 7.15 15.89
CA TYR A 634 51.72 7.53 16.39
C TYR A 634 51.75 7.59 17.91
N GLN A 635 52.95 7.48 18.49
CA GLN A 635 53.08 7.50 19.95
C GLN A 635 54.02 8.52 20.58
N LYS A 636 54.53 9.48 19.81
CA LYS A 636 55.39 10.51 20.40
C LYS A 636 54.57 11.80 20.33
N LYS A 637 53.43 11.75 21.00
CA LYS A 637 52.50 12.85 21.09
C LYS A 637 53.24 14.17 20.92
N MET A 638 52.87 14.90 19.88
CA MET A 638 53.50 16.18 19.65
C MET A 638 52.74 17.27 20.39
N LYS A 639 53.35 17.70 21.49
CA LYS A 639 52.92 18.78 22.41
C LYS A 639 54.33 19.01 22.91
N ALA A 640 55.18 18.23 22.31
CA ALA A 640 56.58 18.14 22.58
C ALA A 640 57.42 19.19 21.88
N ILE A 641 57.46 19.07 20.56
CA ILE A 641 58.24 19.95 19.73
C ILE A 641 57.89 21.42 19.94
N VAL A 642 56.60 21.73 19.82
CA VAL A 642 56.10 23.09 19.96
C VAL A 642 56.71 23.73 21.19
N GLU A 643 56.60 23.03 22.31
CA GLU A 643 57.12 23.55 23.56
C GLU A 643 58.54 24.07 23.39
N ASP A 644 59.47 23.17 23.10
CA ASP A 644 60.87 23.56 22.90
C ASP A 644 60.98 24.78 22.00
N PHE A 645 60.36 24.68 20.85
CA PHE A 645 60.38 25.75 19.86
C PHE A 645 60.23 27.12 20.51
N LEU A 646 59.04 27.40 21.01
CA LEU A 646 58.72 28.68 21.63
C LEU A 646 59.75 29.08 22.66
N LYS A 647 60.09 28.15 23.55
CA LYS A 647 61.09 28.39 24.58
C LYS A 647 62.33 29.06 24.00
N ARG A 648 62.99 28.38 23.07
CA ARG A 648 64.22 28.89 22.46
C ARG A 648 64.10 30.31 21.96
N LEU A 649 62.88 30.84 22.08
CA LEU A 649 62.56 32.20 21.72
C LEU A 649 62.10 32.83 23.02
N HIS A 650 63.08 33.15 23.85
CA HIS A 650 62.87 33.75 25.15
C HIS A 650 61.71 34.75 25.09
N ILE A 651 61.31 35.24 26.26
CA ILE A 651 60.21 36.20 26.40
C ILE A 651 58.95 35.47 26.81
N PHE A 652 58.72 34.34 26.15
CA PHE A 652 57.52 33.59 26.38
C PHE A 652 57.47 32.66 27.58
N ASP A 653 56.42 32.86 28.37
CA ASP A 653 56.14 32.10 29.56
C ASP A 653 55.51 30.78 29.12
N VAL A 654 56.33 29.93 28.50
CA VAL A 654 55.87 28.64 28.00
C VAL A 654 54.78 28.00 28.84
N ALA A 655 55.14 27.55 30.03
CA ALA A 655 54.17 26.91 30.93
C ALA A 655 52.90 27.74 30.96
N ARG A 656 53.07 29.06 30.99
CA ARG A 656 51.93 29.98 31.05
C ARG A 656 51.25 30.25 29.72
N VAL A 657 51.08 29.20 28.93
CA VAL A 657 50.37 29.26 27.65
C VAL A 657 49.89 27.84 27.34
N PRO A 658 48.57 27.70 27.18
CA PRO A 658 47.72 26.54 26.90
C PRO A 658 48.24 25.57 25.86
N ASP A 659 47.59 24.41 25.80
CA ASP A 659 47.94 23.39 24.84
C ASP A 659 47.34 23.79 23.49
N ASP A 660 46.22 24.52 23.52
CA ASP A 660 45.55 24.94 22.29
C ASP A 660 46.49 25.54 21.27
N GLN A 661 46.35 26.85 21.04
CA GLN A 661 47.22 27.59 20.13
C GLN A 661 48.37 26.68 19.69
N MET A 662 49.03 26.05 20.66
CA MET A 662 50.13 25.14 20.38
C MET A 662 49.84 24.18 19.21
N TYR A 663 48.78 23.39 19.33
CA TYR A 663 48.45 22.47 18.25
C TYR A 663 48.27 23.23 16.94
N ARG A 664 47.37 24.22 16.94
CA ARG A 664 47.13 25.01 15.74
C ARG A 664 48.47 25.42 15.14
N LEU A 665 49.45 25.58 16.01
CA LEU A 665 50.80 25.94 15.61
C LEU A 665 51.41 24.85 14.75
N ARG A 666 51.19 23.61 15.16
CA ARG A 666 51.69 22.46 14.41
C ARG A 666 50.99 22.48 13.06
N ASP A 667 49.66 22.50 13.10
CA ASP A 667 48.84 22.49 11.90
C ASP A 667 49.44 23.37 10.80
N ARG A 668 49.97 24.53 11.16
CA ARG A 668 50.57 25.43 10.17
C ARG A 668 51.99 25.00 9.77
N LEU A 669 52.77 24.57 10.75
CA LEU A 669 54.13 24.13 10.49
C LEU A 669 54.18 22.96 9.52
N ARG A 670 53.30 21.98 9.74
CA ARG A 670 53.21 20.78 8.90
C ARG A 670 53.19 21.09 7.41
N LEU A 671 52.59 22.22 7.03
CA LEU A 671 52.50 22.62 5.63
C LEU A 671 53.70 23.41 5.11
N LEU A 672 54.83 23.31 5.81
CA LEU A 672 56.01 24.05 5.38
C LEU A 672 57.14 23.19 4.84
N PRO A 673 57.92 23.74 3.93
CA PRO A 673 59.04 22.98 3.36
C PRO A 673 60.12 22.81 4.42
N VAL A 674 61.26 22.28 4.01
CA VAL A 674 62.36 22.06 4.92
C VAL A 674 63.57 22.77 4.31
N GLU A 675 64.54 23.20 5.11
CA GLU A 675 65.69 23.84 4.48
C GLU A 675 66.58 22.77 3.90
N VAL A 676 66.86 22.90 2.60
CA VAL A 676 67.68 21.94 1.88
C VAL A 676 68.65 21.25 2.83
N ARG A 677 69.43 22.03 3.57
CA ARG A 677 70.38 21.51 4.53
C ARG A 677 69.70 20.40 5.32
N ARG A 678 68.79 20.82 6.21
CA ARG A 678 68.03 19.91 7.07
C ARG A 678 67.58 18.70 6.24
N LEU A 679 66.63 18.93 5.35
CA LEU A 679 66.08 17.89 4.49
C LEU A 679 67.16 16.98 3.91
N ASP A 680 68.03 17.55 3.08
CA ASP A 680 69.08 16.77 2.42
C ASP A 680 69.78 15.75 3.29
N ILE A 681 69.70 15.92 4.60
CA ILE A 681 70.38 14.97 5.46
C ILE A 681 69.50 13.77 5.81
N PHE A 682 68.24 14.05 6.12
CA PHE A 682 67.27 13.02 6.48
C PHE A 682 67.15 11.96 5.37
N ASN A 683 67.15 12.44 4.13
CA ASN A 683 67.05 11.56 2.97
C ASN A 683 68.18 10.57 3.06
N LEU A 684 69.33 11.08 3.49
CA LEU A 684 70.53 10.29 3.62
C LEU A 684 70.38 9.19 4.65
N ILE A 685 69.90 9.58 5.83
CA ILE A 685 69.73 8.65 6.92
C ILE A 685 68.78 7.51 6.58
N LEU A 686 67.64 7.86 6.01
CA LEU A 686 66.66 6.86 5.65
C LEU A 686 67.20 5.87 4.63
N MET A 687 67.48 6.44 3.45
CA MET A 687 67.98 5.71 2.29
C MET A 687 68.78 4.47 2.61
N ASN A 688 69.62 4.54 3.64
CA ASN A 688 70.46 3.41 4.02
C ASN A 688 69.95 2.69 5.26
N MET A 689 69.28 3.45 6.13
CA MET A 689 68.68 2.94 7.37
C MET A 689 68.71 1.42 7.47
N ASP A 690 68.04 0.77 6.52
CA ASP A 690 67.99 -0.69 6.46
C ASP A 690 69.37 -1.26 6.70
N GLN A 691 70.27 -0.96 5.78
CA GLN A 691 71.64 -1.45 5.84
C GLN A 691 72.26 -1.42 7.24
N ILE A 692 72.04 -0.35 7.97
CA ILE A 692 72.59 -0.22 9.31
C ILE A 692 72.05 -1.31 10.20
N GLU A 693 70.75 -1.18 10.43
CA GLU A 693 69.99 -2.08 11.25
C GLU A 693 70.36 -3.55 11.04
N ARG A 694 70.08 -4.04 9.83
CA ARG A 694 70.33 -5.43 9.44
C ARG A 694 71.73 -5.89 9.82
N ALA A 695 72.72 -5.06 9.56
CA ALA A 695 74.10 -5.40 9.92
C ALA A 695 74.14 -5.20 11.42
N SER A 696 75.32 -5.25 12.03
CA SER A 696 75.42 -5.08 13.48
C SER A 696 74.70 -6.17 14.26
N ASP A 697 75.35 -6.64 15.31
CA ASP A 697 74.78 -7.69 16.15
C ASP A 697 73.72 -7.13 17.09
N LYS A 698 73.53 -7.82 18.21
CA LYS A 698 72.56 -7.46 19.24
C LYS A 698 71.13 -7.56 18.75
N ILE A 699 70.95 -7.81 17.46
CA ILE A 699 69.61 -7.88 16.89
C ILE A 699 69.54 -8.83 15.69
N ALA A 700 68.48 -8.71 14.90
CA ALA A 700 68.32 -9.56 13.73
C ALA A 700 67.35 -8.98 12.71
N GLN A 701 66.05 -9.30 12.88
CA GLN A 701 65.02 -8.82 11.97
C GLN A 701 63.74 -9.64 12.12
N GLY A 702 63.90 -10.96 12.02
CA GLY A 702 62.77 -11.86 12.16
C GLY A 702 63.16 -13.34 12.02
N VAL A 703 62.23 -14.24 12.37
CA VAL A 703 62.49 -15.68 12.27
C VAL A 703 61.38 -16.48 11.58
N ILE A 704 61.78 -17.51 10.84
CA ILE A 704 60.85 -18.35 10.11
C ILE A 704 60.73 -19.72 10.76
N ILE A 705 59.53 -20.29 10.75
CA ILE A 705 59.31 -21.59 11.36
C ILE A 705 58.78 -22.65 10.38
N ALA A 706 59.66 -23.15 9.52
CA ALA A 706 59.24 -24.18 8.57
C ALA A 706 59.43 -25.52 9.23
N TYR A 707 58.33 -26.20 9.50
CA TYR A 707 58.43 -27.49 10.13
C TYR A 707 58.97 -28.46 9.08
N ARG A 708 60.07 -28.09 8.45
CA ARG A 708 60.70 -28.94 7.45
C ARG A 708 62.22 -28.80 7.45
N ASP A 709 62.90 -29.90 7.75
CA ASP A 709 64.36 -29.96 7.79
C ASP A 709 64.94 -29.15 6.64
N MET A 710 66.12 -28.57 6.83
CA MET A 710 66.73 -27.81 5.74
C MET A 710 68.14 -27.27 5.94
N GLN A 711 68.79 -27.03 4.80
CA GLN A 711 70.17 -26.55 4.73
C GLN A 711 70.42 -25.18 5.33
N LEU A 712 71.70 -24.85 5.43
CA LEU A 712 72.14 -23.59 5.98
C LEU A 712 73.23 -22.98 5.09
N GLU A 713 73.15 -21.67 4.85
CA GLU A 713 74.15 -20.98 4.03
C GLU A 713 75.52 -21.23 4.66
N ARG A 714 76.58 -21.15 3.84
CA ARG A 714 77.94 -21.41 4.31
C ARG A 714 78.84 -20.17 4.46
N ASP A 715 78.24 -18.98 4.41
CA ASP A 715 78.97 -17.72 4.52
C ASP A 715 80.31 -17.81 5.26
N GLU A 716 81.30 -17.06 4.78
CA GLU A 716 82.65 -17.07 5.36
C GLU A 716 82.75 -16.55 6.79
N MET A 717 82.03 -15.46 7.09
CA MET A 717 82.09 -14.88 8.42
C MET A 717 81.83 -15.91 9.50
N TYR A 718 80.63 -16.46 9.51
CA TYR A 718 80.27 -17.48 10.48
C TYR A 718 80.50 -18.82 9.77
N GLY A 719 80.35 -19.92 10.49
CA GLY A 719 80.49 -21.23 9.85
C GLY A 719 79.11 -21.38 9.23
N TYR A 720 78.69 -22.53 8.71
CA TYR A 720 77.34 -22.53 8.15
C TYR A 720 76.23 -22.60 9.20
N VAL A 721 75.40 -21.55 9.21
CA VAL A 721 74.32 -21.38 10.17
C VAL A 721 72.91 -21.14 9.62
N ASN A 722 72.00 -20.78 10.54
CA ASN A 722 70.59 -20.50 10.27
C ASN A 722 70.27 -19.11 9.74
N ILE A 723 70.41 -18.88 8.44
CA ILE A 723 70.10 -17.56 7.89
C ILE A 723 69.42 -17.58 6.53
N ALA A 724 68.71 -16.49 6.22
CA ALA A 724 68.02 -16.34 4.95
C ALA A 724 67.79 -14.85 4.76
N ARG A 725 68.56 -14.25 3.86
CA ARG A 725 68.42 -12.83 3.64
C ARG A 725 67.19 -12.53 2.79
N ASN A 726 66.42 -13.55 2.40
CA ASN A 726 65.26 -13.30 1.54
C ASN A 726 63.86 -13.73 1.97
N LEU A 727 63.74 -14.69 2.87
CA LEU A 727 62.41 -15.11 3.31
C LEU A 727 61.42 -15.26 2.15
N ASP A 728 61.89 -15.83 1.05
CA ASP A 728 61.02 -16.02 -0.10
C ASP A 728 59.88 -16.97 0.19
N GLY A 729 58.66 -16.43 0.15
CA GLY A 729 57.49 -17.24 0.42
C GLY A 729 57.00 -17.12 1.84
N PHE A 730 56.15 -18.06 2.23
CA PHE A 730 55.55 -18.10 3.57
C PHE A 730 54.82 -16.81 3.86
N GLN A 731 53.97 -16.82 4.87
CA GLN A 731 53.23 -15.62 5.25
C GLN A 731 54.05 -14.85 6.28
N GLN A 732 53.56 -13.68 6.68
CA GLN A 732 54.27 -12.86 7.65
C GLN A 732 53.29 -12.25 8.64
N ILE A 733 53.81 -11.59 9.67
CA ILE A 733 53.00 -10.92 10.70
C ILE A 733 53.81 -9.90 11.48
N ASN A 734 53.55 -8.62 11.22
CA ASN A 734 54.26 -7.54 11.88
C ASN A 734 54.03 -7.66 13.38
N LEU A 735 55.11 -7.66 14.12
CA LEU A 735 55.03 -7.75 15.56
C LEU A 735 54.58 -6.41 16.08
N GLU A 736 55.13 -5.35 15.51
CA GLU A 736 54.75 -4.02 15.93
C GLU A 736 53.22 -3.93 15.88
N GLU A 737 52.63 -4.38 14.77
CA GLU A 737 51.18 -4.33 14.65
C GLU A 737 50.53 -5.45 15.43
N LEU A 738 51.34 -6.20 16.19
CA LEU A 738 50.77 -7.28 16.98
C LEU A 738 50.56 -6.78 18.42
N MET A 739 51.64 -6.64 19.18
CA MET A 739 51.53 -6.18 20.55
C MET A 739 50.73 -4.88 20.64
N ARG A 740 50.29 -4.41 19.49
CA ARG A 740 49.48 -3.20 19.38
C ARG A 740 48.03 -3.68 19.25
N THR A 741 47.79 -4.56 18.28
CA THR A 741 46.45 -5.11 17.98
C THR A 741 45.89 -6.02 19.07
N GLY A 742 46.73 -6.40 20.01
CA GLY A 742 46.27 -7.28 21.09
C GLY A 742 46.23 -8.74 20.66
N ASP A 743 47.03 -9.09 19.66
CA ASP A 743 47.11 -10.44 19.16
C ASP A 743 45.75 -11.07 18.97
N TYR A 744 45.38 -11.34 17.73
CA TYR A 744 44.08 -11.94 17.50
C TYR A 744 44.08 -13.45 17.49
N ALA A 745 44.75 -14.06 18.46
CA ALA A 745 44.83 -15.52 18.56
C ALA A 745 45.10 -16.13 17.19
N GLN A 746 45.43 -15.29 16.23
CA GLN A 746 45.73 -15.74 14.88
C GLN A 746 46.99 -16.55 15.03
N ILE A 747 47.99 -15.89 15.62
CA ILE A 747 49.27 -16.50 15.87
C ILE A 747 49.06 -17.70 16.78
N THR A 748 48.29 -17.48 17.83
CA THR A 748 47.99 -18.52 18.82
C THR A 748 47.55 -19.80 18.14
N ASN A 749 46.71 -19.66 17.12
CA ASN A 749 46.18 -20.80 16.38
C ASN A 749 47.26 -21.46 15.53
N MET A 750 47.90 -20.66 14.69
CA MET A 750 48.94 -21.19 13.82
C MET A 750 50.04 -21.92 14.59
N LEU A 751 50.42 -21.36 15.72
CA LEU A 751 51.45 -22.00 16.51
C LEU A 751 50.90 -23.34 17.01
N LEU A 752 49.68 -23.31 17.55
CA LEU A 752 49.03 -24.50 18.09
C LEU A 752 48.94 -25.62 17.05
N ASN A 753 48.47 -25.25 15.85
CA ASN A 753 48.26 -26.16 14.72
C ASN A 753 49.49 -26.48 13.88
N ASN A 754 50.59 -25.83 14.17
CA ASN A 754 51.83 -26.09 13.44
C ASN A 754 51.67 -25.90 11.94
N GLN A 755 51.86 -24.65 11.51
CA GLN A 755 51.78 -24.29 10.10
C GLN A 755 52.96 -23.39 9.79
N PRO A 756 53.64 -23.64 8.66
CA PRO A 756 54.81 -22.87 8.23
C PRO A 756 54.52 -21.36 8.13
N VAL A 757 55.24 -20.59 8.93
CA VAL A 757 55.08 -19.12 8.97
C VAL A 757 56.32 -18.33 9.46
N ALA A 758 56.26 -17.01 9.33
CA ALA A 758 57.35 -16.10 9.73
C ALA A 758 56.91 -14.88 10.55
N LEU A 759 57.88 -14.14 11.08
CA LEU A 759 57.64 -12.96 11.93
C LEU A 759 58.57 -11.82 11.55
N VAL A 760 58.20 -10.58 11.86
CA VAL A 760 59.05 -9.45 11.47
C VAL A 760 59.28 -8.35 12.49
N GLY A 761 60.47 -7.73 12.44
CA GLY A 761 60.76 -6.63 13.35
C GLY A 761 62.04 -6.69 14.14
N ALA A 762 62.05 -5.95 15.25
CA ALA A 762 63.20 -5.88 16.15
C ALA A 762 63.31 -7.18 16.93
N LEU A 763 64.48 -7.81 16.92
CA LEU A 763 64.65 -9.07 17.62
C LEU A 763 65.99 -9.42 18.27
N PRO A 764 65.92 -10.16 19.38
CA PRO A 764 67.05 -10.63 20.18
C PRO A 764 67.56 -11.98 19.70
N PHE A 765 68.75 -12.00 19.10
CA PHE A 765 69.31 -13.25 18.62
C PHE A 765 69.98 -13.98 19.79
N VAL A 766 70.27 -15.27 19.63
CA VAL A 766 70.92 -16.04 20.67
C VAL A 766 71.80 -17.12 20.04
N THR A 767 73.11 -16.95 20.22
CA THR A 767 74.11 -17.85 19.67
C THR A 767 74.38 -19.10 20.51
N ASP A 768 74.39 -20.27 19.87
CA ASP A 768 74.67 -21.55 20.55
C ASP A 768 75.75 -22.29 19.76
N SER A 769 76.43 -23.23 20.41
CA SER A 769 77.51 -23.97 19.76
C SER A 769 77.31 -25.49 19.72
N SER A 770 77.73 -26.16 20.79
CA SER A 770 77.62 -27.61 20.92
C SER A 770 76.58 -28.20 19.99
N VAL A 771 77.01 -28.45 18.76
CA VAL A 771 76.16 -29.04 17.74
C VAL A 771 74.88 -29.58 18.36
N ILE A 772 75.06 -30.63 19.14
CA ILE A 772 74.00 -31.32 19.86
C ILE A 772 72.70 -30.56 19.74
N SER A 773 72.66 -29.46 20.48
CA SER A 773 71.51 -28.58 20.52
C SER A 773 70.70 -28.66 19.23
N LEU A 774 71.40 -28.63 18.11
CA LEU A 774 70.77 -28.70 16.80
C LEU A 774 70.01 -30.00 16.53
N ILE A 775 70.68 -31.12 16.70
CA ILE A 775 70.08 -32.43 16.45
C ILE A 775 68.82 -32.64 17.28
N ALA A 776 68.92 -32.22 18.55
CA ALA A 776 67.80 -32.33 19.48
C ALA A 776 66.73 -31.38 18.96
N LYS A 777 67.08 -30.65 17.90
CA LYS A 777 66.16 -29.72 17.25
C LYS A 777 65.67 -28.68 18.27
N LEU A 778 66.52 -28.33 19.23
CA LEU A 778 66.15 -27.36 20.27
C LEU A 778 65.30 -26.16 19.86
N ASP A 779 65.66 -25.51 18.76
CA ASP A 779 64.93 -24.34 18.31
C ASP A 779 63.42 -24.43 18.18
N ALA A 780 62.87 -25.64 18.23
CA ALA A 780 61.41 -25.79 18.12
C ALA A 780 60.75 -25.45 19.44
N THR A 781 61.57 -25.28 20.47
CA THR A 781 61.07 -24.95 21.79
C THR A 781 60.58 -23.51 21.78
N VAL A 782 61.29 -22.65 22.51
CA VAL A 782 60.98 -21.22 22.63
C VAL A 782 59.57 -20.83 22.26
N PHE A 783 59.26 -20.99 20.98
CA PHE A 783 57.96 -20.67 20.43
C PHE A 783 56.81 -21.07 21.36
N ALA A 784 56.97 -22.14 22.11
CA ALA A 784 55.92 -22.55 23.03
C ALA A 784 55.44 -21.34 23.85
N GLN A 785 56.31 -20.84 24.74
CA GLN A 785 56.02 -19.68 25.59
C GLN A 785 54.73 -19.03 25.15
N ILE A 786 54.91 -18.07 24.25
CA ILE A 786 53.84 -17.30 23.63
C ILE A 786 52.44 -17.70 24.05
N VAL A 787 52.06 -18.90 23.65
CA VAL A 787 50.75 -19.43 23.96
C VAL A 787 50.23 -19.01 25.33
N LYS A 788 51.11 -18.99 26.32
CA LYS A 788 50.74 -18.60 27.68
C LYS A 788 50.71 -17.08 27.83
N LEU A 789 51.52 -16.39 27.03
CA LEU A 789 51.59 -14.92 27.08
C LEU A 789 51.29 -14.24 25.74
N ARG A 790 50.07 -13.75 25.60
CA ARG A 790 49.60 -13.07 24.40
C ARG A 790 50.68 -12.22 23.71
N LYS A 791 51.40 -11.46 24.53
CA LYS A 791 52.46 -10.57 24.06
C LYS A 791 53.81 -11.27 24.13
N VAL A 792 54.74 -10.83 23.30
CA VAL A 792 56.05 -11.47 23.26
C VAL A 792 57.26 -10.59 23.08
N ASP A 793 58.26 -10.86 23.90
CA ASP A 793 59.52 -10.17 23.90
C ASP A 793 60.35 -11.24 24.56
N THR A 794 59.65 -12.08 25.31
CA THR A 794 60.24 -13.21 26.02
C THR A 794 60.72 -14.16 24.95
N LEU A 795 60.62 -13.70 23.71
CA LEU A 795 61.04 -14.52 22.61
C LEU A 795 62.47 -14.24 22.18
N LYS A 796 63.36 -15.11 22.62
CA LYS A 796 64.77 -15.04 22.30
C LYS A 796 65.00 -16.17 21.30
N PRO A 797 64.94 -15.87 20.00
CA PRO A 797 65.11 -16.79 18.88
C PRO A 797 66.47 -17.48 18.86
N ILE A 798 66.57 -18.61 18.18
CA ILE A 798 67.82 -19.35 18.16
C ILE A 798 68.67 -19.29 16.92
N LEU A 799 69.98 -19.22 17.14
CA LEU A 799 70.95 -19.18 16.07
C LEU A 799 72.02 -20.22 16.34
N TYR A 800 72.69 -20.69 15.30
CA TYR A 800 73.72 -21.72 15.52
C TYR A 800 75.09 -21.48 14.90
N LYS A 801 75.90 -20.55 15.44
CA LYS A 801 77.24 -20.33 14.90
C LYS A 801 77.91 -21.70 14.96
N ILE A 802 78.14 -22.31 13.80
CA ILE A 802 78.73 -23.62 13.83
C ILE A 802 79.87 -23.85 12.85
N ASN A 803 81.00 -24.25 13.44
CA ASN A 803 82.25 -24.57 12.77
C ASN A 803 82.93 -25.51 13.74
N SER A 804 82.90 -26.82 13.45
CA SER A 804 83.49 -27.81 14.35
C SER A 804 84.91 -27.44 14.75
N ASP A 805 85.38 -26.32 14.23
CA ASP A 805 86.71 -25.80 14.55
C ASP A 805 86.65 -25.30 16.00
N SER A 806 85.77 -24.34 16.25
CA SER A 806 85.62 -23.77 17.57
C SER A 806 84.57 -24.49 18.42
N ASN A 807 83.69 -25.27 17.78
CA ASN A 807 82.65 -26.02 18.52
C ASN A 807 83.18 -27.38 18.96
N ASP A 808 83.74 -27.43 20.16
CA ASP A 808 84.32 -28.65 20.73
C ASP A 808 83.66 -29.96 20.31
N PHE A 809 82.44 -29.88 19.78
CA PHE A 809 81.76 -31.07 19.29
C PHE A 809 81.77 -31.13 17.78
N TYR A 810 82.93 -31.54 17.27
CA TYR A 810 83.27 -31.69 15.86
C TYR A 810 82.88 -33.07 15.37
N LEU A 811 82.86 -33.98 16.34
CA LEU A 811 82.55 -35.39 16.15
C LEU A 811 81.68 -35.62 14.93
N VAL A 812 80.81 -34.65 14.63
CA VAL A 812 79.89 -34.78 13.50
C VAL A 812 80.36 -34.22 12.16
N ALA A 813 81.10 -33.12 12.18
CA ALA A 813 81.57 -32.58 10.92
C ALA A 813 82.32 -33.74 10.26
N ASN A 814 82.85 -34.62 11.12
CA ASN A 814 83.61 -35.82 10.78
C ASN A 814 83.01 -36.63 9.61
N TYR A 815 82.25 -37.69 9.91
CA TYR A 815 81.61 -38.55 8.90
C TYR A 815 81.57 -37.89 7.55
N ASP A 816 80.61 -36.98 7.46
CA ASP A 816 80.33 -36.20 6.29
C ASP A 816 79.00 -35.60 6.67
N TRP A 817 78.76 -34.35 6.29
CA TRP A 817 77.47 -33.81 6.64
C TRP A 817 76.96 -32.54 6.00
N VAL A 818 75.74 -32.20 6.39
CA VAL A 818 75.00 -31.04 5.93
C VAL A 818 73.97 -30.68 7.03
N PRO A 819 74.09 -29.50 7.65
CA PRO A 819 73.25 -28.90 8.72
C PRO A 819 71.73 -28.84 8.53
N THR A 820 71.02 -29.78 9.15
CA THR A 820 69.55 -29.87 9.07
C THR A 820 68.85 -29.09 10.18
N SER A 821 68.40 -27.90 9.87
CA SER A 821 67.72 -27.11 10.85
C SER A 821 66.25 -26.93 10.50
N THR A 822 65.52 -26.43 11.48
CA THR A 822 64.12 -26.15 11.32
C THR A 822 64.02 -24.74 11.85
N THR A 823 63.90 -23.75 10.96
CA THR A 823 63.78 -22.33 11.34
C THR A 823 65.04 -21.48 11.38
N LYS A 824 65.37 -20.82 10.26
CA LYS A 824 66.56 -19.97 10.23
C LYS A 824 66.22 -18.51 10.56
N VAL A 825 67.14 -17.59 10.29
CA VAL A 825 66.93 -16.18 10.64
C VAL A 825 67.18 -15.05 9.63
N TYR A 826 66.26 -14.09 9.62
CA TYR A 826 66.35 -12.93 8.74
C TYR A 826 67.34 -11.97 9.35
N LYS A 827 68.42 -11.75 8.64
CA LYS A 827 69.49 -10.87 9.08
C LYS A 827 70.50 -10.92 7.95
N GLN A 828 70.70 -9.79 7.28
CA GLN A 828 71.66 -9.72 6.20
C GLN A 828 73.02 -10.13 6.75
N VAL A 829 74.07 -9.65 6.12
CA VAL A 829 75.38 -9.99 6.61
C VAL A 829 76.38 -8.86 6.42
N PRO A 830 77.20 -8.61 7.45
CA PRO A 830 78.22 -7.55 7.44
C PRO A 830 79.12 -7.64 6.22
N GLN A 831 78.97 -6.71 5.27
CA GLN A 831 79.80 -6.72 4.07
C GLN A 831 81.24 -6.93 4.50
N GLN A 832 82.08 -7.37 3.57
CA GLN A 832 83.48 -7.56 3.90
C GLN A 832 84.22 -6.24 3.72
N PHE A 833 85.55 -6.28 3.62
CA PHE A 833 86.32 -5.05 3.50
C PHE A 833 87.43 -4.98 2.44
N ASP A 834 87.08 -4.37 1.30
CA ASP A 834 87.95 -4.16 0.14
C ASP A 834 88.60 -2.80 0.35
N PHE A 835 89.67 -2.77 1.14
CA PHE A 835 90.39 -1.54 1.47
C PHE A 835 90.64 -0.57 0.30
N ARG A 836 91.37 -1.05 -0.70
CA ARG A 836 91.71 -0.26 -1.89
C ARG A 836 90.56 0.65 -2.28
N ASN A 837 89.42 0.06 -2.63
CA ASN A 837 88.24 0.80 -3.02
C ASN A 837 87.44 1.29 -1.81
N SER A 838 87.80 0.81 -0.63
CA SER A 838 87.08 1.20 0.58
C SER A 838 87.52 2.59 1.04
N MET A 839 88.48 3.16 0.33
CA MET A 839 88.98 4.48 0.66
C MET A 839 88.35 5.55 -0.25
N HIS A 840 88.49 6.81 0.13
CA HIS A 840 87.96 7.93 -0.65
C HIS A 840 88.90 9.13 -0.54
N MET A 841 88.70 10.12 -1.39
CA MET A 841 89.57 11.30 -1.34
C MET A 841 88.82 12.57 -0.98
N LEU A 842 89.52 13.52 -0.38
CA LEU A 842 88.88 14.75 0.05
C LEU A 842 89.46 16.10 -0.34
N THR A 843 88.55 17.04 -0.43
CA THR A 843 88.86 18.38 -0.78
C THR A 843 88.24 19.30 0.27
N SER A 844 88.79 20.49 0.41
CA SER A 844 88.30 21.48 1.36
C SER A 844 89.16 22.73 1.11
N ASN A 845 89.20 23.66 2.06
CA ASN A 845 89.99 24.86 1.84
C ASN A 845 91.16 25.02 2.82
N LEU A 846 91.92 26.10 2.66
CA LEU A 846 93.05 26.37 3.54
C LEU A 846 93.02 27.75 4.18
N THR A 847 93.41 27.80 5.45
CA THR A 847 93.43 29.04 6.20
C THR A 847 92.25 29.95 5.82
N PHE A 848 91.15 29.73 6.52
CA PHE A 848 89.92 30.48 6.35
C PHE A 848 90.01 31.68 7.28
N THR A 849 88.86 32.24 7.62
CA THR A 849 88.78 33.38 8.53
C THR A 849 87.31 33.74 8.66
N VAL A 850 86.71 33.25 9.73
CA VAL A 850 85.30 33.47 10.02
C VAL A 850 85.11 34.73 10.83
N TYR A 851 84.05 35.47 10.57
CA TYR A 851 83.81 36.69 11.32
C TYR A 851 82.36 36.81 11.80
N SER A 852 82.18 37.10 13.08
CA SER A 852 80.85 37.24 13.66
C SER A 852 80.49 38.72 13.84
N ASP A 853 79.19 39.01 13.78
CA ASP A 853 78.69 40.37 13.94
C ASP A 853 78.86 41.25 12.71
N LEU A 854 80.07 41.77 12.52
CA LEU A 854 80.43 42.63 11.40
C LEU A 854 80.35 44.11 11.78
N LEU A 855 79.48 44.85 11.08
CA LEU A 855 79.27 46.27 11.33
C LEU A 855 80.48 46.95 11.94
N ALA A 856 80.56 46.90 13.27
CA ALA A 856 81.64 47.49 14.05
C ALA A 856 82.63 48.32 13.26
N PHE A 857 83.13 47.75 12.16
CA PHE A 857 84.09 48.40 11.27
C PHE A 857 83.73 49.78 10.75
N VAL A 858 83.06 50.61 11.54
CA VAL A 858 82.72 51.95 11.05
C VAL A 858 82.64 53.05 12.10
N SER A 859 83.30 54.18 11.83
CA SER A 859 83.27 55.31 12.75
C SER A 859 82.13 56.18 12.22
N ALA A 860 80.91 55.76 12.54
CA ALA A 860 79.72 56.48 12.12
C ALA A 860 79.67 57.83 12.79
N ASP A 861 79.75 58.89 11.98
CA ASP A 861 79.71 60.24 12.50
C ASP A 861 78.46 60.94 12.03
N THR A 862 78.15 62.07 12.63
CA THR A 862 76.95 62.80 12.28
C THR A 862 77.19 64.27 11.99
N VAL A 863 76.35 64.85 11.15
CA VAL A 863 76.45 66.26 10.79
C VAL A 863 76.10 67.08 12.04
N GLU A 864 76.16 68.40 11.94
CA GLU A 864 75.78 69.24 13.07
C GLU A 864 74.26 69.27 13.01
N PRO A 865 73.58 69.00 14.13
CA PRO A 865 72.11 68.98 14.19
C PRO A 865 71.40 70.13 13.50
N ILE A 866 71.78 71.34 13.86
CA ILE A 866 71.17 72.56 13.34
C ILE A 866 70.84 72.59 11.83
N ASN A 867 71.36 71.63 11.08
CA ASN A 867 71.02 71.59 9.66
C ASN A 867 70.96 70.15 9.14
N ALA A 868 69.86 69.48 9.48
CA ALA A 868 69.60 68.10 9.06
C ALA A 868 68.59 68.11 7.92
N VAL A 869 68.35 66.96 7.30
CA VAL A 869 67.42 66.92 6.18
C VAL A 869 66.51 65.70 6.16
N ALA A 870 65.32 65.84 5.58
CA ALA A 870 64.34 64.73 5.48
C ALA A 870 64.09 64.32 4.03
N PHE A 871 63.05 63.53 3.75
CA PHE A 871 62.83 63.15 2.36
C PHE A 871 62.31 64.31 1.52
N ASP A 872 62.79 65.51 1.81
CA ASP A 872 62.38 66.69 1.07
C ASP A 872 63.57 67.64 0.88
N ASN A 873 64.75 67.21 1.31
CA ASN A 873 65.97 68.00 1.19
C ASN A 873 65.85 69.42 1.76
N MET A 874 65.15 69.52 2.89
CA MET A 874 64.93 70.79 3.60
C MET A 874 65.43 70.77 5.05
N ARG A 875 65.89 71.92 5.49
CA ARG A 875 66.40 72.10 6.84
C ARG A 875 65.32 71.75 7.85
N ILE A 876 65.50 70.63 8.54
CA ILE A 876 64.56 70.21 9.58
C ILE A 876 64.87 71.12 10.76
N MET A 877 63.90 71.90 11.21
CA MET A 877 64.06 72.83 12.33
C MET A 877 64.68 74.15 11.85
N ASN A 878 63.89 75.03 11.25
CA ASN A 878 64.44 76.30 10.77
C ASN A 878 63.82 77.52 11.45
N GLU A 879 62.67 77.35 12.07
CA GLU A 879 62.01 78.45 12.78
C GLU A 879 62.77 78.66 14.09
N LEU A 880 63.19 79.90 14.33
CA LEU A 880 63.98 80.24 15.51
C LEU A 880 63.17 80.53 16.77
N GLN B 71 19.58 45.63 49.11
CA GLN B 71 19.62 45.09 50.47
C GLN B 71 18.50 44.10 50.55
N LEU B 72 17.43 44.56 49.95
CA LEU B 72 16.20 43.84 49.80
C LEU B 72 16.46 42.53 48.98
N LEU B 73 17.17 42.62 47.83
CA LEU B 73 17.50 41.48 46.91
C LEU B 73 18.38 40.34 47.52
N GLU B 74 18.46 40.27 48.86
CA GLU B 74 19.23 39.26 49.62
C GLU B 74 18.58 38.84 50.99
N VAL B 75 17.48 39.54 51.40
CA VAL B 75 16.67 39.26 52.62
C VAL B 75 15.44 38.51 51.99
N LEU B 76 15.51 38.39 50.65
CA LEU B 76 14.53 37.75 49.74
C LEU B 76 15.15 36.72 48.78
N LYS B 77 16.11 35.95 49.28
CA LYS B 77 16.79 34.86 48.57
C LYS B 77 17.02 33.90 49.74
N THR B 78 16.41 34.27 50.88
CA THR B 78 16.40 33.57 52.20
C THR B 78 14.94 33.36 52.68
N LYS B 79 14.04 34.28 52.31
CA LYS B 79 12.61 34.17 52.66
C LYS B 79 11.96 33.49 51.45
N GLU B 80 12.80 33.21 50.46
CA GLU B 80 12.43 32.54 49.19
C GLU B 80 13.37 31.35 48.92
N GLU B 81 13.70 30.64 50.01
CA GLU B 81 14.55 29.44 50.05
C GLU B 81 14.12 28.78 51.38
N HIS B 82 12.82 28.95 51.62
CA HIS B 82 12.06 28.44 52.76
C HIS B 82 10.78 28.08 51.98
N GLN B 83 10.20 29.08 51.34
CA GLN B 83 9.01 28.86 50.54
C GLN B 83 9.41 27.83 49.49
N LYS B 84 10.46 28.16 48.74
CA LYS B 84 11.00 27.29 47.70
C LYS B 84 11.32 25.93 48.31
N GLU B 85 11.94 25.93 49.48
CA GLU B 85 12.31 24.69 50.16
C GLU B 85 11.09 23.85 50.49
N ILE B 86 10.40 24.19 51.59
CA ILE B 86 9.23 23.44 52.03
C ILE B 86 8.47 22.79 50.89
N GLN B 87 8.23 23.54 49.82
CA GLN B 87 7.51 22.99 48.70
C GLN B 87 8.34 22.00 47.87
N TYR B 88 9.55 22.39 47.45
CA TYR B 88 10.43 21.50 46.67
C TYR B 88 10.52 20.17 47.42
N GLU B 89 10.14 20.19 48.70
CA GLU B 89 10.17 19.00 49.53
C GLU B 89 8.79 18.35 49.60
N ILE B 90 7.73 19.15 49.74
CA ILE B 90 6.39 18.60 49.81
C ILE B 90 6.20 17.67 48.62
N LEU B 91 7.12 17.80 47.67
CA LEU B 91 7.11 16.98 46.49
C LEU B 91 7.95 15.73 46.76
N GLN B 92 9.13 15.94 47.31
CA GLN B 92 10.06 14.84 47.63
C GLN B 92 9.41 13.79 48.51
N LYS B 93 8.23 14.09 49.06
CA LYS B 93 7.52 13.13 49.90
C LYS B 93 6.62 12.31 49.00
N THR B 94 6.65 12.60 47.71
CA THR B 94 5.86 11.88 46.71
C THR B 94 6.86 11.10 45.86
N ILE B 95 8.11 11.03 46.34
CA ILE B 95 9.17 10.33 45.63
C ILE B 95 9.94 9.36 46.50
N PRO B 96 9.58 8.07 46.45
CA PRO B 96 10.25 7.04 47.24
C PRO B 96 11.72 6.85 46.88
N THR B 97 12.49 7.91 47.08
CA THR B 97 13.91 7.90 46.78
C THR B 97 14.65 7.97 48.11
N PHE B 98 15.46 6.97 48.43
CA PHE B 98 16.21 7.03 49.68
C PHE B 98 16.88 8.40 49.69
N GLU B 99 16.89 9.08 50.84
CA GLU B 99 17.43 10.43 50.93
C GLU B 99 18.84 10.71 50.40
N PRO B 100 19.90 10.24 51.08
CA PRO B 100 21.25 10.51 50.57
C PRO B 100 21.47 10.01 49.13
N LYS B 101 22.27 10.71 48.35
CA LYS B 101 22.54 10.25 46.99
C LYS B 101 23.21 8.88 47.12
N GLU B 102 24.51 8.94 47.39
CA GLU B 102 25.38 7.77 47.56
C GLU B 102 24.75 6.54 48.21
N SER B 103 24.08 6.77 49.34
CA SER B 103 23.42 5.69 50.09
C SER B 103 22.87 4.63 49.16
N ILE B 104 22.37 5.08 48.02
CA ILE B 104 21.76 4.21 47.03
C ILE B 104 22.71 3.20 46.39
N LEU B 105 23.82 3.68 45.84
CA LEU B 105 24.79 2.80 45.19
C LEU B 105 24.93 1.45 45.89
N LYS B 106 25.35 1.48 47.16
CA LYS B 106 25.54 0.25 47.94
C LYS B 106 24.38 -0.72 47.74
N LYS B 107 23.16 -0.22 47.93
CA LYS B 107 21.95 -1.03 47.79
C LYS B 107 21.94 -1.92 46.55
N LEU B 108 22.72 -1.54 45.53
CA LEU B 108 22.75 -2.31 44.29
C LEU B 108 23.91 -3.31 44.26
N GLU B 109 25.13 -2.79 44.36
CA GLU B 109 26.32 -3.62 44.35
C GLU B 109 26.09 -4.71 45.40
N ASP B 110 25.19 -4.40 46.33
CA ASP B 110 24.84 -5.26 47.45
C ASP B 110 23.87 -6.41 47.15
N ILE B 111 23.07 -6.28 46.09
CA ILE B 111 22.13 -7.35 45.77
C ILE B 111 22.82 -8.54 45.13
N LYS B 112 22.62 -9.70 45.73
CA LYS B 112 23.23 -10.95 45.28
C LYS B 112 22.15 -11.95 44.89
N PRO B 113 21.09 -11.49 44.22
CA PRO B 113 19.96 -12.32 43.78
C PRO B 113 20.32 -13.77 43.50
N GLU B 114 21.38 -13.96 42.72
CA GLU B 114 21.84 -15.28 42.36
C GLU B 114 22.20 -16.06 43.62
N GLN B 115 21.58 -17.23 43.79
CA GLN B 115 21.82 -18.08 44.96
C GLN B 115 21.74 -19.54 44.53
N ALA B 116 22.60 -20.38 45.08
CA ALA B 116 22.57 -21.81 44.75
C ALA B 116 21.48 -22.40 45.65
N LYS B 117 20.72 -23.38 45.15
CA LYS B 117 19.63 -24.00 45.93
C LYS B 117 19.51 -25.51 45.81
N LYS B 118 19.62 -26.21 46.94
CA LYS B 118 19.53 -27.68 46.97
C LYS B 118 18.67 -28.10 48.16
N GLN B 119 18.66 -29.38 48.49
CA GLN B 119 17.89 -29.86 49.64
C GLN B 119 18.25 -31.28 50.09
N THR B 120 17.93 -31.58 51.35
CA THR B 120 18.21 -32.88 51.94
C THR B 120 16.95 -33.75 51.98
N LYS B 121 16.18 -33.66 53.06
CA LYS B 121 14.97 -34.48 53.25
C LYS B 121 14.08 -34.67 52.01
N LEU B 122 13.59 -35.89 51.82
CA LEU B 122 12.72 -36.20 50.71
C LEU B 122 11.56 -35.24 50.73
N PHE B 123 11.06 -35.01 51.94
CA PHE B 123 9.96 -34.10 52.17
C PHE B 123 8.60 -34.66 51.84
N ARG B 124 7.82 -34.91 52.87
CA ARG B 124 6.49 -35.40 52.69
C ARG B 124 5.65 -34.70 53.74
N ILE B 125 4.45 -35.22 53.95
CA ILE B 125 3.55 -34.62 54.91
C ILE B 125 3.18 -35.64 55.95
N PHE B 126 2.89 -36.83 55.47
CA PHE B 126 2.48 -37.90 56.35
C PHE B 126 3.27 -39.20 56.28
N GLU B 127 3.71 -39.58 57.48
CA GLU B 127 4.44 -40.81 57.67
C GLU B 127 3.29 -41.73 58.08
N PRO B 128 3.51 -43.03 58.03
CA PRO B 128 2.38 -43.88 58.43
C PRO B 128 2.63 -44.48 59.82
N ARG B 129 1.63 -44.43 60.69
CA ARG B 129 1.76 -44.98 62.05
C ARG B 129 0.85 -46.19 62.25
N GLN B 130 1.14 -46.94 63.31
CA GLN B 130 0.30 -48.10 63.61
C GLN B 130 -0.92 -47.52 64.30
N LEU B 131 -1.95 -48.34 64.46
CA LEU B 131 -3.16 -47.94 65.13
C LEU B 131 -3.99 -49.13 65.57
N PRO B 132 -4.70 -48.99 66.69
CA PRO B 132 -5.52 -50.10 67.17
C PRO B 132 -6.80 -50.20 66.36
N ILE B 133 -7.14 -51.42 65.93
CA ILE B 133 -8.35 -51.66 65.13
C ILE B 133 -9.27 -52.67 65.80
N TYR B 134 -10.52 -52.29 66.01
CA TYR B 134 -11.46 -53.22 66.63
C TYR B 134 -12.55 -53.66 65.65
N ARG B 135 -12.63 -54.98 65.42
CA ARG B 135 -13.63 -55.56 64.52
C ARG B 135 -15.02 -55.14 65.00
N ALA B 136 -16.05 -55.30 64.18
CA ALA B 136 -17.40 -54.92 64.59
C ALA B 136 -17.70 -55.55 65.95
N ASN B 137 -18.10 -54.72 66.91
CA ASN B 137 -18.38 -55.21 68.26
C ASN B 137 -17.09 -55.83 68.75
N GLY B 138 -15.98 -55.23 68.33
CA GLY B 138 -14.69 -55.76 68.70
C GLY B 138 -13.80 -55.02 69.66
N GLU B 139 -12.77 -55.75 70.09
CA GLU B 139 -11.76 -55.31 71.02
C GLU B 139 -10.51 -54.99 70.18
N LYS B 140 -9.38 -54.68 70.81
CA LYS B 140 -8.17 -54.43 70.04
C LYS B 140 -7.97 -55.79 69.38
N GLU B 141 -8.47 -55.98 68.16
CA GLU B 141 -8.35 -57.27 67.47
C GLU B 141 -6.96 -57.88 67.67
N LEU B 142 -6.04 -57.05 68.17
CA LEU B 142 -4.65 -57.41 68.45
C LEU B 142 -3.78 -56.92 67.30
N ARG B 143 -4.31 -57.04 66.10
CA ARG B 143 -3.62 -56.59 64.90
C ARG B 143 -3.61 -55.07 64.98
N ASN B 144 -2.60 -54.45 64.41
CA ASN B 144 -2.53 -53.00 64.40
C ASN B 144 -2.17 -52.56 62.99
N ARG B 145 -3.18 -52.52 62.13
CA ARG B 145 -3.01 -52.12 60.74
C ARG B 145 -2.38 -50.74 60.58
N TRP B 146 -1.81 -50.52 59.41
CA TRP B 146 -1.14 -49.26 59.13
C TRP B 146 -1.99 -48.28 58.36
N TYR B 147 -2.18 -47.10 58.95
CA TYR B 147 -2.96 -46.04 58.32
C TYR B 147 -2.06 -44.81 58.16
N TRP B 148 -2.46 -43.88 57.31
CA TRP B 148 -1.67 -42.68 57.09
C TRP B 148 -2.11 -41.57 58.03
N LYS B 149 -1.15 -40.81 58.56
CA LYS B 149 -1.46 -39.68 59.43
C LYS B 149 -0.51 -38.51 59.20
N LEU B 150 -0.98 -37.31 59.52
CA LEU B 150 -0.23 -36.09 59.31
C LEU B 150 0.79 -35.65 60.35
N LYS B 151 2.04 -35.48 59.92
CA LYS B 151 3.07 -34.99 60.83
C LYS B 151 2.71 -33.51 60.85
N LYS B 152 2.87 -32.84 61.99
CA LYS B 152 2.53 -31.41 62.08
C LYS B 152 1.09 -31.16 61.63
N ASP B 153 0.10 -31.68 62.38
CA ASP B 153 -1.31 -31.51 62.02
C ASP B 153 -2.01 -30.34 62.72
N THR B 154 -1.73 -29.13 62.23
CA THR B 154 -2.30 -27.91 62.78
C THR B 154 -3.33 -27.30 61.85
N LEU B 155 -4.60 -27.37 62.22
CA LEU B 155 -5.66 -26.82 61.38
C LEU B 155 -6.61 -25.91 62.16
N PRO B 156 -6.98 -24.77 61.56
CA PRO B 156 -7.89 -23.80 62.20
C PRO B 156 -9.36 -24.24 62.22
N ASP B 157 -10.18 -23.51 62.96
CA ASP B 157 -11.61 -23.83 63.03
C ASP B 157 -12.41 -22.89 62.12
N GLY B 158 -12.99 -23.44 61.05
CA GLY B 158 -13.78 -22.63 60.11
C GLY B 158 -13.25 -22.60 58.69
N ASP B 159 -14.05 -23.03 57.72
CA ASP B 159 -13.61 -23.07 56.33
C ASP B 159 -12.62 -21.97 55.96
N TYR B 160 -12.93 -20.74 56.35
CA TYR B 160 -12.06 -19.63 56.03
C TYR B 160 -10.62 -19.82 56.51
N ASP B 161 -10.46 -20.01 57.82
CA ASP B 161 -9.13 -20.19 58.36
C ASP B 161 -8.38 -21.32 57.64
N VAL B 162 -9.13 -22.29 57.16
CA VAL B 162 -8.59 -23.43 56.42
C VAL B 162 -7.88 -22.94 55.17
N ARG B 163 -8.64 -22.28 54.30
CA ARG B 163 -8.10 -21.77 53.07
C ARG B 163 -6.84 -20.95 53.30
N GLU B 164 -6.87 -20.08 54.31
CA GLU B 164 -5.69 -19.27 54.61
C GLU B 164 -4.50 -20.16 54.92
N TYR B 165 -4.74 -21.17 55.75
CA TYR B 165 -3.69 -22.11 56.13
C TYR B 165 -2.90 -22.64 54.93
N PHE B 166 -3.60 -23.25 54.00
CA PHE B 166 -3.01 -23.82 52.79
C PHE B 166 -2.11 -22.76 52.15
N LEU B 167 -2.66 -21.57 52.04
CA LEU B 167 -1.96 -20.44 51.45
C LEU B 167 -0.53 -20.35 51.95
N ASN B 168 -0.35 -20.44 53.26
CA ASN B 168 0.98 -20.35 53.81
C ASN B 168 1.87 -21.44 53.25
N LEU B 169 1.25 -22.58 52.96
CA LEU B 169 1.99 -23.68 52.39
C LEU B 169 2.60 -23.21 51.09
N TYR B 170 1.83 -22.50 50.30
CA TYR B 170 2.32 -22.00 49.03
C TYR B 170 3.57 -21.16 49.28
N ASP B 171 3.49 -20.25 50.24
CA ASP B 171 4.65 -19.40 50.52
C ASP B 171 5.82 -20.26 50.98
N GLN B 172 5.56 -21.25 51.84
CA GLN B 172 6.66 -22.10 52.30
C GLN B 172 7.21 -22.88 51.11
N VAL B 173 6.33 -23.37 50.25
CA VAL B 173 6.77 -24.13 49.10
C VAL B 173 7.76 -23.34 48.24
N LEU B 174 7.43 -22.06 47.98
CA LEU B 174 8.29 -21.22 47.17
C LEU B 174 9.63 -20.88 47.79
N THR B 175 9.62 -20.59 49.08
CA THR B 175 10.85 -20.25 49.78
C THR B 175 11.77 -21.49 49.84
N GLU B 176 11.19 -22.68 49.79
CA GLU B 176 12.00 -23.91 49.81
C GLU B 176 12.18 -24.45 48.39
N MET B 177 11.68 -23.71 47.41
CA MET B 177 11.79 -24.12 46.02
C MET B 177 13.19 -24.61 45.67
N PRO B 178 13.38 -25.94 45.64
CA PRO B 178 14.66 -26.58 45.32
C PRO B 178 14.98 -26.37 43.85
N ASP B 179 15.77 -25.35 43.55
CA ASP B 179 16.09 -25.07 42.17
C ASP B 179 16.56 -26.32 41.42
N TYR B 180 17.16 -27.28 42.14
CA TYR B 180 17.65 -28.53 41.54
C TYR B 180 17.75 -29.62 42.60
N LEU B 181 18.14 -30.83 42.20
CA LEU B 181 18.32 -31.93 43.16
C LEU B 181 19.14 -33.11 42.64
N LEU B 182 19.77 -33.81 43.58
CA LEU B 182 20.60 -34.97 43.26
C LEU B 182 20.32 -36.05 44.31
N LEU B 183 20.68 -37.30 44.04
CA LEU B 183 20.41 -38.36 45.01
C LEU B 183 21.50 -38.99 45.87
N LYS B 184 22.69 -39.22 45.34
CA LYS B 184 23.74 -39.81 46.17
C LYS B 184 23.76 -39.06 47.50
N ASP B 185 23.49 -37.76 47.44
CA ASP B 185 23.49 -36.92 48.64
C ASP B 185 22.40 -37.33 49.61
N MET B 186 21.81 -38.49 49.39
CA MET B 186 20.77 -38.95 50.28
C MET B 186 20.81 -40.46 50.43
N ALA B 187 21.77 -41.08 49.76
CA ALA B 187 21.94 -42.53 49.81
C ALA B 187 21.81 -43.06 51.23
N VAL B 188 21.32 -44.29 51.38
CA VAL B 188 21.15 -44.95 52.68
C VAL B 188 21.13 -46.48 52.52
N GLU B 189 21.72 -47.18 53.47
CA GLU B 189 21.77 -48.62 53.41
C GLU B 189 20.43 -49.29 53.69
N ASN B 190 20.05 -50.22 52.84
CA ASN B 190 18.82 -50.98 53.01
C ASN B 190 19.20 -52.12 53.95
N LYS B 191 19.32 -51.79 55.23
CA LYS B 191 19.73 -52.75 56.25
C LYS B 191 19.51 -54.24 55.98
N ASN B 192 18.45 -54.57 55.25
CA ASN B 192 18.18 -55.96 54.94
C ASN B 192 18.51 -56.25 53.48
N SER B 193 18.02 -57.37 52.98
CA SER B 193 18.23 -57.73 51.58
C SER B 193 19.64 -58.10 51.14
N ARG B 194 19.70 -59.11 50.27
CA ARG B 194 20.95 -59.59 49.72
C ARG B 194 21.66 -58.47 48.97
N ASP B 195 21.68 -58.58 47.64
CA ASP B 195 22.31 -57.61 46.73
C ASP B 195 22.56 -56.21 47.31
N ALA B 196 23.37 -56.13 48.36
CA ALA B 196 23.73 -54.87 49.05
C ALA B 196 22.85 -53.69 48.68
N GLY B 197 21.55 -53.92 48.72
CA GLY B 197 20.61 -52.88 48.37
C GLY B 197 20.86 -51.55 49.06
N LYS B 198 20.73 -50.47 48.29
CA LYS B 198 20.88 -49.13 48.83
C LYS B 198 19.57 -48.44 48.46
N VAL B 199 19.05 -47.64 49.38
CA VAL B 199 17.76 -46.96 49.17
C VAL B 199 17.70 -45.45 49.32
N VAL B 200 16.59 -44.87 48.87
CA VAL B 200 16.33 -43.42 48.88
C VAL B 200 16.75 -42.50 50.01
N ASP B 201 16.01 -42.49 51.12
CA ASP B 201 16.36 -41.62 52.25
C ASP B 201 16.02 -42.25 53.59
N SER B 202 16.13 -41.47 54.67
CA SER B 202 15.87 -42.00 56.00
C SER B 202 14.50 -42.67 56.17
N GLU B 203 13.43 -41.90 55.97
CA GLU B 203 12.07 -42.42 56.11
C GLU B 203 11.92 -43.71 55.32
N THR B 204 12.34 -43.65 54.06
CA THR B 204 12.29 -44.79 53.17
C THR B 204 12.86 -45.96 53.96
N ALA B 205 14.09 -45.80 54.44
CA ALA B 205 14.77 -46.83 55.21
C ALA B 205 13.93 -47.36 56.36
N SER B 206 13.69 -46.51 57.35
CA SER B 206 12.89 -46.87 58.51
C SER B 206 11.80 -47.86 58.13
N ILE B 207 10.80 -47.33 57.47
CA ILE B 207 9.66 -48.08 57.00
C ILE B 207 9.98 -49.54 56.67
N CYS B 208 10.93 -49.75 55.78
CA CYS B 208 11.32 -51.10 55.38
C CYS B 208 11.63 -51.97 56.59
N ASP B 209 12.69 -51.63 57.30
CA ASP B 209 13.11 -52.37 58.47
C ASP B 209 11.90 -52.61 59.36
N ALA B 210 11.02 -51.62 59.44
CA ALA B 210 9.81 -51.72 60.25
C ALA B 210 8.89 -52.83 59.80
N ILE B 211 8.29 -52.68 58.63
CA ILE B 211 7.37 -53.68 58.11
C ILE B 211 7.99 -55.06 58.00
N PHE B 212 9.21 -55.09 57.48
CA PHE B 212 9.96 -56.31 57.31
C PHE B 212 9.54 -57.28 58.41
N GLN B 213 9.31 -56.73 59.61
CA GLN B 213 8.95 -57.56 60.76
C GLN B 213 7.49 -57.68 61.23
N ASP B 214 6.57 -56.87 60.72
CA ASP B 214 5.20 -57.06 61.18
C ASP B 214 4.67 -58.32 60.51
N GLU B 215 5.07 -59.47 61.04
CA GLU B 215 4.71 -60.79 60.54
C GLU B 215 3.58 -60.94 59.53
N GLU B 216 2.48 -60.23 59.76
CA GLU B 216 1.34 -60.33 58.85
C GLU B 216 1.40 -59.38 57.66
N THR B 217 2.38 -59.59 56.79
CA THR B 217 2.51 -58.79 55.60
C THR B 217 3.16 -59.61 54.49
N GLU B 218 2.29 -60.26 53.72
CA GLU B 218 2.64 -61.10 52.57
C GLU B 218 4.11 -61.37 52.28
N GLY B 219 4.47 -62.65 52.21
CA GLY B 219 5.85 -63.03 51.94
C GLY B 219 6.44 -62.33 50.74
N ALA B 220 5.57 -61.68 49.96
CA ALA B 220 5.96 -60.96 48.76
C ALA B 220 6.71 -59.68 49.11
N VAL B 221 6.24 -59.05 50.16
CA VAL B 221 6.80 -57.81 50.69
C VAL B 221 8.29 -57.95 50.98
N ARG B 222 8.64 -58.89 51.85
CA ARG B 222 10.04 -59.12 52.23
C ARG B 222 10.87 -59.25 50.94
N ARG B 223 10.37 -60.08 50.05
CA ARG B 223 10.97 -60.34 48.75
C ARG B 223 11.33 -59.05 48.02
N PHE B 224 10.30 -58.28 47.74
CA PHE B 224 10.46 -57.02 47.05
C PHE B 224 11.50 -56.18 47.76
N ILE B 225 11.24 -55.85 49.02
CA ILE B 225 12.18 -55.06 49.80
C ILE B 225 13.56 -55.63 49.60
N ALA B 226 13.60 -56.96 49.73
CA ALA B 226 14.83 -57.73 49.59
C ALA B 226 15.55 -57.42 48.28
N GLU B 227 15.63 -58.42 47.42
CA GLU B 227 16.30 -58.31 46.13
C GLU B 227 16.28 -56.99 45.34
N MET B 228 15.38 -56.06 45.66
CA MET B 228 15.31 -54.78 44.94
C MET B 228 16.48 -53.84 45.19
N ARG B 229 17.33 -53.66 44.18
CA ARG B 229 18.49 -52.77 44.35
C ARG B 229 18.41 -51.48 43.56
N GLN B 230 19.29 -50.57 43.93
CA GLN B 230 19.39 -49.27 43.30
C GLN B 230 19.71 -49.45 41.82
N ARG B 231 20.02 -48.33 41.16
CA ARG B 231 20.37 -48.32 39.75
C ARG B 231 21.52 -47.33 39.58
N VAL B 232 22.71 -47.84 39.31
CA VAL B 232 23.88 -46.98 39.17
C VAL B 232 24.61 -47.06 37.84
N GLN B 233 24.31 -46.14 36.94
CA GLN B 233 24.98 -46.10 35.64
C GLN B 233 25.96 -44.92 35.68
N ALA B 234 27.26 -45.24 35.73
CA ALA B 234 28.29 -44.21 35.77
C ALA B 234 28.14 -43.30 34.56
N ASP B 235 28.47 -43.84 33.40
CA ASP B 235 28.33 -43.12 32.15
C ASP B 235 26.91 -42.57 32.16
N ARG B 236 26.68 -41.45 31.47
CA ARG B 236 25.35 -40.85 31.38
C ARG B 236 24.89 -40.01 32.59
N ASN B 237 25.16 -40.49 33.81
CA ASN B 237 24.78 -39.79 35.06
C ASN B 237 23.40 -40.23 35.58
N VAL B 238 23.03 -41.45 35.25
CA VAL B 238 21.75 -42.01 35.67
C VAL B 238 21.78 -42.62 37.07
N VAL B 239 20.72 -42.37 37.81
CA VAL B 239 20.59 -42.92 39.14
C VAL B 239 19.10 -43.08 39.46
N ASN B 240 18.67 -44.33 39.41
CA ASN B 240 17.30 -44.68 39.69
C ASN B 240 17.34 -45.41 41.04
N TYR B 241 16.98 -44.68 42.09
CA TYR B 241 16.97 -45.24 43.43
C TYR B 241 15.60 -45.72 43.85
N PRO B 242 15.54 -46.86 44.54
CA PRO B 242 14.25 -47.39 44.99
C PRO B 242 13.71 -46.48 46.10
N SER B 243 12.45 -46.07 46.01
CA SER B 243 11.87 -45.18 47.02
C SER B 243 10.47 -45.50 47.50
N ILE B 244 9.98 -44.66 48.40
CA ILE B 244 8.65 -44.80 48.95
C ILE B 244 8.22 -43.48 49.57
N LEU B 245 7.05 -43.00 49.18
CA LEU B 245 6.56 -41.72 49.70
C LEU B 245 5.09 -41.79 50.06
N HIS B 246 4.28 -41.51 49.05
CA HIS B 246 2.85 -41.50 49.18
C HIS B 246 2.37 -40.81 47.92
N PRO B 247 1.13 -41.07 47.52
CA PRO B 247 0.62 -40.43 46.30
C PRO B 247 0.83 -38.92 46.27
N ILE B 248 0.41 -38.24 47.33
CA ILE B 248 0.54 -36.79 47.36
C ILE B 248 2.00 -36.36 47.53
N ASP B 249 2.81 -37.21 48.12
CA ASP B 249 4.21 -36.84 48.29
C ASP B 249 4.94 -37.03 46.97
N TYR B 250 4.84 -38.20 46.37
CA TYR B 250 5.49 -38.46 45.09
C TYR B 250 5.14 -37.26 44.23
N ALA B 251 3.87 -36.89 44.27
CA ALA B 251 3.37 -35.77 43.51
C ALA B 251 4.34 -34.61 43.58
N PHE B 252 4.61 -34.16 44.79
CA PHE B 252 5.53 -33.05 45.00
C PHE B 252 6.88 -33.32 44.38
N ASN B 253 7.74 -33.83 45.25
CA ASN B 253 9.10 -34.17 44.96
C ASN B 253 9.29 -34.48 43.47
N GLU B 254 8.31 -35.13 42.88
CA GLU B 254 8.39 -35.43 41.46
C GLU B 254 8.70 -34.17 40.67
N TYR B 255 7.69 -33.34 40.47
CA TYR B 255 7.87 -32.14 39.70
C TYR B 255 9.14 -31.38 40.03
N PHE B 256 9.58 -31.48 41.27
CA PHE B 256 10.82 -30.83 41.70
C PHE B 256 11.98 -31.35 40.88
N LEU B 257 11.82 -32.59 40.43
CA LEU B 257 12.85 -33.23 39.62
C LEU B 257 12.69 -32.85 38.17
N GLN B 258 11.45 -32.86 37.69
CA GLN B 258 11.17 -32.54 36.31
C GLN B 258 11.23 -31.05 35.99
N HIS B 259 11.65 -30.27 36.97
CA HIS B 259 11.78 -28.84 36.76
C HIS B 259 13.07 -28.34 37.38
N GLN B 260 14.13 -29.13 37.23
CA GLN B 260 15.42 -28.74 37.76
C GLN B 260 15.92 -27.63 36.85
N LEU B 261 15.53 -26.40 37.14
CA LEU B 261 15.92 -25.24 36.34
C LEU B 261 17.43 -25.11 36.28
N VAL B 262 18.06 -26.00 35.52
CA VAL B 262 19.50 -26.01 35.39
C VAL B 262 19.95 -26.44 34.00
N GLU B 263 20.24 -25.46 33.16
CA GLU B 263 20.70 -25.71 31.80
C GLU B 263 22.20 -26.05 31.85
N PRO B 264 22.74 -26.61 30.77
CA PRO B 264 24.15 -27.00 30.63
C PRO B 264 25.14 -25.83 30.68
N LEU B 265 26.20 -25.89 29.88
CA LEU B 265 27.20 -24.82 29.84
C LEU B 265 28.49 -25.07 29.03
N ASN B 266 28.64 -24.35 27.90
CA ASN B 266 29.81 -24.47 27.02
C ASN B 266 30.61 -23.18 26.97
N ASN B 267 31.92 -23.28 26.75
CA ASN B 267 32.74 -22.09 26.61
C ASN B 267 31.85 -21.12 25.83
N ASP B 268 31.29 -21.64 24.73
CA ASP B 268 30.41 -20.89 23.84
C ASP B 268 29.33 -20.06 24.51
N ILE B 269 28.67 -20.61 25.52
CA ILE B 269 27.62 -19.84 26.17
C ILE B 269 28.18 -18.66 26.96
N ILE B 270 29.31 -18.88 27.63
CA ILE B 270 29.97 -17.81 28.39
C ILE B 270 30.22 -16.68 27.39
N PHE B 271 30.86 -17.05 26.29
CA PHE B 271 31.21 -16.12 25.21
C PHE B 271 29.94 -15.37 24.82
N ASN B 272 28.85 -16.10 24.68
CA ASN B 272 27.57 -15.51 24.29
C ASN B 272 26.84 -14.60 25.27
N TYR B 273 26.96 -14.82 26.58
CA TYR B 273 26.26 -13.96 27.58
C TYR B 273 26.85 -12.57 27.38
N ILE B 274 27.56 -12.38 26.27
CA ILE B 274 28.20 -11.13 25.97
C ILE B 274 27.58 -10.36 24.83
N PRO B 275 27.35 -9.07 25.04
CA PRO B 275 26.76 -8.18 24.03
C PRO B 275 27.34 -8.42 22.65
N GLU B 276 26.46 -8.59 21.66
CA GLU B 276 26.89 -8.84 20.28
C GLU B 276 28.03 -7.89 19.94
N ARG B 277 28.02 -6.70 20.56
CA ARG B 277 29.07 -5.71 20.33
C ARG B 277 30.30 -6.13 21.12
N ILE B 278 31.09 -5.15 21.54
CA ILE B 278 32.30 -5.38 22.31
C ILE B 278 33.23 -6.45 21.73
N ARG B 279 32.69 -7.64 21.49
CA ARG B 279 33.48 -8.70 20.90
C ARG B 279 33.99 -8.13 19.57
N ASN B 280 33.10 -7.39 18.88
CA ASN B 280 33.40 -6.77 17.59
C ASN B 280 33.94 -5.35 17.71
N ASP B 281 34.60 -5.11 18.83
CA ASP B 281 35.20 -3.82 19.10
C ASP B 281 36.66 -4.09 19.39
N VAL B 282 37.43 -4.28 18.32
CA VAL B 282 38.85 -4.57 18.40
C VAL B 282 39.54 -4.11 19.68
N ASN B 283 39.36 -2.84 20.02
CA ASN B 283 39.98 -2.27 21.22
C ASN B 283 39.99 -3.22 22.43
N TYR B 284 39.08 -4.19 22.45
CA TYR B 284 39.02 -5.13 23.56
C TYR B 284 39.40 -6.57 23.26
N ILE B 285 40.28 -7.13 24.10
CA ILE B 285 40.79 -8.49 23.98
C ILE B 285 40.01 -9.58 24.74
N LEU B 286 39.70 -10.66 24.05
CA LEU B 286 38.97 -11.76 24.65
C LEU B 286 39.81 -13.02 24.49
N ASN B 287 39.64 -13.95 25.41
CA ASN B 287 40.37 -15.20 25.36
C ASN B 287 39.86 -16.17 26.42
N MET B 288 40.06 -17.46 26.20
CA MET B 288 39.64 -18.49 27.13
C MET B 288 40.84 -19.12 27.81
N ASP B 289 40.64 -19.66 29.01
CA ASP B 289 41.76 -20.28 29.71
C ASP B 289 41.37 -21.48 30.54
N ARG B 290 40.17 -21.43 31.11
CA ARG B 290 39.74 -22.55 31.91
C ARG B 290 38.92 -23.45 31.00
N ASN B 291 38.93 -24.75 31.30
CA ASN B 291 38.20 -25.73 30.52
C ASN B 291 36.80 -25.90 31.07
N LEU B 292 35.99 -26.72 30.40
CA LEU B 292 34.64 -26.95 30.88
C LEU B 292 34.23 -28.40 30.93
N PRO B 293 33.95 -28.90 32.13
CA PRO B 293 33.53 -30.29 32.32
C PRO B 293 32.11 -30.45 31.79
N SER B 294 31.79 -31.61 31.23
CA SER B 294 30.44 -31.83 30.75
C SER B 294 29.54 -31.90 31.97
N THR B 295 30.00 -31.28 33.05
CA THR B 295 29.32 -31.23 34.33
C THR B 295 28.71 -29.85 34.53
N ALA B 296 29.18 -28.90 33.73
CA ALA B 296 28.73 -27.50 33.78
C ALA B 296 27.22 -27.28 33.89
N ARG B 297 26.81 -26.39 34.79
CA ARG B 297 25.40 -26.08 35.01
C ARG B 297 25.18 -24.68 35.61
N TYR B 298 24.28 -23.91 35.02
CA TYR B 298 23.99 -22.55 35.50
C TYR B 298 22.49 -22.34 35.72
N ILE B 299 22.10 -21.13 36.13
CA ILE B 299 20.70 -20.80 36.35
C ILE B 299 20.26 -19.63 35.48
N ARG B 300 19.31 -19.88 34.58
CA ARG B 300 18.83 -18.85 33.68
C ARG B 300 18.57 -17.55 34.43
N PRO B 301 19.04 -16.44 33.88
CA PRO B 301 18.91 -15.10 34.45
C PRO B 301 17.50 -14.52 34.43
N ASN B 302 16.64 -15.02 33.54
CA ASN B 302 15.26 -14.55 33.45
C ASN B 302 15.24 -13.03 33.28
N LEU B 303 15.27 -12.59 32.02
CA LEU B 303 15.29 -11.17 31.73
C LEU B 303 14.16 -10.67 30.86
N LEU B 304 12.95 -11.18 31.12
CA LEU B 304 11.78 -10.77 30.37
C LEU B 304 11.67 -9.26 30.56
N GLN B 305 11.41 -8.53 29.47
CA GLN B 305 11.34 -7.07 29.56
C GLN B 305 10.25 -6.46 30.44
N ASP B 306 10.26 -5.13 30.50
CA ASP B 306 9.33 -4.32 31.31
C ASP B 306 8.11 -4.96 31.95
N ARG B 307 7.41 -5.81 31.20
CA ARG B 307 6.19 -6.49 31.69
C ARG B 307 5.20 -5.50 32.30
N LEU B 308 5.72 -4.57 33.08
CA LEU B 308 4.93 -3.55 33.71
C LEU B 308 5.35 -2.22 33.14
N ASN B 309 4.35 -1.52 32.63
CA ASN B 309 4.55 -0.23 32.02
C ASN B 309 4.25 0.84 33.06
N LEU B 310 5.31 1.24 33.75
CA LEU B 310 5.27 2.24 34.82
C LEU B 310 5.62 3.61 34.21
N HIS B 311 6.29 3.52 33.06
CA HIS B 311 6.73 4.66 32.29
C HIS B 311 5.56 5.36 31.63
N ASP B 312 4.44 5.45 32.34
CA ASP B 312 3.27 6.12 31.78
C ASP B 312 2.23 6.43 32.86
N ASN B 313 2.72 6.68 34.07
CA ASN B 313 1.87 7.03 35.20
C ASN B 313 2.61 7.06 36.53
N PHE B 314 3.45 6.05 36.77
CA PHE B 314 4.17 5.98 38.04
C PHE B 314 5.43 6.85 38.08
N GLU B 315 5.21 8.14 37.80
CA GLU B 315 6.27 9.12 37.78
C GLU B 315 7.08 9.02 39.05
N SER B 316 6.40 9.26 40.16
CA SER B 316 6.99 9.21 41.47
C SER B 316 8.12 8.18 41.56
N LEU B 317 7.87 6.97 41.05
CA LEU B 317 8.84 5.90 41.13
C LEU B 317 9.91 5.93 40.06
N TRP B 318 9.55 6.42 38.89
CA TRP B 318 10.52 6.50 37.82
C TRP B 318 11.65 7.41 38.27
N ASP B 319 11.26 8.56 38.81
CA ASP B 319 12.21 9.51 39.31
C ASP B 319 13.19 8.78 40.22
N THR B 320 12.68 7.94 41.12
CA THR B 320 13.53 7.19 42.06
C THR B 320 14.45 6.20 41.34
N ILE B 321 13.98 5.68 40.22
CA ILE B 321 14.75 4.75 39.42
C ILE B 321 15.87 5.49 38.72
N THR B 322 15.46 6.44 37.89
CA THR B 322 16.39 7.25 37.16
C THR B 322 17.50 7.62 38.14
N THR B 323 17.14 8.34 39.19
CA THR B 323 18.09 8.74 40.21
C THR B 323 19.07 7.57 40.37
N SER B 324 18.56 6.45 40.87
CA SER B 324 19.35 5.27 41.08
C SER B 324 20.24 4.98 39.87
N ASN B 325 19.63 4.52 38.78
CA ASN B 325 20.39 4.19 37.57
C ASN B 325 21.47 5.27 37.31
N TYR B 326 21.15 6.51 37.64
CA TYR B 326 22.08 7.62 37.42
C TYR B 326 23.33 7.49 38.31
N ILE B 327 23.16 7.47 39.63
CA ILE B 327 24.33 7.35 40.51
C ILE B 327 25.16 6.18 40.04
N LEU B 328 24.47 5.09 39.78
CA LEU B 328 25.08 3.87 39.28
C LEU B 328 26.08 4.24 38.20
N ALA B 329 25.57 4.99 37.22
CA ALA B 329 26.37 5.45 36.09
C ALA B 329 27.64 6.18 36.52
N ARG B 330 27.47 7.26 37.28
CA ARG B 330 28.65 8.01 37.72
C ARG B 330 29.70 7.07 38.30
N SER B 331 29.28 6.09 39.09
CA SER B 331 30.21 5.13 39.69
C SER B 331 31.11 4.47 38.64
N VAL B 332 30.62 4.42 37.40
CA VAL B 332 31.35 3.79 36.33
C VAL B 332 32.14 4.71 35.41
N VAL B 333 31.47 5.74 34.91
CA VAL B 333 32.09 6.71 34.01
C VAL B 333 33.52 7.00 34.43
N PRO B 334 34.49 6.39 33.74
CA PRO B 334 35.91 6.56 34.04
C PRO B 334 36.33 8.02 34.24
N ASP B 335 37.24 8.25 35.18
CA ASP B 335 37.75 9.59 35.46
C ASP B 335 38.63 9.96 34.27
N LEU B 336 38.86 11.25 34.05
CA LEU B 336 39.69 11.70 32.93
C LEU B 336 41.14 11.83 33.36
N LYS B 337 42.01 12.19 32.42
CA LYS B 337 43.43 12.35 32.71
C LYS B 337 44.08 13.38 31.80
N GLU B 338 45.37 13.63 32.02
CA GLU B 338 46.14 14.61 31.25
C GLU B 338 45.31 15.81 30.82
N LEU B 339 45.22 16.80 31.70
CA LEU B 339 44.49 18.01 31.40
C LEU B 339 45.45 19.15 31.20
N VAL B 340 44.89 20.34 31.04
CA VAL B 340 45.73 21.50 30.86
C VAL B 340 45.76 22.27 32.17
N SER B 341 46.95 22.40 32.74
CA SER B 341 47.11 23.09 34.00
C SER B 341 46.12 24.24 34.14
N THR B 342 45.20 24.07 35.08
CA THR B 342 44.18 25.05 35.37
C THR B 342 44.76 26.46 35.15
N GLU B 343 45.72 26.83 35.98
CA GLU B 343 46.34 28.16 35.92
C GLU B 343 46.75 28.59 34.51
N ALA B 344 47.63 27.83 33.87
CA ALA B 344 48.08 28.19 32.52
C ALA B 344 46.97 28.71 31.62
N GLN B 345 45.95 27.89 31.37
CA GLN B 345 44.87 28.29 30.48
C GLN B 345 44.15 29.57 30.89
N ILE B 346 43.62 29.59 32.10
CA ILE B 346 42.92 30.78 32.53
C ILE B 346 43.75 32.06 32.41
N GLN B 347 45.07 31.92 32.48
CA GLN B 347 45.93 33.09 32.37
C GLN B 347 45.97 33.62 30.94
N LYS B 348 46.14 32.73 29.96
CA LYS B 348 46.15 33.16 28.54
C LYS B 348 44.74 33.68 28.27
N MET B 349 43.81 33.20 29.10
CA MET B 349 42.40 33.56 29.03
C MET B 349 42.18 35.05 29.27
N SER B 350 42.78 35.57 30.33
CA SER B 350 42.68 36.97 30.66
C SER B 350 43.32 37.83 29.56
N GLN B 351 44.44 37.35 29.01
CA GLN B 351 45.18 38.01 27.91
C GLN B 351 44.17 38.21 26.75
N ASP B 352 43.46 37.12 26.40
CA ASP B 352 42.43 37.05 25.35
C ASP B 352 41.15 37.78 25.79
N LEU B 353 40.62 37.37 26.93
CA LEU B 353 39.38 37.89 27.48
C LEU B 353 39.14 39.37 27.72
N GLN B 354 40.18 40.11 28.05
CA GLN B 354 39.98 41.54 28.31
C GLN B 354 38.98 41.61 29.46
N LEU B 355 39.37 41.02 30.58
CA LEU B 355 38.57 40.99 31.79
C LEU B 355 37.84 42.29 32.12
N GLU B 356 38.52 43.16 32.88
CA GLU B 356 37.95 44.42 33.35
C GLU B 356 37.91 45.55 32.33
N ALA B 357 36.84 45.59 31.55
CA ALA B 357 36.67 46.62 30.54
C ALA B 357 35.31 47.28 30.70
N LEU B 358 35.21 48.22 31.64
CA LEU B 358 34.00 49.00 31.96
C LEU B 358 32.86 48.23 32.66
N THR B 359 32.37 47.16 32.02
CA THR B 359 31.27 46.33 32.55
C THR B 359 31.17 46.26 34.08
N ILE B 360 29.94 46.30 34.60
CA ILE B 360 29.73 46.23 36.04
C ILE B 360 29.06 44.92 36.43
N GLN B 361 29.88 43.88 36.61
CA GLN B 361 29.41 42.55 36.98
C GLN B 361 30.59 41.59 36.81
N SER B 362 31.77 42.09 37.14
CA SER B 362 33.00 41.31 37.01
C SER B 362 33.13 40.18 38.02
N GLU B 363 33.97 39.21 37.67
CA GLU B 363 34.25 38.05 38.50
C GLU B 363 33.08 37.09 38.75
N THR B 364 32.07 37.15 37.87
CA THR B 364 30.93 36.24 37.97
C THR B 364 30.99 35.36 36.70
N GLN B 365 32.09 35.51 35.98
CA GLN B 365 32.36 34.75 34.75
C GLN B 365 33.52 33.79 35.04
N PHE B 366 34.33 34.14 36.03
CA PHE B 366 35.47 33.33 36.41
C PHE B 366 35.21 32.33 37.53
N LEU B 367 33.97 32.23 38.00
CA LEU B 367 33.64 31.26 39.05
C LEU B 367 33.85 29.91 38.36
N THR B 368 34.46 30.01 37.17
CA THR B 368 34.81 28.92 36.26
C THR B 368 35.65 27.85 36.93
N GLY B 369 36.55 28.31 37.80
CA GLY B 369 37.48 27.47 38.52
C GLY B 369 37.08 26.06 38.94
N ILE B 370 37.91 25.47 39.82
CA ILE B 370 37.71 24.11 40.34
C ILE B 370 37.43 23.20 39.12
N ASN B 371 37.85 23.67 37.95
CA ASN B 371 37.65 22.97 36.69
C ASN B 371 38.31 21.61 36.68
N SER B 372 39.53 21.52 37.23
CA SER B 372 40.23 20.26 37.30
C SER B 372 39.21 19.23 37.77
N GLN B 373 38.15 19.74 38.37
CA GLN B 373 37.04 18.94 38.88
C GLN B 373 35.83 19.14 37.95
N ALA B 374 35.31 20.36 37.90
CA ALA B 374 34.15 20.68 37.07
C ALA B 374 34.03 19.82 35.81
N ALA B 375 35.14 19.66 35.09
CA ALA B 375 35.14 18.87 33.87
C ALA B 375 34.78 17.43 34.16
N ASN B 376 35.40 16.87 35.19
CA ASN B 376 35.10 15.50 35.55
C ASN B 376 33.62 15.37 35.91
N ASP B 377 33.10 16.32 36.69
CA ASP B 377 31.68 16.29 37.09
C ASP B 377 30.82 16.44 35.84
N CYS B 378 31.04 17.51 35.09
CA CYS B 378 30.29 17.77 33.86
C CYS B 378 30.29 16.57 32.94
N PHE B 379 31.44 15.93 32.85
CA PHE B 379 31.57 14.76 32.01
C PHE B 379 30.67 13.64 32.51
N LYS B 380 31.03 13.10 33.67
CA LYS B 380 30.26 12.02 34.28
C LYS B 380 28.80 12.41 34.14
N THR B 381 28.41 13.40 34.94
CA THR B 381 27.05 13.90 34.97
C THR B 381 26.36 13.77 33.61
N LEU B 382 27.00 14.24 32.55
CA LEU B 382 26.38 14.15 31.24
C LEU B 382 26.00 12.75 30.80
N ILE B 383 26.95 11.83 30.88
CA ILE B 383 26.65 10.47 30.45
C ILE B 383 25.47 9.87 31.21
N ALA B 384 25.68 9.61 32.50
CA ALA B 384 24.65 9.02 33.35
C ALA B 384 23.29 9.59 32.96
N ALA B 385 23.20 10.91 32.96
CA ALA B 385 21.97 11.58 32.57
C ALA B 385 21.36 10.78 31.43
N MET B 386 22.12 10.66 30.36
CA MET B 386 21.72 9.94 29.17
C MET B 386 21.27 8.53 29.48
N LEU B 387 22.24 7.70 29.84
CA LEU B 387 21.97 6.32 30.18
C LEU B 387 20.74 6.28 31.08
N SER B 388 20.96 6.65 32.33
CA SER B 388 19.92 6.67 33.34
C SER B 388 18.55 7.04 32.75
N GLN B 389 18.57 7.84 31.70
CA GLN B 389 17.36 8.31 31.03
C GLN B 389 16.74 9.39 31.89
N ARG B 390 17.61 10.24 32.41
CA ARG B 390 17.24 11.35 33.28
C ARG B 390 16.99 12.60 32.44
N THR B 391 16.61 13.69 33.09
CA THR B 391 16.37 14.96 32.41
C THR B 391 16.87 16.07 33.34
N MET B 392 17.52 17.10 32.82
CA MET B 392 18.03 18.14 33.71
C MET B 392 17.77 19.59 33.35
N SER B 393 18.39 20.48 34.12
CA SER B 393 18.28 21.93 33.97
C SER B 393 19.67 22.52 34.11
N LEU B 394 19.77 23.85 34.23
CA LEU B 394 21.08 24.52 34.33
C LEU B 394 21.25 25.74 35.26
N ASP B 395 22.26 25.64 36.13
CA ASP B 395 22.61 26.72 37.07
C ASP B 395 23.36 27.66 36.16
N PHE B 396 22.74 27.91 35.03
CA PHE B 396 23.27 28.78 34.01
C PHE B 396 23.20 30.20 34.58
N VAL B 397 24.28 30.97 34.43
CA VAL B 397 24.40 32.35 34.89
C VAL B 397 24.33 33.34 33.71
N THR B 398 23.22 34.08 33.58
CA THR B 398 22.99 35.01 32.45
C THR B 398 24.02 35.99 31.95
N THR B 399 24.57 36.78 32.86
CA THR B 399 25.57 37.75 32.48
C THR B 399 26.57 36.98 31.63
N ASN B 400 27.39 36.16 32.30
CA ASN B 400 28.44 35.34 31.68
C ASN B 400 28.15 34.75 30.30
N TYR B 401 28.42 35.53 29.25
CA TYR B 401 28.20 35.16 27.85
C TYR B 401 28.93 33.89 27.44
N MET B 402 30.20 33.83 27.79
CA MET B 402 31.03 32.67 27.49
C MET B 402 30.25 31.42 27.84
N SER B 403 29.95 31.29 29.14
CA SER B 403 29.18 30.16 29.64
C SER B 403 28.05 29.80 28.68
N LEU B 404 27.55 30.80 27.94
CA LEU B 404 26.47 30.55 26.99
C LEU B 404 27.06 29.89 25.76
N ILE B 405 28.08 30.50 25.17
CA ILE B 405 28.73 29.94 23.99
C ILE B 405 28.78 28.42 24.13
N SER B 406 29.53 27.98 25.13
CA SER B 406 29.64 26.56 25.39
C SER B 406 28.27 25.91 25.38
N GLY B 407 27.24 26.60 25.87
CA GLY B 407 25.92 26.01 25.86
C GLY B 407 25.65 25.45 24.47
N MET B 408 25.96 26.27 23.47
CA MET B 408 25.77 25.88 22.08
C MET B 408 26.48 24.57 21.82
N TRP B 409 27.59 24.38 22.51
CA TRP B 409 28.29 23.13 22.36
C TRP B 409 27.28 22.08 22.81
N LEU B 410 26.90 22.14 24.08
CA LEU B 410 25.94 21.21 24.66
C LEU B 410 24.80 20.84 23.71
N LEU B 411 24.05 21.82 23.24
CA LEU B 411 22.96 21.53 22.33
C LEU B 411 23.42 20.91 21.00
N THR B 412 24.63 21.26 20.57
CA THR B 412 25.20 20.75 19.34
C THR B 412 25.24 19.23 19.42
N VAL B 413 25.40 18.75 20.65
CA VAL B 413 25.46 17.33 20.91
C VAL B 413 24.22 16.77 21.58
N VAL B 414 24.33 16.61 22.89
CA VAL B 414 23.26 16.07 23.70
C VAL B 414 21.89 16.40 23.14
N PRO B 415 21.19 15.37 22.66
CA PRO B 415 19.86 15.53 22.08
C PRO B 415 18.92 16.31 23.00
N ASN B 416 18.72 17.56 22.65
CA ASN B 416 17.83 18.45 23.39
C ASN B 416 16.71 17.62 24.01
N ASP B 417 16.19 16.69 23.21
CA ASP B 417 15.11 15.80 23.58
C ASP B 417 15.04 15.49 25.07
N MET B 418 16.18 15.52 25.76
CA MET B 418 16.16 15.24 27.18
C MET B 418 16.61 16.34 28.11
N PHE B 419 15.88 17.45 28.09
CA PHE B 419 16.10 18.60 28.94
C PHE B 419 14.70 19.12 29.15
N ILE B 420 14.29 19.33 30.39
CA ILE B 420 12.95 19.85 30.59
C ILE B 420 12.84 21.05 29.65
N ARG B 421 11.84 21.02 28.78
CA ARG B 421 11.63 22.09 27.80
C ARG B 421 12.16 23.44 28.28
N GLU B 422 11.92 23.72 29.56
CA GLU B 422 12.32 24.99 30.14
C GLU B 422 13.81 25.37 30.24
N SER B 423 14.66 24.62 30.95
CA SER B 423 16.07 25.00 31.01
C SER B 423 16.61 25.29 29.60
N LEU B 424 16.06 24.59 28.62
CA LEU B 424 16.47 24.82 27.23
C LEU B 424 15.96 26.21 26.84
N VAL B 425 14.78 26.53 27.32
CA VAL B 425 14.17 27.83 27.06
C VAL B 425 15.19 28.91 27.40
N ALA B 426 15.50 29.03 28.69
CA ALA B 426 16.44 30.02 29.16
C ALA B 426 17.65 30.03 28.24
N CYS B 427 18.45 28.99 28.34
CA CYS B 427 19.65 28.88 27.56
C CYS B 427 19.56 29.46 26.16
N GLN B 428 18.77 28.85 25.30
CA GLN B 428 18.65 29.33 23.94
C GLN B 428 18.38 30.83 23.81
N LEU B 429 17.27 31.29 24.38
CA LEU B 429 16.94 32.71 24.31
C LEU B 429 18.12 33.57 24.74
N ALA B 430 18.84 33.14 25.79
CA ALA B 430 20.00 33.87 26.29
C ALA B 430 21.04 33.99 25.18
N ILE B 431 21.16 32.93 24.40
CA ILE B 431 22.08 32.90 23.29
C ILE B 431 21.53 33.86 22.27
N VAL B 432 20.40 33.44 21.71
CA VAL B 432 19.71 34.19 20.70
C VAL B 432 19.71 35.70 20.90
N ASN B 433 19.32 36.16 22.08
CA ASN B 433 19.26 37.59 22.34
C ASN B 433 20.57 38.29 22.62
N THR B 434 21.27 37.87 23.66
CA THR B 434 22.53 38.50 23.98
C THR B 434 23.60 37.96 23.06
N ILE B 435 23.21 37.55 21.86
CA ILE B 435 24.17 37.04 20.89
C ILE B 435 23.56 37.02 19.52
N ILE B 436 24.35 36.60 18.55
CA ILE B 436 23.91 36.48 17.18
C ILE B 436 23.10 37.67 16.70
N TYR B 437 21.78 37.55 16.76
CA TYR B 437 20.88 38.62 16.31
C TYR B 437 21.53 40.01 16.31
N PRO B 438 22.28 40.35 17.36
CA PRO B 438 22.91 41.68 17.36
C PRO B 438 24.34 41.77 16.78
N ALA B 439 25.34 41.11 17.38
CA ALA B 439 26.71 41.18 16.86
C ALA B 439 26.73 40.76 15.40
N PHE B 440 25.69 40.04 14.99
CA PHE B 440 25.50 39.53 13.62
C PHE B 440 24.71 40.55 12.82
N GLY B 441 23.98 41.40 13.54
CA GLY B 441 23.19 42.44 12.89
C GLY B 441 21.75 42.13 12.52
N MET B 442 21.37 40.85 12.55
CA MET B 442 20.00 40.49 12.20
C MET B 442 18.99 41.08 13.19
N GLN B 443 17.74 40.61 13.11
CA GLN B 443 16.66 41.12 13.96
C GLN B 443 17.15 41.84 15.22
N ARG B 444 17.30 43.16 15.08
CA ARG B 444 17.75 44.02 16.15
C ARG B 444 16.56 44.19 17.10
N MET B 445 15.49 43.46 16.80
CA MET B 445 14.26 43.44 17.60
C MET B 445 14.44 42.33 18.65
N HIS B 446 15.70 42.03 18.93
CA HIS B 446 16.14 41.01 19.89
C HIS B 446 15.34 39.69 19.97
N TYR B 447 14.00 39.73 19.83
CA TYR B 447 13.12 38.54 19.88
C TYR B 447 11.88 38.77 20.75
N ARG B 448 10.95 37.82 20.75
CA ARG B 448 9.74 37.95 21.55
C ARG B 448 9.01 36.60 21.66
N ASN B 449 9.33 35.84 22.69
CA ASN B 449 8.70 34.54 22.87
C ASN B 449 7.63 34.48 23.95
N GLY B 450 6.46 33.94 23.59
CA GLY B 450 5.37 33.77 24.53
C GLY B 450 5.34 32.29 24.90
N ASP B 451 5.21 31.45 23.87
CA ASP B 451 5.21 29.99 24.02
C ASP B 451 4.82 29.18 22.77
N PRO B 452 5.27 29.61 21.56
CA PRO B 452 4.94 28.86 20.33
C PRO B 452 5.59 27.48 20.35
N GLN B 453 6.05 27.06 19.18
CA GLN B 453 6.69 25.77 19.06
C GLN B 453 8.16 25.90 18.72
N THR B 454 8.95 25.20 19.53
CA THR B 454 10.40 25.14 19.48
C THR B 454 11.10 26.49 19.27
N PRO B 455 10.93 27.41 20.23
CA PRO B 455 11.50 28.77 20.23
C PRO B 455 12.95 28.82 19.77
N PHE B 456 13.65 27.70 19.82
CA PHE B 456 15.03 27.76 19.39
C PHE B 456 15.09 27.75 17.87
N GLN B 457 14.29 26.89 17.27
CA GLN B 457 14.23 26.82 15.82
C GLN B 457 13.69 28.16 15.35
N ILE B 458 12.60 28.09 14.59
CA ILE B 458 11.91 29.23 13.99
C ILE B 458 12.90 30.21 13.37
N ALA B 459 14.07 30.30 13.96
CA ALA B 459 15.11 31.17 13.51
C ALA B 459 15.50 30.78 12.10
N GLU B 460 15.48 29.48 11.77
CA GLU B 460 15.86 29.04 10.41
C GLU B 460 15.08 29.73 9.29
N GLN B 461 13.76 29.78 9.41
CA GLN B 461 12.93 30.40 8.39
C GLN B 461 13.35 31.85 8.14
N GLN B 462 13.99 32.47 9.13
CA GLN B 462 14.41 33.87 9.03
C GLN B 462 15.87 34.21 9.38
N ILE B 463 16.82 33.56 8.74
CA ILE B 463 18.25 33.83 8.98
C ILE B 463 19.01 33.67 7.69
N GLN B 464 19.76 34.70 7.33
CA GLN B 464 20.46 34.66 6.07
C GLN B 464 21.97 34.48 6.14
N ASN B 465 22.37 33.22 6.31
CA ASN B 465 23.77 32.82 6.35
C ASN B 465 23.80 31.32 6.58
N PHE B 466 23.56 30.60 5.49
CA PHE B 466 23.52 29.15 5.53
C PHE B 466 24.25 28.49 6.67
N GLN B 467 25.54 28.78 6.83
CA GLN B 467 26.26 28.17 7.92
C GLN B 467 25.35 28.23 9.15
N VAL B 468 25.00 29.44 9.57
CA VAL B 468 24.12 29.63 10.71
C VAL B 468 22.87 28.75 10.60
N ALA B 469 22.26 28.79 9.42
CA ALA B 469 21.05 28.04 9.14
C ALA B 469 21.07 26.53 9.29
N ASN B 470 22.19 25.87 9.05
CA ASN B 470 22.18 24.41 9.21
C ASN B 470 22.19 24.02 10.67
N TRP B 471 22.97 24.75 11.44
CA TRP B 471 23.07 24.50 12.86
C TRP B 471 21.66 24.33 13.39
N LEU B 472 20.86 25.37 13.17
CA LEU B 472 19.50 25.40 13.64
C LEU B 472 18.67 24.16 13.36
N HIS B 473 18.58 23.73 12.11
CA HIS B 473 17.80 22.55 11.82
C HIS B 473 18.40 21.30 12.45
N PHE B 474 19.72 21.18 12.36
CA PHE B 474 20.35 20.02 12.94
C PHE B 474 20.15 19.95 14.45
N VAL B 475 20.29 21.09 15.12
CA VAL B 475 20.14 21.09 16.56
C VAL B 475 18.68 20.94 16.94
N ASN B 476 17.82 21.59 16.17
CA ASN B 476 16.39 21.52 16.42
C ASN B 476 15.86 20.13 16.03
N ASN B 477 16.77 19.23 15.70
CA ASN B 477 16.40 17.86 15.36
C ASN B 477 17.20 16.92 16.24
N ASN B 478 18.10 16.13 15.65
CA ASN B 478 18.90 15.17 16.43
C ASN B 478 18.11 14.78 17.68
N GLN B 479 16.83 14.49 17.47
CA GLN B 479 15.91 14.13 18.55
C GLN B 479 16.32 12.95 19.43
N PHE B 480 17.60 12.60 19.39
CA PHE B 480 18.10 11.46 20.17
C PHE B 480 17.53 10.22 19.49
N ARG B 481 17.38 10.33 18.17
CA ARG B 481 16.86 9.27 17.32
C ARG B 481 16.48 8.01 18.10
N GLN B 482 15.33 8.13 18.78
CA GLN B 482 14.76 7.09 19.62
C GLN B 482 14.22 5.89 18.85
N VAL B 483 15.12 5.03 18.37
CA VAL B 483 14.74 3.82 17.64
C VAL B 483 15.89 2.80 17.63
N VAL B 484 15.87 1.85 18.56
CA VAL B 484 16.93 0.83 18.65
C VAL B 484 16.44 -0.52 19.17
N ILE B 485 16.82 -1.60 18.49
CA ILE B 485 16.42 -2.94 18.91
C ILE B 485 17.60 -3.85 18.66
N ASP B 486 18.61 -3.83 19.54
CA ASP B 486 19.82 -4.62 19.34
C ASP B 486 20.08 -5.89 20.15
N GLY B 487 21.15 -6.59 19.76
CA GLY B 487 21.60 -7.82 20.38
C GLY B 487 20.57 -8.65 21.11
N VAL B 488 19.34 -8.65 20.59
CA VAL B 488 18.20 -9.36 21.15
C VAL B 488 17.42 -8.44 22.12
N LEU B 489 16.59 -7.57 21.54
CA LEU B 489 15.75 -6.58 22.25
C LEU B 489 16.50 -5.66 23.19
N ASN B 490 16.48 -4.36 22.87
CA ASN B 490 17.15 -3.37 23.70
C ASN B 490 16.81 -1.95 23.28
N GLN B 491 15.69 -1.45 23.78
CA GLN B 491 15.25 -0.10 23.47
C GLN B 491 16.24 0.90 24.07
N VAL B 492 17.39 1.11 23.42
CA VAL B 492 18.39 2.04 23.96
C VAL B 492 18.68 3.26 23.11
N LEU B 493 17.65 4.05 22.89
CA LEU B 493 17.74 5.27 22.11
C LEU B 493 19.21 5.60 21.79
N ASN B 494 19.51 5.59 20.49
CA ASN B 494 20.85 5.85 19.97
C ASN B 494 20.97 7.29 19.51
N ASP B 495 21.91 7.58 18.62
CA ASP B 495 22.11 8.94 18.09
C ASP B 495 23.09 8.96 16.91
N ASN B 496 22.86 9.89 15.98
CA ASN B 496 23.67 10.07 14.78
C ASN B 496 25.04 9.40 14.71
N ILE B 497 25.27 8.65 13.62
CA ILE B 497 26.60 8.08 13.45
C ILE B 497 27.32 9.40 13.31
N ARG B 498 26.61 10.34 12.68
CA ARG B 498 27.08 11.69 12.43
C ARG B 498 27.80 12.16 13.66
N ASN B 499 27.02 12.32 14.72
CA ASN B 499 27.60 12.73 15.97
C ASN B 499 28.73 11.73 16.19
N GLY B 500 28.35 10.47 16.47
CA GLY B 500 29.31 9.41 16.68
C GLY B 500 30.71 9.95 16.52
N HIS B 501 31.39 9.58 15.44
CA HIS B 501 32.74 10.08 15.22
C HIS B 501 32.79 10.91 13.94
N VAL B 502 31.79 10.77 13.08
CA VAL B 502 31.81 11.56 11.85
C VAL B 502 31.93 13.03 12.27
N ILE B 503 31.77 13.27 13.58
CA ILE B 503 31.94 14.59 14.22
C ILE B 503 31.56 15.90 13.51
N ASN B 504 32.07 16.08 12.29
CA ASN B 504 31.82 17.28 11.51
C ASN B 504 30.84 18.29 12.09
N GLN B 505 29.68 17.84 12.57
CA GLN B 505 28.70 18.75 13.19
C GLN B 505 29.53 19.79 13.93
N LEU B 506 30.55 19.30 14.61
CA LEU B 506 31.46 20.15 15.35
C LEU B 506 32.13 21.12 14.37
N MET B 507 32.72 20.55 13.32
CA MET B 507 33.40 21.34 12.29
C MET B 507 32.45 22.37 11.70
N GLU B 508 31.18 22.01 11.59
CA GLU B 508 30.19 22.93 11.05
C GLU B 508 29.82 23.92 12.14
N ALA B 509 29.74 23.46 13.39
CA ALA B 509 29.38 24.32 14.54
C ALA B 509 30.41 25.40 14.61
N LEU B 510 31.61 25.07 14.17
CA LEU B 510 32.67 26.04 14.20
C LEU B 510 32.61 26.93 12.96
N MET B 511 32.63 26.33 11.78
CA MET B 511 32.61 27.15 10.57
C MET B 511 31.54 28.23 10.63
N GLN B 512 30.42 27.92 11.26
CA GLN B 512 29.31 28.87 11.39
C GLN B 512 29.71 30.01 12.33
N LEU B 513 30.55 29.66 13.28
CA LEU B 513 31.07 30.62 14.25
C LEU B 513 32.13 31.50 13.59
N SER B 514 32.93 30.90 12.70
CA SER B 514 34.00 31.62 12.02
C SER B 514 33.52 32.80 11.18
N ARG B 515 32.21 32.99 11.05
CA ARG B 515 31.77 34.15 10.31
C ARG B 515 30.76 34.98 11.09
N GLN B 516 31.05 35.17 12.37
CA GLN B 516 30.23 36.00 13.23
C GLN B 516 31.21 36.93 13.90
N GLN B 517 31.41 38.07 13.25
CA GLN B 517 32.32 39.11 13.69
C GLN B 517 31.85 40.43 13.10
N PHE B 518 30.85 41.08 13.73
CA PHE B 518 30.31 42.36 13.25
C PHE B 518 29.70 43.34 14.29
N PRO B 519 29.41 44.58 13.85
CA PRO B 519 28.83 45.75 14.55
C PRO B 519 27.46 45.62 15.21
N THR B 520 26.98 46.78 15.72
CA THR B 520 25.67 47.01 16.40
C THR B 520 25.62 47.89 17.69
N MET B 521 26.48 47.60 18.67
CA MET B 521 26.51 48.33 19.96
C MET B 521 27.93 48.74 20.40
N PRO B 522 28.15 49.07 21.70
CA PRO B 522 29.50 49.46 22.14
C PRO B 522 30.61 48.46 21.80
N VAL B 523 31.84 48.95 21.68
CA VAL B 523 33.00 48.14 21.32
C VAL B 523 33.50 47.10 22.32
N ASP B 524 33.43 47.44 23.60
CA ASP B 524 33.86 46.52 24.62
C ASP B 524 33.02 45.26 24.42
N TYR B 525 32.27 45.22 23.34
CA TYR B 525 31.41 44.07 23.17
C TYR B 525 31.90 43.02 22.19
N LYS B 526 31.90 43.35 20.90
CA LYS B 526 32.33 42.40 19.89
C LYS B 526 33.71 41.89 20.26
N ARG B 527 34.57 42.82 20.66
CA ARG B 527 35.91 42.50 21.09
C ARG B 527 35.88 41.28 22.00
N SER B 528 35.29 41.45 23.18
CA SER B 528 35.21 40.40 24.20
C SER B 528 34.53 39.13 23.72
N ILE B 529 33.44 39.32 23.01
CA ILE B 529 32.65 38.23 22.48
C ILE B 529 33.40 37.33 21.50
N GLN B 530 33.77 37.88 20.36
CA GLN B 530 34.44 37.07 19.35
C GLN B 530 35.74 36.46 19.85
N ARG B 531 36.48 37.19 20.67
CA ARG B 531 37.74 36.67 21.22
C ARG B 531 37.47 35.33 21.90
N GLY B 532 36.35 35.25 22.62
CA GLY B 532 36.01 34.03 23.32
C GLY B 532 35.71 32.95 22.31
N ILE B 533 34.91 33.31 21.33
CA ILE B 533 34.53 32.39 20.28
C ILE B 533 35.76 31.71 19.69
N LEU B 534 36.79 32.50 19.41
CA LEU B 534 37.99 31.94 18.80
C LEU B 534 38.61 30.86 19.65
N LEU B 535 38.53 31.02 20.96
CA LEU B 535 39.09 30.02 21.83
C LEU B 535 38.42 28.68 21.66
N LEU B 536 37.25 28.69 21.03
CA LEU B 536 36.51 27.46 20.74
C LEU B 536 37.06 26.89 19.46
N SER B 537 37.31 27.81 18.53
CA SER B 537 37.82 27.50 17.20
C SER B 537 39.15 26.78 17.22
N ASN B 538 40.17 27.46 17.75
CA ASN B 538 41.52 26.87 17.82
C ASN B 538 41.39 25.49 18.43
N ARG B 539 40.76 25.46 19.59
CA ARG B 539 40.52 24.24 20.36
C ARG B 539 39.71 23.22 19.56
N LEU B 540 38.95 23.71 18.56
CA LEU B 540 38.12 22.85 17.72
C LEU B 540 38.84 21.59 17.30
N GLY B 541 40.12 21.74 16.97
CA GLY B 541 40.87 20.58 16.55
C GLY B 541 40.65 19.54 17.63
N GLN B 542 40.70 19.98 18.88
CA GLN B 542 40.52 19.11 20.05
C GLN B 542 39.05 18.86 20.37
N LEU B 543 38.26 19.91 20.34
CA LEU B 543 36.85 19.74 20.63
C LEU B 543 36.36 18.52 19.88
N VAL B 544 36.93 18.33 18.70
CA VAL B 544 36.59 17.18 17.90
C VAL B 544 36.68 16.01 18.88
N ASP B 545 37.90 15.70 19.28
CA ASP B 545 38.17 14.60 20.21
C ASP B 545 37.04 14.34 21.22
N LEU B 546 36.50 15.41 21.79
CA LEU B 546 35.43 15.27 22.76
C LEU B 546 34.28 14.44 22.24
N THR B 547 33.76 14.87 21.10
CA THR B 547 32.67 14.18 20.47
C THR B 547 32.99 12.70 20.40
N ARG B 548 34.14 12.38 19.82
CA ARG B 548 34.60 10.99 19.68
C ARG B 548 34.44 10.31 21.01
N LEU B 549 35.07 10.89 22.01
CA LEU B 549 35.04 10.33 23.34
C LEU B 549 33.64 9.88 23.72
N LEU B 550 32.79 10.81 24.06
CA LEU B 550 31.44 10.47 24.43
C LEU B 550 30.88 9.44 23.48
N ALA B 551 30.87 9.79 22.20
CA ALA B 551 30.35 8.91 21.15
C ALA B 551 30.62 7.49 21.57
N TYR B 552 31.90 7.16 21.71
CA TYR B 552 32.29 5.82 22.11
C TYR B 552 31.68 5.46 23.44
N ASN B 553 32.26 5.98 24.51
CA ASN B 553 31.80 5.71 25.86
C ASN B 553 30.31 5.41 25.97
N TYR B 554 29.45 6.38 25.75
CA TYR B 554 28.02 6.09 25.82
C TYR B 554 27.76 4.85 24.97
N GLU B 555 28.08 4.94 23.67
CA GLU B 555 27.90 3.84 22.72
C GLU B 555 28.46 2.51 23.21
N THR B 556 29.37 2.56 24.17
CA THR B 556 29.96 1.36 24.72
C THR B 556 29.12 0.96 25.93
N LEU B 557 29.41 1.58 27.07
CA LEU B 557 28.69 1.30 28.30
C LEU B 557 27.31 0.76 27.99
N MET B 558 26.53 1.60 27.34
CA MET B 558 25.18 1.30 26.93
C MET B 558 24.93 -0.20 26.76
N ALA B 559 25.66 -0.80 25.81
CA ALA B 559 25.54 -2.22 25.51
C ALA B 559 25.05 -3.09 26.66
N CYS B 560 25.82 -3.09 27.76
CA CYS B 560 25.52 -3.90 28.94
C CYS B 560 24.36 -3.46 29.83
N VAL B 561 23.23 -3.13 29.20
CA VAL B 561 22.06 -2.71 29.95
C VAL B 561 20.87 -3.55 29.54
N THR B 562 20.35 -4.34 30.49
CA THR B 562 19.20 -5.19 30.24
C THR B 562 17.95 -4.34 30.37
N MET B 563 17.91 -3.60 31.49
CA MET B 563 16.80 -2.72 31.79
C MET B 563 16.49 -1.86 30.58
N ASN B 564 15.41 -2.19 29.88
CA ASN B 564 15.01 -1.39 28.72
C ASN B 564 15.00 0.06 29.18
N MET B 565 14.88 1.02 28.26
CA MET B 565 14.86 2.42 28.65
C MET B 565 14.10 3.39 27.75
N GLN B 566 12.81 3.57 28.02
CA GLN B 566 12.01 4.49 27.24
C GLN B 566 12.34 5.89 27.73
N HIS B 567 12.20 6.87 26.85
CA HIS B 567 12.49 8.24 27.25
C HIS B 567 11.31 8.85 28.00
N VAL B 568 11.55 9.32 29.21
CA VAL B 568 10.47 9.90 30.00
C VAL B 568 10.89 11.24 30.60
N GLN B 569 9.89 12.04 30.94
CA GLN B 569 10.13 13.34 31.56
C GLN B 569 10.15 13.16 33.06
N THR B 570 11.35 12.94 33.60
CA THR B 570 11.49 12.76 35.03
C THR B 570 10.82 13.91 35.76
N LEU B 571 10.69 13.75 37.07
CA LEU B 571 10.07 14.79 37.87
C LEU B 571 11.17 15.61 38.52
N THR B 572 12.38 15.06 38.53
CA THR B 572 13.52 15.76 39.11
C THR B 572 14.58 16.09 38.08
N THR B 573 15.21 17.24 38.24
CA THR B 573 16.26 17.70 37.34
C THR B 573 17.58 17.07 37.75
N GLU B 574 18.63 17.87 37.67
CA GLU B 574 19.99 17.52 38.02
C GLU B 574 20.76 18.72 37.49
N LYS B 575 21.04 19.68 38.37
CA LYS B 575 21.75 20.89 38.00
C LYS B 575 23.11 20.66 37.34
N LEU B 576 23.36 21.45 36.30
CA LEU B 576 24.59 21.40 35.51
C LEU B 576 25.15 22.81 35.21
N GLN B 577 26.12 23.22 36.03
CA GLN B 577 26.75 24.53 35.90
C GLN B 577 27.59 24.68 34.63
N LEU B 578 27.15 25.54 33.71
CA LEU B 578 27.85 25.79 32.45
C LEU B 578 29.32 26.04 32.77
N THR B 579 29.56 26.28 34.05
CA THR B 579 30.89 26.48 34.55
C THR B 579 31.71 25.29 34.04
N SER B 580 31.53 24.15 34.69
CA SER B 580 32.23 22.93 34.31
C SER B 580 32.23 22.68 32.80
N VAL B 581 31.05 22.70 32.21
CA VAL B 581 30.92 22.50 30.77
C VAL B 581 32.09 23.18 30.12
N THR B 582 32.03 24.51 30.13
CA THR B 582 33.04 25.37 29.56
C THR B 582 34.46 24.87 29.81
N SER B 583 34.72 24.38 31.03
CA SER B 583 36.06 23.90 31.35
C SER B 583 36.41 22.74 30.44
N LEU B 584 35.68 21.66 30.63
CA LEU B 584 35.86 20.45 29.88
C LEU B 584 36.24 20.85 28.47
N CYS B 585 35.38 21.66 27.87
CA CYS B 585 35.58 22.15 26.52
C CYS B 585 37.02 22.53 26.19
N MET B 586 37.37 23.80 26.28
CA MET B 586 38.71 24.20 25.93
C MET B 586 39.83 23.58 26.74
N LEU B 587 39.49 22.81 27.77
CA LEU B 587 40.48 22.19 28.66
C LEU B 587 40.93 20.71 28.47
N ILE B 588 40.61 20.11 27.33
CA ILE B 588 41.03 18.72 27.10
C ILE B 588 42.05 18.55 25.98
N GLY B 589 43.10 17.80 26.26
CA GLY B 589 44.12 17.59 25.25
C GLY B 589 44.11 16.18 24.69
N ASN B 590 45.29 15.71 24.31
CA ASN B 590 45.44 14.38 23.78
C ASN B 590 45.16 13.29 24.83
N ALA B 591 44.21 13.55 25.71
CA ALA B 591 43.85 12.57 26.74
C ALA B 591 43.01 11.52 26.04
N THR B 592 42.94 10.32 26.61
CA THR B 592 42.15 9.26 26.00
C THR B 592 41.88 8.17 27.03
N VAL B 593 40.68 8.14 27.59
CA VAL B 593 40.37 7.13 28.61
C VAL B 593 39.14 6.32 28.24
N ILE B 594 38.99 5.15 28.85
CA ILE B 594 37.85 4.30 28.59
C ILE B 594 37.50 3.46 29.80
N PRO B 595 36.50 2.59 29.66
CA PRO B 595 36.02 1.70 30.72
C PRO B 595 36.92 0.49 30.95
N SER B 596 37.46 0.38 32.16
CA SER B 596 38.32 -0.76 32.49
C SER B 596 37.47 -2.01 32.27
N PRO B 597 38.05 -3.05 31.69
CA PRO B 597 37.30 -4.28 31.46
C PRO B 597 36.46 -4.57 32.70
N GLN B 598 37.15 -5.06 33.72
CA GLN B 598 36.56 -5.39 35.01
C GLN B 598 35.41 -4.45 35.33
N THR B 599 35.61 -3.17 35.05
CA THR B 599 34.58 -2.17 35.30
C THR B 599 33.31 -2.60 34.57
N LEU B 600 33.38 -2.68 33.24
CA LEU B 600 32.22 -3.06 32.44
C LEU B 600 31.40 -4.20 33.01
N PHE B 601 32.03 -5.36 33.20
CA PHE B 601 31.32 -6.51 33.74
C PHE B 601 30.50 -6.11 34.94
N HIS B 602 31.22 -5.68 35.97
CA HIS B 602 30.59 -5.26 37.19
C HIS B 602 29.25 -4.58 36.88
N TYR B 603 29.24 -3.73 35.86
CA TYR B 603 28.04 -3.00 35.44
C TYR B 603 26.95 -3.96 34.98
N TYR B 604 27.30 -4.81 34.03
CA TYR B 604 26.37 -5.80 33.53
C TYR B 604 25.80 -6.45 34.78
N ASN B 605 26.66 -7.23 35.44
CA ASN B 605 26.30 -7.96 36.65
C ASN B 605 25.22 -7.28 37.45
N VAL B 606 25.44 -6.05 37.87
CA VAL B 606 24.43 -5.39 38.66
C VAL B 606 23.08 -5.36 37.95
N ASN B 607 22.92 -4.54 36.91
CA ASN B 607 21.63 -4.49 36.23
C ASN B 607 21.02 -5.88 36.19
N VAL B 608 21.85 -6.84 35.82
CA VAL B 608 21.44 -8.24 35.77
C VAL B 608 20.65 -8.61 37.02
N ASN B 609 21.39 -8.83 38.11
CA ASN B 609 20.81 -9.18 39.40
C ASN B 609 19.49 -8.47 39.52
N PHE B 610 19.60 -7.15 39.69
CA PHE B 610 18.46 -6.28 39.83
C PHE B 610 17.25 -6.74 39.03
N HIS B 611 17.46 -6.84 37.73
CA HIS B 611 16.48 -7.31 36.79
C HIS B 611 15.88 -8.58 37.39
N SER B 612 16.71 -9.61 37.41
CA SER B 612 16.34 -10.91 37.95
C SER B 612 15.45 -10.76 39.18
N ASN B 613 15.84 -9.87 40.08
CA ASN B 613 15.06 -9.65 41.29
C ASN B 613 13.69 -9.11 40.93
N TYR B 614 13.68 -8.03 40.17
CA TYR B 614 12.43 -7.44 39.74
C TYR B 614 11.57 -8.55 39.15
N ASN B 615 12.00 -9.11 38.03
CA ASN B 615 11.26 -10.19 37.39
C ASN B 615 10.79 -11.23 38.40
N GLU B 616 11.74 -11.79 39.14
CA GLU B 616 11.42 -12.83 40.10
C GLU B 616 10.35 -12.41 41.10
N ARG B 617 10.62 -11.37 41.89
CA ARG B 617 9.62 -10.93 42.87
C ARG B 617 8.26 -10.77 42.17
N ILE B 618 8.27 -10.25 40.95
CA ILE B 618 7.07 -10.08 40.16
C ILE B 618 6.29 -11.39 40.20
N ASN B 619 6.95 -12.46 39.76
CA ASN B 619 6.34 -13.79 39.76
C ASN B 619 5.90 -14.14 41.16
N ASP B 620 6.82 -14.00 42.12
CA ASP B 620 6.50 -14.28 43.51
C ASP B 620 5.22 -13.52 43.86
N ALA B 621 5.18 -12.26 43.46
CA ALA B 621 4.03 -11.41 43.73
C ALA B 621 2.78 -12.00 43.11
N VAL B 622 2.72 -11.94 41.78
CA VAL B 622 1.59 -12.44 41.03
C VAL B 622 1.04 -13.71 41.66
N ALA B 623 1.83 -14.77 41.60
CA ALA B 623 1.47 -16.07 42.13
C ALA B 623 0.59 -15.94 43.36
N ILE B 624 1.08 -15.19 44.33
CA ILE B 624 0.34 -14.99 45.56
C ILE B 624 -1.03 -14.43 45.26
N ILE B 625 -1.09 -13.17 44.81
CA ILE B 625 -2.36 -12.52 44.55
C ILE B 625 -3.41 -13.38 43.86
N THR B 626 -3.03 -14.05 42.78
CA THR B 626 -3.99 -14.89 42.07
C THR B 626 -4.53 -15.95 43.02
N ALA B 627 -3.62 -16.61 43.74
CA ALA B 627 -4.03 -17.62 44.70
C ALA B 627 -5.01 -16.94 45.65
N ALA B 628 -4.59 -15.78 46.14
CA ALA B 628 -5.38 -14.99 47.06
C ALA B 628 -6.83 -14.86 46.64
N ASN B 629 -7.07 -14.83 45.34
CA ASN B 629 -8.44 -14.68 44.91
C ASN B 629 -9.18 -16.02 44.94
N ARG B 630 -8.65 -17.06 44.31
CA ARG B 630 -9.38 -18.31 44.44
C ARG B 630 -8.95 -18.98 45.73
N LEU B 631 -9.48 -18.46 46.82
CA LEU B 631 -9.22 -18.91 48.17
C LEU B 631 -10.15 -18.01 48.95
N ASN B 632 -10.78 -17.12 48.21
CA ASN B 632 -11.71 -16.18 48.77
C ASN B 632 -11.13 -15.42 49.94
N LEU B 633 -9.80 -15.41 50.07
CA LEU B 633 -9.22 -14.68 51.20
C LEU B 633 -9.44 -13.18 51.08
N TYR B 634 -10.69 -12.79 50.84
CA TYR B 634 -11.06 -11.39 50.72
C TYR B 634 -10.58 -10.60 51.93
N GLN B 635 -9.32 -10.15 51.93
CA GLN B 635 -8.76 -9.37 53.04
C GLN B 635 -7.53 -8.56 52.60
N LYS B 636 -6.35 -9.06 52.95
CA LYS B 636 -5.14 -8.41 52.49
C LYS B 636 -5.36 -8.75 51.02
N LYS B 637 -4.59 -8.16 50.11
CA LYS B 637 -4.74 -8.41 48.65
C LYS B 637 -4.30 -7.06 48.18
N MET B 638 -4.72 -6.10 48.99
CA MET B 638 -4.40 -4.73 48.78
C MET B 638 -2.92 -4.67 49.15
N LYS B 639 -2.57 -3.64 49.89
CA LYS B 639 -1.22 -3.37 50.34
C LYS B 639 -0.40 -4.63 50.64
N ALA B 640 -0.70 -5.28 51.77
CA ALA B 640 0.06 -6.43 52.26
C ALA B 640 1.17 -6.90 51.35
N ILE B 641 0.78 -7.51 50.24
CA ILE B 641 1.74 -8.05 49.29
C ILE B 641 2.64 -7.00 48.67
N VAL B 642 2.01 -5.93 48.21
CA VAL B 642 2.73 -4.84 47.61
C VAL B 642 3.90 -4.40 48.48
N GLU B 643 3.60 -4.12 49.75
CA GLU B 643 4.62 -3.69 50.69
C GLU B 643 5.88 -4.56 50.60
N ASP B 644 5.75 -5.84 50.94
CA ASP B 644 6.87 -6.79 50.89
C ASP B 644 7.59 -6.68 49.55
N PHE B 645 6.79 -6.71 48.50
CA PHE B 645 7.30 -6.61 47.16
C PHE B 645 8.39 -5.55 47.01
N LEU B 646 7.97 -4.30 47.08
CA LEU B 646 8.86 -3.16 46.95
C LEU B 646 10.08 -3.26 47.85
N LYS B 647 9.86 -3.59 49.12
CA LYS B 647 10.94 -3.74 50.09
C LYS B 647 12.07 -4.58 49.51
N ARG B 648 11.75 -5.81 49.10
CA ARG B 648 12.75 -6.74 48.55
C ARG B 648 13.48 -6.20 47.34
N LEU B 649 12.85 -5.23 46.65
CA LEU B 649 13.42 -4.58 45.47
C LEU B 649 14.48 -3.58 45.91
N HIS B 650 14.53 -3.35 47.22
CA HIS B 650 15.45 -2.39 47.81
C HIS B 650 15.10 -1.00 47.31
N ILE B 651 15.89 -0.49 46.37
CA ILE B 651 15.72 0.84 45.79
C ILE B 651 14.84 1.90 46.45
N PHE B 652 13.55 1.65 46.68
CA PHE B 652 12.71 2.69 47.33
C PHE B 652 12.11 2.40 48.70
N ASP B 653 11.96 3.48 49.46
CA ASP B 653 11.43 3.41 50.82
C ASP B 653 9.92 3.55 50.93
N VAL B 654 9.20 2.69 50.20
CA VAL B 654 7.75 2.67 50.26
C VAL B 654 7.15 3.99 50.76
N ALA B 655 6.52 3.94 51.93
CA ALA B 655 5.89 5.08 52.59
C ALA B 655 5.45 6.20 51.68
N ARG B 656 6.44 6.97 51.21
CA ARG B 656 6.23 8.12 50.33
C ARG B 656 5.67 7.72 48.96
N VAL B 657 4.87 6.66 48.96
CA VAL B 657 4.26 6.17 47.73
C VAL B 657 2.81 6.61 47.76
N PRO B 658 2.43 7.55 46.89
CA PRO B 658 1.03 7.99 46.88
C PRO B 658 0.11 6.77 46.91
N ASP B 659 -0.93 6.79 47.75
CA ASP B 659 -1.84 5.65 47.84
C ASP B 659 -2.42 5.28 46.47
N ASP B 660 -2.49 6.25 45.55
CA ASP B 660 -3.02 5.99 44.20
C ASP B 660 -2.03 5.11 43.47
N GLN B 661 -0.81 5.09 43.98
CA GLN B 661 0.19 4.34 43.29
C GLN B 661 0.17 2.89 43.69
N MET B 662 0.35 2.60 44.98
CA MET B 662 0.35 1.23 45.44
C MET B 662 -0.83 0.44 44.86
N TYR B 663 -2.07 0.90 45.05
CA TYR B 663 -3.21 0.17 44.52
C TYR B 663 -3.11 0.01 43.00
N ARG B 664 -2.87 1.13 42.31
CA ARG B 664 -2.75 1.08 40.86
C ARG B 664 -1.74 0.01 40.45
N LEU B 665 -0.75 -0.19 41.30
CA LEU B 665 0.28 -1.19 41.10
C LEU B 665 -0.35 -2.58 41.03
N ARG B 666 -1.31 -2.82 41.92
CA ARG B 666 -2.00 -4.11 41.97
C ARG B 666 -2.76 -4.25 40.68
N ASP B 667 -3.60 -3.25 40.41
CA ASP B 667 -4.43 -3.26 39.23
C ASP B 667 -3.66 -3.79 38.03
N ARG B 668 -2.39 -3.42 37.89
CA ARG B 668 -1.59 -3.89 36.76
C ARG B 668 -1.09 -5.32 36.96
N LEU B 669 -0.65 -5.64 38.16
CA LEU B 669 -0.13 -6.96 38.44
C LEU B 669 -1.16 -8.07 38.21
N ARG B 670 -2.38 -7.84 38.69
CA ARG B 670 -3.48 -8.81 38.59
C ARG B 670 -3.94 -9.05 37.16
N LEU B 671 -3.03 -8.95 36.21
CA LEU B 671 -3.40 -9.15 34.81
C LEU B 671 -2.30 -9.85 34.03
N LEU B 672 -1.55 -10.69 34.70
CA LEU B 672 -0.49 -11.39 34.01
C LEU B 672 -0.52 -12.87 34.23
N PRO B 673 0.21 -13.62 33.39
CA PRO B 673 0.23 -15.08 33.53
C PRO B 673 0.85 -15.43 34.88
N VAL B 674 1.82 -16.33 34.87
CA VAL B 674 2.49 -16.75 36.07
C VAL B 674 3.52 -17.82 35.78
N GLU B 675 4.76 -17.54 36.14
CA GLU B 675 5.85 -18.47 35.94
C GLU B 675 5.35 -19.90 36.09
N VAL B 676 5.13 -20.56 34.95
CA VAL B 676 4.69 -21.95 34.91
C VAL B 676 5.05 -22.61 36.26
N ARG B 677 6.31 -22.47 36.65
CA ARG B 677 6.81 -23.03 37.91
C ARG B 677 5.77 -22.72 38.99
N ARG B 678 5.73 -21.45 39.38
CA ARG B 678 4.81 -20.95 40.40
C ARG B 678 3.45 -21.60 40.17
N LEU B 679 2.78 -21.16 39.12
CA LEU B 679 1.44 -21.66 38.77
C LEU B 679 1.33 -23.18 38.92
N ASP B 680 2.10 -23.92 38.13
CA ASP B 680 2.05 -25.38 38.14
C ASP B 680 1.94 -26.02 39.51
N ILE B 681 2.40 -25.32 40.53
CA ILE B 681 2.36 -25.89 41.85
C ILE B 681 1.01 -25.70 42.57
N PHE B 682 0.47 -24.49 42.46
CA PHE B 682 -0.82 -24.12 43.06
C PHE B 682 -1.91 -25.06 42.57
N ASN B 683 -1.88 -25.36 41.28
CA ASN B 683 -2.86 -26.24 40.68
C ASN B 683 -2.83 -27.55 41.44
N LEU B 684 -1.62 -27.92 41.83
CA LEU B 684 -1.38 -29.16 42.55
C LEU B 684 -1.99 -29.17 43.94
N ILE B 685 -1.71 -28.11 44.67
CA ILE B 685 -2.21 -27.98 46.01
C ILE B 685 -3.73 -28.00 46.07
N LEU B 686 -4.36 -27.22 45.18
CA LEU B 686 -5.81 -27.17 45.17
C LEU B 686 -6.40 -28.55 44.96
N MET B 687 -5.91 -29.31 43.99
CA MET B 687 -6.48 -30.63 43.75
C MET B 687 -6.50 -31.53 44.99
N ASN B 688 -5.47 -31.46 45.80
CA ASN B 688 -5.42 -32.29 46.99
C ASN B 688 -6.04 -31.65 48.22
N MET B 689 -6.09 -30.32 48.23
CA MET B 689 -6.64 -29.54 49.33
C MET B 689 -7.69 -30.29 50.15
N ASP B 690 -8.84 -30.57 49.53
CA ASP B 690 -9.93 -31.28 50.18
C ASP B 690 -9.39 -32.45 50.99
N GLN B 691 -8.77 -33.39 50.29
CA GLN B 691 -8.21 -34.59 50.89
C GLN B 691 -7.44 -34.38 52.19
N ILE B 692 -6.63 -33.34 52.27
CA ILE B 692 -5.86 -33.06 53.47
C ILE B 692 -6.79 -32.76 54.64
N GLU B 693 -7.51 -31.66 54.48
CA GLU B 693 -8.49 -31.15 55.44
C GLU B 693 -9.27 -32.26 56.17
N ARG B 694 -10.02 -33.09 55.47
CA ARG B 694 -10.78 -34.13 56.17
C ARG B 694 -9.84 -35.22 56.72
N ALA B 695 -8.70 -35.41 56.05
CA ALA B 695 -7.73 -36.42 56.45
C ALA B 695 -7.00 -36.09 57.74
N SER B 696 -7.35 -34.98 58.39
CA SER B 696 -6.67 -34.64 59.64
C SER B 696 -7.26 -35.33 60.86
N ASP B 697 -6.50 -35.38 61.94
CA ASP B 697 -6.94 -36.00 63.17
C ASP B 697 -7.84 -35.11 64.02
N LYS B 698 -7.46 -33.85 64.18
CA LYS B 698 -8.27 -32.92 64.94
C LYS B 698 -8.97 -31.98 63.99
N ILE B 699 -10.27 -32.16 63.87
CA ILE B 699 -11.16 -31.36 63.02
C ILE B 699 -11.80 -32.13 61.88
N ALA B 700 -13.10 -31.88 61.71
CA ALA B 700 -13.90 -32.54 60.68
C ALA B 700 -14.91 -31.52 60.18
N GLN B 701 -15.57 -31.84 59.07
CA GLN B 701 -16.56 -30.92 58.52
C GLN B 701 -17.91 -31.19 59.14
N GLY B 702 -18.57 -30.11 59.55
CA GLY B 702 -19.89 -30.10 60.17
C GLY B 702 -20.59 -31.33 60.73
N VAL B 703 -21.71 -31.08 61.42
CA VAL B 703 -22.53 -32.14 62.01
C VAL B 703 -23.99 -32.00 61.60
N ILE B 704 -24.74 -33.10 61.71
CA ILE B 704 -26.14 -33.14 61.33
C ILE B 704 -27.05 -33.43 62.52
N ILE B 705 -28.27 -32.91 62.47
CA ILE B 705 -29.23 -33.11 63.55
C ILE B 705 -30.52 -33.74 63.05
N ALA B 706 -30.90 -34.87 63.62
CA ALA B 706 -32.10 -35.56 63.17
C ALA B 706 -33.25 -35.65 64.14
N TYR B 707 -32.97 -35.47 65.43
CA TYR B 707 -34.02 -35.59 66.45
C TYR B 707 -34.80 -36.87 66.15
N ARG B 708 -34.12 -37.82 65.52
CA ARG B 708 -34.69 -39.12 65.17
C ARG B 708 -33.76 -40.18 65.72
N ASP B 709 -34.17 -40.80 66.83
CA ASP B 709 -33.36 -41.86 67.42
C ASP B 709 -32.72 -42.51 66.21
N MET B 710 -31.43 -42.28 66.04
CA MET B 710 -30.75 -42.82 64.89
C MET B 710 -29.74 -43.92 65.22
N GLN B 711 -29.59 -44.85 64.29
CA GLN B 711 -28.71 -45.99 64.46
C GLN B 711 -27.23 -45.69 64.25
N LEU B 712 -26.44 -45.94 65.29
CA LEU B 712 -25.01 -45.70 65.23
C LEU B 712 -24.37 -46.71 64.28
N GLU B 713 -23.36 -46.28 63.53
CA GLU B 713 -22.66 -47.17 62.59
C GLU B 713 -21.41 -47.78 63.19
N ARG B 714 -20.81 -48.73 62.48
CA ARG B 714 -19.60 -49.40 62.96
C ARG B 714 -18.50 -49.42 61.90
N ASP B 715 -17.31 -48.96 62.28
CA ASP B 715 -16.17 -48.91 61.38
C ASP B 715 -14.89 -49.36 62.08
N GLU B 716 -14.30 -50.42 61.55
CA GLU B 716 -13.08 -51.01 62.10
C GLU B 716 -12.12 -50.07 62.85
N MET B 717 -11.74 -48.97 62.23
CA MET B 717 -10.78 -48.05 62.84
C MET B 717 -11.22 -47.29 64.08
N TYR B 718 -12.52 -47.04 64.21
CA TYR B 718 -13.00 -46.31 65.37
C TYR B 718 -13.85 -47.16 66.30
N GLY B 719 -14.36 -48.28 65.79
CA GLY B 719 -15.19 -49.15 66.60
C GLY B 719 -16.66 -48.83 66.39
N TYR B 720 -17.39 -48.61 67.47
CA TYR B 720 -18.82 -48.25 67.40
C TYR B 720 -18.88 -46.73 67.46
N VAL B 721 -19.04 -46.09 66.30
CA VAL B 721 -19.05 -44.63 66.21
C VAL B 721 -20.19 -44.05 65.35
N ASN B 722 -20.34 -42.72 65.39
CA ASN B 722 -21.37 -42.04 64.62
C ASN B 722 -20.81 -41.08 63.55
N ILE B 723 -20.32 -41.64 62.44
CA ILE B 723 -19.79 -40.83 61.34
C ILE B 723 -20.87 -40.75 60.26
N ALA B 724 -20.45 -40.59 59.01
CA ALA B 724 -21.34 -40.52 57.85
C ALA B 724 -20.65 -39.67 56.78
N ARG B 725 -19.92 -40.32 55.89
CA ARG B 725 -19.20 -39.61 54.84
C ARG B 725 -20.11 -38.94 53.81
N ASN B 726 -21.42 -38.88 54.07
CA ASN B 726 -22.33 -38.27 53.11
C ASN B 726 -23.57 -37.51 53.56
N LEU B 727 -23.48 -36.20 53.47
CA LEU B 727 -24.57 -35.33 53.82
C LEU B 727 -25.36 -35.01 52.56
N ASP B 728 -26.54 -35.60 52.47
CA ASP B 728 -27.41 -35.37 51.33
C ASP B 728 -28.82 -35.61 51.83
N GLY B 729 -29.67 -34.61 51.68
CA GLY B 729 -31.05 -34.75 52.13
C GLY B 729 -31.40 -33.80 53.26
N PHE B 730 -30.49 -32.88 53.55
CA PHE B 730 -30.71 -31.91 54.60
C PHE B 730 -29.98 -30.64 54.18
N GLN B 731 -30.67 -29.51 54.32
CA GLN B 731 -30.11 -28.24 53.92
C GLN B 731 -28.67 -28.08 54.37
N GLN B 732 -27.97 -27.18 53.71
CA GLN B 732 -26.59 -26.92 54.03
C GLN B 732 -26.48 -25.44 54.36
N ILE B 733 -25.82 -25.14 55.47
CA ILE B 733 -25.63 -23.76 55.91
C ILE B 733 -24.14 -23.46 56.11
N ASN B 734 -23.56 -22.83 55.10
CA ASN B 734 -22.14 -22.48 55.14
C ASN B 734 -21.87 -21.68 56.41
N LEU B 735 -21.26 -22.33 57.39
CA LEU B 735 -20.94 -21.70 58.66
C LEU B 735 -20.22 -20.40 58.35
N GLU B 736 -19.15 -20.54 57.57
CA GLU B 736 -18.37 -19.39 57.18
C GLU B 736 -19.38 -18.34 56.69
N GLU B 737 -20.23 -18.72 55.75
CA GLU B 737 -21.25 -17.82 55.18
C GLU B 737 -22.21 -17.26 56.22
N LEU B 738 -22.14 -17.77 57.44
CA LEU B 738 -23.02 -17.26 58.46
C LEU B 738 -22.24 -16.24 59.27
N MET B 739 -21.33 -16.72 60.10
CA MET B 739 -20.51 -15.86 60.94
C MET B 739 -20.02 -14.59 60.24
N ARG B 740 -19.43 -14.76 59.07
CA ARG B 740 -18.91 -13.62 58.30
C ARG B 740 -20.05 -12.74 57.79
N THR B 741 -21.25 -12.96 58.31
CA THR B 741 -22.42 -12.21 57.88
C THR B 741 -23.56 -12.09 58.90
N GLY B 742 -23.34 -12.53 60.14
CA GLY B 742 -24.39 -12.42 61.15
C GLY B 742 -25.58 -13.32 60.85
N ASP B 743 -26.32 -13.72 61.88
CA ASP B 743 -27.47 -14.59 61.66
C ASP B 743 -28.80 -13.86 61.63
N TYR B 744 -29.77 -14.52 61.00
CA TYR B 744 -31.09 -13.97 60.80
C TYR B 744 -32.00 -14.92 61.54
N ALA B 745 -31.37 -15.92 62.12
CA ALA B 745 -32.06 -16.92 62.90
C ALA B 745 -32.72 -17.99 62.06
N GLN B 746 -32.60 -17.88 60.74
CA GLN B 746 -33.16 -18.89 59.86
C GLN B 746 -32.91 -20.18 60.62
N ILE B 747 -31.67 -20.33 61.01
CA ILE B 747 -31.24 -21.48 61.77
C ILE B 747 -31.98 -21.56 63.11
N THR B 748 -32.09 -20.41 63.76
CA THR B 748 -32.78 -20.30 65.04
C THR B 748 -34.17 -20.91 65.01
N ASN B 749 -34.88 -20.66 63.92
CA ASN B 749 -36.23 -21.15 63.73
C ASN B 749 -36.21 -22.66 63.49
N MET B 750 -35.40 -23.09 62.52
CA MET B 750 -35.33 -24.50 62.18
C MET B 750 -34.96 -25.33 63.40
N LEU B 751 -34.07 -24.79 64.21
CA LEU B 751 -33.66 -25.51 65.38
C LEU B 751 -34.80 -25.55 66.38
N LEU B 752 -35.44 -24.41 66.53
CA LEU B 752 -36.55 -24.25 67.44
C LEU B 752 -37.74 -25.18 67.17
N ASN B 753 -38.29 -25.15 65.97
CA ASN B 753 -39.39 -26.06 65.72
C ASN B 753 -38.72 -27.42 65.49
N ASN B 754 -37.52 -27.56 66.07
CA ASN B 754 -36.67 -28.75 65.98
C ASN B 754 -36.76 -29.45 64.62
N GLN B 755 -36.12 -28.87 63.60
CA GLN B 755 -36.13 -29.41 62.22
C GLN B 755 -34.77 -29.92 61.74
N PRO B 756 -34.77 -30.97 60.91
CA PRO B 756 -33.55 -31.59 60.36
C PRO B 756 -32.71 -30.59 59.58
N VAL B 757 -31.46 -30.38 60.03
CA VAL B 757 -30.55 -29.45 59.36
C VAL B 757 -29.06 -29.77 59.53
N ALA B 758 -28.25 -29.29 58.57
CA ALA B 758 -26.79 -29.52 58.55
C ALA B 758 -25.92 -28.27 58.52
N LEU B 759 -24.66 -28.44 58.92
CA LEU B 759 -23.69 -27.33 58.99
C LEU B 759 -22.40 -27.74 58.29
N VAL B 760 -21.97 -26.96 57.30
CA VAL B 760 -20.76 -27.32 56.55
C VAL B 760 -19.46 -26.58 56.89
N GLY B 761 -18.35 -27.29 56.79
CA GLY B 761 -17.06 -26.67 57.04
C GLY B 761 -16.28 -27.27 58.18
N ALA B 762 -15.11 -26.70 58.41
CA ALA B 762 -14.23 -27.18 59.48
C ALA B 762 -14.84 -26.85 60.82
N LEU B 763 -14.42 -27.57 61.85
CA LEU B 763 -14.92 -27.36 63.20
C LEU B 763 -14.11 -28.08 64.25
N PRO B 764 -14.31 -27.72 65.54
CA PRO B 764 -13.58 -28.37 66.63
C PRO B 764 -13.73 -29.87 66.54
N PHE B 765 -14.41 -30.50 67.50
CA PHE B 765 -14.59 -31.94 67.51
C PHE B 765 -14.18 -32.47 68.87
N VAL B 766 -15.07 -33.24 69.49
CA VAL B 766 -14.79 -33.80 70.80
C VAL B 766 -15.16 -35.26 70.99
N THR B 767 -14.13 -36.07 71.25
CA THR B 767 -14.28 -37.50 71.47
C THR B 767 -14.82 -37.77 72.87
N ASP B 768 -15.55 -38.87 73.04
CA ASP B 768 -16.11 -39.24 74.34
C ASP B 768 -16.37 -40.74 74.38
N SER B 769 -16.00 -41.37 75.49
CA SER B 769 -16.15 -42.81 75.65
C SER B 769 -17.28 -43.23 76.59
N SER B 770 -17.95 -42.26 77.19
CA SER B 770 -19.04 -42.52 78.13
C SER B 770 -20.26 -43.20 77.53
N VAL B 771 -20.36 -44.51 77.71
CA VAL B 771 -21.48 -45.25 77.19
C VAL B 771 -22.70 -44.44 77.62
N ILE B 772 -22.74 -44.15 78.91
CA ILE B 772 -23.82 -43.40 79.50
C ILE B 772 -24.15 -42.16 78.69
N SER B 773 -23.13 -41.37 78.40
CA SER B 773 -23.31 -40.13 77.66
C SER B 773 -24.42 -40.28 76.62
N LEU B 774 -24.17 -41.13 75.63
CA LEU B 774 -25.14 -41.36 74.57
C LEU B 774 -26.54 -41.40 75.16
N ILE B 775 -26.69 -42.12 76.27
CA ILE B 775 -27.97 -42.27 76.94
C ILE B 775 -28.62 -40.96 77.36
N ALA B 776 -27.79 -39.98 77.71
CA ALA B 776 -28.29 -38.68 78.09
C ALA B 776 -28.18 -37.77 76.87
N LYS B 777 -28.46 -38.33 75.69
CA LYS B 777 -28.39 -37.64 74.40
C LYS B 777 -27.62 -36.32 74.45
N LEU B 778 -26.39 -36.38 74.96
CA LEU B 778 -25.56 -35.18 75.07
C LEU B 778 -25.40 -34.47 73.74
N ASP B 779 -25.12 -35.24 72.69
CA ASP B 779 -24.92 -34.65 71.38
C ASP B 779 -26.05 -33.74 70.94
N ALA B 780 -27.16 -33.74 71.67
CA ALA B 780 -28.31 -32.89 71.34
C ALA B 780 -28.26 -31.59 72.13
N THR B 781 -27.23 -31.46 72.96
CA THR B 781 -27.05 -30.28 73.80
C THR B 781 -26.35 -29.18 73.03
N VAL B 782 -25.08 -28.99 73.38
CA VAL B 782 -24.15 -28.01 72.80
C VAL B 782 -24.73 -26.91 71.92
N PHE B 783 -25.55 -27.32 70.98
CA PHE B 783 -26.18 -26.44 70.01
C PHE B 783 -26.95 -25.25 70.57
N ALA B 784 -27.74 -25.47 71.61
CA ALA B 784 -28.48 -24.38 72.21
C ALA B 784 -27.62 -23.11 72.22
N GLN B 785 -26.35 -23.29 72.57
CA GLN B 785 -25.35 -22.21 72.64
C GLN B 785 -25.64 -21.06 71.68
N ILE B 786 -24.73 -20.90 70.73
CA ILE B 786 -24.81 -19.88 69.69
C ILE B 786 -25.85 -18.81 69.98
N VAL B 787 -27.09 -19.18 69.71
CA VAL B 787 -28.25 -18.34 69.90
C VAL B 787 -28.02 -17.31 71.00
N LYS B 788 -27.32 -17.72 72.05
CA LYS B 788 -27.02 -16.79 73.14
C LYS B 788 -26.77 -15.45 72.47
N LEU B 789 -25.81 -15.44 71.55
CA LEU B 789 -25.47 -14.26 70.79
C LEU B 789 -24.62 -14.82 69.66
N ARG B 790 -24.86 -14.33 68.45
CA ARG B 790 -24.12 -14.78 67.27
C ARG B 790 -22.96 -15.76 67.53
N LYS B 791 -21.72 -15.32 67.26
CA LYS B 791 -20.48 -16.09 67.46
C LYS B 791 -20.33 -17.39 66.63
N VAL B 792 -20.37 -18.55 67.30
CA VAL B 792 -20.26 -19.91 66.73
C VAL B 792 -18.88 -20.58 66.76
N ASP B 793 -17.90 -19.94 67.36
CA ASP B 793 -16.56 -20.53 67.45
C ASP B 793 -16.67 -21.69 68.41
N THR B 794 -17.21 -21.36 69.57
CA THR B 794 -17.41 -22.28 70.68
C THR B 794 -18.40 -23.40 70.41
N LEU B 795 -18.35 -23.97 69.22
CA LEU B 795 -19.29 -25.02 68.95
C LEU B 795 -18.65 -26.40 68.87
N LYS B 796 -18.00 -26.80 69.95
CA LYS B 796 -17.39 -28.12 70.00
C LYS B 796 -18.55 -29.11 69.95
N PRO B 797 -18.62 -29.95 68.92
CA PRO B 797 -19.65 -30.96 68.69
C PRO B 797 -19.21 -32.29 69.28
N ILE B 798 -20.14 -33.22 69.41
CA ILE B 798 -19.76 -34.50 69.98
C ILE B 798 -19.76 -35.71 69.08
N LEU B 799 -18.72 -36.51 69.29
CA LEU B 799 -18.50 -37.74 68.56
C LEU B 799 -18.19 -38.80 69.63
N TYR B 800 -18.75 -39.99 69.47
CA TYR B 800 -18.57 -41.07 70.45
C TYR B 800 -17.60 -42.22 70.13
N LYS B 801 -16.31 -42.10 70.48
CA LYS B 801 -15.33 -43.17 70.22
C LYS B 801 -15.59 -44.32 71.17
N ILE B 802 -16.53 -45.19 70.81
CA ILE B 802 -16.84 -46.32 71.67
C ILE B 802 -16.39 -47.65 71.11
N ASN B 803 -15.40 -48.22 71.80
CA ASN B 803 -14.83 -49.50 71.44
C ASN B 803 -14.95 -50.48 72.60
N SER B 804 -15.03 -51.75 72.26
CA SER B 804 -15.16 -52.79 73.25
C SER B 804 -13.85 -52.92 74.03
N ASP B 805 -13.52 -51.91 74.81
CA ASP B 805 -12.29 -51.94 75.57
C ASP B 805 -12.13 -50.65 76.36
N SER B 806 -11.41 -49.71 75.75
CA SER B 806 -11.14 -48.40 76.33
C SER B 806 -12.37 -47.72 76.93
N ASN B 807 -13.46 -48.47 77.02
CA ASN B 807 -14.71 -47.94 77.56
C ASN B 807 -15.18 -48.73 78.78
N ASP B 808 -14.67 -48.35 79.95
CA ASP B 808 -15.04 -49.01 81.20
C ASP B 808 -16.55 -49.16 81.25
N PHE B 809 -17.21 -48.34 80.44
CA PHE B 809 -18.66 -48.31 80.31
C PHE B 809 -19.19 -49.46 79.46
N TYR B 810 -18.75 -50.68 79.71
CA TYR B 810 -19.28 -51.74 78.86
C TYR B 810 -20.47 -52.54 79.32
N LEU B 811 -21.37 -51.85 80.00
CA LEU B 811 -22.59 -52.46 80.45
C LEU B 811 -23.39 -52.19 79.19
N VAL B 812 -23.00 -52.86 78.10
CA VAL B 812 -23.61 -52.68 76.79
C VAL B 812 -23.89 -53.95 76.01
N ALA B 813 -22.83 -54.63 75.64
CA ALA B 813 -22.95 -55.85 74.88
C ALA B 813 -23.38 -56.99 75.80
N ASN B 814 -23.83 -56.61 77.00
CA ASN B 814 -24.31 -57.58 77.99
C ASN B 814 -25.83 -57.59 77.90
N TYR B 815 -26.35 -56.59 77.19
CA TYR B 815 -27.78 -56.43 76.98
C TYR B 815 -28.13 -56.29 75.50
N ASP B 816 -29.13 -57.04 75.08
CA ASP B 816 -29.61 -56.97 73.70
C ASP B 816 -29.99 -55.52 73.50
N TRP B 817 -29.33 -54.83 72.58
CA TRP B 817 -29.65 -53.43 72.37
C TRP B 817 -28.83 -52.76 71.29
N VAL B 818 -29.33 -51.62 70.80
CA VAL B 818 -28.69 -50.86 69.74
C VAL B 818 -28.54 -49.37 70.09
N PRO B 819 -27.42 -48.74 69.64
CA PRO B 819 -26.99 -47.34 69.83
C PRO B 819 -27.95 -46.28 69.27
N THR B 820 -28.50 -45.47 70.16
CA THR B 820 -29.45 -44.42 69.78
C THR B 820 -28.82 -43.02 69.69
N SER B 821 -27.99 -42.81 68.69
CA SER B 821 -27.33 -41.52 68.52
C SER B 821 -28.18 -40.51 67.75
N THR B 822 -28.61 -39.46 68.44
CA THR B 822 -29.45 -38.44 67.83
C THR B 822 -28.62 -37.63 66.83
N THR B 823 -27.33 -37.90 66.77
CA THR B 823 -26.45 -37.13 65.88
C THR B 823 -25.11 -37.74 65.51
N LYS B 824 -24.58 -37.33 64.37
CA LYS B 824 -23.28 -37.80 63.91
C LYS B 824 -22.49 -36.80 63.06
N VAL B 825 -21.28 -37.19 62.63
CA VAL B 825 -20.37 -36.29 61.88
C VAL B 825 -19.81 -36.67 60.50
N TYR B 826 -19.20 -35.68 59.85
CA TYR B 826 -18.64 -35.83 58.51
C TYR B 826 -17.17 -36.22 58.37
N LYS B 827 -16.30 -35.96 59.34
CA LYS B 827 -14.90 -36.34 59.15
C LYS B 827 -14.77 -37.69 58.46
N GLN B 828 -14.41 -37.66 57.18
CA GLN B 828 -14.24 -38.88 56.40
C GLN B 828 -13.17 -39.73 57.06
N VAL B 829 -13.20 -41.03 56.79
CA VAL B 829 -12.22 -41.93 57.38
C VAL B 829 -10.83 -41.83 56.77
N PRO B 830 -9.80 -41.79 57.63
CA PRO B 830 -8.39 -41.69 57.22
C PRO B 830 -8.04 -42.79 56.25
N GLN B 831 -7.20 -42.46 55.28
CA GLN B 831 -6.82 -43.44 54.27
C GLN B 831 -6.07 -44.66 54.80
N GLN B 832 -6.43 -45.81 54.25
CA GLN B 832 -5.79 -47.06 54.62
C GLN B 832 -4.43 -47.04 53.95
N PHE B 833 -3.57 -47.99 54.32
CA PHE B 833 -2.28 -48.02 53.68
C PHE B 833 -2.02 -49.25 52.85
N ASP B 834 -1.77 -49.03 51.56
CA ASP B 834 -1.43 -50.10 50.64
C ASP B 834 -0.03 -49.78 50.16
N PHE B 835 0.87 -50.72 50.39
CA PHE B 835 2.24 -50.54 50.04
C PHE B 835 2.53 -50.26 48.57
N ARG B 836 2.45 -51.30 47.73
CA ARG B 836 2.74 -51.15 46.31
C ARG B 836 2.25 -49.88 45.65
N ASN B 837 1.15 -49.32 46.14
CA ASN B 837 0.61 -48.11 45.55
C ASN B 837 1.33 -46.87 46.05
N SER B 838 2.17 -47.06 47.07
CA SER B 838 2.91 -45.94 47.63
C SER B 838 4.35 -45.97 47.16
N MET B 839 4.87 -47.15 46.88
CA MET B 839 6.25 -47.28 46.43
C MET B 839 6.44 -46.81 44.99
N HIS B 840 7.32 -45.83 44.80
CA HIS B 840 7.60 -45.28 43.49
C HIS B 840 9.08 -45.42 43.15
N MET B 841 9.44 -45.26 41.88
CA MET B 841 10.84 -45.36 41.48
C MET B 841 11.36 -43.96 41.18
N LEU B 842 12.65 -43.71 41.43
CA LEU B 842 13.19 -42.37 41.22
C LEU B 842 14.23 -42.01 40.16
N THR B 843 13.80 -41.09 39.31
CA THR B 843 14.61 -40.59 38.21
C THR B 843 15.34 -39.35 38.70
N SER B 844 16.56 -39.53 39.18
CA SER B 844 17.36 -38.42 39.66
C SER B 844 18.67 -38.40 38.89
N ASN B 845 19.16 -37.22 38.58
CA ASN B 845 20.40 -37.09 37.83
C ASN B 845 21.57 -37.46 38.74
N LEU B 846 22.79 -37.22 38.30
CA LEU B 846 23.95 -37.55 39.12
C LEU B 846 25.23 -36.72 39.00
N THR B 847 25.57 -36.08 40.12
CA THR B 847 26.74 -35.23 40.35
C THR B 847 27.04 -34.04 39.43
N PHE B 848 26.36 -32.93 39.67
CA PHE B 848 26.58 -31.72 38.88
C PHE B 848 27.72 -30.97 39.54
N THR B 849 27.62 -29.64 39.45
CA THR B 849 28.54 -28.68 40.02
C THR B 849 27.92 -27.37 39.52
N VAL B 850 27.31 -26.63 40.46
CA VAL B 850 26.63 -25.37 40.15
C VAL B 850 27.56 -24.16 40.12
N TYR B 851 27.46 -23.34 39.09
CA TYR B 851 28.31 -22.16 39.02
C TYR B 851 27.51 -20.85 39.00
N SER B 852 27.99 -19.86 39.74
CA SER B 852 27.34 -18.56 39.82
C SER B 852 28.34 -17.48 39.42
N ASP B 853 27.89 -16.23 39.40
CA ASP B 853 28.72 -15.09 39.02
C ASP B 853 28.98 -15.25 37.53
N LEU B 854 29.73 -16.29 37.21
CA LEU B 854 30.10 -16.62 35.84
C LEU B 854 31.26 -15.74 35.40
N LEU B 855 31.04 -15.00 34.31
CA LEU B 855 32.06 -14.11 33.77
C LEU B 855 33.47 -14.58 34.08
N ALA B 856 34.01 -14.13 35.21
CA ALA B 856 35.34 -14.47 35.69
C ALA B 856 36.22 -15.25 34.71
N PHE B 857 35.72 -16.38 34.22
CA PHE B 857 36.43 -17.22 33.26
C PHE B 857 36.84 -16.42 32.03
N VAL B 858 36.46 -15.16 32.00
CA VAL B 858 36.77 -14.29 30.88
C VAL B 858 38.13 -13.60 31.03
N SER B 859 39.12 -14.12 30.31
CA SER B 859 40.44 -13.54 30.35
C SER B 859 40.40 -12.39 29.34
N ALA B 860 40.70 -11.19 29.82
CA ALA B 860 40.66 -10.04 28.93
C ALA B 860 41.54 -8.87 29.34
N ASP B 861 42.36 -8.46 28.38
CA ASP B 861 43.29 -7.34 28.53
C ASP B 861 42.72 -6.17 27.75
N THR B 862 43.56 -5.18 27.46
CA THR B 862 43.11 -4.03 26.73
C THR B 862 44.27 -3.30 26.08
N VAL B 863 44.02 -2.85 24.86
CA VAL B 863 45.01 -2.11 24.11
C VAL B 863 45.43 -0.91 24.93
N GLU B 864 46.42 -0.17 24.44
CA GLU B 864 46.85 1.01 25.16
C GLU B 864 45.99 2.15 24.64
N PRO B 865 45.35 2.88 25.56
CA PRO B 865 44.45 4.03 25.36
C PRO B 865 44.73 4.90 24.14
N ILE B 866 46.01 5.12 23.87
CA ILE B 866 46.40 5.96 22.76
C ILE B 866 45.95 5.38 21.42
N ASN B 867 45.48 4.13 21.45
CA ASN B 867 45.02 3.46 20.23
C ASN B 867 43.54 3.07 20.29
N ALA B 868 42.68 4.07 20.35
CA ALA B 868 41.24 3.85 20.40
C ALA B 868 40.64 3.98 19.01
N VAL B 869 39.49 3.37 18.80
CA VAL B 869 38.82 3.44 17.52
C VAL B 869 37.33 3.24 17.72
N ALA B 870 36.51 4.04 17.04
CA ALA B 870 35.05 3.94 17.15
C ALA B 870 34.50 3.08 16.02
N PHE B 871 33.17 2.94 15.94
CA PHE B 871 32.62 2.15 14.85
C PHE B 871 33.33 2.65 13.60
N ASP B 872 33.80 3.88 13.69
CA ASP B 872 34.52 4.58 12.65
C ASP B 872 35.68 3.78 12.06
N ASN B 873 36.56 3.29 12.94
CA ASN B 873 37.73 2.48 12.56
C ASN B 873 38.97 3.29 12.19
N MET B 874 38.81 4.59 11.96
CA MET B 874 39.94 5.43 11.62
C MET B 874 40.73 5.67 12.90
N ARG B 875 40.01 5.89 14.01
CA ARG B 875 40.63 6.15 15.32
C ARG B 875 39.83 7.19 16.12
N ILE B 876 39.65 6.97 17.41
CA ILE B 876 38.97 7.96 18.23
C ILE B 876 40.15 8.66 18.87
N MET B 877 40.00 9.95 19.12
CA MET B 877 41.10 10.66 19.74
C MET B 877 42.29 10.50 18.79
N ASN B 878 42.30 11.29 17.72
CA ASN B 878 43.36 11.23 16.71
C ASN B 878 44.08 12.57 16.56
N GLU B 879 43.86 13.50 17.48
CA GLU B 879 44.56 14.78 17.38
C GLU B 879 45.82 14.68 18.24
N LEU B 880 46.80 13.95 17.68
CA LEU B 880 48.11 13.68 18.27
C LEU B 880 48.58 14.71 19.29
N MET C 1 -32.68 -2.51 26.06
CA MET C 1 -34.18 -2.56 26.01
C MET C 1 -34.84 -2.54 27.38
N ASP C 2 -34.66 -3.58 28.20
CA ASP C 2 -35.28 -3.58 29.53
C ASP C 2 -35.01 -2.21 30.11
N VAL C 3 -33.86 -1.67 29.74
CA VAL C 3 -33.43 -0.35 30.17
C VAL C 3 -34.65 0.53 29.94
N LEU C 4 -34.89 0.78 28.66
CA LEU C 4 -36.00 1.60 28.23
C LEU C 4 -37.18 1.53 29.18
N TYR C 5 -37.68 0.32 29.43
CA TYR C 5 -38.82 0.17 30.31
C TYR C 5 -38.70 1.10 31.52
N SER C 6 -37.79 0.76 32.41
CA SER C 6 -37.58 1.55 33.63
C SER C 6 -37.80 3.05 33.43
N LEU C 7 -37.06 3.61 32.48
CA LEU C 7 -37.12 5.02 32.16
C LEU C 7 -38.52 5.58 32.27
N SER C 8 -39.50 4.70 32.07
CA SER C 8 -40.88 5.11 32.14
C SER C 8 -41.51 4.92 33.51
N LYS C 9 -41.73 3.67 33.96
CA LYS C 9 -42.36 3.43 35.27
C LYS C 9 -41.67 4.33 36.26
N THR C 10 -40.49 4.79 35.85
CA THR C 10 -39.71 5.72 36.62
C THR C 10 -40.53 7.01 36.64
N LEU C 11 -40.75 7.56 35.45
CA LEU C 11 -41.51 8.77 35.33
C LEU C 11 -42.97 8.68 35.78
N LYS C 12 -43.71 7.65 35.35
CA LYS C 12 -45.12 7.51 35.75
C LYS C 12 -45.21 7.43 37.26
N ASP C 13 -44.64 6.37 37.83
CA ASP C 13 -44.63 6.20 39.28
C ASP C 13 -43.97 7.45 39.88
N ALA C 14 -43.62 8.41 39.02
CA ALA C 14 -43.00 9.67 39.44
C ALA C 14 -43.99 10.83 39.29
N ARG C 15 -44.28 11.19 38.04
CA ARG C 15 -45.22 12.28 37.77
C ARG C 15 -46.54 12.01 38.47
N ASP C 16 -46.64 10.84 39.09
CA ASP C 16 -47.84 10.44 39.81
C ASP C 16 -47.72 10.50 41.33
N LYS C 17 -46.64 9.94 41.88
CA LYS C 17 -46.45 9.91 43.33
C LYS C 17 -45.72 11.13 43.93
N ILE C 18 -45.64 12.23 43.18
CA ILE C 18 -44.93 13.42 43.66
C ILE C 18 -45.68 14.73 43.57
N VAL C 19 -46.47 15.09 44.58
CA VAL C 19 -47.18 16.36 44.50
C VAL C 19 -47.35 17.15 45.79
N GLU C 20 -47.62 18.43 45.62
CA GLU C 20 -47.81 19.39 46.72
C GLU C 20 -48.48 18.70 47.91
N GLY C 21 -47.66 18.19 48.84
CA GLY C 21 -48.21 17.53 50.02
C GLY C 21 -47.40 16.38 50.61
N THR C 22 -47.94 15.17 50.43
CA THR C 22 -47.37 13.91 50.89
C THR C 22 -46.06 13.89 51.67
N LEU C 23 -45.91 12.88 52.53
CA LEU C 23 -44.70 12.74 53.32
C LEU C 23 -43.58 12.12 52.51
N TYR C 24 -42.35 12.49 52.85
CA TYR C 24 -41.18 11.98 52.16
C TYR C 24 -41.20 10.46 52.14
N SER C 25 -41.16 9.86 53.33
CA SER C 25 -41.13 8.41 53.53
C SER C 25 -41.91 7.47 52.59
N ASN C 26 -42.93 7.99 51.92
CA ASN C 26 -43.72 7.17 51.00
C ASN C 26 -43.10 7.16 49.61
N VAL C 27 -41.95 7.83 49.50
CA VAL C 27 -41.26 7.93 48.24
C VAL C 27 -39.76 7.71 48.39
N SER C 28 -39.30 7.63 49.64
CA SER C 28 -37.88 7.43 49.94
C SER C 28 -37.31 6.35 49.01
N ASP C 29 -37.99 5.21 48.98
CA ASP C 29 -37.57 4.09 48.14
C ASP C 29 -37.62 4.51 46.68
N LEU C 30 -38.36 5.58 46.41
CA LEU C 30 -38.50 6.06 45.05
C LEU C 30 -37.45 7.10 44.67
N ILE C 31 -37.41 8.19 45.41
CA ILE C 31 -36.45 9.25 45.14
C ILE C 31 -35.14 8.59 44.73
N GLN C 32 -34.58 7.83 45.65
CA GLN C 32 -33.32 7.14 45.42
C GLN C 32 -33.23 6.64 43.98
N GLN C 33 -33.96 5.56 43.67
CA GLN C 33 -33.96 4.99 42.33
C GLN C 33 -33.78 6.08 41.28
N PHE C 34 -34.62 7.10 41.39
CA PHE C 34 -34.56 8.20 40.46
C PHE C 34 -33.15 8.75 40.25
N ASN C 35 -32.66 9.42 41.28
CA ASN C 35 -31.32 10.01 41.23
C ASN C 35 -30.36 9.09 40.50
N GLN C 36 -30.18 7.89 41.04
CA GLN C 36 -29.29 6.88 40.46
C GLN C 36 -29.21 7.07 38.94
N MET C 37 -30.38 7.26 38.34
CA MET C 37 -30.46 7.47 36.90
C MET C 37 -29.65 8.67 36.46
N ILE C 38 -30.16 9.84 36.82
CA ILE C 38 -29.53 11.12 36.49
C ILE C 38 -28.02 10.97 36.35
N ILE C 39 -27.40 10.40 37.38
CA ILE C 39 -25.96 10.19 37.39
C ILE C 39 -25.48 9.50 36.13
N THR C 40 -25.86 8.23 36.01
CA THR C 40 -25.48 7.41 34.87
C THR C 40 -25.57 8.19 33.55
N MET C 41 -26.59 9.03 33.44
CA MET C 41 -26.81 9.83 32.23
C MET C 41 -25.81 10.96 32.00
N ASN C 42 -25.98 12.04 32.76
CA ASN C 42 -25.12 13.22 32.68
C ASN C 42 -23.77 12.94 32.03
N GLY C 43 -23.45 13.72 31.01
CA GLY C 43 -22.19 13.55 30.31
C GLY C 43 -22.40 12.84 28.99
N ASN C 44 -23.17 11.76 29.04
CA ASN C 44 -23.44 10.99 27.83
C ASN C 44 -24.29 11.80 26.85
N GLU C 45 -24.00 11.59 25.57
CA GLU C 45 -24.63 12.32 24.47
C GLU C 45 -25.52 11.45 23.59
N PHE C 46 -26.61 12.01 23.07
CA PHE C 46 -27.54 11.27 22.23
C PHE C 46 -27.96 11.88 20.90
N GLN C 47 -28.51 11.01 20.04
CA GLN C 47 -29.00 11.40 18.72
C GLN C 47 -30.20 10.55 18.32
N THR C 48 -31.24 11.21 17.82
CA THR C 48 -32.46 10.54 17.39
C THR C 48 -33.00 11.12 16.10
N GLY C 49 -33.63 10.25 15.31
CA GLY C 49 -34.21 10.69 14.06
C GLY C 49 -33.29 10.49 12.88
N GLY C 50 -33.58 11.20 11.79
CA GLY C 50 -32.78 11.12 10.58
C GLY C 50 -33.30 10.10 9.59
N ILE C 51 -34.62 9.95 9.53
CA ILE C 51 -35.22 8.98 8.64
C ILE C 51 -36.61 9.48 8.23
N GLY C 52 -36.75 9.83 6.94
CA GLY C 52 -38.02 10.33 6.46
C GLY C 52 -38.31 11.69 7.07
N ASN C 53 -39.57 12.01 7.22
CA ASN C 53 -39.96 13.29 7.81
C ASN C 53 -39.81 13.26 9.33
N LEU C 54 -38.71 12.70 9.81
CA LEU C 54 -38.49 12.65 11.24
C LEU C 54 -37.38 13.58 11.67
N PRO C 55 -37.71 14.55 12.53
CA PRO C 55 -36.74 15.52 13.03
C PRO C 55 -35.56 14.85 13.73
N ILE C 56 -34.37 15.39 13.49
CA ILE C 56 -33.15 14.88 14.10
C ILE C 56 -32.90 15.76 15.31
N ARG C 57 -32.85 15.17 16.50
CA ARG C 57 -32.60 15.98 17.68
C ARG C 57 -31.50 15.43 18.56
N ASN C 58 -30.63 16.32 19.02
CA ASN C 58 -29.52 15.96 19.88
C ASN C 58 -29.82 16.39 21.32
N TRP C 59 -29.41 15.58 22.29
CA TRP C 59 -29.66 15.89 23.70
C TRP C 59 -28.45 15.63 24.58
N ASN C 60 -28.28 16.49 25.59
CA ASN C 60 -27.18 16.33 26.53
C ASN C 60 -27.76 16.33 27.93
N PHE C 61 -26.92 16.00 28.91
CA PHE C 61 -27.38 15.95 30.28
C PHE C 61 -26.43 16.64 31.27
N ASP C 62 -27.00 17.26 32.29
CA ASP C 62 -26.26 17.99 33.31
C ASP C 62 -27.29 18.53 34.29
N PHE C 63 -27.81 17.67 35.17
CA PHE C 63 -28.84 18.06 36.12
C PHE C 63 -28.57 17.85 37.60
N GLY C 64 -29.25 18.63 38.43
CA GLY C 64 -29.09 18.53 39.87
C GLY C 64 -29.79 17.28 40.38
N LEU C 65 -29.62 17.00 41.67
CA LEU C 65 -30.22 15.81 42.27
C LEU C 65 -31.56 16.17 42.93
N LEU C 66 -31.78 15.65 44.13
CA LEU C 66 -33.00 15.94 44.85
C LEU C 66 -32.85 16.10 46.35
N GLY C 67 -33.53 17.09 46.89
CA GLY C 67 -33.45 17.31 48.32
C GLY C 67 -33.99 16.12 49.09
N THR C 68 -33.11 15.19 49.44
CA THR C 68 -33.52 14.03 50.20
C THR C 68 -33.76 14.53 51.63
N THR C 69 -33.72 15.86 51.78
CA THR C 69 -33.88 16.53 53.06
C THR C 69 -35.30 16.57 53.63
N LEU C 70 -36.04 17.64 53.31
CA LEU C 70 -37.40 17.87 53.79
C LEU C 70 -38.28 16.70 54.19
N LEU C 71 -39.17 16.99 55.14
CA LEU C 71 -40.14 16.04 55.68
C LEU C 71 -41.31 15.97 54.71
N ASN C 72 -41.97 17.11 54.51
CA ASN C 72 -43.10 17.22 53.59
C ASN C 72 -42.61 17.76 52.25
N LEU C 73 -43.52 17.89 51.29
CA LEU C 73 -43.17 18.39 49.97
C LEU C 73 -43.84 19.72 49.70
N ASP C 74 -43.06 20.78 49.58
CA ASP C 74 -43.60 22.11 49.32
C ASP C 74 -43.70 22.34 47.82
N ALA C 75 -44.78 23.02 47.39
CA ALA C 75 -45.01 23.31 45.99
C ALA C 75 -43.70 23.57 45.25
N ASN C 76 -42.91 24.50 45.76
CA ASN C 76 -41.64 24.86 45.15
C ASN C 76 -40.81 23.63 44.77
N TYR C 77 -40.93 22.56 45.54
CA TYR C 77 -40.18 21.34 45.27
C TYR C 77 -40.63 20.69 43.98
N VAL C 78 -41.94 20.63 43.80
CA VAL C 78 -42.52 20.03 42.62
C VAL C 78 -41.98 20.72 41.36
N GLU C 79 -42.43 21.96 41.12
CA GLU C 79 -42.03 22.73 39.94
C GLU C 79 -40.57 22.60 39.52
N THR C 80 -39.65 22.62 40.48
CA THR C 80 -38.23 22.49 40.17
C THR C 80 -37.93 21.08 39.71
N ALA C 81 -38.93 20.21 39.81
CA ALA C 81 -38.79 18.83 39.43
C ALA C 81 -39.50 18.58 38.09
N ARG C 82 -40.77 18.98 38.02
CA ARG C 82 -41.54 18.82 36.79
C ARG C 82 -40.76 19.38 35.61
N ASN C 83 -40.06 20.48 35.83
CA ASN C 83 -39.28 21.11 34.79
C ASN C 83 -38.15 20.20 34.32
N THR C 84 -37.72 19.29 35.18
CA THR C 84 -36.65 18.38 34.82
C THR C 84 -37.22 17.12 34.21
N ILE C 85 -38.47 16.82 34.51
CA ILE C 85 -39.09 15.63 33.96
C ILE C 85 -39.50 15.89 32.52
N ASP C 86 -40.07 17.07 32.29
CA ASP C 86 -40.53 17.44 30.96
C ASP C 86 -39.45 17.42 29.89
N TYR C 87 -38.21 17.12 30.25
CA TYR C 87 -37.13 17.04 29.26
C TYR C 87 -37.00 15.56 28.94
N PHE C 88 -37.30 14.74 29.94
CA PHE C 88 -37.22 13.30 29.77
C PHE C 88 -38.44 12.80 29.02
N VAL C 89 -39.57 13.43 29.30
CA VAL C 89 -40.79 13.08 28.61
C VAL C 89 -40.48 13.34 27.13
N ASP C 90 -40.49 14.62 26.73
CA ASP C 90 -40.22 15.04 25.34
C ASP C 90 -39.02 14.32 24.74
N PHE C 91 -38.26 13.65 25.59
CA PHE C 91 -37.11 12.91 25.13
C PHE C 91 -37.57 11.52 24.72
N VAL C 92 -37.91 10.72 25.72
CA VAL C 92 -38.37 9.36 25.49
C VAL C 92 -39.26 9.25 24.25
N ASP C 93 -40.20 10.19 24.10
CA ASP C 93 -41.11 10.19 22.95
C ASP C 93 -40.22 10.06 21.71
N ASN C 94 -39.33 11.04 21.52
CA ASN C 94 -38.40 11.06 20.40
C ASN C 94 -37.51 9.83 20.35
N VAL C 95 -37.47 9.06 21.44
CA VAL C 95 -36.64 7.85 21.47
C VAL C 95 -37.44 6.67 20.99
N CYS C 96 -38.60 6.48 21.59
CA CYS C 96 -39.47 5.39 21.20
C CYS C 96 -39.66 5.45 19.68
N MET C 97 -40.25 6.56 19.25
CA MET C 97 -40.53 6.77 17.85
C MET C 97 -39.37 6.38 16.93
N ASP C 98 -38.14 6.75 17.29
CA ASP C 98 -36.97 6.44 16.47
C ASP C 98 -36.72 4.95 16.24
N GLU C 99 -36.94 4.13 17.26
CA GLU C 99 -36.74 2.68 17.14
C GLU C 99 -38.06 1.97 16.84
N MET C 100 -39.10 2.76 16.63
CA MET C 100 -40.40 2.21 16.31
C MET C 100 -40.64 2.31 14.82
N VAL C 101 -39.59 2.26 14.02
CA VAL C 101 -39.77 2.37 12.59
C VAL C 101 -38.79 1.50 11.85
N ARG C 102 -37.60 1.36 12.41
CA ARG C 102 -36.56 0.56 11.78
C ARG C 102 -36.87 -0.94 11.88
N GLU C 103 -36.69 -1.63 10.76
CA GLU C 103 -36.94 -3.06 10.63
C GLU C 103 -35.63 -3.70 10.15
N SER C 104 -35.47 -5.01 10.34
CA SER C 104 -34.26 -5.70 9.91
C SER C 104 -34.51 -7.19 9.75
N GLN C 105 -34.11 -7.76 8.61
CA GLN C 105 -34.34 -9.19 8.34
C GLN C 105 -33.60 -10.18 9.27
N ARG C 106 -32.27 -10.17 9.21
CA ARG C 106 -31.45 -11.07 10.04
C ARG C 106 -31.89 -11.03 11.51
N ASN C 107 -31.44 -10.00 12.22
CA ASN C 107 -31.78 -9.82 13.63
C ASN C 107 -32.90 -8.80 13.71
N GLY C 108 -34.11 -9.22 13.36
CA GLY C 108 -35.24 -8.31 13.41
C GLY C 108 -35.70 -8.15 14.84
N ILE C 109 -35.12 -8.96 15.71
CA ILE C 109 -35.46 -8.96 17.13
C ILE C 109 -34.77 -7.83 17.90
N ALA C 110 -33.44 -7.84 17.91
CA ALA C 110 -32.63 -6.85 18.62
C ALA C 110 -32.85 -5.38 18.23
N PRO C 111 -32.19 -4.46 18.95
CA PRO C 111 -32.25 -3.01 18.75
C PRO C 111 -31.66 -2.57 17.41
N GLN C 112 -32.08 -1.39 16.94
CA GLN C 112 -31.60 -0.87 15.66
C GLN C 112 -30.95 0.52 15.72
N SER C 113 -31.71 1.50 16.24
CA SER C 113 -31.31 2.90 16.35
C SER C 113 -30.01 3.26 17.07
N ASP C 114 -29.39 4.35 16.64
CA ASP C 114 -28.14 4.83 17.23
C ASP C 114 -28.44 5.30 18.65
N SER C 115 -29.73 5.39 18.96
CA SER C 115 -30.18 5.80 20.27
C SER C 115 -30.19 4.60 21.20
N LEU C 116 -30.87 3.55 20.78
CA LEU C 116 -30.95 2.35 21.59
C LEU C 116 -29.71 1.46 21.59
N ARG C 117 -29.08 1.26 20.43
CA ARG C 117 -27.86 0.42 20.38
C ARG C 117 -26.91 0.85 21.50
N LYS C 118 -27.03 2.11 21.94
CA LYS C 118 -26.17 2.65 23.00
C LYS C 118 -26.75 2.39 24.39
N LEU C 119 -28.05 2.12 24.45
CA LEU C 119 -28.73 1.87 25.70
C LEU C 119 -28.48 0.47 26.23
N SER C 120 -28.46 -0.51 25.34
CA SER C 120 -28.22 -1.87 25.75
C SER C 120 -26.81 -1.94 26.34
N GLY C 121 -26.04 -0.86 26.17
CA GLY C 121 -24.69 -0.82 26.70
C GLY C 121 -24.72 -1.27 28.14
N LEU C 122 -23.58 -1.72 28.67
CA LEU C 122 -23.54 -2.20 30.04
C LEU C 122 -23.62 -1.14 31.14
N LYS C 123 -22.87 -0.05 30.95
CA LYS C 123 -22.86 1.03 31.92
C LYS C 123 -24.22 1.66 32.25
N PHE C 124 -25.25 1.30 31.48
CA PHE C 124 -26.59 1.86 31.70
C PHE C 124 -27.50 0.89 32.46
N LYS C 125 -27.15 -0.38 32.44
CA LYS C 125 -27.95 -1.40 33.10
C LYS C 125 -28.27 -1.05 34.55
N ARG C 126 -27.51 -0.13 35.13
CA ARG C 126 -27.72 0.28 36.51
C ARG C 126 -29.06 0.99 36.68
N ILE C 127 -30.13 0.51 36.05
CA ILE C 127 -31.40 1.23 36.17
C ILE C 127 -32.75 0.47 36.19
N ASN C 128 -32.78 -0.80 35.81
CA ASN C 128 -34.04 -1.57 35.79
C ASN C 128 -34.91 -1.36 37.04
N PHE C 129 -36.23 -1.57 36.93
CA PHE C 129 -37.14 -1.37 38.07
C PHE C 129 -38.63 -1.67 37.77
N ASP C 130 -39.34 -2.19 38.79
CA ASP C 130 -40.78 -2.57 38.73
C ASP C 130 -41.30 -2.94 37.35
N ASN C 131 -41.23 -4.24 37.03
CA ASN C 131 -41.67 -4.72 35.73
C ASN C 131 -43.04 -5.40 35.75
N SER C 132 -44.02 -4.80 36.41
CA SER C 132 -45.33 -5.44 36.43
C SER C 132 -46.17 -5.06 35.19
N SER C 133 -45.57 -4.36 34.22
CA SER C 133 -46.32 -3.98 33.01
C SER C 133 -46.41 -5.17 32.06
N GLU C 134 -47.56 -5.83 32.14
CA GLU C 134 -47.89 -7.00 31.34
C GLU C 134 -46.95 -7.30 30.17
N TYR C 135 -46.59 -6.27 29.40
CA TYR C 135 -45.71 -6.49 28.25
C TYR C 135 -44.26 -6.77 28.50
N ILE C 136 -43.67 -6.05 29.44
CA ILE C 136 -42.28 -6.29 29.74
C ILE C 136 -42.23 -7.64 30.41
N GLU C 137 -43.18 -7.88 31.33
CA GLU C 137 -43.27 -9.14 32.06
C GLU C 137 -43.06 -10.27 31.06
N ASN C 138 -43.66 -10.09 29.88
CA ASN C 138 -43.55 -11.10 28.84
C ASN C 138 -42.30 -10.96 27.99
N TRP C 139 -41.77 -9.75 27.85
CA TRP C 139 -40.56 -9.64 27.06
C TRP C 139 -39.47 -10.49 27.71
N ASN C 140 -39.21 -10.24 28.98
CA ASN C 140 -38.17 -10.99 29.70
C ASN C 140 -38.30 -12.49 29.54
N LEU C 141 -39.39 -13.05 30.05
CA LEU C 141 -39.64 -14.49 29.99
C LEU C 141 -39.34 -15.10 28.62
N GLN C 142 -39.38 -14.27 27.59
CA GLN C 142 -39.12 -14.72 26.23
C GLN C 142 -37.62 -14.83 25.98
N ASN C 143 -36.83 -14.02 26.67
CA ASN C 143 -35.39 -14.10 26.53
C ASN C 143 -34.89 -15.35 27.24
N ARG C 144 -35.41 -15.59 28.43
CA ARG C 144 -35.03 -16.76 29.21
C ARG C 144 -35.66 -18.01 28.58
N ARG C 145 -36.48 -17.77 27.58
CA ARG C 145 -37.16 -18.86 26.87
C ARG C 145 -38.05 -19.66 27.81
N GLN C 146 -39.32 -19.29 27.83
CA GLN C 146 -40.33 -19.97 28.65
C GLN C 146 -41.72 -19.57 28.20
N ARG C 147 -42.71 -20.30 28.70
CA ARG C 147 -44.11 -20.05 28.33
C ARG C 147 -44.61 -18.67 28.73
N THR C 148 -44.66 -17.79 27.74
CA THR C 148 -45.10 -16.40 27.86
C THR C 148 -46.63 -16.27 27.95
N GLY C 149 -47.22 -15.36 27.18
CA GLY C 149 -48.68 -15.18 27.17
C GLY C 149 -49.31 -13.80 27.32
N PHE C 150 -50.39 -13.53 26.55
CA PHE C 150 -51.11 -12.24 26.61
C PHE C 150 -52.63 -12.38 26.69
N THR C 151 -53.31 -11.29 27.01
CA THR C 151 -54.78 -11.28 27.15
C THR C 151 -55.47 -10.41 26.09
N PHE C 152 -56.38 -11.00 25.31
CA PHE C 152 -57.10 -10.29 24.24
C PHE C 152 -58.62 -10.44 24.16
N HIS C 153 -59.30 -9.31 23.95
CA HIS C 153 -60.74 -9.28 23.78
C HIS C 153 -60.92 -9.21 22.26
N LYS C 154 -61.94 -9.90 21.73
CA LYS C 154 -62.18 -9.95 20.28
C LYS C 154 -60.86 -9.74 19.52
N PRO C 155 -59.92 -10.73 19.61
CA PRO C 155 -58.57 -10.81 19.00
C PRO C 155 -58.58 -10.67 17.48
N ASN C 156 -57.43 -10.58 16.81
CA ASN C 156 -57.54 -10.40 15.36
C ASN C 156 -56.68 -11.48 14.69
N ILE C 157 -57.21 -12.70 14.68
CA ILE C 157 -56.50 -13.86 14.18
C ILE C 157 -56.81 -14.24 12.74
N PHE C 158 -58.00 -13.88 12.25
CA PHE C 158 -58.39 -14.23 10.89
C PHE C 158 -58.13 -13.15 9.84
N PRO C 159 -57.25 -13.42 8.87
CA PRO C 159 -57.03 -12.39 7.86
C PRO C 159 -58.37 -12.27 7.12
N TYR C 160 -58.68 -11.07 6.66
CA TYR C 160 -59.94 -10.88 5.95
C TYR C 160 -60.02 -11.84 4.78
N SER C 161 -61.13 -12.54 4.66
CA SER C 161 -61.36 -13.46 3.56
C SER C 161 -62.84 -13.54 3.38
N ALA C 162 -63.32 -13.15 2.21
CA ALA C 162 -64.75 -13.20 1.93
C ALA C 162 -64.86 -13.85 0.56
N SER C 163 -65.36 -15.09 0.50
CA SER C 163 -65.46 -15.77 -0.79
C SER C 163 -66.51 -16.88 -0.78
N PHE C 164 -66.50 -17.72 -1.83
CA PHE C 164 -67.45 -18.83 -1.94
C PHE C 164 -66.80 -19.97 -2.71
N THR C 165 -67.42 -21.14 -2.66
CA THR C 165 -66.93 -22.30 -3.38
C THR C 165 -68.16 -22.99 -3.87
N LEU C 166 -68.29 -23.09 -5.19
CA LEU C 166 -69.44 -23.76 -5.79
C LEU C 166 -69.10 -25.23 -6.02
N ASN C 167 -69.71 -26.11 -5.25
CA ASN C 167 -69.46 -27.54 -5.39
C ASN C 167 -70.26 -28.15 -6.55
N ARG C 168 -71.35 -27.51 -6.93
CA ARG C 168 -72.17 -27.91 -8.06
C ARG C 168 -72.59 -26.61 -8.69
N SER C 169 -72.30 -26.44 -9.97
CA SER C 169 -72.67 -25.22 -10.67
C SER C 169 -72.78 -25.55 -12.13
N GLN C 170 -73.36 -24.63 -12.86
CA GLN C 170 -73.53 -24.78 -14.28
C GLN C 170 -73.59 -23.34 -14.80
N PRO C 171 -73.33 -23.14 -16.10
CA PRO C 171 -73.34 -21.82 -16.72
C PRO C 171 -74.47 -20.87 -16.29
N ALA C 172 -75.72 -21.35 -16.28
CA ALA C 172 -76.85 -20.51 -15.91
C ALA C 172 -76.87 -20.13 -14.41
N HIS C 173 -76.12 -20.88 -13.59
CA HIS C 173 -76.07 -20.67 -12.14
C HIS C 173 -77.48 -20.64 -11.58
N ASP C 174 -78.28 -21.62 -11.98
CA ASP C 174 -79.66 -21.73 -11.55
C ASP C 174 -79.89 -22.92 -10.61
N ASN C 175 -78.85 -23.70 -10.37
CA ASN C 175 -78.94 -24.84 -9.45
C ASN C 175 -77.56 -25.12 -8.84
N LEU C 176 -77.14 -24.21 -7.95
CA LEU C 176 -75.85 -24.27 -7.30
C LEU C 176 -75.90 -24.94 -5.94
N MET C 177 -74.73 -25.37 -5.49
CA MET C 177 -74.56 -25.97 -4.18
C MET C 177 -73.13 -25.64 -3.76
N GLY C 178 -72.98 -25.12 -2.55
CA GLY C 178 -71.64 -24.77 -2.08
C GLY C 178 -71.68 -23.98 -0.81
N THR C 179 -70.61 -23.26 -0.52
CA THR C 179 -70.55 -22.46 0.68
C THR C 179 -69.98 -21.09 0.38
N MET C 180 -70.33 -20.12 1.22
CA MET C 180 -69.81 -18.76 1.12
C MET C 180 -69.51 -18.36 2.56
N TRP C 181 -68.49 -17.53 2.75
CA TRP C 181 -68.09 -17.16 4.10
C TRP C 181 -67.43 -15.81 4.20
N LEU C 182 -67.21 -15.40 5.44
CA LEU C 182 -66.48 -14.20 5.80
C LEU C 182 -65.69 -14.55 7.07
N ASN C 183 -64.40 -14.58 6.92
CA ASN C 183 -63.48 -14.77 8.06
C ASN C 183 -62.81 -13.43 8.25
N ALA C 184 -62.94 -12.83 9.41
CA ALA C 184 -62.32 -11.52 9.64
C ALA C 184 -62.20 -11.25 11.13
N GLY C 185 -60.98 -10.91 11.56
CA GLY C 185 -60.77 -10.61 12.95
C GLY C 185 -60.92 -11.83 13.83
N SER C 186 -61.93 -11.78 14.68
CA SER C 186 -62.20 -12.87 15.59
C SER C 186 -63.48 -13.59 15.20
N GLU C 187 -64.03 -13.27 14.03
CA GLU C 187 -65.29 -13.87 13.62
C GLU C 187 -65.32 -14.64 12.32
N ILE C 188 -66.18 -15.65 12.29
CA ILE C 188 -66.37 -16.48 11.12
C ILE C 188 -67.88 -16.61 10.92
N GLN C 189 -68.33 -16.42 9.69
CA GLN C 189 -69.74 -16.66 9.36
C GLN C 189 -69.63 -17.51 8.10
N VAL C 190 -70.36 -18.61 8.05
CA VAL C 190 -70.32 -19.47 6.88
C VAL C 190 -71.70 -20.02 6.62
N ALA C 191 -72.08 -20.04 5.34
CA ALA C 191 -73.37 -20.56 4.94
C ALA C 191 -73.17 -21.63 3.88
N GLY C 192 -74.02 -22.65 3.95
CA GLY C 192 -74.00 -23.73 2.97
C GLY C 192 -75.36 -23.58 2.28
N PHE C 193 -75.36 -23.57 0.95
CA PHE C 193 -76.58 -23.45 0.17
C PHE C 193 -76.72 -24.60 -0.84
N ASP C 194 -77.96 -24.98 -1.11
CA ASP C 194 -78.27 -26.06 -2.06
C ASP C 194 -79.56 -25.63 -2.73
N TYR C 195 -79.47 -25.11 -3.94
CA TYR C 195 -80.66 -24.65 -4.67
C TYR C 195 -81.73 -25.73 -4.81
N SER C 196 -81.32 -26.99 -4.88
CA SER C 196 -82.25 -28.10 -5.03
C SER C 196 -82.89 -28.59 -3.72
N CYS C 197 -82.49 -28.01 -2.59
CA CYS C 197 -83.00 -28.40 -1.27
C CYS C 197 -82.86 -29.91 -1.04
N ALA C 198 -81.70 -30.44 -1.45
CA ALA C 198 -81.37 -31.85 -1.31
C ALA C 198 -82.42 -32.82 -1.87
N ILE C 199 -83.14 -32.39 -2.92
CA ILE C 199 -84.20 -33.20 -3.56
C ILE C 199 -83.70 -34.59 -4.06
N ASN C 200 -82.48 -34.63 -4.59
CA ASN C 200 -81.86 -35.85 -5.11
C ASN C 200 -80.68 -36.30 -4.26
N ALA C 201 -80.53 -35.72 -3.07
CA ALA C 201 -79.39 -36.08 -2.22
C ALA C 201 -79.71 -37.28 -1.32
N PRO C 202 -78.68 -38.12 -1.04
CA PRO C 202 -78.83 -39.29 -0.19
C PRO C 202 -79.36 -38.87 1.18
N ALA C 203 -80.47 -39.48 1.59
CA ALA C 203 -81.11 -39.16 2.86
C ALA C 203 -81.65 -37.72 2.85
N ASN C 204 -81.75 -37.14 1.65
CA ASN C 204 -82.23 -35.77 1.48
C ASN C 204 -81.45 -34.80 2.37
N THR C 205 -80.16 -35.06 2.48
CA THR C 205 -79.28 -34.27 3.33
C THR C 205 -78.01 -33.89 2.54
N GLN C 206 -77.66 -32.60 2.57
CA GLN C 206 -76.46 -32.14 1.91
C GLN C 206 -75.47 -31.74 3.01
N GLN C 207 -74.27 -32.30 2.97
CA GLN C 207 -73.26 -31.99 3.96
C GLN C 207 -72.44 -30.77 3.57
N PHE C 208 -72.07 -29.97 4.56
CA PHE C 208 -71.22 -28.78 4.34
C PHE C 208 -70.08 -28.81 5.34
N GLU C 209 -69.04 -28.06 5.06
CA GLU C 209 -67.91 -28.04 5.94
C GLU C 209 -67.13 -26.75 5.68
N HIS C 210 -66.59 -26.15 6.73
CA HIS C 210 -65.79 -24.95 6.59
C HIS C 210 -64.61 -25.12 7.53
N ILE C 211 -63.40 -25.03 6.98
CA ILE C 211 -62.18 -25.17 7.77
C ILE C 211 -61.39 -23.88 7.77
N VAL C 212 -60.94 -23.46 8.93
CA VAL C 212 -60.16 -22.23 9.06
C VAL C 212 -58.89 -22.55 9.84
N GLN C 213 -57.76 -22.28 9.21
CA GLN C 213 -56.47 -22.54 9.83
C GLN C 213 -55.85 -21.29 10.40
N LEU C 214 -55.67 -21.25 11.72
CA LEU C 214 -55.10 -20.07 12.36
C LEU C 214 -53.61 -20.03 12.09
N ARG C 215 -53.05 -18.84 12.00
CA ARG C 215 -51.61 -18.69 11.78
C ARG C 215 -50.85 -18.86 13.08
N ARG C 216 -51.56 -18.77 14.20
CA ARG C 216 -50.96 -18.96 15.52
C ARG C 216 -52.01 -19.70 16.35
N VAL C 217 -51.52 -20.49 17.30
CA VAL C 217 -52.39 -21.23 18.18
C VAL C 217 -53.02 -20.27 19.19
N LEU C 218 -54.29 -20.51 19.47
CA LEU C 218 -54.96 -19.72 20.48
C LEU C 218 -55.28 -20.71 21.58
N THR C 219 -55.09 -20.28 22.82
CA THR C 219 -55.41 -21.11 23.96
C THR C 219 -56.45 -20.36 24.82
N THR C 220 -57.12 -21.09 25.71
CA THR C 220 -58.08 -20.51 26.64
C THR C 220 -59.09 -19.53 25.98
N ALA C 221 -59.60 -19.91 24.80
CA ALA C 221 -60.57 -19.13 24.06
C ALA C 221 -62.02 -19.33 24.54
N THR C 222 -62.68 -18.21 24.79
CA THR C 222 -64.12 -18.18 25.11
C THR C 222 -64.81 -17.80 23.82
N ILE C 223 -65.67 -18.69 23.36
CA ILE C 223 -66.27 -18.53 22.05
C ILE C 223 -67.81 -18.57 22.03
N THR C 224 -68.42 -17.73 21.20
CA THR C 224 -69.87 -17.70 21.03
C THR C 224 -70.13 -18.40 19.69
N LEU C 225 -71.01 -19.40 19.69
CA LEU C 225 -71.34 -20.13 18.48
C LEU C 225 -72.84 -20.02 18.37
N LEU C 226 -73.33 -19.56 17.24
CA LEU C 226 -74.76 -19.39 17.04
C LEU C 226 -75.15 -19.96 15.69
N PRO C 227 -76.39 -20.47 15.59
CA PRO C 227 -76.81 -21.03 14.30
C PRO C 227 -77.16 -19.83 13.43
N ASP C 228 -77.09 -20.03 12.11
CA ASP C 228 -77.42 -19.01 11.10
C ASP C 228 -76.27 -18.06 10.80
N ALA C 229 -76.19 -17.63 9.54
CA ALA C 229 -75.19 -16.68 9.10
C ALA C 229 -76.01 -15.53 8.52
N GLU C 230 -76.33 -14.53 9.34
CA GLU C 230 -77.13 -13.39 8.90
C GLU C 230 -76.55 -12.70 7.68
N ARG C 231 -75.24 -12.63 7.62
CA ARG C 231 -74.56 -12.02 6.50
C ARG C 231 -74.90 -12.67 5.15
N PHE C 232 -75.29 -13.94 5.17
CA PHE C 232 -75.61 -14.65 3.94
C PHE C 232 -77.06 -15.11 3.95
N SER C 233 -77.93 -14.30 4.53
CA SER C 233 -79.33 -14.64 4.61
C SER C 233 -80.18 -13.75 3.74
N PHE C 234 -79.55 -12.89 2.96
CA PHE C 234 -80.30 -12.00 2.10
C PHE C 234 -79.96 -12.18 0.61
N PRO C 235 -80.84 -11.73 -0.29
CA PRO C 235 -80.65 -11.83 -1.75
C PRO C 235 -79.42 -11.12 -2.22
N ARG C 236 -78.67 -11.78 -3.08
CA ARG C 236 -77.45 -11.22 -3.59
C ARG C 236 -77.28 -11.56 -5.07
N VAL C 237 -76.57 -10.66 -5.71
CA VAL C 237 -76.12 -10.84 -7.08
C VAL C 237 -74.61 -10.86 -6.93
N ILE C 238 -74.03 -11.99 -7.28
CA ILE C 238 -72.61 -12.23 -7.06
C ILE C 238 -71.84 -12.47 -8.35
N ASN C 239 -70.55 -12.16 -8.36
CA ASN C 239 -69.75 -12.40 -9.55
C ASN C 239 -69.44 -13.89 -9.59
N SER C 240 -69.38 -14.44 -10.80
CA SER C 240 -69.07 -15.86 -10.99
C SER C 240 -67.60 -16.08 -10.63
N ALA C 241 -67.22 -17.33 -10.39
CA ALA C 241 -65.84 -17.64 -10.05
C ALA C 241 -64.81 -17.07 -11.04
N ASP C 242 -65.13 -17.12 -12.34
CA ASP C 242 -64.23 -16.62 -13.39
C ASP C 242 -64.37 -15.13 -13.71
N GLY C 243 -65.28 -14.48 -13.00
CA GLY C 243 -65.52 -13.06 -13.19
C GLY C 243 -66.24 -12.70 -14.49
N ALA C 244 -66.62 -13.70 -15.27
CA ALA C 244 -67.29 -13.47 -16.55
C ALA C 244 -68.77 -13.08 -16.49
N THR C 245 -69.46 -13.39 -15.40
CA THR C 245 -70.88 -13.06 -15.27
C THR C 245 -71.30 -12.95 -13.80
N THR C 246 -72.61 -12.81 -13.56
CA THR C 246 -73.14 -12.70 -12.21
C THR C 246 -74.30 -13.67 -12.00
N TRP C 247 -74.35 -14.27 -10.81
CA TRP C 247 -75.41 -15.20 -10.42
C TRP C 247 -76.30 -14.61 -9.34
N TYR C 248 -77.49 -15.19 -9.19
CA TYR C 248 -78.45 -14.74 -8.21
C TYR C 248 -78.59 -15.70 -7.04
N PHE C 249 -78.51 -15.18 -5.82
CA PHE C 249 -78.65 -15.97 -4.61
C PHE C 249 -79.88 -15.40 -3.90
N ASN C 250 -80.86 -16.26 -3.70
CA ASN C 250 -82.12 -15.88 -3.08
C ASN C 250 -82.38 -16.84 -1.91
N PRO C 251 -81.67 -16.68 -0.78
CA PRO C 251 -81.78 -17.62 0.34
C PRO C 251 -83.08 -17.59 1.11
N VAL C 252 -83.36 -18.78 1.62
CA VAL C 252 -84.43 -19.09 2.60
C VAL C 252 -83.70 -19.96 3.62
N ILE C 253 -83.79 -19.58 4.88
CA ILE C 253 -82.97 -20.23 5.91
C ILE C 253 -83.64 -21.35 6.70
N LEU C 254 -82.92 -22.43 6.89
CA LEU C 254 -83.37 -23.60 7.66
C LEU C 254 -82.34 -23.81 8.76
N ARG C 255 -82.71 -24.51 9.83
CA ARG C 255 -81.75 -24.71 10.91
C ARG C 255 -80.66 -25.64 10.49
N PRO C 256 -79.41 -25.31 10.84
CA PRO C 256 -78.33 -26.21 10.46
C PRO C 256 -78.51 -27.52 11.24
N ASN C 257 -78.40 -28.62 10.50
CA ASN C 257 -78.57 -29.97 11.02
C ASN C 257 -77.22 -30.65 11.32
N ASN C 258 -77.14 -31.40 12.42
CA ASN C 258 -75.90 -32.10 12.82
C ASN C 258 -74.66 -31.24 12.88
N VAL C 259 -74.80 -30.10 13.54
CA VAL C 259 -73.71 -29.17 13.68
C VAL C 259 -72.61 -29.79 14.54
N GLU C 260 -71.38 -29.74 14.06
CA GLU C 260 -70.25 -30.23 14.81
C GLU C 260 -69.07 -29.29 14.62
N VAL C 261 -68.58 -28.73 15.73
CA VAL C 261 -67.45 -27.83 15.69
C VAL C 261 -66.27 -28.55 16.29
N GLU C 262 -65.16 -28.56 15.57
CA GLU C 262 -63.97 -29.18 16.11
C GLU C 262 -62.85 -28.17 16.15
N PHE C 263 -62.18 -28.11 17.28
CA PHE C 263 -61.03 -27.23 17.48
C PHE C 263 -59.89 -28.22 17.51
N LEU C 264 -59.07 -28.18 16.47
CA LEU C 264 -57.97 -29.11 16.36
C LEU C 264 -56.64 -28.46 16.59
N LEU C 265 -55.67 -29.29 17.00
CA LEU C 265 -54.31 -28.83 17.22
C LEU C 265 -53.45 -29.86 16.53
N ASN C 266 -52.71 -29.45 15.51
CA ASN C 266 -51.85 -30.36 14.77
C ASN C 266 -52.61 -31.61 14.28
N GLY C 267 -53.83 -31.40 13.80
CA GLY C 267 -54.62 -32.50 13.27
C GLY C 267 -55.41 -33.27 14.29
N GLN C 268 -55.14 -33.04 15.57
CA GLN C 268 -55.86 -33.75 16.62
C GLN C 268 -57.04 -32.94 17.14
N ILE C 269 -58.15 -33.61 17.40
CA ILE C 269 -59.32 -32.94 17.98
C ILE C 269 -59.02 -32.67 19.45
N ILE C 270 -59.04 -31.41 19.85
CA ILE C 270 -58.79 -31.05 21.23
C ILE C 270 -60.17 -30.81 21.85
N ASN C 271 -61.05 -30.12 21.14
CA ASN C 271 -62.41 -29.89 21.64
C ASN C 271 -63.38 -30.16 20.52
N THR C 272 -64.51 -30.75 20.86
CA THR C 272 -65.54 -31.00 19.89
C THR C 272 -66.89 -30.74 20.54
N TYR C 273 -67.76 -30.06 19.81
CA TYR C 273 -69.09 -29.69 20.29
C TYR C 273 -70.12 -30.05 19.23
N GLN C 274 -71.14 -30.78 19.65
CA GLN C 274 -72.19 -31.22 18.73
C GLN C 274 -73.42 -30.41 19.00
N ALA C 275 -73.76 -29.56 18.04
CA ALA C 275 -74.96 -28.75 18.12
C ALA C 275 -75.11 -27.95 19.40
N ARG C 276 -74.00 -27.45 19.94
CA ARG C 276 -74.08 -26.67 21.15
C ARG C 276 -73.90 -25.20 20.84
N PHE C 277 -74.99 -24.43 20.92
CA PHE C 277 -74.95 -23.01 20.63
C PHE C 277 -74.87 -22.22 21.94
N GLY C 278 -74.24 -21.05 21.90
CA GLY C 278 -74.09 -20.27 23.11
C GLY C 278 -72.60 -20.14 23.37
N THR C 279 -72.19 -20.23 24.62
CA THR C 279 -70.79 -20.08 24.97
C THR C 279 -70.08 -21.42 25.18
N ILE C 280 -68.99 -21.62 24.43
CA ILE C 280 -68.18 -22.83 24.51
C ILE C 280 -66.70 -22.44 24.67
N ILE C 281 -65.93 -23.33 25.28
CA ILE C 281 -64.50 -23.11 25.51
C ILE C 281 -63.62 -24.00 24.58
N ALA C 282 -62.64 -23.40 23.93
CA ALA C 282 -61.72 -24.12 23.06
C ALA C 282 -60.37 -23.85 23.75
N ARG C 283 -59.80 -24.84 24.38
CA ARG C 283 -58.62 -24.58 25.23
C ARG C 283 -57.25 -24.51 24.53
N ASN C 284 -57.13 -25.01 23.32
CA ASN C 284 -55.81 -25.00 22.63
C ASN C 284 -56.03 -25.52 21.22
N PHE C 285 -55.90 -24.65 20.23
CA PHE C 285 -56.18 -25.08 18.85
C PHE C 285 -55.51 -24.17 17.83
N ASP C 286 -55.25 -24.73 16.64
CA ASP C 286 -54.66 -23.97 15.54
C ASP C 286 -55.57 -24.09 14.33
N THR C 287 -56.69 -24.79 14.49
CA THR C 287 -57.63 -25.00 13.40
C THR C 287 -59.04 -25.14 13.92
N ILE C 288 -60.00 -24.59 13.18
CA ILE C 288 -61.40 -24.73 13.52
C ILE C 288 -62.06 -25.39 12.31
N ARG C 289 -62.88 -26.38 12.57
CA ARG C 289 -63.60 -27.06 11.50
C ARG C 289 -65.08 -27.06 11.86
N LEU C 290 -65.89 -26.44 11.00
CA LEU C 290 -67.32 -26.39 11.21
C LEU C 290 -67.99 -27.28 10.18
N SER C 291 -68.73 -28.29 10.65
CA SER C 291 -69.46 -29.20 9.76
C SER C 291 -70.91 -29.04 10.11
N PHE C 292 -71.74 -28.95 9.08
CA PHE C 292 -73.18 -28.76 9.26
C PHE C 292 -73.88 -29.25 8.00
N GLN C 293 -75.15 -29.55 8.12
CA GLN C 293 -75.92 -30.09 7.01
C GLN C 293 -77.22 -29.36 6.77
N LEU C 294 -77.73 -29.53 5.55
CA LEU C 294 -79.03 -29.00 5.16
C LEU C 294 -79.84 -30.28 5.00
N MET C 295 -80.91 -30.41 5.74
CA MET C 295 -81.72 -31.60 5.57
C MET C 295 -83.05 -31.14 5.03
N ARG C 296 -83.45 -31.69 3.89
CA ARG C 296 -84.75 -31.32 3.31
C ARG C 296 -85.83 -31.66 4.33
N PRO C 297 -86.72 -30.69 4.65
CA PRO C 297 -87.78 -30.95 5.63
C PRO C 297 -88.64 -32.12 5.19
N PRO C 298 -88.74 -33.17 6.03
CA PRO C 298 -89.56 -34.33 5.66
C PRO C 298 -91.05 -34.01 5.60
N ASN C 299 -91.50 -33.01 6.36
CA ASN C 299 -92.89 -32.61 6.40
C ASN C 299 -92.97 -31.13 6.14
N MET C 300 -93.78 -30.74 5.17
CA MET C 300 -93.90 -29.34 4.79
C MET C 300 -95.31 -28.83 4.66
N THR C 301 -95.61 -27.68 5.24
CA THR C 301 -96.94 -27.10 5.07
C THR C 301 -96.96 -26.63 3.60
N PRO C 302 -98.15 -26.36 3.03
CA PRO C 302 -98.24 -25.92 1.64
C PRO C 302 -97.28 -24.78 1.27
N ALA C 303 -97.25 -23.74 2.12
CA ALA C 303 -96.40 -22.58 1.89
C ALA C 303 -94.94 -22.99 1.76
N VAL C 304 -94.50 -23.96 2.55
CA VAL C 304 -93.12 -24.43 2.50
C VAL C 304 -92.93 -25.31 1.26
N ALA C 305 -93.84 -26.25 1.05
CA ALA C 305 -93.78 -27.17 -0.08
C ALA C 305 -93.62 -26.40 -1.40
N ALA C 306 -94.30 -25.26 -1.49
CA ALA C 306 -94.27 -24.40 -2.66
C ALA C 306 -92.91 -23.81 -3.00
N LEU C 307 -92.03 -23.72 -2.00
CA LEU C 307 -90.71 -23.16 -2.20
C LEU C 307 -89.77 -24.16 -2.80
N PHE C 308 -90.05 -25.43 -2.53
CA PHE C 308 -89.18 -26.55 -2.97
C PHE C 308 -89.82 -27.59 -3.90
N PRO C 309 -89.93 -27.27 -5.20
CA PRO C 309 -90.52 -28.14 -6.21
C PRO C 309 -89.63 -29.33 -6.55
N ASN C 310 -90.19 -30.32 -7.24
CA ASN C 310 -89.42 -31.49 -7.61
C ASN C 310 -88.55 -31.23 -8.81
N ALA C 311 -88.88 -30.18 -9.57
CA ALA C 311 -88.13 -29.83 -10.76
C ALA C 311 -87.82 -28.34 -10.80
N GLN C 312 -86.76 -27.99 -11.52
CA GLN C 312 -86.36 -26.59 -11.70
C GLN C 312 -87.49 -25.91 -12.43
N PRO C 313 -87.53 -24.57 -12.42
CA PRO C 313 -86.60 -23.64 -11.74
C PRO C 313 -86.66 -23.65 -10.21
N PHE C 314 -85.48 -23.57 -9.60
CA PHE C 314 -85.37 -23.52 -8.15
C PHE C 314 -85.27 -22.02 -7.83
N GLU C 315 -86.33 -21.47 -7.28
CA GLU C 315 -86.38 -20.04 -7.01
C GLU C 315 -86.10 -19.59 -5.59
N HIS C 316 -86.19 -20.51 -4.64
CA HIS C 316 -85.90 -20.22 -3.24
C HIS C 316 -84.78 -21.16 -2.92
N HIS C 317 -83.66 -20.59 -2.50
CA HIS C 317 -82.46 -21.37 -2.24
C HIS C 317 -82.18 -21.71 -0.77
N ALA C 318 -82.41 -22.98 -0.42
CA ALA C 318 -82.21 -23.49 0.92
C ALA C 318 -80.80 -23.21 1.40
N THR C 319 -80.72 -22.58 2.57
CA THR C 319 -79.46 -22.17 3.16
C THR C 319 -79.42 -22.44 4.66
N VAL C 320 -78.29 -22.97 5.12
CA VAL C 320 -78.06 -23.24 6.55
C VAL C 320 -76.72 -22.56 6.87
N GLY C 321 -76.56 -22.06 8.09
CA GLY C 321 -75.32 -21.40 8.42
C GLY C 321 -74.93 -21.42 9.89
N LEU C 322 -73.74 -20.88 10.18
CA LEU C 322 -73.21 -20.82 11.53
C LEU C 322 -72.44 -19.51 11.69
N THR C 323 -72.37 -19.02 12.93
CA THR C 323 -71.62 -17.82 13.26
C THR C 323 -70.80 -18.18 14.47
N LEU C 324 -69.49 -17.91 14.42
CA LEU C 324 -68.59 -18.21 15.52
C LEU C 324 -67.77 -16.98 15.84
N ARG C 325 -67.74 -16.55 17.10
CA ARG C 325 -66.95 -15.39 17.50
C ARG C 325 -66.05 -15.69 18.69
N ILE C 326 -64.77 -15.39 18.55
CA ILE C 326 -63.82 -15.62 19.64
C ILE C 326 -63.83 -14.33 20.47
N GLU C 327 -64.50 -14.38 21.62
CA GLU C 327 -64.59 -13.21 22.50
C GLU C 327 -63.24 -12.87 23.13
N SER C 328 -62.54 -13.88 23.65
CA SER C 328 -61.26 -13.66 24.28
C SER C 328 -60.43 -14.92 24.10
N ALA C 329 -59.12 -14.76 24.18
CA ALA C 329 -58.20 -15.87 24.07
C ALA C 329 -56.81 -15.43 24.46
N VAL C 330 -55.93 -16.40 24.63
CA VAL C 330 -54.55 -16.11 24.96
C VAL C 330 -53.71 -16.59 23.78
N CYS C 331 -52.67 -15.84 23.43
CA CYS C 331 -51.80 -16.26 22.35
C CYS C 331 -50.37 -16.06 22.81
N GLU C 332 -49.50 -16.98 22.42
CA GLU C 332 -48.10 -16.87 22.78
C GLU C 332 -47.41 -15.80 21.91
N SER C 333 -48.03 -15.40 20.81
CA SER C 333 -47.50 -14.37 19.90
C SER C 333 -48.33 -13.10 20.00
N VAL C 334 -47.71 -11.93 19.81
CA VAL C 334 -48.48 -10.71 19.85
C VAL C 334 -49.44 -10.70 18.65
N LEU C 335 -50.62 -10.11 18.85
CA LEU C 335 -51.62 -10.00 17.80
C LEU C 335 -52.34 -8.71 18.04
N ALA C 336 -53.05 -8.23 17.02
CA ALA C 336 -53.89 -7.06 17.18
C ALA C 336 -55.20 -7.64 17.78
N ASP C 337 -55.96 -6.84 18.52
CA ASP C 337 -57.25 -7.28 19.05
C ASP C 337 -58.17 -6.05 19.08
N ALA C 338 -59.35 -6.15 19.70
CA ALA C 338 -60.30 -5.03 19.70
C ALA C 338 -60.13 -4.01 20.81
N SER C 339 -59.13 -4.20 21.68
CA SER C 339 -58.94 -3.30 22.80
C SER C 339 -57.59 -2.59 22.88
N GLU C 340 -56.52 -3.30 22.55
CA GLU C 340 -55.18 -2.74 22.62
C GLU C 340 -54.89 -1.78 21.48
N THR C 341 -54.14 -0.73 21.78
CA THR C 341 -53.80 0.29 20.80
C THR C 341 -52.43 0.12 20.17
N MET C 342 -51.72 -0.95 20.49
CA MET C 342 -50.38 -1.19 19.95
C MET C 342 -50.24 -1.10 18.45
N LEU C 343 -51.01 -1.90 17.72
CA LEU C 343 -50.94 -1.86 16.27
C LEU C 343 -51.21 -0.44 15.79
N ALA C 344 -52.26 0.19 16.31
CA ALA C 344 -52.61 1.55 15.93
C ALA C 344 -51.51 2.56 16.25
N ASN C 345 -50.82 2.38 17.39
CA ASN C 345 -49.74 3.30 17.77
C ASN C 345 -48.58 3.22 16.79
N VAL C 346 -48.14 1.99 16.52
CA VAL C 346 -47.03 1.75 15.60
C VAL C 346 -47.38 2.24 14.21
N THR C 347 -48.57 1.87 13.74
CA THR C 347 -49.02 2.28 12.42
C THR C 347 -49.14 3.79 12.35
N SER C 348 -49.66 4.41 13.41
CA SER C 348 -49.83 5.86 13.44
C SER C 348 -48.53 6.63 13.45
N VAL C 349 -47.55 6.20 14.23
CA VAL C 349 -46.29 6.92 14.26
C VAL C 349 -45.62 6.84 12.89
N ARG C 350 -45.63 5.67 12.27
CA ARG C 350 -45.04 5.50 10.95
C ARG C 350 -45.73 6.37 9.88
N GLN C 351 -47.06 6.45 9.93
CA GLN C 351 -47.84 7.25 8.98
C GLN C 351 -47.57 8.75 9.17
N GLU C 352 -47.61 9.20 10.41
CA GLU C 352 -47.40 10.61 10.71
C GLU C 352 -46.03 11.11 10.23
N TYR C 353 -44.99 10.31 10.42
CA TYR C 353 -43.66 10.71 10.00
C TYR C 353 -43.24 10.25 8.63
N ALA C 354 -44.21 9.86 7.82
CA ALA C 354 -43.93 9.43 6.46
C ALA C 354 -42.77 8.43 6.35
N ILE C 355 -42.76 7.44 7.24
CA ILE C 355 -41.71 6.44 7.25
C ILE C 355 -41.83 5.56 6.00
N PRO C 356 -40.74 5.42 5.23
CA PRO C 356 -40.74 4.60 4.00
C PRO C 356 -41.01 3.11 4.29
N VAL C 357 -41.60 2.40 3.33
CA VAL C 357 -41.86 0.96 3.50
C VAL C 357 -40.50 0.33 3.71
N GLY C 358 -40.41 -0.62 4.64
CA GLY C 358 -39.15 -1.28 4.90
C GLY C 358 -39.13 -2.70 4.35
N PRO C 359 -38.13 -3.49 4.72
CA PRO C 359 -38.02 -4.88 4.25
C PRO C 359 -38.84 -5.92 5.01
N VAL C 360 -39.35 -5.58 6.19
CA VAL C 360 -40.09 -6.57 6.98
C VAL C 360 -41.60 -6.47 6.91
N PHE C 361 -42.14 -5.31 7.29
CA PHE C 361 -43.59 -5.12 7.34
C PHE C 361 -44.28 -4.76 6.02
N PRO C 362 -45.54 -5.25 5.81
CA PRO C 362 -46.25 -4.94 4.57
C PRO C 362 -46.55 -3.44 4.55
N PRO C 363 -46.76 -2.88 3.35
CA PRO C 363 -47.08 -1.46 3.27
C PRO C 363 -48.25 -1.11 4.21
N GLY C 364 -48.08 -0.02 4.95
CA GLY C 364 -49.10 0.46 5.87
C GLY C 364 -49.33 -0.39 7.09
N MET C 365 -48.41 -1.32 7.38
CA MET C 365 -48.57 -2.25 8.50
C MET C 365 -49.90 -2.96 8.33
N ASN C 366 -50.32 -3.21 7.06
CA ASN C 366 -51.62 -3.85 6.80
C ASN C 366 -51.82 -5.14 7.59
N TRP C 367 -52.84 -5.17 8.46
CA TRP C 367 -53.02 -6.34 9.29
C TRP C 367 -53.29 -7.61 8.53
N THR C 368 -54.21 -7.58 7.58
CA THR C 368 -54.47 -8.79 6.84
C THR C 368 -53.18 -9.35 6.21
N ASP C 369 -52.40 -8.51 5.55
CA ASP C 369 -51.16 -8.98 4.92
C ASP C 369 -50.20 -9.50 5.97
N LEU C 370 -50.11 -8.82 7.09
CA LEU C 370 -49.20 -9.23 8.14
C LEU C 370 -49.54 -10.61 8.70
N ILE C 371 -50.79 -10.81 9.13
CA ILE C 371 -51.21 -12.07 9.70
C ILE C 371 -51.25 -13.21 8.65
N THR C 372 -51.46 -12.88 7.38
CA THR C 372 -51.49 -13.91 6.34
C THR C 372 -50.10 -14.55 6.18
N ASN C 373 -49.06 -13.74 6.25
CA ASN C 373 -47.70 -14.24 6.14
C ASN C 373 -46.95 -13.78 7.36
N TYR C 374 -47.35 -14.33 8.50
CA TYR C 374 -46.79 -13.98 9.79
C TYR C 374 -45.49 -14.73 10.04
N SER C 375 -44.44 -14.32 9.32
CA SER C 375 -43.15 -14.96 9.46
C SER C 375 -42.50 -14.71 10.81
N PRO C 376 -41.46 -15.51 11.15
CA PRO C 376 -40.79 -15.30 12.43
C PRO C 376 -40.24 -13.88 12.51
N SER C 377 -39.67 -13.39 11.40
CA SER C 377 -39.11 -12.04 11.38
C SER C 377 -40.19 -10.98 11.65
N ARG C 378 -41.33 -11.11 10.99
CA ARG C 378 -42.40 -10.14 11.23
C ARG C 378 -42.84 -10.18 12.71
N GLU C 379 -42.93 -11.39 13.29
CA GLU C 379 -43.35 -11.52 14.68
C GLU C 379 -42.34 -10.92 15.66
N ASP C 380 -41.06 -11.18 15.43
CA ASP C 380 -40.04 -10.63 16.32
C ASP C 380 -40.04 -9.11 16.25
N ASN C 381 -40.12 -8.59 15.03
CA ASN C 381 -40.17 -7.13 14.84
C ASN C 381 -41.47 -6.56 15.45
N LEU C 382 -42.59 -7.24 15.22
CA LEU C 382 -43.87 -6.81 15.75
C LEU C 382 -43.82 -6.77 17.27
N GLN C 383 -43.24 -7.80 17.89
CA GLN C 383 -43.19 -7.83 19.34
C GLN C 383 -42.31 -6.71 19.86
N ARG C 384 -41.18 -6.47 19.21
CA ARG C 384 -40.29 -5.42 19.67
C ARG C 384 -40.99 -4.07 19.61
N VAL C 385 -41.61 -3.89 18.48
CA VAL C 385 -42.30 -2.66 18.14
C VAL C 385 -43.57 -2.46 19.04
N PHE C 386 -44.27 -3.55 19.35
CA PHE C 386 -45.48 -3.49 20.24
C PHE C 386 -45.05 -3.20 21.68
N THR C 387 -43.96 -3.84 22.12
CA THR C 387 -43.47 -3.61 23.46
C THR C 387 -43.05 -2.14 23.63
N VAL C 388 -42.41 -1.56 22.61
CA VAL C 388 -42.01 -0.15 22.67
C VAL C 388 -43.25 0.76 22.71
N ALA C 389 -44.27 0.43 21.92
CA ALA C 389 -45.50 1.19 21.89
C ALA C 389 -46.13 1.19 23.29
N SER C 390 -46.07 0.04 23.96
CA SER C 390 -46.64 -0.06 25.30
C SER C 390 -45.84 0.74 26.31
N ILE C 391 -44.53 0.86 26.10
CA ILE C 391 -43.67 1.61 27.03
C ILE C 391 -44.02 3.08 26.86
N ARG C 392 -44.18 3.48 25.61
CA ARG C 392 -44.54 4.85 25.28
C ARG C 392 -45.90 5.28 25.84
N SER C 393 -46.90 4.40 25.74
CA SER C 393 -48.25 4.70 26.24
C SER C 393 -48.38 4.88 27.76
N MET C 394 -47.28 4.64 28.49
CA MET C 394 -47.30 4.78 29.94
C MET C 394 -47.18 6.25 30.24
N LEU C 395 -46.65 7.00 29.27
CA LEU C 395 -46.41 8.43 29.44
C LEU C 395 -47.11 9.32 28.44
N VAL C 396 -47.18 8.84 27.22
CA VAL C 396 -47.75 9.61 26.11
C VAL C 396 -48.88 8.84 25.45
N LYS C 397 -50.08 9.39 25.49
CA LYS C 397 -51.21 8.74 24.86
C LYS C 397 -51.76 9.71 23.86
N MET D 1 -56.82 -19.66 52.57
CA MET D 1 -56.99 -19.11 51.20
C MET D 1 -56.21 -17.81 50.94
N ASP D 2 -56.58 -16.73 51.64
CA ASP D 2 -55.89 -15.45 51.45
C ASP D 2 -54.40 -15.74 51.35
N VAL D 3 -54.00 -16.78 52.06
CA VAL D 3 -52.62 -17.25 52.08
C VAL D 3 -52.22 -17.28 50.61
N LEU D 4 -52.79 -18.27 49.94
CA LEU D 4 -52.55 -18.49 48.54
C LEU D 4 -52.24 -17.21 47.78
N TYR D 5 -53.15 -16.24 47.86
CA TYR D 5 -52.95 -14.99 47.16
C TYR D 5 -51.50 -14.53 47.26
N SER D 6 -51.12 -14.10 48.45
CA SER D 6 -49.77 -13.61 48.71
C SER D 6 -48.70 -14.35 47.90
N LEU D 7 -48.67 -15.66 48.08
CA LEU D 7 -47.71 -16.52 47.41
C LEU D 7 -47.42 -16.07 45.99
N SER D 8 -48.40 -15.40 45.40
CA SER D 8 -48.24 -14.92 44.04
C SER D 8 -47.71 -13.49 43.94
N LYS D 9 -48.50 -12.49 44.34
CA LYS D 9 -48.05 -11.09 44.24
C LYS D 9 -46.64 -11.05 44.80
N THR D 10 -46.32 -12.10 45.55
CA THR D 10 -45.01 -12.27 46.13
C THR D 10 -44.09 -12.48 44.93
N LEU D 11 -44.34 -13.55 44.20
CA LEU D 11 -43.55 -13.87 43.05
C LEU D 11 -43.59 -12.83 41.92
N LYS D 12 -44.79 -12.37 41.53
CA LYS D 12 -44.89 -11.37 40.44
C LYS D 12 -44.11 -10.13 40.83
N ASP D 13 -44.55 -9.46 41.89
CA ASP D 13 -43.88 -8.27 42.37
C ASP D 13 -42.42 -8.67 42.67
N ALA D 14 -42.09 -9.93 42.37
CA ALA D 14 -40.74 -10.44 42.57
C ALA D 14 -40.03 -10.65 41.24
N ARG D 15 -40.49 -11.65 40.48
CA ARG D 15 -39.90 -11.95 39.18
C ARG D 15 -39.91 -10.70 38.30
N ASP D 16 -40.53 -9.64 38.82
CA ASP D 16 -40.63 -8.36 38.11
C ASP D 16 -39.71 -7.27 38.65
N LYS D 17 -39.75 -7.03 39.97
CA LYS D 17 -38.91 -5.98 40.60
C LYS D 17 -37.45 -6.40 40.83
N ILE D 18 -37.14 -7.66 40.54
CA ILE D 18 -35.79 -8.20 40.72
C ILE D 18 -35.07 -8.41 39.41
N VAL D 19 -34.31 -7.41 38.97
CA VAL D 19 -33.59 -7.52 37.72
C VAL D 19 -32.14 -7.09 37.82
N GLU D 20 -31.33 -7.55 36.88
CA GLU D 20 -29.92 -7.22 36.82
C GLU D 20 -29.77 -5.70 36.67
N GLY D 21 -29.83 -4.96 37.78
CA GLY D 21 -29.68 -3.52 37.69
C GLY D 21 -30.19 -2.59 38.80
N THR D 22 -31.41 -2.81 39.27
CA THR D 22 -32.01 -1.95 40.32
C THR D 22 -31.21 -1.91 41.62
N LEU D 23 -31.30 -0.78 42.33
CA LEU D 23 -30.60 -0.59 43.60
C LEU D 23 -31.32 -1.45 44.64
N TYR D 24 -30.57 -1.94 45.63
CA TYR D 24 -31.18 -2.75 46.68
C TYR D 24 -32.42 -2.05 47.23
N SER D 25 -32.20 -0.92 47.91
CA SER D 25 -33.26 -0.13 48.55
C SER D 25 -34.62 0.01 47.87
N ASN D 26 -34.71 -0.36 46.59
CA ASN D 26 -35.98 -0.27 45.87
C ASN D 26 -36.74 -1.56 46.09
N VAL D 27 -36.16 -2.43 46.92
CA VAL D 27 -36.75 -3.71 47.22
C VAL D 27 -36.56 -4.15 48.67
N SER D 28 -36.02 -3.27 49.50
CA SER D 28 -35.79 -3.57 50.92
C SER D 28 -37.09 -4.04 51.57
N ASP D 29 -38.15 -3.25 51.40
CA ASP D 29 -39.45 -3.58 51.95
C ASP D 29 -39.95 -4.87 51.33
N LEU D 30 -39.36 -5.24 50.20
CA LEU D 30 -39.77 -6.45 49.50
C LEU D 30 -38.99 -7.68 49.93
N ILE D 31 -37.68 -7.63 49.79
CA ILE D 31 -36.83 -8.75 50.17
C ILE D 31 -37.38 -9.34 51.46
N GLN D 32 -37.39 -8.51 52.50
CA GLN D 32 -37.90 -8.92 53.79
C GLN D 32 -39.10 -9.85 53.63
N GLN D 33 -40.27 -9.27 53.32
CA GLN D 33 -41.50 -10.05 53.14
C GLN D 33 -41.17 -11.43 52.59
N PHE D 34 -40.40 -11.45 51.52
CA PHE D 34 -40.04 -12.70 50.89
C PHE D 34 -39.49 -13.72 51.87
N ASN D 35 -38.29 -13.46 52.36
CA ASN D 35 -37.64 -14.36 53.29
C ASN D 35 -38.65 -14.94 54.28
N GLN D 36 -39.29 -14.04 55.05
CA GLN D 36 -40.29 -14.43 56.03
C GLN D 36 -40.99 -15.71 55.60
N MET D 37 -41.35 -15.76 54.32
CA MET D 37 -42.02 -16.92 53.77
C MET D 37 -41.15 -18.16 53.91
N ILE D 38 -40.08 -18.20 53.14
CA ILE D 38 -39.14 -19.31 53.13
C ILE D 38 -39.11 -20.02 54.49
N ILE D 39 -38.89 -19.24 55.52
CA ILE D 39 -38.84 -19.76 56.88
C ILE D 39 -40.04 -20.63 57.19
N THR D 40 -41.19 -19.98 57.29
CA THR D 40 -42.45 -20.66 57.59
C THR D 40 -42.59 -21.99 56.87
N MET D 41 -42.10 -22.02 55.63
CA MET D 41 -42.18 -23.22 54.79
C MET D 41 -41.27 -24.39 55.13
N ASN D 42 -40.06 -24.35 54.59
CA ASN D 42 -39.05 -25.39 54.78
C ASN D 42 -39.42 -26.35 55.90
N GLY D 43 -39.49 -27.64 55.55
CA GLY D 43 -39.83 -28.65 56.52
C GLY D 43 -41.14 -29.34 56.16
N ASN D 44 -42.24 -28.65 56.40
CA ASN D 44 -43.56 -29.19 56.09
C ASN D 44 -43.59 -29.69 54.64
N GLU D 45 -44.16 -30.88 54.43
CA GLU D 45 -44.22 -31.47 53.08
C GLU D 45 -45.61 -31.48 52.45
N PHE D 46 -45.68 -31.47 51.12
CA PHE D 46 -46.97 -31.43 50.42
C PHE D 46 -47.26 -32.43 49.29
N GLN D 47 -48.54 -32.77 49.18
CA GLN D 47 -49.05 -33.69 48.17
C GLN D 47 -50.03 -32.97 47.25
N THR D 48 -49.88 -33.22 45.96
CA THR D 48 -50.75 -32.61 44.97
C THR D 48 -51.11 -33.68 43.97
N GLY D 49 -52.27 -33.52 43.35
CA GLY D 49 -52.71 -34.50 42.38
C GLY D 49 -53.56 -35.58 43.04
N GLY D 50 -53.72 -36.69 42.33
CA GLY D 50 -54.52 -37.79 42.86
C GLY D 50 -55.92 -37.72 42.32
N ILE D 51 -56.04 -37.62 41.00
CA ILE D 51 -57.35 -37.52 40.37
C ILE D 51 -57.16 -37.51 38.85
N GLY D 52 -58.07 -38.19 38.16
CA GLY D 52 -58.00 -38.26 36.71
C GLY D 52 -56.57 -38.36 36.23
N ASN D 53 -56.26 -37.68 35.13
CA ASN D 53 -54.92 -37.68 34.59
C ASN D 53 -54.08 -36.61 35.25
N LEU D 54 -54.27 -36.39 36.55
CA LEU D 54 -53.49 -35.39 37.23
C LEU D 54 -52.35 -36.00 38.01
N PRO D 55 -51.11 -35.75 37.57
CA PRO D 55 -49.90 -36.26 38.21
C PRO D 55 -49.86 -35.93 39.70
N ILE D 56 -49.28 -36.84 40.47
CA ILE D 56 -49.16 -36.66 41.90
C ILE D 56 -47.68 -36.44 42.20
N ARG D 57 -47.27 -35.18 42.20
CA ARG D 57 -45.88 -34.86 42.48
C ARG D 57 -45.75 -34.43 43.95
N ASN D 58 -44.69 -34.91 44.60
CA ASN D 58 -44.44 -34.58 46.00
C ASN D 58 -43.43 -33.45 46.11
N TRP D 59 -43.82 -32.40 46.82
CA TRP D 59 -42.96 -31.24 46.98
C TRP D 59 -42.40 -31.12 48.40
N ASN D 60 -41.08 -30.97 48.48
CA ASN D 60 -40.39 -30.83 49.75
C ASN D 60 -39.54 -29.55 49.68
N PHE D 61 -39.25 -28.95 50.84
CA PHE D 61 -38.48 -27.71 50.86
C PHE D 61 -37.14 -27.74 51.60
N ASP D 62 -36.24 -26.87 51.15
CA ASP D 62 -34.89 -26.76 51.71
C ASP D 62 -34.12 -25.60 51.07
N PHE D 63 -34.45 -24.35 51.41
CA PHE D 63 -33.74 -23.22 50.80
C PHE D 63 -33.12 -22.15 51.68
N GLY D 64 -31.98 -21.64 51.22
CA GLY D 64 -31.27 -20.58 51.92
C GLY D 64 -31.90 -19.25 51.59
N LEU D 65 -31.81 -18.30 52.51
CA LEU D 65 -32.42 -16.97 52.33
C LEU D 65 -31.79 -16.12 51.25
N LEU D 66 -31.91 -14.81 51.40
CA LEU D 66 -31.39 -13.89 50.40
C LEU D 66 -30.40 -12.82 50.81
N GLY D 67 -29.26 -12.84 50.11
CA GLY D 67 -28.19 -11.90 50.35
C GLY D 67 -28.63 -10.46 50.32
N THR D 68 -27.71 -9.57 49.96
CA THR D 68 -28.04 -8.16 49.92
C THR D 68 -27.00 -7.32 49.19
N THR D 69 -25.85 -7.91 48.91
CA THR D 69 -24.76 -7.24 48.21
C THR D 69 -25.21 -5.89 47.64
N LEU D 70 -25.05 -4.84 48.46
CA LEU D 70 -25.44 -3.45 48.15
C LEU D 70 -25.16 -2.90 46.77
N LEU D 71 -25.73 -1.71 46.53
CA LEU D 71 -25.53 -0.96 45.30
C LEU D 71 -25.95 -1.70 44.04
N ASN D 72 -27.25 -1.83 43.82
CA ASN D 72 -27.79 -2.52 42.65
C ASN D 72 -27.31 -3.96 42.62
N LEU D 73 -28.17 -4.85 42.13
CA LEU D 73 -27.86 -6.28 42.09
C LEU D 73 -26.92 -6.71 40.97
N ASP D 74 -26.05 -7.68 41.28
CA ASP D 74 -25.15 -8.22 40.28
C ASP D 74 -25.82 -9.45 39.69
N ALA D 75 -25.70 -9.61 38.38
CA ALA D 75 -26.30 -10.73 37.68
C ALA D 75 -26.30 -12.00 38.53
N ASN D 76 -25.12 -12.38 39.01
CA ASN D 76 -24.97 -13.58 39.83
C ASN D 76 -26.06 -13.67 40.89
N TYR D 77 -26.51 -12.53 41.40
CA TYR D 77 -27.54 -12.51 42.44
C TYR D 77 -28.87 -13.01 41.90
N VAL D 78 -29.20 -12.55 40.70
CA VAL D 78 -30.44 -12.95 40.08
C VAL D 78 -30.52 -14.47 39.94
N GLU D 79 -29.73 -15.03 39.03
CA GLU D 79 -29.71 -16.48 38.77
C GLU D 79 -29.84 -17.40 39.99
N THR D 80 -29.12 -17.08 41.06
CA THR D 80 -29.18 -17.90 42.25
C THR D 80 -30.55 -17.72 42.93
N ALA D 81 -31.33 -16.79 42.39
CA ALA D 81 -32.66 -16.52 42.92
C ALA D 81 -33.71 -17.12 42.00
N ARG D 82 -33.62 -16.80 40.71
CA ARG D 82 -34.57 -17.32 39.74
C ARG D 82 -34.67 -18.84 39.88
N ASN D 83 -33.54 -19.48 40.17
CA ASN D 83 -33.50 -20.92 40.33
C ASN D 83 -34.34 -21.36 41.53
N THR D 84 -34.52 -20.46 42.49
CA THR D 84 -35.31 -20.79 43.67
C THR D 84 -36.77 -20.43 43.46
N ILE D 85 -37.04 -19.51 42.55
CA ILE D 85 -38.40 -19.13 42.29
C ILE D 85 -39.06 -20.18 41.41
N ASP D 86 -38.33 -20.64 40.40
CA ASP D 86 -38.86 -21.63 39.48
C ASP D 86 -39.31 -22.94 40.14
N TYR D 87 -39.14 -23.07 41.45
CA TYR D 87 -39.61 -24.27 42.13
C TYR D 87 -40.97 -23.89 42.70
N PHE D 88 -41.12 -22.62 43.03
CA PHE D 88 -42.37 -22.13 43.59
C PHE D 88 -43.38 -21.94 42.47
N VAL D 89 -42.88 -21.51 41.33
CA VAL D 89 -43.75 -21.34 40.18
C VAL D 89 -44.33 -22.74 39.94
N ASP D 90 -43.52 -23.63 39.33
CA ASP D 90 -43.92 -25.02 39.02
C ASP D 90 -44.67 -25.69 40.16
N PHE D 91 -44.62 -25.06 41.34
CA PHE D 91 -45.30 -25.58 42.50
C PHE D 91 -46.73 -25.07 42.47
N VAL D 92 -46.86 -23.78 42.76
CA VAL D 92 -48.16 -23.13 42.79
C VAL D 92 -49.09 -23.64 41.69
N ASP D 93 -48.56 -23.78 40.47
CA ASP D 93 -49.34 -24.27 39.32
C ASP D 93 -50.00 -25.55 39.81
N ASN D 94 -49.17 -26.52 40.18
CA ASN D 94 -49.65 -27.82 40.67
C ASN D 94 -50.54 -27.68 41.92
N VAL D 95 -50.54 -26.50 42.52
CA VAL D 95 -51.37 -26.29 43.71
C VAL D 95 -52.73 -25.76 43.30
N CYS D 96 -52.73 -24.71 42.50
CA CYS D 96 -53.98 -24.13 42.03
C CYS D 96 -54.81 -25.24 41.41
N MET D 97 -54.26 -25.83 40.36
CA MET D 97 -54.93 -26.89 39.64
C MET D 97 -55.58 -27.94 40.55
N ASP D 98 -54.89 -28.37 41.61
CA ASP D 98 -55.43 -29.38 42.53
C ASP D 98 -56.73 -28.98 43.24
N GLU D 99 -56.85 -27.72 43.64
CA GLU D 99 -58.05 -27.25 44.32
C GLU D 99 -59.00 -26.59 43.31
N MET D 100 -58.62 -26.66 42.05
CA MET D 100 -59.45 -26.08 40.98
C MET D 100 -60.24 -27.17 40.29
N VAL D 101 -60.52 -28.26 41.00
CA VAL D 101 -61.26 -29.35 40.42
C VAL D 101 -62.23 -29.95 41.41
N ARG D 102 -61.80 -30.05 42.66
CA ARG D 102 -62.65 -30.63 43.69
C ARG D 102 -63.86 -29.71 43.96
N GLU D 103 -65.02 -30.34 44.15
CA GLU D 103 -66.27 -29.64 44.40
C GLU D 103 -66.98 -30.30 45.60
N SER D 104 -67.92 -29.59 46.22
CA SER D 104 -68.63 -30.17 47.35
C SER D 104 -69.96 -29.46 47.57
N GLN D 105 -71.03 -30.23 47.60
CA GLN D 105 -72.38 -29.68 47.81
C GLN D 105 -72.52 -28.93 49.13
N ARG D 106 -72.49 -29.68 50.24
CA ARG D 106 -72.62 -29.11 51.59
C ARG D 106 -71.78 -27.84 51.76
N ASN D 107 -70.49 -28.03 52.00
CA ASN D 107 -69.60 -26.90 52.19
C ASN D 107 -68.57 -26.91 51.07
N GLY D 108 -69.00 -26.49 49.88
CA GLY D 108 -68.11 -26.46 48.73
C GLY D 108 -67.68 -25.04 48.43
N ILE D 109 -67.70 -24.20 49.47
CA ILE D 109 -67.33 -22.81 49.38
C ILE D 109 -65.96 -22.62 50.06
N ALA D 110 -65.50 -23.69 50.70
CA ALA D 110 -64.23 -23.68 51.41
C ALA D 110 -63.18 -24.57 50.75
N PRO D 111 -61.98 -24.68 51.38
CA PRO D 111 -60.89 -25.51 50.86
C PRO D 111 -61.21 -26.99 50.87
N GLN D 112 -60.73 -27.70 49.85
CA GLN D 112 -60.99 -29.14 49.74
C GLN D 112 -59.73 -30.01 49.78
N SER D 113 -58.75 -29.63 48.96
CA SER D 113 -57.49 -30.35 48.80
C SER D 113 -56.59 -30.51 50.02
N ASP D 114 -55.87 -31.64 50.05
CA ASP D 114 -54.94 -31.94 51.14
C ASP D 114 -53.82 -30.93 51.11
N SER D 115 -53.78 -30.16 50.02
CA SER D 115 -52.76 -29.14 49.86
C SER D 115 -53.21 -27.87 50.55
N LEU D 116 -54.41 -27.42 50.23
CA LEU D 116 -54.92 -26.19 50.83
C LEU D 116 -55.45 -26.34 52.25
N ARG D 117 -56.17 -27.42 52.56
CA ARG D 117 -56.70 -27.61 53.92
C ARG D 117 -55.57 -27.36 54.92
N LYS D 118 -54.32 -27.54 54.48
CA LYS D 118 -53.14 -27.35 55.34
C LYS D 118 -52.65 -25.90 55.32
N LEU D 119 -53.05 -25.16 54.29
CA LEU D 119 -52.64 -23.76 54.13
C LEU D 119 -53.42 -22.82 55.02
N SER D 120 -54.71 -23.08 55.16
CA SER D 120 -55.56 -22.24 55.99
C SER D 120 -55.08 -22.37 57.44
N GLY D 121 -54.19 -23.34 57.68
CA GLY D 121 -53.65 -23.55 59.01
C GLY D 121 -53.20 -22.22 59.57
N LEU D 122 -53.09 -22.11 60.88
CA LEU D 122 -52.69 -20.85 61.49
C LEU D 122 -51.22 -20.46 61.34
N LYS D 123 -50.34 -21.42 61.56
CA LYS D 123 -48.90 -21.16 61.45
C LYS D 123 -48.43 -20.55 60.13
N PHE D 124 -49.36 -20.36 59.19
CA PHE D 124 -49.04 -19.80 57.87
C PHE D 124 -49.51 -18.37 57.64
N LYS D 125 -50.61 -18.01 58.26
CA LYS D 125 -51.20 -16.69 58.11
C LYS D 125 -50.15 -15.56 58.10
N ARG D 126 -48.98 -15.81 58.69
CA ARG D 126 -47.90 -14.83 58.77
C ARG D 126 -47.40 -14.28 57.44
N ILE D 127 -48.22 -14.31 56.39
CA ILE D 127 -47.73 -13.86 55.10
C ILE D 127 -48.52 -12.78 54.36
N ASN D 128 -49.83 -12.98 54.24
CA ASN D 128 -50.76 -12.05 53.57
C ASN D 128 -50.25 -10.62 53.35
N PHE D 129 -50.53 -10.04 52.16
CA PHE D 129 -50.14 -8.66 51.83
C PHE D 129 -50.56 -8.17 50.43
N ASP D 130 -50.41 -6.86 50.17
CA ASP D 130 -50.78 -6.19 48.90
C ASP D 130 -51.97 -6.84 48.18
N ASN D 131 -53.16 -6.70 48.79
CA ASN D 131 -54.39 -7.26 48.24
C ASN D 131 -55.10 -6.30 47.29
N SER D 132 -54.42 -5.87 46.22
CA SER D 132 -55.04 -4.95 45.28
C SER D 132 -55.60 -5.66 44.04
N SER D 133 -55.42 -6.99 43.96
CA SER D 133 -55.92 -7.73 42.81
C SER D 133 -57.43 -7.86 42.89
N GLU D 134 -58.10 -7.00 42.14
CA GLU D 134 -59.55 -6.93 42.06
C GLU D 134 -60.30 -8.11 42.68
N TYR D 135 -59.87 -9.34 42.39
CA TYR D 135 -60.56 -10.52 42.92
C TYR D 135 -60.44 -10.84 44.38
N ILE D 136 -59.23 -10.70 44.90
CA ILE D 136 -59.02 -10.97 46.30
C ILE D 136 -59.74 -9.85 47.03
N GLU D 137 -59.55 -8.62 46.54
CA GLU D 137 -60.17 -7.42 47.13
C GLU D 137 -61.62 -7.77 47.44
N ASN D 138 -62.24 -8.51 46.53
CA ASN D 138 -63.63 -8.91 46.68
C ASN D 138 -63.80 -10.18 47.49
N TRP D 139 -62.82 -11.07 47.49
CA TRP D 139 -62.99 -12.26 48.29
C TRP D 139 -63.15 -11.86 49.75
N ASN D 140 -62.17 -11.10 50.27
CA ASN D 140 -62.21 -10.66 51.67
C ASN D 140 -63.55 -10.04 52.07
N LEU D 141 -63.88 -8.91 51.45
CA LEU D 141 -65.12 -8.18 51.75
C LEU D 141 -66.35 -9.09 51.85
N GLN D 142 -66.26 -10.25 51.21
CA GLN D 142 -67.35 -11.20 51.23
C GLN D 142 -67.34 -12.03 52.51
N ASN D 143 -66.17 -12.27 53.08
CA ASN D 143 -66.07 -13.05 54.31
C ASN D 143 -66.58 -12.30 55.54
N ARG D 144 -66.65 -10.97 55.43
CA ARG D 144 -67.13 -10.13 56.53
C ARG D 144 -68.58 -9.75 56.25
N ARG D 145 -68.91 -9.74 54.96
CA ARG D 145 -70.23 -9.38 54.47
C ARG D 145 -70.38 -7.90 54.18
N GLN D 146 -70.47 -7.57 52.89
CA GLN D 146 -70.64 -6.19 52.45
C GLN D 146 -70.75 -6.08 50.94
N ARG D 147 -71.12 -4.88 50.48
CA ARG D 147 -71.30 -4.62 49.06
C ARG D 147 -70.05 -4.91 48.22
N THR D 148 -69.97 -6.15 47.74
CA THR D 148 -68.87 -6.64 46.91
C THR D 148 -68.84 -5.90 45.57
N GLY D 149 -68.75 -6.65 44.45
CA GLY D 149 -68.74 -6.01 43.14
C GLY D 149 -67.66 -6.34 42.11
N PHE D 150 -68.07 -6.58 40.86
CA PHE D 150 -67.12 -6.89 39.76
C PHE D 150 -67.43 -6.10 38.47
N THR D 151 -66.46 -6.06 37.57
CA THR D 151 -66.60 -5.32 36.31
C THR D 151 -66.49 -6.22 35.07
N PHE D 152 -67.54 -6.20 34.23
CA PHE D 152 -67.59 -7.04 33.01
C PHE D 152 -67.99 -6.34 31.71
N HIS D 153 -67.30 -6.68 30.62
CA HIS D 153 -67.61 -6.13 29.30
C HIS D 153 -68.44 -7.22 28.62
N LYS D 154 -69.52 -6.85 27.94
CA LYS D 154 -70.41 -7.83 27.29
C LYS D 154 -70.54 -9.08 28.17
N PRO D 155 -71.13 -8.94 29.40
CA PRO D 155 -71.36 -9.99 30.41
C PRO D 155 -72.11 -11.21 29.87
N ASN D 156 -72.09 -12.34 30.57
CA ASN D 156 -72.78 -13.49 29.98
C ASN D 156 -73.90 -13.92 30.94
N ILE D 157 -74.98 -13.14 30.92
CA ILE D 157 -76.10 -13.32 31.82
C ILE D 157 -77.25 -14.13 31.27
N PHE D 158 -77.42 -14.15 29.94
CA PHE D 158 -78.52 -14.87 29.34
C PHE D 158 -78.18 -16.27 28.86
N PRO D 159 -78.82 -17.30 29.44
CA PRO D 159 -78.51 -18.65 28.96
C PRO D 159 -79.02 -18.68 27.52
N TYR D 160 -78.36 -19.44 26.67
CA TYR D 160 -78.79 -19.51 25.28
C TYR D 160 -80.23 -19.96 25.22
N SER D 161 -81.05 -19.24 24.47
CA SER D 161 -82.45 -19.57 24.29
C SER D 161 -82.84 -19.01 22.94
N ALA D 162 -83.25 -19.88 22.03
CA ALA D 162 -83.68 -19.45 20.72
C ALA D 162 -85.00 -20.16 20.45
N SER D 163 -86.10 -19.45 20.44
CA SER D 163 -87.40 -20.09 20.23
C SER D 163 -88.46 -19.12 19.72
N PHE D 164 -89.72 -19.55 19.72
CA PHE D 164 -90.84 -18.72 19.27
C PHE D 164 -92.10 -19.09 20.04
N THR D 165 -93.12 -18.25 19.93
CA THR D 165 -94.38 -18.52 20.58
C THR D 165 -95.41 -18.04 19.60
N LEU D 166 -96.26 -18.96 19.15
CA LEU D 166 -97.32 -18.61 18.21
C LEU D 166 -98.59 -18.28 18.98
N ASN D 167 -98.97 -17.02 18.99
CA ASN D 167 -100.17 -16.59 19.69
C ASN D 167 -101.45 -16.86 18.88
N ARG D 168 -101.30 -16.95 17.57
CA ARG D 168 -102.40 -17.30 16.65
C ARG D 168 -101.74 -18.18 15.62
N SER D 169 -102.27 -19.37 15.44
CA SER D 169 -101.74 -20.30 14.46
C SER D 169 -102.84 -21.23 14.06
N GLN D 170 -102.58 -21.96 12.98
CA GLN D 170 -103.53 -22.92 12.48
C GLN D 170 -102.66 -23.93 11.74
N PRO D 171 -103.18 -25.14 11.51
CA PRO D 171 -102.44 -26.21 10.83
C PRO D 171 -101.61 -25.80 9.61
N ALA D 172 -102.19 -25.03 8.71
CA ALA D 172 -101.47 -24.61 7.50
C ALA D 172 -100.33 -23.61 7.78
N HIS D 173 -100.36 -22.97 8.95
CA HIS D 173 -99.37 -21.96 9.35
C HIS D 173 -99.25 -20.91 8.26
N ASP D 174 -100.40 -20.43 7.80
CA ASP D 174 -100.46 -19.43 6.75
C ASP D 174 -100.94 -18.07 7.26
N ASN D 175 -101.29 -17.99 8.53
CA ASN D 175 -101.72 -16.74 9.15
C ASN D 175 -101.38 -16.75 10.64
N LEU D 176 -100.08 -16.65 10.94
CA LEU D 176 -99.56 -16.69 12.30
C LEU D 176 -99.35 -15.32 12.89
N MET D 177 -99.27 -15.30 14.21
CA MET D 177 -99.01 -14.08 14.96
C MET D 177 -98.28 -14.55 16.24
N GLY D 178 -97.16 -13.91 16.53
CA GLY D 178 -96.41 -14.31 17.72
C GLY D 178 -95.05 -13.66 17.76
N THR D 179 -94.14 -14.23 18.54
CA THR D 179 -92.80 -13.67 18.64
C THR D 179 -91.78 -14.78 18.55
N MET D 180 -90.57 -14.41 18.14
CA MET D 180 -89.45 -15.32 18.07
C MET D 180 -88.26 -14.52 18.62
N TRP D 181 -87.32 -15.20 19.24
CA TRP D 181 -86.21 -14.49 19.86
C TRP D 181 -84.95 -15.32 19.97
N LEU D 182 -83.89 -14.64 20.39
CA LEU D 182 -82.59 -15.22 20.68
C LEU D 182 -82.05 -14.43 21.88
N ASN D 183 -81.96 -15.12 23.01
CA ASN D 183 -81.33 -14.56 24.21
C ASN D 183 -80.03 -15.31 24.37
N ALA D 184 -78.91 -14.62 24.37
CA ALA D 184 -77.62 -15.30 24.49
C ALA D 184 -76.55 -14.33 24.94
N GLY D 185 -75.85 -14.68 26.01
CA GLY D 185 -74.79 -13.83 26.51
C GLY D 185 -75.31 -12.53 27.08
N SER D 186 -74.95 -11.45 26.42
CA SER D 186 -75.37 -10.13 26.85
C SER D 186 -76.39 -9.55 25.87
N GLU D 187 -76.85 -10.35 24.92
CA GLU D 187 -77.77 -9.84 23.91
C GLU D 187 -79.13 -10.49 23.79
N ILE D 188 -80.09 -9.68 23.41
CA ILE D 188 -81.46 -10.13 23.19
C ILE D 188 -81.91 -9.56 21.86
N GLN D 189 -82.50 -10.39 21.01
CA GLN D 189 -83.11 -9.92 19.76
C GLN D 189 -84.49 -10.56 19.80
N VAL D 190 -85.51 -9.78 19.56
CA VAL D 190 -86.87 -10.31 19.57
C VAL D 190 -87.67 -9.66 18.47
N ALA D 191 -88.46 -10.47 17.77
CA ALA D 191 -89.32 -9.97 16.70
C ALA D 191 -90.75 -10.40 16.96
N GLY D 192 -91.67 -9.51 16.62
CA GLY D 192 -93.08 -9.79 16.73
C GLY D 192 -93.57 -9.79 15.29
N PHE D 193 -94.31 -10.82 14.90
CA PHE D 193 -94.82 -10.94 13.54
C PHE D 193 -96.35 -11.15 13.54
N ASP D 194 -97.01 -10.64 12.51
CA ASP D 194 -98.46 -10.76 12.36
C ASP D 194 -98.69 -10.89 10.86
N TYR D 195 -98.93 -12.11 10.40
CA TYR D 195 -99.14 -12.35 8.96
C TYR D 195 -100.27 -11.49 8.37
N SER D 196 -101.26 -11.17 9.19
CA SER D 196 -102.40 -10.37 8.73
C SER D 196 -102.16 -8.85 8.72
N CYS D 197 -101.00 -8.41 9.20
CA CYS D 197 -100.66 -6.99 9.29
C CYS D 197 -101.75 -6.20 10.03
N ALA D 198 -102.22 -6.79 11.12
CA ALA D 198 -103.23 -6.20 11.98
C ALA D 198 -104.50 -5.73 11.24
N ILE D 199 -104.86 -6.41 10.15
CA ILE D 199 -106.04 -6.08 9.33
C ILE D 199 -107.36 -6.06 10.13
N ASN D 200 -107.51 -7.00 11.05
CA ASN D 200 -108.71 -7.13 11.90
C ASN D 200 -108.41 -6.82 13.35
N ALA D 201 -107.25 -6.21 13.63
CA ALA D 201 -106.90 -5.88 15.00
C ALA D 201 -107.41 -4.52 15.44
N PRO D 202 -107.78 -4.38 16.74
CA PRO D 202 -108.29 -3.13 17.28
C PRO D 202 -107.25 -2.02 17.06
N ALA D 203 -107.69 -0.94 16.44
CA ALA D 203 -106.83 0.19 16.12
C ALA D 203 -105.75 -0.21 15.12
N ASN D 204 -105.95 -1.36 14.45
CA ASN D 204 -105.00 -1.91 13.49
C ASN D 204 -103.60 -1.99 14.08
N THR D 205 -103.54 -2.36 15.35
CA THR D 205 -102.29 -2.46 16.08
C THR D 205 -102.22 -3.79 16.82
N GLN D 206 -101.11 -4.50 16.67
CA GLN D 206 -100.92 -5.76 17.36
C GLN D 206 -99.83 -5.52 18.41
N GLN D 207 -100.12 -5.84 19.67
CA GLN D 207 -99.17 -5.66 20.74
C GLN D 207 -98.26 -6.87 20.89
N PHE D 208 -96.98 -6.64 21.21
CA PHE D 208 -96.02 -7.71 21.46
C PHE D 208 -95.30 -7.43 22.76
N GLU D 209 -94.70 -8.46 23.32
CA GLU D 209 -94.01 -8.28 24.56
C GLU D 209 -92.99 -9.41 24.71
N HIS D 210 -91.82 -9.10 25.28
CA HIS D 210 -90.80 -10.10 25.49
C HIS D 210 -90.23 -9.82 26.87
N ILE D 211 -90.28 -10.82 27.74
CA ILE D 211 -89.76 -10.69 29.11
C ILE D 211 -88.59 -11.63 29.33
N VAL D 212 -87.52 -11.12 29.91
CA VAL D 212 -86.33 -11.92 30.18
C VAL D 212 -85.96 -11.73 31.64
N GLN D 213 -85.92 -12.84 32.36
CA GLN D 213 -85.59 -12.83 33.78
C GLN D 213 -84.15 -13.22 34.03
N LEU D 214 -83.36 -12.29 34.56
CA LEU D 214 -81.95 -12.58 34.81
C LEU D 214 -81.84 -13.47 36.03
N ARG D 215 -80.83 -14.32 36.07
CA ARG D 215 -80.61 -15.21 37.21
C ARG D 215 -79.90 -14.46 38.33
N ARG D 216 -79.32 -13.31 38.00
CA ARG D 216 -78.64 -12.48 38.98
C ARG D 216 -78.94 -11.03 38.58
N VAL D 217 -78.98 -10.16 39.58
CA VAL D 217 -79.22 -8.74 39.34
C VAL D 217 -77.97 -8.12 38.73
N LEU D 218 -78.20 -7.23 37.78
CA LEU D 218 -77.11 -6.50 37.20
C LEU D 218 -77.34 -5.06 37.61
N THR D 219 -76.26 -4.38 37.98
CA THR D 219 -76.35 -2.97 38.33
C THR D 219 -75.42 -2.19 37.40
N THR D 220 -75.62 -0.88 37.34
CA THR D 220 -74.78 0.01 36.54
C THR D 220 -74.50 -0.48 35.10
N ALA D 221 -75.55 -0.99 34.45
CA ALA D 221 -75.48 -1.48 33.08
C ALA D 221 -75.60 -0.38 32.02
N THR D 222 -74.65 -0.41 31.09
CA THR D 222 -74.66 0.48 29.91
C THR D 222 -75.19 -0.38 28.78
N ILE D 223 -76.30 0.04 28.22
CA ILE D 223 -77.01 -0.78 27.24
C ILE D 223 -77.28 -0.09 25.89
N THR D 224 -77.16 -0.84 24.80
CA THR D 224 -77.45 -0.34 23.46
C THR D 224 -78.80 -0.94 23.10
N LEU D 225 -79.75 -0.10 22.70
CA LEU D 225 -81.08 -0.57 22.30
C LEU D 225 -81.27 -0.03 20.92
N LEU D 226 -81.61 -0.91 19.99
CA LEU D 226 -81.80 -0.51 18.61
C LEU D 226 -83.09 -1.11 18.08
N PRO D 227 -83.75 -0.41 17.14
CA PRO D 227 -84.98 -0.97 16.60
C PRO D 227 -84.56 -2.03 15.59
N ASP D 228 -85.44 -2.99 15.33
CA ASP D 228 -85.23 -4.09 14.38
C ASP D 228 -84.44 -5.26 14.94
N ALA D 229 -84.79 -6.46 14.49
CA ALA D 229 -84.10 -7.68 14.89
C ALA D 229 -83.62 -8.28 13.57
N GLU D 230 -82.40 -7.95 13.18
CA GLU D 230 -81.84 -8.44 11.92
C GLU D 230 -81.87 -9.95 11.80
N ARG D 231 -81.65 -10.62 12.92
CA ARG D 231 -81.66 -12.07 12.96
C ARG D 231 -83.01 -12.66 12.50
N PHE D 232 -84.09 -11.90 12.64
CA PHE D 232 -85.41 -12.40 12.26
C PHE D 232 -86.01 -11.55 11.15
N SER D 233 -85.15 -11.07 10.26
CA SER D 233 -85.60 -10.23 9.17
C SER D 233 -85.48 -10.92 7.84
N PHE D 234 -85.12 -12.19 7.85
CA PHE D 234 -85.00 -12.92 6.60
C PHE D 234 -85.93 -14.16 6.54
N PRO D 235 -86.19 -14.66 5.32
CA PRO D 235 -87.06 -15.82 5.10
C PRO D 235 -86.56 -17.07 5.78
N ARG D 236 -87.47 -17.76 6.44
CA ARG D 236 -87.12 -18.96 7.16
C ARG D 236 -88.18 -20.03 7.00
N VAL D 237 -87.70 -21.24 7.11
CA VAL D 237 -88.54 -22.42 7.17
C VAL D 237 -88.26 -22.98 8.55
N ILE D 238 -89.28 -23.00 9.37
CA ILE D 238 -89.13 -23.34 10.78
C ILE D 238 -89.93 -24.58 11.18
N ASN D 239 -89.48 -25.30 12.19
CA ASN D 239 -90.21 -26.47 12.64
C ASN D 239 -91.40 -25.98 13.46
N SER D 240 -92.52 -26.70 13.34
CA SER D 240 -93.73 -26.34 14.08
C SER D 240 -93.48 -26.62 15.56
N ALA D 241 -94.31 -26.06 16.43
CA ALA D 241 -94.15 -26.25 17.87
C ALA D 241 -94.10 -27.74 18.27
N ASP D 242 -94.90 -28.59 17.63
CA ASP D 242 -94.96 -30.02 17.94
C ASP D 242 -93.94 -30.86 17.17
N GLY D 243 -93.14 -30.20 16.33
CA GLY D 243 -92.14 -30.89 15.54
C GLY D 243 -92.68 -31.73 14.40
N ALA D 244 -94.00 -31.72 14.20
CA ALA D 244 -94.62 -32.52 13.14
C ALA D 244 -94.50 -31.99 11.71
N THR D 245 -94.24 -30.70 11.54
CA THR D 245 -94.12 -30.12 10.20
C THR D 245 -93.27 -28.83 10.21
N THR D 246 -93.23 -28.14 9.08
CA THR D 246 -92.47 -26.89 8.98
C THR D 246 -93.33 -25.78 8.38
N TRP D 247 -93.14 -24.56 8.90
CA TRP D 247 -93.86 -23.38 8.42
C TRP D 247 -92.91 -22.40 7.73
N TYR D 248 -93.48 -21.50 6.95
CA TYR D 248 -92.71 -20.52 6.22
C TYR D 248 -92.87 -19.11 6.79
N PHE D 249 -91.75 -18.44 7.03
CA PHE D 249 -91.73 -17.08 7.55
C PHE D 249 -91.06 -16.24 6.47
N ASN D 250 -91.81 -15.26 5.97
CA ASN D 250 -91.33 -14.40 4.91
C ASN D 250 -91.50 -12.95 5.37
N PRO D 251 -90.64 -12.45 6.28
CA PRO D 251 -90.79 -11.11 6.86
C PRO D 251 -90.53 -9.95 5.92
N VAL D 252 -91.26 -8.90 6.26
CA VAL D 252 -91.13 -7.53 5.72
C VAL D 252 -91.16 -6.67 6.98
N ILE D 253 -90.17 -5.82 7.14
CA ILE D 253 -89.99 -5.09 8.41
C ILE D 253 -90.56 -3.68 8.45
N LEU D 254 -91.23 -3.37 9.55
CA LEU D 254 -91.82 -2.05 9.80
C LEU D 254 -91.20 -1.56 11.11
N ARG D 255 -91.23 -0.25 11.35
CA ARG D 255 -90.65 0.24 12.59
C ARG D 255 -91.48 -0.15 13.77
N PRO D 256 -90.82 -0.58 14.86
CA PRO D 256 -91.59 -0.96 16.03
C PRO D 256 -92.25 0.32 16.58
N ASN D 257 -93.54 0.19 16.87
CA ASN D 257 -94.38 1.29 17.38
C ASN D 257 -94.56 1.20 18.90
N ASN D 258 -94.54 2.36 19.57
CA ASN D 258 -94.70 2.43 21.04
C ASN D 258 -93.78 1.54 21.83
N VAL D 259 -92.49 1.60 21.49
CA VAL D 259 -91.49 0.81 22.15
C VAL D 259 -91.35 1.27 23.60
N GLU D 260 -91.38 0.32 24.52
CA GLU D 260 -91.19 0.61 25.92
C GLU D 260 -90.35 -0.46 26.56
N VAL D 261 -89.20 -0.08 27.11
CA VAL D 261 -88.32 -1.03 27.76
C VAL D 261 -88.37 -0.76 29.25
N GLU D 262 -88.63 -1.80 30.02
CA GLU D 262 -88.64 -1.64 31.45
C GLU D 262 -87.62 -2.56 32.07
N PHE D 263 -86.84 -2.01 32.99
CA PHE D 263 -85.83 -2.76 33.73
C PHE D 263 -86.44 -2.80 35.11
N LEU D 264 -86.86 -3.98 35.52
CA LEU D 264 -87.52 -4.16 36.79
C LEU D 264 -86.66 -4.85 37.81
N LEU D 265 -86.94 -4.60 39.07
CA LEU D 265 -86.24 -5.23 40.17
C LEU D 265 -87.34 -5.69 41.10
N ASN D 266 -87.45 -6.99 41.30
CA ASN D 266 -88.48 -7.54 42.19
C ASN D 266 -89.88 -7.04 41.83
N GLY D 267 -90.18 -6.96 40.53
CA GLY D 267 -91.48 -6.52 40.10
C GLY D 267 -91.67 -5.03 39.98
N GLN D 268 -90.73 -4.26 40.50
CA GLN D 268 -90.82 -2.82 40.44
C GLN D 268 -90.05 -2.24 39.26
N ILE D 269 -90.62 -1.24 38.59
CA ILE D 269 -89.95 -0.58 37.49
C ILE D 269 -88.85 0.31 38.09
N ILE D 270 -87.60 0.05 37.72
CA ILE D 270 -86.50 0.86 38.21
C ILE D 270 -86.18 1.85 37.10
N ASN D 271 -86.15 1.39 35.86
CA ASN D 271 -85.88 2.26 34.72
C ASN D 271 -86.88 1.95 33.63
N THR D 272 -87.35 2.99 32.95
CA THR D 272 -88.26 2.81 31.84
C THR D 272 -87.88 3.79 30.76
N TYR D 273 -87.87 3.31 29.53
CA TYR D 273 -87.51 4.10 28.36
C TYR D 273 -88.56 3.91 27.27
N GLN D 274 -89.07 5.02 26.75
CA GLN D 274 -90.09 4.97 25.73
C GLN D 274 -89.49 5.35 24.42
N ALA D 275 -89.38 4.39 23.53
CA ALA D 275 -88.86 4.62 22.20
C ALA D 275 -87.51 5.32 22.14
N ARG D 276 -86.64 5.02 23.10
CA ARG D 276 -85.34 5.65 23.10
C ARG D 276 -84.28 4.66 22.61
N PHE D 277 -83.78 4.87 21.40
CA PHE D 277 -82.77 3.99 20.82
C PHE D 277 -81.39 4.62 20.99
N GLY D 278 -80.37 3.79 21.11
CA GLY D 278 -79.03 4.30 21.31
C GLY D 278 -78.54 3.78 22.63
N THR D 279 -77.86 4.62 23.40
CA THR D 279 -77.33 4.20 24.69
C THR D 279 -78.18 4.64 25.87
N ILE D 280 -78.59 3.66 26.68
CA ILE D 280 -79.42 3.90 27.86
C ILE D 280 -78.79 3.19 29.07
N ILE D 281 -79.05 3.72 30.26
CA ILE D 281 -78.52 3.16 31.52
C ILE D 281 -79.62 2.45 32.34
N ALA D 282 -79.35 1.24 32.79
CA ALA D 282 -80.29 0.48 33.62
C ALA D 282 -79.47 0.29 34.91
N ARG D 283 -79.84 0.97 35.97
CA ARG D 283 -78.97 0.99 37.16
C ARG D 283 -79.09 -0.20 38.13
N ASN D 284 -80.15 -0.97 38.07
CA ASN D 284 -80.33 -2.09 39.03
C ASN D 284 -81.58 -2.86 38.60
N PHE D 285 -81.40 -4.07 38.11
CA PHE D 285 -82.56 -4.82 37.62
C PHE D 285 -82.29 -6.32 37.57
N ASP D 286 -83.37 -7.11 37.66
CA ASP D 286 -83.28 -8.56 37.57
C ASP D 286 -84.19 -9.04 36.47
N THR D 287 -84.85 -8.09 35.79
CA THR D 287 -85.76 -8.44 34.70
C THR D 287 -85.81 -7.34 33.66
N ILE D 288 -85.93 -7.74 32.41
CA ILE D 288 -86.06 -6.79 31.32
C ILE D 288 -87.38 -7.13 30.62
N ARG D 289 -88.18 -6.11 30.34
CA ARG D 289 -89.43 -6.33 29.65
C ARG D 289 -89.45 -5.40 28.45
N LEU D 290 -89.56 -5.97 27.26
CA LEU D 290 -89.62 -5.20 26.03
C LEU D 290 -91.03 -5.30 25.47
N SER D 291 -91.70 -4.15 25.32
CA SER D 291 -93.05 -4.11 24.75
C SER D 291 -92.95 -3.27 23.51
N PHE D 292 -93.58 -3.73 22.45
CA PHE D 292 -93.55 -3.03 21.17
C PHE D 292 -94.76 -3.49 20.36
N GLN D 293 -95.14 -2.68 19.37
CA GLN D 293 -96.31 -2.97 18.57
C GLN D 293 -96.06 -2.90 17.08
N LEU D 294 -96.95 -3.55 16.35
CA LEU D 294 -96.94 -3.50 14.90
C LEU D 294 -98.18 -2.70 14.61
N MET D 295 -98.06 -1.58 13.92
CA MET D 295 -99.23 -0.83 13.60
C MET D 295 -99.38 -0.85 12.10
N ARG D 296 -100.53 -1.31 11.61
CA ARG D 296 -100.75 -1.35 10.16
C ARG D 296 -100.61 0.07 9.63
N PRO D 297 -99.80 0.28 8.60
CA PRO D 297 -99.61 1.62 8.03
C PRO D 297 -100.96 2.20 7.58
N PRO D 298 -101.34 3.37 8.12
CA PRO D 298 -102.62 3.95 7.71
C PRO D 298 -102.63 4.44 6.26
N ASN D 299 -101.46 4.78 5.73
CA ASN D 299 -101.32 5.25 4.36
C ASN D 299 -100.27 4.42 3.67
N MET D 300 -100.63 3.86 2.53
CA MET D 300 -99.72 2.99 1.80
C MET D 300 -99.60 3.29 0.32
N THR D 301 -98.38 3.36 -0.19
CA THR D 301 -98.20 3.56 -1.63
C THR D 301 -98.65 2.21 -2.25
N PRO D 302 -98.93 2.19 -3.56
CA PRO D 302 -99.36 0.94 -4.22
C PRO D 302 -98.48 -0.28 -3.91
N ALA D 303 -97.17 -0.09 -4.01
CA ALA D 303 -96.22 -1.18 -3.75
C ALA D 303 -96.39 -1.75 -2.35
N VAL D 304 -96.68 -0.89 -1.38
CA VAL D 304 -96.88 -1.34 -0.01
C VAL D 304 -98.25 -1.99 0.13
N ALA D 305 -99.28 -1.32 -0.39
CA ALA D 305 -100.65 -1.81 -0.33
C ALA D 305 -100.75 -3.26 -0.86
N ALA D 306 -99.96 -3.52 -1.90
CA ALA D 306 -99.92 -4.84 -2.55
C ALA D 306 -99.40 -5.97 -1.66
N LEU D 307 -98.65 -5.62 -0.61
CA LEU D 307 -98.09 -6.62 0.27
C LEU D 307 -99.10 -7.06 1.30
N PHE D 308 -100.04 -6.16 1.60
CA PHE D 308 -101.05 -6.37 2.64
C PHE D 308 -102.51 -6.35 2.19
N PRO D 309 -103.00 -7.45 1.60
CA PRO D 309 -104.38 -7.59 1.11
C PRO D 309 -105.39 -7.71 2.22
N ASN D 310 -106.67 -7.55 1.89
CA ASN D 310 -107.72 -7.66 2.89
C ASN D 310 -108.04 -9.10 3.22
N ALA D 311 -107.66 -10.01 2.31
CA ALA D 311 -107.91 -11.42 2.49
C ALA D 311 -106.69 -12.26 2.20
N GLN D 312 -106.64 -13.44 2.80
CA GLN D 312 -105.53 -14.38 2.59
C GLN D 312 -105.56 -14.76 1.12
N PRO D 313 -104.47 -15.32 0.59
CA PRO D 313 -103.20 -15.62 1.27
C PRO D 313 -102.36 -14.42 1.67
N PHE D 314 -101.77 -14.50 2.86
CA PHE D 314 -100.90 -13.44 3.37
C PHE D 314 -99.49 -13.92 3.00
N GLU D 315 -98.89 -13.26 2.02
CA GLU D 315 -97.58 -13.68 1.53
C GLU D 315 -96.37 -12.90 2.03
N HIS D 316 -96.61 -11.71 2.57
CA HIS D 316 -95.54 -10.89 3.12
C HIS D 316 -95.96 -10.72 4.55
N HIS D 317 -95.08 -11.14 5.46
CA HIS D 317 -95.39 -11.13 6.88
C HIS D 317 -94.81 -9.96 7.69
N ALA D 318 -95.67 -9.02 8.05
CA ALA D 318 -95.31 -7.83 8.82
C ALA D 318 -94.59 -8.22 10.10
N THR D 319 -93.41 -7.64 10.27
CA THR D 319 -92.56 -7.92 11.41
C THR D 319 -91.94 -6.66 11.98
N VAL D 320 -91.94 -6.56 13.31
CA VAL D 320 -91.33 -5.44 14.04
C VAL D 320 -90.39 -6.09 15.05
N GLY D 321 -89.27 -5.44 15.38
CA GLY D 321 -88.35 -6.04 16.33
C GLY D 321 -87.48 -5.06 17.10
N LEU D 322 -86.70 -5.61 18.04
CA LEU D 322 -85.82 -4.83 18.88
C LEU D 322 -84.54 -5.62 19.13
N THR D 323 -83.44 -4.92 19.36
CA THR D 323 -82.16 -5.53 19.69
C THR D 323 -81.64 -4.80 20.90
N LEU D 324 -81.25 -5.54 21.92
CA LEU D 324 -80.75 -4.95 23.17
C LEU D 324 -79.43 -5.63 23.53
N ARG D 325 -78.39 -4.85 23.77
CA ARG D 325 -77.09 -5.41 24.16
C ARG D 325 -76.53 -4.75 25.40
N ILE D 326 -76.16 -5.56 26.40
CA ILE D 326 -75.59 -5.05 27.62
C ILE D 326 -74.09 -4.97 27.39
N GLU D 327 -73.58 -3.76 27.15
CA GLU D 327 -72.15 -3.56 26.90
C GLU D 327 -71.32 -3.83 28.15
N SER D 328 -71.74 -3.29 29.29
CA SER D 328 -71.02 -3.47 30.52
C SER D 328 -72.02 -3.41 31.65
N ALA D 329 -71.63 -3.99 32.78
CA ALA D 329 -72.46 -4.00 33.98
C ALA D 329 -71.66 -4.52 35.15
N VAL D 330 -72.22 -4.34 36.33
CA VAL D 330 -71.59 -4.83 37.53
C VAL D 330 -72.51 -5.90 38.11
N CYS D 331 -71.94 -6.98 38.65
CA CYS D 331 -72.75 -8.02 39.26
C CYS D 331 -72.10 -8.37 40.58
N GLU D 332 -72.94 -8.66 41.58
CA GLU D 332 -72.44 -9.05 42.87
C GLU D 332 -71.94 -10.51 42.83
N SER D 333 -72.33 -11.28 41.81
CA SER D 333 -71.92 -12.68 41.64
C SER D 333 -70.95 -12.80 40.46
N VAL D 334 -70.02 -13.74 40.53
CA VAL D 334 -69.12 -13.91 39.40
C VAL D 334 -69.93 -14.41 38.21
N LEU D 335 -69.52 -14.01 37.00
CA LEU D 335 -70.17 -14.42 35.77
C LEU D 335 -69.09 -14.49 34.73
N ALA D 336 -69.39 -15.19 33.63
CA ALA D 336 -68.48 -15.20 32.50
C ALA D 336 -68.82 -13.90 31.74
N ASP D 337 -67.86 -13.35 30.99
CA ASP D 337 -68.12 -12.16 30.18
C ASP D 337 -67.25 -12.29 28.90
N ALA D 338 -67.17 -11.23 28.10
CA ALA D 338 -66.39 -11.32 26.85
C ALA D 338 -64.92 -10.98 26.95
N SER D 339 -64.44 -10.67 28.14
CA SER D 339 -63.04 -10.29 28.32
C SER D 339 -62.22 -11.14 29.26
N GLU D 340 -62.81 -11.56 30.38
CA GLU D 340 -62.12 -12.35 31.37
C GLU D 340 -61.93 -13.79 30.94
N THR D 341 -60.78 -14.36 31.31
CA THR D 341 -60.44 -15.73 30.94
C THR D 341 -60.73 -16.76 32.02
N MET D 342 -61.31 -16.34 33.14
CA MET D 342 -61.60 -17.25 34.25
C MET D 342 -62.33 -18.52 33.89
N LEU D 343 -63.51 -18.39 33.29
CA LEU D 343 -64.28 -19.55 32.92
C LEU D 343 -63.43 -20.45 32.02
N ALA D 344 -62.79 -19.84 31.02
CA ALA D 344 -61.97 -20.61 30.08
C ALA D 344 -60.79 -21.29 30.78
N ASN D 345 -60.18 -20.65 31.78
CA ASN D 345 -59.06 -21.25 32.52
C ASN D 345 -59.49 -22.47 33.28
N VAL D 346 -60.58 -22.33 34.05
CA VAL D 346 -61.11 -23.43 34.85
C VAL D 346 -61.55 -24.58 33.94
N THR D 347 -62.29 -24.25 32.90
CA THR D 347 -62.77 -25.25 31.96
C THR D 347 -61.60 -25.93 31.27
N SER D 348 -60.59 -25.15 30.90
CA SER D 348 -59.41 -25.70 30.22
C SER D 348 -58.58 -26.63 31.09
N VAL D 349 -58.35 -26.26 32.34
CA VAL D 349 -57.54 -27.12 33.21
C VAL D 349 -58.27 -28.45 33.41
N ARG D 350 -59.57 -28.38 33.65
CA ARG D 350 -60.36 -29.60 33.84
C ARG D 350 -60.34 -30.52 32.60
N GLN D 351 -60.47 -29.93 31.42
CA GLN D 351 -60.46 -30.68 30.16
C GLN D 351 -59.10 -31.31 29.89
N GLU D 352 -58.04 -30.53 30.05
CA GLU D 352 -56.69 -31.03 29.81
C GLU D 352 -56.34 -32.24 30.70
N TYR D 353 -56.73 -32.19 31.97
CA TYR D 353 -56.43 -33.30 32.87
C TYR D 353 -57.51 -34.33 33.00
N ALA D 354 -58.43 -34.36 32.06
CA ALA D 354 -59.50 -35.34 32.05
C ALA D 354 -60.19 -35.49 33.42
N ILE D 355 -60.50 -34.36 34.05
CA ILE D 355 -61.15 -34.38 35.36
C ILE D 355 -62.58 -34.90 35.21
N PRO D 356 -62.96 -35.92 35.99
CA PRO D 356 -64.31 -36.51 35.93
C PRO D 356 -65.40 -35.49 36.33
N VAL D 357 -66.61 -35.65 35.78
CA VAL D 357 -67.73 -34.77 36.14
C VAL D 357 -67.93 -34.93 37.64
N GLY D 358 -68.17 -33.82 38.34
CA GLY D 358 -68.36 -33.88 39.76
C GLY D 358 -69.82 -33.68 40.15
N PRO D 359 -70.10 -33.49 41.43
CA PRO D 359 -71.47 -33.28 41.89
C PRO D 359 -72.03 -31.86 41.78
N VAL D 360 -71.16 -30.86 41.56
CA VAL D 360 -71.64 -29.48 41.50
C VAL D 360 -71.84 -28.90 40.11
N PHE D 361 -70.77 -28.90 39.32
CA PHE D 361 -70.80 -28.30 37.98
C PHE D 361 -71.36 -29.16 36.85
N PRO D 362 -72.07 -28.55 35.86
CA PRO D 362 -72.60 -29.35 34.76
C PRO D 362 -71.46 -29.89 33.93
N PRO D 363 -71.70 -30.98 33.19
CA PRO D 363 -70.64 -31.54 32.36
C PRO D 363 -70.00 -30.44 31.46
N GLY D 364 -68.67 -30.44 31.44
CA GLY D 364 -67.92 -29.48 30.64
C GLY D 364 -67.97 -28.05 31.11
N MET D 365 -68.44 -27.81 32.34
CA MET D 365 -68.58 -26.46 32.87
C MET D 365 -69.47 -25.68 31.91
N ASN D 366 -70.43 -26.37 31.25
CA ASN D 366 -71.31 -25.70 30.27
C ASN D 366 -71.95 -24.42 30.80
N TRP D 367 -71.64 -23.28 30.18
CA TRP D 367 -72.16 -22.03 30.68
C TRP D 367 -73.66 -21.94 30.71
N THR D 368 -74.30 -22.27 29.60
CA THR D 368 -75.76 -22.19 29.59
C THR D 368 -76.37 -23.00 30.76
N ASP D 369 -75.93 -24.24 30.93
CA ASP D 369 -76.46 -25.07 32.01
C ASP D 369 -76.17 -24.45 33.37
N LEU D 370 -74.97 -23.92 33.52
CA LEU D 370 -74.57 -23.34 34.78
C LEU D 370 -75.44 -22.12 35.16
N ILE D 371 -75.55 -21.16 34.26
CA ILE D 371 -76.33 -19.96 34.52
C ILE D 371 -77.84 -20.25 34.60
N THR D 372 -78.32 -21.28 33.92
CA THR D 372 -79.74 -21.61 33.97
C THR D 372 -80.14 -22.06 35.37
N ASN D 373 -79.27 -22.84 36.02
CA ASN D 373 -79.54 -23.31 37.37
C ASN D 373 -78.37 -22.90 38.21
N TYR D 374 -78.24 -21.60 38.40
CA TYR D 374 -77.14 -21.00 39.15
C TYR D 374 -77.42 -21.05 40.65
N SER D 375 -77.32 -22.25 41.21
CA SER D 375 -77.57 -22.44 42.62
C SER D 375 -76.50 -21.79 43.50
N PRO D 376 -76.80 -21.64 44.81
CA PRO D 376 -75.83 -21.03 45.70
C PRO D 376 -74.53 -21.85 45.69
N SER D 377 -74.66 -23.18 45.69
CA SER D 377 -73.48 -24.06 45.67
C SER D 377 -72.65 -23.85 44.42
N ARG D 378 -73.28 -23.78 43.25
CA ARG D 378 -72.53 -23.56 42.02
C ARG D 378 -71.81 -22.20 42.08
N GLU D 379 -72.48 -21.17 42.62
CA GLU D 379 -71.87 -19.84 42.70
C GLU D 379 -70.69 -19.80 43.67
N ASP D 380 -70.83 -20.44 44.82
CA ASP D 380 -69.71 -20.44 45.78
C ASP D 380 -68.52 -21.19 45.20
N ASN D 381 -68.79 -22.33 44.58
CA ASN D 381 -67.72 -23.11 43.95
C ASN D 381 -67.12 -22.30 42.77
N LEU D 382 -67.97 -21.67 41.96
CA LEU D 382 -67.51 -20.88 40.83
C LEU D 382 -66.63 -19.75 41.31
N GLN D 383 -67.03 -19.07 42.38
CA GLN D 383 -66.23 -17.96 42.87
C GLN D 383 -64.90 -18.43 43.37
N ARG D 384 -64.89 -19.56 44.08
CA ARG D 384 -63.63 -20.08 44.62
C ARG D 384 -62.69 -20.41 43.49
N VAL D 385 -63.26 -21.08 42.54
CA VAL D 385 -62.55 -21.60 41.38
C VAL D 385 -62.09 -20.42 40.46
N PHE D 386 -62.91 -19.38 40.34
CA PHE D 386 -62.55 -18.18 39.50
C PHE D 386 -61.44 -17.38 40.20
N THR D 387 -61.55 -17.25 41.52
CA THR D 387 -60.53 -16.53 42.27
C THR D 387 -59.19 -17.24 42.14
N VAL D 388 -59.17 -18.57 42.19
CA VAL D 388 -57.93 -19.34 42.04
C VAL D 388 -57.37 -19.17 40.62
N ALA D 389 -58.24 -19.18 39.63
CA ALA D 389 -57.81 -18.99 38.25
C ALA D 389 -57.13 -17.63 38.10
N SER D 390 -57.68 -16.62 38.77
CA SER D 390 -57.12 -15.27 38.70
C SER D 390 -55.77 -15.20 39.42
N ILE D 391 -55.59 -16.01 40.45
CA ILE D 391 -54.33 -16.01 41.21
C ILE D 391 -53.28 -16.65 40.31
N ARG D 392 -53.67 -17.72 39.65
CA ARG D 392 -52.80 -18.44 38.74
C ARG D 392 -52.34 -17.57 37.55
N SER D 393 -53.27 -16.82 36.96
CA SER D 393 -52.95 -15.97 35.80
C SER D 393 -51.98 -14.81 36.08
N MET D 394 -51.59 -14.63 37.34
CA MET D 394 -50.68 -13.55 37.70
C MET D 394 -49.29 -14.04 37.35
N LEU D 395 -49.13 -15.36 37.25
CA LEU D 395 -47.84 -15.98 37.00
C LEU D 395 -47.78 -16.84 35.75
N VAL D 396 -48.87 -17.54 35.50
CA VAL D 396 -48.96 -18.48 34.40
C VAL D 396 -50.12 -18.15 33.49
N LYS D 397 -49.83 -17.83 32.25
CA LYS D 397 -50.89 -17.53 31.31
C LYS D 397 -50.75 -18.50 30.16
N MET E 1 -59.65 18.89 45.26
CA MET E 1 -59.88 17.75 44.33
C MET E 1 -58.83 16.65 44.42
N ASP E 2 -57.62 16.92 43.94
CA ASP E 2 -56.57 15.90 44.01
C ASP E 2 -56.63 15.30 45.41
N VAL E 3 -57.02 16.16 46.35
CA VAL E 3 -57.18 15.77 47.73
C VAL E 3 -57.98 14.47 47.68
N LEU E 4 -59.25 14.65 47.35
CA LEU E 4 -60.19 13.55 47.25
C LEU E 4 -59.52 12.24 46.84
N TYR E 5 -58.84 12.26 45.71
CA TYR E 5 -58.19 11.05 45.23
C TYR E 5 -57.53 10.30 46.37
N SER E 6 -56.45 10.85 46.89
CA SER E 6 -55.71 10.23 47.98
C SER E 6 -56.61 9.50 48.96
N LEU E 7 -57.58 10.21 49.51
CA LEU E 7 -58.50 9.67 50.49
C LEU E 7 -58.89 8.25 50.17
N SER E 8 -58.83 7.90 48.89
CA SER E 8 -59.17 6.57 48.46
C SER E 8 -57.99 5.60 48.39
N LYS E 9 -57.07 5.79 47.43
CA LYS E 9 -55.92 4.88 47.29
C LYS E 9 -55.35 4.68 48.69
N THR E 10 -55.73 5.59 49.57
CA THR E 10 -55.35 5.54 50.96
C THR E 10 -56.05 4.31 51.50
N LEU E 11 -57.38 4.34 51.46
CA LEU E 11 -58.17 3.24 51.96
C LEU E 11 -57.98 1.91 51.21
N LYS E 12 -58.00 1.92 49.87
CA LYS E 12 -57.82 0.67 49.11
C LYS E 12 -56.47 0.06 49.45
N ASP E 13 -55.40 0.76 49.11
CA ASP E 13 -54.06 0.28 49.41
C ASP E 13 -54.00 0.07 50.93
N ALA E 14 -55.13 0.27 51.62
CA ALA E 14 -55.23 0.07 53.06
C ALA E 14 -56.05 -1.18 53.37
N ARG E 15 -57.36 -1.11 53.13
CA ARG E 15 -58.25 -2.23 53.38
C ARG E 15 -57.74 -3.47 52.65
N ASP E 16 -56.68 -3.28 51.87
CA ASP E 16 -56.06 -4.37 51.12
C ASP E 16 -54.75 -4.87 51.73
N LYS E 17 -53.87 -3.97 52.16
CA LYS E 17 -52.58 -4.38 52.74
C LYS E 17 -52.56 -4.63 54.26
N ILE E 18 -53.72 -4.55 54.92
CA ILE E 18 -53.77 -4.77 56.37
C ILE E 18 -54.60 -5.99 56.72
N VAL E 19 -53.95 -7.14 56.85
CA VAL E 19 -54.67 -8.36 57.17
C VAL E 19 -53.96 -9.18 58.23
N GLU E 20 -54.74 -9.89 59.02
CA GLU E 20 -54.22 -10.73 60.08
C GLU E 20 -53.01 -11.47 59.54
N GLY E 21 -51.81 -11.05 59.95
CA GLY E 21 -50.60 -11.72 59.48
C GLY E 21 -49.41 -10.87 59.07
N THR E 22 -49.43 -10.41 57.82
CA THR E 22 -48.38 -9.60 57.22
C THR E 22 -47.34 -8.98 58.15
N LEU E 23 -46.12 -8.88 57.63
CA LEU E 23 -45.02 -8.28 58.39
C LEU E 23 -45.22 -6.76 58.35
N TYR E 24 -44.89 -6.08 59.44
CA TYR E 24 -45.05 -4.64 59.52
C TYR E 24 -44.33 -3.89 58.41
N SER E 25 -43.00 -4.05 58.33
CA SER E 25 -42.20 -3.33 57.34
C SER E 25 -42.60 -3.38 55.86
N ASN E 26 -43.83 -3.84 55.57
CA ASN E 26 -44.33 -3.88 54.19
C ASN E 26 -45.34 -2.75 54.13
N VAL E 27 -45.59 -2.18 55.31
CA VAL E 27 -46.56 -1.12 55.46
C VAL E 27 -46.04 0.12 56.19
N SER E 28 -44.78 0.09 56.62
CA SER E 28 -44.18 1.23 57.33
C SER E 28 -44.41 2.51 56.53
N ASP E 29 -44.01 2.47 55.26
CA ASP E 29 -44.16 3.62 54.38
C ASP E 29 -45.64 3.95 54.22
N LEU E 30 -46.49 2.98 54.56
CA LEU E 30 -47.93 3.17 54.45
C LEU E 30 -48.56 3.73 55.70
N ILE E 31 -48.42 3.01 56.80
CA ILE E 31 -48.98 3.45 58.07
C ILE E 31 -48.82 4.95 58.16
N GLN E 32 -47.57 5.39 58.16
CA GLN E 32 -47.24 6.81 58.23
C GLN E 32 -48.26 7.64 57.45
N GLN E 33 -48.15 7.64 56.12
CA GLN E 33 -49.06 8.40 55.26
C GLN E 33 -50.44 8.46 55.90
N PHE E 34 -50.93 7.29 56.30
CA PHE E 34 -52.25 7.21 56.89
C PHE E 34 -52.45 8.19 58.03
N ASN E 35 -51.79 7.94 59.14
CA ASN E 35 -51.90 8.79 60.30
C ASN E 35 -51.95 10.27 59.90
N GLN E 36 -50.90 10.74 59.23
CA GLN E 36 -50.81 12.13 58.77
C GLN E 36 -52.20 12.70 58.51
N MET E 37 -53.00 11.90 57.83
CA MET E 37 -54.36 12.28 57.50
C MET E 37 -55.16 12.58 58.76
N ILE E 38 -55.46 11.52 59.49
CA ILE E 38 -56.24 11.60 60.73
C ILE E 38 -56.03 12.95 61.39
N ILE E 39 -54.76 13.30 61.59
CA ILE E 39 -54.41 14.56 62.23
C ILE E 39 -55.13 15.73 61.56
N THR E 40 -54.73 16.00 60.33
CA THR E 40 -55.29 17.10 59.56
C THR E 40 -56.80 17.21 59.72
N MET E 41 -57.46 16.05 59.80
CA MET E 41 -58.92 15.99 59.94
C MET E 41 -59.44 16.41 61.30
N ASN E 42 -59.27 15.52 62.28
CA ASN E 42 -59.71 15.75 63.64
C ASN E 42 -59.74 17.24 63.96
N GLY E 43 -60.95 17.78 64.11
CA GLY E 43 -61.09 19.19 64.41
C GLY E 43 -61.77 19.89 63.26
N ASN E 44 -62.59 19.14 62.52
CA ASN E 44 -63.30 19.70 61.39
C ASN E 44 -64.71 19.12 61.29
N GLU E 45 -65.65 19.95 60.83
CA GLU E 45 -67.05 19.54 60.69
C GLU E 45 -67.50 19.55 59.24
N PHE E 46 -68.24 18.51 58.85
CA PHE E 46 -68.70 18.38 57.48
C PHE E 46 -70.19 18.12 57.28
N GLN E 47 -70.68 18.52 56.12
CA GLN E 47 -72.08 18.38 55.78
C GLN E 47 -72.28 17.95 54.32
N THR E 48 -73.10 16.93 54.14
CA THR E 48 -73.40 16.40 52.82
C THR E 48 -74.90 16.32 52.62
N GLY E 49 -75.32 16.41 51.37
CA GLY E 49 -76.74 16.32 51.08
C GLY E 49 -77.48 17.64 50.98
N GLY E 50 -78.79 17.56 51.05
CA GLY E 50 -79.63 18.75 50.96
C GLY E 50 -80.04 18.96 49.52
N ILE E 51 -80.59 17.93 48.90
CA ILE E 51 -81.00 18.01 47.52
C ILE E 51 -81.79 16.76 47.14
N GLY E 52 -82.97 16.96 46.57
CA GLY E 52 -83.81 15.83 46.18
C GLY E 52 -83.86 14.82 47.30
N ASN E 53 -83.93 13.55 46.95
CA ASN E 53 -83.99 12.50 47.96
C ASN E 53 -82.60 12.07 48.41
N LEU E 54 -81.79 13.04 48.81
CA LEU E 54 -80.45 12.74 49.29
C LEU E 54 -80.33 13.08 50.76
N PRO E 55 -80.07 12.07 51.60
CA PRO E 55 -79.93 12.28 53.05
C PRO E 55 -79.02 13.45 53.34
N ILE E 56 -78.93 13.83 54.62
CA ILE E 56 -78.09 14.95 55.01
C ILE E 56 -77.21 14.57 56.19
N ARG E 57 -76.74 13.33 56.20
CA ARG E 57 -75.89 12.84 57.29
C ARG E 57 -74.76 13.84 57.57
N ASN E 58 -74.48 14.07 58.85
CA ASN E 58 -73.44 15.01 59.30
C ASN E 58 -72.28 14.26 59.95
N TRP E 59 -71.06 14.80 59.85
CA TRP E 59 -69.90 14.13 60.43
C TRP E 59 -68.91 14.96 61.23
N ASN E 60 -68.36 14.35 62.27
CA ASN E 60 -67.37 14.97 63.15
C ASN E 60 -66.14 14.09 63.23
N PHE E 61 -65.02 14.66 63.67
CA PHE E 61 -63.77 13.91 63.79
C PHE E 61 -63.06 14.03 65.12
N ASP E 62 -62.51 12.90 65.58
CA ASP E 62 -61.80 12.83 66.86
C ASP E 62 -61.37 11.37 67.04
N PHE E 63 -60.23 11.00 66.45
CA PHE E 63 -59.76 9.61 66.52
C PHE E 63 -58.35 9.36 67.06
N GLY E 64 -58.11 8.11 67.42
CA GLY E 64 -56.82 7.71 67.94
C GLY E 64 -55.86 7.52 66.78
N LEU E 65 -54.86 6.64 66.95
CA LEU E 65 -53.88 6.40 65.89
C LEU E 65 -53.47 4.93 65.81
N LEU E 66 -52.19 4.67 65.56
CA LEU E 66 -51.72 3.29 65.45
C LEU E 66 -50.30 2.95 65.92
N GLY E 67 -50.17 1.77 66.51
CA GLY E 67 -48.88 1.31 67.00
C GLY E 67 -47.87 1.31 65.88
N THR E 68 -46.64 1.02 66.22
CA THR E 68 -45.59 1.00 65.22
C THR E 68 -44.67 -0.11 65.69
N THR E 69 -45.24 -0.94 66.56
CA THR E 69 -44.54 -2.06 67.11
C THR E 69 -44.98 -3.27 66.32
N LEU E 70 -44.84 -4.45 66.92
CA LEU E 70 -45.26 -5.69 66.30
C LEU E 70 -44.53 -6.04 65.02
N LEU E 71 -43.83 -7.17 65.01
CA LEU E 71 -43.13 -7.59 63.81
C LEU E 71 -44.28 -7.95 62.88
N ASN E 72 -45.13 -8.88 63.32
CA ASN E 72 -46.28 -9.29 62.52
C ASN E 72 -47.55 -8.65 63.10
N LEU E 73 -48.67 -8.74 62.38
CA LEU E 73 -49.95 -8.15 62.80
C LEU E 73 -50.90 -9.10 63.51
N ASP E 74 -51.44 -8.68 64.66
CA ASP E 74 -52.36 -9.56 65.38
C ASP E 74 -53.79 -9.15 65.06
N ALA E 75 -54.64 -10.16 64.86
CA ALA E 75 -56.03 -9.92 64.53
C ALA E 75 -56.58 -8.68 65.23
N ASN E 76 -56.43 -8.65 66.55
CA ASN E 76 -56.92 -7.53 67.35
C ASN E 76 -56.56 -6.18 66.74
N TYR E 77 -55.42 -6.12 66.05
CA TYR E 77 -54.98 -4.87 65.45
C TYR E 77 -55.90 -4.47 64.31
N VAL E 78 -56.24 -5.45 63.49
CA VAL E 78 -57.11 -5.22 62.36
C VAL E 78 -58.43 -4.60 62.81
N GLU E 79 -59.28 -5.40 63.44
CA GLU E 79 -60.61 -4.93 63.90
C GLU E 79 -60.67 -3.53 64.48
N THR E 80 -59.69 -3.15 65.29
CA THR E 80 -59.67 -1.82 65.89
C THR E 80 -59.35 -0.78 64.83
N ALA E 81 -59.03 -1.27 63.64
CA ALA E 81 -58.72 -0.43 62.51
C ALA E 81 -59.89 -0.40 61.53
N ARG E 82 -60.35 -1.58 61.14
CA ARG E 82 -61.48 -1.67 60.22
C ARG E 82 -62.64 -0.83 60.71
N ASN E 83 -62.84 -0.81 62.03
CA ASN E 83 -63.92 -0.03 62.63
C ASN E 83 -63.72 1.46 62.40
N THR E 84 -62.48 1.88 62.19
CA THR E 84 -62.19 3.29 61.96
C THR E 84 -62.24 3.60 60.47
N ILE E 85 -62.05 2.59 59.63
CA ILE E 85 -62.09 2.81 58.21
C ILE E 85 -63.54 2.89 57.76
N ASP E 86 -64.38 2.01 58.29
CA ASP E 86 -65.78 1.97 57.93
C ASP E 86 -66.54 3.28 58.18
N TYR E 87 -65.88 4.28 58.75
CA TYR E 87 -66.54 5.56 58.97
C TYR E 87 -66.12 6.43 57.80
N PHE E 88 -64.91 6.17 57.28
CA PHE E 88 -64.38 6.92 56.16
C PHE E 88 -65.01 6.41 54.88
N VAL E 89 -65.26 5.12 54.84
CA VAL E 89 -65.89 4.53 53.68
C VAL E 89 -67.26 5.23 53.61
N ASP E 90 -68.19 4.82 54.48
CA ASP E 90 -69.55 5.39 54.54
C ASP E 90 -69.56 6.91 54.46
N PHE E 91 -68.38 7.51 54.60
CA PHE E 91 -68.25 8.95 54.51
C PHE E 91 -68.05 9.33 53.06
N VAL E 92 -66.86 9.03 52.54
CA VAL E 92 -66.53 9.33 51.16
C VAL E 92 -67.70 9.11 50.21
N ASP E 93 -68.43 8.01 50.38
CA ASP E 93 -69.59 7.68 49.54
C ASP E 93 -70.46 8.93 49.55
N ASN E 94 -70.92 9.30 50.74
CA ASN E 94 -71.76 10.47 50.94
C ASN E 94 -71.08 11.75 50.46
N VAL E 95 -69.77 11.69 50.21
CA VAL E 95 -69.05 12.87 49.75
C VAL E 95 -69.06 12.91 48.24
N CYS E 96 -68.67 11.81 47.62
CA CYS E 96 -68.65 11.73 46.18
C CYS E 96 -70.03 12.12 45.67
N MET E 97 -71.01 11.33 46.07
CA MET E 97 -72.38 11.55 45.67
C MET E 97 -72.81 13.02 45.73
N ASP E 98 -72.45 13.73 46.80
CA ASP E 98 -72.84 15.14 46.95
C ASP E 98 -72.32 16.08 45.85
N GLU E 99 -71.08 15.87 45.40
CA GLU E 99 -70.50 16.72 44.35
C GLU E 99 -70.66 16.04 42.99
N MET E 100 -71.39 14.94 42.96
CA MET E 100 -71.64 14.22 41.71
C MET E 100 -73.02 14.53 41.19
N VAL E 101 -73.53 15.72 41.48
CA VAL E 101 -74.86 16.10 41.01
C VAL E 101 -74.95 17.57 40.68
N ARG E 102 -74.36 18.38 41.56
CA ARG E 102 -74.37 19.84 41.37
C ARG E 102 -73.61 20.19 40.09
N GLU E 103 -74.27 20.93 39.22
CA GLU E 103 -73.71 21.37 37.94
C GLU E 103 -73.67 22.90 37.97
N SER E 104 -72.76 23.52 37.22
CA SER E 104 -72.72 24.98 37.19
C SER E 104 -72.36 25.50 35.81
N GLN E 105 -73.24 26.32 35.26
CA GLN E 105 -73.03 26.89 33.93
C GLN E 105 -71.62 27.47 33.85
N ARG E 106 -71.35 28.38 34.78
CA ARG E 106 -70.09 29.10 34.89
C ARG E 106 -68.86 28.21 34.89
N ASN E 107 -68.37 27.99 36.11
CA ASN E 107 -67.20 27.18 36.34
C ASN E 107 -67.64 25.78 36.71
N GLY E 108 -68.30 25.10 35.78
CA GLY E 108 -68.77 23.76 36.04
C GLY E 108 -67.60 22.80 36.10
N ILE E 109 -66.41 23.34 35.86
CA ILE E 109 -65.17 22.59 35.86
C ILE E 109 -64.50 22.57 37.24
N ALA E 110 -65.03 23.37 38.16
CA ALA E 110 -64.47 23.47 39.50
C ALA E 110 -65.34 22.83 40.58
N PRO E 111 -64.89 22.86 41.84
CA PRO E 111 -65.62 22.30 42.99
C PRO E 111 -66.92 23.05 43.23
N GLN E 112 -67.94 22.33 43.73
CA GLN E 112 -69.24 22.92 43.98
C GLN E 112 -69.73 22.87 45.43
N SER E 113 -69.88 21.64 45.93
CA SER E 113 -70.39 21.33 47.27
C SER E 113 -69.70 21.97 48.48
N ASP E 114 -70.48 22.19 49.53
CA ASP E 114 -69.98 22.76 50.78
C ASP E 114 -69.01 21.78 51.41
N SER E 115 -68.97 20.57 50.85
CA SER E 115 -68.09 19.54 51.34
C SER E 115 -66.74 19.69 50.67
N LEU E 116 -66.73 19.75 49.34
CA LEU E 116 -65.48 19.88 48.60
C LEU E 116 -64.86 21.27 48.61
N ARG E 117 -65.68 22.32 48.45
CA ARG E 117 -65.14 23.70 48.43
C ARG E 117 -64.21 23.86 49.64
N LYS E 118 -64.41 23.06 50.68
CA LYS E 118 -63.60 23.13 51.89
C LYS E 118 -62.38 22.23 51.79
N LEU E 119 -62.42 21.27 50.88
CA LEU E 119 -61.32 20.34 50.70
C LEU E 119 -60.16 20.94 49.91
N SER E 120 -60.49 21.72 48.89
CA SER E 120 -59.47 22.35 48.08
C SER E 120 -58.69 23.32 48.97
N GLY E 121 -59.21 23.54 50.18
CA GLY E 121 -58.53 24.43 51.12
C GLY E 121 -57.07 24.05 51.19
N LEU E 122 -56.21 24.97 51.63
CA LEU E 122 -54.78 24.69 51.69
C LEU E 122 -54.33 23.75 52.82
N LYS E 123 -54.84 23.98 54.02
CA LYS E 123 -54.49 23.17 55.19
C LYS E 123 -54.71 21.67 55.01
N PHE E 124 -55.33 21.29 53.90
CA PHE E 124 -55.62 19.88 53.63
C PHE E 124 -54.61 19.29 52.66
N LYS E 125 -54.04 20.14 51.83
CA LYS E 125 -53.07 19.70 50.84
C LYS E 125 -52.03 18.72 51.38
N ARG E 126 -51.72 18.78 52.68
CA ARG E 126 -50.73 17.89 53.30
C ARG E 126 -51.07 16.41 53.21
N ILE E 127 -51.89 16.02 52.24
CA ILE E 127 -52.31 14.62 52.15
C ILE E 127 -52.13 13.85 50.84
N ASN E 128 -51.99 14.56 49.72
CA ASN E 128 -51.83 13.91 48.41
C ASN E 128 -50.95 12.67 48.47
N PHE E 129 -51.10 11.78 47.48
CA PHE E 129 -50.31 10.54 47.43
C PHE E 129 -50.70 9.58 46.30
N ASP E 130 -49.72 8.83 45.78
CA ASP E 130 -49.87 7.83 44.69
C ASP E 130 -50.99 8.06 43.67
N ASN E 131 -50.73 8.91 42.68
CA ASN E 131 -51.70 9.20 41.63
C ASN E 131 -51.44 8.40 40.37
N SER E 132 -51.68 7.09 40.41
CA SER E 132 -51.44 6.27 39.22
C SER E 132 -52.73 5.78 38.58
N SER E 133 -53.87 6.10 39.21
CA SER E 133 -55.18 5.70 38.69
C SER E 133 -55.48 6.48 37.42
N GLU E 134 -55.31 5.79 36.28
CA GLU E 134 -55.52 6.34 34.96
C GLU E 134 -56.24 7.68 34.89
N TYR E 135 -57.33 7.84 35.64
CA TYR E 135 -58.09 9.10 35.60
C TYR E 135 -57.51 10.32 36.27
N ILE E 136 -56.93 10.13 37.44
CA ILE E 136 -56.32 11.25 38.11
C ILE E 136 -55.10 11.63 37.28
N GLU E 137 -54.35 10.60 36.86
CA GLU E 137 -53.13 10.79 36.04
C GLU E 137 -53.47 11.82 34.98
N ASN E 138 -54.68 11.72 34.44
CA ASN E 138 -55.13 12.63 33.40
C ASN E 138 -55.73 13.91 33.94
N TRP E 139 -56.31 13.87 35.14
CA TRP E 139 -56.85 15.12 35.65
C TRP E 139 -55.72 16.13 35.78
N ASN E 140 -54.67 15.76 36.52
CA ASN E 140 -53.54 16.65 36.72
C ASN E 140 -53.01 17.27 35.43
N LEU E 141 -52.49 16.42 34.55
CA LEU E 141 -51.92 16.87 33.27
C LEU E 141 -52.79 17.89 32.55
N GLN E 142 -54.08 17.90 32.88
CA GLN E 142 -55.02 18.82 32.26
C GLN E 142 -55.03 20.16 32.98
N ASN E 143 -55.01 20.11 34.31
CA ASN E 143 -55.04 21.32 35.12
C ASN E 143 -53.79 22.14 34.83
N ARG E 144 -52.69 21.45 34.55
CA ARG E 144 -51.42 22.09 34.22
C ARG E 144 -51.47 22.57 32.77
N ARG E 145 -52.64 22.43 32.16
CA ARG E 145 -52.80 22.83 30.77
C ARG E 145 -51.76 22.09 29.93
N GLN E 146 -52.06 20.83 29.60
CA GLN E 146 -51.19 19.96 28.79
C GLN E 146 -51.97 18.88 28.02
N ARG E 147 -51.29 18.16 27.14
CA ARG E 147 -51.90 17.11 26.31
C ARG E 147 -52.35 15.86 27.08
N THR E 148 -53.68 15.71 27.19
CA THR E 148 -54.35 14.61 27.90
C THR E 148 -54.32 13.22 27.23
N GLY E 149 -55.43 12.48 27.32
CA GLY E 149 -55.51 11.15 26.69
C GLY E 149 -56.20 9.99 27.45
N PHE E 150 -57.03 9.20 26.75
CA PHE E 150 -57.73 8.05 27.36
C PHE E 150 -57.83 6.79 26.48
N THR E 151 -58.33 5.69 27.07
CA THR E 151 -58.46 4.40 26.37
C THR E 151 -59.91 3.88 26.31
N PHE E 152 -60.38 3.48 25.12
CA PHE E 152 -61.77 2.99 24.96
C PHE E 152 -62.01 1.87 23.94
N HIS E 153 -62.56 0.74 24.39
CA HIS E 153 -62.90 -0.38 23.50
C HIS E 153 -64.35 -0.16 23.08
N LYS E 154 -64.57 0.10 21.79
CA LYS E 154 -65.90 0.36 21.23
C LYS E 154 -66.42 1.63 21.93
N PRO E 155 -65.82 2.80 21.63
CA PRO E 155 -66.18 4.12 22.19
C PRO E 155 -67.61 4.52 21.83
N ASN E 156 -68.09 5.64 22.33
CA ASN E 156 -69.46 6.01 21.99
C ASN E 156 -69.44 7.43 21.43
N ILE E 157 -68.99 7.56 20.19
CA ILE E 157 -68.81 8.84 19.54
C ILE E 157 -69.95 9.29 18.64
N PHE E 158 -70.73 8.33 18.12
CA PHE E 158 -71.83 8.68 17.22
C PHE E 158 -73.20 8.79 17.91
N PRO E 159 -73.80 9.99 17.90
CA PRO E 159 -75.12 10.08 18.52
C PRO E 159 -76.03 9.22 17.66
N TYR E 160 -77.02 8.58 18.27
CA TYR E 160 -77.91 7.74 17.51
C TYR E 160 -78.54 8.53 16.38
N SER E 161 -78.50 7.99 15.18
CA SER E 161 -79.09 8.63 14.01
C SER E 161 -79.45 7.51 13.07
N ALA E 162 -80.73 7.38 12.76
CA ALA E 162 -81.18 6.35 11.84
C ALA E 162 -82.11 7.05 10.86
N SER E 163 -81.70 7.22 9.61
CA SER E 163 -82.54 7.91 8.65
C SER E 163 -82.20 7.56 7.20
N PHE E 164 -82.74 8.32 6.25
CA PHE E 164 -82.49 8.10 4.84
C PHE E 164 -82.56 9.42 4.08
N THR E 165 -82.10 9.41 2.84
CA THR E 165 -82.14 10.59 2.01
C THR E 165 -82.46 10.08 0.65
N LEU E 166 -83.59 10.51 0.11
CA LEU E 166 -83.99 10.11 -1.24
C LEU E 166 -83.49 11.13 -2.26
N ASN E 167 -82.52 10.73 -3.06
CA ASN E 167 -81.98 11.62 -4.06
C ASN E 167 -82.84 11.68 -5.32
N ARG E 168 -83.63 10.64 -5.55
CA ARG E 168 -84.58 10.57 -6.66
C ARG E 168 -85.78 9.87 -6.06
N SER E 169 -86.94 10.51 -6.13
CA SER E 169 -88.15 9.92 -5.61
C SER E 169 -89.31 10.51 -6.36
N GLN E 170 -90.46 9.90 -6.18
CA GLN E 170 -91.68 10.35 -6.81
C GLN E 170 -92.78 9.85 -5.89
N PRO E 171 -93.98 10.45 -5.97
CA PRO E 171 -95.11 10.08 -5.13
C PRO E 171 -95.34 8.57 -4.90
N ALA E 172 -95.30 7.78 -5.96
CA ALA E 172 -95.52 6.34 -5.84
C ALA E 172 -94.36 5.60 -5.12
N HIS E 173 -93.19 6.24 -5.03
CA HIS E 173 -92.00 5.65 -4.41
C HIS E 173 -91.74 4.28 -5.02
N ASP E 174 -91.79 4.21 -6.34
CA ASP E 174 -91.56 2.99 -7.07
C ASP E 174 -90.24 2.98 -7.85
N ASN E 175 -89.53 4.10 -7.81
CA ASN E 175 -88.22 4.19 -8.46
C ASN E 175 -87.35 5.22 -7.73
N LEU E 176 -86.90 4.83 -6.53
CA LEU E 176 -86.09 5.66 -5.66
C LEU E 176 -84.61 5.42 -5.80
N MET E 177 -83.84 6.40 -5.35
CA MET E 177 -82.39 6.31 -5.35
C MET E 177 -81.95 7.18 -4.17
N GLY E 178 -81.08 6.64 -3.32
CA GLY E 178 -80.63 7.40 -2.16
C GLY E 178 -79.86 6.53 -1.20
N THR E 179 -79.75 6.98 0.04
CA THR E 179 -79.05 6.22 1.05
C THR E 179 -79.84 6.19 2.34
N MET E 180 -79.57 5.16 3.14
CA MET E 180 -80.19 5.02 4.45
C MET E 180 -79.04 4.55 5.36
N TRP E 181 -79.10 4.92 6.63
CA TRP E 181 -78.01 4.60 7.54
C TRP E 181 -78.43 4.50 8.98
N LEU E 182 -77.47 4.03 9.78
CA LEU E 182 -77.59 3.95 11.23
C LEU E 182 -76.19 4.28 11.77
N ASN E 183 -76.10 5.41 12.43
CA ASN E 183 -74.88 5.83 13.13
C ASN E 183 -75.21 5.70 14.61
N ALA E 184 -74.46 4.90 15.32
CA ALA E 184 -74.75 4.72 16.75
C ALA E 184 -73.54 4.16 17.48
N GLY E 185 -73.12 4.83 18.54
CA GLY E 185 -71.99 4.36 19.31
C GLY E 185 -70.70 4.46 18.54
N SER E 186 -70.13 3.30 18.25
CA SER E 186 -68.88 3.23 17.53
C SER E 186 -69.10 2.66 16.13
N GLU E 187 -70.36 2.49 15.75
CA GLU E 187 -70.65 1.90 14.45
C GLU E 187 -71.46 2.69 13.45
N ILE E 188 -71.16 2.46 12.18
CA ILE E 188 -71.86 3.10 11.08
C ILE E 188 -72.21 2.01 10.08
N GLN E 189 -73.46 2.00 9.62
CA GLN E 189 -73.86 1.09 8.54
C GLN E 189 -74.57 2.01 7.57
N VAL E 190 -74.24 1.93 6.30
CA VAL E 190 -74.88 2.78 5.32
C VAL E 190 -75.07 2.00 4.04
N ALA E 191 -76.24 2.17 3.44
CA ALA E 191 -76.57 1.51 2.19
C ALA E 191 -77.00 2.54 1.17
N GLY E 192 -76.62 2.29 -0.08
CA GLY E 192 -76.99 3.13 -1.19
C GLY E 192 -77.87 2.22 -2.04
N PHE E 193 -79.05 2.71 -2.42
CA PHE E 193 -79.99 1.94 -3.24
C PHE E 193 -80.39 2.72 -4.50
N ASP E 194 -80.64 1.98 -5.58
CA ASP E 194 -81.05 2.56 -6.86
C ASP E 194 -82.04 1.56 -7.44
N TYR E 195 -83.32 1.85 -7.35
CA TYR E 195 -84.35 0.95 -7.87
C TYR E 195 -84.16 0.61 -9.34
N SER E 196 -83.60 1.54 -10.12
CA SER E 196 -83.37 1.33 -11.55
C SER E 196 -82.11 0.53 -11.90
N CYS E 197 -81.30 0.20 -10.90
CA CYS E 197 -80.04 -0.54 -11.09
C CYS E 197 -79.15 0.18 -12.12
N ALA E 198 -79.10 1.50 -12.00
CA ALA E 198 -78.29 2.35 -12.86
C ALA E 198 -78.52 2.14 -14.37
N ILE E 199 -79.75 1.75 -14.75
CA ILE E 199 -80.10 1.49 -16.16
C ILE E 199 -79.85 2.69 -17.10
N ASN E 200 -80.12 3.90 -16.60
CA ASN E 200 -79.93 5.15 -17.36
C ASN E 200 -78.81 6.00 -16.79
N ALA E 201 -77.99 5.42 -15.91
CA ALA E 201 -76.90 6.19 -15.31
C ALA E 201 -75.63 6.15 -16.15
N PRO E 202 -74.85 7.25 -16.15
CA PRO E 202 -73.60 7.34 -16.89
C PRO E 202 -72.66 6.21 -16.45
N ALA E 203 -72.19 5.43 -17.43
CA ALA E 203 -71.32 4.30 -17.17
C ALA E 203 -72.05 3.23 -16.36
N ASN E 204 -73.38 3.31 -16.31
CA ASN E 204 -74.22 2.38 -15.56
C ASN E 204 -73.74 2.25 -14.11
N THR E 205 -73.32 3.38 -13.56
CA THR E 205 -72.80 3.44 -12.20
C THR E 205 -73.47 4.57 -11.44
N GLN E 206 -73.95 4.28 -10.23
CA GLN E 206 -74.57 5.29 -9.40
C GLN E 206 -73.62 5.51 -8.22
N GLN E 207 -73.22 6.76 -7.99
CA GLN E 207 -72.33 7.08 -6.90
C GLN E 207 -73.09 7.34 -5.60
N PHE E 208 -72.52 6.92 -4.47
CA PHE E 208 -73.10 7.17 -3.16
C PHE E 208 -72.03 7.73 -2.25
N GLU E 209 -72.47 8.35 -1.17
CA GLU E 209 -71.52 8.93 -0.26
C GLU E 209 -72.20 9.09 1.10
N HIS E 210 -71.46 8.87 2.18
CA HIS E 210 -72.00 9.03 3.51
C HIS E 210 -70.90 9.73 4.32
N ILE E 211 -71.24 10.88 4.90
CA ILE E 211 -70.30 11.64 5.71
C ILE E 211 -70.75 11.71 7.15
N VAL E 212 -69.84 11.45 8.08
CA VAL E 212 -70.16 11.49 9.50
C VAL E 212 -69.13 12.39 10.18
N GLN E 213 -69.63 13.42 10.85
CA GLN E 213 -68.77 14.37 11.55
C GLN E 213 -68.73 14.09 13.04
N LEU E 214 -67.56 13.73 13.56
CA LEU E 214 -67.44 13.43 14.97
C LEU E 214 -67.45 14.73 15.76
N ARG E 215 -67.97 14.69 16.98
CA ARG E 215 -68.03 15.87 17.82
C ARG E 215 -66.68 16.08 18.50
N ARG E 216 -65.84 15.06 18.50
CA ARG E 216 -64.51 15.14 19.08
C ARG E 216 -63.60 14.31 18.16
N VAL E 217 -62.33 14.72 18.10
CA VAL E 217 -61.35 14.01 17.29
C VAL E 217 -60.99 12.70 17.98
N LEU E 218 -60.84 11.67 17.18
CA LEU E 218 -60.40 10.40 17.70
C LEU E 218 -59.04 10.17 17.08
N THR E 219 -58.10 9.68 17.89
CA THR E 219 -56.77 9.37 17.40
C THR E 219 -56.51 7.87 17.67
N THR E 220 -55.52 7.34 16.98
CA THR E 220 -55.11 5.94 17.16
C THR E 220 -56.28 4.91 17.15
N ALA E 221 -57.21 5.11 16.24
CA ALA E 221 -58.37 4.23 16.07
C ALA E 221 -58.09 2.98 15.25
N THR E 222 -58.47 1.84 15.83
CA THR E 222 -58.42 0.54 15.14
C THR E 222 -59.82 0.28 14.66
N ILE E 223 -59.96 0.15 13.37
CA ILE E 223 -61.29 0.07 12.76
C ILE E 223 -61.53 -1.15 11.86
N THR E 224 -62.74 -1.72 11.93
CA THR E 224 -63.11 -2.85 11.09
C THR E 224 -64.03 -2.27 10.02
N LEU E 225 -63.71 -2.53 8.75
CA LEU E 225 -64.51 -2.03 7.63
C LEU E 225 -64.88 -3.26 6.86
N LEU E 226 -66.16 -3.44 6.61
CA LEU E 226 -66.64 -4.61 5.88
C LEU E 226 -67.63 -4.18 4.82
N PRO E 227 -67.68 -4.91 3.70
CA PRO E 227 -68.63 -4.54 2.67
C PRO E 227 -69.99 -5.03 3.13
N ASP E 228 -71.07 -4.41 2.63
CA ASP E 228 -72.46 -4.75 2.95
C ASP E 228 -72.97 -4.14 4.23
N ALA E 229 -74.25 -3.80 4.24
CA ALA E 229 -74.91 -3.25 5.41
C ALA E 229 -76.07 -4.22 5.67
N GLU E 230 -75.83 -5.22 6.51
CA GLU E 230 -76.85 -6.22 6.82
C GLU E 230 -78.15 -5.61 7.31
N ARG E 231 -78.03 -4.56 8.08
CA ARG E 231 -79.18 -3.87 8.62
C ARG E 231 -80.13 -3.36 7.51
N PHE E 232 -79.61 -3.12 6.32
CA PHE E 232 -80.43 -2.60 5.23
C PHE E 232 -80.45 -3.58 4.06
N SER E 233 -80.43 -4.85 4.39
CA SER E 233 -80.42 -5.88 3.36
C SER E 233 -81.71 -6.65 3.32
N PHE E 234 -82.68 -6.23 4.11
CA PHE E 234 -83.95 -6.92 4.12
C PHE E 234 -85.15 -6.01 3.74
N PRO E 235 -86.27 -6.61 3.33
CA PRO E 235 -87.49 -5.87 2.93
C PRO E 235 -88.03 -5.01 4.04
N ARG E 236 -88.37 -3.78 3.68
CA ARG E 236 -88.89 -2.85 4.64
C ARG E 236 -90.02 -2.02 4.04
N VAL E 237 -90.87 -1.60 4.94
CA VAL E 237 -91.93 -0.65 4.67
C VAL E 237 -91.56 0.54 5.53
N ILE E 238 -91.28 1.63 4.88
CA ILE E 238 -90.74 2.82 5.56
C ILE E 238 -91.67 4.04 5.42
N ASN E 239 -91.61 4.96 6.37
CA ASN E 239 -92.42 6.15 6.29
C ASN E 239 -91.75 7.08 5.30
N SER E 240 -92.56 7.82 4.55
CA SER E 240 -92.05 8.78 3.57
C SER E 240 -91.41 9.94 4.32
N ALA E 241 -90.60 10.72 3.64
CA ALA E 241 -89.94 11.86 4.27
C ALA E 241 -90.91 12.81 4.99
N ASP E 242 -92.07 13.05 4.40
CA ASP E 242 -93.09 13.95 4.98
C ASP E 242 -94.04 13.29 5.96
N GLY E 243 -93.85 11.98 6.16
CA GLY E 243 -94.70 11.23 7.07
C GLY E 243 -96.11 10.96 6.57
N ALA E 244 -96.41 11.39 5.35
CA ALA E 244 -97.75 11.20 4.79
C ALA E 244 -98.10 9.80 4.28
N THR E 245 -97.11 8.98 3.98
CA THR E 245 -97.36 7.63 3.47
C THR E 245 -96.17 6.69 3.75
N THR E 246 -96.23 5.47 3.20
CA THR E 246 -95.17 4.50 3.38
C THR E 246 -94.72 3.92 2.04
N TRP E 247 -93.41 3.69 1.91
CA TRP E 247 -92.82 3.11 0.70
C TRP E 247 -92.27 1.72 0.97
N TYR E 248 -92.06 0.97 -0.09
CA TYR E 248 -91.55 -0.39 0.01
C TYR E 248 -90.10 -0.50 -0.48
N PHE E 249 -89.26 -1.12 0.33
CA PHE E 249 -87.85 -1.33 0.01
C PHE E 249 -87.67 -2.84 -0.05
N ASN E 250 -87.27 -3.34 -1.20
CA ASN E 250 -87.09 -4.76 -1.42
C ASN E 250 -85.66 -4.98 -1.96
N PRO E 251 -84.63 -4.87 -1.13
CA PRO E 251 -83.24 -4.96 -1.57
C PRO E 251 -82.77 -6.32 -2.06
N VAL E 252 -81.83 -6.21 -2.99
CA VAL E 252 -81.00 -7.29 -3.54
C VAL E 252 -79.60 -6.69 -3.51
N ILE E 253 -78.67 -7.39 -2.90
CA ILE E 253 -77.34 -6.82 -2.63
C ILE E 253 -76.26 -7.16 -3.64
N LEU E 254 -75.49 -6.14 -4.03
CA LEU E 254 -74.37 -6.28 -4.96
C LEU E 254 -73.14 -5.76 -4.21
N ARG E 255 -71.93 -6.14 -4.65
CA ARG E 255 -70.76 -5.66 -3.95
C ARG E 255 -70.54 -4.20 -4.19
N PRO E 256 -70.19 -3.47 -3.14
CA PRO E 256 -69.96 -2.03 -3.33
C PRO E 256 -68.71 -1.89 -4.22
N ASN E 257 -68.85 -1.04 -5.23
CA ASN E 257 -67.81 -0.76 -6.22
C ASN E 257 -67.05 0.54 -5.91
N ASN E 258 -65.73 0.53 -6.12
CA ASN E 258 -64.87 1.70 -5.85
C ASN E 258 -65.02 2.31 -4.47
N VAL E 259 -64.96 1.45 -3.47
CA VAL E 259 -65.08 1.87 -2.10
C VAL E 259 -63.87 2.72 -1.72
N GLU E 260 -64.14 3.88 -1.12
CA GLU E 260 -63.08 4.75 -0.65
C GLU E 260 -63.47 5.35 0.68
N VAL E 261 -62.67 5.09 1.71
CA VAL E 261 -62.95 5.63 3.03
C VAL E 261 -61.91 6.68 3.31
N GLU E 262 -62.36 7.86 3.69
CA GLU E 262 -61.43 8.91 4.05
C GLU E 262 -61.68 9.34 5.47
N PHE E 263 -60.60 9.45 6.22
CA PHE E 263 -60.64 9.92 7.61
C PHE E 263 -59.99 11.28 7.49
N LEU E 264 -60.79 12.31 7.67
CA LEU E 264 -60.32 13.67 7.53
C LEU E 264 -60.19 14.39 8.84
N LEU E 265 -59.32 15.38 8.87
CA LEU E 265 -59.12 16.21 10.04
C LEU E 265 -59.14 17.62 9.53
N ASN E 266 -60.10 18.40 9.97
CA ASN E 266 -60.21 19.80 9.52
C ASN E 266 -60.22 19.93 7.99
N GLY E 267 -60.92 19.01 7.32
CA GLY E 267 -61.01 19.06 5.87
C GLY E 267 -59.89 18.39 5.13
N GLN E 268 -58.83 18.03 5.83
CA GLN E 268 -57.70 17.37 5.19
C GLN E 268 -57.77 15.86 5.32
N ILE E 269 -57.42 15.15 4.26
CA ILE E 269 -57.39 13.70 4.28
C ILE E 269 -56.16 13.27 5.09
N ILE E 270 -56.38 12.54 6.18
CA ILE E 270 -55.29 12.07 7.00
C ILE E 270 -55.05 10.62 6.60
N ASN E 271 -56.13 9.86 6.42
CA ASN E 271 -56.00 8.46 6.00
C ASN E 271 -57.02 8.20 4.92
N THR E 272 -56.63 7.41 3.93
CA THR E 272 -57.53 7.04 2.86
C THR E 272 -57.27 5.59 2.51
N TYR E 273 -58.36 4.85 2.34
CA TYR E 273 -58.32 3.43 2.02
C TYR E 273 -59.25 3.13 0.85
N GLN E 274 -58.70 2.47 -0.16
CA GLN E 274 -59.47 2.15 -1.35
C GLN E 274 -59.80 0.71 -1.35
N ALA E 275 -61.08 0.40 -1.15
CA ALA E 275 -61.54 -0.98 -1.18
C ALA E 275 -60.80 -1.93 -0.26
N ARG E 276 -60.37 -1.45 0.90
CA ARG E 276 -59.66 -2.31 1.83
C ARG E 276 -60.56 -2.71 2.97
N PHE E 277 -61.00 -3.97 2.98
CA PHE E 277 -61.88 -4.47 4.02
C PHE E 277 -61.07 -5.23 5.06
N GLY E 278 -61.52 -5.23 6.30
CA GLY E 278 -60.79 -5.91 7.35
C GLY E 278 -60.39 -4.85 8.37
N THR E 279 -59.18 -4.94 8.89
CA THR E 279 -58.72 -3.99 9.89
C THR E 279 -57.84 -2.89 9.31
N ILE E 280 -58.24 -1.63 9.55
CA ILE E 280 -57.51 -0.46 9.08
C ILE E 280 -57.31 0.51 10.26
N ILE E 281 -56.25 1.31 10.18
CA ILE E 281 -55.92 2.30 11.22
C ILE E 281 -56.21 3.74 10.75
N ALA E 282 -56.91 4.52 11.57
CA ALA E 282 -57.20 5.91 11.27
C ALA E 282 -56.51 6.64 12.44
N ARG E 283 -55.42 7.31 12.17
CA ARG E 283 -54.61 7.84 13.28
C ARG E 283 -55.05 9.19 13.91
N ASN E 284 -55.88 9.95 13.23
CA ASN E 284 -56.28 11.28 13.76
C ASN E 284 -57.34 11.84 12.83
N PHE E 285 -58.57 11.93 13.29
CA PHE E 285 -59.63 12.40 12.40
C PHE E 285 -60.84 12.92 13.17
N ASP E 286 -61.60 13.82 12.54
CA ASP E 286 -62.81 14.37 13.13
C ASP E 286 -63.97 14.12 12.17
N THR E 287 -63.68 13.47 11.05
CA THR E 287 -64.71 13.19 10.05
C THR E 287 -64.40 11.92 9.29
N ILE E 288 -65.45 11.18 8.97
CA ILE E 288 -65.31 9.96 8.18
C ILE E 288 -66.17 10.16 6.95
N ARG E 289 -65.63 9.85 5.79
CA ARG E 289 -66.39 9.95 4.56
C ARG E 289 -66.30 8.63 3.84
N LEU E 290 -67.46 8.00 3.60
CA LEU E 290 -67.51 6.73 2.91
C LEU E 290 -68.13 6.96 1.53
N SER E 291 -67.38 6.64 0.48
CA SER E 291 -67.88 6.79 -0.89
C SER E 291 -67.86 5.41 -1.49
N PHE E 292 -68.93 5.07 -2.18
CA PHE E 292 -69.08 3.75 -2.79
C PHE E 292 -70.08 3.86 -3.93
N GLN E 293 -70.03 2.91 -4.84
CA GLN E 293 -70.90 2.93 -6.01
C GLN E 293 -71.63 1.64 -6.26
N LEU E 294 -72.72 1.75 -7.01
CA LEU E 294 -73.48 0.60 -7.44
C LEU E 294 -73.18 0.57 -8.93
N MET E 295 -72.64 -0.52 -9.43
CA MET E 295 -72.39 -0.58 -10.84
C MET E 295 -73.27 -1.66 -11.40
N ARG E 296 -74.09 -1.34 -12.38
CA ARG E 296 -74.97 -2.33 -12.98
C ARG E 296 -74.08 -3.45 -13.55
N PRO E 297 -74.37 -4.71 -13.21
CA PRO E 297 -73.57 -5.83 -13.71
C PRO E 297 -73.56 -5.85 -15.24
N PRO E 298 -72.38 -5.77 -15.85
CA PRO E 298 -72.31 -5.76 -17.32
C PRO E 298 -72.72 -7.12 -17.93
N ASN E 299 -72.56 -8.20 -17.18
CA ASN E 299 -72.93 -9.54 -17.64
C ASN E 299 -73.82 -10.16 -16.60
N MET E 300 -74.98 -10.65 -17.05
CA MET E 300 -75.95 -11.23 -16.14
C MET E 300 -76.52 -12.55 -16.57
N THR E 301 -76.56 -13.53 -15.68
CA THR E 301 -77.18 -14.82 -16.02
C THR E 301 -78.68 -14.49 -16.10
N PRO E 302 -79.49 -15.37 -16.72
CA PRO E 302 -80.94 -15.13 -16.84
C PRO E 302 -81.62 -14.73 -15.52
N ALA E 303 -81.32 -15.48 -14.46
CA ALA E 303 -81.92 -15.22 -13.14
C ALA E 303 -81.62 -13.80 -12.68
N VAL E 304 -80.42 -13.31 -12.96
CA VAL E 304 -80.05 -11.95 -12.58
C VAL E 304 -80.72 -10.94 -13.50
N ALA E 305 -80.62 -11.19 -14.81
CA ALA E 305 -81.20 -10.30 -15.82
C ALA E 305 -82.69 -10.03 -15.53
N ALA E 306 -83.37 -11.06 -15.04
CA ALA E 306 -84.80 -11.00 -14.70
C ALA E 306 -85.13 -10.03 -13.57
N LEU E 307 -84.16 -9.71 -12.73
CA LEU E 307 -84.39 -8.82 -11.61
C LEU E 307 -84.33 -7.38 -12.04
N PHE E 308 -83.57 -7.13 -13.10
CA PHE E 308 -83.32 -5.79 -13.62
C PHE E 308 -83.78 -5.49 -15.05
N PRO E 309 -85.08 -5.23 -15.24
CA PRO E 309 -85.68 -4.95 -16.55
C PRO E 309 -85.30 -3.57 -17.07
N ASN E 310 -85.56 -3.34 -18.35
CA ASN E 310 -85.25 -2.04 -18.94
C ASN E 310 -86.29 -0.99 -18.60
N ALA E 311 -87.47 -1.47 -18.20
CA ALA E 311 -88.57 -0.58 -17.85
C ALA E 311 -89.22 -0.97 -16.54
N GLN E 312 -89.84 0.00 -15.89
CA GLN E 312 -90.56 -0.24 -14.63
C GLN E 312 -91.70 -1.19 -14.95
N PRO E 313 -92.28 -1.84 -13.93
CA PRO E 313 -91.95 -1.75 -12.50
C PRO E 313 -90.60 -2.36 -12.08
N PHE E 314 -89.92 -1.65 -11.18
CA PHE E 314 -88.65 -2.12 -10.65
C PHE E 314 -89.01 -2.82 -9.34
N GLU E 315 -88.95 -4.14 -9.35
CA GLU E 315 -89.35 -4.91 -8.19
C GLU E 315 -88.25 -5.42 -7.27
N HIS E 316 -87.02 -5.42 -7.75
CA HIS E 316 -85.88 -5.84 -6.95
C HIS E 316 -85.00 -4.62 -6.95
N HIS E 317 -84.71 -4.11 -5.77
CA HIS E 317 -83.94 -2.89 -5.62
C HIS E 317 -82.45 -3.04 -5.30
N ALA E 318 -81.62 -2.80 -6.31
CA ALA E 318 -80.17 -2.90 -6.20
C ALA E 318 -79.65 -2.05 -5.05
N THR E 319 -78.90 -2.70 -4.17
CA THR E 319 -78.37 -2.07 -2.99
C THR E 319 -76.91 -2.47 -2.73
N VAL E 320 -76.10 -1.48 -2.37
CA VAL E 320 -74.69 -1.70 -2.03
C VAL E 320 -74.50 -1.04 -0.67
N GLY E 321 -73.62 -1.57 0.18
CA GLY E 321 -73.43 -0.98 1.49
C GLY E 321 -72.06 -1.20 2.11
N LEU E 322 -71.87 -0.58 3.27
CA LEU E 322 -70.62 -0.68 4.03
C LEU E 322 -70.94 -0.69 5.51
N THR E 323 -70.07 -1.31 6.29
CA THR E 323 -70.18 -1.36 7.74
C THR E 323 -68.82 -0.97 8.29
N LEU E 324 -68.80 -0.02 9.20
CA LEU E 324 -67.54 0.45 9.79
C LEU E 324 -67.69 0.45 11.31
N ARG E 325 -66.76 -0.19 12.02
CA ARG E 325 -66.80 -0.21 13.48
C ARG E 325 -65.49 0.22 14.10
N ILE E 326 -65.53 1.18 15.02
CA ILE E 326 -64.34 1.65 15.69
C ILE E 326 -64.17 0.76 16.91
N GLU E 327 -63.24 -0.19 16.85
CA GLU E 327 -63.00 -1.11 17.96
C GLU E 327 -62.39 -0.39 19.16
N SER E 328 -61.37 0.44 18.93
CA SER E 328 -60.72 1.15 19.99
C SER E 328 -60.19 2.45 19.43
N ALA E 329 -59.98 3.42 20.31
CA ALA E 329 -59.45 4.72 19.93
C ALA E 329 -59.09 5.50 21.16
N VAL E 330 -58.37 6.59 20.96
CA VAL E 330 -58.00 7.45 22.06
C VAL E 330 -58.69 8.79 21.80
N CYS E 331 -59.18 9.44 22.86
CA CYS E 331 -59.80 10.74 22.70
C CYS E 331 -59.26 11.64 23.80
N GLU E 332 -59.06 12.90 23.46
CA GLU E 332 -58.59 13.86 24.43
C GLU E 332 -59.72 14.27 25.39
N SER E 333 -60.97 13.99 25.02
CA SER E 333 -62.15 14.29 25.86
C SER E 333 -62.76 13.01 26.41
N VAL E 334 -63.33 13.06 27.60
CA VAL E 334 -63.97 11.86 28.13
C VAL E 334 -65.17 11.53 27.25
N LEU E 335 -65.45 10.23 27.11
CA LEU E 335 -66.59 9.75 26.32
C LEU E 335 -67.06 8.49 27.00
N ALA E 336 -68.27 8.09 26.67
CA ALA E 336 -68.78 6.81 27.15
C ALA E 336 -68.21 5.79 26.14
N ASP E 337 -68.02 4.54 26.56
CA ASP E 337 -67.56 3.50 25.65
C ASP E 337 -68.22 2.17 26.10
N ALA E 338 -67.81 1.03 25.54
CA ALA E 338 -68.46 -0.23 25.88
C ALA E 338 -67.90 -0.97 27.09
N SER E 339 -66.90 -0.40 27.75
CA SER E 339 -66.29 -1.05 28.89
C SER E 339 -66.31 -0.31 30.22
N GLU E 340 -66.12 1.01 30.17
CA GLU E 340 -66.11 1.82 31.37
C GLU E 340 -67.49 2.05 31.94
N THR E 341 -67.57 2.08 33.26
CA THR E 341 -68.84 2.26 33.97
C THR E 341 -69.13 3.68 34.41
N MET E 342 -68.24 4.62 34.07
CA MET E 342 -68.42 6.02 34.48
C MET E 342 -69.76 6.64 34.19
N LEU E 343 -70.16 6.64 32.93
CA LEU E 343 -71.45 7.22 32.58
C LEU E 343 -72.54 6.54 33.38
N ALA E 344 -72.53 5.21 33.42
CA ALA E 344 -73.53 4.46 34.17
C ALA E 344 -73.52 4.79 35.66
N ASN E 345 -72.34 5.00 36.25
CA ASN E 345 -72.23 5.34 37.67
C ASN E 345 -72.88 6.68 37.98
N VAL E 346 -72.51 7.68 37.19
CA VAL E 346 -73.04 9.04 37.35
C VAL E 346 -74.54 9.04 37.14
N THR E 347 -74.97 8.41 36.04
CA THR E 347 -76.39 8.35 35.71
C THR E 347 -77.15 7.60 36.81
N SER E 348 -76.57 6.51 37.30
CA SER E 348 -77.21 5.71 38.33
C SER E 348 -77.35 6.42 39.66
N VAL E 349 -76.31 7.13 40.10
CA VAL E 349 -76.41 7.83 41.38
C VAL E 349 -77.49 8.90 41.28
N ARG E 350 -77.51 9.65 40.19
CA ARG E 350 -78.52 10.69 40.00
C ARG E 350 -79.95 10.13 39.98
N GLN E 351 -80.15 9.01 39.31
CA GLN E 351 -81.46 8.36 39.22
C GLN E 351 -81.92 7.83 40.59
N GLU E 352 -81.03 7.13 41.29
CA GLU E 352 -81.36 6.57 42.59
C GLU E 352 -81.80 7.64 43.59
N TYR E 353 -81.12 8.79 43.61
CA TYR E 353 -81.45 9.84 44.55
C TYR E 353 -82.40 10.89 44.01
N ALA E 354 -83.09 10.57 42.93
CA ALA E 354 -84.05 11.50 42.35
C ALA E 354 -83.52 12.92 42.20
N ILE E 355 -82.29 13.05 41.69
CA ILE E 355 -81.68 14.35 41.50
C ILE E 355 -82.41 15.11 40.39
N PRO E 356 -82.86 16.34 40.67
CA PRO E 356 -83.57 17.16 39.67
C PRO E 356 -82.70 17.50 38.45
N VAL E 357 -83.31 17.69 37.28
CA VAL E 357 -82.57 18.06 36.09
C VAL E 357 -81.89 19.39 36.40
N GLY E 358 -80.64 19.53 35.99
CA GLY E 358 -79.91 20.76 36.26
C GLY E 358 -79.76 21.62 35.01
N PRO E 359 -78.93 22.65 35.07
CA PRO E 359 -78.72 23.53 33.92
C PRO E 359 -77.70 23.05 32.88
N VAL E 360 -76.89 22.04 33.20
CA VAL E 360 -75.87 21.60 32.26
C VAL E 360 -76.21 20.35 31.46
N PHE E 361 -76.47 19.24 32.17
CA PHE E 361 -76.75 17.96 31.52
C PHE E 361 -78.17 17.72 31.03
N PRO E 362 -78.32 17.00 29.88
CA PRO E 362 -79.67 16.73 29.38
C PRO E 362 -80.40 15.83 30.34
N PRO E 363 -81.75 15.85 30.32
CA PRO E 363 -82.50 14.98 31.22
C PRO E 363 -82.01 13.52 31.10
N GLY E 364 -81.81 12.90 32.26
CA GLY E 364 -81.37 11.52 32.35
C GLY E 364 -79.95 11.26 31.91
N MET E 365 -79.15 12.32 31.78
CA MET E 365 -77.76 12.19 31.30
C MET E 365 -77.81 11.49 29.96
N ASN E 366 -78.87 11.72 29.17
CA ASN E 366 -79.02 11.04 27.86
C ASN E 366 -77.78 11.18 26.98
N TRP E 367 -77.15 10.04 26.65
CA TRP E 367 -75.93 10.10 25.88
C TRP E 367 -76.08 10.74 24.52
N THR E 368 -77.06 10.33 23.75
CA THR E 368 -77.23 10.93 22.44
C THR E 368 -77.32 12.46 22.55
N ASP E 369 -78.17 12.97 23.44
CA ASP E 369 -78.32 14.41 23.59
C ASP E 369 -77.02 15.05 24.02
N LEU E 370 -76.32 14.40 24.94
CA LEU E 370 -75.07 14.94 25.43
C LEU E 370 -74.01 15.07 24.33
N ILE E 371 -73.74 14.00 23.61
CA ILE E 371 -72.73 14.01 22.57
C ILE E 371 -73.16 14.87 21.36
N THR E 372 -74.45 15.02 21.12
CA THR E 372 -74.92 15.84 20.00
C THR E 372 -74.56 17.31 20.23
N ASN E 373 -74.71 17.77 21.47
CA ASN E 373 -74.37 19.15 21.81
C ASN E 373 -73.38 19.10 22.93
N TYR E 374 -72.19 18.59 22.61
CA TYR E 374 -71.12 18.43 23.58
C TYR E 374 -70.38 19.73 23.80
N SER E 375 -71.01 20.66 24.49
CA SER E 375 -70.42 21.95 24.76
C SER E 375 -69.24 21.86 25.72
N PRO E 376 -68.43 22.94 25.77
CA PRO E 376 -67.28 22.93 26.70
C PRO E 376 -67.76 22.71 28.13
N SER E 377 -68.86 23.36 28.50
CA SER E 377 -69.40 23.22 29.86
C SER E 377 -69.81 21.77 30.15
N ARG E 378 -70.50 21.13 29.22
CA ARG E 378 -70.88 19.75 29.45
C ARG E 378 -69.64 18.87 29.59
N GLU E 379 -68.60 19.12 28.78
CA GLU E 379 -67.38 18.32 28.86
C GLU E 379 -66.62 18.51 30.16
N ASP E 380 -66.52 19.76 30.62
CA ASP E 380 -65.82 20.00 31.88
C ASP E 380 -66.56 19.36 33.03
N ASN E 381 -67.88 19.52 33.04
CA ASN E 381 -68.70 18.89 34.09
C ASN E 381 -68.62 17.35 33.98
N LEU E 382 -68.68 16.82 32.75
CA LEU E 382 -68.61 15.38 32.54
C LEU E 382 -67.28 14.86 33.03
N GLN E 383 -66.18 15.56 32.74
CA GLN E 383 -64.89 15.08 33.18
C GLN E 383 -64.78 15.09 34.69
N ARG E 384 -65.30 16.15 35.31
CA ARG E 384 -65.22 16.24 36.77
C ARG E 384 -65.99 15.08 37.39
N VAL E 385 -67.16 14.91 36.86
CA VAL E 385 -68.12 13.92 37.33
C VAL E 385 -67.60 12.48 37.03
N PHE E 386 -66.94 12.27 35.89
CA PHE E 386 -66.38 10.94 35.52
C PHE E 386 -65.17 10.63 36.42
N THR E 387 -64.34 11.63 36.65
CA THR E 387 -63.18 11.44 37.50
C THR E 387 -63.62 11.06 38.92
N VAL E 388 -64.67 11.69 39.43
CA VAL E 388 -65.19 11.36 40.77
C VAL E 388 -65.75 9.94 40.78
N ALA E 389 -66.45 9.55 39.72
CA ALA E 389 -67.01 8.21 39.63
C ALA E 389 -65.88 7.19 39.68
N SER E 390 -64.76 7.50 39.03
CA SER E 390 -63.62 6.59 39.01
C SER E 390 -62.95 6.51 40.38
N ILE E 391 -63.00 7.60 41.15
CA ILE E 391 -62.39 7.62 42.48
C ILE E 391 -63.25 6.75 43.37
N ARG E 392 -64.55 6.90 43.23
CA ARG E 392 -65.50 6.11 43.99
C ARG E 392 -65.41 4.60 43.73
N SER E 393 -65.26 4.21 42.46
CA SER E 393 -65.16 2.80 42.09
C SER E 393 -63.92 2.06 42.59
N MET E 394 -63.01 2.79 43.24
CA MET E 394 -61.79 2.18 43.76
C MET E 394 -62.17 1.51 45.06
N LEU E 395 -63.27 1.95 45.65
CA LEU E 395 -63.71 1.45 46.95
C LEU E 395 -65.10 0.85 46.95
N VAL E 396 -65.99 1.46 46.18
CA VAL E 396 -67.38 1.05 46.13
C VAL E 396 -67.80 0.72 44.71
N LYS E 397 -68.19 -0.51 44.49
CA LYS E 397 -68.63 -0.91 43.16
C LYS E 397 -70.04 -1.41 43.30
N MET F 1 30.80 75.56 -19.11
CA MET F 1 29.95 74.56 -19.83
C MET F 1 29.63 73.32 -19.01
N ASP F 2 30.65 72.52 -18.70
CA ASP F 2 30.44 71.30 -17.93
C ASP F 2 29.66 71.66 -16.67
N VAL F 3 29.92 72.88 -16.18
CA VAL F 3 29.26 73.40 -14.99
C VAL F 3 27.79 73.13 -15.22
N LEU F 4 27.23 73.90 -16.14
CA LEU F 4 25.84 73.79 -16.50
C LEU F 4 25.29 72.39 -16.33
N TYR F 5 25.93 71.41 -16.97
CA TYR F 5 25.46 70.04 -16.88
C TYR F 5 25.03 69.69 -15.46
N SER F 6 26.01 69.57 -14.57
CA SER F 6 25.76 69.24 -13.18
C SER F 6 24.46 69.84 -12.64
N LEU F 7 24.35 71.17 -12.74
CA LEU F 7 23.18 71.91 -12.27
C LEU F 7 21.89 71.15 -12.51
N SER F 8 21.90 70.30 -13.52
CA SER F 8 20.73 69.52 -13.86
C SER F 8 20.69 68.14 -13.20
N LYS F 9 21.56 67.21 -13.61
CA LYS F 9 21.55 65.85 -13.02
C LYS F 9 21.47 66.04 -11.51
N THR F 10 21.80 67.25 -11.09
CA THR F 10 21.72 67.64 -9.70
C THR F 10 20.24 67.61 -9.36
N LEU F 11 19.48 68.46 -10.05
CA LEU F 11 18.06 68.55 -9.84
C LEU F 11 17.27 67.27 -10.18
N LYS F 12 17.51 66.65 -11.34
CA LYS F 12 16.78 65.42 -11.72
C LYS F 12 17.03 64.34 -10.67
N ASP F 13 18.29 63.92 -10.55
CA ASP F 13 18.65 62.91 -9.56
C ASP F 13 18.23 63.46 -8.19
N ALA F 14 17.60 64.62 -8.19
CA ALA F 14 17.11 65.27 -6.96
C ALA F 14 15.59 65.20 -6.89
N ARG F 15 14.91 65.96 -7.76
CA ARG F 15 13.45 65.99 -7.81
C ARG F 15 12.92 64.57 -7.98
N ASP F 16 13.85 63.63 -8.15
CA ASP F 16 13.51 62.22 -8.34
C ASP F 16 13.80 61.35 -7.12
N LYS F 17 15.02 61.42 -6.58
CA LYS F 17 15.42 60.60 -5.43
C LYS F 17 15.00 61.18 -4.07
N ILE F 18 14.23 62.26 -4.07
CA ILE F 18 13.82 62.91 -2.82
C ILE F 18 12.31 62.96 -2.60
N VAL F 19 11.70 61.86 -2.21
CA VAL F 19 10.26 61.83 -1.98
C VAL F 19 9.84 61.34 -0.60
N GLU F 20 8.62 61.68 -0.21
CA GLU F 20 8.05 61.31 1.09
C GLU F 20 8.26 59.81 1.38
N GLY F 21 9.24 59.50 2.24
CA GLY F 21 9.49 58.10 2.58
C GLY F 21 10.91 57.62 2.77
N THR F 22 11.61 57.40 1.64
CA THR F 22 12.99 56.92 1.61
C THR F 22 13.83 57.25 2.84
N LEU F 23 14.78 56.36 3.13
CA LEU F 23 15.68 56.54 4.25
C LEU F 23 16.80 57.50 3.85
N TYR F 24 17.48 58.05 4.83
CA TYR F 24 18.55 58.99 4.55
C TYR F 24 19.69 58.37 3.78
N SER F 25 20.12 57.19 4.18
CA SER F 25 21.22 56.49 3.55
C SER F 25 21.03 56.11 2.07
N ASN F 26 20.10 56.79 1.40
CA ASN F 26 19.81 56.55 -0.01
C ASN F 26 20.30 57.76 -0.80
N VAL F 27 20.58 58.82 -0.06
CA VAL F 27 20.99 60.08 -0.65
C VAL F 27 22.11 60.82 0.09
N SER F 28 22.67 60.22 1.13
CA SER F 28 23.75 60.87 1.87
C SER F 28 24.77 61.40 0.88
N ASP F 29 25.21 60.53 -0.04
CA ASP F 29 26.19 60.89 -1.05
C ASP F 29 25.61 61.98 -1.94
N LEU F 30 24.28 62.10 -1.93
CA LEU F 30 23.61 63.09 -2.75
C LEU F 30 23.43 64.43 -2.05
N ILE F 31 22.75 64.42 -0.91
CA ILE F 31 22.51 65.64 -0.16
C ILE F 31 23.77 66.49 -0.25
N GLN F 32 24.86 65.94 0.28
CA GLN F 32 26.15 66.62 0.28
C GLN F 32 26.34 67.40 -1.02
N GLN F 33 26.66 66.70 -2.12
CA GLN F 33 26.86 67.33 -3.42
C GLN F 33 25.98 68.56 -3.56
N PHE F 34 24.69 68.38 -3.29
CA PHE F 34 23.76 69.46 -3.40
C PHE F 34 24.21 70.72 -2.66
N ASN F 35 24.17 70.66 -1.34
CA ASN F 35 24.57 71.79 -0.52
C ASN F 35 25.76 72.52 -1.12
N GLN F 36 26.88 71.80 -1.27
CA GLN F 36 28.11 72.35 -1.85
C GLN F 36 27.77 73.46 -2.83
N MET F 37 26.79 73.17 -3.69
CA MET F 37 26.35 74.13 -4.70
C MET F 37 25.88 75.42 -4.03
N ILE F 38 24.72 75.33 -3.38
CA ILE F 38 24.11 76.47 -2.70
C ILE F 38 25.15 77.47 -2.23
N ILE F 39 26.15 76.97 -1.50
CA ILE F 39 27.23 77.81 -0.99
C ILE F 39 27.85 78.66 -2.09
N THR F 40 28.55 77.98 -3.00
CA THR F 40 29.21 78.63 -4.12
C THR F 40 28.37 79.75 -4.74
N MET F 41 27.06 79.53 -4.80
CA MET F 41 26.12 80.48 -5.38
C MET F 41 25.84 81.75 -4.56
N ASN F 42 24.94 81.63 -3.59
CA ASN F 42 24.54 82.73 -2.73
C ASN F 42 25.55 83.88 -2.68
N GLY F 43 25.11 85.06 -3.13
CA GLY F 43 26.00 86.20 -3.12
C GLY F 43 26.29 86.72 -4.52
N ASN F 44 26.31 85.82 -5.50
CA ASN F 44 26.58 86.18 -6.89
C ASN F 44 25.30 86.55 -7.63
N GLU F 45 25.29 87.73 -8.27
CA GLU F 45 24.13 88.22 -9.01
C GLU F 45 24.21 87.88 -10.50
N PHE F 46 23.08 87.42 -11.06
CA PHE F 46 23.02 87.07 -12.46
C PHE F 46 21.97 87.84 -13.25
N GLN F 47 22.09 87.75 -14.58
CA GLN F 47 21.17 88.43 -15.48
C GLN F 47 21.02 87.64 -16.78
N THR F 48 19.80 87.56 -17.28
CA THR F 48 19.53 86.81 -18.50
C THR F 48 18.55 87.50 -19.44
N GLY F 49 18.60 87.09 -20.70
CA GLY F 49 17.71 87.63 -21.71
C GLY F 49 18.15 88.92 -22.35
N GLY F 50 17.22 89.56 -23.08
CA GLY F 50 17.52 90.82 -23.72
C GLY F 50 17.34 90.86 -25.23
N ILE F 51 17.47 89.72 -25.90
CA ILE F 51 17.34 89.70 -27.35
C ILE F 51 16.00 89.19 -27.86
N GLY F 52 15.34 90.00 -28.70
CA GLY F 52 14.05 89.62 -29.26
C GLY F 52 12.88 89.81 -28.31
N ASN F 53 11.98 88.83 -28.28
CA ASN F 53 10.83 88.86 -27.38
C ASN F 53 11.13 87.92 -26.22
N LEU F 54 12.26 88.19 -25.59
CA LEU F 54 12.74 87.42 -24.45
C LEU F 54 12.93 88.31 -23.24
N PRO F 55 12.10 88.13 -22.19
CA PRO F 55 12.18 88.94 -20.96
C PRO F 55 13.61 89.08 -20.41
N ILE F 56 13.77 89.96 -19.43
CA ILE F 56 15.08 90.21 -18.80
C ILE F 56 14.90 90.14 -17.29
N ARG F 57 15.13 88.97 -16.69
CA ARG F 57 14.95 88.80 -15.25
C ARG F 57 16.25 88.76 -14.45
N ASN F 58 16.20 89.29 -13.23
CA ASN F 58 17.35 89.33 -12.32
C ASN F 58 17.23 88.26 -11.24
N TRP F 59 18.37 87.70 -10.83
CA TRP F 59 18.38 86.66 -9.81
C TRP F 59 19.34 86.91 -8.65
N ASN F 60 18.85 86.69 -7.44
CA ASN F 60 19.64 86.88 -6.21
C ASN F 60 19.52 85.63 -5.35
N PHE F 61 20.54 85.37 -4.52
CA PHE F 61 20.52 84.18 -3.64
C PHE F 61 21.00 84.42 -2.20
N ASP F 62 20.44 83.63 -1.29
CA ASP F 62 20.78 83.63 0.14
C ASP F 62 19.91 82.56 0.80
N PHE F 63 19.70 81.47 0.06
CA PHE F 63 18.89 80.33 0.49
C PHE F 63 19.52 79.46 1.55
N GLY F 64 18.69 78.97 2.48
CA GLY F 64 19.18 78.11 3.54
C GLY F 64 19.67 76.78 3.03
N LEU F 65 20.26 75.97 3.92
CA LEU F 65 20.79 74.66 3.57
C LEU F 65 19.77 73.55 3.79
N LEU F 66 20.24 72.35 4.13
CA LEU F 66 19.37 71.21 4.38
C LEU F 66 19.78 70.33 5.54
N GLY F 67 18.85 70.12 6.47
CA GLY F 67 19.14 69.28 7.63
C GLY F 67 19.68 67.92 7.22
N THR F 68 20.77 67.51 7.86
CA THR F 68 21.39 66.22 7.60
C THR F 68 21.22 65.35 8.84
N THR F 69 20.03 65.43 9.42
CA THR F 69 19.71 64.67 10.63
C THR F 69 18.68 63.58 10.37
N LEU F 70 17.40 63.94 10.48
CA LEU F 70 16.28 63.02 10.28
C LEU F 70 16.63 61.73 9.55
N LEU F 71 16.16 60.62 10.08
CA LEU F 71 16.43 59.31 9.50
C LEU F 71 15.48 59.07 8.33
N ASN F 72 14.18 59.21 8.57
CA ASN F 72 13.18 59.04 7.52
C ASN F 72 12.72 60.40 7.05
N LEU F 73 12.48 60.55 5.75
CA LEU F 73 12.03 61.81 5.19
C LEU F 73 10.57 62.11 5.48
N ASP F 74 10.30 63.15 6.25
CA ASP F 74 8.92 63.50 6.57
C ASP F 74 8.44 64.52 5.53
N ALA F 75 7.18 64.37 5.12
CA ALA F 75 6.59 65.25 4.11
C ALA F 75 7.11 66.68 4.25
N ASN F 76 7.00 67.24 5.45
CA ASN F 76 7.45 68.60 5.71
C ASN F 76 8.84 68.90 5.15
N TYR F 77 9.70 67.88 5.11
CA TYR F 77 11.05 68.05 4.60
C TYR F 77 11.03 68.33 3.11
N VAL F 78 10.23 67.57 2.38
CA VAL F 78 10.12 67.72 0.95
C VAL F 78 9.74 69.15 0.57
N GLU F 79 8.49 69.52 0.84
CA GLU F 79 7.98 70.85 0.53
C GLU F 79 8.94 72.02 0.78
N THR F 80 9.65 72.01 1.90
CA THR F 80 10.59 73.09 2.22
C THR F 80 11.78 73.01 1.28
N ALA F 81 11.81 71.95 0.48
CA ALA F 81 12.88 71.71 -0.47
C ALA F 81 12.38 72.02 -1.88
N ARG F 82 11.26 71.43 -2.27
CA ARG F 82 10.70 71.65 -3.59
C ARG F 82 10.59 73.15 -3.86
N ASN F 83 10.23 73.91 -2.83
CA ASN F 83 10.09 75.36 -2.95
C ASN F 83 11.41 76.03 -3.29
N THR F 84 12.51 75.37 -2.93
CA THR F 84 13.84 75.92 -3.21
C THR F 84 14.34 75.42 -4.56
N ILE F 85 13.82 74.30 -5.02
CA ILE F 85 14.23 73.77 -6.31
C ILE F 85 13.53 74.54 -7.42
N ASP F 86 12.23 74.81 -7.22
CA ASP F 86 11.43 75.53 -8.21
C ASP F 86 11.96 76.91 -8.56
N TYR F 87 13.03 77.36 -7.92
CA TYR F 87 13.62 78.67 -8.26
C TYR F 87 14.77 78.36 -9.20
N PHE F 88 15.37 77.18 -9.01
CA PHE F 88 16.49 76.76 -9.85
C PHE F 88 15.95 76.24 -11.18
N VAL F 89 14.80 75.59 -11.13
CA VAL F 89 14.18 75.10 -12.34
C VAL F 89 13.94 76.36 -13.17
N ASP F 90 12.90 77.13 -12.81
CA ASP F 90 12.53 78.38 -13.50
C ASP F 90 13.75 79.25 -13.82
N PHE F 91 14.87 78.92 -13.21
CA PHE F 91 16.10 79.66 -13.44
C PHE F 91 16.78 79.07 -14.66
N VAL F 92 17.33 77.87 -14.48
CA VAL F 92 18.03 77.18 -15.54
C VAL F 92 17.34 77.36 -16.90
N ASP F 93 16.01 77.25 -16.92
CA ASP F 93 15.24 77.41 -18.16
C ASP F 93 15.70 78.73 -18.78
N ASN F 94 15.50 79.81 -18.03
CA ASN F 94 15.89 81.15 -18.45
C ASN F 94 17.39 81.25 -18.75
N VAL F 95 18.16 80.26 -18.32
CA VAL F 95 19.60 80.27 -18.56
C VAL F 95 19.91 79.58 -19.88
N CYS F 96 19.40 78.37 -20.03
CA CYS F 96 19.62 77.63 -21.26
C CYS F 96 19.20 78.50 -22.43
N MET F 97 17.93 78.87 -22.44
CA MET F 97 17.37 79.68 -23.49
C MET F 97 18.26 80.87 -23.88
N ASP F 98 18.81 81.58 -22.91
CA ASP F 98 19.66 82.75 -23.18
C ASP F 98 20.91 82.46 -24.02
N GLU F 99 21.57 81.33 -23.77
CA GLU F 99 22.77 80.95 -24.52
C GLU F 99 22.41 80.01 -25.68
N MET F 100 21.12 79.80 -25.87
CA MET F 100 20.65 78.95 -26.95
C MET F 100 20.16 79.82 -28.09
N VAL F 101 20.73 81.03 -28.21
CA VAL F 101 20.36 81.97 -29.26
C VAL F 101 21.53 82.72 -29.90
N ARG F 102 22.47 83.19 -29.06
CA ARG F 102 23.64 83.91 -29.56
C ARG F 102 24.50 83.00 -30.45
N GLU F 103 25.14 83.60 -31.44
CA GLU F 103 25.98 82.87 -32.39
C GLU F 103 27.22 83.73 -32.67
N SER F 104 28.36 83.11 -32.94
CA SER F 104 29.57 83.90 -33.23
C SER F 104 30.01 83.77 -34.69
N GLN F 105 30.98 82.90 -34.94
CA GLN F 105 31.50 82.67 -36.30
C GLN F 105 32.82 81.93 -36.11
N ARG F 106 33.84 82.65 -35.66
CA ARG F 106 35.13 82.04 -35.36
C ARG F 106 35.12 82.07 -33.83
N ASN F 107 35.45 80.95 -33.21
CA ASN F 107 35.41 80.85 -31.75
C ASN F 107 33.95 81.10 -31.38
N GLY F 108 33.06 80.48 -32.17
CA GLY F 108 31.64 80.59 -31.93
C GLY F 108 31.17 79.29 -31.33
N ILE F 109 32.15 78.44 -31.00
CA ILE F 109 31.94 77.13 -30.40
C ILE F 109 31.92 77.25 -28.88
N ALA F 110 32.24 78.43 -28.38
CA ALA F 110 32.31 78.69 -26.95
C ALA F 110 31.12 79.48 -26.38
N PRO F 111 31.19 79.81 -25.08
CA PRO F 111 30.14 80.58 -24.39
C PRO F 111 29.95 81.98 -24.96
N GLN F 112 28.75 82.53 -24.82
CA GLN F 112 28.45 83.87 -25.34
C GLN F 112 27.75 84.80 -24.36
N SER F 113 26.73 84.29 -23.67
CA SER F 113 25.92 85.04 -22.71
C SER F 113 26.59 85.55 -21.44
N ASP F 114 26.10 86.68 -20.93
CA ASP F 114 26.61 87.29 -19.71
C ASP F 114 26.28 86.38 -18.54
N SER F 115 25.47 85.38 -18.82
CA SER F 115 25.07 84.40 -17.81
C SER F 115 26.12 83.31 -17.75
N LEU F 116 26.44 82.72 -18.89
CA LEU F 116 27.42 81.64 -18.94
C LEU F 116 28.88 82.07 -18.87
N ARG F 117 29.26 83.16 -19.56
CA ARG F 117 30.65 83.63 -19.53
C ARG F 117 31.12 83.69 -18.07
N LYS F 118 30.18 83.85 -17.13
CA LYS F 118 30.48 83.95 -15.70
C LYS F 118 30.51 82.57 -15.04
N LEU F 119 29.90 81.58 -15.70
CA LEU F 119 29.85 80.22 -15.18
C LEU F 119 31.16 79.47 -15.39
N SER F 120 31.76 79.66 -16.56
CA SER F 120 33.01 79.00 -16.86
C SER F 120 34.06 79.49 -15.88
N GLY F 121 33.71 80.53 -15.11
CA GLY F 121 34.62 81.08 -14.13
C GLY F 121 35.17 79.94 -13.29
N LEU F 122 36.30 80.14 -12.64
CA LEU F 122 36.92 79.08 -11.84
C LEU F 122 36.23 78.77 -10.52
N LYS F 123 35.87 79.82 -9.77
CA LYS F 123 35.23 79.66 -8.47
C LYS F 123 33.94 78.84 -8.49
N PHE F 124 33.42 78.55 -9.68
CA PHE F 124 32.17 77.79 -9.82
C PHE F 124 32.39 76.30 -10.12
N LYS F 125 33.56 75.98 -10.66
CA LYS F 125 33.89 74.60 -11.04
C LYS F 125 33.60 73.56 -9.95
N ARG F 126 33.46 74.00 -8.70
CA ARG F 126 33.20 73.09 -7.58
C ARG F 126 31.83 72.41 -7.63
N ILE F 127 31.40 71.94 -8.81
CA ILE F 127 30.09 71.31 -8.88
C ILE F 127 29.95 70.05 -9.72
N ASN F 128 30.76 69.92 -10.78
CA ASN F 128 30.71 68.76 -11.65
C ASN F 128 30.32 67.45 -10.96
N PHE F 129 29.64 66.56 -11.67
CA PHE F 129 29.20 65.27 -11.12
C PHE F 129 28.41 64.40 -12.10
N ASP F 130 28.40 63.07 -11.87
CA ASP F 130 27.71 62.06 -12.71
C ASP F 130 27.47 62.50 -14.17
N ASN F 131 28.51 62.42 -15.00
CA ASN F 131 28.42 62.79 -16.41
C ASN F 131 28.02 61.59 -17.27
N SER F 132 26.90 60.95 -16.98
CA SER F 132 26.48 59.80 -17.77
C SER F 132 25.44 60.10 -18.85
N SER F 133 25.22 61.38 -19.16
CA SER F 133 24.25 61.78 -20.19
C SER F 133 24.94 61.84 -21.56
N GLU F 134 24.72 60.78 -22.33
CA GLU F 134 25.27 60.60 -23.66
C GLU F 134 25.91 61.84 -24.28
N TYR F 135 25.25 63.00 -24.19
CA TYR F 135 25.78 64.21 -24.80
C TYR F 135 26.97 64.88 -24.12
N ILE F 136 26.93 64.96 -22.81
CA ILE F 136 28.05 65.56 -22.11
C ILE F 136 29.21 64.60 -22.29
N GLU F 137 28.93 63.30 -22.14
CA GLU F 137 29.94 62.25 -22.28
C GLU F 137 30.75 62.58 -23.52
N ASN F 138 30.05 63.04 -24.57
CA ASN F 138 30.71 63.38 -25.81
C ASN F 138 31.26 64.79 -25.86
N TRP F 139 30.68 65.72 -25.11
CA TRP F 139 31.23 67.06 -25.12
C TRP F 139 32.67 67.00 -24.62
N ASN F 140 32.86 66.46 -23.42
CA ASN F 140 34.20 66.35 -22.82
C ASN F 140 35.24 65.76 -23.77
N LEU F 141 35.04 64.50 -24.15
CA LEU F 141 35.96 63.78 -25.06
C LEU F 141 36.40 64.62 -26.25
N GLN F 142 35.58 65.61 -26.60
CA GLN F 142 35.87 66.48 -27.73
C GLN F 142 36.76 67.63 -27.33
N ASN F 143 36.46 68.23 -26.18
CA ASN F 143 37.21 69.37 -25.66
C ASN F 143 38.68 68.99 -25.59
N ARG F 144 38.96 67.85 -24.97
CA ARG F 144 40.32 67.35 -24.84
C ARG F 144 40.89 67.09 -26.23
N ARG F 145 40.16 66.26 -26.97
CA ARG F 145 40.49 65.84 -28.33
C ARG F 145 40.49 64.31 -28.41
N GLN F 146 39.40 63.75 -28.93
CA GLN F 146 39.29 62.29 -29.06
C GLN F 146 38.28 61.90 -30.13
N ARG F 147 37.98 60.60 -30.22
CA ARG F 147 37.02 60.09 -31.18
C ARG F 147 35.63 60.08 -30.56
N THR F 148 34.89 61.15 -30.78
CA THR F 148 33.53 61.33 -30.28
C THR F 148 32.54 60.26 -30.76
N GLY F 149 31.31 60.67 -31.06
CA GLY F 149 30.30 59.71 -31.55
C GLY F 149 28.90 59.71 -30.92
N PHE F 150 27.87 59.60 -31.76
CA PHE F 150 26.48 59.57 -31.29
C PHE F 150 25.69 58.46 -31.98
N THR F 151 24.53 58.11 -31.42
CA THR F 151 23.68 57.07 -31.99
C THR F 151 22.39 57.66 -32.56
N PHE F 152 22.13 57.38 -33.84
CA PHE F 152 20.94 57.88 -34.54
C PHE F 152 20.09 56.83 -35.25
N HIS F 153 18.78 57.04 -35.22
CA HIS F 153 17.80 56.18 -35.87
C HIS F 153 17.25 57.01 -37.03
N LYS F 154 17.24 56.43 -38.23
CA LYS F 154 16.79 57.14 -39.44
C LYS F 154 17.35 58.58 -39.36
N PRO F 155 18.70 58.73 -39.38
CA PRO F 155 19.44 60.01 -39.31
C PRO F 155 19.00 61.00 -40.38
N ASN F 156 19.49 62.24 -40.33
CA ASN F 156 19.04 63.16 -41.37
C ASN F 156 20.27 63.74 -42.07
N ILE F 157 20.85 62.91 -42.94
CA ILE F 157 22.08 63.25 -43.62
C ILE F 157 21.92 63.81 -45.02
N PHE F 158 20.81 63.49 -45.68
CA PHE F 158 20.59 63.98 -47.05
C PHE F 158 19.74 65.23 -47.15
N PRO F 159 20.33 66.34 -47.65
CA PRO F 159 19.50 67.53 -47.77
C PRO F 159 18.45 67.18 -48.82
N TYR F 160 17.25 67.74 -48.67
CA TYR F 160 16.19 67.44 -49.62
C TYR F 160 16.66 67.77 -51.03
N SER F 161 16.48 66.83 -51.94
CA SER F 161 16.83 67.02 -53.34
C SER F 161 15.93 66.13 -54.13
N ALA F 162 15.12 66.72 -55.00
CA ALA F 162 14.21 65.94 -55.83
C ALA F 162 14.39 66.49 -57.24
N SER F 163 14.99 65.71 -58.14
CA SER F 163 15.22 66.22 -59.49
C SER F 163 15.40 65.08 -60.51
N PHE F 164 15.86 65.42 -61.71
CA PHE F 164 16.09 64.43 -62.77
C PHE F 164 17.22 64.91 -63.67
N THR F 165 17.72 64.01 -64.50
CA THR F 165 18.78 64.35 -65.43
C THR F 165 18.44 63.57 -66.67
N LEU F 166 18.20 64.30 -67.76
CA LEU F 166 17.90 63.66 -69.04
C LEU F 166 19.18 63.46 -69.84
N ASN F 167 19.59 62.21 -69.98
CA ASN F 167 20.80 61.90 -70.72
C ASN F 167 20.56 61.89 -72.24
N ARG F 168 19.32 61.66 -72.63
CA ARG F 168 18.90 61.69 -74.04
C ARG F 168 17.54 62.33 -74.00
N SER F 169 17.37 63.41 -74.74
CA SER F 169 16.08 64.10 -74.78
C SER F 169 16.01 64.83 -76.08
N GLN F 170 14.80 65.29 -76.40
CA GLN F 170 14.56 66.02 -77.60
C GLN F 170 13.34 66.88 -77.27
N PRO F 171 13.12 67.96 -78.01
CA PRO F 171 11.99 68.87 -77.79
C PRO F 171 10.64 68.23 -77.45
N ALA F 172 10.23 67.22 -78.20
CA ALA F 172 8.95 66.56 -77.96
C ALA F 172 8.92 65.72 -76.66
N HIS F 173 10.10 65.40 -76.13
CA HIS F 173 10.24 64.59 -74.91
C HIS F 173 9.43 63.31 -75.07
N ASP F 174 9.60 62.66 -76.21
CA ASP F 174 8.89 61.43 -76.52
C ASP F 174 9.82 60.20 -76.54
N ASN F 175 11.11 60.43 -76.33
CA ASN F 175 12.09 59.33 -76.28
C ASN F 175 13.27 59.75 -75.40
N LEU F 176 13.00 59.80 -74.09
CA LEU F 176 13.98 60.21 -73.09
C LEU F 176 14.69 59.05 -72.45
N MET F 177 15.83 59.36 -71.85
CA MET F 177 16.62 58.38 -71.12
C MET F 177 17.35 59.19 -70.05
N GLY F 178 17.28 58.72 -68.80
CA GLY F 178 17.94 59.44 -67.72
C GLY F 178 17.53 58.90 -66.37
N THR F 179 17.72 59.70 -65.33
CA THR F 179 17.36 59.28 -64.00
C THR F 179 16.63 60.39 -63.27
N MET F 180 15.84 60.00 -62.29
CA MET F 180 15.11 60.95 -61.44
C MET F 180 15.25 60.38 -60.02
N TRP F 181 15.28 61.25 -59.03
CA TRP F 181 15.51 60.79 -57.68
C TRP F 181 14.92 61.70 -56.62
N LEU F 182 14.96 61.20 -55.39
CA LEU F 182 14.57 61.92 -54.19
C LEU F 182 15.56 61.48 -53.10
N ASN F 183 16.39 62.42 -52.68
CA ASN F 183 17.30 62.23 -51.55
C ASN F 183 16.74 63.08 -50.43
N ALA F 184 16.41 62.47 -49.32
CA ALA F 184 15.84 63.25 -48.20
C ALA F 184 15.99 62.48 -46.90
N GLY F 185 16.57 63.14 -45.90
CA GLY F 185 16.73 62.50 -44.61
C GLY F 185 17.72 61.36 -44.65
N SER F 186 17.20 60.17 -44.41
CA SER F 186 18.02 58.97 -44.42
C SER F 186 17.69 58.10 -45.62
N GLU F 187 16.88 58.62 -46.55
CA GLU F 187 16.48 57.81 -47.69
C GLU F 187 16.81 58.32 -49.08
N ILE F 188 17.03 57.39 -49.98
CA ILE F 188 17.33 57.69 -51.37
C ILE F 188 16.45 56.77 -52.21
N GLN F 189 15.79 57.34 -53.21
CA GLN F 189 15.03 56.52 -54.18
C GLN F 189 15.52 57.08 -55.51
N VAL F 190 15.89 56.19 -56.41
CA VAL F 190 16.36 56.64 -57.72
C VAL F 190 15.86 55.68 -58.78
N ALA F 191 15.40 56.23 -59.90
CA ALA F 191 14.92 55.44 -61.01
C ALA F 191 15.67 55.83 -62.28
N GLY F 192 15.92 54.83 -63.10
CA GLY F 192 16.57 55.05 -64.38
C GLY F 192 15.49 54.65 -65.40
N PHE F 193 15.24 55.51 -66.37
CA PHE F 193 14.23 55.25 -67.40
C PHE F 193 14.85 55.36 -68.81
N ASP F 194 14.31 54.56 -69.73
CA ASP F 194 14.76 54.55 -71.13
C ASP F 194 13.50 54.30 -71.94
N TYR F 195 12.94 55.35 -72.54
CA TYR F 195 11.72 55.22 -73.33
C TYR F 195 11.83 54.17 -74.44
N SER F 196 13.04 53.99 -74.99
CA SER F 196 13.27 53.03 -76.07
C SER F 196 13.47 51.58 -75.61
N CYS F 197 13.49 51.34 -74.29
CA CYS F 197 13.71 50.01 -73.72
C CYS F 197 14.98 49.36 -74.29
N ALA F 198 16.02 50.19 -74.39
CA ALA F 198 17.33 49.76 -74.87
C ALA F 198 17.31 49.04 -76.24
N ILE F 199 16.34 49.41 -77.10
CA ILE F 199 16.18 48.80 -78.44
C ILE F 199 17.45 48.91 -79.32
N ASN F 200 18.15 50.04 -79.23
CA ASN F 200 19.38 50.30 -80.01
C ASN F 200 20.60 50.36 -79.11
N ALA F 201 20.48 49.93 -77.86
CA ALA F 201 21.62 49.98 -76.94
C ALA F 201 22.49 48.72 -77.03
N PRO F 202 23.81 48.90 -76.83
CA PRO F 202 24.77 47.79 -76.88
C PRO F 202 24.35 46.72 -75.84
N ALA F 203 24.20 45.49 -76.32
CA ALA F 203 23.78 44.38 -75.47
C ALA F 203 22.36 44.59 -74.96
N ASN F 204 21.63 45.52 -75.58
CA ASN F 204 20.26 45.87 -75.20
C ASN F 204 20.18 46.18 -73.70
N THR F 205 21.21 46.85 -73.22
CA THR F 205 21.32 47.21 -71.81
C THR F 205 21.67 48.69 -71.68
N GLN F 206 20.93 49.41 -70.83
CA GLN F 206 21.21 50.81 -70.59
C GLN F 206 21.73 50.91 -69.15
N GLN F 207 22.89 51.51 -68.97
CA GLN F 207 23.48 51.65 -67.65
C GLN F 207 22.99 52.92 -66.96
N PHE F 208 22.80 52.85 -65.65
CA PHE F 208 22.40 54.01 -64.85
C PHE F 208 23.30 54.11 -63.64
N GLU F 209 23.34 55.27 -63.04
CA GLU F 209 24.18 55.46 -61.89
C GLU F 209 23.66 56.64 -61.09
N HIS F 210 23.74 56.55 -59.76
CA HIS F 210 23.30 57.65 -58.92
C HIS F 210 24.34 57.75 -57.81
N ILE F 211 24.92 58.94 -57.67
CA ILE F 211 25.94 59.18 -56.65
C ILE F 211 25.46 60.21 -55.65
N VAL F 212 25.63 59.92 -54.36
CA VAL F 212 25.22 60.84 -53.31
C VAL F 212 26.39 61.05 -52.38
N GLN F 213 26.79 62.30 -52.23
CA GLN F 213 27.90 62.66 -51.37
C GLN F 213 27.45 63.18 -50.02
N LEU F 214 27.76 62.47 -48.96
CA LEU F 214 27.34 62.90 -47.63
C LEU F 214 28.20 64.06 -47.18
N ARG F 215 27.63 64.97 -46.39
CA ARG F 215 28.38 66.12 -45.88
C ARG F 215 29.21 65.71 -44.69
N ARG F 216 28.91 64.56 -44.11
CA ARG F 216 29.67 64.04 -42.97
C ARG F 216 29.72 62.52 -43.17
N VAL F 217 30.79 61.92 -42.67
CA VAL F 217 30.97 60.48 -42.76
C VAL F 217 30.03 59.80 -41.77
N LEU F 218 29.45 58.69 -42.22
CA LEU F 218 28.62 57.92 -41.35
C LEU F 218 29.38 56.61 -41.16
N THR F 219 29.40 56.11 -39.94
CA THR F 219 30.02 54.84 -39.65
C THR F 219 28.96 53.90 -39.05
N THR F 220 29.25 52.60 -39.05
CA THR F 220 28.37 51.60 -38.46
C THR F 220 26.88 51.73 -38.85
N ALA F 221 26.64 52.00 -40.13
CA ALA F 221 25.30 52.15 -40.69
C ALA F 221 24.63 50.81 -41.04
N THR F 222 23.41 50.66 -40.55
CA THR F 222 22.55 49.51 -40.89
C THR F 222 21.60 50.03 -41.94
N ILE F 223 21.65 49.41 -43.10
CA ILE F 223 20.91 49.93 -44.25
C ILE F 223 19.97 48.91 -44.93
N THR F 224 18.81 49.37 -45.37
CA THR F 224 17.84 48.54 -46.08
C THR F 224 17.97 48.95 -47.54
N LEU F 225 18.17 47.98 -48.42
CA LEU F 225 18.29 48.25 -49.85
C LEU F 225 17.26 47.38 -50.50
N LEU F 226 16.40 47.97 -51.30
CA LEU F 226 15.34 47.22 -51.96
C LEU F 226 15.28 47.59 -53.43
N PRO F 227 14.87 46.65 -54.28
CA PRO F 227 14.80 46.98 -55.70
C PRO F 227 13.51 47.78 -55.88
N ASP F 228 13.47 48.59 -56.94
CA ASP F 228 12.32 49.43 -57.30
C ASP F 228 12.26 50.75 -56.54
N ALA F 229 11.76 51.77 -57.22
CA ALA F 229 11.58 53.10 -56.64
C ALA F 229 10.09 53.38 -56.81
N GLU F 230 9.29 53.04 -55.81
CA GLU F 230 7.85 53.24 -55.88
C GLU F 230 7.46 54.67 -56.20
N ARG F 231 8.23 55.60 -55.66
CA ARG F 231 7.98 57.01 -55.89
C ARG F 231 8.01 57.39 -57.38
N PHE F 232 8.74 56.63 -58.18
CA PHE F 232 8.86 56.93 -59.60
C PHE F 232 8.30 55.79 -60.45
N SER F 233 7.24 55.16 -59.94
CA SER F 233 6.64 54.05 -60.65
C SER F 233 5.27 54.40 -61.18
N PHE F 234 4.88 55.65 -61.05
CA PHE F 234 3.58 56.06 -61.55
C PHE F 234 3.67 57.18 -62.61
N PRO F 235 2.60 57.35 -63.41
CA PRO F 235 2.53 58.36 -64.47
C PRO F 235 2.68 59.77 -63.94
N ARG F 236 3.51 60.55 -64.62
CA ARG F 236 3.75 61.90 -64.20
C ARG F 236 3.84 62.83 -65.41
N VAL F 237 3.50 64.05 -65.12
CA VAL F 237 3.67 65.17 -66.04
C VAL F 237 4.66 66.07 -65.32
N ILE F 238 5.81 66.21 -65.93
CA ILE F 238 6.92 66.92 -65.29
C ILE F 238 7.36 68.17 -66.07
N ASN F 239 7.93 69.14 -65.37
CA ASN F 239 8.41 70.33 -66.05
C ASN F 239 9.72 69.98 -66.73
N SER F 240 9.96 70.57 -67.89
CA SER F 240 11.18 70.35 -68.63
C SER F 240 12.34 71.00 -67.87
N ALA F 241 13.57 70.61 -68.20
CA ALA F 241 14.73 71.17 -67.53
C ALA F 241 14.77 72.71 -67.54
N ASP F 242 14.37 73.31 -68.66
CA ASP F 242 14.38 74.78 -68.81
C ASP F 242 13.10 75.47 -68.33
N GLY F 243 12.16 74.67 -67.84
CA GLY F 243 10.90 75.20 -67.35
C GLY F 243 9.94 75.70 -68.43
N ALA F 244 10.33 75.55 -69.69
CA ALA F 244 9.49 76.03 -70.80
C ALA F 244 8.28 75.18 -71.17
N THR F 245 8.28 73.90 -70.79
CA THR F 245 7.16 73.00 -71.12
C THR F 245 7.08 71.82 -70.15
N THR F 246 6.19 70.88 -70.44
CA THR F 246 6.03 69.70 -69.60
C THR F 246 6.07 68.41 -70.43
N TRP F 247 6.71 67.38 -69.87
CA TRP F 247 6.82 66.07 -70.51
C TRP F 247 6.01 65.01 -69.76
N TYR F 248 5.73 63.91 -70.45
CA TYR F 248 4.96 62.84 -69.88
C TYR F 248 5.81 61.59 -69.58
N PHE F 249 5.68 61.08 -68.35
CA PHE F 249 6.41 59.90 -67.92
C PHE F 249 5.34 58.85 -67.62
N ASN F 250 5.40 57.75 -68.33
CA ASN F 250 4.44 56.67 -68.18
C ASN F 250 5.21 55.38 -67.92
N PRO F 251 5.75 55.18 -66.71
CA PRO F 251 6.59 54.01 -66.40
C PRO F 251 5.89 52.67 -66.35
N VAL F 252 6.70 51.69 -66.71
CA VAL F 252 6.45 50.25 -66.59
C VAL F 252 7.75 49.72 -65.98
N ILE F 253 7.64 48.99 -64.89
CA ILE F 253 8.83 48.63 -64.11
C ILE F 253 9.39 47.24 -64.38
N LEU F 254 10.71 47.17 -64.51
CA LEU F 254 11.43 45.93 -64.74
C LEU F 254 12.44 45.81 -63.58
N ARG F 255 12.93 44.60 -63.31
CA ARG F 255 13.88 44.47 -62.21
C ARG F 255 15.20 45.09 -62.55
N PRO F 256 15.79 45.80 -61.60
CA PRO F 256 17.07 46.42 -61.91
C PRO F 256 18.10 45.28 -62.09
N ASN F 257 18.87 45.39 -63.15
CA ASN F 257 19.88 44.41 -63.54
C ASN F 257 21.30 44.84 -63.12
N ASN F 258 22.12 43.90 -62.65
CA ASN F 258 23.49 44.17 -62.20
C ASN F 258 23.62 45.30 -61.20
N VAL F 259 22.81 45.23 -60.16
CA VAL F 259 22.81 46.23 -59.12
C VAL F 259 24.13 46.14 -58.35
N GLU F 260 24.76 47.29 -58.17
CA GLU F 260 25.98 47.37 -57.40
C GLU F 260 25.97 48.63 -56.55
N VAL F 261 26.06 48.45 -55.23
CA VAL F 261 26.07 49.59 -54.33
C VAL F 261 27.46 49.69 -53.76
N GLU F 262 28.05 50.87 -53.85
CA GLU F 262 29.36 51.07 -53.26
C GLU F 262 29.29 52.18 -52.24
N PHE F 263 29.89 51.92 -51.09
CA PHE F 263 29.96 52.90 -50.01
C PHE F 263 31.43 53.24 -50.02
N LEU F 264 31.74 54.45 -50.43
CA LEU F 264 33.11 54.90 -50.55
C LEU F 264 33.50 55.87 -49.49
N LEU F 265 34.80 55.93 -49.21
CA LEU F 265 35.34 56.85 -48.24
C LEU F 265 36.54 57.46 -48.94
N ASN F 266 36.50 58.76 -49.17
CA ASN F 266 37.62 59.45 -49.84
C ASN F 266 37.99 58.78 -51.18
N GLY F 267 36.98 58.36 -51.93
CA GLY F 267 37.23 57.75 -53.22
C GLY F 267 37.50 56.27 -53.19
N GLN F 268 37.73 55.72 -52.01
CA GLN F 268 38.00 54.29 -51.89
C GLN F 268 36.74 53.50 -51.57
N ILE F 269 36.59 52.33 -52.19
CA ILE F 269 35.46 51.46 -51.91
C ILE F 269 35.71 50.81 -50.54
N ILE F 270 34.81 51.05 -49.59
CA ILE F 270 34.94 50.46 -48.27
C ILE F 270 34.01 49.25 -48.26
N ASN F 271 32.80 49.39 -48.80
CA ASN F 271 31.87 48.28 -48.86
C ASN F 271 31.26 48.25 -50.25
N THR F 272 31.06 47.05 -50.77
CA THR F 272 30.43 46.89 -52.06
C THR F 272 29.50 45.69 -51.99
N TYR F 273 28.31 45.86 -52.54
CA TYR F 273 27.29 44.82 -52.55
C TYR F 273 26.72 44.68 -53.96
N GLN F 274 26.70 43.45 -54.45
CA GLN F 274 26.22 43.17 -55.79
C GLN F 274 24.88 42.52 -55.69
N ALA F 275 23.85 43.24 -56.11
CA ALA F 275 22.50 42.71 -56.11
C ALA F 275 22.02 42.11 -54.81
N ARG F 276 22.45 42.69 -53.68
CA ARG F 276 22.02 42.17 -52.41
C ARG F 276 20.96 43.06 -51.80
N PHE F 277 19.71 42.59 -51.79
CA PHE F 277 18.60 43.36 -51.25
C PHE F 277 18.30 42.89 -49.83
N GLY F 278 17.80 43.78 -48.99
CA GLY F 278 17.51 43.41 -47.62
C GLY F 278 18.40 44.28 -46.73
N THR F 279 18.94 43.70 -45.68
CA THR F 279 19.78 44.47 -44.76
C THR F 279 21.28 44.28 -45.00
N ILE F 280 21.97 45.40 -45.22
CA ILE F 280 23.42 45.41 -45.45
C ILE F 280 24.08 46.43 -44.51
N ILE F 281 25.35 46.19 -44.19
CA ILE F 281 26.12 47.07 -43.32
C ILE F 281 27.17 47.89 -44.10
N ALA F 282 27.21 49.21 -43.87
CA ALA F 282 28.19 50.07 -44.51
C ALA F 282 28.95 50.63 -43.30
N ARG F 283 30.18 50.21 -43.11
CA ARG F 283 30.87 50.54 -41.85
C ARG F 283 31.55 51.93 -41.76
N ASN F 284 31.78 52.59 -42.87
CA ASN F 284 32.48 53.90 -42.84
C ASN F 284 32.47 54.46 -44.25
N PHE F 285 31.72 55.52 -44.48
CA PHE F 285 31.63 56.06 -45.84
C PHE F 285 31.18 57.51 -45.86
N ASP F 286 31.55 58.22 -46.93
CA ASP F 286 31.14 59.61 -47.11
C ASP F 286 30.45 59.74 -48.45
N THR F 287 30.31 58.63 -49.16
CA THR F 287 29.67 58.63 -50.47
C THR F 287 28.99 57.31 -50.75
N ILE F 288 27.85 57.37 -51.41
CA ILE F 288 27.13 56.18 -51.81
C ILE F 288 26.99 56.25 -53.32
N ARG F 289 27.28 55.15 -54.00
CA ARG F 289 27.15 55.11 -55.43
C ARG F 289 26.28 53.91 -55.79
N LEU F 290 25.16 54.17 -56.44
CA LEU F 290 24.26 53.11 -56.85
C LEU F 290 24.32 52.98 -58.37
N SER F 291 24.71 51.79 -58.85
CA SER F 291 24.78 51.53 -60.29
C SER F 291 23.82 50.42 -60.56
N PHE F 292 23.04 50.57 -61.61
CA PHE F 292 22.04 49.57 -61.98
C PHE F 292 21.74 49.73 -63.47
N GLN F 293 21.18 48.69 -64.07
CA GLN F 293 20.91 48.69 -65.49
C GLN F 293 19.50 48.28 -65.84
N LEU F 294 19.09 48.66 -67.04
CA LEU F 294 17.81 48.26 -67.60
C LEU F 294 18.24 47.33 -68.72
N MET F 295 17.80 46.10 -68.68
CA MET F 295 18.16 45.21 -69.76
C MET F 295 16.89 44.86 -70.48
N ARG F 296 16.84 45.10 -71.79
CA ARG F 296 15.65 44.77 -72.57
C ARG F 296 15.41 43.27 -72.43
N PRO F 297 14.18 42.86 -72.06
CA PRO F 297 13.87 41.43 -71.90
C PRO F 297 14.15 40.69 -73.21
N PRO F 298 15.02 39.67 -73.16
CA PRO F 298 15.32 38.92 -74.38
C PRO F 298 14.14 38.10 -74.88
N ASN F 299 13.25 37.71 -73.97
CA ASN F 299 12.06 36.92 -74.32
C ASN F 299 10.85 37.61 -73.77
N MET F 300 9.87 37.86 -74.63
CA MET F 300 8.67 38.57 -74.23
C MET F 300 7.38 37.93 -74.65
N THR F 301 6.42 37.80 -73.75
CA THR F 301 5.11 37.26 -74.13
C THR F 301 4.49 38.38 -74.98
N PRO F 302 3.43 38.08 -75.76
CA PRO F 302 2.79 39.09 -76.61
C PRO F 302 2.46 40.40 -75.88
N ALA F 303 1.84 40.28 -74.70
CA ALA F 303 1.45 41.45 -73.92
C ALA F 303 2.66 42.33 -73.61
N VAL F 304 3.81 41.72 -73.35
CA VAL F 304 5.02 42.48 -73.07
C VAL F 304 5.59 43.07 -74.35
N ALA F 305 5.70 42.22 -75.39
CA ALA F 305 6.23 42.63 -76.68
C ALA F 305 5.50 43.89 -77.20
N ALA F 306 4.20 43.94 -76.95
CA ALA F 306 3.34 45.05 -77.37
C ALA F 306 3.70 46.40 -76.73
N LEU F 307 4.37 46.37 -75.59
CA LEU F 307 4.72 47.59 -74.89
C LEU F 307 5.97 48.20 -75.48
N PHE F 308 6.81 47.35 -76.06
CA PHE F 308 8.11 47.74 -76.60
C PHE F 308 8.33 47.52 -78.10
N PRO F 309 7.79 48.42 -78.95
CA PRO F 309 7.91 48.34 -80.40
C PRO F 309 9.30 48.68 -80.91
N ASN F 310 9.57 48.35 -82.17
CA ASN F 310 10.87 48.64 -82.74
C ASN F 310 11.01 50.10 -83.14
N ALA F 311 9.88 50.76 -83.29
CA ALA F 311 9.85 52.16 -83.68
C ALA F 311 8.91 52.98 -82.80
N GLN F 312 9.19 54.28 -82.71
CA GLN F 312 8.35 55.19 -81.94
C GLN F 312 6.99 55.20 -82.62
N PRO F 313 5.95 55.69 -81.91
CA PRO F 313 5.96 56.22 -80.56
C PRO F 313 6.20 55.20 -79.43
N PHE F 314 6.99 55.62 -78.45
CA PHE F 314 7.28 54.78 -77.30
C PHE F 314 6.27 55.24 -76.24
N GLU F 315 5.28 54.39 -75.99
CA GLU F 315 4.22 54.75 -75.05
C GLU F 315 4.31 54.20 -73.64
N HIS F 316 5.12 53.17 -73.45
CA HIS F 316 5.33 52.58 -72.14
C HIS F 316 6.80 52.74 -71.92
N HIS F 317 7.15 53.43 -70.84
CA HIS F 317 8.54 53.74 -70.56
C HIS F 317 9.24 52.86 -69.53
N ALA F 318 10.12 51.99 -70.02
CA ALA F 318 10.88 51.05 -69.20
C ALA F 318 11.63 51.78 -68.11
N THR F 319 11.41 51.33 -66.88
CA THR F 319 12.00 51.94 -65.71
C THR F 319 12.50 50.90 -64.72
N VAL F 320 13.70 51.13 -64.17
CA VAL F 320 14.30 50.27 -63.16
C VAL F 320 14.68 51.21 -62.01
N GLY F 321 14.62 50.73 -60.77
CA GLY F 321 14.96 51.60 -59.65
C GLY F 321 15.48 50.90 -58.42
N LEU F 322 15.88 51.71 -57.43
CA LEU F 322 16.40 51.21 -56.16
C LEU F 322 15.93 52.13 -55.05
N THR F 323 15.82 51.58 -53.84
CA THR F 323 15.45 52.33 -52.65
C THR F 323 16.45 51.95 -51.58
N LEU F 324 17.04 52.95 -50.95
CA LEU F 324 18.04 52.72 -49.91
C LEU F 324 17.67 53.54 -48.68
N ARG F 325 17.61 52.91 -47.51
CA ARG F 325 17.29 53.63 -46.29
C ARG F 325 18.30 53.34 -45.18
N ILE F 326 18.85 54.39 -44.59
CA ILE F 326 19.80 54.23 -43.50
C ILE F 326 18.99 54.19 -42.23
N GLU F 327 18.80 53.00 -41.66
CA GLU F 327 18.03 52.83 -40.44
C GLU F 327 18.72 53.45 -39.23
N SER F 328 20.02 53.19 -39.08
CA SER F 328 20.77 53.71 -37.97
C SER F 328 22.21 53.87 -38.42
N ALA F 329 22.92 54.74 -37.71
CA ALA F 329 24.32 54.99 -38.00
C ALA F 329 24.92 55.83 -36.90
N VAL F 330 26.24 55.92 -36.91
CA VAL F 330 26.95 56.73 -35.94
C VAL F 330 27.62 57.85 -36.72
N CYS F 331 27.65 59.05 -36.16
CA CYS F 331 28.34 60.16 -36.83
C CYS F 331 29.15 60.88 -35.78
N GLU F 332 30.32 61.34 -36.18
CA GLU F 332 31.18 62.08 -35.28
C GLU F 332 30.65 63.51 -35.08
N SER F 333 29.75 63.96 -35.96
CA SER F 333 29.15 65.31 -35.87
C SER F 333 27.68 65.20 -35.48
N VAL F 334 27.15 66.17 -34.76
CA VAL F 334 25.74 66.12 -34.41
C VAL F 334 24.93 66.26 -35.70
N LEU F 335 23.78 65.59 -35.73
CA LEU F 335 22.87 65.65 -36.88
C LEU F 335 21.48 65.53 -36.33
N ALA F 336 20.50 65.91 -37.13
CA ALA F 336 19.12 65.71 -36.75
C ALA F 336 18.83 64.23 -37.16
N ASP F 337 17.89 63.58 -36.49
CA ASP F 337 17.51 62.21 -36.86
C ASP F 337 15.99 62.07 -36.59
N ALA F 338 15.45 60.85 -36.67
CA ALA F 338 14.01 60.67 -36.48
C ALA F 338 13.54 60.46 -35.05
N SER F 339 14.47 60.48 -34.08
CA SER F 339 14.10 60.26 -32.70
C SER F 339 14.43 61.37 -31.71
N GLU F 340 15.58 62.00 -31.88
CA GLU F 340 16.01 63.06 -30.99
C GLU F 340 15.26 64.36 -31.21
N THR F 341 14.99 65.07 -30.12
CA THR F 341 14.25 66.33 -30.18
C THR F 341 15.12 67.57 -30.17
N MET F 342 16.45 67.40 -30.20
CA MET F 342 17.36 68.54 -30.16
C MET F 342 17.11 69.64 -31.17
N LEU F 343 17.10 69.28 -32.46
CA LEU F 343 16.85 70.28 -33.48
C LEU F 343 15.52 70.97 -33.21
N ALA F 344 14.49 70.18 -32.94
CA ALA F 344 13.16 70.73 -32.67
C ALA F 344 13.14 71.64 -31.45
N ASN F 345 13.92 71.30 -30.40
CA ASN F 345 13.97 72.13 -29.18
C ASN F 345 14.58 73.49 -29.48
N VAL F 346 15.75 73.47 -30.12
CA VAL F 346 16.46 74.69 -30.48
C VAL F 346 15.61 75.55 -31.39
N THR F 347 15.05 74.93 -32.44
CA THR F 347 14.24 75.63 -33.40
C THR F 347 13.00 76.20 -32.71
N SER F 348 12.39 75.41 -31.81
CA SER F 348 11.20 75.85 -31.12
C SER F 348 11.42 77.02 -30.17
N VAL F 349 12.51 76.98 -29.40
CA VAL F 349 12.77 78.08 -28.48
C VAL F 349 12.99 79.36 -29.27
N ARG F 350 13.76 79.29 -30.34
CA ARG F 350 14.02 80.47 -31.17
C ARG F 350 12.73 81.04 -31.79
N GLN F 351 11.85 80.17 -32.28
CA GLN F 351 10.59 80.59 -32.88
C GLN F 351 9.65 81.22 -31.85
N GLU F 352 9.51 80.57 -30.70
CA GLU F 352 8.63 81.08 -29.65
C GLU F 352 9.02 82.48 -29.18
N TYR F 353 10.32 82.74 -29.03
CA TYR F 353 10.78 84.04 -28.58
C TYR F 353 11.14 85.00 -29.67
N ALA F 354 10.68 84.74 -30.88
CA ALA F 354 10.94 85.62 -32.00
C ALA F 354 12.40 86.06 -32.12
N ILE F 355 13.32 85.11 -31.96
CA ILE F 355 14.75 85.40 -32.05
C ILE F 355 15.10 85.78 -33.49
N PRO F 356 15.75 86.94 -33.68
CA PRO F 356 16.15 87.41 -35.03
C PRO F 356 17.15 86.46 -35.69
N VAL F 357 17.16 86.40 -37.02
CA VAL F 357 18.12 85.57 -37.75
C VAL F 357 19.49 86.09 -37.37
N GLY F 358 20.44 85.17 -37.14
CA GLY F 358 21.78 85.57 -36.76
C GLY F 358 22.76 85.38 -37.90
N PRO F 359 24.05 85.48 -37.62
CA PRO F 359 25.08 85.32 -38.64
C PRO F 359 25.50 83.88 -38.96
N VAL F 360 25.14 82.92 -38.12
CA VAL F 360 25.56 81.54 -38.34
C VAL F 360 24.52 80.63 -38.98
N PHE F 361 23.38 80.48 -38.32
CA PHE F 361 22.33 79.57 -38.79
C PHE F 361 21.38 80.10 -39.87
N PRO F 362 20.94 79.22 -40.80
CA PRO F 362 20.02 79.66 -41.86
C PRO F 362 18.70 80.07 -41.23
N PRO F 363 17.93 80.93 -41.91
CA PRO F 363 16.63 81.34 -41.36
C PRO F 363 15.80 80.09 -40.97
N GLY F 364 15.22 80.15 -39.78
CA GLY F 364 14.38 79.09 -39.26
C GLY F 364 15.10 77.81 -38.89
N MET F 365 16.43 77.86 -38.78
CA MET F 365 17.23 76.68 -38.49
C MET F 365 16.92 75.63 -39.56
N ASN F 366 16.61 76.06 -40.79
CA ASN F 366 16.23 75.12 -41.87
C ASN F 366 17.23 73.98 -42.03
N TRP F 367 16.77 72.75 -41.82
CA TRP F 367 17.69 71.63 -41.89
C TRP F 367 18.35 71.45 -43.23
N THR F 368 17.58 71.45 -44.30
CA THR F 368 18.20 71.29 -45.60
C THR F 368 19.32 72.32 -45.82
N ASP F 369 19.05 73.59 -45.55
CA ASP F 369 20.07 74.62 -45.75
C ASP F 369 21.26 74.38 -44.84
N LEU F 370 20.99 73.99 -43.61
CA LEU F 370 22.07 73.74 -42.67
C LEU F 370 23.00 72.62 -43.11
N ILE F 371 22.46 71.46 -43.42
CA ILE F 371 23.25 70.31 -43.82
C ILE F 371 23.89 70.51 -45.21
N THR F 372 23.29 71.31 -46.08
CA THR F 372 23.86 71.56 -47.40
C THR F 372 25.19 72.32 -47.27
N ASN F 373 25.24 73.29 -46.36
CA ASN F 373 26.44 74.06 -46.14
C ASN F 373 26.79 73.95 -44.68
N TYR F 374 27.16 72.73 -44.28
CA TYR F 374 27.47 72.41 -42.91
C TYR F 374 28.91 72.82 -42.58
N SER F 375 29.13 74.12 -42.46
CA SER F 375 30.45 74.64 -42.16
C SER F 375 30.91 74.30 -40.74
N PRO F 376 32.21 74.44 -40.47
CA PRO F 376 32.72 74.14 -39.13
C PRO F 376 32.00 75.02 -38.10
N SER F 377 31.79 76.29 -38.43
CA SER F 377 31.11 77.21 -37.51
C SER F 377 29.69 76.74 -37.22
N ARG F 378 28.94 76.36 -38.24
CA ARG F 378 27.59 75.88 -38.00
C ARG F 378 27.60 74.63 -37.12
N GLU F 379 28.57 73.72 -37.35
CA GLU F 379 28.65 72.51 -36.56
C GLU F 379 29.01 72.77 -35.10
N ASP F 380 29.97 73.66 -34.86
CA ASP F 380 30.34 73.97 -33.48
C ASP F 380 29.19 74.62 -32.75
N ASN F 381 28.52 75.56 -33.41
CA ASN F 381 27.35 76.22 -32.83
C ASN F 381 26.22 75.20 -32.61
N LEU F 382 25.99 74.33 -33.60
CA LEU F 382 24.95 73.32 -33.51
C LEU F 382 25.23 72.40 -32.34
N GLN F 383 26.48 71.97 -32.18
CA GLN F 383 26.79 71.07 -31.08
C GLN F 383 26.59 71.74 -29.74
N ARG F 384 27.00 73.00 -29.64
CA ARG F 384 26.85 73.72 -28.38
C ARG F 384 25.37 73.81 -28.02
N VAL F 385 24.64 74.20 -29.01
CA VAL F 385 23.21 74.45 -28.92
C VAL F 385 22.44 73.12 -28.67
N PHE F 386 22.87 72.02 -29.29
CA PHE F 386 22.22 70.69 -29.11
C PHE F 386 22.55 70.16 -27.70
N THR F 387 23.78 70.34 -27.26
CA THR F 387 24.16 69.90 -25.94
C THR F 387 23.34 70.64 -24.87
N VAL F 388 23.11 71.93 -25.06
CA VAL F 388 22.30 72.72 -24.12
C VAL F 388 20.85 72.24 -24.13
N ALA F 389 20.33 71.94 -25.31
CA ALA F 389 18.97 71.46 -25.44
C ALA F 389 18.82 70.14 -24.67
N SER F 390 19.85 69.30 -24.74
CA SER F 390 19.81 68.02 -24.04
C SER F 390 19.90 68.21 -22.52
N ILE F 391 20.59 69.25 -22.08
CA ILE F 391 20.72 69.53 -20.64
C ILE F 391 19.36 69.98 -20.15
N ARG F 392 18.73 70.82 -20.94
CA ARG F 392 17.41 71.35 -20.61
C ARG F 392 16.34 70.25 -20.54
N SER F 393 16.34 69.31 -21.48
CA SER F 393 15.36 68.22 -21.52
C SER F 393 15.43 67.23 -20.35
N MET F 394 16.42 67.39 -19.47
CA MET F 394 16.57 66.50 -18.33
C MET F 394 15.58 66.97 -17.29
N LEU F 395 15.17 68.23 -17.40
CA LEU F 395 14.28 68.84 -16.42
C LEU F 395 12.98 69.37 -16.99
N VAL F 396 13.06 69.92 -18.19
CA VAL F 396 11.94 70.56 -18.84
C VAL F 396 11.69 69.94 -20.22
N LYS F 397 10.53 69.34 -20.39
CA LYS F 397 10.20 68.74 -21.67
C LYS F 397 8.95 69.41 -22.15
N MET G 1 33.19 36.26 -18.48
CA MET G 1 32.28 37.18 -19.22
C MET G 1 31.70 38.33 -18.38
N ASP G 2 30.84 38.02 -17.40
CA ASP G 2 30.26 39.08 -16.57
C ASP G 2 31.39 40.00 -16.17
N VAL G 3 32.57 39.40 -16.00
CA VAL G 3 33.78 40.11 -15.64
C VAL G 3 33.81 41.30 -16.59
N LEU G 4 34.10 40.99 -17.84
CA LEU G 4 34.17 41.98 -18.89
C LEU G 4 33.25 43.17 -18.65
N TYR G 5 31.96 42.90 -18.47
CA TYR G 5 31.00 43.97 -18.26
C TYR G 5 31.57 45.04 -17.32
N SER G 6 31.69 44.69 -16.05
CA SER G 6 32.20 45.61 -15.04
C SER G 6 33.30 46.53 -15.57
N LEU G 7 34.35 45.92 -16.11
CA LEU G 7 35.49 46.63 -16.64
C LEU G 7 35.07 47.91 -17.34
N SER G 8 33.85 47.92 -17.83
CA SER G 8 33.34 49.09 -18.52
C SER G 8 32.57 50.06 -17.63
N LYS G 9 31.37 49.68 -17.15
CA LYS G 9 30.58 50.59 -16.30
C LYS G 9 31.54 51.15 -15.26
N THR G 10 32.66 50.47 -15.10
CA THR G 10 33.71 50.89 -14.21
C THR G 10 34.24 52.19 -14.81
N LEU G 11 34.77 52.08 -16.02
CA LEU G 11 35.32 53.23 -16.72
C LEU G 11 34.30 54.34 -17.04
N LYS G 12 33.13 54.00 -17.60
CA LYS G 12 32.12 55.01 -17.93
C LYS G 12 31.72 55.76 -16.66
N ASP G 13 31.13 55.04 -15.71
CA ASP G 13 30.72 55.64 -14.45
C ASP G 13 31.98 56.24 -13.82
N ALA G 14 33.10 56.15 -14.54
CA ALA G 14 34.38 56.70 -14.08
C ALA G 14 34.75 57.95 -14.89
N ARG G 15 35.10 57.75 -16.16
CA ARG G 15 35.46 58.85 -17.04
C ARG G 15 34.35 59.90 -17.05
N ASP G 16 33.25 59.57 -16.37
CA ASP G 16 32.10 60.46 -16.27
C ASP G 16 31.96 61.14 -14.91
N LYS G 17 32.06 60.36 -13.82
CA LYS G 17 31.92 60.91 -12.46
C LYS G 17 33.22 61.51 -11.88
N ILE G 18 34.32 61.39 -12.62
CA ILE G 18 35.62 61.88 -12.15
C ILE G 18 36.22 63.06 -12.91
N VAL G 19 35.86 64.28 -12.53
CA VAL G 19 36.42 65.44 -13.21
C VAL G 19 36.61 66.67 -12.32
N GLU G 20 37.60 67.46 -12.70
CA GLU G 20 37.99 68.70 -12.02
C GLU G 20 36.84 69.40 -11.29
N GLY G 21 36.63 69.06 -10.02
CA GLY G 21 35.58 69.72 -9.26
C GLY G 21 34.83 68.93 -8.18
N THR G 22 34.04 67.95 -8.61
CA THR G 22 33.24 67.10 -7.73
C THR G 22 33.78 66.89 -6.31
N LEU G 23 32.87 66.72 -5.36
CA LEU G 23 33.24 66.48 -3.96
C LEU G 23 33.38 64.97 -3.78
N TYR G 24 34.43 64.55 -3.09
CA TYR G 24 34.73 63.13 -2.86
C TYR G 24 33.50 62.22 -2.70
N SER G 25 32.69 62.51 -1.68
CA SER G 25 31.48 61.74 -1.35
C SER G 25 30.62 61.10 -2.44
N ASN G 26 30.60 61.65 -3.66
CA ASN G 26 29.79 61.09 -4.73
C ASN G 26 30.51 59.93 -5.41
N VAL G 27 31.75 59.72 -5.00
CA VAL G 27 32.58 58.68 -5.57
C VAL G 27 33.28 57.78 -4.56
N SER G 28 33.10 58.02 -3.26
CA SER G 28 33.72 57.17 -2.23
C SER G 28 33.37 55.73 -2.54
N ASP G 29 32.08 55.48 -2.73
CA ASP G 29 31.59 54.13 -3.05
C ASP G 29 32.16 53.70 -4.39
N LEU G 30 32.61 54.68 -5.18
CA LEU G 30 33.16 54.39 -6.49
C LEU G 30 34.65 54.14 -6.47
N ILE G 31 35.41 55.12 -6.01
CA ILE G 31 36.86 55.00 -5.94
C ILE G 31 37.17 53.57 -5.54
N GLN G 32 36.74 53.21 -4.33
CA GLN G 32 36.95 51.87 -3.80
C GLN G 32 36.88 50.82 -4.91
N GLN G 33 35.66 50.50 -5.34
CA GLN G 33 35.45 49.52 -6.41
C GLN G 33 36.61 49.55 -7.39
N PHE G 34 36.91 50.74 -7.87
CA PHE G 34 37.98 50.90 -8.83
C PHE G 34 39.26 50.21 -8.40
N ASN G 35 39.92 50.79 -7.39
CA ASN G 35 41.17 50.24 -6.89
C ASN G 35 41.14 48.73 -6.88
N GLN G 36 40.20 48.16 -6.12
CA GLN G 36 40.03 46.71 -6.02
C GLN G 36 40.50 46.04 -7.31
N MET G 37 40.08 46.61 -8.43
CA MET G 37 40.45 46.08 -9.73
C MET G 37 41.96 46.07 -9.91
N ILE G 38 42.53 47.26 -10.04
CA ILE G 38 43.97 47.44 -10.23
C ILE G 38 44.76 46.32 -9.58
N ILE G 39 44.47 46.08 -8.31
CA ILE G 39 45.16 45.04 -7.55
C ILE G 39 45.11 43.70 -8.28
N THR G 40 43.91 43.13 -8.36
CA THR G 40 43.69 41.86 -9.02
C THR G 40 44.50 41.72 -10.32
N MET G 41 44.61 42.83 -11.05
CA MET G 41 45.34 42.85 -12.33
C MET G 41 46.86 42.75 -12.24
N ASN G 42 47.49 43.88 -11.93
CA ASN G 42 48.95 43.96 -11.83
C ASN G 42 49.65 42.62 -11.70
N GLY G 43 50.56 42.36 -12.64
CA GLY G 43 51.31 41.13 -12.64
C GLY G 43 50.99 40.25 -13.83
N ASN G 44 49.69 40.02 -14.05
CA ASN G 44 49.21 39.19 -15.15
C ASN G 44 49.48 39.76 -16.55
N GLU G 45 49.78 38.86 -17.49
CA GLU G 45 50.07 39.24 -18.88
C GLU G 45 48.95 38.76 -19.80
N PHE G 46 48.72 39.49 -20.89
CA PHE G 46 47.66 39.13 -21.85
C PHE G 46 48.07 39.05 -23.31
N GLN G 47 47.38 38.18 -24.04
CA GLN G 47 47.61 37.93 -25.47
C GLN G 47 46.38 38.34 -26.28
N THR G 48 46.47 39.48 -26.97
CA THR G 48 45.34 39.97 -27.76
C THR G 48 45.64 39.97 -29.25
N GLY G 49 44.81 39.27 -30.02
CA GLY G 49 45.00 39.23 -31.45
C GLY G 49 45.70 38.00 -32.00
N GLY G 50 46.14 38.10 -33.25
CA GLY G 50 46.83 37.00 -33.89
C GLY G 50 46.04 36.34 -35.01
N ILE G 51 45.13 37.08 -35.64
CA ILE G 51 44.31 36.54 -36.71
C ILE G 51 43.96 37.62 -37.73
N GLY G 52 44.13 37.29 -39.02
CA GLY G 52 43.84 38.25 -40.08
C GLY G 52 44.71 39.49 -40.00
N ASN G 53 44.11 40.66 -40.20
CA ASN G 53 44.84 41.93 -40.11
C ASN G 53 44.64 42.50 -38.71
N LEU G 54 44.86 41.66 -37.70
CA LEU G 54 44.70 42.08 -36.31
C LEU G 54 46.01 42.12 -35.54
N PRO G 55 46.43 43.34 -35.13
CA PRO G 55 47.67 43.53 -34.37
C PRO G 55 47.75 42.69 -33.11
N ILE G 56 48.89 42.05 -32.90
CA ILE G 56 49.12 41.21 -31.72
C ILE G 56 49.88 42.07 -30.71
N ARG G 57 49.19 42.50 -29.65
CA ARG G 57 49.85 43.35 -28.65
C ARG G 57 49.86 42.72 -27.25
N ASN G 58 50.97 42.93 -26.53
CA ASN G 58 51.14 42.41 -25.17
C ASN G 58 50.82 43.51 -24.15
N TRP G 59 50.34 43.11 -22.97
CA TRP G 59 49.99 44.09 -21.93
C TRP G 59 50.44 43.74 -20.52
N ASN G 60 51.22 44.62 -19.92
CA ASN G 60 51.69 44.41 -18.57
C ASN G 60 51.01 45.42 -17.66
N PHE G 61 50.82 45.02 -16.40
CA PHE G 61 50.17 45.89 -15.42
C PHE G 61 51.04 46.16 -14.20
N ASP G 62 51.17 47.46 -13.89
CA ASP G 62 51.99 47.92 -12.76
C ASP G 62 51.61 49.38 -12.52
N PHE G 63 50.44 49.62 -11.94
CA PHE G 63 49.98 50.99 -11.70
C PHE G 63 49.64 51.30 -10.25
N GLY G 64 49.71 52.58 -9.90
CA GLY G 64 49.40 53.03 -8.56
C GLY G 64 47.94 52.96 -8.20
N LEU G 65 47.57 53.58 -7.09
CA LEU G 65 46.19 53.59 -6.62
C LEU G 65 45.56 54.97 -6.74
N LEU G 66 44.84 55.38 -5.71
CA LEU G 66 44.19 56.69 -5.73
C LEU G 66 44.33 57.49 -4.44
N GLY G 67 44.32 58.81 -4.60
CA GLY G 67 44.44 59.69 -3.45
C GLY G 67 43.11 60.00 -2.80
N THR G 68 42.70 59.15 -1.85
CA THR G 68 41.46 59.34 -1.13
C THR G 68 41.71 60.57 -0.24
N THR G 69 42.98 60.94 -0.17
CA THR G 69 43.46 62.06 0.65
C THR G 69 42.79 63.43 0.45
N LEU G 70 42.70 63.92 -0.78
CA LEU G 70 42.10 65.23 -1.01
C LEU G 70 40.59 65.29 -0.82
N LEU G 71 40.11 66.53 -0.67
CA LEU G 71 38.69 66.79 -0.50
C LEU G 71 38.04 66.96 -1.87
N ASN G 72 38.09 68.18 -2.39
CA ASN G 72 37.53 68.46 -3.70
C ASN G 72 38.61 68.30 -4.75
N LEU G 73 38.40 67.32 -5.63
CA LEU G 73 39.33 66.99 -6.69
C LEU G 73 39.98 68.19 -7.37
N ASP G 74 41.31 68.20 -7.37
CA ASP G 74 42.06 69.27 -8.01
C ASP G 74 42.47 68.74 -9.38
N ALA G 75 42.45 69.62 -10.38
CA ALA G 75 42.81 69.24 -11.75
C ALA G 75 43.91 68.19 -11.80
N ASN G 76 45.01 68.48 -11.13
CA ASN G 76 46.15 67.57 -11.09
C ASN G 76 45.74 66.12 -10.80
N TYR G 77 44.68 65.93 -10.01
CA TYR G 77 44.20 64.60 -9.67
C TYR G 77 43.66 63.88 -10.90
N VAL G 78 42.88 64.60 -11.68
CA VAL G 78 42.29 64.05 -12.88
C VAL G 78 43.36 63.51 -13.81
N GLU G 79 44.12 64.40 -14.43
CA GLU G 79 45.18 64.03 -15.37
C GLU G 79 46.01 62.81 -14.99
N THR G 80 46.40 62.70 -13.72
CA THR G 80 47.19 61.56 -13.28
C THR G 80 46.32 60.31 -13.27
N ALA G 81 45.04 60.49 -13.53
CA ALA G 81 44.08 59.40 -13.56
C ALA G 81 43.72 59.06 -15.00
N ARG G 82 43.32 60.08 -15.76
CA ARG G 82 42.96 59.89 -17.16
C ARG G 82 44.07 59.13 -17.88
N ASN G 83 45.31 59.44 -17.53
CA ASN G 83 46.47 58.79 -18.15
C ASN G 83 46.50 57.30 -17.84
N THR G 84 45.88 56.90 -16.74
CA THR G 84 45.85 55.50 -16.36
C THR G 84 44.62 54.83 -16.95
N ILE G 85 43.59 55.61 -17.26
CA ILE G 85 42.40 55.03 -17.84
C ILE G 85 42.62 54.76 -19.32
N ASP G 86 43.26 55.71 -20.00
CA ASP G 86 43.52 55.57 -21.44
C ASP G 86 44.34 54.35 -21.83
N TYR G 87 44.78 53.55 -20.85
CA TYR G 87 45.53 52.33 -21.16
C TYR G 87 44.49 51.22 -21.12
N PHE G 88 43.48 51.41 -20.28
CA PHE G 88 42.41 50.42 -20.13
C PHE G 88 41.44 50.57 -21.29
N VAL G 89 41.23 51.80 -21.71
CA VAL G 89 40.36 52.04 -22.83
C VAL G 89 41.02 51.29 -23.99
N ASP G 90 42.10 51.85 -24.55
CA ASP G 90 42.84 51.25 -25.67
C ASP G 90 43.08 49.76 -25.48
N PHE G 91 42.84 49.28 -24.26
CA PHE G 91 43.01 47.86 -23.97
C PHE G 91 41.73 47.15 -24.32
N VAL G 92 40.71 47.39 -23.50
CA VAL G 92 39.40 46.76 -23.70
C VAL G 92 39.01 46.67 -25.17
N ASP G 93 39.24 47.74 -25.93
CA ASP G 93 38.93 47.79 -27.36
C ASP G 93 39.57 46.54 -27.96
N ASN G 94 40.89 46.46 -27.84
CA ASN G 94 41.67 45.32 -28.34
C ASN G 94 41.23 43.98 -27.73
N VAL G 95 40.43 44.04 -26.66
CA VAL G 95 39.97 42.81 -26.01
C VAL G 95 38.64 42.40 -26.62
N CYS G 96 37.70 43.34 -26.68
CA CYS G 96 36.40 43.05 -27.25
C CYS G 96 36.61 42.48 -28.64
N MET G 97 37.23 43.30 -29.49
CA MET G 97 37.49 42.92 -30.86
C MET G 97 38.03 41.49 -31.01
N ASP G 98 38.98 41.09 -30.15
CA ASP G 98 39.57 39.75 -30.23
C ASP G 98 38.58 38.59 -30.06
N GLU G 99 37.61 38.74 -29.15
CA GLU G 99 36.61 37.69 -28.91
C GLU G 99 35.34 37.99 -29.71
N MET G 100 35.39 39.02 -30.52
CA MET G 100 34.25 39.39 -31.35
C MET G 100 34.48 38.87 -32.77
N VAL G 101 35.25 37.80 -32.89
CA VAL G 101 35.55 37.25 -34.20
C VAL G 101 35.59 35.74 -34.22
N ARG G 102 36.02 35.14 -33.11
CA ARG G 102 36.12 33.69 -33.04
C ARG G 102 34.75 33.03 -32.88
N GLU G 103 34.65 31.82 -33.43
CA GLU G 103 33.41 31.04 -33.42
C GLU G 103 33.73 29.54 -33.30
N SER G 104 32.77 28.76 -32.80
CA SER G 104 32.98 27.32 -32.66
C SER G 104 31.60 26.68 -32.58
N GLN G 105 31.43 25.52 -33.19
CA GLN G 105 30.13 24.83 -33.18
C GLN G 105 29.73 24.22 -31.83
N ARG G 106 30.30 23.05 -31.53
CA ARG G 106 30.05 22.31 -30.29
C ARG G 106 29.71 23.21 -29.10
N ASN G 107 30.72 23.94 -28.68
CA ASN G 107 30.66 24.88 -27.57
C ASN G 107 30.84 26.27 -28.16
N GLY G 108 29.84 26.72 -28.93
CA GLY G 108 29.94 28.02 -29.56
C GLY G 108 29.69 29.16 -28.59
N ILE G 109 28.77 28.94 -27.67
CA ILE G 109 28.38 29.93 -26.67
C ILE G 109 29.50 30.48 -25.79
N ALA G 110 30.26 29.58 -25.17
CA ALA G 110 31.34 29.96 -24.27
C ALA G 110 32.43 30.84 -24.89
N PRO G 111 33.30 31.42 -24.04
CA PRO G 111 34.42 32.29 -24.46
C PRO G 111 35.43 31.50 -25.28
N GLN G 112 36.16 32.17 -26.17
CA GLN G 112 37.14 31.48 -27.02
C GLN G 112 38.59 31.99 -26.96
N SER G 113 38.77 33.31 -26.98
CA SER G 113 40.10 33.95 -26.97
C SER G 113 41.01 33.68 -25.77
N ASP G 114 42.32 33.70 -26.03
CA ASP G 114 43.32 33.48 -24.98
C ASP G 114 43.26 34.65 -23.99
N SER G 115 42.50 35.67 -24.38
CA SER G 115 42.33 36.84 -23.54
C SER G 115 41.21 36.60 -22.55
N LEU G 116 40.05 36.20 -23.06
CA LEU G 116 38.91 35.95 -22.21
C LEU G 116 38.93 34.62 -21.44
N ARG G 117 39.36 33.52 -22.08
CA ARG G 117 39.41 32.22 -21.40
C ARG G 117 40.11 32.41 -20.04
N LYS G 118 40.96 33.43 -19.94
CA LYS G 118 41.69 33.72 -18.70
C LYS G 118 40.90 34.63 -17.77
N LEU G 119 39.91 35.32 -18.30
CA LEU G 119 39.09 36.24 -17.53
C LEU G 119 38.04 35.51 -16.71
N SER G 120 37.43 34.47 -17.30
CA SER G 120 36.42 33.71 -16.59
C SER G 120 37.07 33.02 -15.40
N GLY G 121 38.41 33.09 -15.34
CA GLY G 121 39.15 32.49 -14.24
C GLY G 121 38.51 32.96 -12.95
N LEU G 122 38.73 32.22 -11.87
CA LEU G 122 38.12 32.58 -10.59
C LEU G 122 38.72 33.78 -9.88
N LYS G 123 40.04 33.86 -9.85
CA LYS G 123 40.73 34.96 -9.18
C LYS G 123 40.33 36.37 -9.64
N PHE G 124 39.46 36.47 -10.64
CA PHE G 124 39.04 37.78 -11.16
C PHE G 124 37.66 38.25 -10.72
N LYS G 125 36.75 37.29 -10.56
CA LYS G 125 35.36 37.57 -10.19
C LYS G 125 35.17 38.70 -9.17
N ARG G 126 36.22 39.08 -8.45
CA ARG G 126 36.15 40.15 -7.46
C ARG G 126 35.83 41.52 -8.07
N ILE G 127 35.27 41.55 -9.27
CA ILE G 127 35.03 42.85 -9.92
C ILE G 127 33.63 43.32 -10.27
N ASN G 128 32.72 42.40 -10.58
CA ASN G 128 31.35 42.76 -10.96
C ASN G 128 30.74 43.97 -10.22
N PHE G 129 29.83 44.68 -10.89
CA PHE G 129 29.15 45.84 -10.31
C PHE G 129 28.19 46.54 -11.29
N ASP G 130 27.11 47.13 -10.74
CA ASP G 130 26.03 47.84 -11.49
C ASP G 130 25.70 47.21 -12.85
N ASN G 131 24.94 46.12 -12.83
CA ASN G 131 24.54 45.41 -14.05
C ASN G 131 23.17 45.88 -14.55
N SER G 132 23.03 47.19 -14.79
CA SER G 132 21.74 47.68 -15.27
C SER G 132 21.72 47.90 -16.79
N SER G 133 22.80 47.52 -17.49
CA SER G 133 22.86 47.67 -18.95
C SER G 133 22.03 46.58 -19.60
N GLU G 134 20.82 46.96 -19.98
CA GLU G 134 19.83 46.09 -20.62
C GLU G 134 20.36 44.74 -21.11
N TYR G 135 21.52 44.73 -21.77
CA TYR G 135 22.06 43.47 -22.30
C TYR G 135 22.66 42.49 -21.32
N ILE G 136 23.41 43.00 -20.34
CA ILE G 136 23.98 42.12 -19.36
C ILE G 136 22.81 41.61 -18.53
N GLU G 137 21.90 42.53 -18.18
CA GLU G 137 20.71 42.20 -17.38
C GLU G 137 20.13 40.91 -17.96
N ASN G 138 20.14 40.82 -19.29
CA ASN G 138 19.60 39.66 -19.96
C ASN G 138 20.60 38.52 -20.11
N TRP G 139 21.89 38.81 -20.15
CA TRP G 139 22.83 37.72 -20.27
C TRP G 139 22.68 36.82 -19.04
N ASN G 140 22.81 37.42 -17.86
CA ASN G 140 22.69 36.67 -16.61
C ASN G 140 21.46 35.78 -16.56
N LEU G 141 20.28 36.41 -16.57
CA LEU G 141 19.00 35.69 -16.51
C LEU G 141 18.94 34.47 -17.43
N GLN G 142 19.77 34.50 -18.46
CA GLN G 142 19.81 33.40 -19.41
C GLN G 142 20.68 32.26 -18.90
N ASN G 143 21.75 32.58 -18.19
CA ASN G 143 22.60 31.52 -17.66
C ASN G 143 21.92 30.84 -16.48
N ARG G 144 20.81 31.40 -16.03
CA ARG G 144 20.03 30.85 -14.92
C ARG G 144 18.79 30.15 -15.47
N ARG G 145 18.37 30.56 -16.67
CA ARG G 145 17.20 30.00 -17.35
C ARG G 145 15.88 30.63 -16.93
N GLN G 146 15.52 31.74 -17.56
CA GLN G 146 14.27 32.41 -17.23
C GLN G 146 13.73 33.22 -18.42
N ARG G 147 12.51 33.74 -18.27
CA ARG G 147 11.89 34.53 -19.32
C ARG G 147 12.64 35.84 -19.53
N THR G 148 13.71 35.75 -20.32
CA THR G 148 14.57 36.87 -20.66
C THR G 148 13.78 38.00 -21.35
N GLY G 149 14.34 38.61 -22.38
CA GLY G 149 13.64 39.67 -23.09
C GLY G 149 14.40 40.91 -23.57
N PHE G 150 14.18 41.30 -24.82
CA PHE G 150 14.83 42.49 -25.42
C PHE G 150 13.80 43.42 -26.07
N THR G 151 14.19 44.68 -26.24
CA THR G 151 13.32 45.68 -26.84
C THR G 151 13.84 46.16 -28.19
N PHE G 152 12.94 46.25 -29.19
CA PHE G 152 13.31 46.68 -30.55
C PHE G 152 12.34 47.66 -31.22
N HIS G 153 12.76 48.17 -32.37
CA HIS G 153 11.96 49.10 -33.17
C HIS G 153 12.12 48.56 -34.59
N LYS G 154 11.03 48.53 -35.36
CA LYS G 154 11.06 47.97 -36.72
C LYS G 154 12.08 46.81 -36.76
N PRO G 155 11.92 45.80 -35.84
CA PRO G 155 12.77 44.60 -35.70
C PRO G 155 13.12 43.95 -37.03
N ASN G 156 14.10 43.05 -37.10
CA ASN G 156 14.45 42.53 -38.41
C ASN G 156 14.23 41.01 -38.39
N ILE G 157 12.97 40.62 -38.45
CA ILE G 157 12.57 39.22 -38.33
C ILE G 157 12.34 38.50 -39.65
N PHE G 158 12.02 39.24 -40.71
CA PHE G 158 11.76 38.62 -42.00
C PHE G 158 12.96 38.60 -42.96
N PRO G 159 13.44 37.40 -43.31
CA PRO G 159 14.57 37.39 -44.24
C PRO G 159 14.01 37.95 -45.55
N TYR G 160 14.85 38.64 -46.31
CA TYR G 160 14.39 39.22 -47.55
C TYR G 160 13.80 38.13 -48.44
N SER G 161 12.61 38.37 -48.96
CA SER G 161 11.96 37.43 -49.85
C SER G 161 11.04 38.25 -50.73
N ALA G 162 11.28 38.22 -52.03
CA ALA G 162 10.44 38.97 -52.95
C ALA G 162 10.12 37.99 -54.08
N SER G 163 8.87 37.54 -54.18
CA SER G 163 8.51 36.57 -55.20
C SER G 163 7.01 36.58 -55.53
N PHE G 164 6.55 35.58 -56.27
CA PHE G 164 5.14 35.45 -56.63
C PHE G 164 4.78 33.98 -56.79
N THR G 165 3.49 33.72 -56.84
CA THR G 165 3.01 32.37 -57.03
C THR G 165 1.82 32.50 -57.93
N LEU G 166 1.90 31.88 -59.10
CA LEU G 166 0.81 31.92 -60.06
C LEU G 166 -0.11 30.71 -59.85
N ASN G 167 -1.30 30.95 -59.34
CA ASN G 167 -2.25 29.89 -59.10
C ASN G 167 -2.99 29.45 -60.37
N ARG G 168 -3.06 30.37 -61.34
CA ARG G 168 -3.66 30.09 -62.65
C ARG G 168 -2.76 30.84 -63.61
N SER G 169 -2.22 30.13 -64.59
CA SER G 169 -1.36 30.75 -65.57
C SER G 169 -1.42 29.93 -66.83
N GLN G 170 -0.90 30.49 -67.89
CA GLN G 170 -0.85 29.82 -69.16
C GLN G 170 0.32 30.47 -69.88
N PRO G 171 0.88 29.79 -70.90
CA PRO G 171 2.02 30.29 -71.65
C PRO G 171 2.02 31.79 -72.01
N ALA G 172 0.91 32.29 -72.52
CA ALA G 172 0.82 33.71 -72.90
C ALA G 172 0.83 34.67 -71.69
N HIS G 173 0.53 34.15 -70.50
CA HIS G 173 0.47 34.94 -69.27
C HIS G 173 -0.45 36.13 -69.48
N ASP G 174 -1.62 35.86 -70.06
CA ASP G 174 -2.60 36.89 -70.34
C ASP G 174 -3.85 36.78 -69.45
N ASN G 175 -3.89 35.76 -68.61
CA ASN G 175 -5.00 35.58 -67.67
C ASN G 175 -4.51 34.82 -66.42
N LEU G 176 -3.71 35.54 -65.61
CA LEU G 176 -3.11 34.99 -64.40
C LEU G 176 -3.91 35.28 -63.16
N MET G 177 -3.64 34.50 -62.13
CA MET G 177 -4.27 34.67 -60.83
C MET G 177 -3.23 34.15 -59.82
N GLY G 178 -2.95 34.94 -58.79
CA GLY G 178 -1.97 34.52 -57.80
C GLY G 178 -1.61 35.65 -56.87
N THR G 179 -0.46 35.52 -56.21
CA THR G 179 -0.02 36.55 -55.30
C THR G 179 1.45 36.86 -55.51
N MET G 180 1.85 38.06 -55.12
CA MET G 180 3.23 38.49 -55.18
C MET G 180 3.46 39.23 -53.86
N TRP G 181 4.69 39.18 -53.36
CA TRP G 181 4.96 39.79 -52.06
C TRP G 181 6.39 40.22 -51.89
N LEU G 182 6.61 40.92 -50.78
CA LEU G 182 7.92 41.35 -50.33
C LEU G 182 7.88 41.25 -48.80
N ASN G 183 8.66 40.33 -48.28
CA ASN G 183 8.85 40.18 -46.84
C ASN G 183 10.26 40.65 -46.56
N ALA G 184 10.43 41.65 -45.74
CA ALA G 184 11.78 42.15 -45.47
C ALA G 184 11.80 42.95 -44.18
N GLY G 185 12.70 42.59 -43.27
CA GLY G 185 12.81 43.30 -42.02
C GLY G 185 11.61 43.10 -41.13
N SER G 186 10.89 44.18 -40.91
CA SER G 186 9.70 44.14 -40.08
C SER G 186 8.45 44.35 -40.92
N GLU G 187 8.60 44.33 -42.24
CA GLU G 187 7.45 44.57 -43.11
C GLU G 187 7.07 43.50 -44.11
N ILE G 188 5.78 43.43 -44.38
CA ILE G 188 5.22 42.50 -45.34
C ILE G 188 4.27 43.28 -46.22
N GLN G 189 4.38 43.10 -47.53
CA GLN G 189 3.41 43.69 -48.47
C GLN G 189 3.04 42.51 -49.34
N VAL G 190 1.76 42.29 -49.55
CA VAL G 190 1.32 41.18 -50.38
C VAL G 190 0.12 41.62 -51.20
N ALA G 191 0.11 41.23 -52.46
CA ALA G 191 -0.99 41.55 -53.36
C ALA G 191 -1.51 40.26 -53.98
N GLY G 192 -2.82 40.23 -54.17
CA GLY G 192 -3.48 39.12 -54.81
C GLY G 192 -4.05 39.73 -56.08
N PHE G 193 -3.80 39.08 -57.23
CA PHE G 193 -4.28 39.57 -58.51
C PHE G 193 -5.08 38.48 -59.25
N ASP G 194 -6.06 38.91 -60.03
CA ASP G 194 -6.92 38.01 -60.80
C ASP G 194 -7.22 38.76 -62.09
N TYR G 195 -6.54 38.43 -63.17
CA TYR G 195 -6.75 39.10 -64.46
C TYR G 195 -8.20 39.08 -64.91
N SER G 196 -8.94 38.03 -64.55
CA SER G 196 -10.34 37.89 -64.95
C SER G 196 -11.34 38.65 -64.07
N CYS G 197 -10.85 39.29 -62.99
CA CYS G 197 -11.70 40.01 -62.04
C CYS G 197 -12.85 39.13 -61.53
N ALA G 198 -12.50 37.88 -61.23
CA ALA G 198 -13.42 36.90 -60.71
C ALA G 198 -14.72 36.72 -61.54
N ILE G 199 -14.61 36.92 -62.85
CA ILE G 199 -15.76 36.80 -63.77
C ILE G 199 -16.47 35.43 -63.73
N ASN G 200 -15.67 34.36 -63.58
CA ASN G 200 -16.17 32.98 -63.51
C ASN G 200 -15.96 32.37 -62.14
N ALA G 201 -15.64 33.19 -61.14
CA ALA G 201 -15.42 32.67 -59.80
C ALA G 201 -16.71 32.58 -58.98
N PRO G 202 -16.80 31.56 -58.10
CA PRO G 202 -17.97 31.36 -57.25
C PRO G 202 -18.20 32.62 -56.41
N ALA G 203 -19.42 33.16 -56.49
CA ALA G 203 -19.78 34.38 -55.78
C ALA G 203 -18.98 35.58 -56.29
N ASN G 204 -18.35 35.42 -57.47
CA ASN G 204 -17.52 36.46 -58.08
C ASN G 204 -16.47 36.97 -57.09
N THR G 205 -15.93 36.04 -56.31
CA THR G 205 -14.94 36.35 -55.30
C THR G 205 -13.74 35.40 -55.42
N GLN G 206 -12.55 35.94 -55.43
CA GLN G 206 -11.34 35.14 -55.50
C GLN G 206 -10.66 35.27 -54.14
N GLN G 207 -10.37 34.15 -53.49
CA GLN G 207 -9.71 34.17 -52.20
C GLN G 207 -8.19 34.19 -52.34
N PHE G 208 -7.52 34.91 -51.45
CA PHE G 208 -6.06 34.97 -51.42
C PHE G 208 -5.59 34.71 -50.01
N GLU G 209 -4.33 34.35 -49.88
CA GLU G 209 -3.79 34.08 -48.57
C GLU G 209 -2.28 34.22 -48.62
N HIS G 210 -1.69 34.74 -47.56
CA HIS G 210 -0.24 34.87 -47.49
C HIS G 210 0.15 34.48 -46.08
N ILE G 211 1.05 33.49 -45.97
CA ILE G 211 1.51 33.01 -44.67
C ILE G 211 3.00 33.26 -44.50
N VAL G 212 3.38 33.81 -43.37
CA VAL G 212 4.78 34.09 -43.09
C VAL G 212 5.13 33.47 -41.75
N GLN G 213 6.13 32.60 -41.77
CA GLN G 213 6.59 31.91 -40.57
C GLN G 213 7.83 32.55 -39.99
N LEU G 214 7.72 33.10 -38.78
CA LEU G 214 8.87 33.75 -38.16
C LEU G 214 9.83 32.69 -37.66
N ARG G 215 11.11 33.00 -37.66
CA ARG G 215 12.12 32.06 -37.18
C ARG G 215 12.20 32.09 -35.66
N ARG G 216 11.64 33.14 -35.07
CA ARG G 216 11.61 33.29 -33.62
C ARG G 216 10.25 33.92 -33.29
N VAL G 217 9.75 33.59 -32.10
CA VAL G 217 8.48 34.13 -31.64
C VAL G 217 8.68 35.60 -31.26
N LEU G 218 7.70 36.41 -31.60
CA LEU G 218 7.72 37.79 -31.20
C LEU G 218 6.56 37.94 -30.24
N THR G 219 6.78 38.67 -29.17
CA THR G 219 5.74 38.93 -28.20
C THR G 219 5.55 40.46 -28.10
N THR G 220 4.42 40.88 -27.55
CA THR G 220 4.12 42.29 -27.33
C THR G 220 4.42 43.21 -28.54
N ALA G 221 4.03 42.74 -29.73
CA ALA G 221 4.21 43.48 -30.97
C ALA G 221 3.10 44.51 -31.24
N THR G 222 3.55 45.72 -31.55
CA THR G 222 2.65 46.81 -31.97
C THR G 222 2.77 46.86 -33.48
N ILE G 223 1.65 46.65 -34.13
CA ILE G 223 1.66 46.50 -35.59
C ILE G 223 0.72 47.45 -36.35
N THR G 224 1.18 47.93 -37.50
CA THR G 224 0.38 48.80 -38.37
C THR G 224 -0.09 47.90 -39.52
N LEU G 225 -1.40 47.87 -39.77
CA LEU G 225 -1.94 47.06 -40.86
C LEU G 225 -2.72 48.04 -41.70
N LEU G 226 -2.43 48.07 -42.98
CA LEU G 226 -3.11 48.99 -43.88
C LEU G 226 -3.55 48.24 -45.12
N PRO G 227 -4.67 48.68 -45.73
CA PRO G 227 -5.11 48.00 -46.95
C PRO G 227 -4.22 48.51 -48.07
N ASP G 228 -4.10 47.71 -49.14
CA ASP G 228 -3.30 48.04 -50.33
C ASP G 228 -1.83 47.73 -50.18
N ALA G 229 -1.21 47.33 -51.30
CA ALA G 229 0.21 47.05 -51.35
C ALA G 229 0.73 47.97 -52.44
N GLU G 230 1.18 49.16 -52.05
CA GLU G 230 1.67 50.15 -53.01
C GLU G 230 2.78 49.60 -53.90
N ARG G 231 3.62 48.77 -53.32
CA ARG G 231 4.73 48.16 -54.05
C ARG G 231 4.25 47.35 -55.27
N PHE G 232 3.02 46.84 -55.22
CA PHE G 232 2.50 46.02 -56.31
C PHE G 232 1.28 46.68 -56.94
N SER G 233 1.30 48.00 -57.00
CA SER G 233 0.18 48.73 -57.56
C SER G 233 0.54 49.39 -58.86
N PHE G 234 1.72 49.12 -59.37
CA PHE G 234 2.14 49.71 -60.63
C PHE G 234 2.48 48.66 -61.70
N PRO G 235 2.47 49.07 -62.98
CA PRO G 235 2.77 48.18 -64.11
C PRO G 235 4.15 47.58 -64.04
N ARG G 236 4.22 46.30 -64.29
CA ARG G 236 5.48 45.59 -64.23
C ARG G 236 5.59 44.58 -65.36
N VAL G 237 6.83 44.35 -65.71
CA VAL G 237 7.22 43.29 -66.63
C VAL G 237 8.07 42.38 -65.76
N ILE G 238 7.58 41.17 -65.59
CA ILE G 238 8.20 40.22 -64.66
C ILE G 238 8.70 38.96 -65.35
N ASN G 239 9.71 38.31 -64.78
CA ASN G 239 10.21 37.09 -65.36
C ASN G 239 9.24 35.97 -64.99
N SER G 240 9.07 35.03 -65.90
CA SER G 240 8.18 33.90 -65.68
C SER G 240 8.81 33.00 -64.62
N ALA G 241 8.02 32.12 -64.01
CA ALA G 241 8.52 31.22 -62.99
C ALA G 241 9.77 30.42 -63.44
N ASP G 242 9.78 29.96 -64.69
CA ASP G 242 10.89 29.17 -65.23
C ASP G 242 12.02 30.00 -65.83
N GLY G 243 11.87 31.32 -65.78
CA GLY G 243 12.87 32.23 -66.31
C GLY G 243 12.97 32.27 -67.82
N ALA G 244 12.10 31.54 -68.50
CA ALA G 244 12.13 31.49 -69.97
C ALA G 244 11.56 32.70 -70.71
N THR G 245 10.70 33.49 -70.05
CA THR G 245 10.09 34.65 -70.70
C THR G 245 9.65 35.70 -69.67
N THR G 246 8.95 36.73 -70.13
CA THR G 246 8.47 37.78 -69.25
C THR G 246 6.98 38.05 -69.47
N TRP G 247 6.26 38.31 -68.36
CA TRP G 247 4.83 38.60 -68.40
C TRP G 247 4.56 40.06 -68.01
N TYR G 248 3.38 40.54 -68.37
CA TYR G 248 2.99 41.90 -68.08
C TYR G 248 1.92 41.98 -66.98
N PHE G 249 2.17 42.84 -65.99
CA PHE G 249 1.24 43.04 -64.88
C PHE G 249 0.82 44.51 -64.98
N ASN G 250 -0.47 44.72 -65.14
CA ASN G 250 -1.03 46.05 -65.29
C ASN G 250 -2.15 46.22 -64.26
N PRO G 251 -1.81 46.39 -62.97
CA PRO G 251 -2.82 46.45 -61.91
C PRO G 251 -3.71 47.68 -61.89
N VAL G 252 -4.91 47.39 -61.39
CA VAL G 252 -5.96 48.36 -61.02
C VAL G 252 -6.40 47.87 -59.65
N ILE G 253 -6.39 48.76 -58.67
CA ILE G 253 -6.60 48.35 -57.27
C ILE G 253 -8.02 48.50 -56.75
N LEU G 254 -8.48 47.47 -56.04
CA LEU G 254 -9.80 47.44 -55.41
C LEU G 254 -9.56 47.19 -53.92
N ARG G 255 -10.52 47.53 -53.08
CA ARG G 255 -10.31 47.31 -51.65
C ARG G 255 -10.31 45.86 -51.32
N PRO G 256 -9.39 45.43 -50.46
CA PRO G 256 -9.37 44.02 -50.10
C PRO G 256 -10.65 43.73 -49.31
N ASN G 257 -11.32 42.64 -49.69
CA ASN G 257 -12.58 42.20 -49.10
C ASN G 257 -12.36 41.06 -48.08
N ASN G 258 -13.09 41.10 -46.96
CA ASN G 258 -12.99 40.09 -45.90
C ASN G 258 -11.59 39.84 -45.40
N VAL G 259 -10.89 40.92 -45.08
CA VAL G 259 -9.54 40.84 -44.58
C VAL G 259 -9.54 40.19 -43.20
N GLU G 260 -8.68 39.20 -43.03
CA GLU G 260 -8.53 38.54 -41.75
C GLU G 260 -7.06 38.26 -41.48
N VAL G 261 -6.54 38.82 -40.40
CA VAL G 261 -5.15 38.62 -40.03
C VAL G 261 -5.12 37.73 -38.82
N GLU G 262 -4.35 36.66 -38.88
CA GLU G 262 -4.23 35.79 -37.74
C GLU G 262 -2.78 35.70 -37.34
N PHE G 263 -2.54 35.85 -36.04
CA PHE G 263 -1.21 35.74 -35.46
C PHE G 263 -1.31 34.44 -34.71
N LEU G 264 -0.60 33.43 -35.20
CA LEU G 264 -0.66 32.11 -34.61
C LEU G 264 0.59 31.75 -33.86
N LEU G 265 0.45 30.86 -32.90
CA LEU G 265 1.57 30.37 -32.12
C LEU G 265 1.39 28.87 -32.13
N ASN G 266 2.35 28.15 -32.71
CA ASN G 266 2.27 26.68 -32.75
C ASN G 266 0.94 26.19 -33.34
N GLY G 267 0.47 26.86 -34.38
CA GLY G 267 -0.76 26.46 -35.03
C GLY G 267 -2.03 26.99 -34.41
N GLN G 268 -1.93 27.58 -33.23
CA GLN G 268 -3.09 28.12 -32.56
C GLN G 268 -3.26 29.61 -32.82
N ILE G 269 -4.49 30.05 -33.04
CA ILE G 269 -4.76 31.47 -33.23
C ILE G 269 -4.64 32.15 -31.87
N ILE G 270 -3.74 33.12 -31.76
CA ILE G 270 -3.56 33.84 -30.51
C ILE G 270 -4.30 35.16 -30.69
N ASN G 271 -4.16 35.79 -31.85
CA ASN G 271 -4.87 37.04 -32.12
C ASN G 271 -5.46 36.97 -33.52
N THR G 272 -6.66 37.49 -33.68
CA THR G 272 -7.29 37.54 -34.97
C THR G 272 -8.00 38.88 -35.11
N TYR G 273 -7.84 39.49 -36.28
CA TYR G 273 -8.43 40.78 -36.58
C TYR G 273 -9.14 40.71 -37.94
N GLN G 274 -10.39 41.14 -37.96
CA GLN G 274 -11.18 41.11 -39.17
C GLN G 274 -11.32 42.49 -39.69
N ALA G 275 -10.68 42.75 -40.82
CA ALA G 275 -10.78 44.04 -41.47
C ALA G 275 -10.47 45.25 -40.58
N ARG G 276 -9.53 45.09 -39.66
CA ARG G 276 -9.18 46.19 -38.80
C ARG G 276 -7.87 46.81 -39.23
N PHE G 277 -7.92 48.00 -39.82
CA PHE G 277 -6.73 48.69 -40.29
C PHE G 277 -6.30 49.74 -39.27
N GLY G 278 -5.01 50.02 -39.19
CA GLY G 278 -4.53 50.97 -38.22
C GLY G 278 -3.59 50.23 -37.29
N THR G 279 -3.65 50.53 -35.99
CA THR G 279 -2.76 49.88 -35.03
C THR G 279 -3.43 48.72 -34.29
N ILE G 280 -2.80 47.55 -34.36
CA ILE G 280 -3.29 46.34 -33.69
C ILE G 280 -2.14 45.70 -32.90
N ILE G 281 -2.49 44.98 -31.84
CA ILE G 281 -1.51 44.30 -30.98
C ILE G 281 -1.51 42.77 -31.20
N ALA G 282 -0.33 42.18 -31.37
CA ALA G 282 -0.20 40.73 -31.54
C ALA G 282 0.68 40.37 -30.35
N ARG G 283 0.12 39.72 -29.36
CA ARG G 283 0.87 39.53 -28.09
C ARG G 283 1.87 38.36 -28.04
N ASN G 284 1.78 37.40 -28.92
CA ASN G 284 2.69 36.21 -28.87
C ASN G 284 2.41 35.37 -30.11
N PHE G 285 3.35 35.33 -31.04
CA PHE G 285 3.10 34.58 -32.27
C PHE G 285 4.41 34.20 -32.98
N ASP G 286 4.34 33.14 -33.77
CA ASP G 286 5.49 32.67 -34.56
C ASP G 286 5.07 32.60 -36.01
N THR G 287 3.82 32.97 -36.30
CA THR G 287 3.31 32.93 -37.66
C THR G 287 2.27 33.99 -37.89
N ILE G 288 2.27 34.57 -39.09
CA ILE G 288 1.27 35.55 -39.46
C ILE G 288 0.58 34.99 -40.69
N ARG G 289 -0.74 35.05 -40.71
CA ARG G 289 -1.49 34.59 -41.85
C ARG G 289 -2.43 35.71 -42.28
N LEU G 290 -2.28 36.18 -43.52
CA LEU G 290 -3.12 37.23 -44.04
C LEU G 290 -4.03 36.63 -45.11
N SER G 291 -5.34 36.73 -44.89
CA SER G 291 -6.33 36.22 -45.85
C SER G 291 -7.13 37.41 -46.29
N PHE G 292 -7.36 37.50 -47.59
CA PHE G 292 -8.10 38.61 -48.17
C PHE G 292 -8.67 38.16 -49.51
N GLN G 293 -9.68 38.86 -49.98
CA GLN G 293 -10.35 38.49 -51.22
C GLN G 293 -10.51 39.63 -52.18
N LEU G 294 -10.72 39.27 -53.44
CA LEU G 294 -11.00 40.23 -54.49
C LEU G 294 -12.45 39.91 -54.82
N MET G 295 -13.33 40.87 -54.69
CA MET G 295 -14.71 40.59 -55.03
C MET G 295 -15.04 41.46 -56.22
N ARG G 296 -15.50 40.85 -57.30
CA ARG G 296 -15.87 41.60 -58.49
C ARG G 296 -16.96 42.59 -58.09
N PRO G 297 -16.79 43.88 -58.41
CA PRO G 297 -17.80 44.90 -58.06
C PRO G 297 -19.15 44.52 -58.65
N PRO G 298 -20.18 44.37 -57.81
CA PRO G 298 -21.51 44.02 -58.33
C PRO G 298 -22.13 45.15 -59.17
N ASN G 299 -21.76 46.39 -58.89
CA ASN G 299 -22.28 47.55 -59.62
C ASN G 299 -21.12 48.35 -60.12
N MET G 300 -21.12 48.64 -61.42
CA MET G 300 -20.02 49.36 -62.03
C MET G 300 -20.43 50.50 -62.93
N THR G 301 -19.82 51.67 -62.77
CA THR G 301 -20.12 52.77 -63.66
C THR G 301 -19.49 52.35 -65.01
N PRO G 302 -19.88 53.00 -66.12
CA PRO G 302 -19.32 52.65 -67.44
C PRO G 302 -17.80 52.55 -67.48
N ALA G 303 -17.12 53.55 -66.91
CA ALA G 303 -15.66 53.59 -66.89
C ALA G 303 -15.09 52.35 -66.21
N VAL G 304 -15.74 51.87 -65.16
CA VAL G 304 -15.29 50.69 -64.46
C VAL G 304 -15.62 49.44 -65.27
N ALA G 305 -16.88 49.36 -65.73
CA ALA G 305 -17.34 48.22 -66.52
C ALA G 305 -16.41 47.94 -67.71
N ALA G 306 -15.90 49.01 -68.30
CA ALA G 306 -14.98 48.94 -69.44
C ALA G 306 -13.65 48.27 -69.15
N LEU G 307 -13.26 48.22 -67.88
CA LEU G 307 -11.98 47.63 -67.51
C LEU G 307 -12.11 46.14 -67.39
N PHE G 308 -13.33 45.68 -67.09
CA PHE G 308 -13.61 44.26 -66.85
C PHE G 308 -14.63 43.60 -67.78
N PRO G 309 -14.20 43.23 -69.00
CA PRO G 309 -15.05 42.58 -70.00
C PRO G 309 -15.39 41.14 -69.66
N ASN G 310 -16.37 40.59 -70.35
CA ASN G 310 -16.77 39.21 -70.10
C ASN G 310 -15.82 38.22 -70.74
N ALA G 311 -15.06 38.69 -71.72
CA ALA G 311 -14.12 37.86 -72.44
C ALA G 311 -12.76 38.53 -72.58
N GLN G 312 -11.72 37.70 -72.73
CA GLN G 312 -10.36 38.21 -72.92
C GLN G 312 -10.35 38.97 -74.22
N PRO G 313 -9.34 39.82 -74.46
CA PRO G 313 -8.19 40.10 -73.58
C PRO G 313 -8.51 40.87 -72.30
N PHE G 314 -7.86 40.46 -71.21
CA PHE G 314 -8.02 41.11 -69.92
C PHE G 314 -6.85 42.10 -69.85
N GLU G 315 -7.14 43.37 -70.00
CA GLU G 315 -6.10 44.39 -70.03
C GLU G 315 -5.84 45.16 -68.75
N HIS G 316 -6.79 45.13 -67.83
CA HIS G 316 -6.64 45.80 -66.55
C HIS G 316 -6.78 44.68 -65.57
N HIS G 317 -5.75 44.51 -64.75
CA HIS G 317 -5.69 43.41 -63.80
C HIS G 317 -6.07 43.72 -62.36
N ALA G 318 -7.25 43.28 -61.96
CA ALA G 318 -7.79 43.50 -60.62
C ALA G 318 -6.82 42.99 -59.56
N THR G 319 -6.48 43.89 -58.64
CA THR G 319 -5.53 43.62 -57.58
C THR G 319 -5.99 44.15 -56.23
N VAL G 320 -5.83 43.34 -55.20
CA VAL G 320 -6.16 43.72 -53.82
C VAL G 320 -4.90 43.42 -53.01
N GLY G 321 -4.64 44.21 -51.97
CA GLY G 321 -3.43 43.97 -51.19
C GLY G 321 -3.49 44.43 -49.74
N LEU G 322 -2.42 44.13 -48.99
CA LEU G 322 -2.30 44.48 -47.59
C LEU G 322 -0.85 44.84 -47.30
N THR G 323 -0.66 45.69 -46.30
CA THR G 323 0.67 46.09 -45.85
C THR G 323 0.66 45.94 -44.34
N LEU G 324 1.65 45.24 -43.80
CA LEU G 324 1.74 45.00 -42.36
C LEU G 324 3.15 45.38 -41.89
N ARG G 325 3.25 46.22 -40.87
CA ARG G 325 4.56 46.59 -40.34
C ARG G 325 4.63 46.43 -38.84
N ILE G 326 5.67 45.71 -38.37
CA ILE G 326 5.85 45.50 -36.94
C ILE G 326 6.69 46.68 -36.46
N GLU G 327 6.05 47.63 -35.78
CA GLU G 327 6.75 48.81 -35.28
C GLU G 327 7.70 48.45 -34.14
N SER G 328 7.23 47.66 -33.18
CA SER G 328 8.04 47.28 -32.05
C SER G 328 7.58 45.92 -31.59
N ALA G 329 8.47 45.22 -30.90
CA ALA G 329 8.17 43.90 -30.36
C ALA G 329 9.27 43.46 -29.42
N VAL G 330 9.00 42.41 -28.68
CA VAL G 330 9.99 41.86 -27.78
C VAL G 330 10.32 40.46 -28.30
N CYS G 331 11.58 40.08 -28.21
CA CYS G 331 11.97 38.73 -28.63
C CYS G 331 12.89 38.17 -27.57
N GLU G 332 12.76 36.87 -27.33
CA GLU G 332 13.61 36.21 -26.36
C GLU G 332 15.02 35.99 -26.93
N SER G 333 15.16 36.10 -28.26
CA SER G 333 16.45 35.93 -28.94
C SER G 333 16.94 37.26 -29.49
N VAL G 334 18.26 37.48 -29.54
CA VAL G 334 18.75 38.73 -30.09
C VAL G 334 18.40 38.76 -31.59
N LEU G 335 18.13 39.96 -32.10
CA LEU G 335 17.83 40.16 -33.51
C LEU G 335 18.37 41.52 -33.88
N ALA G 336 18.50 41.75 -35.17
CA ALA G 336 18.89 43.07 -35.64
C ALA G 336 17.55 43.85 -35.67
N ASP G 337 17.60 45.17 -35.54
CA ASP G 337 16.40 45.99 -35.64
C ASP G 337 16.80 47.33 -36.28
N ALA G 338 15.91 48.32 -36.31
CA ALA G 338 16.23 49.59 -36.96
C ALA G 338 16.91 50.64 -36.09
N SER G 339 17.20 50.31 -34.84
CA SER G 339 17.82 51.27 -33.94
C SER G 339 19.15 50.87 -33.33
N GLU G 340 19.29 49.59 -32.96
CA GLU G 340 20.51 49.11 -32.35
C GLU G 340 21.65 48.93 -33.35
N THR G 341 22.86 49.23 -32.89
CA THR G 341 24.05 49.15 -33.74
C THR G 341 24.84 47.87 -33.59
N MET G 342 24.35 46.93 -32.77
CA MET G 342 25.07 45.68 -32.55
C MET G 342 25.50 44.92 -33.78
N LEU G 343 24.55 44.57 -34.64
CA LEU G 343 24.89 43.85 -35.85
C LEU G 343 25.94 44.63 -36.63
N ALA G 344 25.69 45.94 -36.80
CA ALA G 344 26.64 46.79 -37.55
C ALA G 344 28.01 46.84 -36.91
N ASN G 345 28.08 46.85 -35.56
CA ASN G 345 29.37 46.89 -34.87
C ASN G 345 30.17 45.62 -35.11
N VAL G 346 29.53 44.48 -34.92
CA VAL G 346 30.16 43.18 -35.12
C VAL G 346 30.60 43.03 -36.57
N THR G 347 29.68 43.34 -37.49
CA THR G 347 29.98 43.22 -38.91
C THR G 347 31.11 44.18 -39.29
N SER G 348 31.09 45.39 -38.73
CA SER G 348 32.12 46.38 -39.05
C SER G 348 33.49 46.01 -38.54
N VAL G 349 33.58 45.50 -37.31
CA VAL G 349 34.90 45.14 -36.78
C VAL G 349 35.48 44.00 -37.62
N ARG G 350 34.67 43.01 -37.96
CA ARG G 350 35.14 41.90 -38.77
C ARG G 350 35.60 42.34 -40.17
N GLN G 351 34.87 43.26 -40.79
CA GLN G 351 35.22 43.77 -42.12
C GLN G 351 36.51 44.60 -42.08
N GLU G 352 36.61 45.50 -41.11
CA GLU G 352 37.79 46.35 -40.98
C GLU G 352 39.08 45.53 -40.82
N TYR G 353 39.03 44.47 -40.01
CA TYR G 353 40.22 43.66 -39.78
C TYR G 353 40.35 42.46 -40.68
N ALA G 354 39.62 42.44 -41.78
CA ALA G 354 39.70 41.35 -42.74
C ALA G 354 39.62 39.96 -42.09
N ILE G 355 38.69 39.80 -41.15
CA ILE G 355 38.52 38.53 -40.46
C ILE G 355 38.00 37.48 -41.44
N PRO G 356 38.68 36.33 -41.55
CA PRO G 356 38.26 35.24 -42.46
C PRO G 356 36.87 34.68 -42.09
N VAL G 357 36.14 34.17 -43.07
CA VAL G 357 34.84 33.55 -42.82
C VAL G 357 35.10 32.39 -41.86
N GLY G 358 34.24 32.21 -40.87
CA GLY G 358 34.41 31.14 -39.91
C GLY G 358 33.42 30.03 -40.14
N PRO G 359 33.32 29.09 -39.19
CA PRO G 359 32.39 27.96 -39.31
C PRO G 359 30.95 28.23 -38.87
N VAL G 360 30.69 29.34 -38.18
CA VAL G 360 29.34 29.60 -37.70
C VAL G 360 28.53 30.59 -38.51
N PHE G 361 29.05 31.81 -38.65
CA PHE G 361 28.34 32.88 -39.36
C PHE G 361 28.45 32.90 -40.88
N PRO G 362 27.35 33.31 -41.58
CA PRO G 362 27.42 33.35 -43.04
C PRO G 362 28.41 34.41 -43.46
N PRO G 363 28.94 34.31 -44.69
CA PRO G 363 29.89 35.32 -45.16
C PRO G 363 29.29 36.74 -44.99
N GLY G 364 30.11 37.64 -44.46
CA GLY G 364 29.72 39.02 -44.25
C GLY G 364 28.69 39.26 -43.16
N MET G 365 28.44 38.25 -42.32
CA MET G 365 27.42 38.34 -41.28
C MET G 365 26.10 38.68 -41.96
N ASN G 366 25.89 38.21 -43.19
CA ASN G 366 24.66 38.52 -43.95
C ASN G 366 23.39 38.25 -43.15
N TRP G 367 22.61 39.30 -42.90
CA TRP G 367 21.42 39.13 -42.08
C TRP G 367 20.42 38.17 -42.65
N THR G 368 20.06 38.32 -43.91
CA THR G 368 19.09 37.39 -44.48
C THR G 368 19.54 35.93 -44.29
N ASP G 369 20.78 35.62 -44.62
CA ASP G 369 21.26 34.25 -44.47
C ASP G 369 21.23 33.82 -43.01
N LEU G 370 21.61 34.71 -42.13
CA LEU G 370 21.63 34.40 -40.71
C LEU G 370 20.24 34.06 -40.16
N ILE G 371 19.28 34.94 -40.38
CA ILE G 371 17.93 34.73 -39.88
C ILE G 371 17.21 33.58 -40.61
N THR G 372 17.57 33.29 -41.85
CA THR G 372 16.94 32.20 -42.57
C THR G 372 17.29 30.85 -41.92
N ASN G 373 18.53 30.70 -41.49
CA ASN G 373 18.97 29.48 -40.83
C ASN G 373 19.55 29.87 -39.51
N TYR G 374 18.66 30.35 -38.64
CA TYR G 374 19.04 30.82 -37.32
C TYR G 374 19.18 29.65 -36.35
N SER G 375 20.24 28.89 -36.50
CA SER G 375 20.49 27.74 -35.65
C SER G 375 20.82 28.13 -34.21
N PRO G 376 20.75 27.16 -33.29
CA PRO G 376 21.07 27.47 -31.90
C PRO G 376 22.50 28.01 -31.80
N SER G 377 23.42 27.39 -32.55
CA SER G 377 24.82 27.85 -32.53
C SER G 377 24.96 29.29 -33.00
N ARG G 378 24.30 29.63 -34.10
CA ARG G 378 24.39 31.00 -34.58
C ARG G 378 23.81 31.97 -33.53
N GLU G 379 22.71 31.59 -32.88
CA GLU G 379 22.11 32.46 -31.87
C GLU G 379 22.98 32.64 -30.64
N ASP G 380 23.59 31.56 -30.17
CA ASP G 380 24.47 31.67 -28.99
C ASP G 380 25.67 32.53 -29.32
N ASN G 381 26.27 32.31 -30.48
CA ASN G 381 27.41 33.11 -30.91
C ASN G 381 26.97 34.57 -31.12
N LEU G 382 25.80 34.79 -31.76
CA LEU G 382 25.30 36.13 -32.00
C LEU G 382 25.07 36.84 -30.68
N GLN G 383 24.50 36.16 -29.70
CA GLN G 383 24.24 36.81 -28.42
C GLN G 383 25.54 37.18 -27.73
N ARG G 384 26.52 36.28 -27.79
CA ARG G 384 27.79 36.56 -27.14
C ARG G 384 28.44 37.78 -27.76
N VAL G 385 28.42 37.75 -29.06
CA VAL G 385 29.05 38.76 -29.90
C VAL G 385 28.28 40.11 -29.77
N PHE G 386 26.95 40.07 -29.67
CA PHE G 386 26.12 41.30 -29.51
C PHE G 386 26.34 41.90 -28.10
N THR G 387 26.40 41.04 -27.11
CA THR G 387 26.63 41.51 -25.75
C THR G 387 27.99 42.20 -25.66
N VAL G 388 29.02 41.65 -26.31
CA VAL G 388 30.35 42.26 -26.30
C VAL G 388 30.32 43.61 -27.03
N ALA G 389 29.59 43.68 -28.14
CA ALA G 389 29.48 44.91 -28.90
C ALA G 389 28.85 45.99 -28.01
N SER G 390 27.85 45.59 -27.21
CA SER G 390 27.18 46.54 -26.34
C SER G 390 28.10 47.00 -25.21
N ILE G 391 29.02 46.14 -24.77
CA ILE G 391 29.94 46.48 -23.69
C ILE G 391 30.92 47.50 -24.25
N ARG G 392 31.37 47.24 -25.47
CA ARG G 392 32.29 48.12 -26.15
C ARG G 392 31.71 49.52 -26.40
N SER G 393 30.46 49.59 -26.84
CA SER G 393 29.80 50.87 -27.12
C SER G 393 29.58 51.79 -25.91
N MET G 394 29.91 51.31 -24.71
CA MET G 394 29.73 52.10 -23.51
C MET G 394 30.92 53.05 -23.44
N LEU G 395 31.99 52.69 -24.13
CA LEU G 395 33.22 53.47 -24.11
C LEU G 395 33.69 53.97 -25.46
N VAL G 396 33.50 53.14 -26.47
CA VAL G 396 33.96 53.42 -27.82
C VAL G 396 32.82 53.37 -28.80
N LYS G 397 32.53 54.48 -29.44
CA LYS G 397 31.46 54.51 -30.44
C LYS G 397 32.08 54.95 -31.72
N MET H 1 0.57 54.06 -4.93
CA MET H 1 1.23 54.00 -6.28
C MET H 1 2.74 54.23 -6.27
N ASP H 2 3.20 55.46 -5.98
CA ASP H 2 4.64 55.71 -5.98
C ASP H 2 5.33 54.55 -5.26
N VAL H 3 4.62 54.02 -4.28
CA VAL H 3 5.08 52.89 -3.50
C VAL H 3 5.57 51.89 -4.55
N LEU H 4 4.59 51.31 -5.22
CA LEU H 4 4.83 50.33 -6.26
C LEU H 4 6.15 50.54 -6.99
N TYR H 5 6.35 51.73 -7.54
CA TYR H 5 7.58 52.01 -8.26
C TYR H 5 8.78 51.44 -7.54
N SER H 6 9.13 52.04 -6.41
CA SER H 6 10.28 51.61 -5.62
C SER H 6 10.48 50.10 -5.63
N LEU H 7 9.44 49.37 -5.24
CA LEU H 7 9.47 47.92 -5.17
C LEU H 7 10.25 47.31 -6.32
N SER H 8 10.31 48.04 -7.42
CA SER H 8 11.03 47.56 -8.59
C SER H 8 12.48 48.04 -8.66
N LYS H 9 12.71 49.33 -8.91
CA LYS H 9 14.10 49.85 -9.00
C LYS H 9 14.87 49.27 -7.83
N THR H 10 14.10 48.80 -6.84
CA THR H 10 14.65 48.16 -5.68
C THR H 10 15.26 46.87 -6.20
N LEU H 11 14.40 46.02 -6.76
CA LEU H 11 14.84 44.75 -7.30
C LEU H 11 15.83 44.84 -8.47
N LYS H 12 15.56 45.68 -9.47
CA LYS H 12 16.48 45.82 -10.62
C LYS H 12 17.84 46.27 -10.14
N ASP H 13 17.90 47.48 -9.58
CA ASP H 13 19.16 48.01 -9.04
C ASP H 13 19.65 47.00 -8.00
N ALA H 14 18.93 45.89 -7.85
CA ALA H 14 19.30 44.82 -6.90
C ALA H 14 19.79 43.59 -7.66
N ARG H 15 18.88 42.91 -8.34
CA ARG H 15 19.24 41.71 -9.11
C ARG H 15 20.36 42.04 -10.09
N ASP H 16 20.73 43.33 -10.14
CA ASP H 16 21.79 43.80 -11.02
C ASP H 16 23.11 44.13 -10.31
N LYS H 17 23.07 44.92 -9.23
CA LYS H 17 24.31 45.28 -8.50
C LYS H 17 24.80 44.20 -7.52
N ILE H 18 23.95 43.20 -7.26
CA ILE H 18 24.29 42.11 -6.31
C ILE H 18 24.77 40.83 -6.97
N VAL H 19 26.04 40.76 -7.33
CA VAL H 19 26.55 39.55 -7.96
C VAL H 19 27.88 39.09 -7.37
N GLU H 20 28.15 37.80 -7.48
CA GLU H 20 29.37 37.20 -6.97
C GLU H 20 30.57 38.08 -7.30
N GLY H 21 31.14 38.74 -6.29
CA GLY H 21 32.31 39.59 -6.51
C GLY H 21 32.37 40.90 -5.76
N THR H 22 31.81 41.93 -6.37
CA THR H 22 31.77 43.28 -5.81
C THR H 22 31.90 43.38 -4.29
N LEU H 23 32.47 44.50 -3.84
CA LEU H 23 32.67 44.76 -2.41
C LEU H 23 31.35 45.21 -1.77
N TYR H 24 31.27 45.10 -0.45
CA TYR H 24 30.06 45.52 0.24
C TYR H 24 29.86 47.00 -0.08
N SER H 25 30.91 47.80 0.12
CA SER H 25 30.89 49.24 -0.11
C SER H 25 30.28 49.72 -1.43
N ASN H 26 29.94 48.80 -2.31
CA ASN H 26 29.34 49.15 -3.60
C ASN H 26 27.83 49.15 -3.49
N VAL H 27 27.35 48.65 -2.36
CA VAL H 27 25.93 48.53 -2.11
C VAL H 27 25.50 48.92 -0.69
N SER H 28 26.38 49.56 0.06
CA SER H 28 26.04 49.96 1.43
C SER H 28 24.78 50.82 1.41
N ASP H 29 24.80 51.86 0.58
CA ASP H 29 23.66 52.77 0.46
C ASP H 29 22.47 51.99 -0.10
N LEU H 30 22.74 50.85 -0.69
CA LEU H 30 21.69 50.02 -1.26
C LEU H 30 21.11 49.00 -0.29
N ILE H 31 21.98 48.12 0.23
CA ILE H 31 21.54 47.11 1.17
C ILE H 31 20.51 47.74 2.09
N GLN H 32 20.94 48.75 2.83
CA GLN H 32 20.08 49.46 3.76
C GLN H 32 18.66 49.58 3.19
N GLN H 33 18.48 50.50 2.25
CA GLN H 33 17.17 50.73 1.62
C GLN H 33 16.39 49.42 1.55
N PHE H 34 17.05 48.40 1.03
CA PHE H 34 16.41 47.11 0.89
C PHE H 34 15.76 46.64 2.17
N ASN H 35 16.60 46.29 3.15
CA ASN H 35 16.11 45.81 4.43
C ASN H 35 14.87 46.59 4.87
N GLN H 36 15.04 47.90 5.05
CA GLN H 36 13.94 48.78 5.46
C GLN H 36 12.61 48.22 4.97
N MET H 37 12.58 47.80 3.72
CA MET H 37 11.39 47.24 3.12
C MET H 37 10.91 46.02 3.88
N ILE H 38 11.65 44.94 3.75
CA ILE H 38 11.35 43.68 4.41
C ILE H 38 10.57 43.90 5.70
N ILE H 39 11.13 44.75 6.56
CA ILE H 39 10.50 45.07 7.85
C ILE H 39 9.05 45.46 7.67
N THR H 40 8.84 46.62 7.07
CA THR H 40 7.51 47.15 6.82
C THR H 40 6.52 46.07 6.37
N MET H 41 7.01 45.14 5.55
CA MET H 41 6.19 44.05 5.02
C MET H 41 5.80 42.99 6.04
N ASN H 42 6.77 42.12 6.35
CA ASN H 42 6.60 41.04 7.32
C ASN H 42 5.33 41.09 8.15
N GLY H 43 4.51 40.05 8.04
CA GLY H 43 3.29 39.99 8.81
C GLY H 43 1.99 40.29 8.10
N ASN H 44 1.98 41.29 7.22
CA ASN H 44 0.77 41.68 6.49
C ASN H 44 0.35 40.69 5.39
N GLU H 45 -0.91 40.28 5.42
CA GLU H 45 -1.48 39.32 4.46
C GLU H 45 -1.97 39.98 3.16
N PHE H 46 -1.85 39.26 2.04
CA PHE H 46 -2.26 39.78 0.74
C PHE H 46 -3.08 38.83 -0.15
N GLN H 47 -3.76 39.41 -1.14
CA GLN H 47 -4.57 38.66 -2.08
C GLN H 47 -4.64 39.33 -3.45
N THR H 48 -4.55 38.53 -4.51
CA THR H 48 -4.59 39.03 -5.89
C THR H 48 -5.33 38.07 -6.81
N GLY H 49 -6.20 38.61 -7.64
CA GLY H 49 -6.94 37.77 -8.57
C GLY H 49 -8.44 37.93 -8.46
N GLY H 50 -9.18 37.03 -9.11
CA GLY H 50 -10.63 37.07 -9.07
C GLY H 50 -11.23 37.73 -10.30
N ILE H 51 -10.85 37.24 -11.48
CA ILE H 51 -11.36 37.82 -12.72
C ILE H 51 -10.84 37.08 -13.95
N GLY H 52 -11.76 36.53 -14.73
CA GLY H 52 -11.39 35.81 -15.94
C GLY H 52 -10.47 34.61 -15.72
N ASN H 53 -9.27 34.68 -16.31
CA ASN H 53 -8.28 33.62 -16.19
C ASN H 53 -7.14 34.06 -15.28
N LEU H 54 -7.47 34.74 -14.18
CA LEU H 54 -6.43 35.21 -13.27
C LEU H 54 -6.50 34.52 -11.92
N PRO H 55 -5.54 33.62 -11.63
CA PRO H 55 -5.46 32.88 -10.38
C PRO H 55 -5.56 33.79 -9.15
N ILE H 56 -5.94 33.20 -8.02
CA ILE H 56 -6.07 33.93 -6.78
C ILE H 56 -5.01 33.41 -5.82
N ARG H 57 -3.81 33.99 -5.86
CA ARG H 57 -2.73 33.55 -4.97
C ARG H 57 -2.59 34.45 -3.75
N ASN H 58 -2.39 33.83 -2.58
CA ASN H 58 -2.22 34.57 -1.33
C ASN H 58 -0.74 34.65 -0.97
N TRP H 59 -0.33 35.77 -0.37
CA TRP H 59 1.08 35.96 0.00
C TRP H 59 1.31 36.35 1.44
N ASN H 60 2.04 35.49 2.16
CA ASN H 60 2.38 35.73 3.56
C ASN H 60 3.86 36.01 3.69
N PHE H 61 4.21 36.87 4.63
CA PHE H 61 5.60 37.24 4.86
C PHE H 61 6.13 36.90 6.25
N ASP H 62 7.44 36.63 6.29
CA ASP H 62 8.13 36.30 7.52
C ASP H 62 9.59 36.07 7.10
N PHE H 63 10.29 37.17 6.82
CA PHE H 63 11.69 37.12 6.38
C PHE H 63 12.68 37.90 7.23
N GLY H 64 13.93 37.44 7.24
CA GLY H 64 14.97 38.10 8.01
C GLY H 64 15.81 39.01 7.14
N LEU H 65 16.65 39.83 7.76
CA LEU H 65 17.50 40.78 7.04
C LEU H 65 18.78 40.22 6.45
N LEU H 66 19.77 41.09 6.28
CA LEU H 66 21.07 40.69 5.73
C LEU H 66 22.23 41.25 6.53
N GLY H 67 22.51 40.61 7.66
CA GLY H 67 23.60 41.05 8.51
C GLY H 67 24.94 40.49 8.12
N THR H 68 24.94 39.44 7.30
CA THR H 68 26.19 38.84 6.89
C THR H 68 27.10 39.91 6.29
N THR H 69 27.96 40.50 7.11
CA THR H 69 28.88 41.55 6.64
C THR H 69 30.25 40.96 6.29
N LEU H 70 30.47 40.72 5.01
CA LEU H 70 31.75 40.20 4.54
C LEU H 70 32.23 41.14 3.44
N LEU H 71 33.49 41.57 3.54
CA LEU H 71 34.06 42.48 2.57
C LEU H 71 33.59 42.19 1.14
N ASN H 72 33.99 41.03 0.60
CA ASN H 72 33.59 40.64 -0.74
C ASN H 72 32.40 39.68 -0.70
N LEU H 73 31.47 39.85 -1.63
CA LEU H 73 30.29 39.00 -1.69
C LEU H 73 30.62 37.59 -2.12
N ASP H 74 30.50 36.63 -1.19
CA ASP H 74 30.79 35.24 -1.52
C ASP H 74 29.54 34.64 -2.16
N ALA H 75 29.74 33.81 -3.17
CA ALA H 75 28.63 33.16 -3.88
C ALA H 75 27.49 32.82 -2.93
N ASN H 76 27.81 32.10 -1.85
CA ASN H 76 26.81 31.71 -0.88
C ASN H 76 25.88 32.85 -0.47
N TYR H 77 26.39 34.08 -0.48
CA TYR H 77 25.60 35.24 -0.10
C TYR H 77 24.50 35.50 -1.13
N VAL H 78 24.88 35.42 -2.40
CA VAL H 78 23.96 35.64 -3.49
C VAL H 78 22.76 34.71 -3.39
N GLU H 79 22.97 33.44 -3.68
CA GLU H 79 21.90 32.43 -3.64
C GLU H 79 20.91 32.57 -2.49
N THR H 80 21.39 32.85 -1.29
CA THR H 80 20.50 32.99 -0.13
C THR H 80 19.69 34.28 -0.27
N ALA H 81 20.03 35.06 -1.28
CA ALA H 81 19.35 36.32 -1.55
C ALA H 81 18.42 36.15 -2.74
N ARG H 82 18.95 35.64 -3.85
CA ARG H 82 18.16 35.42 -5.04
C ARG H 82 16.88 34.65 -4.71
N ASN H 83 17.00 33.70 -3.79
CA ASN H 83 15.85 32.90 -3.37
C ASN H 83 14.78 33.74 -2.67
N THR H 84 15.20 34.86 -2.11
CA THR H 84 14.26 35.73 -1.43
C THR H 84 13.71 36.76 -2.39
N ILE H 85 14.44 37.03 -3.47
CA ILE H 85 13.97 38.00 -4.45
C ILE H 85 12.92 37.35 -5.33
N ASP H 86 13.18 36.10 -5.75
CA ASP H 86 12.27 35.37 -6.62
C ASP H 86 10.86 35.19 -6.06
N TYR H 87 10.61 35.66 -4.83
CA TYR H 87 9.28 35.57 -4.26
C TYR H 87 8.64 36.94 -4.51
N PHE H 88 9.47 37.97 -4.54
CA PHE H 88 9.02 39.33 -4.77
C PHE H 88 8.77 39.53 -6.26
N VAL H 89 9.60 38.89 -7.07
CA VAL H 89 9.43 38.97 -8.51
C VAL H 89 8.05 38.37 -8.76
N ASP H 90 7.95 37.04 -8.70
CA ASP H 90 6.69 36.30 -8.92
C ASP H 90 5.52 36.93 -8.18
N PHE H 91 5.82 37.86 -7.28
CA PHE H 91 4.78 38.56 -6.54
C PHE H 91 4.33 39.75 -7.35
N VAL H 92 5.20 40.75 -7.41
CA VAL H 92 4.92 41.97 -8.14
C VAL H 92 4.16 41.70 -9.45
N ASP H 93 4.60 40.68 -10.20
CA ASP H 93 3.96 40.33 -11.48
C ASP H 93 2.47 40.20 -11.17
N ASN H 94 2.13 39.28 -10.27
CA ASN H 94 0.76 39.04 -9.86
C ASN H 94 0.11 40.29 -9.27
N VAL H 95 0.91 41.31 -8.96
CA VAL H 95 0.36 42.53 -8.39
C VAL H 95 0.03 43.50 -9.51
N CYS H 96 1.00 43.75 -10.38
CA CYS H 96 0.79 44.64 -11.50
C CYS H 96 -0.46 44.20 -12.24
N MET H 97 -0.39 42.98 -12.75
CA MET H 97 -1.47 42.39 -13.51
C MET H 97 -2.86 42.64 -12.87
N ASP H 98 -2.97 42.47 -11.56
CA ASP H 98 -4.25 42.65 -10.86
C ASP H 98 -4.85 44.05 -10.98
N GLU H 99 -4.01 45.09 -10.92
CA GLU H 99 -4.50 46.47 -11.02
C GLU H 99 -4.35 46.97 -12.46
N MET H 100 -3.97 46.08 -13.36
CA MET H 100 -3.81 46.41 -14.77
C MET H 100 -4.99 45.91 -15.58
N VAL H 101 -6.14 45.73 -14.94
CA VAL H 101 -7.31 45.25 -15.67
C VAL H 101 -8.55 45.93 -15.17
N ARG H 102 -8.51 46.38 -13.92
CA ARG H 102 -9.64 47.06 -13.31
C ARG H 102 -9.68 48.52 -13.79
N GLU H 103 -10.87 48.98 -14.14
CA GLU H 103 -11.08 50.34 -14.65
C GLU H 103 -12.17 51.07 -13.84
N SER H 104 -12.25 52.41 -13.96
CA SER H 104 -13.25 53.17 -13.21
C SER H 104 -13.55 54.57 -13.80
N GLN H 105 -14.83 54.83 -14.09
CA GLN H 105 -15.25 56.13 -14.64
C GLN H 105 -15.38 57.20 -13.54
N ARG H 106 -15.90 56.82 -12.37
CA ARG H 106 -16.05 57.74 -11.24
C ARG H 106 -14.66 58.25 -10.85
N ASN H 107 -13.70 57.88 -11.70
CA ASN H 107 -12.27 58.21 -11.64
C ASN H 107 -11.40 56.97 -11.52
N GLY H 108 -10.56 56.76 -12.53
CA GLY H 108 -9.68 55.61 -12.55
C GLY H 108 -8.23 55.95 -12.22
N ILE H 109 -7.94 57.25 -12.21
CA ILE H 109 -6.58 57.73 -11.91
C ILE H 109 -6.25 57.45 -10.44
N ALA H 110 -6.79 56.34 -9.93
CA ALA H 110 -6.55 55.97 -8.55
C ALA H 110 -6.52 54.45 -8.35
N PRO H 111 -6.03 54.00 -7.19
CA PRO H 111 -5.93 52.58 -6.87
C PRO H 111 -7.32 51.92 -6.87
N GLN H 112 -7.38 50.68 -7.36
CA GLN H 112 -8.64 49.95 -7.43
C GLN H 112 -8.61 48.61 -6.66
N SER H 113 -7.61 47.79 -6.97
CA SER H 113 -7.42 46.46 -6.37
C SER H 113 -7.23 46.38 -4.86
N ASP H 114 -7.68 45.27 -4.28
CA ASP H 114 -7.55 45.04 -2.84
C ASP H 114 -6.08 44.92 -2.49
N SER H 115 -5.25 44.83 -3.52
CA SER H 115 -3.82 44.72 -3.35
C SER H 115 -3.23 46.10 -3.20
N LEU H 116 -3.54 46.98 -4.16
CA LEU H 116 -3.01 48.33 -4.13
C LEU H 116 -3.70 49.29 -3.15
N ARG H 117 -5.03 49.22 -3.04
CA ARG H 117 -5.75 50.11 -2.11
C ARG H 117 -5.07 50.05 -0.75
N LYS H 118 -4.39 48.94 -0.47
CA LYS H 118 -3.70 48.74 0.81
C LYS H 118 -2.27 49.29 0.77
N LEU H 119 -1.74 49.47 -0.44
CA LEU H 119 -0.38 49.98 -0.62
C LEU H 119 -0.27 51.48 -0.41
N SER H 120 -1.28 52.20 -0.90
CA SER H 120 -1.28 53.65 -0.75
C SER H 120 -1.37 53.98 0.74
N GLY H 121 -1.62 52.96 1.55
CA GLY H 121 -1.70 53.15 2.99
C GLY H 121 -0.49 53.94 3.44
N LEU H 122 -0.59 54.59 4.59
CA LEU H 122 0.52 55.41 5.09
C LEU H 122 1.72 54.63 5.62
N LYS H 123 1.47 53.60 6.42
CA LYS H 123 2.54 52.78 7.01
C LYS H 123 3.51 52.16 6.00
N PHE H 124 3.18 52.24 4.71
CA PHE H 124 4.02 51.66 3.65
C PHE H 124 4.89 52.70 2.96
N LYS H 125 4.45 53.96 3.04
CA LYS H 125 5.15 55.05 2.39
C LYS H 125 6.65 55.07 2.71
N ARG H 126 7.07 54.32 3.72
CA ARG H 126 8.49 54.26 4.10
C ARG H 126 9.31 53.48 3.08
N ILE H 127 9.20 53.78 1.79
CA ILE H 127 9.95 53.00 0.81
C ILE H 127 10.52 53.69 -0.44
N ASN H 128 9.79 54.66 -0.97
CA ASN H 128 10.20 55.41 -2.18
C ASN H 128 11.71 55.65 -2.36
N PHE H 129 12.15 55.81 -3.61
CA PHE H 129 13.55 56.08 -3.94
C PHE H 129 13.90 55.99 -5.44
N ASP H 130 15.02 56.60 -5.83
CA ASP H 130 15.51 56.66 -7.23
C ASP H 130 14.40 56.64 -8.28
N ASN H 131 13.73 57.77 -8.46
CA ASN H 131 12.65 57.90 -9.44
C ASN H 131 13.18 58.49 -10.74
N SER H 132 14.11 57.82 -11.40
CA SER H 132 14.63 58.33 -12.66
C SER H 132 14.00 57.63 -13.86
N SER H 133 12.95 56.85 -13.63
CA SER H 133 12.27 56.14 -14.71
C SER H 133 11.24 57.04 -15.37
N GLU H 134 11.65 57.61 -16.50
CA GLU H 134 10.84 58.53 -17.29
C GLU H 134 9.36 58.60 -16.94
N TYR H 135 8.72 57.45 -16.74
CA TYR H 135 7.28 57.44 -16.43
C TYR H 135 6.83 57.87 -15.05
N ILE H 136 7.56 57.44 -14.03
CA ILE H 136 7.21 57.85 -12.70
C ILE H 136 7.53 59.34 -12.62
N GLU H 137 8.68 59.74 -13.17
CA GLU H 137 9.13 61.14 -13.19
C GLU H 137 7.92 61.99 -13.58
N ASN H 138 7.16 61.47 -14.54
CA ASN H 138 5.99 62.18 -15.01
C ASN H 138 4.74 61.92 -14.20
N TRP H 139 4.64 60.76 -13.56
CA TRP H 139 3.46 60.53 -12.76
C TRP H 139 3.40 61.60 -11.67
N ASN H 140 4.48 61.71 -10.88
CA ASN H 140 4.54 62.67 -9.79
C ASN H 140 4.15 64.09 -10.21
N LEU H 141 4.95 64.67 -11.11
CA LEU H 141 4.72 66.03 -11.60
C LEU H 141 3.27 66.30 -11.96
N GLN H 142 2.52 65.24 -12.22
CA GLN H 142 1.11 65.34 -12.59
C GLN H 142 0.18 65.37 -11.38
N ASN H 143 0.39 64.44 -10.46
CA ASN H 143 -0.45 64.36 -9.28
C ASN H 143 -0.24 65.56 -8.37
N ARG H 144 0.69 66.43 -8.75
CA ARG H 144 0.98 67.64 -8.00
C ARG H 144 0.32 68.79 -8.76
N ARG H 145 -0.16 68.49 -9.96
CA ARG H 145 -0.83 69.45 -10.85
C ARG H 145 0.14 70.43 -11.50
N GLN H 146 0.76 70.00 -12.60
CA GLN H 146 1.72 70.83 -13.34
C GLN H 146 2.07 70.21 -14.70
N ARG H 147 2.70 70.99 -15.58
CA ARG H 147 3.10 70.52 -16.91
C ARG H 147 3.92 69.23 -16.91
N THR H 148 3.40 68.22 -17.62
CA THR H 148 4.05 66.91 -17.74
C THR H 148 5.03 66.85 -18.92
N GLY H 149 4.99 65.75 -19.70
CA GLY H 149 5.88 65.62 -20.85
C GLY H 149 6.49 64.26 -21.13
N PHE H 150 6.40 63.78 -22.38
CA PHE H 150 6.95 62.47 -22.78
C PHE H 150 7.65 62.50 -24.16
N THR H 151 8.32 61.41 -24.53
CA THR H 151 9.05 61.32 -25.81
C THR H 151 8.58 60.20 -26.74
N PHE H 152 8.35 60.51 -28.01
CA PHE H 152 7.89 59.50 -28.98
C PHE H 152 8.44 59.59 -30.39
N HIS H 153 8.85 58.44 -30.94
CA HIS H 153 9.36 58.32 -32.30
C HIS H 153 8.21 57.76 -33.12
N LYS H 154 7.74 58.53 -34.10
CA LYS H 154 6.60 58.15 -34.95
C LYS H 154 5.37 57.91 -34.05
N PRO H 155 4.96 58.92 -33.23
CA PRO H 155 3.81 58.87 -32.32
C PRO H 155 2.53 58.37 -32.97
N ASN H 156 1.50 58.03 -32.19
CA ASN H 156 0.30 57.50 -32.84
C ASN H 156 -0.87 58.43 -32.50
N ILE H 157 -0.90 59.57 -33.17
CA ILE H 157 -1.87 60.61 -32.91
C ILE H 157 -3.09 60.62 -33.83
N PHE H 158 -2.95 60.07 -35.03
CA PHE H 158 -4.06 60.04 -35.97
C PHE H 158 -4.88 58.76 -35.98
N PRO H 159 -6.16 58.83 -35.61
CA PRO H 159 -6.95 57.60 -35.64
C PRO H 159 -7.02 57.22 -37.11
N TYR H 160 -7.06 55.92 -37.40
CA TYR H 160 -7.12 55.48 -38.78
C TYR H 160 -8.32 56.12 -39.47
N SER H 161 -8.09 56.70 -40.63
CA SER H 161 -9.16 57.30 -41.41
C SER H 161 -8.70 57.24 -42.85
N ALA H 162 -9.46 56.55 -43.68
CA ALA H 162 -9.12 56.44 -45.09
C ALA H 162 -10.42 56.73 -45.83
N SER H 163 -10.51 57.87 -46.51
CA SER H 163 -11.74 58.20 -47.22
C SER H 163 -11.52 59.22 -48.35
N PHE H 164 -12.61 59.77 -48.88
CA PHE H 164 -12.54 60.75 -49.95
C PHE H 164 -13.72 61.70 -49.85
N THR H 165 -13.64 62.81 -50.58
CA THR H 165 -14.72 63.77 -50.60
C THR H 165 -14.77 64.26 -52.02
N LEU H 166 -15.91 64.02 -52.67
CA LEU H 166 -16.10 64.45 -54.05
C LEU H 166 -16.74 65.84 -54.07
N ASN H 167 -15.97 66.84 -54.46
CA ASN H 167 -16.48 68.20 -54.52
C ASN H 167 -17.30 68.46 -55.80
N ARG H 168 -17.04 67.67 -56.84
CA ARG H 168 -17.79 67.73 -58.09
C ARG H 168 -17.90 66.28 -58.51
N SER H 169 -19.13 65.83 -58.71
CA SER H 169 -19.34 64.45 -59.13
C SER H 169 -20.66 64.40 -59.86
N GLN H 170 -20.88 63.29 -60.53
CA GLN H 170 -22.10 63.07 -61.27
C GLN H 170 -22.24 61.56 -61.31
N PRO H 171 -23.46 61.05 -61.54
CA PRO H 171 -23.74 59.62 -61.59
C PRO H 171 -22.70 58.74 -62.29
N ALA H 172 -22.27 59.13 -63.48
CA ALA H 172 -21.29 58.34 -64.23
C ALA H 172 -19.88 58.35 -63.59
N HIS H 173 -19.62 59.32 -62.72
CA HIS H 173 -18.31 59.47 -62.07
C HIS H 173 -17.23 59.49 -63.12
N ASP H 174 -17.44 60.29 -64.16
CA ASP H 174 -16.49 60.42 -65.25
C ASP H 174 -15.80 61.78 -65.29
N ASN H 175 -16.19 62.68 -64.38
CA ASN H 175 -15.57 63.99 -64.27
C ASN H 175 -15.66 64.50 -62.82
N LEU H 176 -14.86 63.86 -61.95
CA LEU H 176 -14.83 64.16 -60.53
C LEU H 176 -13.75 65.14 -60.15
N MET H 177 -13.92 65.75 -58.98
CA MET H 177 -12.95 66.66 -58.42
C MET H 177 -13.12 66.53 -56.91
N GLY H 178 -12.01 66.35 -56.19
CA GLY H 178 -12.10 66.20 -54.75
C GLY H 178 -10.78 65.75 -54.16
N THR H 179 -10.83 65.19 -52.96
CA THR H 179 -9.64 64.72 -52.31
C THR H 179 -9.87 63.35 -51.70
N MET H 180 -8.79 62.62 -51.52
CA MET H 180 -8.83 61.31 -50.87
C MET H 180 -7.59 61.29 -49.96
N TRP H 181 -7.69 60.59 -48.84
CA TRP H 181 -6.59 60.60 -47.90
C TRP H 181 -6.51 59.36 -47.05
N LEU H 182 -5.42 59.29 -46.29
CA LEU H 182 -5.17 58.24 -45.30
C LEU H 182 -4.45 58.96 -44.14
N ASN H 183 -5.13 59.03 -43.02
CA ASN H 183 -4.54 59.55 -41.78
C ASN H 183 -4.39 58.34 -40.88
N ALA H 184 -3.19 58.05 -40.45
CA ALA H 184 -2.98 56.87 -39.60
C ALA H 184 -1.66 56.99 -38.86
N GLY H 185 -1.73 56.84 -37.54
CA GLY H 185 -0.52 56.91 -36.74
C GLY H 185 0.08 58.30 -36.72
N SER H 186 1.27 58.39 -37.30
CA SER H 186 1.97 59.66 -37.35
C SER H 186 2.01 60.18 -38.79
N GLU H 187 1.28 59.55 -39.69
CA GLU H 187 1.33 59.94 -41.09
C GLU H 187 0.03 60.36 -41.74
N ILE H 188 0.16 61.27 -42.70
CA ILE H 188 -0.96 61.78 -43.47
C ILE H 188 -0.53 61.77 -44.93
N GLN H 189 -1.39 61.23 -45.80
CA GLN H 189 -1.15 61.30 -47.24
C GLN H 189 -2.47 61.82 -47.77
N VAL H 190 -2.43 62.83 -48.62
CA VAL H 190 -3.64 63.37 -49.18
C VAL H 190 -3.41 63.75 -50.63
N ALA H 191 -4.38 63.44 -51.48
CA ALA H 191 -4.31 63.77 -52.89
C ALA H 191 -5.53 64.54 -53.29
N GLY H 192 -5.33 65.49 -54.18
CA GLY H 192 -6.41 66.29 -54.74
C GLY H 192 -6.42 65.90 -56.21
N PHE H 193 -7.60 65.56 -56.73
CA PHE H 193 -7.75 65.17 -58.12
C PHE H 193 -8.81 66.03 -58.83
N ASP H 194 -8.61 66.26 -60.12
CA ASP H 194 -9.53 67.04 -60.95
C ASP H 194 -9.50 66.38 -62.31
N TYR H 195 -10.51 65.58 -62.63
CA TYR H 195 -10.57 64.87 -63.91
C TYR H 195 -10.46 65.82 -65.11
N SER H 196 -10.95 67.05 -64.97
CA SER H 196 -10.91 68.03 -66.05
C SER H 196 -9.57 68.79 -66.19
N CYS H 197 -8.62 68.54 -65.29
CA CYS H 197 -7.32 69.21 -65.29
C CYS H 197 -7.49 70.73 -65.31
N ALA H 198 -8.44 71.21 -64.52
CA ALA H 198 -8.73 72.62 -64.38
C ALA H 198 -8.98 73.37 -65.71
N ILE H 199 -9.52 72.66 -66.71
CA ILE H 199 -9.80 73.21 -68.04
C ILE H 199 -10.73 74.46 -68.01
N ASN H 200 -11.73 74.44 -67.12
CA ASN H 200 -12.68 75.54 -66.96
C ASN H 200 -12.53 76.23 -65.62
N ALA H 201 -11.42 75.98 -64.93
CA ALA H 201 -11.21 76.62 -63.63
C ALA H 201 -10.53 77.99 -63.74
N PRO H 202 -10.88 78.93 -62.85
CA PRO H 202 -10.29 80.27 -62.83
C PRO H 202 -8.77 80.15 -62.70
N ALA H 203 -8.06 80.78 -63.64
CA ALA H 203 -6.60 80.75 -63.68
C ALA H 203 -6.11 79.32 -63.93
N ASN H 204 -7.00 78.45 -64.41
CA ASN H 204 -6.68 77.05 -64.68
C ASN H 204 -6.03 76.40 -63.48
N THR H 205 -6.52 76.76 -62.30
CA THR H 205 -5.99 76.25 -61.05
C THR H 205 -7.14 75.76 -60.15
N GLN H 206 -7.01 74.55 -59.61
CA GLN H 206 -8.00 74.02 -58.71
C GLN H 206 -7.36 73.97 -57.33
N GLN H 207 -8.01 74.57 -56.35
CA GLN H 207 -7.50 74.59 -54.98
C GLN H 207 -7.94 73.35 -54.21
N PHE H 208 -7.07 72.84 -53.35
CA PHE H 208 -7.38 71.70 -52.49
C PHE H 208 -6.97 72.04 -51.06
N GLU H 209 -7.52 71.32 -50.12
CA GLU H 209 -7.20 71.57 -48.75
C GLU H 209 -7.51 70.32 -47.93
N HIS H 210 -6.68 70.03 -46.93
CA HIS H 210 -6.90 68.88 -46.08
C HIS H 210 -6.60 69.36 -44.66
N ILE H 211 -7.58 69.21 -43.77
CA ILE H 211 -7.41 69.62 -42.37
C ILE H 211 -7.50 68.41 -41.45
N VAL H 212 -6.56 68.32 -40.51
CA VAL H 212 -6.54 67.21 -39.57
C VAL H 212 -6.44 67.81 -38.17
N GLN H 213 -7.42 67.46 -37.34
CA GLN H 213 -7.48 67.94 -35.97
C GLN H 213 -6.97 66.90 -34.99
N LEU H 214 -5.87 67.20 -34.29
CA LEU H 214 -5.31 66.25 -33.35
C LEU H 214 -6.16 66.24 -32.09
N ARG H 215 -6.24 65.10 -31.42
CA ARG H 215 -7.02 64.99 -30.20
C ARG H 215 -6.21 65.53 -29.02
N ARG H 216 -4.90 65.68 -29.21
CA ARG H 216 -4.03 66.22 -28.18
C ARG H 216 -3.00 67.08 -28.92
N VAL H 217 -2.52 68.11 -28.23
CA VAL H 217 -1.52 69.00 -28.78
C VAL H 217 -0.17 68.28 -28.80
N LEU H 218 0.57 68.48 -29.88
CA LEU H 218 1.89 67.94 -29.97
C LEU H 218 2.80 69.15 -29.97
N THR H 219 3.92 69.05 -29.25
CA THR H 219 4.89 70.12 -29.22
C THR H 219 6.23 69.53 -29.70
N THR H 220 7.15 70.42 -30.07
CA THR H 220 8.50 70.03 -30.50
C THR H 220 8.53 68.86 -31.51
N ALA H 221 7.63 68.91 -32.49
CA ALA H 221 7.55 67.90 -33.55
C ALA H 221 8.53 68.13 -34.70
N THR H 222 9.25 67.05 -35.02
CA THR H 222 10.15 67.03 -36.19
C THR H 222 9.37 66.29 -37.27
N ILE H 223 9.15 66.99 -38.36
CA ILE H 223 8.27 66.48 -39.41
C ILE H 223 8.89 66.42 -40.81
N THR H 224 8.57 65.37 -41.55
CA THR H 224 9.03 65.20 -42.93
C THR H 224 7.83 65.52 -43.80
N LEU H 225 7.99 66.43 -44.75
CA LEU H 225 6.92 66.82 -45.66
C LEU H 225 7.48 66.59 -47.03
N LEU H 226 6.77 65.83 -47.85
CA LEU H 226 7.22 65.53 -49.20
C LEU H 226 6.09 65.73 -50.18
N PRO H 227 6.41 66.13 -51.41
CA PRO H 227 5.34 66.31 -52.39
C PRO H 227 4.95 64.92 -52.86
N ASP H 228 3.72 64.79 -53.36
CA ASP H 228 3.16 63.54 -53.88
C ASP H 228 2.60 62.61 -52.81
N ALA H 229 1.54 61.89 -53.16
CA ALA H 229 0.92 60.92 -52.28
C ALA H 229 0.98 59.61 -53.06
N GLU H 230 2.03 58.84 -52.86
CA GLU H 230 2.22 57.58 -53.58
C GLU H 230 1.02 56.64 -53.44
N ARG H 231 0.43 56.64 -52.26
CA ARG H 231 -0.72 55.81 -51.98
C ARG H 231 -1.90 56.09 -52.94
N PHE H 232 -1.97 57.30 -53.48
CA PHE H 232 -3.07 57.66 -54.37
C PHE H 232 -2.55 58.02 -55.76
N SER H 233 -1.51 57.32 -56.17
CA SER H 233 -0.92 57.58 -57.47
C SER H 233 -1.14 56.46 -58.44
N PHE H 234 -1.93 55.48 -58.03
CA PHE H 234 -2.20 54.35 -58.92
C PHE H 234 -3.71 54.17 -59.22
N PRO H 235 -4.04 53.46 -60.30
CA PRO H 235 -5.42 53.21 -60.71
C PRO H 235 -6.22 52.48 -59.67
N ARG H 236 -7.42 52.96 -59.45
CA ARG H 236 -8.29 52.37 -58.45
C ARG H 236 -9.73 52.33 -58.94
N VAL H 237 -10.42 51.36 -58.40
CA VAL H 237 -11.86 51.22 -58.56
C VAL H 237 -12.37 51.37 -57.13
N ILE H 238 -13.14 52.41 -56.93
CA ILE H 238 -13.58 52.78 -55.59
C ILE H 238 -15.10 52.75 -55.44
N ASN H 239 -15.59 52.53 -54.23
CA ASN H 239 -17.02 52.52 -54.01
C ASN H 239 -17.49 53.97 -53.98
N SER H 240 -18.69 54.20 -54.49
CA SER H 240 -19.27 55.54 -54.51
C SER H 240 -19.62 55.94 -53.08
N ALA H 241 -19.82 57.22 -52.84
CA ALA H 241 -20.16 57.70 -51.50
C ALA H 241 -21.35 56.96 -50.87
N ASP H 242 -22.38 56.68 -51.67
CA ASP H 242 -23.59 55.99 -51.19
C ASP H 242 -23.51 54.46 -51.22
N GLY H 243 -22.37 53.94 -51.66
CA GLY H 243 -22.17 52.51 -51.73
C GLY H 243 -22.93 51.80 -52.82
N ALA H 244 -23.67 52.55 -53.64
CA ALA H 244 -24.47 51.97 -54.71
C ALA H 244 -23.72 51.51 -55.96
N THR H 245 -22.52 52.03 -56.20
CA THR H 245 -21.76 51.65 -57.39
C THR H 245 -20.25 51.89 -57.19
N THR H 246 -19.46 51.73 -58.25
CA THR H 246 -18.02 51.93 -58.17
C THR H 246 -17.54 52.85 -59.29
N TRP H 247 -16.58 53.72 -58.97
CA TRP H 247 -15.99 54.65 -59.92
C TRP H 247 -14.53 54.30 -60.21
N TYR H 248 -14.02 54.82 -61.32
CA TYR H 248 -12.65 54.56 -61.73
C TYR H 248 -11.74 55.78 -61.56
N PHE H 249 -10.60 55.57 -60.91
CA PHE H 249 -9.63 56.63 -60.69
C PHE H 249 -8.37 56.19 -61.44
N ASN H 250 -7.96 56.99 -62.39
CA ASN H 250 -6.80 56.70 -63.22
C ASN H 250 -5.84 57.90 -63.15
N PRO H 251 -5.11 58.08 -62.04
CA PRO H 251 -4.26 59.25 -61.84
C PRO H 251 -3.03 59.33 -62.72
N VAL H 252 -2.69 60.59 -62.95
CA VAL H 252 -1.44 61.06 -63.58
C VAL H 252 -1.02 62.21 -62.66
N ILE H 253 0.21 62.16 -62.20
CA ILE H 253 0.65 63.09 -61.14
C ILE H 253 1.41 64.31 -61.62
N LEU H 254 1.05 65.46 -61.05
CA LEU H 254 1.69 66.75 -61.36
C LEU H 254 2.20 67.28 -60.01
N ARG H 255 3.16 68.20 -60.04
CA ARG H 255 3.67 68.72 -58.78
C ARG H 255 2.65 69.59 -58.11
N PRO H 256 2.51 69.44 -56.79
CA PRO H 256 1.54 70.28 -56.10
C PRO H 256 2.05 71.72 -56.17
N ASN H 257 1.14 72.62 -56.53
CA ASN H 257 1.39 74.04 -56.70
C ASN H 257 0.95 74.86 -55.47
N ASN H 258 1.74 75.85 -55.08
CA ASN H 258 1.44 76.71 -53.91
C ASN H 258 1.13 75.97 -52.63
N VAL H 259 2.01 75.03 -52.30
CA VAL H 259 1.85 74.23 -51.12
C VAL H 259 2.04 75.12 -49.89
N GLU H 260 1.11 75.01 -48.95
CA GLU H 260 1.19 75.75 -47.70
C GLU H 260 0.73 74.87 -46.57
N VAL H 261 1.61 74.63 -45.60
CA VAL H 261 1.27 73.81 -44.45
C VAL H 261 1.17 74.72 -43.26
N GLU H 262 0.07 74.64 -42.55
CA GLU H 262 -0.08 75.45 -41.35
C GLU H 262 -0.31 74.54 -40.16
N PHE H 263 0.41 74.81 -39.09
CA PHE H 263 0.29 74.08 -37.84
C PHE H 263 -0.36 75.11 -36.95
N LEU H 264 -1.61 74.88 -36.60
CA LEU H 264 -2.36 75.81 -35.80
C LEU H 264 -2.60 75.33 -34.40
N LEU H 265 -2.80 76.28 -33.51
CA LEU H 265 -3.08 75.99 -32.12
C LEU H 265 -4.26 76.86 -31.77
N ASN H 266 -5.39 76.25 -31.44
CA ASN H 266 -6.60 77.01 -31.09
C ASN H 266 -6.96 78.04 -32.16
N GLY H 267 -6.82 77.64 -33.43
CA GLY H 267 -7.18 78.54 -34.52
C GLY H 267 -6.11 79.49 -34.96
N GLN H 268 -5.04 79.59 -34.18
CA GLN H 268 -3.94 80.49 -34.53
C GLN H 268 -2.82 79.77 -35.26
N ILE H 269 -2.26 80.41 -36.28
CA ILE H 269 -1.14 79.83 -37.00
C ILE H 269 0.10 79.96 -36.10
N ILE H 270 0.71 78.83 -35.77
CA ILE H 270 1.91 78.84 -34.94
C ILE H 270 3.08 78.68 -35.90
N ASN H 271 2.95 77.79 -36.87
CA ASN H 271 4.02 77.59 -37.86
C ASN H 271 3.38 77.52 -39.24
N THR H 272 4.04 78.10 -40.22
CA THR H 272 3.56 78.05 -41.58
C THR H 272 4.76 77.86 -42.49
N TYR H 273 4.61 76.97 -43.46
CA TYR H 273 5.66 76.64 -44.42
C TYR H 273 5.09 76.67 -45.83
N GLN H 274 5.74 77.42 -46.71
CA GLN H 274 5.30 77.55 -48.08
C GLN H 274 6.19 76.76 -48.96
N ALA H 275 5.66 75.68 -49.51
CA ALA H 275 6.40 74.85 -50.44
C ALA H 275 7.76 74.37 -49.94
N ARG H 276 7.87 74.10 -48.65
CA ARG H 276 9.12 73.63 -48.12
C ARG H 276 9.08 72.14 -47.85
N PHE H 277 9.75 71.36 -48.68
CA PHE H 277 9.77 69.91 -48.52
C PHE H 277 11.05 69.48 -47.83
N GLY H 278 10.98 68.38 -47.08
CA GLY H 278 12.14 67.93 -46.34
C GLY H 278 11.77 67.96 -44.87
N THR H 279 12.70 68.37 -44.02
CA THR H 279 12.44 68.41 -42.59
C THR H 279 12.06 69.80 -42.08
N ILE H 280 10.90 69.87 -41.42
CA ILE H 280 10.39 71.12 -40.85
C ILE H 280 9.99 70.88 -39.38
N ILE H 281 10.03 71.94 -38.58
CA ILE H 281 9.67 71.87 -37.16
C ILE H 281 8.30 72.54 -36.87
N ALA H 282 7.43 71.87 -36.14
CA ALA H 282 6.14 72.42 -35.76
C ALA H 282 6.24 72.41 -34.23
N ARG H 283 6.35 73.56 -33.63
CA ARG H 283 6.67 73.59 -32.19
C ARG H 283 5.49 73.43 -31.20
N ASN H 284 4.26 73.61 -31.65
CA ASN H 284 3.10 73.53 -30.73
C ASN H 284 1.85 73.66 -31.57
N PHE H 285 1.08 72.58 -31.70
CA PHE H 285 -0.10 72.64 -32.55
C PHE H 285 -1.11 71.55 -32.21
N ASP H 286 -2.38 71.81 -32.53
CA ASP H 286 -3.45 70.84 -32.31
C ASP H 286 -4.16 70.61 -33.63
N THR H 287 -3.69 71.26 -34.70
CA THR H 287 -4.30 71.12 -36.01
C THR H 287 -3.28 71.30 -37.11
N ILE H 288 -3.43 70.53 -38.18
CA ILE H 288 -2.57 70.66 -39.33
C ILE H 288 -3.49 70.95 -40.51
N ARG H 289 -3.11 71.94 -41.31
CA ARG H 289 -3.89 72.27 -42.48
C ARG H 289 -2.96 72.26 -43.68
N LEU H 290 -3.26 71.41 -44.66
CA LEU H 290 -2.45 71.32 -45.86
C LEU H 290 -3.26 71.89 -47.02
N SER H 291 -2.74 72.93 -47.67
CA SER H 291 -3.41 73.55 -48.81
C SER H 291 -2.46 73.39 -49.97
N PHE H 292 -2.99 72.99 -51.11
CA PHE H 292 -2.20 72.76 -52.31
C PHE H 292 -3.12 72.89 -53.52
N GLN H 293 -2.53 73.13 -54.68
CA GLN H 293 -3.30 73.33 -55.90
C GLN H 293 -2.83 72.49 -57.05
N LEU H 294 -3.72 72.31 -58.02
CA LEU H 294 -3.42 71.63 -59.25
C LEU H 294 -3.47 72.77 -60.25
N MET H 295 -2.39 73.02 -60.96
CA MET H 295 -2.44 74.06 -61.95
C MET H 295 -2.27 73.41 -63.30
N ARG H 296 -3.23 73.64 -64.20
CA ARG H 296 -3.12 73.06 -65.54
C ARG H 296 -1.82 73.56 -66.17
N PRO H 297 -0.98 72.66 -66.69
CA PRO H 297 0.28 73.07 -67.31
C PRO H 297 0.02 74.06 -68.46
N PRO H 298 0.59 75.26 -68.38
CA PRO H 298 0.37 76.24 -69.45
C PRO H 298 1.02 75.83 -70.78
N ASN H 299 2.08 75.03 -70.72
CA ASN H 299 2.78 74.55 -71.91
C ASN H 299 2.88 73.06 -71.84
N MET H 300 2.45 72.39 -72.90
CA MET H 300 2.43 70.94 -72.93
C MET H 300 3.01 70.32 -74.18
N THR H 301 3.89 69.34 -74.04
CA THR H 301 4.40 68.65 -75.22
C THR H 301 3.21 67.84 -75.74
N PRO H 302 3.25 67.36 -76.99
CA PRO H 302 2.15 66.58 -77.55
C PRO H 302 1.65 65.44 -76.65
N ALA H 303 2.59 64.66 -76.12
CA ALA H 303 2.26 63.52 -75.25
C ALA H 303 1.45 63.97 -74.05
N VAL H 304 1.77 65.14 -73.50
CA VAL H 304 1.06 65.67 -72.35
C VAL H 304 -0.30 66.22 -72.79
N ALA H 305 -0.28 67.02 -73.85
CA ALA H 305 -1.50 67.64 -74.39
C ALA H 305 -2.59 66.58 -74.64
N ALA H 306 -2.15 65.41 -75.11
CA ALA H 306 -3.02 64.28 -75.41
C ALA H 306 -3.78 63.71 -74.21
N LEU H 307 -3.25 63.94 -73.01
CA LEU H 307 -3.86 63.42 -71.80
C LEU H 307 -4.98 64.30 -71.35
N PHE H 308 -4.90 65.58 -71.70
CA PHE H 308 -5.85 66.61 -71.28
C PHE H 308 -6.62 67.34 -72.38
N PRO H 309 -7.67 66.70 -72.94
CA PRO H 309 -8.50 67.26 -74.01
C PRO H 309 -9.40 68.39 -73.52
N ASN H 310 -9.97 69.14 -74.46
CA ASN H 310 -10.86 70.23 -74.09
C ASN H 310 -12.25 69.73 -73.73
N ALA H 311 -12.56 68.51 -74.16
CA ALA H 311 -13.85 67.92 -73.90
C ALA H 311 -13.73 66.49 -73.40
N GLN H 312 -14.74 66.04 -72.66
CA GLN H 312 -14.78 64.67 -72.15
C GLN H 312 -14.83 63.75 -73.36
N PRO H 313 -14.52 62.45 -73.18
CA PRO H 313 -14.13 61.79 -71.92
C PRO H 313 -12.75 62.17 -71.37
N PHE H 314 -12.70 62.32 -70.05
CA PHE H 314 -11.44 62.64 -69.37
C PHE H 314 -10.90 61.28 -68.92
N GLU H 315 -9.86 60.81 -69.58
CA GLU H 315 -9.32 59.50 -69.28
C GLU H 315 -8.08 59.43 -68.40
N HIS H 316 -7.39 60.54 -68.25
CA HIS H 316 -6.22 60.62 -67.40
C HIS H 316 -6.60 61.68 -66.40
N HIS H 317 -6.58 61.31 -65.13
CA HIS H 317 -7.00 62.20 -64.07
C HIS H 317 -5.90 62.92 -63.29
N ALA H 318 -5.74 64.21 -63.57
CA ALA H 318 -4.73 65.05 -62.93
C ALA H 318 -4.84 64.99 -61.42
N THR H 319 -3.72 64.66 -60.79
CA THR H 319 -3.65 64.51 -59.35
C THR H 319 -2.39 65.13 -58.76
N VAL H 320 -2.56 65.83 -57.65
CA VAL H 320 -1.45 66.46 -56.92
C VAL H 320 -1.58 65.96 -55.48
N GLY H 321 -0.48 65.79 -54.76
CA GLY H 321 -0.58 65.31 -53.40
C GLY H 321 0.56 65.72 -52.48
N LEU H 322 0.43 65.34 -51.21
CA LEU H 322 1.41 65.64 -50.18
C LEU H 322 1.49 64.48 -49.21
N THR H 323 2.65 64.32 -48.59
CA THR H 323 2.87 63.28 -47.60
C THR H 323 3.53 63.98 -46.42
N LEU H 324 2.99 63.78 -45.22
CA LEU H 324 3.52 64.41 -44.02
C LEU H 324 3.71 63.34 -42.95
N ARG H 325 4.90 63.25 -42.37
CA ARG H 325 5.15 62.28 -41.31
C ARG H 325 5.77 62.91 -40.07
N ILE H 326 5.17 62.66 -38.91
CA ILE H 326 5.68 63.21 -37.67
C ILE H 326 6.68 62.18 -37.15
N GLU H 327 7.98 62.47 -37.31
CA GLU H 327 9.02 61.54 -36.85
C GLU H 327 9.08 61.46 -35.33
N SER H 328 9.05 62.60 -34.66
CA SER H 328 9.11 62.63 -33.21
C SER H 328 8.36 63.86 -32.74
N ALA H 329 7.91 63.80 -31.49
CA ALA H 329 7.19 64.91 -30.88
C ALA H 329 7.05 64.65 -29.39
N VAL H 330 6.64 65.69 -28.67
CA VAL H 330 6.41 65.57 -27.26
C VAL H 330 4.91 65.80 -27.04
N CYS H 331 4.32 65.05 -26.12
CA CYS H 331 2.90 65.26 -25.82
C CYS H 331 2.76 65.26 -24.30
N GLU H 332 1.87 66.11 -23.82
CA GLU H 332 1.61 66.17 -22.40
C GLU H 332 0.78 64.97 -21.94
N SER H 333 0.13 64.27 -22.88
CA SER H 333 -0.69 63.08 -22.58
C SER H 333 0.00 61.83 -23.10
N VAL H 334 -0.19 60.69 -22.42
CA VAL H 334 0.42 59.47 -22.92
C VAL H 334 -0.24 59.12 -24.26
N LEU H 335 0.54 58.51 -25.15
CA LEU H 335 0.05 58.08 -26.46
C LEU H 335 0.83 56.85 -26.80
N ALA H 336 0.32 56.10 -27.77
CA ALA H 336 1.05 54.96 -28.28
C ALA H 336 2.00 55.58 -29.33
N ASP H 337 3.14 54.94 -29.58
CA ASP H 337 4.07 55.41 -30.62
C ASP H 337 4.72 54.17 -31.26
N ALA H 338 5.75 54.35 -32.10
CA ALA H 338 6.37 53.21 -32.77
C ALA H 338 7.49 52.51 -32.02
N SER H 339 7.81 52.97 -30.81
CA SER H 339 8.89 52.38 -30.04
C SER H 339 8.54 51.81 -28.68
N GLU H 340 7.65 52.48 -27.95
CA GLU H 340 7.27 52.03 -26.63
C GLU H 340 6.32 50.85 -26.65
N THR H 341 6.49 49.95 -25.69
CA THR H 341 5.69 48.74 -25.60
C THR H 341 4.52 48.83 -24.65
N MET H 342 4.29 50.01 -24.04
CA MET H 342 3.20 50.17 -23.08
C MET H 342 1.83 49.72 -23.54
N LEU H 343 1.35 50.27 -24.65
CA LEU H 343 0.04 49.88 -25.14
C LEU H 343 0.01 48.37 -25.34
N ALA H 344 1.05 47.83 -25.99
CA ALA H 344 1.12 46.39 -26.26
C ALA H 344 1.14 45.57 -24.97
N ASN H 345 1.83 46.05 -23.92
CA ASN H 345 1.90 45.34 -22.64
C ASN H 345 0.53 45.24 -21.99
N VAL H 346 -0.15 46.38 -21.89
CA VAL H 346 -1.47 46.46 -21.29
C VAL H 346 -2.46 45.61 -22.08
N THR H 347 -2.44 45.79 -23.39
CA THR H 347 -3.34 45.04 -24.26
C THR H 347 -3.06 43.55 -24.16
N SER H 348 -1.78 43.18 -24.12
CA SER H 348 -1.39 41.78 -24.04
C SER H 348 -1.78 41.12 -22.73
N VAL H 349 -1.58 41.80 -21.60
CA VAL H 349 -1.95 41.18 -20.32
C VAL H 349 -3.45 40.96 -20.28
N ARG H 350 -4.23 41.95 -20.72
CA ARG H 350 -5.68 41.81 -20.73
C ARG H 350 -6.16 40.66 -21.63
N GLN H 351 -5.55 40.52 -22.81
CA GLN H 351 -5.90 39.46 -23.75
C GLN H 351 -5.54 38.07 -23.20
N GLU H 352 -4.33 37.94 -22.67
CA GLU H 352 -3.88 36.66 -22.14
C GLU H 352 -4.79 36.15 -21.01
N TYR H 353 -5.22 37.04 -20.12
CA TYR H 353 -6.06 36.62 -19.01
C TYR H 353 -7.54 36.77 -19.25
N ALA H 354 -7.93 36.88 -20.51
CA ALA H 354 -9.35 36.97 -20.87
C ALA H 354 -10.12 37.98 -20.01
N ILE H 355 -9.53 39.17 -19.81
CA ILE H 355 -10.17 40.21 -19.02
C ILE H 355 -11.40 40.73 -19.76
N PRO H 356 -12.57 40.74 -19.10
CA PRO H 356 -13.82 41.22 -19.71
C PRO H 356 -13.74 42.72 -20.08
N VAL H 357 -14.48 43.14 -21.10
CA VAL H 357 -14.51 44.55 -21.49
C VAL H 357 -15.04 45.31 -20.29
N GLY H 358 -14.44 46.46 -20.00
CA GLY H 358 -14.87 47.24 -18.85
C GLY H 358 -15.63 48.48 -19.27
N PRO H 359 -15.89 49.39 -18.35
CA PRO H 359 -16.63 50.62 -18.66
C PRO H 359 -15.82 51.77 -19.26
N VAL H 360 -14.49 51.70 -19.21
CA VAL H 360 -13.67 52.80 -19.72
C VAL H 360 -13.08 52.60 -21.11
N PHE H 361 -12.29 51.54 -21.26
CA PHE H 361 -11.60 51.27 -22.53
C PHE H 361 -12.42 50.57 -23.62
N PRO H 362 -12.16 50.91 -24.91
CA PRO H 362 -12.90 50.24 -25.99
C PRO H 362 -12.50 48.79 -26.03
N PRO H 363 -13.36 47.93 -26.60
CA PRO H 363 -13.01 46.51 -26.69
C PRO H 363 -11.61 46.33 -27.34
N GLY H 364 -10.82 45.47 -26.72
CA GLY H 364 -9.48 45.17 -27.19
C GLY H 364 -8.47 46.29 -27.05
N MET H 365 -8.78 47.32 -26.28
CA MET H 365 -7.91 48.47 -26.11
C MET H 365 -7.65 49.05 -27.50
N ASN H 366 -8.63 48.94 -28.42
CA ASN H 366 -8.45 49.41 -29.80
C ASN H 366 -7.93 50.85 -29.87
N TRP H 367 -6.75 51.03 -30.46
CA TRP H 367 -6.15 52.35 -30.49
C TRP H 367 -6.98 53.37 -31.22
N THR H 368 -7.42 53.06 -32.43
CA THR H 368 -8.22 54.03 -33.16
C THR H 368 -9.42 54.50 -32.32
N ASP H 369 -10.17 53.57 -31.75
CA ASP H 369 -11.33 53.93 -30.94
C ASP H 369 -10.92 54.77 -29.75
N LEU H 370 -9.83 54.38 -29.11
CA LEU H 370 -9.36 55.11 -27.94
C LEU H 370 -9.00 56.56 -28.25
N ILE H 371 -8.14 56.77 -29.24
CA ILE H 371 -7.71 58.11 -29.60
C ILE H 371 -8.84 58.94 -30.22
N THR H 372 -9.81 58.31 -30.87
CA THR H 372 -10.93 59.04 -31.46
C THR H 372 -11.77 59.72 -30.37
N ASN H 373 -11.99 59.00 -29.27
CA ASN H 373 -12.76 59.54 -28.16
C ASN H 373 -11.91 59.45 -26.93
N TYR H 374 -10.83 60.24 -26.94
CA TYR H 374 -9.86 60.25 -25.86
C TYR H 374 -10.34 61.12 -24.71
N SER H 375 -11.32 60.61 -23.97
CA SER H 375 -11.87 61.35 -22.86
C SER H 375 -10.90 61.48 -21.69
N PRO H 376 -11.19 62.40 -20.75
CA PRO H 376 -10.31 62.55 -19.60
C PRO H 376 -10.18 61.23 -18.85
N SER H 377 -11.30 60.53 -18.68
CA SER H 377 -11.28 59.25 -17.97
C SER H 377 -10.39 58.22 -18.67
N ARG H 378 -10.51 58.12 -20.00
CA ARG H 378 -9.65 57.17 -20.70
C ARG H 378 -8.17 57.55 -20.54
N GLU H 379 -7.87 58.85 -20.58
CA GLU H 379 -6.48 59.30 -20.43
C GLU H 379 -5.91 59.03 -19.04
N ASP H 380 -6.71 59.30 -18.01
CA ASP H 380 -6.23 59.04 -16.66
C ASP H 380 -6.01 57.56 -16.43
N ASN H 381 -6.94 56.74 -16.90
CA ASN H 381 -6.81 55.29 -16.79
C ASN H 381 -5.61 54.81 -17.64
N LEU H 382 -5.47 55.35 -18.84
CA LEU H 382 -4.37 54.97 -19.73
C LEU H 382 -3.04 55.32 -19.08
N GLN H 383 -2.94 56.51 -18.48
CA GLN H 383 -1.69 56.88 -17.86
C GLN H 383 -1.36 55.99 -16.69
N ARG H 384 -2.37 55.67 -15.89
CA ARG H 384 -2.13 54.82 -14.73
C ARG H 384 -1.63 53.46 -15.18
N VAL H 385 -2.32 52.97 -16.16
CA VAL H 385 -2.10 51.65 -16.71
C VAL H 385 -0.72 51.61 -17.48
N PHE H 386 -0.37 52.69 -18.17
CA PHE H 386 0.94 52.77 -18.90
C PHE H 386 2.09 52.87 -17.89
N THR H 387 1.89 53.67 -16.85
CA THR H 387 2.92 53.81 -15.83
C THR H 387 3.18 52.46 -15.14
N VAL H 388 2.14 51.68 -14.89
CA VAL H 388 2.30 50.35 -14.27
C VAL H 388 3.03 49.42 -15.23
N ALA H 389 2.69 49.49 -16.51
CA ALA H 389 3.34 48.65 -17.52
C ALA H 389 4.84 48.96 -17.54
N SER H 390 5.18 50.24 -17.40
CA SER H 390 6.59 50.64 -17.43
C SER H 390 7.31 50.17 -16.16
N ILE H 391 6.59 50.08 -15.04
CA ILE H 391 7.20 49.63 -13.77
C ILE H 391 7.48 48.15 -13.93
N ARG H 392 6.54 47.44 -14.50
CA ARG H 392 6.66 46.01 -14.73
C ARG H 392 7.83 45.66 -15.67
N SER H 393 7.98 46.42 -16.77
CA SER H 393 9.05 46.16 -17.74
C SER H 393 10.48 46.37 -17.22
N MET H 394 10.62 46.83 -15.99
CA MET H 394 11.93 47.07 -15.42
C MET H 394 12.44 45.73 -14.95
N LEU H 395 11.52 44.79 -14.74
CA LEU H 395 11.85 43.47 -14.21
C LEU H 395 11.44 42.31 -15.11
N VAL H 396 10.29 42.47 -15.73
CA VAL H 396 9.70 41.42 -16.56
C VAL H 396 9.44 41.93 -17.96
N LYS H 397 10.08 41.33 -18.94
CA LYS H 397 9.87 41.74 -20.31
C LYS H 397 9.41 40.52 -21.06
N MET I 1 13.20 20.85 -8.81
CA MET I 1 13.36 19.70 -9.75
C MET I 1 14.46 18.73 -9.36
N ASP I 2 15.72 19.15 -9.44
CA ASP I 2 16.83 18.26 -9.07
C ASP I 2 16.41 17.56 -7.79
N VAL I 3 15.63 18.29 -7.00
CA VAL I 3 15.09 17.78 -5.74
C VAL I 3 14.55 16.41 -6.09
N LEU I 4 13.44 16.44 -6.81
CA LEU I 4 12.76 15.23 -7.24
C LEU I 4 13.70 14.06 -7.45
N TYR I 5 14.71 14.26 -8.31
CA TYR I 5 15.65 13.19 -8.58
C TYR I 5 16.01 12.44 -7.30
N SER I 6 16.77 13.09 -6.44
CA SER I 6 17.20 12.50 -5.19
C SER I 6 16.16 11.58 -4.57
N LEU I 7 14.97 12.12 -4.35
CA LEU I 7 13.87 11.39 -3.74
C LEU I 7 13.81 9.95 -4.21
N SER I 8 14.34 9.71 -5.40
CA SER I 8 14.35 8.36 -5.95
C SER I 8 15.62 7.58 -5.66
N LYS I 9 16.76 7.94 -6.27
CA LYS I 9 18.02 7.20 -6.04
C LYS I 9 18.13 6.98 -4.54
N THR I 10 17.37 7.77 -3.80
CA THR I 10 17.30 7.67 -2.36
C THR I 10 16.64 6.32 -2.10
N LEU I 11 15.41 6.18 -2.58
CA LEU I 11 14.66 4.95 -2.40
C LEU I 11 15.27 3.72 -3.08
N LYS I 12 15.68 3.82 -4.35
CA LYS I 12 16.28 2.67 -5.05
C LYS I 12 17.52 2.21 -4.31
N ASP I 13 18.53 3.08 -4.26
CA ASP I 13 19.77 2.78 -3.55
C ASP I 13 19.37 2.45 -2.11
N ALA I 14 18.07 2.45 -1.82
CA ALA I 14 17.53 2.13 -0.50
C ALA I 14 16.85 0.77 -0.50
N ARG I 15 15.70 0.70 -1.16
CA ARG I 15 14.95 -0.55 -1.26
C ARG I 15 15.85 -1.65 -1.80
N ASP I 16 17.07 -1.27 -2.18
CA ASP I 16 18.05 -2.20 -2.72
C ASP I 16 19.19 -2.54 -1.76
N LYS I 17 19.85 -1.52 -1.21
CA LYS I 17 20.99 -1.70 -0.28
C LYS I 17 20.59 -2.04 1.17
N ILE I 18 19.30 -2.08 1.45
CA ILE I 18 18.81 -2.37 2.80
C ILE I 18 18.06 -3.69 2.91
N VAL I 19 18.78 -4.77 3.14
CA VAL I 19 18.16 -6.08 3.26
C VAL I 19 18.52 -6.81 4.54
N GLU I 20 17.76 -7.86 4.81
CA GLU I 20 17.96 -8.68 5.99
C GLU I 20 19.37 -9.26 6.04
N GLY I 21 20.20 -8.74 6.96
CA GLY I 21 21.56 -9.27 7.11
C GLY I 21 22.79 -8.44 6.80
N THR I 22 22.73 -7.61 5.77
CA THR I 22 23.89 -6.80 5.38
C THR I 22 24.63 -6.18 6.55
N LEU I 23 25.95 -6.13 6.44
CA LEU I 23 26.73 -5.52 7.49
C LEU I 23 26.36 -4.04 7.42
N TYR I 24 26.37 -3.39 8.57
CA TYR I 24 26.02 -1.99 8.66
C TYR I 24 26.86 -1.04 7.81
N SER I 25 28.13 -0.91 8.16
CA SER I 25 29.10 -0.03 7.51
C SER I 25 28.88 0.43 6.06
N ASN I 26 28.44 -0.46 5.18
CA ASN I 26 28.23 -0.09 3.77
C ASN I 26 26.97 0.76 3.54
N VAL I 27 26.30 1.12 4.63
CA VAL I 27 25.09 1.92 4.55
C VAL I 27 25.15 3.19 5.40
N SER I 28 26.16 3.28 6.28
CA SER I 28 26.32 4.44 7.15
C SER I 28 26.19 5.74 6.37
N ASP I 29 26.96 5.83 5.28
CA ASP I 29 26.93 7.01 4.42
C ASP I 29 25.55 7.16 3.81
N LEU I 30 24.79 6.07 3.83
CA LEU I 30 23.46 6.08 3.26
C LEU I 30 22.38 6.45 4.26
N ILE I 31 22.28 5.68 5.33
CA ILE I 31 21.28 5.95 6.35
C ILE I 31 21.19 7.44 6.52
N GLN I 32 22.30 8.04 6.96
CA GLN I 32 22.38 9.48 7.16
C GLN I 32 21.54 10.21 6.12
N GLN I 33 22.06 10.32 4.90
CA GLN I 33 21.36 10.99 3.81
C GLN I 33 19.87 10.83 3.96
N PHE I 34 19.44 9.58 4.12
CA PHE I 34 18.03 9.30 4.26
C PHE I 34 17.34 10.18 5.30
N ASN I 35 17.65 9.92 6.57
CA ASN I 35 17.05 10.68 7.65
C ASN I 35 16.91 12.16 7.30
N GLN I 36 18.04 12.82 7.04
CA GLN I 36 18.06 14.24 6.66
C GLN I 36 16.77 14.62 5.98
N MET I 37 16.34 13.77 5.05
CA MET I 37 15.12 13.99 4.30
C MET I 37 13.93 14.09 5.23
N ILE I 38 13.56 12.94 5.78
CA ILE I 38 12.43 12.84 6.70
C ILE I 38 12.22 14.15 7.43
N ILE I 39 13.27 14.65 8.05
CA ILE I 39 13.22 15.89 8.80
C ILE I 39 12.59 17.01 7.97
N THR I 40 13.32 17.43 6.94
CA THR I 40 12.87 18.50 6.05
C THR I 40 11.39 18.38 5.72
N MET I 41 10.93 17.16 5.55
CA MET I 41 9.53 16.88 5.21
C MET I 41 8.49 17.11 6.30
N ASN I 42 8.34 16.10 7.15
CA ASN I 42 7.39 16.12 8.25
C ASN I 42 6.99 17.53 8.64
N GLY I 43 5.71 17.84 8.47
CA GLY I 43 5.24 19.16 8.80
C GLY I 43 4.58 19.80 7.61
N ASN I 44 5.24 19.77 6.46
CA ASN I 44 4.67 20.36 5.26
C ASN I 44 3.66 19.40 4.63
N GLU I 45 2.57 19.97 4.09
CA GLU I 45 1.47 19.20 3.46
C GLU I 45 1.49 19.29 1.93
N PHE I 46 0.87 18.31 1.26
CA PHE I 46 0.83 18.31 -0.21
C PHE I 46 -0.48 17.98 -0.91
N GLN I 47 -0.65 18.57 -2.10
CA GLN I 47 -1.83 18.41 -2.95
C GLN I 47 -1.50 17.70 -4.27
N THR I 48 -2.23 16.62 -4.57
CA THR I 48 -1.99 15.87 -5.78
C THR I 48 -3.18 15.61 -6.68
N GLY I 49 -3.04 15.97 -7.95
CA GLY I 49 -4.10 15.75 -8.91
C GLY I 49 -5.01 16.93 -9.16
N GLY I 50 -6.19 16.66 -9.71
CA GLY I 50 -7.15 17.70 -10.00
C GLY I 50 -7.46 17.94 -11.46
N ILE I 51 -7.12 16.99 -12.33
CA ILE I 51 -7.37 17.17 -13.74
C ILE I 51 -7.70 15.85 -14.45
N GLY I 52 -8.85 15.81 -15.10
CA GLY I 52 -9.27 14.61 -15.81
C GLY I 52 -9.58 13.47 -14.86
N ASN I 53 -9.28 12.25 -15.28
CA ASN I 53 -9.51 11.09 -14.45
C ASN I 53 -8.27 10.85 -13.61
N LEU I 54 -7.82 11.92 -12.99
CA LEU I 54 -6.66 11.87 -12.13
C LEU I 54 -7.11 12.05 -10.69
N PRO I 55 -7.02 10.99 -9.89
CA PRO I 55 -7.43 11.07 -8.49
C PRO I 55 -6.84 12.32 -7.81
N ILE I 56 -7.38 12.66 -6.65
CA ILE I 56 -6.91 13.82 -5.90
C ILE I 56 -6.58 13.39 -4.47
N ARG I 57 -5.37 12.89 -4.26
CA ARG I 57 -4.96 12.41 -2.94
C ARG I 57 -4.17 13.46 -2.12
N ASN I 58 -4.35 13.40 -0.79
CA ASN I 58 -3.69 14.31 0.16
C ASN I 58 -2.59 13.59 0.96
N TRP I 59 -1.61 14.34 1.45
CA TRP I 59 -0.51 13.71 2.19
C TRP I 59 0.03 14.46 3.41
N ASN I 60 0.44 13.69 4.43
CA ASN I 60 1.00 14.23 5.67
C ASN I 60 2.22 13.43 6.10
N PHE I 61 3.01 14.00 7.00
CA PHE I 61 4.22 13.34 7.48
C PHE I 61 4.55 13.48 8.96
N ASP I 62 5.25 12.46 9.48
CA ASP I 62 5.74 12.37 10.86
C ASP I 62 6.18 10.93 11.12
N PHE I 63 7.33 10.56 10.55
CA PHE I 63 7.88 9.20 10.69
C PHE I 63 9.18 9.12 11.48
N GLY I 64 9.23 8.20 12.43
CA GLY I 64 10.42 8.02 13.25
C GLY I 64 11.66 7.93 12.38
N LEU I 65 12.82 8.12 12.99
CA LEU I 65 14.08 8.06 12.25
C LEU I 65 14.63 6.63 12.11
N LEU I 66 15.94 6.51 12.01
CA LEU I 66 16.58 5.20 11.87
C LEU I 66 17.77 4.99 12.81
N GLY I 67 17.96 3.74 13.22
CA GLY I 67 19.05 3.41 14.11
C GLY I 67 20.40 3.76 13.53
N THR I 68 21.43 3.74 14.37
CA THR I 68 22.76 4.05 13.90
C THR I 68 23.79 2.99 14.20
N THR I 69 24.25 2.93 15.44
CA THR I 69 25.27 1.96 15.80
C THR I 69 24.77 0.54 16.07
N LEU I 70 24.54 -0.21 15.01
CA LEU I 70 24.11 -1.59 15.10
C LEU I 70 25.27 -2.36 14.51
N LEU I 71 24.96 -3.36 13.69
CA LEU I 71 25.98 -4.15 13.05
C LEU I 71 25.38 -4.83 11.85
N ASN I 72 24.66 -5.90 12.13
CA ASN I 72 23.99 -6.64 11.09
C ASN I 72 22.52 -6.34 11.32
N LEU I 73 21.83 -5.97 10.26
CA LEU I 73 20.42 -5.59 10.34
C LEU I 73 19.49 -6.79 10.47
N ASP I 74 18.67 -6.78 11.54
CA ASP I 74 17.73 -7.85 11.83
C ASP I 74 16.43 -7.64 11.07
N ALA I 75 15.85 -8.73 10.58
CA ALA I 75 14.61 -8.67 9.83
C ALA I 75 13.69 -7.57 10.35
N ASN I 76 13.41 -7.59 11.65
CA ASN I 76 12.54 -6.61 12.28
C ASN I 76 12.87 -5.19 11.85
N TYR I 77 14.14 -4.93 11.58
CA TYR I 77 14.56 -3.59 11.17
C TYR I 77 14.00 -3.25 9.80
N VAL I 78 14.09 -4.20 8.89
CA VAL I 78 13.61 -4.01 7.54
C VAL I 78 12.12 -3.60 7.55
N GLU I 79 11.24 -4.55 7.85
CA GLU I 79 9.79 -4.31 7.88
C GLU I 79 9.33 -2.96 8.45
N THR I 80 9.95 -2.52 9.54
CA THR I 80 9.58 -1.23 10.15
C THR I 80 10.06 -0.08 9.27
N ALA I 81 10.81 -0.43 8.23
CA ALA I 81 11.34 0.53 7.29
C ALA I 81 10.55 0.47 5.99
N ARG I 82 10.40 -0.73 5.43
CA ARG I 82 9.65 -0.92 4.19
C ARG I 82 8.28 -0.27 4.29
N ASN I 83 7.68 -0.37 5.47
CA ASN I 83 6.36 0.22 5.71
C ASN I 83 6.39 1.73 5.59
N THR I 84 7.56 2.32 5.82
CA THR I 84 7.70 3.76 5.74
C THR I 84 8.08 4.17 4.33
N ILE I 85 8.68 3.26 3.58
CA ILE I 85 9.06 3.57 2.21
C ILE I 85 7.83 3.49 1.31
N ASP I 86 7.01 2.47 1.53
CA ASP I 86 5.81 2.28 0.71
C ASP I 86 4.83 3.44 0.75
N TYR I 87 5.13 4.48 1.53
CA TYR I 87 4.25 5.65 1.56
C TYR I 87 4.89 6.64 0.60
N PHE I 88 6.22 6.59 0.52
CA PHE I 88 6.95 7.48 -0.36
C PHE I 88 6.84 6.99 -1.79
N VAL I 89 6.83 5.68 -1.94
CA VAL I 89 6.69 5.10 -3.26
C VAL I 89 5.33 5.61 -3.76
N ASP I 90 4.25 5.01 -3.26
CA ASP I 90 2.89 5.39 -3.64
C ASP I 90 2.68 6.90 -3.68
N PHE I 91 3.65 7.64 -3.14
CA PHE I 91 3.58 9.08 -3.13
C PHE I 91 4.17 9.59 -4.42
N VAL I 92 5.48 9.47 -4.53
CA VAL I 92 6.20 9.91 -5.71
C VAL I 92 5.43 9.61 -7.01
N ASP I 93 4.86 8.41 -7.11
CA ASP I 93 4.08 8.00 -8.30
C ASP I 93 3.08 9.12 -8.54
N ASN I 94 2.22 9.34 -7.55
CA ASN I 94 1.19 10.39 -7.60
C ASN I 94 1.80 11.78 -7.80
N VAL I 95 3.11 11.91 -7.63
CA VAL I 95 3.75 13.21 -7.80
C VAL I 95 4.22 13.36 -9.23
N CYS I 96 4.95 12.37 -9.72
CA CYS I 96 5.45 12.40 -11.08
C CYS I 96 4.26 12.65 -12.00
N MET I 97 3.33 11.70 -11.96
CA MET I 97 2.15 11.75 -12.79
C MET I 97 1.52 13.16 -12.84
N ASP I 98 1.39 13.83 -11.69
CA ASP I 98 0.77 15.17 -11.62
C ASP I 98 1.47 16.23 -12.46
N GLU I 99 2.80 16.22 -12.49
CA GLU I 99 3.56 17.20 -13.26
C GLU I 99 3.93 16.61 -14.63
N MET I 100 3.42 15.43 -14.92
CA MET I 100 3.69 14.78 -16.19
C MET I 100 2.53 14.94 -17.15
N VAL I 101 1.80 16.05 -17.06
CA VAL I 101 0.67 16.29 -17.95
C VAL I 101 0.46 17.78 -18.14
N ARG I 102 0.83 18.56 -17.14
CA ARG I 102 0.69 20.00 -17.21
C ARG I 102 1.70 20.58 -18.20
N GLU I 103 1.27 21.59 -18.94
CA GLU I 103 2.10 22.23 -19.94
C GLU I 103 1.83 23.74 -19.98
N SER I 104 2.88 24.53 -20.14
CA SER I 104 2.74 25.99 -20.21
C SER I 104 3.54 26.42 -21.42
N GLN I 105 3.22 27.58 -21.98
CA GLN I 105 3.92 28.02 -23.17
C GLN I 105 5.02 29.04 -22.86
N ARG I 106 4.60 30.20 -22.32
CA ARG I 106 5.52 31.28 -21.95
C ARG I 106 6.73 30.71 -21.22
N ASN I 107 6.45 29.90 -20.22
CA ASN I 107 7.47 29.27 -19.42
C ASN I 107 7.08 27.83 -19.11
N GLY I 108 6.93 27.04 -20.16
CA GLY I 108 6.55 25.64 -19.99
C GLY I 108 7.77 24.76 -19.85
N ILE I 109 8.91 25.40 -19.63
CA ILE I 109 10.17 24.70 -19.48
C ILE I 109 10.43 24.41 -17.99
N ALA I 110 9.76 25.15 -17.12
CA ALA I 110 9.93 25.01 -15.68
C ALA I 110 8.80 24.23 -14.99
N PRO I 111 8.78 24.23 -13.63
CA PRO I 111 7.77 23.54 -12.81
C PRO I 111 6.38 24.12 -12.92
N GLN I 112 5.36 23.26 -12.81
CA GLN I 112 3.96 23.70 -12.92
C GLN I 112 3.07 23.39 -11.73
N SER I 113 2.89 22.10 -11.44
CA SER I 113 2.04 21.59 -10.36
C SER I 113 2.20 22.22 -8.97
N ASP I 114 1.10 22.26 -8.23
CA ASP I 114 1.10 22.80 -6.87
C ASP I 114 1.96 21.91 -5.99
N SER I 115 2.33 20.76 -6.55
CA SER I 115 3.15 19.81 -5.83
C SER I 115 4.62 20.19 -6.00
N LEU I 116 5.03 20.35 -7.25
CA LEU I 116 6.41 20.69 -7.55
C LEU I 116 6.79 22.15 -7.30
N ARG I 117 5.93 23.09 -7.69
CA ARG I 117 6.22 24.52 -7.49
C ARG I 117 6.70 24.72 -6.04
N LYS I 118 6.28 23.82 -5.15
CA LYS I 118 6.64 23.90 -3.73
C LYS I 118 7.96 23.19 -3.44
N LEU I 119 8.36 22.29 -4.34
CA LEU I 119 9.59 21.54 -4.18
C LEU I 119 10.83 22.35 -4.52
N SER I 120 10.74 23.15 -5.58
CA SER I 120 11.86 23.97 -6.00
C SER I 120 12.16 24.97 -4.88
N GLY I 121 11.27 25.03 -3.90
CA GLY I 121 11.46 25.92 -2.77
C GLY I 121 12.86 25.72 -2.23
N LEU I 122 13.39 26.71 -1.51
CA LEU I 122 14.75 26.63 -0.98
C LEU I 122 14.95 25.68 0.20
N LYS I 123 14.06 25.75 1.18
CA LYS I 123 14.14 24.91 2.36
C LYS I 123 14.22 23.42 2.05
N PHE I 124 14.14 23.08 0.76
CA PHE I 124 14.16 21.70 0.28
C PHE I 124 15.48 21.24 -0.31
N LYS I 125 16.17 22.17 -0.97
CA LYS I 125 17.43 21.86 -1.62
C LYS I 125 18.35 21.01 -0.74
N ARG I 126 17.99 20.83 0.52
CA ARG I 126 18.77 20.04 1.48
C ARG I 126 18.87 18.56 1.14
N ILE I 127 18.62 18.18 -0.11
CA ILE I 127 18.64 16.75 -0.40
C ILE I 127 19.48 16.22 -1.57
N ASN I 128 19.45 16.94 -2.68
CA ASN I 128 20.19 16.58 -3.90
C ASN I 128 21.42 15.70 -3.68
N PHE I 129 21.54 14.61 -4.46
CA PHE I 129 22.70 13.72 -4.38
C PHE I 129 22.77 12.63 -5.46
N ASP I 130 23.92 11.96 -5.57
CA ASP I 130 24.21 10.89 -6.56
C ASP I 130 23.49 11.10 -7.89
N ASN I 131 23.96 12.07 -8.67
CA ASN I 131 23.35 12.36 -9.97
C ASN I 131 24.06 11.62 -11.09
N SER I 132 24.01 10.29 -11.10
CA SER I 132 24.66 9.52 -12.14
C SER I 132 23.67 8.95 -13.16
N SER I 133 22.38 9.26 -12.99
CA SER I 133 21.34 8.76 -13.91
C SER I 133 21.35 9.59 -15.19
N GLU I 134 21.97 9.02 -16.22
CA GLU I 134 22.12 9.63 -17.53
C GLU I 134 21.26 10.86 -17.80
N TYR I 135 19.98 10.81 -17.44
CA TYR I 135 19.10 11.94 -17.68
C TYR I 135 19.25 13.18 -16.83
N ILE I 136 19.45 12.98 -15.53
CA ILE I 136 19.63 14.13 -14.68
C ILE I 136 20.98 14.70 -15.04
N GLU I 137 21.98 13.82 -15.23
CA GLU I 137 23.33 14.23 -15.60
C GLU I 137 23.20 15.28 -16.69
N ASN I 138 22.26 15.05 -17.60
CA ASN I 138 22.05 15.97 -18.70
C ASN I 138 21.12 17.13 -18.36
N TRP I 139 20.21 16.93 -17.42
CA TRP I 139 19.35 18.06 -17.08
C TRP I 139 20.22 19.19 -16.55
N ASN I 140 21.02 18.91 -15.54
CA ASN I 140 21.89 19.93 -14.95
C ASN I 140 22.71 20.70 -15.98
N LEU I 141 23.60 19.99 -16.67
CA LEU I 141 24.47 20.60 -17.69
C LEU I 141 23.75 21.55 -18.64
N GLN I 142 22.44 21.36 -18.77
CA GLN I 142 21.62 22.19 -19.63
C GLN I 142 21.23 23.46 -18.89
N ASN I 143 21.03 23.29 -17.58
CA ASN I 143 20.67 24.38 -16.70
C ASN I 143 21.84 25.37 -16.68
N ARG I 144 23.03 24.88 -16.36
CA ARG I 144 24.23 25.71 -16.34
C ARG I 144 24.56 26.12 -17.77
N ARG I 145 24.14 25.27 -18.71
CA ARG I 145 24.36 25.47 -20.14
C ARG I 145 25.69 24.93 -20.63
N GLN I 146 25.64 24.06 -21.65
CA GLN I 146 26.83 23.47 -22.26
C GLN I 146 26.54 22.25 -23.13
N ARG I 147 27.62 21.63 -23.60
CA ARG I 147 27.54 20.44 -24.45
C ARG I 147 26.83 19.30 -23.72
N THR I 148 25.50 19.32 -23.79
CA THR I 148 24.65 18.31 -23.16
C THR I 148 24.77 16.99 -23.93
N GLY I 149 23.65 16.38 -24.31
CA GLY I 149 23.70 15.14 -25.09
C GLY I 149 23.20 13.83 -24.49
N PHE I 150 22.68 12.95 -25.36
CA PHE I 150 22.17 11.64 -24.95
C PHE I 150 22.57 10.52 -25.93
N THR I 151 22.29 9.28 -25.54
CA THR I 151 22.64 8.11 -26.35
C THR I 151 21.40 7.36 -26.85
N PHE I 152 21.31 7.12 -28.16
CA PHE I 152 20.15 6.44 -28.76
C PHE I 152 20.45 5.32 -29.77
N HIS I 153 19.59 4.28 -29.79
CA HIS I 153 19.71 3.16 -30.72
C HIS I 153 18.53 3.29 -31.70
N LYS I 154 18.82 3.19 -33.00
CA LYS I 154 17.78 3.36 -34.02
C LYS I 154 16.87 4.53 -33.58
N PRO I 155 17.45 5.76 -33.40
CA PRO I 155 16.81 7.02 -32.98
C PRO I 155 15.56 7.36 -33.80
N ASN I 156 14.75 8.36 -33.41
CA ASN I 156 13.53 8.58 -34.19
C ASN I 156 13.54 10.03 -34.66
N ILE I 157 14.36 10.30 -35.68
CA ILE I 157 14.57 11.64 -36.19
C ILE I 157 13.74 12.01 -37.41
N PHE I 158 13.31 11.01 -38.19
CA PHE I 158 12.54 11.29 -39.39
C PHE I 158 11.02 11.17 -39.22
N PRO I 159 10.29 12.29 -39.39
CA PRO I 159 8.85 12.16 -39.25
C PRO I 159 8.41 11.26 -40.40
N TYR I 160 7.36 10.47 -40.18
CA TYR I 160 6.90 9.58 -41.21
C TYR I 160 6.59 10.38 -42.47
N SER I 161 7.10 9.93 -43.61
CA SER I 161 6.84 10.57 -44.88
C SER I 161 6.99 9.50 -45.93
N ALA I 162 5.92 9.23 -46.66
CA ALA I 162 5.95 8.22 -47.71
C ALA I 162 5.31 8.88 -48.92
N SER I 163 6.09 9.19 -49.95
CA SER I 163 5.52 9.84 -51.11
C SER I 163 6.37 9.64 -52.38
N PHE I 164 6.06 10.40 -53.43
CA PHE I 164 6.82 10.32 -54.69
C PHE I 164 6.80 11.67 -55.38
N THR I 165 7.65 11.82 -56.39
CA THR I 165 7.73 13.04 -57.15
C THR I 165 7.96 12.59 -58.56
N LEU I 166 7.03 12.93 -59.44
CA LEU I 166 7.15 12.58 -60.85
C LEU I 166 7.81 13.72 -61.60
N ASN I 167 9.04 13.51 -62.03
CA ASN I 167 9.76 14.53 -62.77
C ASN I 167 9.37 14.58 -64.25
N ARG I 168 8.86 13.47 -64.76
CA ARG I 168 8.34 13.37 -66.12
C ARG I 168 7.12 12.49 -65.99
N SER I 169 5.98 12.98 -66.45
CA SER I 169 4.76 12.21 -66.38
C SER I 169 3.85 12.70 -67.46
N GLN I 170 2.80 11.94 -67.70
CA GLN I 170 1.82 12.29 -68.69
C GLN I 170 0.54 11.59 -68.20
N PRO I 171 -0.62 12.04 -68.67
CA PRO I 171 -1.92 11.47 -68.28
C PRO I 171 -1.99 9.93 -68.19
N ALA I 172 -1.49 9.24 -69.20
CA ALA I 172 -1.53 7.77 -69.19
C ALA I 172 -0.60 7.13 -68.15
N HIS I 173 0.38 7.89 -67.66
CA HIS I 173 1.37 7.42 -66.68
C HIS I 173 2.01 6.15 -67.20
N ASP I 174 2.42 6.18 -68.46
CA ASP I 174 3.04 5.03 -69.11
C ASP I 174 4.54 5.24 -69.39
N ASN I 175 5.03 6.43 -69.07
CA ASN I 175 6.45 6.75 -69.25
C ASN I 175 6.88 7.81 -68.22
N LEU I 176 6.95 7.39 -66.96
CA LEU I 176 7.30 8.25 -65.84
C LEU I 176 8.75 8.20 -65.49
N MET I 177 9.19 9.22 -64.77
CA MET I 177 10.55 9.33 -64.27
C MET I 177 10.44 10.15 -62.99
N GLY I 178 11.05 9.66 -61.91
CA GLY I 178 10.99 10.38 -60.65
C GLY I 178 11.50 9.54 -59.51
N THR I 179 11.11 9.90 -58.29
CA THR I 179 11.55 9.16 -57.13
C THR I 179 10.39 8.93 -56.17
N MET I 180 10.51 7.90 -55.37
CA MET I 180 9.52 7.58 -54.35
C MET I 180 10.35 7.19 -53.12
N TRP I 181 9.82 7.46 -51.93
CA TRP I 181 10.58 7.20 -50.73
C TRP I 181 9.73 6.94 -49.50
N LEU I 182 10.41 6.54 -48.44
CA LEU I 182 9.84 6.34 -47.12
C LEU I 182 10.91 6.80 -46.12
N ASN I 183 10.61 7.88 -45.45
CA ASN I 183 11.46 8.38 -44.36
C ASN I 183 10.69 8.11 -43.09
N ALA I 184 11.25 7.36 -42.18
CA ALA I 184 10.53 7.04 -40.94
C ALA I 184 11.50 6.58 -39.87
N GLY I 185 11.45 7.22 -38.71
CA GLY I 185 12.30 6.84 -37.61
C GLY I 185 13.76 7.15 -37.90
N SER I 186 14.54 6.09 -37.99
CA SER I 186 15.96 6.23 -38.26
C SER I 186 16.29 5.74 -39.66
N GLU I 187 15.27 5.45 -40.47
CA GLU I 187 15.52 4.91 -41.79
C GLU I 187 14.98 5.68 -42.98
N ILE I 188 15.72 5.58 -44.08
CA ILE I 188 15.34 6.22 -45.33
C ILE I 188 15.50 5.17 -46.42
N GLN I 189 14.50 5.04 -47.28
CA GLN I 189 14.61 4.16 -48.47
C GLN I 189 14.14 5.07 -49.58
N VAL I 190 14.89 5.13 -50.66
CA VAL I 190 14.50 5.96 -51.79
C VAL I 190 14.85 5.26 -53.08
N ALA I 191 13.93 5.32 -54.05
CA ALA I 191 14.14 4.73 -55.35
C ALA I 191 13.94 5.77 -56.41
N GLY I 192 14.75 5.66 -57.47
CA GLY I 192 14.65 6.53 -58.62
C GLY I 192 14.24 5.59 -59.74
N PHE I 193 13.19 5.95 -60.48
CA PHE I 193 12.70 5.14 -61.59
C PHE I 193 12.64 5.95 -62.90
N ASP I 194 12.87 5.28 -64.02
CA ASP I 194 12.83 5.90 -65.34
C ASP I 194 12.26 4.83 -66.26
N TYR I 195 10.98 4.94 -66.60
CA TYR I 195 10.32 3.96 -67.46
C TYR I 195 11.04 3.76 -68.80
N SER I 196 11.69 4.80 -69.30
CA SER I 196 12.40 4.73 -70.58
C SER I 196 13.82 4.14 -70.49
N CYS I 197 14.27 3.82 -69.29
CA CYS I 197 15.62 3.26 -69.06
C CYS I 197 16.69 4.15 -69.71
N ALA I 198 16.51 5.46 -69.54
CA ALA I 198 17.43 6.47 -70.05
C ALA I 198 17.76 6.34 -71.55
N ILE I 199 16.80 5.84 -72.34
CA ILE I 199 16.97 5.63 -73.79
C ILE I 199 17.34 6.93 -74.55
N ASN I 200 16.76 8.06 -74.14
CA ASN I 200 17.00 9.37 -74.77
C ASN I 200 17.74 10.30 -73.82
N ALA I 201 18.29 9.78 -72.73
CA ALA I 201 19.00 10.63 -71.77
C ALA I 201 20.48 10.80 -72.13
N PRO I 202 21.04 11.99 -71.83
CA PRO I 202 22.45 12.29 -72.10
C PRO I 202 23.33 11.25 -71.40
N ALA I 203 24.20 10.62 -72.18
CA ALA I 203 25.09 9.58 -71.67
C ALA I 203 24.29 8.36 -71.19
N ASN I 204 23.02 8.28 -71.60
CA ASN I 204 22.12 7.19 -71.20
C ASN I 204 22.11 7.03 -69.69
N THR I 205 22.15 8.15 -68.99
CA THR I 205 22.18 8.17 -67.54
C THR I 205 21.14 9.17 -67.01
N GLN I 206 20.33 8.72 -66.06
CA GLN I 206 19.34 9.58 -65.44
C GLN I 206 19.80 9.83 -64.01
N GLN I 207 19.91 11.09 -63.62
CA GLN I 207 20.35 11.44 -62.28
C GLN I 207 19.16 11.51 -61.31
N PHE I 208 19.38 11.07 -60.08
CA PHE I 208 18.36 11.14 -59.03
C PHE I 208 18.97 11.77 -57.79
N GLU I 209 18.12 12.25 -56.90
CA GLU I 209 18.61 12.87 -55.71
C GLU I 209 17.51 12.84 -54.66
N HIS I 210 17.88 12.64 -53.41
CA HIS I 210 16.91 12.64 -52.33
C HIS I 210 17.55 13.39 -51.18
N ILE I 211 16.88 14.45 -50.72
CA ILE I 211 17.40 15.26 -49.61
C ILE I 211 16.47 15.17 -48.40
N VAL I 212 17.05 14.96 -47.24
CA VAL I 212 16.28 14.85 -46.01
C VAL I 212 16.88 15.81 -44.99
N GLN I 213 16.05 16.72 -44.50
CA GLN I 213 16.48 17.70 -43.53
C GLN I 213 16.07 17.33 -42.12
N LEU I 214 17.03 17.08 -41.24
CA LEU I 214 16.72 16.69 -39.88
C LEU I 214 16.25 17.91 -39.11
N ARG I 215 15.37 17.72 -38.14
CA ARG I 215 14.88 18.82 -37.33
C ARG I 215 15.88 19.14 -36.23
N ARG I 216 16.81 18.23 -35.98
CA ARG I 216 17.84 18.44 -34.98
C ARG I 216 19.11 17.80 -35.55
N VAL I 217 20.25 18.36 -35.17
CA VAL I 217 21.54 17.85 -35.61
C VAL I 217 21.83 16.53 -34.88
N LEU I 218 22.38 15.59 -35.62
CA LEU I 218 22.79 14.36 -35.01
C LEU I 218 24.31 14.35 -35.13
N THR I 219 24.98 13.91 -34.08
CA THR I 219 26.41 13.81 -34.09
C THR I 219 26.78 12.33 -33.80
N THR I 220 28.03 11.98 -34.11
CA THR I 220 28.55 10.63 -33.85
C THR I 220 27.61 9.47 -34.27
N ALA I 221 27.01 9.62 -35.45
CA ALA I 221 26.09 8.62 -36.01
C ALA I 221 26.82 7.47 -36.74
N THR I 222 26.42 6.26 -36.36
CA THR I 222 26.89 5.03 -37.02
C THR I 222 25.78 4.63 -37.96
N ILE I 223 26.09 4.59 -39.23
CA ILE I 223 25.07 4.39 -40.25
C ILE I 223 25.32 3.21 -41.21
N THR I 224 24.25 2.51 -41.58
CA THR I 224 24.33 1.40 -42.53
C THR I 224 23.77 1.95 -43.83
N LEU I 225 24.51 1.82 -44.92
CA LEU I 225 24.07 2.29 -46.22
C LEU I 225 24.16 1.09 -47.11
N LEU I 226 23.07 0.78 -47.79
CA LEU I 226 23.03 -0.38 -48.67
C LEU I 226 22.41 0.01 -50.00
N PRO I 227 22.83 -0.65 -51.07
CA PRO I 227 22.23 -0.32 -52.37
C PRO I 227 20.88 -1.01 -52.41
N ASP I 228 19.97 -0.48 -53.22
CA ASP I 228 18.61 -1.02 -53.42
C ASP I 228 17.62 -0.57 -52.37
N ALA I 229 16.37 -0.39 -52.78
CA ALA I 229 15.29 -0.02 -51.89
C ALA I 229 14.26 -1.14 -52.07
N GLU I 230 14.34 -2.16 -51.22
CA GLU I 230 13.44 -3.31 -51.31
C GLU I 230 11.97 -2.90 -51.27
N ARG I 231 11.67 -1.89 -50.48
CA ARG I 231 10.32 -1.39 -50.35
C ARG I 231 9.72 -0.92 -51.69
N PHE I 232 10.58 -0.53 -52.63
CA PHE I 232 10.12 -0.04 -53.92
C PHE I 232 10.62 -0.92 -55.05
N SER I 233 10.71 -2.22 -54.78
CA SER I 233 11.20 -3.14 -55.77
C SER I 233 10.13 -4.07 -56.27
N PHE I 234 8.90 -3.82 -55.84
CA PHE I 234 7.80 -4.67 -56.29
C PHE I 234 6.69 -3.89 -57.02
N PRO I 235 5.86 -4.58 -57.81
CA PRO I 235 4.77 -3.98 -58.57
C PRO I 235 3.77 -3.28 -57.70
N ARG I 236 3.40 -2.08 -58.11
CA ARG I 236 2.45 -1.29 -57.35
C ARG I 236 1.48 -0.56 -58.27
N VAL I 237 0.34 -0.32 -57.70
CA VAL I 237 -0.69 0.50 -58.30
C VAL I 237 -0.81 1.67 -57.33
N ILE I 238 -0.47 2.84 -57.82
CA ILE I 238 -0.38 4.02 -56.97
C ILE I 238 -1.36 5.13 -57.38
N ASN I 239 -1.76 5.97 -56.42
CA ASN I 239 -2.65 7.05 -56.75
C ASN I 239 -1.83 8.14 -57.43
N SER I 240 -2.44 8.82 -58.39
CA SER I 240 -1.78 9.90 -59.11
C SER I 240 -1.59 11.08 -58.15
N ALA I 241 -0.71 12.01 -58.49
CA ALA I 241 -0.47 13.16 -57.64
C ALA I 241 -1.74 13.94 -57.26
N ASP I 242 -2.67 14.07 -58.22
CA ASP I 242 -3.94 14.80 -57.98
C ASP I 242 -5.07 13.95 -57.41
N GLY I 243 -4.78 12.67 -57.19
CA GLY I 243 -5.75 11.74 -56.64
C GLY I 243 -6.86 11.34 -57.60
N ALA I 244 -6.80 11.82 -58.85
CA ALA I 244 -7.83 11.52 -59.82
C ALA I 244 -7.80 10.12 -60.47
N THR I 245 -6.64 9.45 -60.43
CA THR I 245 -6.53 8.12 -61.04
C THR I 245 -5.38 7.32 -60.40
N THR I 246 -5.09 6.16 -60.97
CA THR I 246 -4.02 5.31 -60.46
C THR I 246 -3.07 4.88 -61.60
N TRP I 247 -1.78 4.83 -61.27
CA TRP I 247 -0.74 4.42 -62.22
C TRP I 247 -0.11 3.10 -61.82
N TYR I 248 0.54 2.45 -62.78
CA TYR I 248 1.17 1.16 -62.54
C TYR I 248 2.70 1.27 -62.51
N PHE I 249 3.31 0.70 -61.48
CA PHE I 249 4.75 0.69 -61.33
C PHE I 249 5.15 -0.78 -61.35
N ASN I 250 5.98 -1.13 -62.31
CA ASN I 250 6.43 -2.51 -62.49
C ASN I 250 7.96 -2.50 -62.53
N PRO I 251 8.63 -2.34 -61.38
CA PRO I 251 10.10 -2.22 -61.34
C PRO I 251 10.88 -3.47 -61.66
N VAL I 252 12.05 -3.18 -62.22
CA VAL I 252 13.16 -4.11 -62.48
C VAL I 252 14.37 -3.33 -61.97
N ILE I 253 15.14 -3.96 -61.10
CA ILE I 253 16.21 -3.25 -60.38
C ILE I 253 17.60 -3.38 -60.97
N LEU I 254 18.30 -2.26 -61.03
CA LEU I 254 19.68 -2.18 -61.53
C LEU I 254 20.50 -1.57 -60.40
N ARG I 255 21.81 -1.77 -60.42
CA ARG I 255 22.62 -1.19 -59.35
C ARG I 255 22.70 0.29 -59.46
N PRO I 256 22.57 0.99 -58.32
CA PRO I 256 22.65 2.43 -58.39
C PRO I 256 24.09 2.81 -58.80
N ASN I 257 24.17 3.70 -59.77
CA ASN I 257 25.43 4.18 -60.34
C ASN I 257 25.85 5.54 -59.75
N ASN I 258 27.15 5.71 -59.49
CA ASN I 258 27.71 6.96 -58.92
C ASN I 258 27.02 7.43 -57.65
N VAL I 259 26.87 6.52 -56.71
CA VAL I 259 26.23 6.82 -55.46
C VAL I 259 27.11 7.78 -54.67
N GLU I 260 26.51 8.84 -54.16
CA GLU I 260 27.21 9.80 -53.34
C GLU I 260 26.31 10.25 -52.20
N VAL I 261 26.75 10.01 -50.96
CA VAL I 261 25.98 10.41 -49.80
C VAL I 261 26.71 11.56 -49.15
N GLU I 262 25.99 12.65 -48.91
CA GLU I 262 26.60 13.76 -48.23
C GLU I 262 25.83 14.07 -46.97
N PHE I 263 26.56 14.25 -45.89
CA PHE I 263 26.00 14.61 -44.59
C PHE I 263 26.45 16.04 -44.44
N LEU I 264 25.49 16.94 -44.51
CA LEU I 264 25.80 18.36 -44.45
C LEU I 264 25.38 18.98 -43.14
N LEU I 265 26.04 20.07 -42.79
CA LEU I 265 25.72 20.82 -41.60
C LEU I 265 25.68 22.27 -42.06
N ASN I 266 24.52 22.89 -41.95
CA ASN I 266 24.37 24.29 -42.37
C ASN I 266 24.86 24.53 -43.81
N GLY I 267 24.56 23.58 -44.70
CA GLY I 267 24.95 23.73 -46.09
C GLY I 267 26.33 23.25 -46.42
N GLN I 268 27.14 22.98 -45.41
CA GLN I 268 28.50 22.52 -45.65
C GLN I 268 28.60 21.00 -45.59
N ILE I 269 29.38 20.43 -46.50
CA ILE I 269 29.60 18.99 -46.50
C ILE I 269 30.54 18.66 -45.34
N ILE I 270 30.08 17.83 -44.42
CA ILE I 270 30.89 17.44 -43.27
C ILE I 270 31.44 16.06 -43.62
N ASN I 271 30.62 15.18 -44.16
CA ASN I 271 31.07 13.85 -44.56
C ASN I 271 30.52 13.55 -45.93
N THR I 272 31.33 12.90 -46.76
CA THR I 272 30.89 12.50 -48.07
C THR I 272 31.44 11.12 -48.36
N TYR I 273 30.60 10.26 -48.91
CA TYR I 273 30.95 8.88 -49.24
C TYR I 273 30.52 8.57 -50.67
N GLN I 274 31.44 8.05 -51.46
CA GLN I 274 31.18 7.73 -52.84
C GLN I 274 31.07 6.26 -52.97
N ALA I 275 29.87 5.78 -53.25
CA ALA I 275 29.62 4.36 -53.47
C ALA I 275 30.15 3.44 -52.37
N ARG I 276 30.10 3.89 -51.13
CA ARG I 276 30.56 3.05 -50.05
C ARG I 276 29.40 2.45 -49.28
N PHE I 277 29.16 1.16 -49.47
CA PHE I 277 28.07 0.47 -48.80
C PHE I 277 28.59 -0.26 -47.56
N GLY I 278 27.74 -0.41 -46.55
CA GLY I 278 28.18 -1.06 -45.33
C GLY I 278 28.06 -0.04 -44.21
N THR I 279 29.03 -0.02 -43.31
CA THR I 279 28.99 0.90 -42.19
C THR I 279 29.85 2.15 -42.39
N ILE I 280 29.22 3.31 -42.27
CA ILE I 280 29.90 4.61 -42.44
C ILE I 280 29.55 5.50 -41.23
N ILE I 281 30.46 6.43 -40.92
CA ILE I 281 30.27 7.37 -39.81
C ILE I 281 29.95 8.80 -40.30
N ALA I 282 28.93 9.42 -39.75
CA ALA I 282 28.55 10.79 -40.09
C ALA I 282 28.71 11.49 -38.74
N ARG I 283 29.71 12.33 -38.59
CA ARG I 283 30.03 12.86 -37.27
C ARG I 283 29.22 14.09 -36.80
N ASN I 284 28.57 14.81 -37.68
CA ASN I 284 27.82 16.02 -37.28
C ASN I 284 27.08 16.52 -38.50
N PHE I 285 25.75 16.42 -38.49
CA PHE I 285 24.99 16.83 -39.68
C PHE I 285 23.53 17.13 -39.35
N ASP I 286 22.92 17.98 -40.18
CA ASP I 286 21.50 18.32 -40.01
C ASP I 286 20.78 18.01 -41.32
N THR I 287 21.52 17.48 -42.29
CA THR I 287 20.94 17.15 -43.59
C THR I 287 21.66 15.99 -44.23
N ILE I 288 20.89 15.14 -44.92
CA ILE I 288 21.46 14.03 -45.64
C ILE I 288 21.03 14.22 -47.09
N ARG I 289 21.97 14.05 -48.00
CA ARG I 289 21.66 14.16 -49.41
C ARG I 289 22.16 12.90 -50.10
N LEU I 290 21.25 12.17 -50.73
CA LEU I 290 21.62 10.95 -51.44
C LEU I 290 21.46 11.20 -52.93
N SER I 291 22.56 11.06 -53.69
CA SER I 291 22.53 11.24 -55.14
C SER I 291 22.94 9.93 -55.72
N PHE I 292 22.22 9.51 -56.75
CA PHE I 292 22.46 8.23 -57.41
C PHE I 292 21.90 8.31 -58.82
N GLN I 293 22.38 7.44 -59.69
CA GLN I 293 21.96 7.44 -61.09
C GLN I 293 21.54 6.09 -61.60
N LEU I 294 20.77 6.12 -62.67
CA LEU I 294 20.36 4.93 -63.38
C LEU I 294 21.14 5.04 -64.67
N MET I 295 21.95 4.07 -64.98
CA MET I 295 22.68 4.14 -66.23
C MET I 295 22.18 3.00 -67.08
N ARG I 296 21.71 3.31 -68.28
CA ARG I 296 21.23 2.25 -69.17
C ARG I 296 22.40 1.30 -69.44
N PRO I 297 22.20 -0.02 -69.24
CA PRO I 297 23.28 -0.99 -69.48
C PRO I 297 23.79 -0.87 -70.91
N PRO I 298 25.10 -0.61 -71.08
CA PRO I 298 25.64 -0.50 -72.44
C PRO I 298 25.64 -1.84 -73.20
N ASN I 299 25.69 -2.95 -72.46
CA ASN I 299 25.70 -4.27 -73.05
C ASN I 299 24.61 -5.09 -72.41
N MET I 300 23.75 -5.67 -73.23
CA MET I 300 22.62 -6.43 -72.73
C MET I 300 22.43 -7.79 -73.36
N THR I 301 22.23 -8.82 -72.56
CA THR I 301 21.95 -10.15 -73.14
C THR I 301 20.53 -10.00 -73.72
N PRO I 302 20.10 -10.93 -74.60
CA PRO I 302 18.75 -10.85 -75.19
C PRO I 302 17.63 -10.64 -74.17
N ALA I 303 17.65 -11.43 -73.10
CA ALA I 303 16.62 -11.35 -72.05
C ALA I 303 16.54 -9.94 -71.47
N VAL I 304 17.68 -9.27 -71.32
CA VAL I 304 17.71 -7.92 -70.79
C VAL I 304 17.26 -6.92 -71.86
N ALA I 305 17.82 -7.07 -73.06
CA ALA I 305 17.49 -6.19 -74.18
C ALA I 305 15.97 -6.13 -74.40
N ALA I 306 15.31 -7.26 -74.21
CA ALA I 306 13.86 -7.40 -74.37
C ALA I 306 13.04 -6.57 -73.40
N LEU I 307 13.63 -6.20 -72.27
CA LEU I 307 12.91 -5.43 -71.26
C LEU I 307 12.91 -3.97 -71.61
N PHE I 308 13.93 -3.54 -72.35
CA PHE I 308 14.15 -2.14 -72.71
C PHE I 308 14.16 -1.80 -74.20
N PRO I 309 12.96 -1.71 -74.82
CA PRO I 309 12.80 -1.39 -76.24
C PRO I 309 13.13 0.06 -76.57
N ASN I 310 13.29 0.36 -77.85
CA ASN I 310 13.59 1.72 -78.26
C ASN I 310 12.36 2.59 -78.27
N ALA I 311 11.19 1.97 -78.30
CA ALA I 311 9.93 2.67 -78.33
C ALA I 311 8.94 2.11 -77.33
N GLN I 312 8.00 2.95 -76.89
CA GLN I 312 6.95 2.53 -75.96
C GLN I 312 6.14 1.47 -76.68
N PRO I 313 5.34 0.68 -75.93
CA PRO I 313 5.16 0.71 -74.48
C PRO I 313 6.36 0.24 -73.65
N PHE I 314 6.59 0.95 -72.55
CA PHE I 314 7.67 0.61 -71.64
C PHE I 314 6.99 -0.23 -70.54
N GLU I 315 7.25 -1.53 -70.56
CA GLU I 315 6.59 -2.42 -69.63
C GLU I 315 7.39 -2.86 -68.40
N HIS I 316 8.69 -2.68 -68.44
CA HIS I 316 9.55 -3.01 -67.31
C HIS I 316 10.20 -1.70 -66.98
N HIS I 317 10.00 -1.25 -65.75
CA HIS I 317 10.50 0.05 -65.33
C HIS I 317 11.79 0.05 -64.51
N ALA I 318 12.87 0.47 -65.17
CA ALA I 318 14.20 0.54 -64.58
C ALA I 318 14.19 1.37 -63.30
N THR I 319 14.68 0.74 -62.24
CA THR I 319 14.70 1.35 -60.92
C THR I 319 16.02 1.11 -60.20
N VAL I 320 16.52 2.17 -59.56
CA VAL I 320 17.76 2.10 -58.76
C VAL I 320 17.38 2.67 -57.40
N GLY I 321 18.00 2.19 -56.32
CA GLY I 321 17.66 2.69 -55.01
C GLY I 321 18.75 2.60 -53.96
N LEU I 322 18.46 3.15 -52.78
CA LEU I 322 19.38 3.16 -51.65
C LEU I 322 18.59 3.00 -50.37
N THR I 323 19.25 2.42 -49.35
CA THR I 323 18.65 2.26 -48.03
C THR I 323 19.67 2.76 -47.05
N LEU I 324 19.26 3.64 -46.15
CA LEU I 324 20.17 4.22 -45.16
C LEU I 324 19.52 4.08 -43.78
N ARG I 325 20.25 3.52 -42.81
CA ARG I 325 19.73 3.38 -41.46
C ARG I 325 20.69 3.92 -40.41
N ILE I 326 20.21 4.80 -39.55
CA ILE I 326 21.03 5.36 -38.49
C ILE I 326 20.90 4.41 -37.31
N GLU I 327 21.93 3.59 -37.08
CA GLU I 327 21.91 2.63 -35.98
C GLU I 327 21.97 3.32 -34.62
N SER I 328 22.88 4.29 -34.48
CA SER I 328 23.04 4.99 -33.22
C SER I 328 23.53 6.39 -33.55
N ALA I 329 23.30 7.30 -32.61
CA ALA I 329 23.74 8.68 -32.76
C ALA I 329 23.55 9.40 -31.45
N VAL I 330 24.13 10.59 -31.36
CA VAL I 330 24.00 11.41 -30.19
C VAL I 330 23.24 12.66 -30.62
N CYS I 331 22.35 13.17 -29.77
CA CYS I 331 21.64 14.40 -30.09
C CYS I 331 21.65 15.26 -28.85
N GLU I 332 21.77 16.56 -29.07
CA GLU I 332 21.75 17.50 -27.97
C GLU I 332 20.32 17.70 -27.44
N SER I 333 19.31 17.28 -28.21
CA SER I 333 17.90 17.39 -27.83
C SER I 333 17.33 16.00 -27.56
N VAL I 334 16.38 15.88 -26.62
CA VAL I 334 15.78 14.58 -26.38
C VAL I 334 15.01 14.17 -27.63
N LEU I 335 14.97 12.87 -27.90
CA LEU I 335 14.25 12.31 -29.03
C LEU I 335 13.76 10.95 -28.59
N ALA I 336 12.79 10.42 -29.33
CA ALA I 336 12.34 9.06 -29.09
C ALA I 336 13.37 8.20 -29.87
N ASP I 337 13.57 6.96 -29.44
CA ASP I 337 14.45 6.04 -30.16
C ASP I 337 13.86 4.63 -30.02
N ALA I 338 14.59 3.59 -30.43
CA ALA I 338 14.06 2.22 -30.37
C ALA I 338 14.28 1.48 -29.06
N SER I 339 14.91 2.12 -28.08
CA SER I 339 15.19 1.46 -26.82
C SER I 339 14.63 2.10 -25.56
N GLU I 340 14.63 3.43 -25.50
CA GLU I 340 14.13 4.14 -24.35
C GLU I 340 12.61 4.16 -24.27
N THR I 341 12.09 4.08 -23.06
CA THR I 341 10.65 4.04 -22.83
C THR I 341 10.04 5.39 -22.46
N MET I 342 10.84 6.46 -22.47
CA MET I 342 10.36 7.78 -22.09
C MET I 342 9.11 8.25 -22.80
N LEU I 343 9.15 8.30 -24.13
CA LEU I 343 7.99 8.74 -24.88
C LEU I 343 6.79 7.87 -24.51
N ALA I 344 6.99 6.55 -24.51
CA ALA I 344 5.91 5.63 -24.17
C ALA I 344 5.37 5.84 -22.76
N ASN I 345 6.25 6.16 -21.79
CA ASN I 345 5.81 6.40 -20.40
C ASN I 345 4.93 7.62 -20.31
N VAL I 346 5.39 8.73 -20.89
CA VAL I 346 4.66 9.98 -20.87
C VAL I 346 3.33 9.82 -21.59
N THR I 347 3.38 9.22 -22.78
CA THR I 347 2.18 9.01 -23.57
C THR I 347 1.21 8.10 -22.83
N SER I 348 1.74 7.05 -22.20
CA SER I 348 0.92 6.10 -21.47
C SER I 348 0.24 6.69 -20.24
N VAL I 349 0.96 7.50 -19.46
CA VAL I 349 0.34 8.07 -18.27
C VAL I 349 -0.78 9.01 -18.69
N ARG I 350 -0.54 9.83 -19.71
CA ARG I 350 -1.56 10.75 -20.20
C ARG I 350 -2.81 10.02 -20.72
N GLN I 351 -2.61 8.93 -21.45
CA GLN I 351 -3.72 8.14 -22.01
C GLN I 351 -4.53 7.45 -20.89
N GLU I 352 -3.83 6.82 -19.96
CA GLU I 352 -4.49 6.13 -18.86
C GLU I 352 -5.39 7.06 -18.03
N TYR I 353 -4.91 8.27 -17.75
CA TYR I 353 -5.69 9.21 -16.96
C TYR I 353 -6.54 10.17 -17.75
N ALA I 354 -6.78 9.85 -19.01
CA ALA I 354 -7.62 10.68 -19.85
C ALA I 354 -7.27 12.18 -19.79
N ILE I 355 -5.98 12.49 -19.83
CA ILE I 355 -5.53 13.87 -19.76
C ILE I 355 -5.94 14.61 -21.03
N PRO I 356 -6.63 15.76 -20.89
CA PRO I 356 -7.09 16.54 -22.05
C PRO I 356 -5.91 17.08 -22.88
N VAL I 357 -6.12 17.28 -24.19
CA VAL I 357 -5.08 17.84 -25.05
C VAL I 357 -4.74 19.21 -24.48
N GLY I 358 -3.45 19.54 -24.44
CA GLY I 358 -3.04 20.82 -23.90
C GLY I 358 -2.61 21.78 -24.99
N PRO I 359 -1.99 22.90 -24.63
CA PRO I 359 -1.54 23.88 -25.62
C PRO I 359 -0.17 23.61 -26.27
N VAL I 360 0.62 22.69 -25.72
CA VAL I 360 1.94 22.44 -26.27
C VAL I 360 2.06 21.22 -27.16
N PHE I 361 1.75 20.05 -26.62
CA PHE I 361 1.88 18.79 -27.36
C PHE I 361 0.76 18.42 -28.33
N PRO I 362 1.10 17.77 -29.47
CA PRO I 362 0.04 17.38 -30.41
C PRO I 362 -0.83 16.32 -29.77
N PRO I 363 -2.08 16.18 -30.26
CA PRO I 363 -2.96 15.17 -29.69
C PRO I 363 -2.26 13.78 -29.67
N GLY I 364 -2.37 13.10 -28.53
CA GLY I 364 -1.79 11.79 -28.35
C GLY I 364 -0.29 11.74 -28.27
N MET I 365 0.36 12.89 -28.10
CA MET I 365 1.82 12.97 -28.07
C MET I 365 2.33 12.38 -29.38
N ASN I 366 1.57 12.53 -30.48
CA ASN I 366 1.96 11.95 -31.78
C ASN I 366 3.39 12.29 -32.17
N TRP I 367 4.25 11.27 -32.30
CA TRP I 367 5.63 11.54 -32.62
C TRP I 367 5.86 12.26 -33.92
N THR I 368 5.26 11.77 -35.00
CA THR I 368 5.45 12.45 -36.26
C THR I 368 5.11 13.95 -36.16
N ASP I 369 3.95 14.27 -35.59
CA ASP I 369 3.56 15.67 -35.46
C ASP I 369 4.55 16.44 -34.59
N LEU I 370 4.97 15.81 -33.50
CA LEU I 370 5.91 16.46 -32.60
C LEU I 370 7.24 16.81 -33.27
N ILE I 371 7.88 15.83 -33.89
CA ILE I 371 9.17 16.04 -34.53
C ILE I 371 9.05 16.93 -35.78
N THR I 372 7.90 16.94 -36.45
CA THR I 372 7.73 17.77 -37.63
C THR I 372 7.77 19.26 -37.24
N ASN I 373 7.16 19.61 -36.13
CA ASN I 373 7.18 20.98 -35.65
C ASN I 373 7.72 20.97 -34.26
N TYR I 374 9.00 20.65 -34.15
CA TYR I 374 9.71 20.53 -32.90
C TYR I 374 10.14 21.90 -32.40
N SER I 375 9.19 22.69 -31.94
CA SER I 375 9.48 24.02 -31.45
C SER I 375 10.27 24.02 -30.15
N PRO I 376 10.85 25.17 -29.79
CA PRO I 376 11.61 25.23 -28.54
C PRO I 376 10.72 24.85 -27.36
N SER I 377 9.48 25.34 -27.37
CA SER I 377 8.55 25.02 -26.28
C SER I 377 8.28 23.53 -26.18
N ARG I 378 8.03 22.87 -27.31
CA ARG I 378 7.79 21.43 -27.27
C ARG I 378 9.03 20.71 -26.74
N GLU I 379 10.24 21.14 -27.14
CA GLU I 379 11.45 20.50 -26.67
C GLU I 379 11.70 20.68 -25.18
N ASP I 380 11.48 21.89 -24.68
CA ASP I 380 11.67 22.13 -23.25
C ASP I 380 10.68 21.32 -22.43
N ASN I 381 9.42 21.30 -22.87
CA ASN I 381 8.40 20.51 -22.19
C ASN I 381 8.74 19.01 -22.31
N LEU I 382 9.16 18.57 -23.50
CA LEU I 382 9.51 17.17 -23.72
C LEU I 382 10.64 16.77 -22.81
N GLN I 383 11.66 17.62 -22.69
CA GLN I 383 12.79 17.27 -21.85
C GLN I 383 12.39 17.19 -20.40
N ARG I 384 11.55 18.13 -19.96
CA ARG I 384 11.11 18.11 -18.57
C ARG I 384 10.37 16.84 -18.27
N VAL I 385 9.48 16.55 -19.17
CA VAL I 385 8.57 15.43 -19.08
C VAL I 385 9.35 14.09 -19.23
N PHE I 386 10.37 14.04 -20.09
CA PHE I 386 11.21 12.82 -20.28
C PHE I 386 12.09 12.59 -19.03
N THR I 387 12.63 13.68 -18.50
CA THR I 387 13.46 13.57 -17.31
C THR I 387 12.62 13.03 -16.14
N VAL I 388 11.38 13.48 -16.00
CA VAL I 388 10.51 13.00 -14.94
C VAL I 388 10.18 11.51 -15.15
N ALA I 389 9.94 11.13 -16.39
CA ALA I 389 9.63 9.74 -16.71
C ALA I 389 10.82 8.86 -16.30
N SER I 390 12.03 9.35 -16.54
CA SER I 390 13.23 8.60 -16.19
C SER I 390 13.40 8.49 -14.67
N ILE I 391 12.96 9.51 -13.94
CA ILE I 391 13.08 9.51 -12.47
C ILE I 391 12.10 8.47 -11.95
N ARG I 392 10.92 8.47 -12.53
CA ARG I 392 9.88 7.52 -12.15
C ARG I 392 10.27 6.05 -12.41
N SER I 393 10.88 5.79 -13.57
CA SER I 393 11.31 4.42 -13.93
C SER I 393 12.40 3.81 -13.05
N MET I 394 12.93 4.59 -12.11
CA MET I 394 13.98 4.10 -11.23
C MET I 394 13.29 3.29 -10.15
N LEU I 395 12.00 3.55 -9.96
CA LEU I 395 11.23 2.91 -8.90
C LEU I 395 10.01 2.14 -9.39
N VAL I 396 9.36 2.69 -10.40
CA VAL I 396 8.13 2.13 -10.94
C VAL I 396 8.26 1.85 -12.42
N LYS I 397 8.15 0.59 -12.80
CA LYS I 397 8.23 0.24 -14.21
C LYS I 397 6.95 -0.44 -14.57
N MET J 1 47.92 4.06 -18.09
CA MET J 1 46.54 3.91 -18.65
C MET J 1 45.44 3.82 -17.60
N ASP J 2 45.42 2.72 -16.83
CA ASP J 2 44.39 2.57 -15.80
C ASP J 2 44.28 3.92 -15.11
N VAL J 3 45.41 4.61 -15.04
CA VAL J 3 45.48 5.93 -14.46
C VAL J 3 44.31 6.68 -15.07
N LEU J 4 44.50 7.01 -16.34
CA LEU J 4 43.50 7.73 -17.10
C LEU J 4 42.08 7.46 -16.62
N TYR J 5 41.69 6.19 -16.60
CA TYR J 5 40.35 5.85 -16.17
C TYR J 5 39.92 6.68 -14.98
N SER J 6 40.52 6.38 -13.83
CA SER J 6 40.20 7.09 -12.60
C SER J 6 39.87 8.57 -12.81
N LEU J 7 40.81 9.28 -13.42
CA LEU J 7 40.67 10.70 -13.69
C LEU J 7 39.25 11.08 -14.06
N SER J 8 38.52 10.12 -14.61
CA SER J 8 37.17 10.36 -15.01
C SER J 8 36.13 10.00 -13.95
N LYS J 9 35.94 8.71 -13.66
CA LYS J 9 34.93 8.29 -12.65
C LYS J 9 35.13 9.22 -11.45
N THR J 10 36.31 9.83 -11.42
CA THR J 10 36.64 10.78 -10.38
C THR J 10 35.70 11.95 -10.61
N LEU J 11 35.83 12.57 -11.77
CA LEU J 11 35.01 13.71 -12.12
C LEU J 11 33.50 13.41 -12.20
N LYS J 12 33.10 12.34 -12.90
CA LYS J 12 31.66 12.01 -13.01
C LYS J 12 31.07 11.81 -11.63
N ASP J 13 31.55 10.78 -10.93
CA ASP J 13 31.08 10.49 -9.59
C ASP J 13 31.33 11.75 -8.76
N ALA J 14 31.83 12.81 -9.41
CA ALA J 14 32.10 14.08 -8.76
C ALA J 14 31.08 15.13 -9.20
N ARG J 15 31.19 15.57 -10.45
CA ARG J 15 30.28 16.57 -11.01
C ARG J 15 28.83 16.09 -10.81
N ASP J 16 28.69 14.88 -10.31
CA ASP J 16 27.37 14.28 -10.07
C ASP J 16 26.96 14.25 -8.60
N LYS J 17 27.82 13.74 -7.72
CA LYS J 17 27.49 13.65 -6.30
C LYS J 17 27.74 14.93 -5.50
N ILE J 18 28.14 16.00 -6.19
CA ILE J 18 28.40 17.29 -5.54
C ILE J 18 27.41 18.31 -6.03
N VAL J 19 26.29 18.46 -5.35
CA VAL J 19 25.29 19.42 -5.78
C VAL J 19 24.92 20.49 -4.79
N GLU J 20 24.30 21.55 -5.32
CA GLU J 20 23.86 22.69 -4.54
C GLU J 20 22.96 22.33 -3.35
N GLY J 21 23.55 21.72 -2.31
CA GLY J 21 22.78 21.36 -1.12
C GLY J 21 22.66 19.91 -0.69
N THR J 22 23.77 19.28 -0.29
CA THR J 22 23.73 17.89 0.15
C THR J 22 24.56 17.63 1.40
N LEU J 23 24.68 16.36 1.77
CA LEU J 23 25.43 15.98 2.97
C LEU J 23 26.83 15.43 2.72
N TYR J 24 27.74 15.78 3.61
CA TYR J 24 29.12 15.36 3.52
C TYR J 24 29.19 13.84 3.44
N SER J 25 28.42 13.19 4.31
CA SER J 25 28.37 11.73 4.37
C SER J 25 28.34 11.03 3.02
N ASN J 26 27.72 11.65 2.04
CA ASN J 26 27.61 11.07 0.71
C ASN J 26 28.95 11.06 0.01
N VAL J 27 29.88 11.87 0.51
CA VAL J 27 31.17 12.01 -0.14
C VAL J 27 32.45 11.90 0.69
N SER J 28 32.37 11.73 2.00
CA SER J 28 33.59 11.64 2.79
C SER J 28 34.57 10.70 2.09
N ASP J 29 34.10 9.50 1.78
CA ASP J 29 34.93 8.51 1.10
C ASP J 29 35.33 9.03 -0.27
N LEU J 30 34.59 10.02 -0.76
CA LEU J 30 34.86 10.58 -2.05
C LEU J 30 35.84 11.76 -2.02
N ILE J 31 35.47 12.79 -1.27
CA ILE J 31 36.32 13.96 -1.16
C ILE J 31 37.76 13.48 -1.11
N GLN J 32 38.07 12.72 -0.07
CA GLN J 32 39.41 12.18 0.12
C GLN J 32 40.05 11.82 -1.21
N GLN J 33 39.62 10.70 -1.79
CA GLN J 33 40.15 10.24 -3.08
C GLN J 33 40.52 11.41 -3.95
N PHE J 34 39.58 12.33 -4.10
CA PHE J 34 39.81 13.49 -4.92
C PHE J 34 41.11 14.22 -4.60
N ASN J 35 41.15 14.86 -3.45
CA ASN J 35 42.33 15.59 -3.03
C ASN J 35 43.59 14.84 -3.40
N GLN J 36 43.75 13.63 -2.86
CA GLN J 36 44.91 12.77 -3.13
C GLN J 36 45.47 13.08 -4.51
N MET J 37 44.57 13.19 -5.48
CA MET J 37 44.94 13.48 -6.85
C MET J 37 45.69 14.81 -6.93
N ILE J 38 44.94 15.89 -6.74
CA ILE J 38 45.47 17.24 -6.79
C ILE J 38 46.94 17.27 -6.39
N ILE J 39 47.23 16.69 -5.24
CA ILE J 39 48.59 16.65 -4.73
C ILE J 39 49.57 16.11 -5.77
N THR J 40 49.42 14.83 -6.06
CA THR J 40 50.26 14.14 -7.03
C THR J 40 50.53 15.00 -8.27
N MET J 41 49.53 15.77 -8.69
CA MET J 41 49.62 16.63 -9.87
C MET J 41 50.48 17.87 -9.72
N ASN J 42 49.88 18.89 -9.10
CA ASN J 42 50.51 20.19 -8.87
C ASN J 42 52.03 20.12 -8.97
N GLY J 43 52.59 20.98 -9.81
CA GLY J 43 54.02 21.02 -10.00
C GLY J 43 54.47 20.45 -11.32
N ASN J 44 53.70 19.50 -11.85
CA ASN J 44 54.04 18.88 -13.12
C ASN J 44 53.38 19.62 -14.28
N GLU J 45 54.15 19.89 -15.34
CA GLU J 45 53.63 20.58 -16.51
C GLU J 45 53.39 19.64 -17.69
N PHE J 46 52.35 19.94 -18.48
CA PHE J 46 51.98 19.09 -19.62
C PHE J 46 51.80 19.74 -20.99
N GLN J 47 51.95 18.90 -22.02
CA GLN J 47 51.84 19.29 -23.41
C GLN J 47 50.96 18.32 -24.21
N THR J 48 50.13 18.85 -25.09
CA THR J 48 49.25 18.03 -25.91
C THR J 48 49.04 18.68 -27.27
N GLY J 49 48.81 17.84 -28.27
CA GLY J 49 48.60 18.36 -29.61
C GLY J 49 49.81 18.13 -30.49
N GLY J 50 49.89 18.87 -31.58
CA GLY J 50 51.02 18.74 -32.49
C GLY J 50 50.71 17.75 -33.60
N ILE J 51 49.74 18.11 -34.44
CA ILE J 51 49.36 17.23 -35.53
C ILE J 51 48.10 17.74 -36.22
N GLY J 52 48.02 17.54 -37.53
CA GLY J 52 46.87 17.98 -38.31
C GLY J 52 46.31 19.30 -37.84
N ASN J 53 45.04 19.30 -37.46
CA ASN J 53 44.39 20.50 -36.98
C ASN J 53 44.12 20.40 -35.49
N LEU J 54 45.09 19.89 -34.75
CA LEU J 54 44.93 19.76 -33.32
C LEU J 54 45.75 20.79 -32.57
N PRO J 55 45.10 21.77 -31.96
CA PRO J 55 45.79 22.81 -31.21
C PRO J 55 46.75 22.22 -30.17
N ILE J 56 47.67 23.02 -29.66
CA ILE J 56 48.63 22.55 -28.68
C ILE J 56 48.48 23.36 -27.38
N ARG J 57 47.44 23.07 -26.60
CA ARG J 57 47.23 23.80 -25.35
C ARG J 57 48.14 23.25 -24.24
N ASN J 58 48.83 24.14 -23.53
CA ASN J 58 49.75 23.77 -22.44
C ASN J 58 49.14 23.96 -21.05
N TRP J 59 49.46 23.06 -20.13
CA TRP J 59 48.88 23.10 -18.79
C TRP J 59 49.81 23.05 -17.57
N ASN J 60 49.49 23.89 -16.58
CA ASN J 60 50.22 23.98 -15.33
C ASN J 60 49.25 23.61 -14.22
N PHE J 61 49.78 23.34 -13.03
CA PHE J 61 48.94 22.98 -11.88
C PHE J 61 49.36 23.70 -10.61
N ASP J 62 48.39 24.12 -9.82
CA ASP J 62 48.64 24.83 -8.56
C ASP J 62 47.28 25.18 -7.98
N PHE J 63 46.50 24.15 -7.65
CA PHE J 63 45.16 24.36 -7.11
C PHE J 63 45.02 24.00 -5.65
N GLY J 64 44.15 24.72 -4.96
CA GLY J 64 43.92 24.48 -3.55
C GLY J 64 43.34 23.11 -3.28
N LEU J 65 42.90 22.89 -2.05
CA LEU J 65 42.32 21.61 -1.66
C LEU J 65 40.81 21.73 -1.50
N LEU J 66 40.26 20.97 -0.57
CA LEU J 66 38.82 21.00 -0.36
C LEU J 66 38.35 21.13 1.07
N GLY J 67 37.43 22.05 1.30
CA GLY J 67 36.88 22.24 2.63
C GLY J 67 36.38 20.90 3.15
N THR J 68 37.14 20.30 4.04
CA THR J 68 36.77 19.03 4.62
C THR J 68 35.84 19.27 5.81
N THR J 69 35.49 20.54 6.02
CA THR J 69 34.64 20.97 7.14
C THR J 69 33.14 20.63 7.15
N LEU J 70 32.35 21.46 6.46
CA LEU J 70 30.89 21.33 6.37
C LEU J 70 30.16 19.99 6.51
N LEU J 71 28.84 20.09 6.57
CA LEU J 71 27.93 18.95 6.67
C LEU J 71 27.06 19.01 5.41
N ASN J 72 26.42 20.16 5.22
CA ASN J 72 25.58 20.40 4.05
C ASN J 72 26.41 21.31 3.15
N LEU J 73 26.42 21.01 1.85
CA LEU J 73 27.20 21.80 0.91
C LEU J 73 26.55 23.14 0.57
N ASP J 74 27.13 24.25 1.02
CA ASP J 74 26.56 25.57 0.71
C ASP J 74 26.95 25.92 -0.72
N ALA J 75 26.01 26.49 -1.46
CA ALA J 75 26.24 26.87 -2.85
C ALA J 75 27.67 27.33 -3.07
N ASN J 76 28.10 28.29 -2.27
CA ASN J 76 29.45 28.83 -2.38
C ASN J 76 30.52 27.75 -2.49
N TYR J 77 30.27 26.61 -1.86
CA TYR J 77 31.23 25.50 -1.90
C TYR J 77 31.33 24.91 -3.30
N VAL J 78 30.18 24.72 -3.92
CA VAL J 78 30.12 24.17 -5.26
C VAL J 78 30.95 25.00 -6.23
N GLU J 79 30.46 26.20 -6.57
CA GLU J 79 31.14 27.09 -7.51
C GLU J 79 32.67 27.16 -7.41
N THR J 80 33.18 27.21 -6.18
CA THR J 80 34.63 27.28 -5.98
C THR J 80 35.25 25.94 -6.34
N ALA J 81 34.39 24.96 -6.62
CA ALA J 81 34.83 23.63 -6.98
C ALA J 81 34.66 23.42 -8.49
N ARG J 82 33.46 23.69 -8.99
CA ARG J 82 33.17 23.54 -10.41
C ARG J 82 34.23 24.26 -11.24
N ASN J 83 34.67 25.42 -10.76
CA ASN J 83 35.69 26.21 -11.45
C ASN J 83 37.01 25.47 -11.54
N THR J 84 37.24 24.55 -10.60
CA THR J 84 38.48 23.78 -10.59
C THR J 84 38.33 22.51 -11.39
N ILE J 85 37.09 22.05 -11.57
CA ILE J 85 36.86 20.85 -12.33
C ILE J 85 36.92 21.17 -13.81
N ASP J 86 36.32 22.30 -14.19
CA ASP J 86 36.29 22.73 -15.58
C ASP J 86 37.66 22.92 -16.22
N TYR J 87 38.73 22.73 -15.44
CA TYR J 87 40.08 22.85 -16.01
C TYR J 87 40.50 21.42 -16.30
N PHE J 88 39.99 20.49 -15.50
CA PHE J 88 40.31 19.09 -15.68
C PHE J 88 39.50 18.52 -16.82
N VAL J 89 38.26 19.00 -16.93
CA VAL J 89 37.40 18.56 -18.02
C VAL J 89 38.16 18.98 -19.29
N ASP J 90 38.12 20.27 -19.62
CA ASP J 90 38.79 20.83 -20.81
C ASP J 90 40.19 20.29 -20.98
N PHE J 91 40.71 19.64 -19.94
CA PHE J 91 42.04 19.06 -20.00
C PHE J 91 41.93 17.67 -20.59
N VAL J 92 41.38 16.76 -19.80
CA VAL J 92 41.21 15.38 -20.22
C VAL J 92 40.81 15.27 -21.70
N ASP J 93 39.87 16.11 -22.14
CA ASP J 93 39.41 16.10 -23.54
C ASP J 93 40.67 16.17 -24.39
N ASN J 94 41.43 17.25 -24.23
CA ASN J 94 42.68 17.47 -24.96
C ASN J 94 43.68 16.35 -24.72
N VAL J 95 43.45 15.49 -23.72
CA VAL J 95 44.36 14.40 -23.43
C VAL J 95 43.93 13.17 -24.22
N CYS J 96 42.66 12.82 -24.08
CA CYS J 96 42.14 11.66 -24.78
C CYS J 96 42.47 11.82 -26.26
N MET J 97 41.92 12.87 -26.83
CA MET J 97 42.11 13.15 -28.24
C MET J 97 43.57 12.96 -28.70
N ASP J 98 44.54 13.43 -27.92
CA ASP J 98 45.97 13.33 -28.29
C ASP J 98 46.47 11.90 -28.48
N GLU J 99 46.04 10.97 -27.62
CA GLU J 99 46.46 9.57 -27.72
C GLU J 99 45.42 8.77 -28.49
N MET J 100 44.42 9.46 -29.03
CA MET J 100 43.38 8.80 -29.79
C MET J 100 43.62 8.96 -31.28
N VAL J 101 44.88 9.08 -31.68
CA VAL J 101 45.17 9.24 -33.09
C VAL J 101 46.47 8.55 -33.45
N ARG J 102 47.50 8.77 -32.63
CA ARG J 102 48.80 8.17 -32.87
C ARG J 102 48.66 6.65 -32.84
N GLU J 103 48.95 6.05 -33.99
CA GLU J 103 48.86 4.60 -34.14
C GLU J 103 50.30 4.08 -34.05
N SER J 104 50.46 2.78 -33.77
CA SER J 104 51.78 2.17 -33.68
C SER J 104 51.61 0.68 -34.01
N GLN J 105 52.44 0.17 -34.93
CA GLN J 105 52.32 -1.23 -35.31
C GLN J 105 52.94 -2.19 -34.29
N ARG J 106 54.26 -2.17 -34.19
CA ARG J 106 55.03 -3.02 -33.26
C ARG J 106 54.33 -3.19 -31.90
N ASN J 107 54.66 -2.30 -30.98
CA ASN J 107 54.10 -2.31 -29.64
C ASN J 107 52.88 -1.41 -29.70
N GLY J 108 51.90 -1.80 -30.52
CA GLY J 108 50.71 -0.97 -30.70
C GLY J 108 49.72 -0.92 -29.55
N ILE J 109 49.67 -2.01 -28.80
CA ILE J 109 48.76 -2.11 -27.67
C ILE J 109 49.05 -1.09 -26.56
N ALA J 110 50.28 -0.61 -26.50
CA ALA J 110 50.71 0.33 -25.46
C ALA J 110 50.49 1.82 -25.71
N PRO J 111 50.87 2.67 -24.73
CA PRO J 111 50.76 4.14 -24.75
C PRO J 111 51.65 4.76 -25.82
N GLN J 112 51.34 5.99 -26.23
CA GLN J 112 52.13 6.68 -27.26
C GLN J 112 52.55 8.13 -26.97
N SER J 113 51.56 9.00 -26.81
CA SER J 113 51.73 10.45 -26.56
C SER J 113 52.65 10.89 -25.43
N ASP J 114 53.25 12.08 -25.59
CA ASP J 114 54.13 12.65 -24.58
C ASP J 114 53.30 12.97 -23.34
N SER J 115 51.99 12.88 -23.49
CA SER J 115 51.08 13.15 -22.41
C SER J 115 50.91 11.89 -21.57
N LEU J 116 50.57 10.79 -22.24
CA LEU J 116 50.36 9.54 -21.53
C LEU J 116 51.62 8.80 -21.13
N ARG J 117 52.64 8.75 -21.99
CA ARG J 117 53.89 8.05 -21.66
C ARG J 117 54.35 8.50 -20.26
N LYS J 118 53.93 9.70 -19.86
CA LYS J 118 54.30 10.25 -18.56
C LYS J 118 53.31 9.83 -17.46
N LEU J 119 52.12 9.41 -17.89
CA LEU J 119 51.09 9.00 -16.95
C LEU J 119 51.32 7.61 -16.40
N SER J 120 51.78 6.70 -17.25
CA SER J 120 52.04 5.33 -16.83
C SER J 120 53.16 5.37 -15.81
N GLY J 121 53.79 6.53 -15.66
CA GLY J 121 54.87 6.68 -14.70
C GLY J 121 54.41 6.12 -13.37
N LEU J 122 55.33 5.76 -12.49
CA LEU J 122 54.97 5.18 -11.20
C LEU J 122 54.39 6.16 -10.18
N LYS J 123 55.01 7.33 -10.05
CA LYS J 123 54.56 8.33 -9.09
C LYS J 123 53.08 8.74 -9.23
N PHE J 124 52.40 8.21 -10.25
CA PHE J 124 51.00 8.53 -10.52
C PHE J 124 50.03 7.42 -10.14
N LYS J 125 50.50 6.19 -10.25
CA LYS J 125 49.68 5.03 -9.94
C LYS J 125 48.86 5.25 -8.67
N ARG J 126 49.31 6.15 -7.80
CA ARG J 126 48.62 6.46 -6.55
C ARG J 126 47.20 6.99 -6.75
N ILE J 127 46.48 6.51 -7.75
CA ILE J 127 45.14 7.06 -7.97
C ILE J 127 43.97 6.15 -8.38
N ASN J 128 44.25 5.00 -8.98
CA ASN J 128 43.18 4.08 -9.42
C ASN J 128 41.95 4.05 -8.50
N PHE J 129 40.78 3.76 -9.07
CA PHE J 129 39.54 3.72 -8.27
C PHE J 129 38.28 3.31 -9.05
N ASP J 130 37.28 2.74 -8.34
CA ASP J 130 35.99 2.23 -8.91
C ASP J 130 36.02 1.93 -10.40
N ASN J 131 36.56 0.76 -10.75
CA ASN J 131 36.65 0.33 -12.15
C ASN J 131 35.47 -0.54 -12.57
N SER J 132 34.25 -0.03 -12.48
CA SER J 132 33.10 -0.84 -12.88
C SER J 132 32.60 -0.48 -14.28
N SER J 133 33.38 0.32 -15.03
CA SER J 133 32.99 0.69 -16.39
C SER J 133 33.37 -0.42 -17.36
N GLU J 134 32.36 -1.20 -17.71
CA GLU J 134 32.48 -2.34 -18.61
C GLU J 134 33.80 -2.44 -19.38
N TYR J 135 34.27 -1.34 -19.95
CA TYR J 135 35.50 -1.36 -20.73
C TYR J 135 36.81 -1.50 -20.00
N ILE J 136 36.95 -0.78 -18.90
CA ILE J 136 38.17 -0.89 -18.14
C ILE J 136 38.17 -2.28 -17.53
N GLU J 137 37.00 -2.69 -17.02
CA GLU J 137 36.83 -4.02 -16.40
C GLU J 137 37.51 -5.03 -17.31
N ASN J 138 37.34 -4.83 -18.61
CA ASN J 138 37.92 -5.73 -19.60
C ASN J 138 39.35 -5.39 -19.96
N TRP J 139 39.75 -4.12 -19.86
CA TRP J 139 41.12 -3.81 -20.18
C TRP J 139 42.03 -4.58 -19.22
N ASN J 140 41.82 -4.40 -17.93
CA ASN J 140 42.63 -5.08 -16.92
C ASN J 140 42.76 -6.58 -17.17
N LEU J 141 41.65 -7.29 -17.08
CA LEU J 141 41.62 -8.75 -17.27
C LEU J 141 42.45 -9.21 -18.47
N GLN J 142 42.67 -8.30 -19.40
CA GLN J 142 43.42 -8.62 -20.61
C GLN J 142 44.92 -8.43 -20.37
N ASN J 143 45.27 -7.34 -19.69
CA ASN J 143 46.65 -7.00 -19.39
C ASN J 143 47.30 -8.01 -18.46
N ARG J 144 46.48 -8.87 -17.85
CA ARG J 144 46.98 -9.90 -16.97
C ARG J 144 47.02 -11.20 -17.76
N ARG J 145 46.49 -11.14 -18.97
CA ARG J 145 46.43 -12.29 -19.86
C ARG J 145 45.38 -13.30 -19.37
N GLN J 146 44.10 -12.96 -19.61
CA GLN J 146 42.96 -13.81 -19.23
C GLN J 146 41.70 -13.58 -20.07
N ARG J 147 40.75 -14.51 -19.96
CA ARG J 147 39.50 -14.45 -20.73
C ARG J 147 38.70 -13.15 -20.48
N THR J 148 38.57 -12.35 -21.53
CA THR J 148 37.88 -11.06 -21.49
C THR J 148 36.36 -11.17 -21.72
N GLY J 149 35.80 -10.26 -22.52
CA GLY J 149 34.37 -10.30 -22.82
C GLY J 149 33.56 -9.01 -22.88
N PHE J 150 32.74 -8.84 -23.93
CA PHE J 150 31.90 -7.64 -24.11
C PHE J 150 30.47 -7.98 -24.56
N THR J 151 29.56 -7.02 -24.47
CA THR J 151 28.16 -7.21 -24.85
C THR J 151 27.72 -6.31 -26.03
N PHE J 152 27.13 -6.93 -27.06
CA PHE J 152 26.70 -6.22 -28.27
C PHE J 152 25.31 -6.55 -28.83
N HIS J 153 24.70 -5.56 -29.49
CA HIS J 153 23.39 -5.69 -30.13
C HIS J 153 23.70 -5.51 -31.62
N LYS J 154 23.03 -6.28 -32.48
CA LYS J 154 23.28 -6.23 -33.92
C LYS J 154 24.76 -5.91 -34.17
N PRO J 155 25.69 -6.75 -33.63
CA PRO J 155 27.16 -6.63 -33.75
C PRO J 155 27.58 -6.39 -35.19
N ASN J 156 28.83 -5.98 -35.44
CA ASN J 156 29.18 -5.70 -36.83
C ASN J 156 30.35 -6.62 -37.20
N ILE J 157 30.03 -7.89 -37.42
CA ILE J 157 31.02 -8.91 -37.68
C ILE J 157 31.26 -9.22 -39.16
N PHE J 158 30.27 -8.97 -40.01
CA PHE J 158 30.42 -9.26 -41.43
C PHE J 158 30.85 -8.08 -42.29
N PRO J 159 32.03 -8.18 -42.92
CA PRO J 159 32.43 -7.05 -43.76
C PRO J 159 31.42 -7.04 -44.90
N TYR J 160 31.11 -5.86 -45.42
CA TYR J 160 30.15 -5.77 -46.50
C TYR J 160 30.59 -6.63 -47.66
N SER J 161 29.70 -7.46 -48.17
CA SER J 161 29.98 -8.33 -49.30
C SER J 161 28.66 -8.57 -49.99
N ALA J 162 28.55 -8.15 -51.23
CA ALA J 162 27.33 -8.36 -51.99
C ALA J 162 27.77 -8.92 -53.33
N SER J 163 27.49 -10.19 -53.60
CA SER J 163 27.93 -10.78 -54.86
C SER J 163 27.10 -12.01 -55.25
N PHE J 164 27.57 -12.76 -56.24
CA PHE J 164 26.89 -13.97 -56.70
C PHE J 164 27.91 -14.96 -57.24
N THR J 165 27.49 -16.20 -57.43
CA THR J 165 28.33 -17.22 -57.98
C THR J 165 27.46 -18.03 -58.87
N LEU J 166 27.78 -18.05 -60.16
CA LEU J 166 27.02 -18.82 -61.14
C LEU J 166 27.63 -20.21 -61.28
N ASN J 167 26.91 -21.21 -60.79
CA ASN J 167 27.38 -22.58 -60.89
C ASN J 167 27.12 -23.21 -62.26
N ARG J 168 26.13 -22.67 -62.96
CA ARG J 168 25.80 -23.09 -64.33
C ARG J 168 25.44 -21.80 -65.03
N SER J 169 26.12 -21.50 -66.12
CA SER J 169 25.84 -20.29 -66.87
C SER J 169 26.26 -20.52 -68.28
N GLN J 170 25.84 -19.62 -69.14
CA GLN J 170 26.18 -19.69 -70.55
C GLN J 170 26.08 -18.24 -71.01
N PRO J 171 26.73 -17.91 -72.14
CA PRO J 171 26.74 -16.55 -72.68
C PRO J 171 25.41 -15.78 -72.64
N ALA J 172 24.31 -16.41 -73.07
CA ALA J 172 23.02 -15.74 -73.08
C ALA J 172 22.44 -15.49 -71.66
N HIS J 173 22.97 -16.20 -70.66
CA HIS J 173 22.51 -16.09 -69.28
C HIS J 173 21.00 -16.28 -69.24
N ASP J 174 20.53 -17.32 -69.91
CA ASP J 174 19.11 -17.63 -69.97
C ASP J 174 18.75 -18.91 -69.20
N ASN J 175 19.75 -19.57 -68.66
CA ASN J 175 19.53 -20.78 -67.85
C ASN J 175 20.66 -20.93 -66.81
N LEU J 176 20.62 -20.04 -65.80
CA LEU J 176 21.61 -19.99 -64.75
C LEU J 176 21.21 -20.75 -63.52
N MET J 177 22.21 -21.07 -62.70
CA MET J 177 22.00 -21.75 -61.43
C MET J 177 23.15 -21.28 -60.54
N GLY J 178 22.84 -20.84 -59.34
CA GLY J 178 23.87 -20.36 -58.44
C GLY J 178 23.28 -19.67 -57.23
N THR J 179 24.10 -18.85 -56.57
CA THR J 179 23.63 -18.14 -55.39
C THR J 179 24.07 -16.69 -55.45
N MET J 180 23.34 -15.84 -54.75
CA MET J 180 23.67 -14.43 -54.62
C MET J 180 23.41 -14.10 -53.15
N TRP J 181 24.17 -13.16 -52.60
CA TRP J 181 24.05 -12.85 -51.20
C TRP J 181 24.44 -11.45 -50.85
N LEU J 182 24.17 -11.10 -49.58
CA LEU J 182 24.56 -9.85 -48.98
C LEU J 182 24.92 -10.20 -47.53
N ASN J 183 26.19 -10.06 -47.22
CA ASN J 183 26.69 -10.21 -45.84
C ASN J 183 27.07 -8.81 -45.39
N ALA J 184 26.47 -8.33 -44.33
CA ALA J 184 26.78 -6.97 -43.86
C ALA J 184 26.37 -6.80 -42.42
N GLY J 185 27.31 -6.35 -41.60
CA GLY J 185 27.00 -6.13 -40.20
C GLY J 185 26.74 -7.42 -39.45
N SER J 186 25.51 -7.56 -39.00
CA SER J 186 25.10 -8.74 -38.27
C SER J 186 24.14 -9.58 -39.10
N GLU J 187 23.97 -9.24 -40.38
CA GLU J 187 23.01 -9.96 -41.21
C GLU J 187 23.54 -10.63 -42.46
N ILE J 188 22.89 -11.73 -42.80
CA ILE J 188 23.21 -12.49 -44.00
C ILE J 188 21.90 -12.79 -44.70
N GLN J 189 21.85 -12.56 -46.00
CA GLN J 189 20.68 -12.95 -46.81
C GLN J 189 21.33 -13.69 -47.97
N VAL J 190 20.82 -14.86 -48.30
CA VAL J 190 21.37 -15.62 -49.40
C VAL J 190 20.24 -16.31 -50.14
N ALA J 191 20.31 -16.28 -51.47
CA ALA J 191 19.32 -16.93 -52.31
C ALA J 191 20.02 -17.88 -53.26
N GLY J 192 19.35 -19.00 -53.52
CA GLY J 192 19.83 -19.99 -54.46
C GLY J 192 18.78 -19.96 -55.57
N PHE J 193 19.23 -19.86 -56.81
CA PHE J 193 18.32 -19.82 -57.95
C PHE J 193 18.70 -20.91 -58.98
N ASP J 194 17.68 -21.42 -59.68
CA ASP J 194 17.86 -22.44 -60.70
C ASP J 194 16.82 -22.13 -61.76
N TYR J 195 17.24 -21.51 -62.86
CA TYR J 195 16.31 -21.15 -63.94
C TYR J 195 15.50 -22.34 -64.46
N SER J 196 16.09 -23.53 -64.42
CA SER J 196 15.42 -24.74 -64.90
C SER J 196 14.46 -25.39 -63.91
N CYS J 197 14.37 -24.86 -62.69
CA CYS J 197 13.52 -25.41 -61.63
C CYS J 197 13.79 -26.91 -61.42
N ALA J 198 15.07 -27.25 -61.43
CA ALA J 198 15.54 -28.61 -61.22
C ALA J 198 14.88 -29.66 -62.13
N ILE J 199 14.50 -29.26 -63.35
CA ILE J 199 13.84 -30.14 -64.33
C ILE J 199 14.66 -31.41 -64.68
N ASN J 200 15.99 -31.26 -64.76
CA ASN J 200 16.91 -32.36 -65.08
C ASN J 200 17.80 -32.71 -63.89
N ALA J 201 17.46 -32.21 -62.70
CA ALA J 201 18.27 -32.50 -61.53
C ALA J 201 17.86 -33.79 -60.82
N PRO J 202 18.84 -34.51 -60.23
CA PRO J 202 18.58 -35.76 -59.52
C PRO J 202 17.57 -35.50 -58.40
N ALA J 203 16.49 -36.27 -58.41
CA ALA J 203 15.42 -36.14 -57.43
C ALA J 203 14.72 -34.78 -57.58
N ASN J 204 14.94 -34.13 -58.72
CA ASN J 204 14.36 -32.81 -59.00
C ASN J 204 14.65 -31.83 -57.88
N THR J 205 15.86 -31.93 -57.33
CA THR J 205 16.29 -31.10 -56.22
C THR J 205 17.68 -30.51 -56.52
N GLN J 206 17.81 -29.20 -56.32
CA GLN J 206 19.09 -28.54 -56.54
C GLN J 206 19.58 -28.12 -55.15
N GLN J 207 20.80 -28.51 -54.80
CA GLN J 207 21.36 -28.16 -53.51
C GLN J 207 22.08 -26.81 -53.57
N PHE J 208 21.99 -26.04 -52.48
CA PHE J 208 22.68 -24.76 -52.37
C PHE J 208 23.41 -24.72 -51.04
N GLU J 209 24.38 -23.83 -50.94
CA GLU J 209 25.13 -23.73 -49.72
C GLU J 209 25.76 -22.34 -49.67
N HIS J 210 25.83 -21.76 -48.48
CA HIS J 210 26.45 -20.46 -48.29
C HIS J 210 27.27 -20.56 -47.03
N ILE J 211 28.56 -20.28 -47.12
CA ILE J 211 29.45 -20.32 -45.96
C ILE J 211 30.03 -18.95 -45.66
N VAL J 212 29.98 -18.55 -44.40
CA VAL J 212 30.50 -17.26 -43.99
C VAL J 212 31.47 -17.48 -42.84
N GLN J 213 32.70 -17.04 -43.02
CA GLN J 213 33.73 -17.18 -42.01
C GLN J 213 33.94 -15.90 -41.23
N LEU J 214 33.66 -15.94 -39.93
CA LEU J 214 33.81 -14.74 -39.11
C LEU J 214 35.29 -14.50 -38.84
N ARG J 215 35.67 -13.24 -38.70
CA ARG J 215 37.07 -12.91 -38.42
C ARG J 215 37.37 -13.07 -36.94
N ARG J 216 36.31 -13.17 -36.13
CA ARG J 216 36.47 -13.38 -34.70
C ARG J 216 35.31 -14.30 -34.29
N VAL J 217 35.57 -15.10 -33.25
CA VAL J 217 34.56 -16.00 -32.73
C VAL J 217 33.51 -15.21 -31.98
N LEU J 218 32.26 -15.60 -32.15
CA LEU J 218 31.18 -14.99 -31.41
C LEU J 218 30.67 -16.10 -30.50
N THR J 219 30.37 -15.74 -29.26
CA THR J 219 29.80 -16.68 -28.32
C THR J 219 28.45 -16.13 -27.85
N THR J 220 27.64 -17.00 -27.27
CA THR J 220 26.34 -16.62 -26.71
C THR J 220 25.47 -15.73 -27.64
N ALA J 221 25.45 -16.08 -28.93
CA ALA J 221 24.67 -15.36 -29.93
C ALA J 221 23.20 -15.79 -29.99
N THR J 222 22.35 -14.76 -29.94
CA THR J 222 20.89 -14.95 -30.12
C THR J 222 20.62 -14.56 -31.57
N ILE J 223 20.09 -15.51 -32.31
CA ILE J 223 19.94 -15.33 -33.75
C ILE J 223 18.53 -15.56 -34.30
N THR J 224 18.12 -14.74 -35.26
CA THR J 224 16.83 -14.87 -35.91
C THR J 224 17.12 -15.49 -37.28
N LEU J 225 16.44 -16.59 -37.60
CA LEU J 225 16.64 -17.26 -38.88
C LEU J 225 15.26 -17.32 -39.48
N LEU J 226 15.13 -16.85 -40.69
CA LEU J 226 13.83 -16.84 -41.37
C LEU J 226 13.99 -17.36 -42.78
N PRO J 227 12.95 -18.01 -43.31
CA PRO J 227 13.06 -18.50 -44.68
C PRO J 227 12.86 -17.30 -45.59
N ASP J 228 13.39 -17.40 -46.82
CA ASP J 228 13.28 -16.35 -47.85
C ASP J 228 14.31 -15.25 -47.70
N ALA J 229 14.74 -14.72 -48.85
CA ALA J 229 15.70 -13.62 -48.90
C ALA J 229 14.96 -12.54 -49.69
N GLU J 230 14.25 -11.65 -49.00
CA GLU J 230 13.49 -10.59 -49.64
C GLU J 230 14.33 -9.74 -50.58
N ARG J 231 15.57 -9.52 -50.19
CA ARG J 231 16.49 -8.73 -50.99
C ARG J 231 16.70 -9.32 -52.40
N PHE J 232 16.52 -10.63 -52.54
CA PHE J 232 16.73 -11.28 -53.83
C PHE J 232 15.44 -11.91 -54.35
N SER J 233 14.33 -11.26 -54.06
CA SER J 233 13.04 -11.78 -54.47
C SER J 233 12.40 -10.93 -55.55
N PHE J 234 13.14 -9.96 -56.04
CA PHE J 234 12.60 -9.09 -57.08
C PHE J 234 13.45 -9.12 -58.37
N PRO J 235 12.86 -8.71 -59.51
CA PRO J 235 13.53 -8.68 -60.81
C PRO J 235 14.74 -7.79 -60.82
N ARG J 236 15.81 -8.31 -61.39
CA ARG J 236 17.04 -7.56 -61.44
C ARG J 236 17.74 -7.75 -62.79
N VAL J 237 18.49 -6.73 -63.12
CA VAL J 237 19.39 -6.75 -64.26
C VAL J 237 20.77 -6.59 -63.61
N ILE J 238 21.57 -7.61 -63.77
CA ILE J 238 22.86 -7.69 -63.08
C ILE J 238 24.04 -7.75 -64.04
N ASN J 239 25.20 -7.28 -63.60
CA ASN J 239 26.38 -7.33 -64.45
C ASN J 239 26.89 -8.77 -64.43
N SER J 240 27.42 -9.21 -65.56
CA SER J 240 27.96 -10.55 -65.68
C SER J 240 29.25 -10.61 -64.84
N ALA J 241 29.71 -11.83 -64.54
CA ALA J 241 30.92 -11.98 -63.75
C ALA J 241 32.13 -11.23 -64.31
N ASP J 242 32.27 -11.22 -65.64
CA ASP J 242 33.40 -10.54 -66.31
C ASP J 242 33.16 -9.07 -66.61
N GLY J 243 31.97 -8.58 -66.23
CA GLY J 243 31.63 -7.19 -66.47
C GLY J 243 31.33 -6.82 -67.91
N ALA J 244 31.38 -7.80 -68.81
CA ALA J 244 31.16 -7.55 -70.23
C ALA J 244 29.69 -7.35 -70.67
N THR J 245 28.74 -7.83 -69.88
CA THR J 245 27.32 -7.68 -70.24
C THR J 245 26.41 -7.74 -69.00
N THR J 246 25.10 -7.78 -69.22
CA THR J 246 24.15 -7.84 -68.12
C THR J 246 23.13 -8.96 -68.34
N TRP J 247 22.77 -9.65 -67.25
CA TRP J 247 21.79 -10.73 -67.29
C TRP J 247 20.50 -10.34 -66.55
N TYR J 248 19.44 -11.07 -66.83
CA TYR J 248 18.15 -10.81 -66.22
C TYR J 248 17.76 -11.87 -65.20
N PHE J 249 17.35 -11.43 -64.01
CA PHE J 249 16.94 -12.32 -62.94
C PHE J 249 15.47 -11.97 -62.68
N ASN J 250 14.60 -12.94 -62.85
CA ASN J 250 13.18 -12.77 -62.68
C ASN J 250 12.68 -13.84 -61.70
N PRO J 251 12.95 -13.69 -60.39
CA PRO J 251 12.60 -14.71 -59.40
C PRO J 251 11.13 -14.89 -59.12
N VAL J 252 10.86 -16.15 -58.77
CA VAL J 252 9.59 -16.66 -58.23
C VAL J 252 10.04 -17.50 -57.05
N ILE J 253 9.49 -17.25 -55.88
CA ILE J 253 10.00 -17.86 -54.64
C ILE J 253 9.27 -19.10 -54.17
N LEU J 254 10.04 -20.10 -53.77
CA LEU J 254 9.52 -21.36 -53.24
C LEU J 254 10.14 -21.53 -51.85
N ARG J 255 9.54 -22.34 -50.99
CA ARG J 255 10.11 -22.51 -49.67
C ARG J 255 11.39 -23.27 -49.72
N PRO J 256 12.39 -22.82 -48.95
CA PRO J 256 13.66 -23.53 -48.96
C PRO J 256 13.41 -24.91 -48.34
N ASN J 257 13.90 -25.94 -49.01
CA ASN J 257 13.77 -27.33 -48.62
C ASN J 257 15.03 -27.87 -47.91
N ASN J 258 14.85 -28.68 -46.86
CA ASN J 258 15.96 -29.25 -46.08
C ASN J 258 16.98 -28.24 -45.59
N VAL J 259 16.47 -27.19 -44.97
CA VAL J 259 17.32 -26.14 -44.45
C VAL J 259 18.14 -26.70 -43.28
N GLU J 260 19.44 -26.45 -43.31
CA GLU J 260 20.32 -26.85 -42.24
C GLU J 260 21.34 -25.76 -41.99
N VAL J 261 21.34 -25.23 -40.77
CA VAL J 261 22.29 -24.19 -40.40
C VAL J 261 23.29 -24.80 -39.44
N GLU J 262 24.56 -24.64 -39.73
CA GLU J 262 25.58 -25.13 -38.85
C GLU J 262 26.47 -24.00 -38.41
N PHE J 263 26.71 -23.94 -37.11
CA PHE J 263 27.59 -22.94 -36.51
C PHE J 263 28.78 -23.79 -36.12
N LEU J 264 29.89 -23.57 -36.81
CA LEU J 264 31.08 -24.35 -36.57
C LEU J 264 32.16 -23.57 -35.89
N LEU J 265 33.03 -24.29 -35.19
CA LEU J 265 34.15 -23.69 -34.51
C LEU J 265 35.33 -24.55 -34.90
N ASN J 266 36.30 -23.96 -35.59
CA ASN J 266 37.49 -24.71 -36.02
C ASN J 266 37.13 -25.99 -36.78
N GLY J 267 36.11 -25.91 -37.64
CA GLY J 267 35.71 -27.05 -38.43
C GLY J 267 34.75 -28.00 -37.76
N GLN J 268 34.53 -27.83 -36.47
CA GLN J 268 33.61 -28.70 -35.75
C GLN J 268 32.23 -28.08 -35.63
N ILE J 269 31.20 -28.90 -35.78
CA ILE J 269 29.82 -28.42 -35.62
C ILE J 269 29.57 -28.23 -34.12
N ILE J 270 29.24 -27.02 -33.72
CA ILE J 270 28.96 -26.73 -32.33
C ILE J 270 27.45 -26.71 -32.21
N ASN J 271 26.76 -26.09 -33.16
CA ASN J 271 25.30 -26.05 -33.15
C ASN J 271 24.79 -26.36 -34.54
N THR J 272 23.72 -27.11 -34.62
CA THR J 272 23.11 -27.42 -35.89
C THR J 272 21.59 -27.37 -35.72
N TYR J 273 20.94 -26.74 -36.68
CA TYR J 273 19.49 -26.58 -36.68
C TYR J 273 18.93 -26.99 -38.04
N GLN J 274 17.94 -27.86 -38.02
CA GLN J 274 17.33 -28.36 -39.23
C GLN J 274 15.98 -27.72 -39.40
N ALA J 275 15.87 -26.86 -40.39
CA ALA J 275 14.60 -26.22 -40.69
C ALA J 275 13.92 -25.53 -39.51
N ARG J 276 14.71 -24.95 -38.61
CA ARG J 276 14.13 -24.27 -37.49
C ARG J 276 14.18 -22.77 -37.67
N PHE J 277 13.04 -22.15 -37.94
CA PHE J 277 12.96 -20.72 -38.15
C PHE J 277 12.49 -20.02 -36.89
N GLY J 278 12.93 -18.79 -36.67
CA GLY J 278 12.56 -18.09 -35.47
C GLY J 278 13.84 -17.79 -34.70
N THR J 279 13.81 -17.92 -33.39
CA THR J 279 14.98 -17.63 -32.58
C THR J 279 15.77 -18.88 -32.19
N ILE J 280 17.06 -18.89 -32.52
CA ILE J 280 17.96 -20.00 -32.21
C ILE J 280 19.24 -19.45 -31.55
N ILE J 281 19.87 -20.28 -30.73
CA ILE J 281 21.10 -19.90 -30.01
C ILE J 281 22.35 -20.60 -30.61
N ALA J 282 23.41 -19.83 -30.88
CA ALA J 282 24.65 -20.38 -31.40
C ALA J 282 25.64 -19.99 -30.30
N ARG J 283 26.10 -20.94 -29.53
CA ARG J 283 26.87 -20.61 -28.32
C ARG J 283 28.38 -20.31 -28.52
N ASN J 284 28.98 -20.70 -29.62
CA ASN J 284 30.43 -20.48 -29.83
C ASN J 284 30.76 -20.92 -31.24
N PHE J 285 31.08 -19.96 -32.11
CA PHE J 285 31.35 -20.32 -33.50
C PHE J 285 32.19 -19.26 -34.22
N ASP J 286 32.90 -19.69 -35.25
CA ASP J 286 33.71 -18.80 -36.07
C ASP J 286 33.28 -18.94 -37.52
N THR J 287 32.29 -19.78 -37.76
CA THR J 287 31.80 -20.01 -39.12
C THR J 287 30.33 -20.37 -39.12
N ILE J 288 29.62 -19.89 -40.13
CA ILE J 288 28.21 -20.21 -40.29
C ILE J 288 28.09 -20.87 -41.66
N ARG J 289 27.37 -21.97 -41.73
CA ARG J 289 27.16 -22.64 -42.99
C ARG J 289 25.67 -22.84 -43.17
N LEU J 290 25.12 -22.28 -44.23
CA LEU J 290 23.69 -22.42 -44.51
C LEU J 290 23.53 -23.30 -45.74
N SER J 291 22.83 -24.42 -45.58
CA SER J 291 22.58 -25.35 -46.68
C SER J 291 21.09 -25.40 -46.85
N PHE J 292 20.65 -25.33 -48.10
CA PHE J 292 19.22 -25.34 -48.41
C PHE J 292 19.06 -25.82 -49.85
N GLN J 293 17.86 -26.28 -50.18
CA GLN J 293 17.60 -26.83 -51.50
C GLN J 293 16.36 -26.26 -52.15
N LEU J 294 16.32 -26.38 -53.46
CA LEU J 294 15.17 -25.99 -54.26
C LEU J 294 14.64 -27.34 -54.71
N MET J 295 13.41 -27.66 -54.40
CA MET J 295 12.89 -28.92 -54.87
C MET J 295 11.76 -28.60 -55.81
N ARG J 296 11.83 -29.11 -57.04
CA ARG J 296 10.79 -28.85 -58.01
C ARG J 296 9.48 -29.39 -57.43
N PRO J 297 8.41 -28.58 -57.41
CA PRO J 297 7.12 -29.02 -56.85
C PRO J 297 6.64 -30.27 -57.59
N PRO J 298 6.40 -31.37 -56.87
CA PRO J 298 5.94 -32.59 -57.53
C PRO J 298 4.51 -32.46 -58.08
N ASN J 299 3.71 -31.59 -57.48
CA ASN J 299 2.34 -31.36 -57.92
C ASN J 299 2.14 -29.89 -58.15
N MET J 300 1.64 -29.53 -59.31
CA MET J 300 1.47 -28.13 -59.68
C MET J 300 0.13 -27.79 -60.27
N THR J 301 -0.51 -26.74 -59.78
CA THR J 301 -1.78 -26.32 -60.38
C THR J 301 -1.37 -25.75 -61.76
N PRO J 302 -2.32 -25.57 -62.69
CA PRO J 302 -2.00 -25.04 -64.02
C PRO J 302 -1.15 -23.76 -64.00
N ALA J 303 -1.55 -22.81 -63.17
CA ALA J 303 -0.85 -21.53 -63.06
C ALA J 303 0.63 -21.74 -62.70
N VAL J 304 0.90 -22.71 -61.83
CA VAL J 304 2.26 -23.01 -61.43
C VAL J 304 2.99 -23.75 -62.55
N ALA J 305 2.33 -24.79 -63.08
CA ALA J 305 2.90 -25.60 -64.15
C ALA J 305 3.38 -24.72 -65.32
N ALA J 306 2.62 -23.68 -65.59
CA ALA J 306 2.91 -22.72 -66.67
C ALA J 306 4.21 -21.94 -66.50
N LEU J 307 4.69 -21.84 -65.26
CA LEU J 307 5.90 -21.09 -64.98
C LEU J 307 7.13 -21.92 -65.25
N PHE J 308 6.96 -23.24 -65.15
CA PHE J 308 8.05 -24.21 -65.29
C PHE J 308 7.91 -25.25 -66.41
N PRO J 309 8.21 -24.84 -67.65
CA PRO J 309 8.12 -25.71 -68.84
C PRO J 309 9.23 -26.75 -68.89
N ASN J 310 9.07 -27.74 -69.75
CA ASN J 310 10.08 -28.78 -69.88
C ASN J 310 11.27 -28.33 -70.70
N ALA J 311 11.06 -27.27 -71.49
CA ALA J 311 12.10 -26.74 -72.35
C ALA J 311 12.19 -25.22 -72.24
N GLN J 312 13.37 -24.69 -72.54
CA GLN J 312 13.60 -23.25 -72.53
C GLN J 312 12.70 -22.65 -73.58
N PRO J 313 12.46 -21.34 -73.55
CA PRO J 313 12.98 -20.37 -72.57
C PRO J 313 12.41 -20.49 -71.15
N PHE J 314 13.29 -20.31 -70.17
CA PHE J 314 12.91 -20.36 -68.77
C PHE J 314 12.69 -18.89 -68.40
N GLU J 315 11.44 -18.52 -68.22
CA GLU J 315 11.11 -17.13 -67.95
C GLU J 315 10.82 -16.75 -66.49
N HIS J 316 10.55 -17.74 -65.66
CA HIS J 316 10.31 -17.52 -64.24
C HIS J 316 11.39 -18.34 -63.59
N HIS J 317 12.21 -17.67 -62.79
CA HIS J 317 13.35 -18.31 -62.15
C HIS J 317 13.18 -18.72 -60.70
N ALA J 318 13.02 -20.03 -60.49
CA ALA J 318 12.83 -20.62 -59.17
C ALA J 318 13.95 -20.20 -58.22
N THR J 319 13.55 -19.65 -57.08
CA THR J 319 14.46 -19.14 -56.10
C THR J 319 14.04 -19.51 -54.68
N VAL J 320 15.02 -19.93 -53.87
CA VAL J 320 14.80 -20.28 -52.46
C VAL J 320 15.83 -19.47 -51.69
N GLY J 321 15.51 -19.04 -50.46
CA GLY J 321 16.47 -18.25 -49.71
C GLY J 321 16.34 -18.33 -48.20
N LEU J 322 17.27 -17.68 -47.51
CA LEU J 322 17.31 -17.65 -46.05
C LEU J 322 17.80 -16.28 -45.61
N THR J 323 17.37 -15.88 -44.42
CA THR J 323 17.80 -14.62 -43.80
C THR J 323 18.21 -14.96 -42.40
N LEU J 324 19.41 -14.53 -42.00
CA LEU J 324 19.92 -14.81 -40.67
C LEU J 324 20.41 -13.51 -40.05
N ARG J 325 19.96 -13.19 -38.84
CA ARG J 325 20.40 -11.97 -38.16
C ARG J 325 20.88 -12.23 -36.74
N ILE J 326 22.08 -11.78 -36.42
CA ILE J 326 22.64 -11.96 -35.10
C ILE J 326 22.16 -10.75 -34.28
N GLU J 327 21.17 -10.97 -33.42
CA GLU J 327 20.62 -9.88 -32.60
C GLU J 327 21.62 -9.43 -31.54
N SER J 328 22.25 -10.38 -30.84
CA SER J 328 23.20 -10.06 -29.80
C SER J 328 24.20 -11.19 -29.73
N ALA J 329 25.37 -10.87 -29.20
CA ALA J 329 26.44 -11.85 -29.03
C ALA J 329 27.53 -11.27 -28.17
N VAL J 330 28.43 -12.12 -27.74
CA VAL J 330 29.57 -11.70 -26.96
C VAL J 330 30.81 -11.99 -27.79
N CYS J 331 31.79 -11.09 -27.75
CA CYS J 331 33.03 -11.32 -28.48
C CYS J 331 34.17 -10.98 -27.55
N GLU J 332 35.25 -11.75 -27.65
CA GLU J 332 36.42 -11.49 -26.83
C GLU J 332 37.21 -10.29 -27.38
N SER J 333 36.93 -9.90 -28.63
CA SER J 333 37.59 -8.73 -29.26
C SER J 333 36.60 -7.59 -29.43
N VAL J 334 37.07 -6.35 -29.35
CA VAL J 334 36.16 -5.23 -29.54
C VAL J 334 35.67 -5.26 -30.99
N LEU J 335 34.43 -4.83 -31.19
CA LEU J 335 33.83 -4.76 -32.52
C LEU J 335 32.89 -3.58 -32.50
N ALA J 336 32.50 -3.13 -33.68
CA ALA J 336 31.50 -2.09 -33.78
C ALA J 336 30.16 -2.87 -33.70
N ASP J 337 29.10 -2.23 -33.22
CA ASP J 337 27.78 -2.86 -33.17
C ASP J 337 26.73 -1.75 -33.43
N ALA J 338 25.44 -2.04 -33.25
CA ALA J 338 24.40 -1.06 -33.54
C ALA J 338 24.04 -0.12 -32.40
N SER J 339 24.71 -0.24 -31.25
CA SER J 339 24.40 0.60 -30.12
C SER J 339 25.52 1.46 -29.55
N GLU J 340 26.73 0.91 -29.52
CA GLU J 340 27.88 1.62 -28.99
C GLU J 340 28.40 2.68 -29.93
N THR J 341 28.85 3.80 -29.35
CA THR J 341 29.34 4.92 -30.13
C THR J 341 30.85 4.98 -30.27
N MET J 342 31.56 3.97 -29.75
CA MET J 342 33.02 3.95 -29.82
C MET J 342 33.64 4.17 -31.17
N LEU J 343 33.27 3.34 -32.14
CA LEU J 343 33.82 3.50 -33.48
C LEU J 343 33.53 4.90 -33.98
N ALA J 344 32.28 5.35 -33.83
CA ALA J 344 31.90 6.68 -34.28
C ALA J 344 32.67 7.79 -33.57
N ASN J 345 32.96 7.62 -32.28
CA ASN J 345 33.72 8.63 -31.52
C ASN J 345 35.13 8.77 -32.04
N VAL J 346 35.81 7.62 -32.18
CA VAL J 346 37.18 7.59 -32.68
C VAL J 346 37.25 8.15 -34.09
N THR J 347 36.35 7.67 -34.95
CA THR J 347 36.31 8.11 -36.33
C THR J 347 36.00 9.60 -36.40
N SER J 348 35.08 10.07 -35.56
CA SER J 348 34.70 11.47 -35.55
C SER J 348 35.81 12.40 -35.08
N VAL J 349 36.53 12.03 -34.02
CA VAL J 349 37.60 12.90 -33.54
C VAL J 349 38.67 13.01 -34.61
N ARG J 350 39.03 11.89 -35.22
CA ARG J 350 40.04 11.90 -36.27
C ARG J 350 39.64 12.76 -37.48
N GLN J 351 38.38 12.66 -37.90
CA GLN J 351 37.86 13.43 -39.02
C GLN J 351 37.82 14.94 -38.71
N GLU J 352 37.31 15.28 -37.54
CA GLU J 352 37.21 16.69 -37.14
C GLU J 352 38.58 17.39 -37.12
N TYR J 353 39.60 16.69 -36.61
CA TYR J 353 40.94 17.30 -36.54
C TYR J 353 41.83 16.99 -37.70
N ALA J 354 41.26 16.54 -38.81
CA ALA J 354 42.03 16.26 -40.01
C ALA J 354 43.28 15.42 -39.73
N ILE J 355 43.14 14.37 -38.92
CA ILE J 355 44.26 13.50 -38.58
C ILE J 355 44.69 12.72 -39.83
N PRO J 356 45.98 12.78 -40.19
CA PRO J 356 46.50 12.05 -41.36
C PRO J 356 46.36 10.53 -41.22
N VAL J 357 46.23 9.82 -42.34
CA VAL J 357 46.14 8.37 -42.32
C VAL J 357 47.44 7.87 -41.68
N GLY J 358 47.33 6.88 -40.80
CA GLY J 358 48.52 6.36 -40.15
C GLY J 358 48.92 5.00 -40.70
N PRO J 359 49.84 4.31 -40.03
CA PRO J 359 50.29 2.99 -40.48
C PRO J 359 49.42 1.80 -40.06
N VAL J 360 48.50 1.98 -39.12
CA VAL J 360 47.69 0.87 -38.66
C VAL J 360 46.30 0.78 -39.24
N PHE J 361 45.50 1.83 -39.03
CA PHE J 361 44.10 1.84 -39.48
C PHE J 361 43.85 2.21 -40.94
N PRO J 362 42.81 1.57 -41.57
CA PRO J 362 42.53 1.91 -42.97
C PRO J 362 42.05 3.34 -43.05
N PRO J 363 42.17 3.96 -44.23
CA PRO J 363 41.71 5.34 -44.38
C PRO J 363 40.24 5.46 -43.89
N GLY J 364 39.99 6.51 -43.10
CA GLY J 364 38.68 6.79 -42.56
C GLY J 364 38.17 5.84 -41.52
N MET J 365 39.05 5.00 -40.97
CA MET J 365 38.68 3.98 -39.99
C MET J 365 37.59 3.12 -40.63
N ASN J 366 37.65 2.92 -41.96
CA ASN J 366 36.62 2.14 -42.67
C ASN J 366 36.35 0.79 -42.04
N TRP J 367 35.12 0.57 -41.56
CA TRP J 367 34.82 -0.68 -40.88
C TRP J 367 35.03 -1.90 -41.73
N THR J 368 34.47 -1.93 -42.92
CA THR J 368 34.65 -3.11 -43.75
C THR J 368 36.14 -3.46 -43.91
N ASP J 369 36.97 -2.47 -44.25
CA ASP J 369 38.39 -2.73 -44.44
C ASP J 369 39.02 -3.22 -43.14
N LEU J 370 38.63 -2.61 -42.03
CA LEU J 370 39.19 -2.98 -40.75
C LEU J 370 38.88 -4.44 -40.38
N ILE J 371 37.61 -4.81 -40.41
CA ILE J 371 37.21 -6.17 -40.05
C ILE J 371 37.67 -7.21 -41.08
N THR J 372 37.85 -6.82 -42.33
CA THR J 372 38.32 -7.77 -43.35
C THR J 372 39.75 -8.21 -43.04
N ASN J 373 40.59 -7.28 -42.60
CA ASN J 373 41.96 -7.60 -42.26
C ASN J 373 42.19 -7.15 -40.84
N TYR J 374 41.51 -7.83 -39.93
CA TYR J 374 41.55 -7.51 -38.51
C TYR J 374 42.80 -8.10 -37.87
N SER J 375 43.95 -7.53 -38.16
CA SER J 375 45.20 -8.01 -37.61
C SER J 375 45.32 -7.77 -36.11
N PRO J 376 46.29 -8.47 -35.47
CA PRO J 376 46.45 -8.28 -34.03
C PRO J 376 46.74 -6.80 -33.72
N SER J 377 47.58 -6.17 -34.55
CA SER J 377 47.90 -4.76 -34.35
C SER J 377 46.67 -3.87 -34.43
N ARG J 378 45.83 -4.09 -35.44
CA ARG J 378 44.63 -3.27 -35.55
C ARG J 378 43.73 -3.48 -34.32
N GLU J 379 43.63 -4.73 -33.84
CA GLU J 379 42.79 -5.01 -32.68
C GLU J 379 43.31 -4.38 -31.40
N ASP J 380 44.62 -4.45 -31.18
CA ASP J 380 45.19 -3.85 -29.97
C ASP J 380 45.01 -2.35 -30.01
N ASN J 381 45.27 -1.74 -31.16
CA ASN J 381 45.09 -0.29 -31.32
C ASN J 381 43.59 0.07 -31.17
N LEU J 382 42.71 -0.73 -31.78
CA LEU J 382 41.28 -0.49 -31.70
C LEU J 382 40.82 -0.57 -30.26
N GLN J 383 41.30 -1.56 -29.51
CA GLN J 383 40.86 -1.69 -28.13
C GLN J 383 41.35 -0.52 -27.30
N ARG J 384 42.59 -0.09 -27.53
CA ARG J 384 43.12 1.03 -26.78
C ARG J 384 42.30 2.27 -27.03
N VAL J 385 42.06 2.48 -28.29
CA VAL J 385 41.36 3.63 -28.82
C VAL J 385 39.86 3.59 -28.40
N PHE J 386 39.25 2.41 -28.36
CA PHE J 386 37.81 2.26 -27.94
C PHE J 386 37.70 2.48 -26.43
N THR J 387 38.66 1.96 -25.67
CA THR J 387 38.65 2.14 -24.23
C THR J 387 38.76 3.64 -23.90
N VAL J 388 39.61 4.36 -24.62
CA VAL J 388 39.77 5.81 -24.39
C VAL J 388 38.48 6.55 -24.74
N ALA J 389 37.84 6.15 -25.84
CA ALA J 389 36.59 6.77 -26.27
C ALA J 389 35.54 6.58 -25.17
N SER J 390 35.53 5.40 -24.55
CA SER J 390 34.56 5.13 -23.49
C SER J 390 34.87 5.94 -22.23
N ILE J 391 36.13 6.24 -21.99
CA ILE J 391 36.52 7.01 -20.80
C ILE J 391 36.04 8.44 -21.04
N ARG J 392 36.26 8.91 -22.26
CA ARG J 392 35.85 10.24 -22.64
C ARG J 392 34.32 10.46 -22.57
N SER J 393 33.55 9.48 -23.03
CA SER J 393 32.08 9.57 -23.01
C SER J 393 31.44 9.61 -21.62
N MET J 394 32.24 9.47 -20.57
CA MET J 394 31.72 9.48 -19.21
C MET J 394 31.53 10.94 -18.85
N LEU J 395 32.23 11.82 -19.56
CA LEU J 395 32.21 13.25 -19.27
C LEU J 395 31.76 14.12 -20.41
N VAL J 396 32.17 13.73 -21.61
CA VAL J 396 31.90 14.49 -22.82
C VAL J 396 31.17 13.65 -23.85
N LYS J 397 29.97 14.04 -24.20
CA LYS J 397 29.22 13.30 -25.20
C LYS J 397 28.90 14.27 -26.30
N MET K 1 18.90 -17.57 -1.87
CA MET K 1 18.96 -16.87 -3.17
C MET K 1 19.57 -15.45 -3.12
N ASP K 2 18.84 -14.49 -2.55
CA ASP K 2 19.37 -13.13 -2.46
C ASP K 2 20.83 -13.24 -2.06
N VAL K 3 21.11 -14.27 -1.28
CA VAL K 3 22.45 -14.57 -0.82
C VAL K 3 23.29 -14.48 -2.06
N LEU K 4 23.12 -15.49 -2.90
CA LEU K 4 23.84 -15.60 -4.14
C LEU K 4 24.21 -14.24 -4.73
N TYR K 5 23.21 -13.39 -4.94
CA TYR K 5 23.48 -12.09 -5.51
C TYR K 5 24.74 -11.46 -4.92
N SER K 6 24.65 -11.06 -3.66
CA SER K 6 25.77 -10.44 -2.98
C SER K 6 27.13 -11.02 -3.39
N LEU K 7 27.27 -12.33 -3.23
CA LEU K 7 28.50 -13.04 -3.55
C LEU K 7 29.17 -12.47 -4.79
N SER K 8 28.37 -11.88 -5.66
CA SER K 8 28.91 -11.32 -6.87
C SER K 8 29.25 -9.83 -6.75
N LYS K 9 28.26 -8.95 -6.65
CA LYS K 9 28.53 -7.50 -6.55
C LYS K 9 29.66 -7.33 -5.54
N THR K 10 29.84 -8.38 -4.74
CA THR K 10 30.91 -8.43 -3.77
C THR K 10 32.19 -8.46 -4.59
N LEU K 11 32.32 -9.51 -5.38
CA LEU K 11 33.50 -9.68 -6.22
C LEU K 11 33.69 -8.58 -7.28
N LYS K 12 32.65 -8.23 -8.05
CA LYS K 12 32.78 -7.19 -9.09
C LYS K 12 33.23 -5.89 -8.44
N ASP K 13 32.37 -5.35 -7.58
CA ASP K 13 32.70 -4.11 -6.88
C ASP K 13 34.01 -4.37 -6.12
N ALA K 14 34.58 -5.57 -6.30
CA ALA K 14 35.84 -5.93 -5.66
C ALA K 14 36.96 -5.98 -6.70
N ARG K 15 36.92 -6.98 -7.57
CA ARG K 15 37.92 -7.14 -8.62
C ARG K 15 38.04 -5.84 -9.41
N ASP K 16 37.15 -4.90 -9.11
CA ASP K 16 37.14 -3.61 -9.78
C ASP K 16 37.68 -2.45 -8.96
N LYS K 17 37.18 -2.27 -7.74
CA LYS K 17 37.61 -1.16 -6.88
C LYS K 17 38.92 -1.41 -6.10
N ILE K 18 39.62 -2.50 -6.42
CA ILE K 18 40.85 -2.84 -5.72
C ILE K 18 42.09 -2.94 -6.60
N VAL K 19 42.88 -1.87 -6.68
CA VAL K 19 44.07 -1.89 -7.52
C VAL K 19 45.27 -1.11 -7.02
N GLU K 20 46.44 -1.57 -7.46
CA GLU K 20 47.73 -0.97 -7.12
C GLU K 20 47.63 0.55 -7.12
N GLY K 21 47.35 1.15 -5.96
CA GLY K 21 47.28 2.60 -5.88
C GLY K 21 46.35 3.25 -4.86
N THR K 22 45.07 3.33 -5.21
CA THR K 22 44.03 3.93 -4.38
C THR K 22 44.22 3.89 -2.86
N LEU K 23 43.56 4.82 -2.17
CA LEU K 23 43.61 4.92 -0.71
C LEU K 23 42.65 3.94 -0.04
N TYR K 24 42.99 3.52 1.18
CA TYR K 24 42.15 2.60 1.92
C TYR K 24 40.73 3.17 2.01
N SER K 25 40.63 4.42 2.48
CA SER K 25 39.34 5.10 2.65
C SER K 25 38.33 4.97 1.52
N ASN K 26 38.78 4.56 0.34
CA ASN K 26 37.88 4.42 -0.82
C ASN K 26 37.23 3.05 -0.84
N VAL K 27 37.61 2.21 0.11
CA VAL K 27 37.10 0.86 0.20
C VAL K 27 36.83 0.40 1.63
N SER K 28 37.07 1.28 2.60
CA SER K 28 36.85 0.94 4.00
C SER K 28 35.46 0.29 4.15
N ASP K 29 34.44 0.96 3.63
CA ASP K 29 33.07 0.46 3.70
C ASP K 29 32.98 -0.84 2.94
N LEU K 30 33.94 -1.08 2.06
CA LEU K 30 33.94 -2.29 1.25
C LEU K 30 34.70 -3.45 1.89
N ILE K 31 35.97 -3.23 2.18
CA ILE K 31 36.79 -4.27 2.80
C ILE K 31 35.91 -4.98 3.80
N GLN K 32 35.46 -4.24 4.80
CA GLN K 32 34.60 -4.77 5.85
C GLN K 32 33.64 -5.82 5.28
N GLN K 33 32.59 -5.36 4.60
CA GLN K 33 31.60 -6.25 4.01
C GLN K 33 32.25 -7.55 3.58
N PHE K 34 33.33 -7.43 2.82
CA PHE K 34 34.04 -8.59 2.34
C PHE K 34 34.36 -9.60 3.42
N ASN K 35 35.28 -9.25 4.30
CA ASN K 35 35.69 -10.12 5.38
C ASN K 35 34.50 -10.86 5.96
N GLN K 36 33.54 -10.09 6.50
CA GLN K 36 32.32 -10.65 7.08
C GLN K 36 31.98 -11.98 6.41
N MET K 37 32.06 -11.98 5.09
CA MET K 37 31.76 -13.17 4.32
C MET K 37 32.67 -14.32 4.72
N ILE K 38 33.94 -14.18 4.35
CA ILE K 38 34.95 -15.18 4.63
C ILE K 38 34.63 -15.95 5.89
N ILE K 39 34.39 -15.21 6.96
CA ILE K 39 34.07 -15.81 8.26
C ILE K 39 32.94 -16.82 8.13
N THR K 40 31.75 -16.31 7.85
CA THR K 40 30.55 -17.14 7.72
C THR K 40 30.84 -18.43 6.96
N MET K 41 31.70 -18.34 5.94
CA MET K 41 32.06 -19.49 5.10
C MET K 41 32.94 -20.54 5.76
N ASN K 42 34.23 -20.24 5.85
CA ASN K 42 35.21 -21.14 6.44
C ASN K 42 34.56 -22.12 7.42
N GLY K 43 34.74 -23.41 7.13
CA GLY K 43 34.17 -24.43 7.99
C GLY K 43 33.04 -25.16 7.31
N ASN K 44 32.45 -24.53 6.31
CA ASN K 44 31.35 -25.15 5.59
C ASN K 44 31.82 -25.76 4.27
N GLU K 45 31.24 -26.92 3.93
CA GLU K 45 31.58 -27.65 2.71
C GLU K 45 30.45 -27.67 1.68
N PHE K 46 30.83 -27.64 0.40
CA PHE K 46 29.86 -27.66 -0.69
C PHE K 46 30.21 -28.65 -1.78
N GLN K 47 29.18 -29.11 -2.50
CA GLN K 47 29.38 -30.03 -3.61
C GLN K 47 28.44 -29.66 -4.75
N THR K 48 28.96 -29.73 -5.97
CA THR K 48 28.19 -29.38 -7.14
C THR K 48 28.43 -30.36 -8.28
N GLY K 49 27.46 -30.44 -9.18
CA GLY K 49 27.58 -31.32 -10.32
C GLY K 49 26.75 -32.58 -10.15
N GLY K 50 27.09 -33.61 -10.91
CA GLY K 50 26.38 -34.88 -10.83
C GLY K 50 25.18 -34.97 -11.76
N ILE K 51 25.26 -34.32 -12.90
CA ILE K 51 24.17 -34.35 -13.86
C ILE K 51 24.74 -34.12 -15.25
N GLY K 52 24.71 -35.17 -16.06
CA GLY K 52 25.25 -35.07 -17.41
C GLY K 52 26.76 -34.93 -17.42
N ASN K 53 27.27 -34.24 -18.42
CA ASN K 53 28.71 -34.03 -18.55
C ASN K 53 29.22 -32.95 -17.60
N LEU K 54 28.48 -32.72 -16.53
CA LEU K 54 28.89 -31.71 -15.57
C LEU K 54 29.72 -32.33 -14.45
N PRO K 55 30.94 -31.83 -14.26
CA PRO K 55 31.85 -32.32 -13.23
C PRO K 55 31.22 -32.32 -11.83
N ILE K 56 31.91 -32.97 -10.89
CA ILE K 56 31.43 -33.07 -9.52
C ILE K 56 32.54 -32.58 -8.61
N ARG K 57 32.80 -31.27 -8.61
CA ARG K 57 33.87 -30.73 -7.78
C ARG K 57 33.45 -30.40 -6.35
N ASN K 58 34.33 -30.72 -5.40
CA ASN K 58 34.10 -30.47 -3.97
C ASN K 58 34.98 -29.30 -3.48
N TRP K 59 34.40 -28.46 -2.63
CA TRP K 59 35.09 -27.28 -2.13
C TRP K 59 35.11 -27.14 -0.61
N ASN K 60 36.22 -26.62 -0.09
CA ASN K 60 36.39 -26.42 1.33
C ASN K 60 36.84 -24.99 1.63
N PHE K 61 36.65 -24.53 2.87
CA PHE K 61 37.02 -23.16 3.23
C PHE K 61 37.78 -22.93 4.55
N ASP K 62 38.76 -22.03 4.50
CA ASP K 62 39.57 -21.63 5.66
C ASP K 62 40.64 -20.65 5.21
N PHE K 63 40.21 -19.45 4.81
CA PHE K 63 41.13 -18.43 4.32
C PHE K 63 41.38 -17.28 5.28
N GLY K 64 42.50 -16.60 5.07
CA GLY K 64 42.88 -15.48 5.93
C GLY K 64 41.93 -14.31 5.81
N LEU K 65 42.41 -13.12 6.17
CA LEU K 65 41.60 -11.90 6.11
C LEU K 65 42.35 -10.79 5.39
N LEU K 66 42.15 -9.55 5.82
CA LEU K 66 42.80 -8.42 5.16
C LEU K 66 43.25 -7.27 6.04
N GLY K 67 44.44 -6.74 5.74
CA GLY K 67 44.97 -5.64 6.52
C GLY K 67 44.09 -4.41 6.52
N THR K 68 43.73 -3.95 7.71
CA THR K 68 42.93 -2.76 7.85
C THR K 68 43.95 -1.67 8.19
N THR K 69 45.21 -2.02 7.97
CA THR K 69 46.34 -1.14 8.23
C THR K 69 46.62 -0.14 7.13
N LEU K 70 47.50 -0.53 6.21
CA LEU K 70 47.96 0.28 5.09
C LEU K 70 47.09 1.46 4.65
N LEU K 71 47.77 2.56 4.31
CA LEU K 71 47.12 3.78 3.85
C LEU K 71 46.87 3.65 2.36
N ASN K 72 47.88 3.22 1.64
CA ASN K 72 47.77 3.03 0.20
C ASN K 72 47.96 1.55 -0.10
N LEU K 73 47.52 1.12 -1.29
CA LEU K 73 47.63 -0.27 -1.68
C LEU K 73 48.90 -0.57 -2.45
N ASP K 74 49.70 -1.48 -1.91
CA ASP K 74 50.93 -1.85 -2.60
C ASP K 74 50.64 -3.11 -3.41
N ALA K 75 51.23 -3.18 -4.60
CA ALA K 75 51.03 -4.32 -5.49
C ALA K 75 50.89 -5.63 -4.73
N ASN K 76 51.87 -5.90 -3.88
CA ASN K 76 51.88 -7.11 -3.08
C ASN K 76 50.53 -7.40 -2.43
N TYR K 77 49.79 -6.35 -2.08
CA TYR K 77 48.49 -6.50 -1.43
C TYR K 77 47.49 -7.12 -2.40
N VAL K 78 47.50 -6.62 -3.62
CA VAL K 78 46.61 -7.11 -4.63
C VAL K 78 46.78 -8.61 -4.82
N GLU K 79 47.88 -9.02 -5.43
CA GLU K 79 48.17 -10.44 -5.70
C GLU K 79 47.76 -11.43 -4.61
N THR K 80 48.04 -11.09 -3.35
CA THR K 80 47.68 -11.98 -2.25
C THR K 80 46.17 -12.00 -2.07
N ALA K 81 45.49 -11.15 -2.83
CA ALA K 81 44.05 -11.06 -2.77
C ALA K 81 43.43 -11.73 -4.00
N ARG K 82 43.90 -11.34 -5.19
CA ARG K 82 43.40 -11.90 -6.42
C ARG K 82 43.44 -13.43 -6.36
N ASN K 83 44.49 -13.95 -5.72
CA ASN K 83 44.64 -15.39 -5.58
C ASN K 83 43.53 -15.99 -4.74
N THR K 84 42.93 -15.18 -3.87
CA THR K 84 41.86 -15.67 -3.02
C THR K 84 40.51 -15.46 -3.70
N ILE K 85 40.44 -14.52 -4.63
CA ILE K 85 39.20 -14.27 -5.33
C ILE K 85 39.01 -15.33 -6.39
N ASP K 86 40.08 -15.65 -7.11
CA ASP K 86 40.02 -16.64 -8.18
C ASP K 86 39.53 -18.03 -7.73
N TYR K 87 39.27 -18.21 -6.44
CA TYR K 87 38.76 -19.50 -5.97
C TYR K 87 37.26 -19.32 -5.88
N PHE K 88 36.85 -18.08 -5.58
CA PHE K 88 35.44 -17.78 -5.48
C PHE K 88 34.84 -17.64 -6.87
N VAL K 89 35.63 -17.09 -7.78
CA VAL K 89 35.17 -16.95 -9.15
C VAL K 89 34.89 -18.38 -9.60
N ASP K 90 35.96 -19.14 -9.91
CA ASP K 90 35.85 -20.53 -10.36
C ASP K 90 34.86 -21.34 -9.53
N PHE K 91 34.44 -20.78 -8.40
CA PHE K 91 33.49 -21.45 -7.55
C PHE K 91 32.10 -21.10 -8.03
N VAL K 92 31.71 -19.86 -7.78
CA VAL K 92 30.40 -19.37 -8.18
C VAL K 92 29.96 -19.92 -9.54
N ASP K 93 30.88 -19.92 -10.51
CA ASP K 93 30.58 -20.43 -11.86
C ASP K 93 29.96 -21.81 -11.66
N ASN K 94 30.73 -22.70 -11.05
CA ASN K 94 30.29 -24.07 -10.76
C ASN K 94 29.04 -24.09 -9.89
N VAL K 95 28.68 -22.96 -9.29
CA VAL K 95 27.49 -22.90 -8.44
C VAL K 95 26.29 -22.52 -9.26
N CYS K 96 26.42 -21.42 -10.01
CA CYS K 96 25.34 -20.97 -10.85
C CYS K 96 24.91 -22.13 -11.74
N MET K 97 25.84 -22.58 -12.56
CA MET K 97 25.59 -23.67 -13.49
C MET K 97 24.80 -24.83 -12.87
N ASP K 98 25.16 -25.25 -11.66
CA ASP K 98 24.48 -26.37 -10.98
C ASP K 98 22.98 -26.16 -10.75
N GLU K 99 22.58 -24.95 -10.38
CA GLU K 99 21.16 -24.64 -10.13
C GLU K 99 20.54 -24.03 -11.38
N MET K 100 21.30 -23.98 -12.45
CA MET K 100 20.80 -23.44 -13.71
C MET K 100 20.45 -24.59 -14.64
N VAL K 101 20.15 -25.74 -14.08
CA VAL K 101 19.80 -26.89 -14.90
C VAL K 101 18.65 -27.66 -14.29
N ARG K 102 18.62 -27.69 -12.96
CA ARG K 102 17.56 -28.41 -12.26
C ARG K 102 16.25 -27.63 -12.36
N GLU K 103 15.21 -28.35 -12.75
CA GLU K 103 13.87 -27.80 -12.95
C GLU K 103 12.86 -28.64 -12.15
N SER K 104 11.69 -28.07 -11.84
CA SER K 104 10.71 -28.81 -11.05
C SER K 104 9.26 -28.40 -11.32
N GLN K 105 8.33 -29.34 -11.23
CA GLN K 105 6.91 -29.06 -11.47
C GLN K 105 6.17 -28.35 -10.32
N ARG K 106 6.09 -29.01 -9.16
CA ARG K 106 5.42 -28.45 -7.98
C ARG K 106 5.91 -27.02 -7.68
N ASN K 107 7.04 -26.94 -6.99
CA ASN K 107 7.65 -25.65 -6.66
C ASN K 107 8.79 -25.46 -7.63
N GLY K 108 8.45 -25.29 -8.90
CA GLY K 108 9.47 -25.12 -9.92
C GLY K 108 10.26 -23.83 -9.73
N ILE K 109 9.77 -22.98 -8.84
CA ILE K 109 10.39 -21.69 -8.56
C ILE K 109 11.58 -21.75 -7.60
N ALA K 110 11.32 -22.18 -6.36
CA ALA K 110 12.34 -22.28 -5.32
C ALA K 110 13.62 -22.99 -5.76
N PRO K 111 14.67 -22.95 -4.91
CA PRO K 111 15.96 -23.59 -5.21
C PRO K 111 15.80 -25.07 -5.55
N GLN K 112 16.92 -25.78 -5.71
CA GLN K 112 16.87 -27.20 -6.04
C GLN K 112 18.16 -27.94 -5.64
N SER K 113 19.30 -27.35 -6.02
CA SER K 113 20.62 -27.94 -5.77
C SER K 113 21.07 -28.07 -4.31
N ASP K 114 21.87 -29.10 -4.06
CA ASP K 114 22.41 -29.35 -2.73
C ASP K 114 23.36 -28.23 -2.37
N SER K 115 23.65 -27.39 -3.37
CA SER K 115 24.54 -26.26 -3.17
C SER K 115 23.73 -25.09 -2.65
N LEU K 116 22.65 -24.76 -3.34
CA LEU K 116 21.82 -23.64 -2.94
C LEU K 116 20.88 -23.91 -1.77
N ARG K 117 20.24 -25.09 -1.75
CA ARG K 117 19.33 -25.43 -0.65
C ARG K 117 20.02 -25.10 0.68
N LYS K 118 21.36 -25.12 0.69
CA LYS K 118 22.14 -24.85 1.90
C LYS K 118 22.43 -23.36 2.07
N LEU K 119 22.31 -22.61 0.98
CA LEU K 119 22.57 -21.18 1.00
C LEU K 119 21.43 -20.39 1.59
N SER K 120 20.20 -20.79 1.27
CA SER K 120 19.04 -20.10 1.80
C SER K 120 19.04 -20.26 3.31
N GLY K 121 19.92 -21.12 3.81
CA GLY K 121 20.02 -21.35 5.24
C GLY K 121 20.10 -20.00 5.94
N LEU K 122 19.75 -19.96 7.23
CA LEU K 122 19.75 -18.70 7.95
C LEU K 122 21.13 -18.15 8.30
N LYS K 123 22.01 -19.02 8.79
CA LYS K 123 23.35 -18.61 9.19
C LYS K 123 24.16 -17.88 8.11
N PHE K 124 23.63 -17.77 6.90
CA PHE K 124 24.35 -17.10 5.82
C PHE K 124 23.85 -15.69 5.54
N LYS K 125 22.56 -15.50 5.72
CA LYS K 125 21.90 -14.22 5.47
C LYS K 125 22.79 -13.00 5.74
N ARG K 126 23.74 -13.11 6.67
CA ARG K 126 24.65 -12.01 7.03
C ARG K 126 25.49 -11.46 5.88
N ILE K 127 25.01 -11.59 4.65
CA ILE K 127 25.80 -11.13 3.52
C ILE K 127 25.19 -10.12 2.55
N ASN K 128 23.92 -10.32 2.22
CA ASN K 128 23.18 -9.43 1.30
C ASN K 128 23.70 -7.99 1.24
N PHE K 129 23.66 -7.38 0.05
CA PHE K 129 24.10 -5.99 -0.11
C PHE K 129 24.02 -5.42 -1.54
N ASP K 130 23.96 -4.08 -1.64
CA ASP K 130 23.86 -3.32 -2.91
C ASP K 130 23.08 -4.07 -3.99
N ASN K 131 21.76 -4.10 -3.86
CA ASN K 131 20.91 -4.78 -4.83
C ASN K 131 20.34 -3.84 -5.89
N SER K 132 21.21 -3.22 -6.67
CA SER K 132 20.74 -2.31 -7.71
C SER K 132 20.73 -2.97 -9.09
N SER K 133 21.19 -4.23 -9.18
CA SER K 133 21.21 -4.94 -10.45
C SER K 133 19.78 -5.26 -10.88
N GLU K 134 19.29 -4.43 -11.81
CA GLU K 134 17.96 -4.53 -12.37
C GLU K 134 17.20 -5.81 -12.07
N TYR K 135 17.85 -6.97 -12.21
CA TYR K 135 17.17 -8.23 -11.97
C TYR K 135 16.86 -8.62 -10.54
N ILE K 136 17.81 -8.39 -9.65
CA ILE K 136 17.56 -8.71 -8.26
C ILE K 136 16.52 -7.73 -7.78
N GLU K 137 16.70 -6.45 -8.17
CA GLU K 137 15.77 -5.39 -7.78
C GLU K 137 14.37 -5.92 -7.99
N ASN K 138 14.18 -6.66 -9.08
CA ASN K 138 12.88 -7.22 -9.40
C ASN K 138 12.60 -8.54 -8.72
N TRP K 139 13.64 -9.31 -8.42
CA TRP K 139 13.35 -10.56 -7.74
C TRP K 139 12.68 -10.26 -6.41
N ASN K 140 13.32 -9.43 -5.59
CA ASN K 140 12.78 -9.08 -4.28
C ASN K 140 11.32 -8.65 -4.34
N LEU K 141 11.06 -7.53 -5.01
CA LEU K 141 9.72 -6.97 -5.14
C LEU K 141 8.65 -8.02 -5.47
N GLN K 142 9.08 -9.12 -6.06
CA GLN K 142 8.16 -10.18 -6.44
C GLN K 142 7.87 -11.08 -5.24
N ASN K 143 8.85 -11.22 -4.35
CA ASN K 143 8.66 -12.03 -3.16
C ASN K 143 7.73 -11.31 -2.18
N ARG K 144 7.49 -10.03 -2.43
CA ARG K 144 6.63 -9.22 -1.58
C ARG K 144 5.28 -8.95 -2.23
N ARG K 145 5.19 -9.22 -3.53
CA ARG K 145 3.97 -8.99 -4.27
C ARG K 145 3.81 -7.50 -4.57
N GLN K 146 4.40 -7.05 -5.67
CA GLN K 146 4.33 -5.65 -6.07
C GLN K 146 4.48 -5.52 -7.58
N ARG K 147 4.04 -4.38 -8.13
CA ARG K 147 4.12 -4.14 -9.57
C ARG K 147 5.60 -4.14 -10.01
N THR K 148 6.07 -5.31 -10.44
CA THR K 148 7.45 -5.54 -10.90
C THR K 148 7.84 -4.75 -12.17
N GLY K 149 8.55 -5.38 -13.10
CA GLY K 149 8.93 -4.70 -14.35
C GLY K 149 10.32 -4.85 -14.99
N PHE K 150 10.36 -4.97 -16.34
CA PHE K 150 11.63 -5.09 -17.09
C PHE K 150 11.68 -4.22 -18.34
N THR K 151 12.86 -4.09 -18.93
CA THR K 151 13.06 -3.28 -20.14
C THR K 151 13.67 -4.07 -21.30
N PHE K 152 13.00 -4.05 -22.47
CA PHE K 152 13.46 -4.78 -23.66
C PHE K 152 13.41 -4.03 -25.00
N HIS K 153 14.41 -4.30 -25.84
CA HIS K 153 14.50 -3.70 -27.18
C HIS K 153 14.14 -4.87 -28.12
N LYS K 154 13.25 -4.62 -29.07
CA LYS K 154 12.78 -5.66 -30.01
C LYS K 154 12.55 -6.99 -29.26
N PRO K 155 11.65 -6.99 -28.22
CA PRO K 155 11.26 -8.13 -27.37
C PRO K 155 10.89 -9.38 -28.17
N ASN K 156 10.81 -10.55 -27.55
CA ASN K 156 10.53 -11.73 -28.36
C ASN K 156 9.23 -12.36 -27.86
N ILE K 157 8.13 -11.73 -28.22
CA ILE K 157 6.81 -12.11 -27.75
C ILE K 157 6.02 -13.01 -28.69
N PHE K 158 6.31 -12.94 -29.99
CA PHE K 158 5.59 -13.75 -30.97
C PHE K 158 6.27 -15.06 -31.34
N PRO K 159 5.62 -16.20 -31.03
CA PRO K 159 6.26 -17.46 -31.42
C PRO K 159 6.26 -17.45 -32.94
N TYR K 160 7.27 -18.05 -33.55
CA TYR K 160 7.35 -18.08 -34.99
C TYR K 160 6.07 -18.69 -35.57
N SER K 161 5.47 -18.02 -36.53
CA SER K 161 4.27 -18.51 -37.17
C SER K 161 4.27 -17.90 -38.56
N ALA K 162 4.31 -18.75 -39.57
CA ALA K 162 4.30 -18.26 -40.95
C ALA K 162 3.26 -19.12 -41.66
N SER K 163 2.12 -18.54 -42.03
CA SER K 163 1.08 -19.32 -42.68
C SER K 163 0.12 -18.46 -43.50
N PHE K 164 -0.99 -19.04 -43.94
CA PHE K 164 -2.00 -18.32 -44.71
C PHE K 164 -3.38 -18.91 -44.45
N THR K 165 -4.41 -18.20 -44.86
CA THR K 165 -5.77 -18.66 -44.69
C THR K 165 -6.47 -18.24 -45.95
N LEU K 166 -6.97 -19.21 -46.69
CA LEU K 166 -7.71 -18.93 -47.92
C LEU K 166 -9.19 -18.83 -47.62
N ASN K 167 -9.73 -17.62 -47.71
CA ASN K 167 -11.14 -17.40 -47.45
C ASN K 167 -12.02 -17.76 -48.65
N ARG K 168 -11.42 -17.74 -49.84
CA ARG K 168 -12.10 -18.13 -51.07
C ARG K 168 -11.02 -18.86 -51.86
N SER K 169 -11.30 -20.10 -52.23
CA SER K 169 -10.33 -20.87 -53.00
C SER K 169 -11.09 -21.90 -53.77
N GLN K 170 -10.40 -22.50 -54.72
CA GLN K 170 -10.97 -23.54 -55.55
C GLN K 170 -9.77 -24.37 -55.98
N PRO K 171 -10.01 -25.62 -56.40
CA PRO K 171 -8.95 -26.54 -56.82
C PRO K 171 -7.82 -25.95 -57.67
N ALA K 172 -8.17 -25.18 -58.70
CA ALA K 172 -7.16 -24.59 -59.57
C ALA K 172 -6.33 -23.47 -58.88
N HIS K 173 -6.84 -22.93 -57.78
CA HIS K 173 -6.19 -21.85 -57.04
C HIS K 173 -5.87 -20.71 -58.00
N ASP K 174 -6.84 -20.34 -58.81
CA ASP K 174 -6.70 -19.27 -59.79
C ASP K 174 -7.50 -18.02 -59.43
N ASN K 175 -8.26 -18.09 -58.35
CA ASN K 175 -9.04 -16.95 -57.88
C ASN K 175 -9.24 -17.03 -56.36
N LEU K 176 -8.13 -16.80 -55.64
CA LEU K 176 -8.08 -16.88 -54.18
C LEU K 176 -8.28 -15.54 -53.52
N MET K 177 -8.66 -15.60 -52.24
CA MET K 177 -8.83 -14.42 -51.42
C MET K 177 -8.51 -14.89 -50.00
N GLY K 178 -7.66 -14.14 -49.31
CA GLY K 178 -7.31 -14.53 -47.95
C GLY K 178 -6.14 -13.71 -47.42
N THR K 179 -5.46 -14.22 -46.41
CA THR K 179 -4.33 -13.53 -45.84
C THR K 179 -3.18 -14.49 -45.61
N MET K 180 -1.98 -13.93 -45.57
CA MET K 180 -0.77 -14.70 -45.28
C MET K 180 0.03 -13.80 -44.34
N TRP K 181 0.79 -14.41 -43.44
CA TRP K 181 1.53 -13.62 -42.47
C TRP K 181 2.78 -14.29 -41.96
N LEU K 182 3.53 -13.51 -41.20
CA LEU K 182 4.73 -13.96 -40.49
C LEU K 182 4.72 -13.20 -39.15
N ASN K 183 4.53 -13.94 -38.09
CA ASN K 183 4.63 -13.41 -36.73
C ASN K 183 5.90 -14.00 -36.16
N ALA K 184 6.84 -13.18 -35.76
CA ALA K 184 8.10 -13.71 -35.22
C ALA K 184 8.82 -12.65 -34.40
N GLY K 185 9.15 -12.99 -33.17
CA GLY K 185 9.86 -12.06 -32.32
C GLY K 185 9.01 -10.88 -31.92
N SER K 186 9.41 -9.72 -32.39
CA SER K 186 8.68 -8.49 -32.09
C SER K 186 7.98 -7.96 -33.34
N GLU K 187 7.97 -8.74 -34.41
CA GLU K 187 7.39 -8.28 -35.66
C GLU K 187 6.26 -9.08 -36.26
N ILE K 188 5.37 -8.36 -36.93
CA ILE K 188 4.23 -8.96 -37.60
C ILE K 188 4.17 -8.35 -39.00
N GLN K 189 4.02 -9.19 -40.01
CA GLN K 189 3.80 -8.71 -41.38
C GLN K 189 2.59 -9.51 -41.83
N VAL K 190 1.61 -8.84 -42.39
CA VAL K 190 0.42 -9.54 -42.86
C VAL K 190 -0.06 -8.91 -44.14
N ALA K 191 -0.45 -9.75 -45.10
CA ALA K 191 -0.96 -9.29 -46.37
C ALA K 191 -2.31 -9.91 -46.62
N GLY K 192 -3.19 -9.13 -47.24
CA GLY K 192 -4.51 -9.58 -47.62
C GLY K 192 -4.48 -9.53 -49.14
N PHE K 193 -4.89 -10.61 -49.79
CA PHE K 193 -4.90 -10.70 -51.25
C PHE K 193 -6.29 -11.09 -51.77
N ASP K 194 -6.64 -10.58 -52.95
CA ASP K 194 -7.92 -10.86 -53.58
C ASP K 194 -7.62 -10.91 -55.07
N TYR K 195 -7.51 -12.11 -55.62
CA TYR K 195 -7.20 -12.28 -57.05
C TYR K 195 -8.17 -11.53 -57.97
N SER K 196 -9.43 -11.38 -57.54
CA SER K 196 -10.44 -10.70 -58.33
C SER K 196 -10.44 -9.16 -58.22
N CYS K 197 -9.57 -8.62 -57.35
CA CYS K 197 -9.48 -7.18 -57.11
C CYS K 197 -10.85 -6.58 -56.76
N ALA K 198 -11.58 -7.31 -55.91
CA ALA K 198 -12.89 -6.92 -55.44
C ALA K 198 -13.89 -6.55 -56.55
N ILE K 199 -13.77 -7.19 -57.72
CA ILE K 199 -14.63 -6.94 -58.88
C ILE K 199 -16.15 -7.15 -58.58
N ASN K 200 -16.46 -8.17 -57.78
CA ASN K 200 -17.83 -8.50 -57.39
C ASN K 200 -18.08 -8.26 -55.92
N ALA K 201 -17.18 -7.55 -55.25
CA ALA K 201 -17.36 -7.28 -53.82
C ALA K 201 -18.17 -6.03 -53.55
N PRO K 202 -18.97 -6.04 -52.46
CA PRO K 202 -19.80 -4.89 -52.08
C PRO K 202 -18.92 -3.66 -51.90
N ALA K 203 -19.28 -2.59 -52.61
CA ALA K 203 -18.52 -1.33 -52.58
C ALA K 203 -17.12 -1.55 -53.17
N ASN K 204 -16.93 -2.65 -53.90
CA ASN K 204 -15.64 -2.99 -54.50
C ASN K 204 -14.53 -2.95 -53.47
N THR K 205 -14.84 -3.40 -52.26
CA THR K 205 -13.91 -3.40 -51.15
C THR K 205 -13.90 -4.78 -50.47
N GLN K 206 -12.71 -5.33 -50.26
CA GLN K 206 -12.59 -6.60 -49.58
C GLN K 206 -11.95 -6.31 -48.22
N GLN K 207 -12.60 -6.75 -47.14
CA GLN K 207 -12.09 -6.54 -45.81
C GLN K 207 -11.11 -7.64 -45.38
N PHE K 208 -10.08 -7.26 -44.64
CA PHE K 208 -9.11 -8.23 -44.12
C PHE K 208 -8.92 -7.96 -42.64
N GLU K 209 -8.39 -8.95 -41.94
CA GLU K 209 -8.18 -8.79 -40.53
C GLU K 209 -7.12 -9.78 -40.08
N HIS K 210 -6.27 -9.37 -39.15
CA HIS K 210 -5.25 -10.26 -38.62
C HIS K 210 -5.22 -10.01 -37.12
N ILE K 211 -5.41 -11.08 -36.34
CA ILE K 211 -5.40 -10.98 -34.89
C ILE K 211 -4.25 -11.79 -34.30
N VAL K 212 -3.52 -11.18 -33.38
CA VAL K 212 -2.39 -11.85 -32.74
C VAL K 212 -2.57 -11.74 -31.24
N GLN K 213 -2.61 -12.88 -30.58
CA GLN K 213 -2.77 -12.94 -29.12
C GLN K 213 -1.45 -13.16 -28.41
N LEU K 214 -1.02 -12.19 -27.62
CA LEU K 214 0.25 -12.32 -26.92
C LEU K 214 0.07 -13.27 -25.74
N ARG K 215 1.13 -13.99 -25.40
CA ARG K 215 1.07 -14.93 -24.28
C ARG K 215 1.25 -14.18 -22.97
N ARG K 216 1.74 -12.96 -23.04
CA ARG K 216 1.92 -12.12 -21.87
C ARG K 216 1.58 -10.69 -22.30
N VAL K 217 1.09 -9.91 -21.35
CA VAL K 217 0.73 -8.52 -21.61
C VAL K 217 2.02 -7.70 -21.75
N LEU K 218 2.00 -6.79 -22.70
CA LEU K 218 3.11 -5.88 -22.86
C LEU K 218 2.55 -4.52 -22.50
N THR K 219 3.33 -3.73 -21.77
CA THR K 219 2.94 -2.39 -21.43
C THR K 219 4.02 -1.42 -21.97
N THR K 220 3.65 -0.15 -22.06
CA THR K 220 4.58 0.91 -22.49
C THR K 220 5.38 0.56 -23.78
N ALA K 221 4.70 -0.04 -24.75
CA ALA K 221 5.29 -0.42 -26.03
C ALA K 221 5.37 0.74 -27.04
N THR K 222 6.58 0.91 -27.58
CA THR K 222 6.82 1.87 -28.66
C THR K 222 6.84 1.04 -29.93
N ILE K 223 5.93 1.36 -30.83
CA ILE K 223 5.71 0.54 -32.01
C ILE K 223 5.80 1.29 -33.36
N THR K 224 6.39 0.64 -34.35
CA THR K 224 6.49 1.20 -35.70
C THR K 224 5.44 0.47 -36.52
N LEU K 225 4.57 1.20 -37.20
CA LEU K 225 3.53 0.61 -38.03
C LEU K 225 3.74 1.21 -39.39
N LEU K 226 3.85 0.39 -40.40
CA LEU K 226 4.08 0.86 -41.75
C LEU K 226 3.14 0.14 -42.71
N PRO K 227 2.74 0.83 -43.79
CA PRO K 227 1.85 0.16 -44.74
C PRO K 227 2.73 -0.77 -45.57
N ASP K 228 2.13 -1.81 -46.14
CA ASP K 228 2.79 -2.79 -47.00
C ASP K 228 3.50 -3.89 -46.24
N ALA K 229 3.50 -5.09 -46.81
CA ALA K 229 4.19 -6.24 -46.24
C ALA K 229 5.16 -6.68 -47.33
N GLU K 230 6.39 -6.17 -47.27
CA GLU K 230 7.39 -6.49 -48.28
C GLU K 230 7.61 -7.98 -48.44
N ARG K 231 7.54 -8.70 -47.33
CA ARG K 231 7.72 -10.14 -47.33
C ARG K 231 6.70 -10.86 -48.24
N PHE K 232 5.55 -10.25 -48.47
CA PHE K 232 4.51 -10.88 -49.29
C PHE K 232 4.20 -10.02 -50.51
N SER K 233 5.23 -9.38 -51.03
CA SER K 233 5.05 -8.52 -52.19
C SER K 233 5.70 -9.09 -53.43
N PHE K 234 6.22 -10.31 -53.32
CA PHE K 234 6.85 -10.92 -54.48
C PHE K 234 6.18 -12.26 -54.89
N PRO K 235 6.40 -12.70 -56.14
CA PRO K 235 5.84 -13.94 -56.67
C PRO K 235 6.26 -15.16 -55.89
N ARG K 236 5.28 -16.00 -55.60
CA ARG K 236 5.55 -17.20 -54.85
C ARG K 236 4.75 -18.38 -55.39
N VAL K 237 5.33 -19.52 -55.16
CA VAL K 237 4.69 -20.81 -55.42
C VAL K 237 4.59 -21.42 -54.04
N ILE K 238 3.36 -21.62 -53.62
CA ILE K 238 3.08 -22.06 -52.25
C ILE K 238 2.38 -23.41 -52.19
N ASN K 239 2.56 -24.15 -51.10
CA ASN K 239 1.88 -25.42 -50.96
C ASN K 239 0.44 -25.14 -50.60
N SER K 240 -0.46 -25.98 -51.08
CA SER K 240 -1.89 -25.84 -50.80
C SER K 240 -2.11 -26.20 -49.33
N ALA K 241 -3.26 -25.80 -48.78
CA ALA K 241 -3.56 -26.09 -47.38
C ALA K 241 -3.43 -27.59 -47.03
N ASP K 242 -3.85 -28.47 -47.92
CA ASP K 242 -3.79 -29.92 -47.69
C ASP K 242 -2.47 -30.57 -48.11
N GLY K 243 -1.55 -29.75 -48.60
CA GLY K 243 -0.25 -30.25 -49.02
C GLY K 243 -0.25 -31.06 -50.31
N ALA K 244 -1.41 -31.19 -50.94
CA ALA K 244 -1.53 -31.99 -52.15
C ALA K 244 -1.01 -31.34 -53.46
N THR K 245 -0.91 -30.02 -53.49
CA THR K 245 -0.43 -29.33 -54.69
C THR K 245 0.18 -27.96 -54.36
N THR K 246 0.50 -27.17 -55.38
CA THR K 246 1.06 -25.85 -55.18
C THR K 246 0.31 -24.81 -56.01
N TRP K 247 0.13 -23.62 -55.42
CA TRP K 247 -0.54 -22.50 -56.07
C TRP K 247 0.43 -21.35 -56.37
N TYR K 248 0.04 -20.48 -57.28
CA TYR K 248 0.86 -19.36 -57.68
C TYR K 248 0.33 -18.02 -57.15
N PHE K 249 1.21 -17.25 -56.53
CA PHE K 249 0.85 -15.94 -55.99
C PHE K 249 1.71 -14.94 -56.76
N ASN K 250 1.05 -14.03 -57.46
CA ASN K 250 1.72 -13.03 -58.27
C ASN K 250 1.20 -11.65 -57.85
N PRO K 251 1.63 -11.13 -56.69
CA PRO K 251 1.11 -9.86 -56.15
C PRO K 251 1.50 -8.61 -56.92
N VAL K 252 0.55 -7.69 -56.81
CA VAL K 252 0.67 -6.27 -57.23
C VAL K 252 0.09 -5.52 -56.03
N ILE K 253 0.85 -4.57 -55.53
CA ILE K 253 0.49 -3.92 -54.25
C ILE K 253 -0.25 -2.60 -54.36
N LEU K 254 -1.29 -2.47 -53.55
CA LEU K 254 -2.11 -1.25 -53.47
C LEU K 254 -2.04 -0.79 -52.02
N ARG K 255 -2.34 0.49 -51.76
CA ARG K 255 -2.27 0.96 -50.40
C ARG K 255 -3.39 0.38 -49.57
N PRO K 256 -3.07 -0.04 -48.35
CA PRO K 256 -4.13 -0.60 -47.51
C PRO K 256 -5.10 0.54 -47.19
N ASN K 257 -6.39 0.23 -47.36
CA ASN K 257 -7.49 1.17 -47.14
C ASN K 257 -8.16 0.96 -45.76
N ASN K 258 -8.52 2.06 -45.09
CA ASN K 258 -9.17 2.01 -43.76
C ASN K 258 -8.45 1.17 -42.74
N VAL K 259 -7.15 1.42 -42.62
CA VAL K 259 -6.32 0.70 -41.68
C VAL K 259 -6.73 1.06 -40.25
N GLU K 260 -6.94 0.06 -39.43
CA GLU K 260 -7.27 0.27 -38.03
C GLU K 260 -6.54 -0.74 -37.18
N VAL K 261 -5.71 -0.26 -36.26
CA VAL K 261 -4.97 -1.15 -35.38
C VAL K 261 -5.56 -1.00 -34.00
N GLU K 262 -5.90 -2.11 -33.38
CA GLU K 262 -6.42 -2.06 -32.04
C GLU K 262 -5.54 -2.90 -31.13
N PHE K 263 -5.19 -2.32 -29.99
CA PHE K 263 -4.40 -2.99 -28.97
C PHE K 263 -5.42 -3.21 -27.89
N LEU K 264 -5.78 -4.47 -27.68
CA LEU K 264 -6.80 -4.81 -26.71
C LEU K 264 -6.23 -5.48 -25.48
N LEU K 265 -6.96 -5.35 -24.39
CA LEU K 265 -6.58 -5.97 -23.13
C LEU K 265 -7.85 -6.63 -22.63
N ASN K 266 -7.83 -7.95 -22.52
CA ASN K 266 -9.01 -8.69 -22.07
C ASN K 266 -10.27 -8.33 -22.86
N GLY K 267 -10.12 -8.18 -24.18
CA GLY K 267 -11.26 -7.88 -25.02
C GLY K 267 -11.61 -6.43 -25.15
N GLN K 268 -11.00 -5.59 -24.32
CA GLN K 268 -11.28 -4.15 -24.36
C GLN K 268 -10.25 -3.41 -25.20
N ILE K 269 -10.70 -2.45 -25.98
CA ILE K 269 -9.80 -1.63 -26.77
C ILE K 269 -9.10 -0.66 -25.81
N ILE K 270 -7.78 -0.72 -25.75
CA ILE K 270 -7.02 0.17 -24.88
C ILE K 270 -6.48 1.27 -25.79
N ASN K 271 -5.99 0.91 -26.96
CA ASN K 271 -5.49 1.89 -27.92
C ASN K 271 -6.01 1.54 -29.29
N THR K 272 -6.36 2.57 -30.06
CA THR K 272 -6.81 2.35 -31.41
C THR K 272 -6.24 3.46 -32.28
N TYR K 273 -5.75 3.07 -33.44
CA TYR K 273 -5.14 4.00 -34.40
C TYR K 273 -5.72 3.75 -35.78
N GLN K 274 -6.19 4.82 -36.41
CA GLN K 274 -6.80 4.72 -37.72
C GLN K 274 -5.85 5.28 -38.73
N ALA K 275 -5.32 4.40 -39.56
CA ALA K 275 -4.42 4.80 -40.64
C ALA K 275 -3.25 5.66 -40.20
N ARG K 276 -2.70 5.41 -39.02
CA ARG K 276 -1.58 6.18 -38.56
C ARG K 276 -0.30 5.37 -38.68
N PHE K 277 0.54 5.73 -39.65
CA PHE K 277 1.79 5.03 -39.87
C PHE K 277 2.94 5.81 -39.23
N GLY K 278 3.97 5.10 -38.79
CA GLY K 278 5.09 5.75 -38.14
C GLY K 278 5.17 5.20 -36.73
N THR K 279 5.45 6.06 -35.76
CA THR K 279 5.57 5.61 -34.37
C THR K 279 4.31 5.85 -33.55
N ILE K 280 3.78 4.77 -32.95
CA ILE K 280 2.60 4.82 -32.11
C ILE K 280 2.88 4.11 -30.78
N ILE K 281 2.17 4.52 -29.74
CA ILE K 281 2.32 3.94 -28.39
C ILE K 281 1.12 3.03 -28.02
N ALA K 282 1.39 1.83 -27.53
CA ALA K 282 0.35 0.90 -27.09
C ALA K 282 0.71 0.72 -25.61
N ARG K 283 -0.09 1.26 -24.72
CA ARG K 283 0.33 1.31 -23.31
C ARG K 283 0.06 0.04 -22.47
N ASN K 284 -0.80 -0.84 -22.91
CA ASN K 284 -1.13 -2.05 -22.10
C ASN K 284 -2.04 -2.93 -22.95
N PHE K 285 -1.54 -4.08 -23.38
CA PHE K 285 -2.35 -4.93 -24.25
C PHE K 285 -1.88 -6.37 -24.26
N ASP K 286 -2.80 -7.29 -24.56
CA ASP K 286 -2.48 -8.71 -24.65
C ASP K 286 -2.90 -9.21 -26.02
N THR K 287 -3.41 -8.31 -26.85
CA THR K 287 -3.86 -8.68 -28.20
C THR K 287 -3.71 -7.52 -29.16
N ILE K 288 -3.34 -7.83 -30.39
CA ILE K 288 -3.24 -6.83 -31.43
C ILE K 288 -4.19 -7.28 -32.54
N ARG K 289 -4.98 -6.35 -33.05
CA ARG K 289 -5.88 -6.66 -34.13
C ARG K 289 -5.64 -5.67 -35.24
N LEU K 290 -5.26 -6.15 -36.42
CA LEU K 290 -5.02 -5.29 -37.56
C LEU K 290 -6.12 -5.52 -38.58
N SER K 291 -6.87 -4.47 -38.92
CA SER K 291 -7.95 -4.55 -39.90
C SER K 291 -7.57 -3.62 -41.00
N PHE K 292 -7.72 -4.07 -42.23
CA PHE K 292 -7.37 -3.28 -43.41
C PHE K 292 -8.17 -3.81 -44.59
N GLN K 293 -8.30 -3.00 -45.63
CA GLN K 293 -9.10 -3.36 -46.79
C GLN K 293 -8.37 -3.15 -48.09
N LEU K 294 -8.86 -3.84 -49.11
CA LEU K 294 -8.37 -3.69 -50.47
C LEU K 294 -9.56 -3.02 -51.15
N MET K 295 -9.36 -1.85 -51.71
CA MET K 295 -10.45 -1.23 -52.40
C MET K 295 -10.09 -1.16 -53.86
N ARG K 296 -10.93 -1.71 -54.72
CA ARG K 296 -10.65 -1.68 -56.15
C ARG K 296 -10.55 -0.21 -56.57
N PRO K 297 -9.46 0.17 -57.26
CA PRO K 297 -9.31 1.57 -57.69
C PRO K 297 -10.48 2.01 -58.56
N PRO K 298 -11.19 3.07 -58.15
CA PRO K 298 -12.33 3.52 -58.94
C PRO K 298 -11.93 4.11 -60.30
N ASN K 299 -10.70 4.63 -60.39
CA ASN K 299 -10.18 5.21 -61.62
C ASN K 299 -8.87 4.58 -61.94
N MET K 300 -8.73 4.06 -63.15
CA MET K 300 -7.52 3.37 -63.55
C MET K 300 -6.95 3.80 -64.88
N THR K 301 -5.65 4.05 -64.95
CA THR K 301 -5.05 4.38 -66.24
C THR K 301 -5.06 3.04 -67.01
N PRO K 302 -4.88 3.07 -68.34
CA PRO K 302 -4.89 1.84 -69.14
C PRO K 302 -4.01 0.72 -68.58
N ALA K 303 -2.77 1.06 -68.23
CA ALA K 303 -1.81 0.09 -67.69
C ALA K 303 -2.37 -0.60 -66.45
N VAL K 304 -3.08 0.14 -65.61
CA VAL K 304 -3.66 -0.43 -64.40
C VAL K 304 -4.89 -1.26 -64.76
N ALA K 305 -5.77 -0.68 -65.58
CA ALA K 305 -7.00 -1.34 -66.01
C ALA K 305 -6.71 -2.74 -66.57
N ALA K 306 -5.60 -2.84 -67.30
CA ALA K 306 -5.14 -4.08 -67.92
C ALA K 306 -4.80 -5.20 -66.94
N LEU K 307 -4.50 -4.85 -65.70
CA LEU K 307 -4.14 -5.84 -64.70
C LEU K 307 -5.36 -6.46 -64.09
N PHE K 308 -6.46 -5.71 -64.10
CA PHE K 308 -7.72 -6.13 -63.48
C PHE K 308 -8.94 -6.24 -64.40
N PRO K 309 -9.04 -7.35 -65.15
CA PRO K 309 -10.13 -7.62 -66.09
C PRO K 309 -11.44 -7.95 -65.38
N ASN K 310 -12.54 -7.92 -66.12
CA ASN K 310 -13.84 -8.24 -65.54
C ASN K 310 -14.04 -9.73 -65.39
N ALA K 311 -13.25 -10.50 -66.13
CA ALA K 311 -13.37 -11.95 -66.10
C ALA K 311 -12.00 -12.60 -65.97
N GLN K 312 -11.98 -13.82 -65.43
CA GLN K 312 -10.75 -14.59 -65.28
C GLN K 312 -10.24 -14.87 -66.67
N PRO K 313 -8.96 -15.26 -66.82
CA PRO K 313 -7.96 -15.44 -65.76
C PRO K 313 -7.48 -14.17 -65.05
N PHE K 314 -7.31 -14.27 -63.74
CA PHE K 314 -6.82 -13.16 -62.94
C PHE K 314 -5.32 -13.42 -62.82
N GLU K 315 -4.52 -12.63 -63.52
CA GLU K 315 -3.08 -12.84 -63.54
C GLU K 315 -2.24 -11.96 -62.64
N HIS K 316 -2.80 -10.85 -62.18
CA HIS K 316 -2.10 -9.95 -61.28
C HIS K 316 -3.00 -9.94 -60.07
N HIS K 317 -2.43 -10.32 -58.93
CA HIS K 317 -3.19 -10.44 -57.70
C HIS K 317 -3.07 -9.28 -56.71
N ALA K 318 -4.14 -8.49 -56.64
CA ALA K 318 -4.21 -7.32 -55.76
C ALA K 318 -3.92 -7.71 -54.32
N THR K 319 -2.96 -7.00 -53.74
CA THR K 319 -2.52 -7.26 -52.39
C THR K 319 -2.30 -5.98 -51.59
N VAL K 320 -2.75 -5.99 -50.35
CA VAL K 320 -2.58 -4.85 -49.43
C VAL K 320 -1.94 -5.46 -48.18
N GLY K 321 -1.11 -4.70 -47.47
CA GLY K 321 -0.48 -5.25 -46.28
C GLY K 321 -0.07 -4.24 -45.23
N LEU K 322 0.42 -4.75 -44.11
CA LEU K 322 0.86 -3.93 -42.98
C LEU K 322 2.07 -4.59 -42.34
N THR K 323 2.92 -3.76 -41.73
CA THR K 323 4.09 -4.24 -41.00
C THR K 323 4.07 -3.54 -39.66
N LEU K 324 4.19 -4.30 -38.59
CA LEU K 324 4.17 -3.75 -37.24
C LEU K 324 5.37 -4.28 -36.47
N ARG K 325 6.16 -3.40 -35.86
CA ARG K 325 7.31 -3.83 -35.07
C ARG K 325 7.32 -3.20 -33.69
N ILE K 326 7.45 -4.03 -32.66
CA ILE K 326 7.51 -3.55 -31.29
C ILE K 326 8.97 -3.26 -31.01
N GLU K 327 9.35 -1.98 -31.01
CA GLU K 327 10.74 -1.60 -30.76
C GLU K 327 11.15 -1.85 -29.31
N SER K 328 10.29 -1.45 -28.36
CA SER K 328 10.58 -1.63 -26.97
C SER K 328 9.27 -1.78 -26.23
N ALA K 329 9.33 -2.40 -25.06
CA ALA K 329 8.16 -2.60 -24.23
C ALA K 329 8.58 -3.10 -22.87
N VAL K 330 7.65 -3.08 -21.93
CA VAL K 330 7.91 -3.58 -20.60
C VAL K 330 7.01 -4.79 -20.41
N CYS K 331 7.51 -5.82 -19.75
CA CYS K 331 6.69 -6.99 -19.47
C CYS K 331 6.91 -7.38 -18.02
N GLU K 332 5.84 -7.83 -17.38
CA GLU K 332 5.93 -8.26 -16.00
C GLU K 332 6.62 -9.64 -15.91
N SER K 333 6.69 -10.36 -17.03
CA SER K 333 7.34 -11.69 -17.08
C SER K 333 8.64 -11.61 -17.87
N VAL K 334 9.63 -12.42 -17.52
CA VAL K 334 10.87 -12.40 -18.28
C VAL K 334 10.58 -12.91 -19.68
N LEU K 335 11.30 -12.36 -20.67
CA LEU K 335 11.17 -12.76 -22.06
C LEU K 335 12.53 -12.62 -22.67
N ALA K 336 12.72 -13.25 -23.83
CA ALA K 336 13.95 -13.09 -24.58
C ALA K 336 13.69 -11.78 -25.38
N ASP K 337 14.76 -11.06 -25.73
CA ASP K 337 14.62 -9.86 -26.56
C ASP K 337 15.88 -9.78 -27.46
N ALA K 338 16.08 -8.66 -28.17
CA ALA K 338 17.22 -8.56 -29.08
C ALA K 338 18.52 -8.05 -28.47
N SER K 339 18.53 -7.77 -27.17
CA SER K 339 19.71 -7.25 -26.53
C SER K 339 20.29 -8.05 -25.37
N GLU K 340 19.42 -8.62 -24.54
CA GLU K 340 19.85 -9.39 -23.40
C GLU K 340 20.38 -10.77 -23.78
N THR K 341 21.40 -11.21 -23.05
CA THR K 341 22.03 -12.50 -23.33
C THR K 341 21.55 -13.63 -22.44
N MET K 342 20.57 -13.37 -21.57
CA MET K 342 20.07 -14.39 -20.66
C MET K 342 19.68 -15.71 -21.27
N LEU K 343 18.76 -15.68 -22.23
CA LEU K 343 18.33 -16.91 -22.88
C LEU K 343 19.55 -17.62 -23.46
N ALA K 344 20.39 -16.87 -24.17
CA ALA K 344 21.58 -17.44 -24.79
C ALA K 344 22.55 -18.04 -23.76
N ASN K 345 22.67 -17.40 -22.58
CA ASN K 345 23.57 -17.90 -21.53
C ASN K 345 23.08 -19.23 -21.00
N VAL K 346 21.80 -19.28 -20.65
CA VAL K 346 21.18 -20.49 -20.11
C VAL K 346 21.26 -21.61 -21.13
N THR K 347 20.85 -21.31 -22.37
CA THR K 347 20.86 -22.28 -23.44
C THR K 347 22.29 -22.76 -23.70
N SER K 348 23.25 -21.84 -23.68
CA SER K 348 24.63 -22.19 -23.95
C SER K 348 25.25 -23.06 -22.87
N VAL K 349 25.00 -22.76 -21.59
CA VAL K 349 25.59 -23.58 -20.54
C VAL K 349 25.02 -25.00 -20.64
N ARG K 350 23.72 -25.12 -20.85
CA ARG K 350 23.10 -26.44 -20.97
C ARG K 350 23.65 -27.24 -22.16
N GLN K 351 23.85 -26.58 -23.29
CA GLN K 351 24.38 -27.23 -24.49
C GLN K 351 25.83 -27.67 -24.31
N GLU K 352 26.66 -26.79 -23.77
CA GLU K 352 28.07 -27.09 -23.55
C GLU K 352 28.26 -28.31 -22.63
N TYR K 353 27.46 -28.42 -21.56
CA TYR K 353 27.61 -29.53 -20.65
C TYR K 353 26.70 -30.69 -20.92
N ALA K 354 26.16 -30.76 -22.13
CA ALA K 354 25.30 -31.88 -22.52
C ALA K 354 24.22 -32.21 -21.48
N ILE K 355 23.56 -31.17 -20.95
CA ILE K 355 22.52 -31.37 -19.96
C ILE K 355 21.31 -32.05 -20.59
N PRO K 356 20.84 -33.17 -20.02
CA PRO K 356 19.69 -33.91 -20.55
C PRO K 356 18.41 -33.07 -20.52
N VAL K 357 17.48 -33.33 -21.44
CA VAL K 357 16.20 -32.62 -21.47
C VAL K 357 15.52 -32.92 -20.12
N GLY K 358 14.92 -31.90 -19.52
CA GLY K 358 14.26 -32.09 -18.25
C GLY K 358 12.76 -32.10 -18.37
N PRO K 359 12.04 -32.04 -17.26
CA PRO K 359 10.57 -32.04 -17.29
C PRO K 359 9.90 -30.69 -17.54
N VAL K 360 10.63 -29.58 -17.43
CA VAL K 360 10.02 -28.27 -17.61
C VAL K 360 10.21 -27.62 -18.97
N PHE K 361 11.47 -27.41 -19.35
CA PHE K 361 11.80 -26.73 -20.60
C PHE K 361 11.78 -27.58 -21.88
N PRO K 362 11.36 -26.98 -23.01
CA PRO K 362 11.34 -27.75 -24.27
C PRO K 362 12.76 -28.08 -24.67
N PRO K 363 12.94 -29.15 -25.48
CA PRO K 363 14.28 -29.50 -25.90
C PRO K 363 15.01 -28.27 -26.51
N GLY K 364 16.26 -28.09 -26.08
CA GLY K 364 17.10 -27.01 -26.55
C GLY K 364 16.69 -25.63 -26.08
N MET K 365 15.82 -25.55 -25.08
CA MET K 365 15.30 -24.27 -24.58
C MET K 365 14.69 -23.53 -25.78
N ASN K 366 14.11 -24.27 -26.73
CA ASN K 366 13.53 -23.65 -27.94
C ASN K 366 12.57 -22.51 -27.62
N TRP K 367 12.91 -21.30 -28.07
CA TRP K 367 12.08 -20.16 -27.74
C TRP K 367 10.66 -20.26 -28.23
N THR K 368 10.47 -20.57 -29.50
CA THR K 368 9.11 -20.68 -29.99
C THR K 368 8.27 -21.63 -29.13
N ASP K 369 8.79 -22.83 -28.84
CA ASP K 369 8.06 -23.79 -28.04
C ASP K 369 7.80 -23.24 -26.64
N LEU K 370 8.79 -22.59 -26.08
CA LEU K 370 8.65 -22.04 -24.74
C LEU K 370 7.55 -20.99 -24.65
N ILE K 371 7.60 -19.98 -25.51
CA ILE K 371 6.62 -18.90 -25.49
C ILE K 371 5.23 -19.38 -25.94
N THR K 372 5.15 -20.41 -26.77
CA THR K 372 3.86 -20.91 -27.22
C THR K 372 3.08 -21.52 -26.04
N ASN K 373 3.79 -22.23 -25.17
CA ASN K 373 3.16 -22.83 -23.99
C ASN K 373 3.91 -22.34 -22.79
N TYR K 374 3.79 -21.04 -22.54
CA TYR K 374 4.47 -20.38 -21.45
C TYR K 374 3.72 -20.59 -20.14
N SER K 375 3.80 -21.79 -19.61
CA SER K 375 3.12 -22.12 -18.36
C SER K 375 3.73 -21.42 -17.16
N PRO K 376 2.99 -21.39 -16.03
CA PRO K 376 3.52 -20.74 -14.84
C PRO K 376 4.85 -21.39 -14.44
N SER K 377 4.91 -22.72 -14.52
CA SER K 377 6.14 -23.44 -14.16
C SER K 377 7.31 -23.03 -15.05
N ARG K 378 7.09 -22.97 -16.36
CA ARG K 378 8.17 -22.56 -17.23
C ARG K 378 8.63 -21.13 -16.90
N GLU K 379 7.68 -20.23 -16.60
CA GLU K 379 8.04 -18.86 -16.28
C GLU K 379 8.81 -18.73 -14.97
N ASP K 380 8.39 -19.47 -13.95
CA ASP K 380 9.10 -19.40 -12.68
C ASP K 380 10.51 -19.95 -12.83
N ASN K 381 10.63 -21.08 -13.53
CA ASN K 381 11.95 -21.67 -13.79
C ASN K 381 12.79 -20.72 -14.67
N LEU K 382 12.18 -20.12 -15.70
CA LEU K 382 12.87 -19.21 -16.59
C LEU K 382 13.37 -18.02 -15.80
N GLN K 383 12.54 -17.46 -14.92
CA GLN K 383 12.97 -16.31 -14.16
C GLN K 383 14.12 -16.65 -13.23
N ARG K 384 14.04 -17.81 -12.60
CA ARG K 384 15.10 -18.21 -11.68
C ARG K 384 16.41 -18.35 -12.43
N VAL K 385 16.29 -19.01 -13.54
CA VAL K 385 17.41 -19.35 -14.40
C VAL K 385 17.98 -18.06 -15.08
N PHE K 386 17.12 -17.11 -15.45
CA PHE K 386 17.55 -15.83 -16.07
C PHE K 386 18.25 -14.95 -15.01
N THR K 387 17.68 -14.92 -13.81
CA THR K 387 18.28 -14.15 -12.73
C THR K 387 19.69 -14.68 -12.41
N VAL K 388 19.86 -16.00 -12.41
CA VAL K 388 21.18 -16.59 -12.14
C VAL K 388 22.15 -16.24 -13.27
N ALA K 389 21.67 -16.28 -14.51
CA ALA K 389 22.51 -15.95 -15.66
C ALA K 389 22.99 -14.50 -15.53
N SER K 390 22.11 -13.62 -15.05
CA SER K 390 22.48 -12.22 -14.89
C SER K 390 23.49 -12.04 -13.76
N ILE K 391 23.43 -12.89 -12.74
CA ILE K 391 24.35 -12.79 -11.60
C ILE K 391 25.71 -13.23 -12.11
N ARG K 392 25.72 -14.29 -12.90
CA ARG K 392 26.94 -14.81 -13.47
C ARG K 392 27.64 -13.82 -14.41
N SER K 393 26.87 -13.14 -15.27
CA SER K 393 27.43 -12.18 -16.22
C SER K 393 28.07 -10.93 -15.59
N MET K 394 28.00 -10.80 -14.27
CA MET K 394 28.57 -9.65 -13.59
C MET K 394 30.06 -9.94 -13.46
N LEU K 395 30.42 -11.21 -13.54
CA LEU K 395 31.79 -11.64 -13.36
C LEU K 395 32.39 -12.39 -14.53
N VAL K 396 31.56 -13.21 -15.16
CA VAL K 396 31.98 -14.07 -16.25
C VAL K 396 31.15 -13.81 -17.49
N LYS K 397 31.79 -13.37 -18.55
CA LYS K 397 31.07 -13.13 -19.79
C LYS K 397 31.71 -13.98 -20.84
N MET L 1 -5.25 -6.66 6.77
CA MET L 1 -6.05 -7.88 6.45
C MET L 1 -5.92 -9.01 7.48
N ASP L 2 -4.73 -9.62 7.57
CA ASP L 2 -4.55 -10.70 8.54
C ASP L 2 -5.16 -10.26 9.85
N VAL L 3 -5.07 -8.95 10.09
CA VAL L 3 -5.63 -8.32 11.27
C VAL L 3 -7.03 -8.90 11.37
N LEU L 4 -7.87 -8.43 10.46
CA LEU L 4 -9.24 -8.84 10.40
C LEU L 4 -9.46 -10.26 10.89
N TYR L 5 -8.75 -11.22 10.30
CA TYR L 5 -8.91 -12.60 10.70
C TYR L 5 -9.02 -12.73 12.22
N SER L 6 -7.91 -12.48 12.90
CA SER L 6 -7.87 -12.58 14.36
C SER L 6 -9.16 -12.12 15.04
N LEU L 7 -9.55 -10.90 14.75
CA LEU L 7 -10.75 -10.30 15.32
C LEU L 7 -11.88 -11.28 15.46
N SER L 8 -11.85 -12.31 14.62
CA SER L 8 -12.88 -13.33 14.65
C SER L 8 -12.53 -14.53 15.52
N LYS L 9 -11.56 -15.36 15.10
CA LYS L 9 -11.19 -16.56 15.88
C LYS L 9 -11.07 -16.10 17.33
N THR L 10 -10.93 -14.79 17.48
CA THR L 10 -10.85 -14.16 18.77
C THR L 10 -12.23 -14.38 19.39
N LEU L 11 -13.24 -13.82 18.74
CA LEU L 11 -14.61 -13.95 19.20
C LEU L 11 -15.16 -15.37 19.25
N LYS L 12 -14.98 -16.16 18.18
CA LYS L 12 -15.50 -17.55 18.16
C LYS L 12 -14.87 -18.34 19.29
N ASP L 13 -13.53 -18.50 19.23
CA ASP L 13 -12.81 -19.22 20.27
C ASP L 13 -13.11 -18.50 21.59
N ALA L 14 -13.97 -17.47 21.54
CA ALA L 14 -14.37 -16.71 22.71
C ALA L 14 -15.82 -17.02 23.09
N ARG L 15 -16.76 -16.56 22.26
CA ARG L 15 -18.18 -16.80 22.50
C ARG L 15 -18.44 -18.30 22.67
N ASP L 16 -17.38 -19.08 22.46
CA ASP L 16 -17.46 -20.53 22.58
C ASP L 16 -16.82 -21.08 23.86
N LYS L 17 -15.62 -20.62 24.22
CA LYS L 17 -14.95 -21.11 25.42
C LYS L 17 -15.27 -20.31 26.70
N ILE L 18 -16.37 -19.56 26.68
CA ILE L 18 -16.74 -18.75 27.83
C ILE L 18 -18.18 -18.94 28.26
N VAL L 19 -18.42 -19.81 29.23
CA VAL L 19 -19.79 -20.04 29.70
C VAL L 19 -19.88 -20.29 31.20
N GLU L 20 -21.08 -20.09 31.74
CA GLU L 20 -21.34 -20.28 33.16
C GLU L 20 -20.68 -21.57 33.68
N GLY L 21 -19.54 -21.43 34.37
CA GLY L 21 -18.88 -22.60 34.93
C GLY L 21 -17.38 -22.84 34.76
N THR L 22 -17.00 -23.24 33.54
CA THR L 22 -15.61 -23.56 33.20
C THR L 22 -14.52 -22.94 34.07
N LEU L 23 -13.42 -23.67 34.20
CA LEU L 23 -12.30 -23.21 34.97
C LEU L 23 -11.54 -22.16 34.19
N TYR L 24 -10.95 -21.22 34.92
CA TYR L 24 -10.18 -20.16 34.31
C TYR L 24 -9.12 -20.82 33.43
N SER L 25 -8.42 -21.78 33.99
CA SER L 25 -7.35 -22.50 33.31
C SER L 25 -7.55 -22.93 31.86
N ASN L 26 -8.77 -22.82 31.33
CA ASN L 26 -9.02 -23.20 29.93
C ASN L 26 -8.98 -21.96 29.07
N VAL L 27 -8.73 -20.83 29.71
CA VAL L 27 -8.74 -19.58 28.99
C VAL L 27 -7.61 -18.60 29.35
N SER L 28 -6.71 -18.98 30.27
CA SER L 28 -5.64 -18.07 30.64
C SER L 28 -4.91 -17.60 29.39
N ASP L 29 -4.46 -18.54 28.57
CA ASP L 29 -3.76 -18.21 27.33
C ASP L 29 -4.68 -17.43 26.41
N LEU L 30 -5.97 -17.53 26.68
CA LEU L 30 -6.97 -16.86 25.86
C LEU L 30 -7.30 -15.45 26.34
N ILE L 31 -7.80 -15.36 27.56
CA ILE L 31 -8.14 -14.07 28.15
C ILE L 31 -7.12 -13.05 27.68
N GLN L 32 -5.87 -13.29 28.06
CA GLN L 32 -4.76 -12.41 27.71
C GLN L 32 -4.94 -11.87 26.29
N GLN L 33 -4.67 -12.72 25.30
CA GLN L 33 -4.81 -12.32 23.90
C GLN L 33 -5.93 -11.32 23.75
N PHE L 34 -7.08 -11.67 24.29
CA PHE L 34 -8.25 -10.80 24.19
C PHE L 34 -7.96 -9.36 24.60
N ASN L 35 -7.75 -9.17 25.89
CA ASN L 35 -7.47 -7.85 26.43
C ASN L 35 -6.56 -7.07 25.50
N GLN L 36 -5.36 -7.60 25.27
CA GLN L 36 -4.38 -6.97 24.38
C GLN L 36 -5.10 -6.16 23.31
N MET L 37 -6.14 -6.77 22.74
CA MET L 37 -6.91 -6.13 21.70
C MET L 37 -7.53 -4.83 22.21
N ILE L 38 -8.53 -4.98 23.07
CA ILE L 38 -9.24 -3.85 23.65
C ILE L 38 -8.35 -2.61 23.73
N ILE L 39 -7.18 -2.79 24.32
CA ILE L 39 -6.23 -1.69 24.48
C ILE L 39 -5.98 -0.98 23.15
N THR L 40 -5.31 -1.68 22.25
CA THR L 40 -4.97 -1.16 20.94
C THR L 40 -6.12 -0.35 20.34
N MET L 41 -7.35 -0.80 20.59
CA MET L 41 -8.56 -0.18 20.05
C MET L 41 -9.02 1.15 20.62
N ASN L 42 -9.92 1.07 21.61
CA ASN L 42 -10.50 2.25 22.20
C ASN L 42 -9.59 3.46 22.11
N GLY L 43 -10.16 4.53 21.62
CA GLY L 43 -9.43 5.77 21.44
C GLY L 43 -9.54 6.10 19.97
N ASN L 44 -9.56 5.07 19.13
CA ASN L 44 -9.65 5.26 17.69
C ASN L 44 -11.12 5.22 17.25
N GLU L 45 -11.48 6.12 16.33
CA GLU L 45 -12.85 6.22 15.83
C GLU L 45 -13.01 5.64 14.43
N PHE L 46 -14.18 5.05 14.16
CA PHE L 46 -14.44 4.44 12.86
C PHE L 46 -15.70 4.80 12.12
N GLN L 47 -15.63 4.63 10.80
CA GLN L 47 -16.73 4.92 9.90
C GLN L 47 -16.87 3.78 8.89
N THR L 48 -18.09 3.29 8.73
CA THR L 48 -18.36 2.18 7.83
C THR L 48 -19.62 2.37 7.03
N GLY L 49 -19.55 2.07 5.74
CA GLY L 49 -20.71 2.18 4.89
C GLY L 49 -20.69 3.33 3.91
N GLY L 50 -21.89 3.70 3.45
CA GLY L 50 -22.02 4.78 2.50
C GLY L 50 -22.53 4.29 1.16
N ILE L 51 -21.64 3.67 0.40
CA ILE L 51 -21.96 3.15 -0.91
C ILE L 51 -23.24 2.31 -0.93
N GLY L 52 -24.12 2.60 -1.88
CA GLY L 52 -25.38 1.88 -2.00
C GLY L 52 -26.30 2.08 -0.81
N ASN L 53 -27.23 1.15 -0.62
CA ASN L 53 -28.15 1.21 0.50
C ASN L 53 -27.55 0.49 1.70
N LEU L 54 -26.52 1.11 2.25
CA LEU L 54 -25.81 0.57 3.40
C LEU L 54 -25.61 1.64 4.47
N PRO L 55 -26.28 1.50 5.62
CA PRO L 55 -26.18 2.45 6.73
C PRO L 55 -24.73 2.81 7.11
N ILE L 56 -24.55 4.00 7.65
CA ILE L 56 -23.23 4.46 8.06
C ILE L 56 -23.20 4.63 9.57
N ARG L 57 -22.87 3.55 10.28
CA ARG L 57 -22.82 3.60 11.74
C ARG L 57 -21.41 3.98 12.18
N ASN L 58 -21.30 4.91 13.15
CA ASN L 58 -20.00 5.36 13.67
C ASN L 58 -19.70 4.61 14.96
N TRP L 59 -18.45 4.20 15.16
CA TRP L 59 -18.08 3.43 16.35
C TRP L 59 -16.95 3.96 17.21
N ASN L 60 -17.22 4.08 18.52
CA ASN L 60 -16.25 4.54 19.51
C ASN L 60 -15.94 3.36 20.42
N PHE L 61 -14.79 3.42 21.08
CA PHE L 61 -14.38 2.34 21.98
C PHE L 61 -13.78 2.88 23.27
N ASP L 62 -13.90 2.10 24.35
CA ASP L 62 -13.36 2.45 25.67
C ASP L 62 -13.94 1.46 26.66
N PHE L 63 -13.65 0.19 26.42
CA PHE L 63 -14.18 -0.85 27.29
C PHE L 63 -13.18 -1.37 28.31
N GLY L 64 -13.64 -1.42 29.56
CA GLY L 64 -12.79 -1.91 30.64
C GLY L 64 -12.37 -3.34 30.33
N LEU L 65 -11.28 -3.80 30.95
CA LEU L 65 -10.79 -5.15 30.69
C LEU L 65 -11.52 -6.29 31.41
N LEU L 66 -10.77 -7.30 31.82
CA LEU L 66 -11.36 -8.46 32.50
C LEU L 66 -10.84 -8.75 33.89
N GLY L 67 -11.01 -10.00 34.29
CA GLY L 67 -10.54 -10.43 35.58
C GLY L 67 -9.74 -11.69 35.40
N THR L 68 -8.71 -11.84 36.22
CA THR L 68 -7.87 -13.01 36.17
C THR L 68 -8.04 -13.63 37.54
N THR L 69 -8.98 -13.05 38.29
CA THR L 69 -9.29 -13.48 39.64
C THR L 69 -9.95 -14.86 39.70
N LEU L 70 -11.28 -14.89 39.73
CA LEU L 70 -12.04 -16.13 39.81
C LEU L 70 -11.51 -17.29 38.96
N LEU L 71 -11.20 -18.41 39.60
CA LEU L 71 -10.69 -19.59 38.89
C LEU L 71 -11.86 -20.60 38.82
N ASN L 72 -13.02 -20.06 38.45
CA ASN L 72 -14.28 -20.79 38.30
C ASN L 72 -15.35 -19.77 37.96
N LEU L 73 -15.55 -19.54 36.67
CA LEU L 73 -16.51 -18.56 36.13
C LEU L 73 -17.92 -18.51 36.71
N ASP L 74 -18.34 -17.33 37.18
CA ASP L 74 -19.69 -17.17 37.70
C ASP L 74 -20.53 -16.49 36.64
N ALA L 75 -21.78 -16.93 36.51
CA ALA L 75 -22.69 -16.38 35.52
C ALA L 75 -22.46 -14.88 35.32
N ASN L 76 -22.50 -14.14 36.42
CA ASN L 76 -22.30 -12.70 36.38
C ASN L 76 -21.11 -12.28 35.50
N TYR L 77 -20.08 -13.12 35.46
CA TYR L 77 -18.90 -12.82 34.66
C TYR L 77 -19.22 -12.83 33.18
N VAL L 78 -19.97 -13.85 32.77
CA VAL L 78 -20.35 -14.00 31.37
C VAL L 78 -21.07 -12.75 30.88
N GLU L 79 -22.31 -12.56 31.32
CA GLU L 79 -23.13 -11.41 30.90
C GLU L 79 -22.41 -10.08 30.76
N THR L 80 -21.52 -9.76 31.70
CA THR L 80 -20.77 -8.49 31.63
C THR L 80 -19.75 -8.56 30.51
N ALA L 81 -19.64 -9.72 29.91
CA ALA L 81 -18.71 -9.95 28.81
C ALA L 81 -19.48 -10.00 27.48
N ARG L 82 -20.49 -10.86 27.43
CA ARG L 82 -21.31 -11.00 26.22
C ARG L 82 -21.77 -9.63 25.74
N ASN L 83 -22.09 -8.75 26.69
CA ASN L 83 -22.55 -7.41 26.36
C ASN L 83 -21.47 -6.61 25.67
N THR L 84 -20.22 -6.97 25.90
CA THR L 84 -19.11 -6.27 25.28
C THR L 84 -18.75 -6.91 23.96
N ILE L 85 -19.10 -8.18 23.80
CA ILE L 85 -18.80 -8.87 22.56
C ILE L 85 -19.81 -8.46 21.50
N ASP L 86 -21.07 -8.39 21.90
CA ASP L 86 -22.14 -8.04 20.98
C ASP L 86 -21.99 -6.67 20.31
N TYR L 87 -20.93 -5.94 20.66
CA TYR L 87 -20.71 -4.64 20.02
C TYR L 87 -19.68 -4.93 18.92
N PHE L 88 -18.83 -5.92 19.17
CA PHE L 88 -17.80 -6.30 18.21
C PHE L 88 -18.42 -7.14 17.12
N VAL L 89 -19.38 -7.95 17.51
CA VAL L 89 -20.08 -8.76 16.53
C VAL L 89 -20.71 -7.75 15.56
N ASP L 90 -21.81 -7.12 15.99
CA ASP L 90 -22.55 -6.13 15.20
C ASP L 90 -21.61 -5.14 14.50
N PHE L 91 -20.35 -5.14 14.93
CA PHE L 91 -19.37 -4.27 14.35
C PHE L 91 -18.80 -4.96 13.13
N VAL L 92 -17.99 -5.98 13.39
CA VAL L 92 -17.35 -6.74 12.33
C VAL L 92 -18.27 -6.96 11.12
N ASP L 93 -19.52 -7.31 11.38
CA ASP L 93 -20.50 -7.53 10.31
C ASP L 93 -20.41 -6.29 9.42
N ASN L 94 -20.72 -5.14 10.00
CA ASN L 94 -20.69 -3.85 9.30
C ASN L 94 -19.31 -3.55 8.70
N VAL L 95 -18.29 -4.30 9.12
CA VAL L 95 -16.94 -4.07 8.60
C VAL L 95 -16.72 -4.94 7.38
N CYS L 96 -16.99 -6.23 7.52
CA CYS L 96 -16.83 -7.14 6.41
C CYS L 96 -17.60 -6.59 5.23
N MET L 97 -18.90 -6.47 5.41
CA MET L 97 -19.79 -5.98 4.37
C MET L 97 -19.23 -4.76 3.62
N ASP L 98 -18.69 -3.78 4.34
CA ASP L 98 -18.15 -2.56 3.71
C ASP L 98 -17.02 -2.80 2.71
N GLU L 99 -16.11 -3.73 3.00
CA GLU L 99 -15.00 -4.02 2.10
C GLU L 99 -15.34 -5.21 1.21
N MET L 100 -16.58 -5.68 1.31
CA MET L 100 -17.04 -6.80 0.51
C MET L 100 -17.85 -6.30 -0.65
N VAL L 101 -17.56 -5.09 -1.11
CA VAL L 101 -18.30 -4.53 -2.23
C VAL L 101 -17.43 -3.67 -3.11
N ARG L 102 -16.47 -2.98 -2.50
CA ARG L 102 -15.57 -2.11 -3.26
C ARG L 102 -14.59 -2.91 -4.11
N GLU L 103 -14.49 -2.55 -5.38
CA GLU L 103 -13.63 -3.22 -6.34
C GLU L 103 -12.64 -2.20 -6.94
N SER L 104 -11.49 -2.66 -7.41
CA SER L 104 -10.49 -1.75 -7.99
C SER L 104 -9.67 -2.39 -9.11
N GLN L 105 -9.69 -1.76 -10.28
CA GLN L 105 -8.95 -2.26 -11.45
C GLN L 105 -7.45 -2.29 -11.22
N ARG L 106 -6.85 -1.10 -11.14
CA ARG L 106 -5.41 -0.92 -10.94
C ARG L 106 -4.83 -1.92 -9.93
N ASN L 107 -4.96 -1.59 -8.64
CA ASN L 107 -4.45 -2.45 -7.58
C ASN L 107 -5.63 -2.93 -6.76
N GLY L 108 -6.58 -3.60 -7.41
CA GLY L 108 -7.76 -4.08 -6.71
C GLY L 108 -7.56 -5.45 -6.09
N ILE L 109 -6.46 -5.60 -5.38
CA ILE L 109 -6.12 -6.86 -4.72
C ILE L 109 -5.88 -6.59 -3.23
N ALA L 110 -5.64 -5.33 -2.90
CA ALA L 110 -5.38 -4.91 -1.54
C ALA L 110 -6.66 -4.31 -0.92
N PRO L 111 -6.53 -3.67 0.26
CA PRO L 111 -7.67 -3.04 0.96
C PRO L 111 -8.20 -1.78 0.28
N GLN L 112 -9.50 -1.52 0.41
CA GLN L 112 -10.12 -0.35 -0.21
C GLN L 112 -10.80 0.61 0.78
N SER L 113 -11.70 0.07 1.60
CA SER L 113 -12.49 0.83 2.59
C SER L 113 -11.74 1.67 3.61
N ASP L 114 -12.36 2.79 4.00
CA ASP L 114 -11.80 3.70 4.98
C ASP L 114 -11.73 2.99 6.33
N SER L 115 -12.36 1.82 6.38
CA SER L 115 -12.39 1.03 7.59
C SER L 115 -11.14 0.16 7.61
N LEU L 116 -10.90 -0.57 6.53
CA LEU L 116 -9.75 -1.45 6.47
C LEU L 116 -8.42 -0.76 6.18
N ARG L 117 -8.39 0.21 5.27
CA ARG L 117 -7.15 0.91 4.95
C ARG L 117 -6.47 1.33 6.27
N LYS L 118 -7.28 1.50 7.32
CA LYS L 118 -6.76 1.92 8.63
C LYS L 118 -6.33 0.72 9.48
N LEU L 119 -6.82 -0.46 9.13
CA LEU L 119 -6.49 -1.68 9.86
C LEU L 119 -5.11 -2.21 9.52
N SER L 120 -4.76 -2.16 8.24
CA SER L 120 -3.45 -2.63 7.82
C SER L 120 -2.39 -1.77 8.48
N GLY L 121 -2.82 -0.69 9.12
CA GLY L 121 -1.89 0.20 9.80
C GLY L 121 -0.99 -0.64 10.69
N LEU L 122 0.18 -0.11 11.05
CA LEU L 122 1.12 -0.87 11.87
C LEU L 122 0.75 -1.02 13.33
N LYS L 123 0.31 0.07 13.96
CA LYS L 123 -0.05 0.04 15.37
C LYS L 123 -1.12 -1.00 15.74
N PHE L 124 -1.66 -1.69 14.74
CA PHE L 124 -2.70 -2.68 14.98
C PHE L 124 -2.20 -4.11 14.96
N LYS L 125 -1.20 -4.36 14.13
CA LYS L 125 -0.65 -5.70 13.99
C LYS L 125 -0.52 -6.48 15.29
N ARG L 126 -0.44 -5.78 16.42
CA ARG L 126 -0.31 -6.42 17.74
C ARG L 126 -1.39 -7.45 18.09
N ILE L 127 -2.06 -8.03 17.10
CA ILE L 127 -3.14 -8.96 17.42
C ILE L 127 -3.08 -10.35 16.79
N ASN L 128 -2.86 -10.38 15.48
CA ASN L 128 -2.76 -11.59 14.67
C ASN L 128 -2.51 -12.90 15.44
N PHE L 129 -3.29 -13.94 15.15
CA PHE L 129 -3.12 -15.25 15.80
C PHE L 129 -4.02 -16.37 15.24
N ASP L 130 -3.76 -17.60 15.70
CA ASP L 130 -4.48 -18.83 15.29
C ASP L 130 -5.01 -18.80 13.84
N ASN L 131 -4.10 -18.87 12.88
CA ASN L 131 -4.44 -18.87 11.46
C ASN L 131 -4.65 -20.28 10.93
N SER L 132 -5.55 -21.04 11.56
CA SER L 132 -5.81 -22.40 11.12
C SER L 132 -7.02 -22.53 10.19
N SER L 133 -7.71 -21.41 9.95
CA SER L 133 -8.90 -21.41 9.08
C SER L 133 -8.47 -21.51 7.61
N GLU L 134 -8.59 -22.72 7.08
CA GLU L 134 -8.24 -23.05 5.71
C GLU L 134 -7.99 -21.87 4.78
N TYR L 135 -8.85 -20.86 4.82
CA TYR L 135 -8.69 -19.70 3.93
C TYR L 135 -7.58 -18.71 4.23
N ILE L 136 -7.41 -18.40 5.51
CA ILE L 136 -6.34 -17.49 5.86
C ILE L 136 -5.04 -18.24 5.63
N GLU L 137 -5.02 -19.52 6.04
CA GLU L 137 -3.85 -20.39 5.86
C GLU L 137 -3.33 -20.16 4.45
N ASN L 138 -4.27 -20.06 3.51
CA ASN L 138 -3.91 -19.86 2.11
C ASN L 138 -3.67 -18.41 1.75
N TRP L 139 -4.31 -17.48 2.43
CA TRP L 139 -4.06 -16.09 2.09
C TRP L 139 -2.57 -15.79 2.31
N ASN L 140 -2.10 -16.07 3.52
CA ASN L 140 -0.69 -15.81 3.84
C ASN L 140 0.27 -16.39 2.81
N LEU L 141 0.29 -17.72 2.68
CA LEU L 141 1.18 -18.41 1.75
C LEU L 141 1.22 -17.78 0.37
N GLN L 142 0.17 -17.03 0.03
CA GLN L 142 0.09 -16.38 -1.27
C GLN L 142 0.85 -15.06 -1.22
N ASN L 143 0.84 -14.43 -0.05
CA ASN L 143 1.53 -13.16 0.15
C ASN L 143 3.04 -13.35 -0.04
N ARG L 144 3.57 -14.41 0.56
CA ARG L 144 5.00 -14.71 0.48
C ARG L 144 5.36 -15.34 -0.86
N ARG L 145 4.49 -16.23 -1.34
CA ARG L 145 4.67 -16.96 -2.59
C ARG L 145 4.97 -18.44 -2.37
N GLN L 146 4.00 -19.28 -2.70
CA GLN L 146 4.14 -20.74 -2.57
C GLN L 146 2.90 -21.49 -3.04
N ARG L 147 3.08 -22.79 -3.31
CA ARG L 147 1.99 -23.63 -3.78
C ARG L 147 0.83 -23.60 -2.79
N THR L 148 -0.09 -22.68 -3.06
CA THR L 148 -1.29 -22.45 -2.26
C THR L 148 -2.19 -23.70 -2.23
N GLY L 149 -3.43 -23.57 -2.72
CA GLY L 149 -4.35 -24.71 -2.77
C GLY L 149 -5.59 -24.78 -1.88
N PHE L 150 -6.71 -25.18 -2.49
CA PHE L 150 -7.99 -25.34 -1.77
C PHE L 150 -8.61 -26.68 -2.12
N THR L 151 -9.68 -27.04 -1.41
CA THR L 151 -10.35 -28.32 -1.65
C THR L 151 -11.80 -28.09 -2.05
N PHE L 152 -12.26 -28.76 -3.11
CA PHE L 152 -13.63 -28.59 -3.63
C PHE L 152 -14.39 -29.87 -4.00
N HIS L 153 -15.70 -29.86 -3.72
CA HIS L 153 -16.59 -30.97 -4.06
C HIS L 153 -17.34 -30.43 -5.28
N LYS L 154 -17.63 -31.29 -6.27
CA LYS L 154 -18.31 -30.87 -7.50
C LYS L 154 -17.99 -29.39 -7.83
N PRO L 155 -16.69 -29.05 -8.03
CA PRO L 155 -16.18 -27.70 -8.36
C PRO L 155 -16.93 -27.02 -9.50
N ASN L 156 -16.80 -25.71 -9.68
CA ASN L 156 -17.59 -25.09 -10.75
C ASN L 156 -16.62 -24.47 -11.75
N ILE L 157 -16.02 -25.33 -12.57
CA ILE L 157 -15.00 -24.93 -13.52
C ILE L 157 -15.48 -24.68 -14.93
N PHE L 158 -16.60 -25.31 -15.32
CA PHE L 158 -17.12 -25.13 -16.67
C PHE L 158 -18.20 -24.08 -16.82
N PRO L 159 -17.94 -23.01 -17.59
CA PRO L 159 -18.99 -22.02 -17.75
C PRO L 159 -20.10 -22.74 -18.50
N TYR L 160 -21.34 -22.37 -18.23
CA TYR L 160 -22.46 -23.01 -18.90
C TYR L 160 -22.29 -22.90 -20.40
N SER L 161 -22.43 -24.01 -21.10
CA SER L 161 -22.33 -24.03 -22.55
C SER L 161 -23.17 -25.20 -23.01
N ALA L 162 -24.19 -24.93 -23.79
CA ALA L 162 -25.03 -25.99 -24.31
C ALA L 162 -25.19 -25.70 -25.80
N SER L 163 -24.60 -26.52 -26.66
CA SER L 163 -24.68 -26.27 -28.09
C SER L 163 -24.44 -27.53 -28.92
N PHE L 164 -24.26 -27.35 -30.24
CA PHE L 164 -24.00 -28.47 -31.14
C PHE L 164 -23.14 -27.99 -32.30
N THR L 165 -22.61 -28.94 -33.05
CA THR L 165 -21.79 -28.63 -34.21
C THR L 165 -22.16 -29.67 -35.22
N LEU L 166 -22.70 -29.22 -36.35
CA LEU L 166 -23.07 -30.12 -37.42
C LEU L 166 -21.91 -30.26 -38.41
N ASN L 167 -21.29 -31.43 -38.42
CA ASN L 167 -20.18 -31.67 -39.32
C ASN L 167 -20.63 -32.02 -40.73
N ARG L 168 -21.85 -32.53 -40.85
CA ARG L 168 -22.48 -32.83 -42.15
C ARG L 168 -23.92 -32.44 -41.95
N SER L 169 -24.42 -31.56 -42.81
CA SER L 169 -25.79 -31.12 -42.72
C SER L 169 -26.22 -30.68 -44.09
N GLN L 170 -27.52 -30.49 -44.24
CA GLN L 170 -28.09 -30.05 -45.49
C GLN L 170 -29.39 -29.36 -45.06
N PRO L 171 -29.94 -28.50 -45.92
CA PRO L 171 -31.17 -27.76 -45.64
C PRO L 171 -32.30 -28.54 -44.95
N ALA L 172 -32.61 -29.73 -45.45
CA ALA L 172 -33.68 -30.53 -44.87
C ALA L 172 -33.34 -31.10 -43.46
N HIS L 173 -32.05 -31.11 -43.10
CA HIS L 173 -31.58 -31.63 -41.84
C HIS L 173 -32.13 -33.04 -41.63
N ASP L 174 -32.01 -33.86 -42.66
CA ASP L 174 -32.50 -35.23 -42.63
C ASP L 174 -31.37 -36.26 -42.62
N ASN L 175 -30.13 -35.79 -42.70
CA ASN L 175 -28.96 -36.67 -42.66
C ASN L 175 -27.76 -35.91 -42.09
N LEU L 176 -27.83 -35.65 -40.79
CA LEU L 176 -26.81 -34.90 -40.06
C LEU L 176 -25.79 -35.78 -39.39
N MET L 177 -24.66 -35.18 -39.07
CA MET L 177 -23.58 -35.85 -38.36
C MET L 177 -22.87 -34.73 -37.58
N GLY L 178 -22.65 -34.96 -36.29
CA GLY L 178 -21.99 -33.95 -35.48
C GLY L 178 -22.07 -34.27 -34.01
N THR L 179 -21.88 -33.27 -33.17
CA THR L 179 -21.95 -33.48 -31.74
C THR L 179 -22.76 -32.39 -31.08
N MET L 180 -23.30 -32.71 -29.91
CA MET L 180 -24.06 -31.76 -29.11
C MET L 180 -23.58 -32.01 -27.67
N TRP L 181 -23.57 -30.97 -26.86
CA TRP L 181 -23.05 -31.11 -25.51
C TRP L 181 -23.65 -30.13 -24.52
N LEU L 182 -23.30 -30.37 -23.26
CA LEU L 182 -23.65 -29.50 -22.13
C LEU L 182 -22.43 -29.54 -21.20
N ASN L 183 -21.76 -28.43 -21.10
CA ASN L 183 -20.66 -28.24 -20.15
C ASN L 183 -21.20 -27.30 -19.09
N ALA L 184 -21.22 -27.73 -17.85
CA ALA L 184 -21.75 -26.85 -16.79
C ALA L 184 -21.26 -27.32 -15.43
N GLY L 185 -20.67 -26.40 -14.68
CA GLY L 185 -20.19 -26.74 -13.35
C GLY L 185 -19.02 -27.69 -13.39
N SER L 186 -19.25 -28.88 -12.88
CA SER L 186 -18.21 -29.89 -12.84
C SER L 186 -18.55 -31.03 -13.81
N GLU L 187 -19.57 -30.84 -14.63
CA GLU L 187 -19.98 -31.91 -15.53
C GLU L 187 -19.98 -31.62 -17.02
N ILE L 188 -19.71 -32.67 -17.79
CA ILE L 188 -19.71 -32.60 -19.24
C ILE L 188 -20.51 -33.79 -19.74
N GLN L 189 -21.42 -33.55 -20.68
CA GLN L 189 -22.14 -34.64 -21.35
C GLN L 189 -21.98 -34.28 -22.81
N VAL L 190 -21.59 -35.25 -23.62
CA VAL L 190 -21.42 -35.00 -25.04
C VAL L 190 -21.88 -36.22 -25.82
N ALA L 191 -22.60 -35.97 -26.91
CA ALA L 191 -23.09 -37.03 -27.77
C ALA L 191 -22.63 -36.77 -29.19
N GLY L 192 -22.32 -37.85 -29.89
CA GLY L 192 -21.94 -37.79 -31.28
C GLY L 192 -23.06 -38.54 -32.00
N PHE L 193 -23.62 -37.94 -33.03
CA PHE L 193 -24.70 -38.55 -33.80
C PHE L 193 -24.35 -38.62 -35.30
N ASP L 194 -24.85 -39.65 -35.96
CA ASP L 194 -24.63 -39.86 -37.39
C ASP L 194 -25.93 -40.47 -37.90
N TYR L 195 -26.76 -39.67 -38.55
CA TYR L 195 -28.04 -40.15 -39.07
C TYR L 195 -27.90 -41.36 -40.00
N SER L 196 -26.78 -41.44 -40.72
CA SER L 196 -26.53 -42.53 -41.66
C SER L 196 -25.99 -43.82 -41.02
N CYS L 197 -25.72 -43.78 -39.72
CA CYS L 197 -25.16 -44.93 -38.99
C CYS L 197 -23.88 -45.46 -39.67
N ALA L 198 -23.05 -44.50 -40.09
CA ALA L 198 -21.78 -44.80 -40.74
C ALA L 198 -21.87 -45.75 -41.94
N ILE L 199 -23.01 -45.72 -42.65
CA ILE L 199 -23.25 -46.60 -43.82
C ILE L 199 -22.18 -46.45 -44.94
N ASN L 200 -21.72 -45.22 -45.16
CA ASN L 200 -20.70 -44.92 -46.19
C ASN L 200 -19.38 -44.48 -45.56
N ALA L 201 -19.22 -44.68 -44.25
CA ALA L 201 -18.00 -44.27 -43.59
C ALA L 201 -16.91 -45.35 -43.62
N PRO L 202 -15.63 -44.93 -43.71
CA PRO L 202 -14.50 -45.85 -43.75
C PRO L 202 -14.53 -46.75 -42.52
N ALA L 203 -14.50 -48.06 -42.74
CA ALA L 203 -14.56 -49.04 -41.67
C ALA L 203 -15.90 -48.97 -40.94
N ASN L 204 -16.89 -48.31 -41.55
CA ASN L 204 -18.22 -48.13 -40.98
C ASN L 204 -18.13 -47.56 -39.56
N THR L 205 -17.19 -46.64 -39.40
CA THR L 205 -16.94 -46.01 -38.11
C THR L 205 -16.86 -44.49 -38.28
N GLN L 206 -17.59 -43.76 -37.44
CA GLN L 206 -17.56 -42.30 -37.48
C GLN L 206 -16.86 -41.86 -36.20
N GLN L 207 -15.82 -41.04 -36.34
CA GLN L 207 -15.07 -40.55 -35.20
C GLN L 207 -15.70 -39.27 -34.65
N PHE L 208 -15.67 -39.11 -33.32
CA PHE L 208 -16.16 -37.91 -32.66
C PHE L 208 -15.11 -37.43 -31.68
N GLU L 209 -15.22 -36.18 -31.29
CA GLU L 209 -14.26 -35.64 -30.37
C GLU L 209 -14.88 -34.43 -29.68
N HIS L 210 -14.59 -34.25 -28.39
CA HIS L 210 -15.08 -33.10 -27.67
C HIS L 210 -13.93 -32.61 -26.81
N ILE L 211 -13.57 -31.33 -26.98
CA ILE L 211 -12.48 -30.74 -26.21
C ILE L 211 -12.99 -29.63 -25.31
N VAL L 212 -12.58 -29.62 -24.06
CA VAL L 212 -13.00 -28.61 -23.12
C VAL L 212 -11.75 -28.04 -22.46
N GLN L 213 -11.59 -26.72 -22.59
CA GLN L 213 -10.45 -26.03 -22.02
C GLN L 213 -10.78 -25.33 -20.72
N LEU L 214 -10.18 -25.77 -19.62
CA LEU L 214 -10.47 -25.16 -18.34
C LEU L 214 -9.80 -23.81 -18.25
N ARG L 215 -10.40 -22.88 -17.52
CA ARG L 215 -9.82 -21.55 -17.37
C ARG L 215 -8.74 -21.57 -16.28
N ARG L 216 -8.73 -22.63 -15.48
CA ARG L 216 -7.72 -22.79 -14.44
C ARG L 216 -7.39 -24.28 -14.40
N VAL L 217 -6.16 -24.59 -14.02
CA VAL L 217 -5.72 -25.97 -13.91
C VAL L 217 -6.35 -26.59 -12.67
N LEU L 218 -6.75 -27.85 -12.81
CA LEU L 218 -7.26 -28.57 -11.68
C LEU L 218 -6.25 -29.66 -11.44
N THR L 219 -5.95 -29.91 -10.17
CA THR L 219 -5.05 -30.98 -9.81
C THR L 219 -5.79 -31.95 -8.87
N THR L 220 -5.25 -33.15 -8.72
CA THR L 220 -5.81 -34.16 -7.82
C THR L 220 -7.35 -34.35 -7.94
N ALA L 221 -7.84 -34.38 -9.18
CA ALA L 221 -9.25 -34.56 -9.50
C ALA L 221 -9.69 -36.04 -9.50
N THR L 222 -10.76 -36.29 -8.77
CA THR L 222 -11.42 -37.61 -8.74
C THR L 222 -12.60 -37.47 -9.67
N ILE L 223 -12.61 -38.28 -10.70
CA ILE L 223 -13.61 -38.14 -11.77
C ILE L 223 -14.41 -39.40 -12.08
N THR L 224 -15.70 -39.23 -12.36
CA THR L 224 -16.59 -40.33 -12.74
C THR L 224 -16.78 -40.20 -14.24
N LEU L 225 -16.51 -41.27 -14.98
CA LEU L 225 -16.67 -41.27 -16.43
C LEU L 225 -17.61 -42.41 -16.72
N LEU L 226 -18.67 -42.14 -17.43
CA LEU L 226 -19.66 -43.16 -17.76
C LEU L 226 -20.01 -43.09 -19.23
N PRO L 227 -20.35 -44.23 -19.83
CA PRO L 227 -20.71 -44.20 -21.24
C PRO L 227 -22.14 -43.68 -21.30
N ASP L 228 -22.52 -43.10 -22.45
CA ASP L 228 -23.85 -42.56 -22.71
C ASP L 228 -24.05 -41.15 -22.19
N ALA L 229 -24.85 -40.37 -22.91
CA ALA L 229 -25.18 -39.01 -22.53
C ALA L 229 -26.70 -39.02 -22.47
N GLU L 230 -27.26 -39.29 -21.29
CA GLU L 230 -28.70 -39.35 -21.12
C GLU L 230 -29.41 -38.08 -21.57
N ARG L 231 -28.77 -36.95 -21.35
CA ARG L 231 -29.32 -35.67 -21.75
C ARG L 231 -29.59 -35.58 -23.27
N PHE L 232 -28.87 -36.36 -24.06
CA PHE L 232 -29.03 -36.33 -25.51
C PHE L 232 -29.48 -37.68 -26.04
N SER L 233 -30.30 -38.36 -25.25
CA SER L 233 -30.78 -39.67 -25.64
C SER L 233 -32.25 -39.67 -25.95
N PHE L 234 -32.85 -38.50 -25.97
CA PHE L 234 -34.27 -38.42 -26.26
C PHE L 234 -34.58 -37.53 -27.49
N PRO L 235 -35.76 -37.69 -28.09
CA PRO L 235 -36.20 -36.92 -29.26
C PRO L 235 -36.24 -35.44 -29.00
N ARG L 236 -35.70 -34.68 -29.94
CA ARG L 236 -35.67 -33.25 -29.80
C ARG L 236 -35.94 -32.57 -31.13
N VAL L 237 -36.47 -31.39 -30.99
CA VAL L 237 -36.68 -30.46 -32.09
C VAL L 237 -35.78 -29.29 -31.73
N ILE L 238 -34.79 -29.07 -32.56
CA ILE L 238 -33.75 -28.08 -32.26
C ILE L 238 -33.69 -26.95 -33.30
N ASN L 239 -33.23 -25.78 -32.88
CA ASN L 239 -33.11 -24.68 -33.82
C ASN L 239 -31.87 -24.93 -34.67
N SER L 240 -31.94 -24.54 -35.94
CA SER L 240 -30.82 -24.70 -36.86
C SER L 240 -29.72 -23.73 -36.44
N ALA L 241 -28.50 -23.96 -36.91
CA ALA L 241 -27.38 -23.10 -36.58
C ALA L 241 -27.65 -21.61 -36.84
N ASP L 242 -28.32 -21.31 -37.96
CA ASP L 242 -28.63 -19.92 -38.34
C ASP L 242 -29.94 -19.37 -37.75
N GLY L 243 -30.61 -20.20 -36.96
CA GLY L 243 -31.86 -19.81 -36.34
C GLY L 243 -33.05 -19.69 -37.28
N ALA L 244 -32.85 -20.01 -38.56
CA ALA L 244 -33.92 -19.90 -39.54
C ALA L 244 -34.97 -21.01 -39.54
N THR L 245 -34.67 -22.17 -38.97
CA THR L 245 -35.63 -23.27 -38.94
C THR L 245 -35.33 -24.25 -37.79
N THR L 246 -36.03 -25.38 -37.75
CA THR L 246 -35.84 -26.38 -36.72
C THR L 246 -35.67 -27.77 -37.32
N TRP L 247 -34.77 -28.55 -36.73
CA TRP L 247 -34.50 -29.92 -37.16
C TRP L 247 -34.96 -30.94 -36.13
N TYR L 248 -35.11 -32.18 -36.56
CA TYR L 248 -35.57 -33.25 -35.69
C TYR L 248 -34.45 -34.24 -35.35
N PHE L 249 -34.28 -34.52 -34.06
CA PHE L 249 -33.27 -35.46 -33.59
C PHE L 249 -34.05 -36.59 -32.92
N ASN L 250 -33.88 -37.78 -33.44
CA ASN L 250 -34.58 -38.96 -32.95
C ASN L 250 -33.53 -40.04 -32.63
N PRO L 251 -32.79 -39.91 -31.52
CA PRO L 251 -31.70 -40.83 -31.20
C PRO L 251 -32.11 -42.23 -30.81
N VAL L 252 -31.18 -43.12 -31.14
CA VAL L 252 -31.13 -44.53 -30.75
C VAL L 252 -29.67 -44.71 -30.32
N ILE L 253 -29.46 -45.21 -29.12
CA ILE L 253 -28.12 -45.22 -28.53
C ILE L 253 -27.35 -46.53 -28.68
N LEU L 254 -26.07 -46.40 -29.03
CA LEU L 254 -25.16 -47.53 -29.19
C LEU L 254 -23.98 -47.25 -28.25
N ARG L 255 -23.23 -48.28 -27.88
CA ARG L 255 -22.12 -48.05 -26.97
C ARG L 255 -21.01 -47.30 -27.65
N PRO L 256 -20.44 -46.31 -26.96
CA PRO L 256 -19.36 -45.57 -27.59
C PRO L 256 -18.17 -46.53 -27.77
N ASN L 257 -17.61 -46.51 -28.97
CA ASN L 257 -16.50 -47.36 -29.37
C ASN L 257 -15.15 -46.62 -29.30
N ASN L 258 -14.10 -47.30 -28.85
CA ASN L 258 -12.74 -46.73 -28.72
C ASN L 258 -12.68 -45.42 -27.96
N VAL L 259 -13.31 -45.43 -26.78
CA VAL L 259 -13.34 -44.26 -25.93
C VAL L 259 -11.93 -43.96 -25.42
N GLU L 260 -11.52 -42.73 -25.55
CA GLU L 260 -10.23 -42.30 -25.05
C GLU L 260 -10.35 -40.92 -24.42
N VAL L 261 -10.03 -40.81 -23.13
CA VAL L 261 -10.10 -39.54 -22.45
C VAL L 261 -8.69 -39.10 -22.17
N GLU L 262 -8.36 -37.88 -22.55
CA GLU L 262 -7.05 -37.36 -22.27
C GLU L 262 -7.17 -36.10 -21.45
N PHE L 263 -6.37 -36.03 -20.40
CA PHE L 263 -6.31 -34.86 -19.53
C PHE L 263 -4.96 -34.29 -19.87
N LEU L 264 -4.98 -33.15 -20.52
CA LEU L 264 -3.75 -32.52 -20.95
C LEU L 264 -3.40 -31.30 -20.16
N LEU L 265 -2.11 -30.98 -20.14
CA LEU L 265 -1.61 -29.81 -19.46
C LEU L 265 -0.68 -29.15 -20.45
N ASN L 266 -1.01 -27.94 -20.88
CA ASN L 266 -0.18 -27.22 -21.85
C ASN L 266 0.11 -28.06 -23.10
N GLY L 267 -0.90 -28.78 -23.58
CA GLY L 267 -0.74 -29.58 -24.78
C GLY L 267 -0.17 -30.96 -24.57
N GLN L 268 0.32 -31.24 -23.37
CA GLN L 268 0.89 -32.54 -23.08
C GLN L 268 -0.11 -33.46 -22.40
N ILE L 269 -0.13 -34.73 -22.78
CA ILE L 269 -1.01 -35.71 -22.16
C ILE L 269 -0.42 -36.02 -20.77
N ILE L 270 -1.20 -35.77 -19.73
CA ILE L 270 -0.75 -36.06 -18.38
C ILE L 270 -1.40 -37.38 -18.00
N ASN L 271 -2.69 -37.54 -18.32
CA ASN L 271 -3.38 -38.79 -18.02
C ASN L 271 -4.18 -39.19 -19.25
N THR L 272 -4.22 -40.48 -19.52
CA THR L 272 -5.00 -40.99 -20.63
C THR L 272 -5.65 -42.29 -20.20
N TYR L 273 -6.92 -42.43 -20.53
CA TYR L 273 -7.71 -43.61 -20.18
C TYR L 273 -8.45 -44.11 -21.41
N GLN L 274 -8.30 -45.39 -21.69
CA GLN L 274 -8.93 -46.00 -22.85
C GLN L 274 -10.07 -46.84 -22.40
N ALA L 275 -11.27 -46.40 -22.73
CA ALA L 275 -12.48 -47.14 -22.40
C ALA L 275 -12.61 -47.54 -20.94
N ARG L 276 -12.15 -46.69 -20.03
CA ARG L 276 -12.26 -47.02 -18.64
C ARG L 276 -13.37 -46.22 -17.98
N PHE L 277 -14.48 -46.88 -17.67
CA PHE L 277 -15.63 -46.21 -17.05
C PHE L 277 -15.61 -46.46 -15.55
N GLY L 278 -16.13 -45.50 -14.79
CA GLY L 278 -16.12 -45.64 -13.34
C GLY L 278 -15.32 -44.48 -12.79
N THR L 279 -14.50 -44.75 -11.78
CA THR L 279 -13.70 -43.70 -11.16
C THR L 279 -12.26 -43.68 -11.65
N ILE L 280 -11.83 -42.53 -12.17
CA ILE L 280 -10.48 -42.32 -12.67
C ILE L 280 -9.89 -41.04 -12.05
N ILE L 281 -8.57 -41.00 -11.94
CA ILE L 281 -7.86 -39.85 -11.38
C ILE L 281 -7.13 -39.02 -12.47
N ALA L 282 -7.30 -37.71 -12.47
CA ALA L 282 -6.63 -36.82 -13.40
C ALA L 282 -5.82 -35.93 -12.46
N ARG L 283 -4.52 -36.10 -12.44
CA ARG L 283 -3.71 -35.42 -11.40
C ARG L 283 -3.32 -33.95 -11.68
N ASN L 284 -3.39 -33.48 -12.89
CA ASN L 284 -2.97 -32.10 -13.20
C ASN L 284 -3.31 -31.83 -14.67
N PHE L 285 -4.28 -30.97 -14.91
CA PHE L 285 -4.68 -30.72 -16.31
C PHE L 285 -5.41 -29.41 -16.47
N ASP L 286 -5.36 -28.85 -17.69
CA ASP L 286 -6.05 -27.61 -18.01
C ASP L 286 -6.96 -27.87 -19.20
N THR L 287 -6.98 -29.10 -19.68
CA THR L 287 -7.80 -29.45 -20.83
C THR L 287 -8.25 -30.90 -20.76
N ILE L 288 -9.47 -31.16 -21.20
CA ILE L 288 -9.99 -32.51 -21.26
C ILE L 288 -10.37 -32.75 -22.72
N ARG L 289 -9.97 -33.89 -23.24
CA ARG L 289 -10.32 -34.23 -24.60
C ARG L 289 -10.97 -35.61 -24.59
N LEU L 290 -12.21 -35.68 -25.06
CA LEU L 290 -12.94 -36.92 -25.12
C LEU L 290 -13.08 -37.34 -26.58
N SER L 291 -12.56 -38.51 -26.93
CA SER L 291 -12.65 -39.03 -28.29
C SER L 291 -13.41 -40.32 -28.19
N PHE L 292 -14.36 -40.51 -29.10
CA PHE L 292 -15.19 -41.70 -29.10
C PHE L 292 -15.74 -41.88 -30.51
N GLN L 293 -16.16 -43.10 -30.82
CA GLN L 293 -16.65 -43.42 -32.15
C GLN L 293 -17.98 -44.13 -32.16
N LEU L 294 -18.64 -44.05 -33.30
CA LEU L 294 -19.88 -44.75 -33.53
C LEU L 294 -19.47 -45.80 -34.55
N MET L 295 -19.64 -47.07 -34.24
CA MET L 295 -19.29 -48.07 -35.21
C MET L 295 -20.56 -48.76 -35.62
N ARG L 296 -20.85 -48.79 -36.91
CA ARG L 296 -22.06 -49.44 -37.39
C ARG L 296 -21.98 -50.91 -36.97
N PRO L 297 -23.03 -51.44 -36.32
CA PRO L 297 -23.02 -52.84 -35.88
C PRO L 297 -22.81 -53.77 -37.06
N PRO L 298 -21.75 -54.60 -37.03
CA PRO L 298 -21.50 -55.51 -38.14
C PRO L 298 -22.57 -56.61 -38.27
N ASN L 299 -23.21 -56.95 -37.16
CA ASN L 299 -24.26 -57.98 -37.16
C ASN L 299 -25.48 -57.40 -36.50
N MET L 300 -26.61 -57.50 -37.20
CA MET L 300 -27.86 -56.93 -36.69
C MET L 300 -29.04 -57.85 -36.75
N THR L 301 -29.80 -57.95 -35.67
CA THR L 301 -31.02 -58.76 -35.71
C THR L 301 -31.98 -57.95 -36.61
N PRO L 302 -33.06 -58.57 -37.11
CA PRO L 302 -34.02 -57.87 -37.97
C PRO L 302 -34.49 -56.51 -37.42
N ALA L 303 -34.87 -56.50 -36.14
CA ALA L 303 -35.36 -55.28 -35.49
C ALA L 303 -34.33 -54.17 -35.57
N VAL L 304 -33.04 -54.52 -35.44
CA VAL L 304 -31.98 -53.53 -35.51
C VAL L 304 -31.74 -53.11 -36.96
N ALA L 305 -31.63 -54.12 -37.84
CA ALA L 305 -31.41 -53.88 -39.26
C ALA L 305 -32.43 -52.88 -39.84
N ALA L 306 -33.67 -53.00 -39.35
CA ALA L 306 -34.77 -52.14 -39.77
C ALA L 306 -34.60 -50.67 -39.45
N LEU L 307 -33.77 -50.36 -38.45
CA LEU L 307 -33.56 -48.99 -38.04
C LEU L 307 -32.56 -48.30 -38.94
N PHE L 308 -31.67 -49.10 -39.52
CA PHE L 308 -30.57 -48.60 -40.36
C PHE L 308 -30.55 -49.07 -41.82
N PRO L 309 -31.38 -48.47 -42.68
CA PRO L 309 -31.48 -48.79 -44.10
C PRO L 309 -30.27 -48.34 -44.91
N ASN L 310 -30.15 -48.85 -46.12
CA ASN L 310 -29.02 -48.46 -46.96
C ASN L 310 -29.23 -47.11 -47.61
N ALA L 311 -30.49 -46.68 -47.65
CA ALA L 311 -30.84 -45.41 -48.25
C ALA L 311 -31.79 -44.60 -47.37
N GLN L 312 -31.76 -43.28 -47.54
CA GLN L 312 -32.64 -42.39 -46.79
C GLN L 312 -34.06 -42.74 -47.17
N PRO L 313 -35.06 -42.31 -46.38
CA PRO L 313 -34.94 -41.53 -45.14
C PRO L 313 -34.33 -42.26 -43.95
N PHE L 314 -33.50 -41.54 -43.21
CA PHE L 314 -32.87 -42.07 -42.01
C PHE L 314 -33.77 -41.60 -40.86
N GLU L 315 -34.53 -42.53 -40.30
CA GLU L 315 -35.48 -42.18 -39.26
C GLU L 315 -35.07 -42.43 -37.82
N HIS L 316 -34.05 -43.25 -37.62
CA HIS L 316 -33.53 -43.54 -36.29
C HIS L 316 -32.10 -43.09 -36.39
N HIS L 317 -31.73 -42.16 -35.53
CA HIS L 317 -30.40 -41.57 -35.55
C HIS L 317 -29.39 -42.11 -34.54
N ALA L 318 -28.44 -42.90 -35.05
CA ALA L 318 -27.40 -43.53 -34.24
C ALA L 318 -26.64 -42.48 -33.44
N THR L 319 -26.58 -42.71 -32.13
CA THR L 319 -25.94 -41.80 -31.20
C THR L 319 -25.10 -42.53 -30.17
N VAL L 320 -23.91 -42.01 -29.91
CA VAL L 320 -23.00 -42.54 -28.90
C VAL L 320 -22.64 -41.35 -28.01
N GLY L 321 -22.40 -41.58 -26.72
CA GLY L 321 -22.07 -40.47 -25.84
C GLY L 321 -21.24 -40.82 -24.63
N LEU L 322 -20.87 -39.79 -23.88
CA LEU L 322 -20.07 -39.93 -22.67
C LEU L 322 -20.53 -38.90 -21.64
N THR L 323 -20.35 -39.23 -20.36
CA THR L 323 -20.68 -38.34 -19.26
C THR L 323 -19.46 -38.33 -18.36
N LEU L 324 -18.99 -37.14 -18.01
CA LEU L 324 -17.81 -37.00 -17.16
C LEU L 324 -18.14 -36.03 -16.04
N ARG L 325 -17.90 -36.43 -14.78
CA ARG L 325 -18.15 -35.54 -13.65
C ARG L 325 -16.95 -35.45 -12.72
N ILE L 326 -16.53 -34.22 -12.42
CA ILE L 326 -15.41 -34.01 -11.53
C ILE L 326 -16.01 -33.93 -10.12
N GLU L 327 -15.85 -35.01 -9.36
CA GLU L 327 -16.38 -35.06 -8.00
C GLU L 327 -15.64 -34.11 -7.06
N SER L 328 -14.32 -34.13 -7.11
CA SER L 328 -13.51 -33.29 -6.25
C SER L 328 -12.23 -32.98 -6.98
N ALA L 329 -11.60 -31.88 -6.58
CA ALA L 329 -10.33 -31.46 -7.17
C ALA L 329 -9.74 -30.35 -6.34
N VAL L 330 -8.49 -30.03 -6.61
CA VAL L 330 -7.82 -28.95 -5.94
C VAL L 330 -7.50 -27.90 -7.00
N CYS L 331 -7.63 -26.63 -6.67
CA CYS L 331 -7.30 -25.57 -7.61
C CYS L 331 -6.48 -24.54 -6.86
N GLU L 332 -5.50 -23.98 -7.55
CA GLU L 332 -4.67 -22.94 -6.96
C GLU L 332 -5.44 -21.61 -6.89
N SER L 333 -6.53 -21.49 -7.65
CA SER L 333 -7.37 -20.28 -7.67
C SER L 333 -8.71 -20.55 -7.00
N VAL L 334 -9.30 -19.55 -6.35
CA VAL L 334 -10.60 -19.77 -5.74
C VAL L 334 -11.62 -20.02 -6.87
N LEU L 335 -12.61 -20.86 -6.57
CA LEU L 335 -13.67 -21.18 -7.52
C LEU L 335 -14.90 -21.42 -6.70
N ALA L 336 -16.06 -21.37 -7.35
CA ALA L 336 -17.30 -21.72 -6.70
C ALA L 336 -17.33 -23.27 -6.81
N ASP L 337 -18.02 -23.94 -5.88
CA ASP L 337 -18.18 -25.39 -5.94
C ASP L 337 -19.57 -25.72 -5.37
N ALA L 338 -19.88 -27.01 -5.15
CA ALA L 338 -21.20 -27.39 -4.67
C ALA L 338 -21.39 -27.39 -3.16
N SER L 339 -20.36 -27.03 -2.40
CA SER L 339 -20.45 -27.05 -0.96
C SER L 339 -20.20 -25.72 -0.24
N GLU L 340 -19.23 -24.95 -0.73
CA GLU L 340 -18.89 -23.69 -0.10
C GLU L 340 -19.90 -22.59 -0.39
N THR L 341 -20.13 -21.74 0.60
CA THR L 341 -21.11 -20.67 0.48
C THR L 341 -20.51 -19.32 0.12
N MET L 342 -19.21 -19.26 -0.12
CA MET L 342 -18.54 -18.00 -0.44
C MET L 342 -19.15 -17.18 -1.55
N LEU L 343 -19.29 -17.78 -2.73
CA LEU L 343 -19.88 -17.05 -3.84
C LEU L 343 -21.26 -16.55 -3.44
N ALA L 344 -22.06 -17.43 -2.85
CA ALA L 344 -23.42 -17.06 -2.44
C ALA L 344 -23.43 -15.95 -1.40
N ASN L 345 -22.45 -15.95 -0.47
CA ASN L 345 -22.38 -14.91 0.57
C ASN L 345 -22.09 -13.55 -0.05
N VAL L 346 -21.08 -13.50 -0.90
CA VAL L 346 -20.68 -12.26 -1.57
C VAL L 346 -21.81 -11.75 -2.43
N THR L 347 -22.37 -12.65 -3.25
CA THR L 347 -23.46 -12.29 -4.14
C THR L 347 -24.67 -11.81 -3.33
N SER L 348 -24.96 -12.50 -2.22
CA SER L 348 -26.10 -12.15 -1.39
C SER L 348 -25.95 -10.80 -0.70
N VAL L 349 -24.77 -10.50 -0.16
CA VAL L 349 -24.60 -9.22 0.51
C VAL L 349 -24.76 -8.08 -0.49
N ARG L 350 -24.17 -8.24 -1.67
CA ARG L 350 -24.28 -7.22 -2.70
C ARG L 350 -25.73 -7.00 -3.16
N GLN L 351 -26.49 -8.08 -3.33
CA GLN L 351 -27.88 -8.00 -3.75
C GLN L 351 -28.76 -7.35 -2.67
N GLU L 352 -28.59 -7.78 -1.42
CA GLU L 352 -29.38 -7.24 -0.33
C GLU L 352 -29.20 -5.72 -0.17
N TYR L 353 -27.97 -5.23 -0.32
CA TYR L 353 -27.72 -3.81 -0.17
C TYR L 353 -27.73 -3.03 -1.45
N ALA L 354 -28.31 -3.59 -2.49
CA ALA L 354 -28.41 -2.90 -3.78
C ALA L 354 -27.09 -2.26 -4.23
N ILE L 355 -26.00 -3.00 -4.10
CA ILE L 355 -24.69 -2.50 -4.50
C ILE L 355 -24.63 -2.35 -6.01
N PRO L 356 -24.27 -1.15 -6.52
CA PRO L 356 -24.18 -0.90 -7.96
C PRO L 356 -23.12 -1.78 -8.65
N VAL L 357 -23.31 -2.09 -9.93
CA VAL L 357 -22.34 -2.87 -10.68
C VAL L 357 -21.05 -2.08 -10.66
N GLY L 358 -19.91 -2.76 -10.46
CA GLY L 358 -18.64 -2.08 -10.41
C GLY L 358 -17.82 -2.31 -11.66
N PRO L 359 -16.55 -1.94 -11.65
CA PRO L 359 -15.68 -2.13 -12.81
C PRO L 359 -15.04 -3.52 -12.96
N VAL L 360 -15.08 -4.34 -11.93
CA VAL L 360 -14.43 -5.65 -12.01
C VAL L 360 -15.36 -6.83 -12.28
N PHE L 361 -16.33 -7.03 -11.40
CA PHE L 361 -17.24 -8.17 -11.51
C PHE L 361 -18.43 -8.03 -12.47
N PRO L 362 -18.82 -9.14 -13.14
CA PRO L 362 -19.96 -9.06 -14.06
C PRO L 362 -21.22 -8.76 -13.27
N PRO L 363 -22.24 -8.20 -13.93
CA PRO L 363 -23.49 -7.92 -13.22
C PRO L 363 -23.99 -9.18 -12.48
N GLY L 364 -24.39 -8.99 -11.23
CA GLY L 364 -24.91 -10.05 -10.40
C GLY L 364 -23.90 -11.09 -9.97
N MET L 365 -22.61 -10.81 -10.13
CA MET L 365 -21.54 -11.76 -9.80
C MET L 365 -21.81 -13.03 -10.60
N ASN L 366 -22.39 -12.90 -11.81
CA ASN L 366 -22.73 -14.08 -12.63
C ASN L 366 -21.57 -15.05 -12.79
N TRP L 367 -21.73 -16.28 -12.30
CA TRP L 367 -20.64 -17.22 -12.36
C TRP L 367 -20.17 -17.54 -13.76
N THR L 368 -21.08 -17.88 -14.66
CA THR L 368 -20.65 -18.18 -16.01
C THR L 368 -19.80 -17.05 -16.59
N ASP L 369 -20.28 -15.80 -16.49
CA ASP L 369 -19.52 -14.69 -17.03
C ASP L 369 -18.18 -14.54 -16.35
N LEU L 370 -18.17 -14.72 -15.03
CA LEU L 370 -16.93 -14.60 -14.29
C LEU L 370 -15.88 -15.62 -14.72
N ILE L 371 -16.23 -16.90 -14.71
CA ILE L 371 -15.30 -17.95 -15.07
C ILE L 371 -14.93 -17.91 -16.57
N THR L 372 -15.80 -17.41 -17.43
CA THR L 372 -15.50 -17.33 -18.85
C THR L 372 -14.35 -16.35 -19.10
N ASN L 373 -14.36 -15.23 -18.39
CA ASN L 373 -13.30 -14.24 -18.52
C ASN L 373 -12.72 -14.01 -17.15
N TYR L 374 -12.06 -15.05 -16.64
CA TYR L 374 -11.48 -15.03 -15.32
C TYR L 374 -10.12 -14.34 -15.33
N SER L 375 -10.15 -13.03 -15.46
CA SER L 375 -8.92 -12.25 -15.51
C SER L 375 -8.19 -12.23 -14.16
N PRO L 376 -6.91 -11.82 -14.18
CA PRO L 376 -6.16 -11.76 -12.92
C PRO L 376 -6.88 -10.84 -11.93
N SER L 377 -7.37 -9.70 -12.41
CA SER L 377 -8.06 -8.75 -11.54
C SER L 377 -9.32 -9.38 -10.91
N ARG L 378 -10.12 -10.07 -11.70
CA ARG L 378 -11.30 -10.71 -11.14
C ARG L 378 -10.89 -11.75 -10.08
N GLU L 379 -9.82 -12.52 -10.34
CA GLU L 379 -9.38 -13.53 -9.39
C GLU L 379 -8.86 -12.92 -8.09
N ASP L 380 -8.07 -11.87 -8.19
CA ASP L 380 -7.54 -11.24 -6.97
C ASP L 380 -8.68 -10.66 -6.15
N ASN L 381 -9.62 -9.98 -6.82
CA ASN L 381 -10.79 -9.42 -6.13
C ASN L 381 -11.65 -10.56 -5.55
N LEU L 382 -11.85 -11.64 -6.33
CA LEU L 382 -12.65 -12.77 -5.88
C LEU L 382 -12.02 -13.39 -4.65
N GLN L 383 -10.70 -13.56 -4.66
CA GLN L 383 -10.05 -14.16 -3.52
C GLN L 383 -10.16 -13.29 -2.29
N ARG L 384 -10.01 -11.99 -2.47
CA ARG L 384 -10.09 -11.08 -1.33
C ARG L 384 -11.49 -11.16 -0.72
N VAL L 385 -12.43 -11.10 -1.61
CA VAL L 385 -13.84 -11.07 -1.28
C VAL L 385 -14.29 -12.45 -0.69
N PHE L 386 -13.75 -13.55 -1.20
CA PHE L 386 -14.08 -14.92 -0.68
C PHE L 386 -13.46 -15.10 0.72
N THR L 387 -12.23 -14.63 0.87
CA THR L 387 -11.56 -14.75 2.16
C THR L 387 -12.34 -13.96 3.22
N VAL L 388 -12.85 -12.78 2.88
CA VAL L 388 -13.63 -11.98 3.82
C VAL L 388 -14.95 -12.68 4.16
N ALA L 389 -15.58 -13.29 3.15
CA ALA L 389 -16.83 -14.01 3.36
C ALA L 389 -16.58 -15.16 4.34
N SER L 390 -15.44 -15.81 4.22
CA SER L 390 -15.10 -16.93 5.11
C SER L 390 -14.83 -16.43 6.53
N ILE L 391 -14.31 -15.22 6.67
CA ILE L 391 -14.00 -14.66 8.00
C ILE L 391 -15.34 -14.35 8.65
N ARG L 392 -16.23 -13.78 7.87
CA ARG L 392 -17.56 -13.44 8.35
C ARG L 392 -18.38 -14.66 8.80
N SER L 393 -18.33 -15.76 8.03
CA SER L 393 -19.06 -16.98 8.36
C SER L 393 -18.63 -17.69 9.64
N MET L 394 -17.57 -17.21 10.28
CA MET L 394 -17.07 -17.82 11.50
C MET L 394 -17.95 -17.34 12.62
N LEU L 395 -18.62 -16.21 12.39
CA LEU L 395 -19.45 -15.58 13.40
C LEU L 395 -20.90 -15.38 13.01
N VAL L 396 -21.11 -15.07 11.74
CA VAL L 396 -22.43 -14.78 11.21
C VAL L 396 -22.76 -15.68 10.04
N LYS L 397 -23.79 -16.48 10.18
CA LYS L 397 -24.20 -17.36 9.09
C LYS L 397 -25.61 -17.02 8.76
N MET M 1 5.23 -44.15 12.98
CA MET M 1 4.00 -43.63 12.32
C MET M 1 3.32 -42.47 13.07
N ASP M 2 2.66 -42.74 14.20
CA ASP M 2 2.00 -41.67 14.94
C ASP M 2 2.98 -40.50 15.00
N VAL M 3 4.26 -40.85 15.02
CA VAL M 3 5.34 -39.88 15.04
C VAL M 3 4.97 -38.91 13.93
N LEU M 4 5.13 -39.39 12.72
CA LEU M 4 4.84 -38.62 11.54
C LEU M 4 3.75 -37.59 11.75
N TYR M 5 2.58 -38.03 12.20
CA TYR M 5 1.48 -37.11 12.41
C TYR M 5 1.96 -35.82 13.06
N SER M 6 2.33 -35.90 14.33
CA SER M 6 2.80 -34.73 15.07
C SER M 6 3.60 -33.75 14.21
N LEU M 7 4.65 -34.25 13.58
CA LEU M 7 5.53 -33.46 12.74
C LEU M 7 4.77 -32.42 11.94
N SER M 8 3.50 -32.71 11.68
CA SER M 8 2.67 -31.79 10.93
C SER M 8 1.86 -30.83 11.78
N LYS M 9 0.86 -31.31 12.52
CA LYS M 9 0.02 -30.42 13.35
C LYS M 9 0.98 -29.51 14.11
N THR M 10 2.23 -29.95 14.15
CA THR M 10 3.30 -29.20 14.75
C THR M 10 3.46 -27.96 13.87
N LEU M 11 3.81 -28.20 12.62
CA LEU M 11 4.00 -27.13 11.67
C LEU M 11 2.75 -26.30 11.37
N LYS M 12 1.60 -26.93 11.10
CA LYS M 12 0.37 -26.19 10.81
C LYS M 12 0.01 -25.30 11.99
N ASP M 13 -0.28 -25.92 13.13
CA ASP M 13 -0.60 -25.17 14.34
C ASP M 13 0.59 -24.25 14.63
N ALA M 14 1.59 -24.27 13.75
CA ALA M 14 2.78 -23.43 13.86
C ALA M 14 2.77 -22.31 12.83
N ARG M 15 2.97 -22.68 11.57
CA ARG M 15 2.96 -21.71 10.47
C ARG M 15 1.66 -20.90 10.51
N ASP M 16 0.76 -21.29 11.41
CA ASP M 16 -0.52 -20.61 11.56
C ASP M 16 -0.60 -19.72 12.79
N LYS M 17 -0.18 -20.22 13.95
CA LYS M 17 -0.25 -19.42 15.17
C LYS M 17 0.97 -18.52 15.43
N ILE M 18 1.93 -18.52 14.51
CA ILE M 18 3.14 -17.72 14.66
C ILE M 18 3.23 -16.60 13.63
N VAL M 19 2.83 -15.39 14.01
CA VAL M 19 2.89 -14.27 13.06
C VAL M 19 3.19 -12.92 13.70
N GLU M 20 3.69 -11.99 12.89
CA GLU M 20 4.02 -10.65 13.35
C GLU M 20 2.88 -10.08 14.23
N GLY M 21 3.06 -10.10 15.55
CA GLY M 21 2.03 -9.56 16.43
C GLY M 21 1.74 -10.23 17.78
N THR M 22 0.80 -11.18 17.75
CA THR M 22 0.35 -11.94 18.91
C THR M 22 1.18 -11.92 20.18
N LEU M 23 0.50 -12.16 21.29
CA LEU M 23 1.14 -12.22 22.60
C LEU M 23 1.75 -13.61 22.75
N TYR M 24 2.92 -13.67 23.37
CA TYR M 24 3.61 -14.94 23.57
C TYR M 24 2.60 -15.97 24.04
N SER M 25 2.06 -15.74 25.23
CA SER M 25 1.07 -16.59 25.87
C SER M 25 0.32 -17.59 25.00
N ASN M 26 -0.07 -17.18 23.79
CA ASN M 26 -0.82 -18.05 22.87
C ASN M 26 -0.04 -19.29 22.46
N VAL M 27 1.27 -19.14 22.49
CA VAL M 27 2.16 -20.20 22.07
C VAL M 27 3.06 -20.80 23.15
N SER M 28 2.95 -20.32 24.40
CA SER M 28 3.81 -20.89 25.43
C SER M 28 3.70 -22.40 25.40
N ASP M 29 2.47 -22.90 25.49
CA ASP M 29 2.23 -24.34 25.47
C ASP M 29 2.66 -24.92 24.14
N LEU M 30 2.80 -24.05 23.16
CA LEU M 30 3.20 -24.47 21.83
C LEU M 30 4.70 -24.46 21.60
N ILE M 31 5.30 -23.29 21.76
CA ILE M 31 6.74 -23.14 21.58
C ILE M 31 7.39 -24.38 22.13
N GLN M 32 7.22 -24.59 23.43
CA GLN M 32 7.79 -25.74 24.13
C GLN M 32 7.75 -26.97 23.23
N GLN M 33 6.58 -27.57 23.08
CA GLN M 33 6.41 -28.76 22.25
C GLN M 33 7.37 -28.71 21.07
N PHE M 34 7.36 -27.59 20.37
CA PHE M 34 8.23 -27.43 19.23
C PHE M 34 9.68 -27.79 19.50
N ASN M 35 10.33 -26.94 20.28
CA ASN M 35 11.73 -27.15 20.62
C ASN M 35 12.01 -28.63 20.87
N GLN M 36 11.33 -29.20 21.87
CA GLN M 36 11.48 -30.62 22.23
C GLN M 36 11.89 -31.42 20.99
N MET M 37 11.20 -31.16 19.90
CA MET M 37 11.46 -31.83 18.64
C MET M 37 12.91 -31.62 18.20
N ILE M 38 13.18 -30.40 17.77
CA ILE M 38 14.50 -30.01 17.29
C ILE M 38 15.59 -30.84 17.96
N ILE M 39 15.56 -30.88 19.29
CA ILE M 39 16.53 -31.62 20.06
C ILE M 39 16.65 -33.05 19.56
N THR M 40 15.60 -33.82 19.79
CA THR M 40 15.55 -35.23 19.39
C THR M 40 16.16 -35.45 18.01
N MET M 41 15.95 -34.49 17.11
CA MET M 41 16.45 -34.58 15.75
C MET M 41 17.95 -34.36 15.54
N ASN M 42 18.33 -33.09 15.45
CA ASN M 42 19.70 -32.68 15.22
C ASN M 42 20.72 -33.81 15.39
N GLY M 43 21.49 -34.06 14.35
CA GLY M 43 22.49 -35.09 14.42
C GLY M 43 22.17 -36.38 13.69
N ASN M 44 20.90 -36.58 13.31
CA ASN M 44 20.54 -37.80 12.62
C ASN M 44 20.41 -37.59 11.10
N GLU M 45 21.16 -38.36 10.33
CA GLU M 45 21.16 -38.26 8.87
C GLU M 45 20.02 -39.07 8.25
N PHE M 46 19.29 -38.44 7.33
CA PHE M 46 18.16 -39.09 6.67
C PHE M 46 18.23 -39.17 5.15
N GLN M 47 17.76 -40.30 4.63
CA GLN M 47 17.77 -40.58 3.20
C GLN M 47 16.38 -40.86 2.64
N THR M 48 16.07 -40.21 1.52
CA THR M 48 14.77 -40.36 0.87
C THR M 48 14.93 -40.52 -0.64
N GLY M 49 14.18 -41.46 -1.19
CA GLY M 49 14.24 -41.70 -2.63
C GLY M 49 14.84 -43.04 -2.96
N GLY M 50 15.24 -43.21 -4.22
CA GLY M 50 15.84 -44.48 -4.65
C GLY M 50 14.90 -45.39 -5.40
N ILE M 51 13.92 -44.80 -6.08
CA ILE M 51 12.95 -45.57 -6.82
C ILE M 51 12.34 -44.71 -7.92
N GLY M 52 12.17 -45.31 -9.10
CA GLY M 52 11.62 -44.59 -10.22
C GLY M 52 12.23 -43.21 -10.33
N ASN M 53 11.41 -42.22 -10.69
CA ASN M 53 11.88 -40.85 -10.83
C ASN M 53 11.63 -40.08 -9.54
N LEU M 54 12.35 -40.50 -8.50
CA LEU M 54 12.24 -39.89 -7.19
C LEU M 54 13.63 -39.47 -6.71
N PRO M 55 13.92 -38.16 -6.74
CA PRO M 55 15.23 -37.66 -6.28
C PRO M 55 15.68 -38.35 -4.99
N ILE M 56 16.95 -38.17 -4.63
CA ILE M 56 17.47 -38.81 -3.43
C ILE M 56 18.05 -37.81 -2.44
N ARG M 57 17.35 -36.70 -2.21
CA ARG M 57 17.87 -35.69 -1.30
C ARG M 57 18.18 -36.21 0.11
N ASN M 58 19.39 -35.88 0.59
CA ASN M 58 19.91 -36.25 1.92
C ASN M 58 19.77 -35.04 2.84
N TRP M 59 19.45 -35.26 4.11
CA TRP M 59 19.27 -34.15 5.04
C TRP M 59 20.06 -34.22 6.34
N ASN M 60 20.73 -33.12 6.66
CA ASN M 60 21.50 -33.01 7.89
C ASN M 60 20.72 -32.11 8.84
N PHE M 61 20.99 -32.24 10.13
CA PHE M 61 20.30 -31.44 11.14
C PHE M 61 21.22 -30.74 12.13
N ASP M 62 21.14 -29.41 12.16
CA ASP M 62 21.96 -28.57 13.04
C ASP M 62 21.23 -27.23 13.15
N PHE M 63 20.18 -27.18 13.96
CA PHE M 63 19.41 -25.95 14.11
C PHE M 63 19.30 -25.39 15.51
N GLY M 64 19.27 -24.06 15.60
CA GLY M 64 19.16 -23.38 16.88
C GLY M 64 17.78 -23.55 17.48
N LEU M 65 17.53 -22.87 18.59
CA LEU M 65 16.25 -22.96 19.29
C LEU M 65 15.38 -21.71 19.17
N LEU M 66 14.46 -21.56 20.11
CA LEU M 66 13.57 -20.41 20.12
C LEU M 66 13.47 -19.68 21.45
N GLY M 67 14.22 -18.59 21.57
CA GLY M 67 14.16 -17.84 22.81
C GLY M 67 12.72 -17.69 23.26
N THR M 68 12.54 -17.63 24.56
CA THR M 68 11.21 -17.48 25.12
C THR M 68 11.25 -16.15 25.86
N THR M 69 12.22 -15.33 25.49
CA THR M 69 12.44 -14.04 26.11
C THR M 69 11.71 -12.88 25.41
N LEU M 70 10.42 -13.07 25.15
CA LEU M 70 9.63 -12.03 24.51
C LEU M 70 8.14 -12.12 24.82
N LEU M 71 7.43 -11.03 24.58
CA LEU M 71 6.00 -10.93 24.84
C LEU M 71 5.24 -10.83 23.53
N ASN M 72 5.55 -9.79 22.77
CA ASN M 72 4.93 -9.58 21.47
C ASN M 72 5.98 -9.96 20.44
N LEU M 73 5.61 -10.86 19.54
CA LEU M 73 6.51 -11.35 18.50
C LEU M 73 6.86 -10.29 17.46
N ASP M 74 8.13 -9.89 17.41
CA ASP M 74 8.57 -8.88 16.45
C ASP M 74 8.86 -9.56 15.12
N ALA M 75 8.50 -8.91 14.03
CA ALA M 75 8.71 -9.46 12.69
C ALA M 75 9.99 -10.28 12.63
N ASN M 76 11.10 -9.68 13.05
CA ASN M 76 12.40 -10.34 13.04
C ASN M 76 12.34 -11.75 13.61
N TYR M 77 11.46 -11.95 14.58
CA TYR M 77 11.32 -13.27 15.18
C TYR M 77 10.77 -14.28 14.19
N VAL M 78 9.75 -13.85 13.46
CA VAL M 78 9.11 -14.72 12.48
C VAL M 78 10.12 -15.24 11.46
N GLU M 79 10.58 -14.37 10.57
CA GLU M 79 11.54 -14.73 9.53
C GLU M 79 12.65 -15.70 9.93
N THR M 80 13.23 -15.50 11.13
CA THR M 80 14.30 -16.39 11.60
C THR M 80 13.73 -17.74 11.97
N ALA M 81 12.41 -17.84 11.92
CA ALA M 81 11.70 -19.07 12.22
C ALA M 81 11.22 -19.72 10.93
N ARG M 82 10.50 -18.94 10.11
CA ARG M 82 9.98 -19.45 8.83
C ARG M 82 11.09 -20.13 8.04
N ASN M 83 12.29 -19.56 8.11
CA ASN M 83 13.45 -20.10 7.39
C ASN M 83 13.83 -21.48 7.92
N THR M 84 13.47 -21.76 9.16
CA THR M 84 13.78 -23.04 9.75
C THR M 84 12.65 -24.02 9.52
N ILE M 85 11.45 -23.50 9.28
CA ILE M 85 10.31 -24.37 9.02
C ILE M 85 10.38 -24.87 7.59
N ASP M 86 10.70 -23.96 6.67
CA ASP M 86 10.78 -24.31 5.25
C ASP M 86 11.75 -25.43 4.92
N TYR M 87 12.48 -25.93 5.91
CA TYR M 87 13.40 -27.03 5.66
C TYR M 87 12.63 -28.28 6.06
N PHE M 88 11.74 -28.12 7.04
CA PHE M 88 10.93 -29.23 7.53
C PHE M 88 9.78 -29.49 6.56
N VAL M 89 9.28 -28.41 5.98
CA VAL M 89 8.22 -28.55 5.01
C VAL M 89 8.83 -29.38 3.88
N ASP M 90 9.68 -28.75 3.06
CA ASP M 90 10.34 -29.41 1.92
C ASP M 90 10.91 -30.77 2.29
N PHE M 91 10.96 -31.06 3.58
CA PHE M 91 11.45 -32.33 4.06
C PHE M 91 10.30 -33.32 4.07
N VAL M 92 9.40 -33.11 5.01
CA VAL M 92 8.23 -33.96 5.16
C VAL M 92 7.65 -34.40 3.81
N ASP M 93 7.54 -33.46 2.87
CA ASP M 93 7.01 -33.74 1.53
C ASP M 93 7.79 -34.95 1.04
N ASN M 94 9.11 -34.77 0.92
CA ASN M 94 10.02 -35.84 0.47
C ASN M 94 9.95 -37.08 1.35
N VAL M 95 9.34 -36.97 2.52
CA VAL M 95 9.22 -38.12 3.41
C VAL M 95 7.94 -38.87 3.13
N CYS M 96 6.84 -38.14 3.11
CA CYS M 96 5.55 -38.75 2.84
C CYS M 96 5.67 -39.52 1.54
N MET M 97 5.96 -38.79 0.48
CA MET M 97 6.08 -39.36 -0.84
C MET M 97 6.87 -40.68 -0.86
N ASP M 98 8.00 -40.73 -0.14
CA ASP M 98 8.83 -41.94 -0.12
C ASP M 98 8.13 -43.20 0.41
N GLU M 99 7.30 -43.05 1.45
CA GLU M 99 6.58 -44.19 2.02
C GLU M 99 5.17 -44.28 1.44
N MET M 100 4.90 -43.43 0.46
CA MET M 100 3.60 -43.43 -0.19
C MET M 100 3.66 -44.18 -1.50
N VAL M 101 4.48 -45.22 -1.55
CA VAL M 101 4.61 -46.00 -2.76
C VAL M 101 4.95 -47.45 -2.49
N ARG M 102 5.91 -47.67 -1.60
CA ARG M 102 6.32 -49.03 -1.27
C ARG M 102 5.14 -49.85 -0.72
N GLU M 103 5.09 -51.11 -1.10
CA GLU M 103 4.02 -52.01 -0.68
C GLU M 103 4.60 -53.36 -0.20
N SER M 104 3.92 -54.01 0.73
CA SER M 104 4.39 -55.29 1.25
C SER M 104 3.20 -56.19 1.57
N GLN M 105 3.22 -57.41 1.04
CA GLN M 105 2.15 -58.38 1.24
C GLN M 105 2.02 -58.82 2.70
N ARG M 106 3.07 -59.50 3.17
CA ARG M 106 3.13 -59.99 4.54
C ARG M 106 2.64 -58.91 5.50
N ASN M 107 3.51 -57.95 5.79
CA ASN M 107 3.23 -56.83 6.68
C ASN M 107 3.01 -55.55 5.89
N GLY M 108 1.84 -55.42 5.26
CA GLY M 108 1.55 -54.23 4.49
C GLY M 108 1.00 -53.13 5.39
N ILE M 109 0.46 -53.56 6.52
CA ILE M 109 -0.13 -52.68 7.51
C ILE M 109 0.95 -51.89 8.27
N ALA M 110 2.21 -52.21 7.98
CA ALA M 110 3.34 -51.57 8.65
C ALA M 110 4.18 -50.62 7.78
N PRO M 111 5.21 -49.98 8.38
CA PRO M 111 6.14 -49.04 7.76
C PRO M 111 7.13 -49.75 6.85
N GLN M 112 7.63 -49.04 5.84
CA GLN M 112 8.58 -49.65 4.91
C GLN M 112 9.92 -48.92 4.71
N SER M 113 9.86 -47.71 4.18
CA SER M 113 11.02 -46.85 3.87
C SER M 113 12.14 -46.73 4.91
N ASP M 114 13.36 -46.53 4.42
CA ASP M 114 14.52 -46.38 5.28
C ASP M 114 14.36 -45.08 6.06
N SER M 115 13.37 -44.30 5.67
CA SER M 115 13.10 -43.03 6.32
C SER M 115 12.21 -43.27 7.53
N LEU M 116 11.11 -43.96 7.30
CA LEU M 116 10.17 -44.24 8.38
C LEU M 116 10.57 -45.38 9.32
N ARG M 117 11.12 -46.48 8.79
CA ARG M 117 11.54 -47.60 9.65
C ARG M 117 12.37 -47.05 10.81
N LYS M 118 12.99 -45.88 10.60
CA LYS M 118 13.83 -45.26 11.61
C LYS M 118 13.01 -44.34 12.54
N LEU M 119 11.84 -43.94 12.08
CA LEU M 119 10.97 -43.06 12.85
C LEU M 119 10.22 -43.78 13.95
N SER M 120 9.76 -44.99 13.65
CA SER M 120 9.04 -45.78 14.64
C SER M 120 9.99 -46.10 15.78
N GLY M 121 11.27 -45.80 15.59
CA GLY M 121 12.27 -46.03 16.61
C GLY M 121 11.76 -45.45 17.91
N LEU M 122 12.28 -45.92 19.04
CA LEU M 122 11.81 -45.44 20.33
C LEU M 122 12.25 -44.04 20.72
N LYS M 123 13.52 -43.74 20.50
CA LYS M 123 14.08 -42.44 20.86
C LYS M 123 13.35 -41.25 20.25
N PHE M 124 12.38 -41.50 19.37
CA PHE M 124 11.66 -40.42 18.72
C PHE M 124 10.27 -40.17 19.27
N LYS M 125 9.68 -41.22 19.84
CA LYS M 125 8.33 -41.12 20.38
C LYS M 125 8.12 -39.91 21.29
N ARG M 126 9.20 -39.24 21.71
CA ARG M 126 9.12 -38.07 22.59
C ARG M 126 8.35 -36.86 22.04
N ILE M 127 7.67 -37.04 20.91
CA ILE M 127 6.98 -35.92 20.27
C ILE M 127 5.46 -35.90 20.25
N ASN M 128 4.87 -36.92 19.67
CA ASN M 128 3.41 -37.10 19.54
C ASN M 128 2.53 -36.10 20.30
N PHE M 129 1.58 -35.47 19.59
CA PHE M 129 0.66 -34.52 20.23
C PHE M 129 -0.52 -34.07 19.34
N ASP M 130 -1.61 -33.61 19.98
CA ASP M 130 -2.86 -33.14 19.33
C ASP M 130 -3.36 -34.01 18.16
N ASN M 131 -3.82 -35.21 18.48
CA ASN M 131 -4.34 -36.15 17.49
C ASN M 131 -5.84 -36.01 17.27
N SER M 132 -6.27 -34.89 16.69
CA SER M 132 -7.71 -34.70 16.45
C SER M 132 -8.06 -34.77 14.97
N SER M 133 -7.06 -34.99 14.12
CA SER M 133 -7.26 -35.09 12.66
C SER M 133 -7.95 -36.42 12.34
N GLU M 134 -9.26 -36.33 12.13
CA GLU M 134 -10.12 -37.46 11.81
C GLU M 134 -9.41 -38.76 11.46
N TYR M 135 -8.39 -38.70 10.61
CA TYR M 135 -7.69 -39.91 10.21
C TYR M 135 -6.76 -40.58 11.20
N ILE M 136 -5.99 -39.79 11.92
CA ILE M 136 -5.11 -40.36 12.91
C ILE M 136 -6.02 -40.89 14.01
N GLU M 137 -7.02 -40.10 14.37
CA GLU M 137 -7.99 -40.47 15.41
C GLU M 137 -8.38 -41.91 15.16
N ASN M 138 -8.55 -42.26 13.88
CA ASN M 138 -8.93 -43.60 13.50
C ASN M 138 -7.76 -44.55 13.36
N TRP M 139 -6.58 -44.04 13.03
CA TRP M 139 -5.46 -44.95 12.92
C TRP M 139 -5.25 -45.61 14.28
N ASN M 140 -5.07 -44.80 15.32
CA ASN M 140 -4.84 -45.31 16.67
C ASN M 140 -5.85 -46.38 17.09
N LEU M 141 -7.11 -45.98 17.19
CA LEU M 141 -8.19 -46.89 17.60
C LEU M 141 -8.14 -48.25 16.91
N GLN M 142 -7.47 -48.29 15.76
CA GLN M 142 -7.35 -49.52 15.00
C GLN M 142 -6.23 -50.42 15.53
N ASN M 143 -5.20 -49.87 16.17
CA ASN M 143 -4.13 -50.73 16.70
C ASN M 143 -4.41 -51.36 18.06
N ARG M 144 -5.16 -50.66 18.90
CA ARG M 144 -5.55 -51.21 20.18
C ARG M 144 -6.72 -52.08 19.77
N ARG M 145 -7.40 -51.61 18.72
CA ARG M 145 -8.54 -52.28 18.13
C ARG M 145 -9.89 -52.07 18.78
N GLN M 146 -10.84 -51.56 17.99
CA GLN M 146 -12.19 -51.30 18.42
C GLN M 146 -13.06 -50.77 17.29
N ARG M 147 -14.21 -50.20 17.64
CA ARG M 147 -15.14 -49.65 16.66
C ARG M 147 -14.61 -48.39 15.99
N THR M 148 -13.81 -48.60 14.95
CA THR M 148 -13.22 -47.52 14.17
C THR M 148 -14.32 -46.91 13.29
N GLY M 149 -13.97 -46.07 12.32
CA GLY M 149 -15.00 -45.49 11.46
C GLY M 149 -14.75 -44.14 10.80
N PHE M 150 -15.34 -43.92 9.62
CA PHE M 150 -15.17 -42.66 8.88
C PHE M 150 -16.47 -42.08 8.31
N THR M 151 -16.35 -40.94 7.64
CA THR M 151 -17.51 -40.25 7.06
C THR M 151 -17.31 -39.96 5.56
N PHE M 152 -18.30 -40.31 4.74
CA PHE M 152 -18.20 -40.12 3.29
C PHE M 152 -19.46 -39.58 2.60
N HIS M 153 -19.29 -38.56 1.76
CA HIS M 153 -20.40 -37.98 0.99
C HIS M 153 -20.34 -38.73 -0.34
N LYS M 154 -21.47 -39.31 -0.76
CA LYS M 154 -21.54 -40.11 -1.99
C LYS M 154 -20.26 -40.96 -2.07
N PRO M 155 -20.12 -41.99 -1.18
CA PRO M 155 -18.99 -42.92 -1.09
C PRO M 155 -18.77 -43.70 -2.37
N ASN M 156 -17.73 -44.54 -2.45
CA ASN M 156 -17.50 -45.24 -3.71
C ASN M 156 -17.40 -46.73 -3.39
N ILE M 157 -18.56 -47.33 -3.16
CA ILE M 157 -18.66 -48.73 -2.74
C ILE M 157 -18.93 -49.71 -3.86
N PHE M 158 -19.55 -49.26 -4.95
CA PHE M 158 -19.88 -50.16 -6.05
C PHE M 158 -18.87 -50.16 -7.19
N PRO M 159 -18.21 -51.30 -7.44
CA PRO M 159 -17.27 -51.30 -8.55
C PRO M 159 -18.12 -51.11 -9.80
N TYR M 160 -17.57 -50.44 -10.81
CA TYR M 160 -18.33 -50.20 -12.02
C TYR M 160 -18.81 -51.53 -12.60
N SER M 161 -20.09 -51.60 -12.91
CA SER M 161 -20.68 -52.78 -13.50
C SER M 161 -21.86 -52.31 -14.31
N ALA M 162 -21.82 -52.55 -15.61
CA ALA M 162 -22.92 -52.16 -16.48
C ALA M 162 -23.22 -53.38 -17.34
N SER M 163 -24.35 -54.03 -17.13
CA SER M 163 -24.67 -55.22 -17.90
C SER M 163 -26.17 -55.52 -17.93
N PHE M 164 -26.53 -56.72 -18.40
CA PHE M 164 -27.93 -57.13 -18.48
C PHE M 164 -28.01 -58.65 -18.32
N THR M 165 -29.22 -59.13 -18.10
CA THR M 165 -29.46 -60.55 -17.96
C THR M 165 -30.77 -60.79 -18.64
N LEU M 166 -30.75 -61.60 -19.68
CA LEU M 166 -31.97 -61.94 -20.42
C LEU M 166 -32.57 -63.22 -19.84
N ASN M 167 -33.70 -63.08 -19.16
CA ASN M 167 -34.37 -64.23 -18.59
C ASN M 167 -35.20 -65.01 -19.61
N ARG M 168 -35.60 -64.33 -20.67
CA ARG M 168 -36.32 -64.94 -21.79
C ARG M 168 -35.75 -64.26 -23.02
N SER M 169 -35.24 -65.04 -23.94
CA SER M 169 -34.68 -64.48 -25.16
C SER M 169 -34.77 -65.53 -26.23
N GLN M 170 -34.54 -65.10 -27.45
CA GLN M 170 -34.56 -65.99 -28.59
C GLN M 170 -33.66 -65.32 -29.61
N PRO M 171 -33.15 -66.07 -30.59
CA PRO M 171 -32.26 -65.54 -31.61
C PRO M 171 -32.61 -64.17 -32.21
N ALA M 172 -33.87 -63.96 -32.57
CA ALA M 172 -34.28 -62.68 -33.15
C ALA M 172 -34.28 -61.51 -32.13
N HIS M 173 -34.28 -61.84 -30.84
CA HIS M 173 -34.31 -60.85 -29.76
C HIS M 173 -35.48 -59.89 -29.99
N ASP M 174 -36.63 -60.45 -30.28
CA ASP M 174 -37.83 -59.68 -30.53
C ASP M 174 -38.88 -59.82 -29.42
N ASN M 175 -38.58 -60.65 -28.43
CA ASN M 175 -39.48 -60.83 -27.28
C ASN M 175 -38.66 -61.24 -26.05
N LEU M 176 -37.92 -60.26 -25.53
CA LEU M 176 -37.04 -60.45 -24.38
C LEU M 176 -37.68 -60.07 -23.07
N MET M 177 -37.10 -60.58 -21.99
CA MET M 177 -37.54 -60.27 -20.64
C MET M 177 -36.28 -60.41 -19.79
N GLY M 178 -36.01 -59.40 -18.97
CA GLY M 178 -34.81 -59.45 -18.13
C GLY M 178 -34.55 -58.12 -17.47
N THR M 179 -33.31 -57.93 -17.03
CA THR M 179 -32.94 -56.67 -16.38
C THR M 179 -31.61 -56.18 -16.92
N MET M 180 -31.41 -54.88 -16.81
CA MET M 180 -30.15 -54.24 -17.19
C MET M 180 -29.88 -53.23 -16.09
N TRP M 181 -28.60 -52.98 -15.81
CA TRP M 181 -28.26 -52.10 -14.71
C TRP M 181 -26.93 -51.41 -14.88
N LEU M 182 -26.68 -50.47 -13.97
CA LEU M 182 -25.42 -49.75 -13.84
C LEU M 182 -25.21 -49.56 -12.33
N ASN M 183 -24.20 -50.23 -11.82
CA ASN M 183 -23.76 -50.05 -10.44
C ASN M 183 -22.44 -49.32 -10.52
N ALA M 184 -22.35 -48.16 -9.91
CA ALA M 184 -21.10 -47.40 -9.97
C ALA M 184 -21.04 -46.38 -8.86
N GLY M 185 -19.96 -46.41 -8.09
CA GLY M 185 -19.79 -45.46 -7.01
C GLY M 185 -20.78 -45.69 -5.90
N SER M 186 -21.66 -44.71 -5.72
CA SER M 186 -22.67 -44.78 -4.69
C SER M 186 -24.05 -44.96 -5.30
N GLU M 187 -24.11 -45.21 -6.61
CA GLU M 187 -25.41 -45.32 -7.27
C GLU M 187 -25.71 -46.62 -8.00
N ILE M 188 -26.99 -46.96 -8.00
CA ILE M 188 -27.49 -48.14 -8.68
C ILE M 188 -28.71 -47.71 -9.48
N GLN M 189 -28.77 -48.11 -10.74
CA GLN M 189 -29.97 -47.89 -11.56
C GLN M 189 -30.23 -49.26 -12.15
N VAL M 190 -31.46 -49.73 -12.07
CA VAL M 190 -31.80 -51.03 -12.62
C VAL M 190 -33.17 -50.97 -13.25
N ALA M 191 -33.30 -51.58 -14.43
CA ALA M 191 -34.56 -51.64 -15.13
C ALA M 191 -34.91 -53.08 -15.43
N GLY M 192 -36.21 -53.37 -15.36
CA GLY M 192 -36.72 -54.68 -15.68
C GLY M 192 -37.59 -54.43 -16.91
N PHE M 193 -37.39 -55.22 -17.95
CA PHE M 193 -38.16 -55.08 -19.19
C PHE M 193 -38.83 -56.41 -19.57
N ASP M 194 -39.99 -56.32 -20.22
CA ASP M 194 -40.75 -57.48 -20.67
C ASP M 194 -41.39 -57.04 -21.97
N TYR M 195 -40.84 -57.46 -23.10
CA TYR M 195 -41.37 -57.09 -24.41
C TYR M 195 -42.85 -57.44 -24.57
N SER M 196 -43.29 -58.51 -23.92
CA SER M 196 -44.68 -58.95 -24.03
C SER M 196 -45.66 -58.21 -23.10
N CYS M 197 -45.16 -57.32 -22.25
CA CYS M 197 -45.97 -56.57 -21.30
C CYS M 197 -46.83 -57.52 -20.44
N ALA M 198 -46.20 -58.61 -20.01
CA ALA M 198 -46.83 -59.62 -19.17
C ALA M 198 -48.16 -60.16 -19.70
N ILE M 199 -48.31 -60.20 -21.03
CA ILE M 199 -49.54 -60.69 -21.69
C ILE M 199 -49.93 -62.13 -21.29
N ASN M 200 -48.94 -63.00 -21.13
CA ASN M 200 -49.14 -64.40 -20.74
C ASN M 200 -48.60 -64.69 -19.36
N ALA M 201 -48.30 -63.66 -18.58
CA ALA M 201 -47.77 -63.86 -17.24
C ALA M 201 -48.88 -64.00 -16.19
N PRO M 202 -48.63 -64.83 -15.16
CA PRO M 202 -49.60 -65.05 -14.07
C PRO M 202 -49.93 -63.71 -13.42
N ALA M 203 -51.23 -63.41 -13.36
CA ALA M 203 -51.71 -62.15 -12.79
C ALA M 203 -51.25 -60.96 -13.63
N ASN M 204 -50.80 -61.24 -14.87
CA ASN M 204 -50.29 -60.21 -15.78
C ASN M 204 -49.23 -59.36 -15.11
N THR M 205 -48.40 -60.01 -14.31
CA THR M 205 -47.34 -59.35 -13.57
C THR M 205 -46.02 -60.10 -13.75
N GLN M 206 -44.96 -59.37 -14.08
CA GLN M 206 -43.65 -59.96 -14.24
C GLN M 206 -42.80 -59.45 -13.07
N GLN M 207 -42.20 -60.37 -12.32
CA GLN M 207 -41.38 -60.00 -11.19
C GLN M 207 -39.93 -59.74 -11.61
N PHE M 208 -39.28 -58.76 -10.98
CA PHE M 208 -37.87 -58.47 -11.25
C PHE M 208 -37.15 -58.36 -9.92
N GLU M 209 -35.84 -58.47 -9.97
CA GLU M 209 -35.07 -58.41 -8.76
C GLU M 209 -33.63 -58.02 -9.12
N HIS M 210 -33.00 -57.21 -8.29
CA HIS M 210 -31.61 -56.83 -8.51
C HIS M 210 -30.93 -56.88 -7.16
N ILE M 211 -29.86 -57.67 -7.07
CA ILE M 211 -29.12 -57.80 -5.81
C ILE M 211 -27.69 -57.28 -5.97
N VAL M 212 -27.25 -56.47 -5.02
CA VAL M 212 -25.92 -55.90 -5.06
C VAL M 212 -25.25 -56.19 -3.73
N GLN M 213 -24.11 -56.87 -3.81
CA GLN M 213 -23.36 -57.23 -2.61
C GLN M 213 -22.19 -56.29 -2.38
N LEU M 214 -22.21 -55.55 -1.28
CA LEU M 214 -21.13 -54.61 -1.00
C LEU M 214 -19.91 -55.38 -0.52
N ARG M 215 -18.73 -54.86 -0.82
CA ARG M 215 -17.49 -55.52 -0.39
C ARG M 215 -17.19 -55.16 1.06
N ARG M 216 -17.85 -54.13 1.57
CA ARG M 216 -17.68 -53.72 2.96
C ARG M 216 -19.07 -53.27 3.44
N VAL M 217 -19.31 -53.44 4.74
CA VAL M 217 -20.57 -53.04 5.32
C VAL M 217 -20.61 -51.51 5.43
N LEU M 218 -21.78 -50.96 5.15
CA LEU M 218 -21.96 -49.55 5.30
C LEU M 218 -22.96 -49.41 6.44
N THR M 219 -22.73 -48.45 7.32
CA THR M 219 -23.65 -48.19 8.41
C THR M 219 -24.11 -46.72 8.29
N THR M 220 -25.20 -46.40 8.97
CA THR M 220 -25.73 -45.04 9.01
C THR M 220 -25.82 -44.34 7.63
N ALA M 221 -26.28 -45.09 6.63
CA ALA M 221 -26.45 -44.59 5.27
C ALA M 221 -27.77 -43.83 5.05
N THR M 222 -27.62 -42.64 4.48
CA THR M 222 -28.76 -41.82 4.06
C THR M 222 -28.90 -42.03 2.56
N ILE M 223 -30.04 -42.55 2.18
CA ILE M 223 -30.23 -42.98 0.79
C ILE M 223 -31.44 -42.37 0.08
N THR M 224 -31.27 -42.05 -1.20
CA THR M 224 -32.35 -41.50 -2.03
C THR M 224 -32.80 -42.66 -2.91
N LEU M 225 -34.10 -42.96 -2.91
CA LEU M 225 -34.63 -44.05 -3.74
C LEU M 225 -35.71 -43.39 -4.55
N LEU M 226 -35.65 -43.56 -5.86
CA LEU M 226 -36.62 -42.96 -6.75
C LEU M 226 -37.09 -44.00 -7.75
N PRO M 227 -38.35 -43.88 -8.20
CA PRO M 227 -38.83 -44.84 -9.19
C PRO M 227 -38.24 -44.41 -10.53
N ASP M 228 -38.13 -45.37 -11.45
CA ASP M 228 -37.61 -45.16 -12.81
C ASP M 228 -36.10 -45.18 -12.89
N ALA M 229 -35.60 -45.68 -14.02
CA ALA M 229 -34.17 -45.73 -14.29
C ALA M 229 -34.02 -44.95 -15.60
N GLU M 230 -33.77 -43.65 -15.50
CA GLU M 230 -33.63 -42.80 -16.68
C GLU M 230 -32.58 -43.32 -17.66
N ARG M 231 -31.51 -43.87 -17.12
CA ARG M 231 -30.44 -44.42 -17.93
C ARG M 231 -30.93 -45.53 -18.90
N PHE M 232 -32.02 -46.21 -18.54
CA PHE M 232 -32.53 -47.29 -19.37
C PHE M 232 -33.93 -46.99 -19.85
N SER M 233 -34.19 -45.72 -20.12
CA SER M 233 -35.49 -45.30 -20.58
C SER M 233 -35.49 -44.85 -22.01
N PHE M 234 -34.35 -45.02 -22.68
CA PHE M 234 -34.27 -44.62 -24.08
C PHE M 234 -33.90 -45.79 -25.02
N PRO M 235 -34.18 -45.64 -26.31
CA PRO M 235 -33.89 -46.66 -27.33
C PRO M 235 -32.43 -46.99 -27.42
N ARG M 236 -32.15 -48.29 -27.47
CA ARG M 236 -30.78 -48.74 -27.53
C ARG M 236 -30.64 -49.92 -28.49
N VAL M 237 -29.46 -50.01 -29.02
CA VAL M 237 -29.02 -51.15 -29.81
C VAL M 237 -27.88 -51.72 -28.99
N ILE M 238 -28.08 -52.93 -28.53
CA ILE M 238 -27.16 -53.56 -27.59
C ILE M 238 -26.52 -54.83 -28.15
N ASN M 239 -25.33 -55.18 -27.68
CA ASN M 239 -24.69 -56.40 -28.15
C ASN M 239 -25.36 -57.57 -27.43
N SER M 240 -25.48 -58.68 -28.13
CA SER M 240 -26.08 -59.88 -27.56
C SER M 240 -25.13 -60.44 -26.50
N ALA M 241 -25.63 -61.31 -25.63
CA ALA M 241 -24.81 -61.90 -24.59
C ALA M 241 -23.52 -62.55 -25.13
N ASP M 242 -23.61 -63.23 -26.27
CA ASP M 242 -22.45 -63.92 -26.87
C ASP M 242 -21.61 -63.04 -27.80
N GLY M 243 -22.01 -61.78 -27.93
CA GLY M 243 -21.30 -60.85 -28.78
C GLY M 243 -21.46 -61.07 -30.27
N ALA M 244 -22.25 -62.06 -30.66
CA ALA M 244 -22.44 -62.38 -32.07
C ALA M 244 -23.36 -61.45 -32.87
N THR M 245 -24.24 -60.71 -32.21
CA THR M 245 -25.16 -59.81 -32.91
C THR M 245 -25.63 -58.66 -31.99
N THR M 246 -26.59 -57.87 -32.47
CA THR M 246 -27.13 -56.77 -31.70
C THR M 246 -28.65 -56.79 -31.67
N TRP M 247 -29.23 -56.45 -30.52
CA TRP M 247 -30.68 -56.41 -30.33
C TRP M 247 -31.16 -54.98 -30.14
N TYR M 248 -32.46 -54.77 -30.33
CA TYR M 248 -33.06 -53.46 -30.19
C TYR M 248 -33.93 -53.35 -28.95
N PHE M 249 -33.72 -52.29 -28.17
CA PHE M 249 -34.48 -52.04 -26.95
C PHE M 249 -35.19 -50.71 -27.21
N ASN M 250 -36.51 -50.75 -27.16
CA ASN M 250 -37.33 -49.58 -27.41
C ASN M 250 -38.28 -49.41 -26.23
N PRO M 251 -37.81 -48.93 -25.07
CA PRO M 251 -38.63 -48.84 -23.86
C PRO M 251 -39.73 -47.80 -23.87
N VAL M 252 -40.75 -48.17 -23.12
CA VAL M 252 -41.90 -47.34 -22.72
C VAL M 252 -42.02 -47.62 -21.22
N ILE M 253 -42.04 -46.58 -20.43
CA ILE M 253 -41.94 -46.74 -18.97
C ILE M 253 -43.26 -46.73 -18.21
N LEU M 254 -43.39 -47.66 -17.28
CA LEU M 254 -44.57 -47.79 -16.42
C LEU M 254 -44.06 -47.70 -14.99
N ARG M 255 -44.92 -47.37 -14.03
CA ARG M 255 -44.46 -47.28 -12.65
C ARG M 255 -44.13 -48.62 -12.10
N PRO M 256 -43.01 -48.71 -11.38
CA PRO M 256 -42.66 -50.00 -10.80
C PRO M 256 -43.72 -50.35 -9.75
N ASN M 257 -44.20 -51.58 -9.82
CA ASN M 257 -45.25 -52.10 -8.94
C ASN M 257 -44.65 -52.97 -7.80
N ASN M 258 -45.20 -52.84 -6.60
CA ASN M 258 -44.74 -53.59 -5.41
C ASN M 258 -43.25 -53.52 -5.15
N VAL M 259 -42.74 -52.29 -5.15
CA VAL M 259 -41.35 -52.04 -4.91
C VAL M 259 -41.00 -52.41 -3.47
N GLU M 260 -39.94 -53.18 -3.30
CA GLU M 260 -39.48 -53.56 -1.98
C GLU M 260 -37.95 -53.52 -1.96
N VAL M 261 -37.39 -52.68 -1.10
CA VAL M 261 -35.95 -52.60 -0.97
C VAL M 261 -35.56 -53.21 0.35
N GLU M 262 -34.61 -54.13 0.32
CA GLU M 262 -34.15 -54.73 1.54
C GLU M 262 -32.66 -54.49 1.67
N PHE M 263 -32.26 -54.07 2.86
CA PHE M 263 -30.86 -53.84 3.19
C PHE M 263 -30.59 -54.97 4.15
N LEU M 264 -29.77 -55.91 3.70
CA LEU M 264 -29.48 -57.08 4.50
C LEU M 264 -28.08 -57.08 5.04
N LEU M 265 -27.90 -57.79 6.14
CA LEU M 265 -26.60 -57.92 6.76
C LEU M 265 -26.47 -59.40 7.03
N ASN M 266 -25.49 -60.05 6.42
CA ASN M 266 -25.28 -61.49 6.61
C ASN M 266 -26.56 -62.30 6.38
N GLY M 267 -27.33 -61.93 5.35
CA GLY M 267 -28.53 -62.65 5.02
C GLY M 267 -29.76 -62.23 5.77
N GLN M 268 -29.60 -61.42 6.79
CA GLN M 268 -30.73 -60.95 7.57
C GLN M 268 -31.23 -59.59 7.11
N ILE M 269 -32.53 -59.41 7.06
CA ILE M 269 -33.11 -58.12 6.70
C ILE M 269 -32.92 -57.18 7.90
N ILE M 270 -32.22 -56.07 7.68
CA ILE M 270 -32.00 -55.10 8.73
C ILE M 270 -33.00 -53.98 8.48
N ASN M 271 -33.18 -53.58 7.23
CA ASN M 271 -34.14 -52.54 6.89
C ASN M 271 -34.91 -52.98 5.67
N THR M 272 -36.20 -52.69 5.66
CA THR M 272 -37.02 -53.02 4.51
C THR M 272 -38.00 -51.86 4.29
N TYR M 273 -38.14 -51.48 3.04
CA TYR M 273 -39.02 -50.38 2.64
C TYR M 273 -39.89 -50.82 1.47
N GLN M 274 -41.20 -50.62 1.63
CA GLN M 274 -42.15 -51.01 0.60
C GLN M 274 -42.64 -49.79 -0.10
N ALA M 275 -42.24 -49.65 -1.36
CA ALA M 275 -42.70 -48.54 -2.18
C ALA M 275 -42.49 -47.17 -1.57
N ARG M 276 -41.40 -46.99 -0.83
CA ARG M 276 -41.15 -45.69 -0.23
C ARG M 276 -40.07 -44.96 -1.00
N PHE M 277 -40.46 -43.93 -1.75
CA PHE M 277 -39.51 -43.16 -2.54
C PHE M 277 -39.15 -41.87 -1.80
N GLY M 278 -37.94 -41.38 -2.01
CA GLY M 278 -37.51 -40.19 -1.31
C GLY M 278 -36.30 -40.57 -0.46
N THR M 279 -36.22 -40.05 0.74
CA THR M 279 -35.09 -40.34 1.62
C THR M 279 -35.38 -41.42 2.65
N ILE M 280 -34.56 -42.46 2.65
CA ILE M 280 -34.69 -43.60 3.58
C ILE M 280 -33.33 -43.87 4.24
N ILE M 281 -33.36 -44.41 5.45
CA ILE M 281 -32.14 -44.74 6.21
C ILE M 281 -31.88 -46.27 6.25
N ALA M 282 -30.65 -46.68 5.95
CA ALA M 282 -30.26 -48.09 5.99
C ALA M 282 -29.15 -48.05 7.04
N ARG M 283 -29.40 -48.59 8.21
CA ARG M 283 -28.45 -48.40 9.32
C ARG M 283 -27.25 -49.36 9.38
N ASN M 284 -27.29 -50.47 8.70
CA ASN M 284 -26.16 -51.45 8.76
C ASN M 284 -26.45 -52.55 7.76
N PHE M 285 -25.68 -52.62 6.68
CA PHE M 285 -25.96 -53.62 5.66
C PHE M 285 -24.74 -53.90 4.78
N ASP M 286 -24.72 -55.11 4.20
CA ASP M 286 -23.64 -55.51 3.29
C ASP M 286 -24.25 -55.93 1.98
N THR M 287 -25.57 -55.83 1.88
CA THR M 287 -26.27 -56.23 0.65
C THR M 287 -27.53 -55.42 0.46
N ILE M 288 -27.83 -55.09 -0.78
CA ILE M 288 -29.04 -54.37 -1.12
C ILE M 288 -29.79 -55.27 -2.10
N ARG M 289 -31.09 -55.43 -1.88
CA ARG M 289 -31.90 -56.22 -2.78
C ARG M 289 -33.09 -55.38 -3.19
N LEU M 290 -33.22 -55.15 -4.48
CA LEU M 290 -34.33 -54.37 -5.01
C LEU M 290 -35.26 -55.30 -5.78
N SER M 291 -36.52 -55.39 -5.34
CA SER M 291 -37.51 -56.22 -6.00
C SER M 291 -38.60 -55.30 -6.46
N PHE M 292 -39.04 -55.50 -7.70
CA PHE M 292 -40.06 -54.65 -8.30
C PHE M 292 -40.73 -55.44 -9.41
N GLN M 293 -41.92 -55.02 -9.80
CA GLN M 293 -42.69 -55.73 -10.81
C GLN M 293 -43.22 -54.84 -11.91
N LEU M 294 -43.55 -55.46 -13.03
CA LEU M 294 -44.17 -54.79 -14.14
C LEU M 294 -45.56 -55.40 -14.13
N MET M 295 -46.58 -54.59 -14.00
CA MET M 295 -47.91 -55.15 -14.02
C MET M 295 -48.59 -54.60 -15.25
N ARG M 296 -49.09 -55.49 -16.11
CA ARG M 296 -49.77 -55.04 -17.32
C ARG M 296 -50.96 -54.19 -16.89
N PRO M 297 -51.10 -52.97 -17.45
CA PRO M 297 -52.22 -52.09 -17.07
C PRO M 297 -53.56 -52.79 -17.34
N PRO M 298 -54.39 -52.95 -16.30
CA PRO M 298 -55.68 -53.61 -16.51
C PRO M 298 -56.65 -52.78 -17.37
N ASN M 299 -56.48 -51.47 -17.37
CA ASN M 299 -57.32 -50.58 -18.17
C ASN M 299 -56.44 -49.71 -19.01
N MET M 300 -56.69 -49.68 -20.30
CA MET M 300 -55.87 -48.91 -21.23
C MET M 300 -56.63 -48.05 -22.20
N THR M 301 -56.24 -46.79 -22.34
CA THR M 301 -56.89 -45.93 -23.34
C THR M 301 -56.41 -46.50 -24.70
N PRO M 302 -57.08 -46.16 -25.80
CA PRO M 302 -56.68 -46.66 -27.13
C PRO M 302 -55.19 -46.51 -27.43
N ALA M 303 -54.64 -45.32 -27.16
CA ALA M 303 -53.24 -45.03 -27.42
C ALA M 303 -52.34 -46.01 -26.68
N VAL M 304 -52.71 -46.37 -25.46
CA VAL M 304 -51.92 -47.31 -24.67
C VAL M 304 -52.13 -48.74 -25.20
N ALA M 305 -53.39 -49.10 -25.40
CA ALA M 305 -53.75 -50.43 -25.88
C ALA M 305 -52.97 -50.78 -27.17
N ALA M 306 -52.78 -49.77 -28.01
CA ALA M 306 -52.06 -49.90 -29.28
C ALA M 306 -50.59 -50.28 -29.14
N LEU M 307 -50.00 -50.01 -27.98
CA LEU M 307 -48.59 -50.31 -27.75
C LEU M 307 -48.40 -51.74 -27.38
N PHE M 308 -49.44 -52.33 -26.78
CA PHE M 308 -49.41 -53.71 -26.27
C PHE M 308 -50.40 -54.70 -26.88
N PRO M 309 -50.10 -55.21 -28.08
CA PRO M 309 -50.95 -56.18 -28.79
C PRO M 309 -50.95 -57.55 -28.16
N ASN M 310 -51.89 -58.40 -28.56
CA ASN M 310 -51.97 -59.75 -28.02
C ASN M 310 -50.95 -60.67 -28.65
N ALA M 311 -50.47 -60.27 -29.82
CA ALA M 311 -49.49 -61.06 -30.57
C ALA M 311 -48.33 -60.21 -31.06
N GLN M 312 -47.20 -60.87 -31.27
CA GLN M 312 -46.00 -60.19 -31.79
C GLN M 312 -46.35 -59.70 -33.18
N PRO M 313 -45.56 -58.77 -33.74
CA PRO M 313 -44.37 -58.13 -33.14
C PRO M 313 -44.63 -57.19 -31.97
N PHE M 314 -43.76 -57.27 -30.97
CA PHE M 314 -43.85 -56.41 -29.79
C PHE M 314 -42.89 -55.26 -30.11
N GLU M 315 -43.46 -54.10 -30.39
CA GLU M 315 -42.65 -52.95 -30.78
C GLU M 315 -42.35 -51.90 -29.72
N HIS M 316 -43.12 -51.92 -28.64
CA HIS M 316 -42.91 -51.00 -27.54
C HIS M 316 -42.67 -51.92 -26.38
N HIS M 317 -41.52 -51.75 -25.75
CA HIS M 317 -41.10 -52.64 -24.67
C HIS M 317 -41.30 -52.10 -23.25
N ALA M 318 -42.30 -52.65 -22.56
CA ALA M 318 -42.65 -52.27 -21.20
C ALA M 318 -41.45 -52.39 -20.28
N THR M 319 -41.16 -51.29 -19.59
CA THR M 319 -40.02 -51.21 -18.70
C THR M 319 -40.37 -50.50 -17.41
N VAL M 320 -39.88 -51.07 -16.29
CA VAL M 320 -40.07 -50.49 -14.96
C VAL M 320 -38.67 -50.39 -14.36
N GLY M 321 -38.40 -49.40 -13.53
CA GLY M 321 -37.07 -49.27 -12.95
C GLY M 321 -36.99 -48.57 -11.62
N LEU M 322 -35.79 -48.53 -11.05
CA LEU M 322 -35.51 -47.90 -9.77
C LEU M 322 -34.14 -47.26 -9.82
N THR M 323 -33.97 -46.21 -9.02
CA THR M 323 -32.69 -45.52 -8.89
C THR M 323 -32.44 -45.38 -7.41
N LEU M 324 -31.26 -45.78 -6.96
CA LEU M 324 -30.90 -45.71 -5.55
C LEU M 324 -29.54 -45.03 -5.41
N ARG M 325 -29.45 -44.00 -4.58
CA ARG M 325 -28.17 -43.31 -4.37
C ARG M 325 -27.84 -43.17 -2.90
N ILE M 326 -26.63 -43.61 -2.52
CA ILE M 326 -26.19 -43.50 -1.15
C ILE M 326 -25.53 -42.14 -1.02
N GLU M 327 -26.22 -41.19 -0.41
CA GLU M 327 -25.70 -39.83 -0.24
C GLU M 327 -24.54 -39.80 0.74
N SER M 328 -24.69 -40.46 1.89
CA SER M 328 -23.65 -40.48 2.89
C SER M 328 -23.77 -41.78 3.64
N ALA M 329 -22.66 -42.18 4.26
CA ALA M 329 -22.61 -43.41 5.06
C ALA M 329 -21.31 -43.46 5.83
N VAL M 330 -21.24 -44.38 6.76
CA VAL M 330 -20.04 -44.57 7.54
C VAL M 330 -19.52 -45.97 7.21
N CYS M 331 -18.21 -46.12 7.11
CA CYS M 331 -17.63 -47.43 6.84
C CYS M 331 -16.47 -47.62 7.79
N GLU M 332 -16.30 -48.85 8.26
CA GLU M 332 -15.21 -49.16 9.15
C GLU M 332 -13.88 -49.25 8.36
N SER M 333 -13.97 -49.37 7.03
CA SER M 333 -12.79 -49.46 6.16
C SER M 333 -12.67 -48.19 5.32
N VAL M 334 -11.45 -47.78 4.99
CA VAL M 334 -11.30 -46.59 4.16
C VAL M 334 -11.86 -46.90 2.77
N LEU M 335 -12.44 -45.88 2.14
CA LEU M 335 -13.00 -46.01 0.79
C LEU M 335 -12.80 -44.69 0.12
N ALA M 336 -12.91 -44.69 -1.20
CA ALA M 336 -12.88 -43.43 -1.94
C ALA M 336 -14.33 -42.92 -1.85
N ASP M 337 -14.53 -41.60 -1.94
CA ASP M 337 -15.88 -41.03 -1.94
C ASP M 337 -15.84 -39.79 -2.86
N ALA M 338 -16.90 -38.98 -2.87
CA ALA M 338 -16.95 -37.83 -3.77
C ALA M 338 -16.36 -36.54 -3.23
N SER M 339 -15.82 -36.56 -2.01
CA SER M 339 -15.27 -35.36 -1.41
C SER M 339 -13.80 -35.41 -1.01
N GLU M 340 -13.35 -36.55 -0.47
CA GLU M 340 -11.99 -36.69 -0.04
C GLU M 340 -11.01 -36.87 -1.17
N THR M 341 -9.82 -36.28 -1.01
CA THR M 341 -8.80 -36.33 -2.04
C THR M 341 -7.75 -37.40 -1.84
N MET M 342 -7.90 -38.25 -0.81
CA MET M 342 -6.93 -39.29 -0.52
C MET M 342 -6.55 -40.20 -1.67
N LEU M 343 -7.54 -40.85 -2.28
CA LEU M 343 -7.26 -41.73 -3.40
C LEU M 343 -6.51 -40.94 -4.48
N ALA M 344 -7.03 -39.76 -4.81
CA ALA M 344 -6.42 -38.92 -5.84
C ALA M 344 -4.99 -38.52 -5.48
N ASN M 345 -4.71 -38.24 -4.19
CA ASN M 345 -3.36 -37.85 -3.77
C ASN M 345 -2.38 -38.99 -3.95
N VAL M 346 -2.75 -40.18 -3.47
CA VAL M 346 -1.91 -41.36 -3.57
C VAL M 346 -1.68 -41.71 -5.03
N THR M 347 -2.76 -41.74 -5.80
CA THR M 347 -2.68 -42.07 -7.21
C THR M 347 -1.83 -41.03 -7.94
N SER M 348 -2.00 -39.76 -7.61
CA SER M 348 -1.26 -38.70 -8.25
C SER M 348 0.23 -38.73 -7.96
N VAL M 349 0.62 -38.97 -6.70
CA VAL M 349 2.04 -39.00 -6.39
C VAL M 349 2.69 -40.15 -7.13
N ARG M 350 2.05 -41.31 -7.13
CA ARG M 350 2.60 -42.48 -7.84
C ARG M 350 2.76 -42.23 -9.35
N GLN M 351 1.76 -41.59 -9.96
CA GLN M 351 1.79 -41.29 -11.40
C GLN M 351 2.88 -40.28 -11.73
N GLU M 352 2.95 -39.20 -10.95
CA GLU M 352 3.95 -38.16 -11.20
C GLU M 352 5.38 -38.70 -11.14
N TYR M 353 5.67 -39.58 -10.18
CA TYR M 353 7.02 -40.12 -10.05
C TYR M 353 7.24 -41.43 -10.75
N ALA M 354 6.36 -41.77 -11.68
CA ALA M 354 6.51 -43.00 -12.45
C ALA M 354 6.81 -44.24 -11.58
N ILE M 355 6.08 -44.37 -10.47
CA ILE M 355 6.28 -45.49 -9.56
C ILE M 355 5.82 -46.79 -10.25
N PRO M 356 6.70 -47.81 -10.29
CA PRO M 356 6.36 -49.11 -10.92
C PRO M 356 5.19 -49.81 -10.21
N VAL M 357 4.43 -50.61 -10.95
CA VAL M 357 3.34 -51.38 -10.35
C VAL M 357 3.97 -52.28 -9.29
N GLY M 358 3.32 -52.39 -8.14
CA GLY M 358 3.84 -53.21 -7.08
C GLY M 358 3.07 -54.50 -6.92
N PRO M 359 3.31 -55.24 -5.83
CA PRO M 359 2.61 -56.51 -5.59
C PRO M 359 1.22 -56.41 -4.95
N VAL M 360 0.86 -55.25 -4.40
CA VAL M 360 -0.42 -55.12 -3.72
C VAL M 360 -1.52 -54.46 -4.53
N PHE M 361 -1.28 -53.21 -4.95
CA PHE M 361 -2.30 -52.43 -5.67
C PHE M 361 -2.43 -52.69 -7.18
N PRO M 362 -3.68 -52.62 -7.71
CA PRO M 362 -3.85 -52.85 -9.15
C PRO M 362 -3.17 -51.73 -9.91
N PRO M 363 -2.82 -51.98 -11.19
CA PRO M 363 -2.17 -50.94 -11.98
C PRO M 363 -3.01 -49.63 -11.93
N GLY M 364 -2.31 -48.53 -11.71
CA GLY M 364 -2.93 -47.21 -11.66
C GLY M 364 -3.80 -46.95 -10.46
N MET M 365 -3.72 -47.80 -9.43
CA MET M 365 -4.56 -47.68 -8.24
C MET M 365 -6.01 -47.70 -8.71
N ASN M 366 -6.31 -48.44 -9.79
CA ASN M 366 -7.68 -48.49 -10.34
C ASN M 366 -8.73 -48.80 -9.29
N TRP M 367 -9.66 -47.86 -9.07
CA TRP M 367 -10.64 -48.06 -8.03
C TRP M 367 -11.52 -49.28 -8.23
N THR M 368 -12.09 -49.43 -9.41
CA THR M 368 -12.92 -50.60 -9.63
C THR M 368 -12.18 -51.90 -9.29
N ASP M 369 -10.96 -52.06 -9.80
CA ASP M 369 -10.21 -53.27 -9.52
C ASP M 369 -9.93 -53.42 -8.03
N LEU M 370 -9.60 -52.31 -7.39
CA LEU M 370 -9.30 -52.35 -5.98
C LEU M 370 -10.50 -52.80 -5.13
N ILE M 371 -11.63 -52.14 -5.29
CA ILE M 371 -12.82 -52.48 -4.52
C ILE M 371 -13.40 -53.85 -4.90
N THR M 372 -13.19 -54.31 -6.13
CA THR M 372 -13.69 -55.62 -6.54
C THR M 372 -12.99 -56.74 -5.76
N ASN M 373 -11.68 -56.59 -5.55
CA ASN M 373 -10.92 -57.57 -4.80
C ASN M 373 -10.23 -56.84 -3.69
N TYR M 374 -11.05 -56.36 -2.76
CA TYR M 374 -10.58 -55.58 -1.62
C TYR M 374 -10.06 -56.50 -0.52
N SER M 375 -8.90 -57.09 -0.75
CA SER M 375 -8.31 -58.00 0.22
C SER M 375 -7.84 -57.28 1.48
N PRO M 376 -7.57 -58.06 2.55
CA PRO M 376 -7.11 -57.44 3.79
C PRO M 376 -5.81 -56.66 3.53
N SER M 377 -4.91 -57.24 2.73
CA SER M 377 -3.65 -56.58 2.42
C SER M 377 -3.87 -55.26 1.69
N ARG M 378 -4.75 -55.24 0.70
CA ARG M 378 -5.01 -53.99 0.00
C ARG M 378 -5.59 -52.94 0.96
N GLU M 379 -6.48 -53.37 1.87
CA GLU M 379 -7.09 -52.44 2.82
C GLU M 379 -6.08 -51.88 3.81
N ASP M 380 -5.20 -52.73 4.34
CA ASP M 380 -4.20 -52.25 5.29
C ASP M 380 -3.25 -51.28 4.62
N ASN M 381 -2.81 -51.63 3.40
CA ASN M 381 -1.94 -50.74 2.64
C ASN M 381 -2.69 -49.43 2.28
N LEU M 382 -3.94 -49.55 1.86
CA LEU M 382 -4.74 -48.38 1.51
C LEU M 382 -4.90 -47.47 2.70
N GLN M 383 -5.16 -48.04 3.88
CA GLN M 383 -5.34 -47.21 5.05
C GLN M 383 -4.05 -46.52 5.42
N ARG M 384 -2.93 -47.22 5.33
CA ARG M 384 -1.66 -46.62 5.68
C ARG M 384 -1.37 -45.44 4.76
N VAL M 385 -1.59 -45.73 3.51
CA VAL M 385 -1.30 -44.82 2.41
C VAL M 385 -2.30 -43.61 2.45
N PHE M 386 -3.56 -43.85 2.82
CA PHE M 386 -4.58 -42.76 2.93
C PHE M 386 -4.27 -41.88 4.15
N THR M 387 -3.88 -42.51 5.25
CA THR M 387 -3.55 -41.76 6.44
C THR M 387 -2.35 -40.84 6.17
N VAL M 388 -1.35 -41.33 5.43
CA VAL M 388 -0.18 -40.51 5.08
C VAL M 388 -0.59 -39.35 4.17
N ALA M 389 -1.47 -39.63 3.22
CA ALA M 389 -1.94 -38.59 2.31
C ALA M 389 -2.64 -37.49 3.12
N SER M 390 -3.39 -37.88 4.13
CA SER M 390 -4.09 -36.91 4.96
C SER M 390 -3.12 -36.10 5.81
N ILE M 391 -2.00 -36.70 6.20
CA ILE M 391 -1.00 -36.00 7.02
C ILE M 391 -0.35 -34.97 6.12
N ARG M 392 -0.04 -35.38 4.90
CA ARG M 392 0.57 -34.50 3.93
C ARG M 392 -0.30 -33.29 3.56
N SER M 393 -1.60 -33.51 3.37
CA SER M 393 -2.54 -32.44 3.02
C SER M 393 -2.74 -31.35 4.09
N MET M 394 -2.14 -31.53 5.25
CA MET M 394 -2.28 -30.56 6.32
C MET M 394 -1.32 -29.43 6.02
N LEU M 395 -0.32 -29.73 5.20
CA LEU M 395 0.73 -28.78 4.87
C LEU M 395 0.87 -28.48 3.39
N VAL M 396 0.70 -29.50 2.59
CA VAL M 396 0.88 -29.41 1.15
C VAL M 396 -0.37 -29.85 0.42
N LYS M 397 -0.96 -28.95 -0.34
CA LYS M 397 -2.15 -29.28 -1.10
C LYS M 397 -1.84 -29.00 -2.53
N MET N 1 -27.94 -29.51 29.48
CA MET N 1 -27.57 -29.77 28.07
C MET N 1 -26.14 -29.38 27.72
N ASP N 2 -25.87 -28.07 27.66
CA ASP N 2 -24.52 -27.62 27.33
C ASP N 2 -23.54 -28.51 28.08
N VAL N 3 -23.98 -28.94 29.26
CA VAL N 3 -23.20 -29.83 30.11
C VAL N 3 -22.72 -30.92 29.17
N LEU N 4 -23.67 -31.76 28.80
CA LEU N 4 -23.42 -32.87 27.92
C LEU N 4 -22.29 -32.60 26.94
N TYR N 5 -22.40 -31.53 26.17
CA TYR N 5 -21.37 -31.20 25.19
C TYR N 5 -19.98 -31.44 25.78
N SER N 6 -19.58 -30.58 26.70
CA SER N 6 -18.27 -30.67 27.32
C SER N 6 -17.79 -32.10 27.51
N LEU N 7 -18.61 -32.90 28.19
CA LEU N 7 -18.30 -34.28 28.48
C LEU N 7 -17.60 -34.99 27.33
N SER N 8 -17.84 -34.48 26.12
CA SER N 8 -17.24 -35.07 24.96
C SER N 8 -15.93 -34.40 24.53
N LYS N 9 -15.97 -33.16 24.03
CA LYS N 9 -14.74 -32.47 23.60
C LYS N 9 -13.71 -32.68 24.68
N THR N 10 -14.22 -33.05 25.86
CA THR N 10 -13.39 -33.37 26.99
C THR N 10 -12.65 -34.63 26.58
N LEU N 11 -13.41 -35.69 26.34
CA LEU N 11 -12.82 -36.96 25.94
C LEU N 11 -12.06 -36.94 24.62
N LYS N 12 -12.64 -36.35 23.56
CA LYS N 12 -11.95 -36.31 22.25
C LYS N 12 -10.63 -35.57 22.39
N ASP N 13 -10.71 -34.29 22.73
CA ASP N 13 -9.52 -33.48 22.91
C ASP N 13 -8.69 -34.18 23.99
N ALA N 14 -9.16 -35.34 24.45
CA ALA N 14 -8.46 -36.14 25.47
C ALA N 14 -7.87 -37.40 24.86
N ARG N 15 -8.72 -38.33 24.48
CA ARG N 15 -8.29 -39.58 23.87
C ARG N 15 -7.41 -39.27 22.66
N ASP N 16 -7.31 -37.98 22.34
CA ASP N 16 -6.50 -37.53 21.21
C ASP N 16 -5.18 -36.89 21.60
N LYS N 17 -5.21 -35.95 22.55
CA LYS N 17 -4.00 -35.25 22.97
C LYS N 17 -3.12 -36.00 24.00
N ILE N 18 -3.49 -37.24 24.31
CA ILE N 18 -2.72 -38.02 25.28
C ILE N 18 -2.11 -39.28 24.68
N VAL N 19 -0.86 -39.17 24.22
CA VAL N 19 -0.18 -40.32 23.63
C VAL N 19 1.22 -40.52 24.21
N GLU N 20 1.61 -41.77 24.36
CA GLU N 20 2.92 -42.14 24.88
C GLU N 20 3.98 -41.13 24.40
N GLY N 21 4.40 -40.22 25.29
CA GLY N 21 5.43 -39.25 24.90
C GLY N 21 5.27 -37.76 25.14
N THR N 22 4.34 -37.16 24.40
CA THR N 22 4.05 -35.74 24.47
C THR N 22 4.57 -35.04 25.72
N LEU N 23 5.14 -33.86 25.53
CA LEU N 23 5.64 -33.10 26.65
C LEU N 23 4.40 -32.53 27.36
N TYR N 24 4.31 -32.76 28.66
CA TYR N 24 3.18 -32.31 29.48
C TYR N 24 2.49 -31.02 29.06
N SER N 25 3.23 -29.92 29.13
CA SER N 25 2.73 -28.59 28.83
C SER N 25 1.82 -28.39 27.61
N ASN N 26 1.46 -29.45 26.91
CA ASN N 26 0.57 -29.31 25.77
C ASN N 26 -0.82 -29.57 26.31
N VAL N 27 -0.84 -30.05 27.55
CA VAL N 27 -2.08 -30.41 28.18
C VAL N 27 -2.34 -29.79 29.55
N SER N 28 -1.35 -29.10 30.13
CA SER N 28 -1.56 -28.50 31.45
C SER N 28 -2.95 -27.87 31.52
N ASP N 29 -3.27 -27.02 30.53
CA ASP N 29 -4.55 -26.34 30.48
C ASP N 29 -5.66 -27.37 30.30
N LEU N 30 -5.29 -28.56 29.86
CA LEU N 30 -6.24 -29.63 29.64
C LEU N 30 -6.46 -30.52 30.86
N ILE N 31 -5.38 -31.13 31.35
CA ILE N 31 -5.46 -32.00 32.50
C ILE N 31 -6.44 -31.37 33.48
N GLN N 32 -6.09 -30.18 33.96
CA GLN N 32 -6.91 -29.43 34.91
C GLN N 32 -8.39 -29.64 34.61
N GLN N 33 -8.88 -28.98 33.57
CA GLN N 33 -10.29 -29.09 33.17
C GLN N 33 -10.80 -30.48 33.47
N PHE N 34 -10.06 -31.47 33.00
CA PHE N 34 -10.47 -32.84 33.20
C PHE N 34 -10.81 -33.15 34.66
N ASN N 35 -9.79 -33.18 35.50
CA ASN N 35 -9.98 -33.48 36.90
C ASN N 35 -11.25 -32.83 37.43
N GLN N 36 -11.30 -31.50 37.36
CA GLN N 36 -12.46 -30.73 37.82
C GLN N 36 -13.73 -31.56 37.70
N MET N 37 -13.86 -32.22 36.56
CA MET N 37 -15.01 -33.05 36.28
C MET N 37 -15.14 -34.16 37.32
N ILE N 38 -14.23 -35.12 37.23
CA ILE N 38 -14.19 -36.26 38.13
C ILE N 38 -14.78 -35.91 39.48
N ILE N 39 -14.28 -34.84 40.07
CA ILE N 39 -14.74 -34.39 41.38
C ILE N 39 -16.26 -34.26 41.41
N THR N 40 -16.76 -33.28 40.68
CA THR N 40 -18.19 -33.01 40.62
C THR N 40 -19.03 -34.29 40.53
N MET N 41 -18.50 -35.28 39.82
CA MET N 41 -19.17 -36.57 39.62
C MET N 41 -19.21 -37.49 40.83
N ASN N 42 -18.11 -38.20 41.04
CA ASN N 42 -17.96 -39.15 42.14
C ASN N 42 -19.02 -38.95 43.22
N GLY N 43 -19.71 -40.03 43.56
CA GLY N 43 -20.72 -39.97 44.59
C GLY N 43 -22.16 -39.92 44.12
N ASN N 44 -22.37 -39.57 42.87
CA ASN N 44 -23.73 -39.48 42.35
C ASN N 44 -24.01 -40.69 41.45
N GLU N 45 -25.07 -41.44 41.76
CA GLU N 45 -25.47 -42.63 40.99
C GLU N 45 -26.32 -42.24 39.80
N PHE N 46 -26.26 -43.03 38.73
CA PHE N 46 -27.06 -42.76 37.53
C PHE N 46 -27.81 -43.94 36.94
N GLN N 47 -28.91 -43.63 36.27
CA GLN N 47 -29.77 -44.64 35.66
C GLN N 47 -30.14 -44.30 34.22
N THR N 48 -30.08 -45.32 33.35
CA THR N 48 -30.39 -45.15 31.94
C THR N 48 -31.26 -46.28 31.41
N GLY N 49 -31.78 -46.08 30.20
CA GLY N 49 -32.61 -47.08 29.57
C GLY N 49 -34.00 -47.19 30.18
N GLY N 50 -34.72 -48.23 29.79
CA GLY N 50 -36.05 -48.43 30.32
C GLY N 50 -37.15 -48.34 29.27
N ILE N 51 -36.91 -48.88 28.08
CA ILE N 51 -37.88 -48.88 26.99
C ILE N 51 -37.43 -49.77 25.85
N GLY N 52 -38.40 -50.36 25.15
CA GLY N 52 -38.09 -51.23 24.04
C GLY N 52 -36.96 -52.19 24.39
N ASN N 53 -35.98 -52.27 23.50
CA ASN N 53 -34.84 -53.15 23.74
C ASN N 53 -33.64 -52.32 24.21
N LEU N 54 -33.91 -51.42 25.15
CA LEU N 54 -32.84 -50.60 25.68
C LEU N 54 -32.50 -51.01 27.10
N PRO N 55 -31.37 -51.72 27.27
CA PRO N 55 -30.92 -52.19 28.58
C PRO N 55 -30.98 -51.10 29.66
N ILE N 56 -31.10 -51.53 30.91
CA ILE N 56 -31.18 -50.60 32.03
C ILE N 56 -29.88 -50.64 32.82
N ARG N 57 -28.78 -50.24 32.19
CA ARG N 57 -27.48 -50.27 32.87
C ARG N 57 -27.39 -49.16 33.93
N ASN N 58 -26.83 -49.51 35.09
CA ASN N 58 -26.66 -48.58 36.22
C ASN N 58 -25.20 -48.16 36.33
N TRP N 59 -24.94 -46.96 36.86
CA TRP N 59 -23.57 -46.46 36.95
C TRP N 59 -23.18 -45.83 38.29
N ASN N 60 -21.88 -45.89 38.61
CA ASN N 60 -21.36 -45.32 39.85
C ASN N 60 -20.02 -44.65 39.63
N PHE N 61 -19.60 -43.79 40.56
CA PHE N 61 -18.32 -43.07 40.43
C PHE N 61 -17.44 -43.03 41.69
N ASP N 62 -16.14 -43.14 41.49
CA ASP N 62 -15.15 -43.13 42.57
C ASP N 62 -13.77 -43.30 41.93
N PHE N 63 -13.24 -42.25 41.31
CA PHE N 63 -11.95 -42.37 40.64
C PHE N 63 -10.83 -41.44 41.06
N GLY N 64 -9.61 -41.96 41.02
CA GLY N 64 -8.44 -41.17 41.37
C GLY N 64 -8.20 -40.14 40.29
N LEU N 65 -7.59 -39.02 40.66
CA LEU N 65 -7.30 -37.94 39.73
C LEU N 65 -6.23 -38.32 38.72
N LEU N 66 -5.41 -37.34 38.34
CA LEU N 66 -4.35 -37.61 37.37
C LEU N 66 -3.04 -36.87 37.63
N GLY N 67 -2.11 -37.55 38.30
CA GLY N 67 -0.81 -36.98 38.60
C GLY N 67 -0.38 -35.96 37.56
N THR N 68 -0.41 -34.69 37.93
CA THR N 68 -0.02 -33.63 37.01
C THR N 68 1.48 -33.37 37.15
N THR N 69 2.16 -34.29 37.81
CA THR N 69 3.60 -34.20 38.06
C THR N 69 4.53 -34.24 36.85
N LEU N 70 4.76 -35.46 36.35
CA LEU N 70 5.64 -35.73 35.21
C LEU N 70 5.79 -34.66 34.13
N LEU N 71 6.91 -34.73 33.41
CA LEU N 71 7.23 -33.77 32.36
C LEU N 71 7.00 -34.38 30.99
N ASN N 72 7.21 -35.69 30.90
CA ASN N 72 6.99 -36.42 29.67
C ASN N 72 6.23 -37.67 30.06
N LEU N 73 5.06 -37.86 29.46
CA LEU N 73 4.21 -39.00 29.79
C LEU N 73 4.77 -40.35 29.40
N ASP N 74 4.78 -41.26 30.36
CA ASP N 74 5.28 -42.62 30.16
C ASP N 74 4.09 -43.52 29.87
N ALA N 75 4.28 -44.49 28.98
CA ALA N 75 3.22 -45.41 28.61
C ALA N 75 2.32 -45.73 29.80
N ASN N 76 2.94 -46.16 30.89
CA ASN N 76 2.20 -46.52 32.09
C ASN N 76 1.14 -45.48 32.47
N TYR N 77 1.42 -44.21 32.16
CA TYR N 77 0.49 -43.14 32.47
C TYR N 77 -0.77 -43.25 31.63
N VAL N 78 -0.58 -43.53 30.36
CA VAL N 78 -1.69 -43.66 29.45
C VAL N 78 -2.66 -44.72 29.94
N GLU N 79 -2.27 -45.99 29.82
CA GLU N 79 -3.12 -47.12 30.23
C GLU N 79 -3.94 -46.93 31.50
N THR N 80 -3.34 -46.35 32.53
CA THR N 80 -4.06 -46.12 33.79
C THR N 80 -5.09 -45.02 33.59
N ALA N 81 -5.07 -44.42 32.42
CA ALA N 81 -5.99 -43.36 32.08
C ALA N 81 -7.06 -43.89 31.13
N ARG N 82 -6.62 -44.51 30.04
CA ARG N 82 -7.55 -45.06 29.05
C ARG N 82 -8.58 -45.93 29.75
N ASN N 83 -8.15 -46.67 30.76
CA ASN N 83 -9.04 -47.56 31.51
C ASN N 83 -10.12 -46.76 32.23
N THR N 84 -9.84 -45.50 32.52
CA THR N 84 -10.81 -44.66 33.21
C THR N 84 -11.69 -43.93 32.21
N ILE N 85 -11.20 -43.77 30.99
CA ILE N 85 -11.99 -43.09 29.97
C ILE N 85 -13.03 -44.05 29.42
N ASP N 86 -12.60 -45.29 29.17
CA ASP N 86 -13.50 -46.31 28.62
C ASP N 86 -14.74 -46.59 29.46
N TYR N 87 -14.88 -45.93 30.61
CA TYR N 87 -16.08 -46.12 31.42
C TYR N 87 -16.97 -44.94 31.08
N PHE N 88 -16.35 -43.82 30.73
CA PHE N 88 -17.09 -42.62 30.36
C PHE N 88 -17.60 -42.76 28.94
N VAL N 89 -16.79 -43.39 28.11
CA VAL N 89 -17.20 -43.62 26.73
C VAL N 89 -18.47 -44.46 26.86
N ASP N 90 -18.32 -45.76 27.14
CA ASP N 90 -19.43 -46.71 27.29
C ASP N 90 -20.58 -46.13 28.11
N PHE N 91 -20.32 -45.01 28.77
CA PHE N 91 -21.34 -44.35 29.57
C PHE N 91 -22.11 -43.42 28.67
N VAL N 92 -21.47 -42.32 28.29
CA VAL N 92 -22.08 -41.33 27.44
C VAL N 92 -22.96 -41.96 26.35
N ASP N 93 -22.46 -43.02 25.71
CA ASP N 93 -23.22 -43.72 24.65
C ASP N 93 -24.59 -44.00 25.24
N ASN N 94 -24.61 -44.77 26.32
CA ASN N 94 -25.83 -45.13 27.03
C ASN N 94 -26.61 -43.90 27.51
N VAL N 95 -25.97 -42.74 27.50
CA VAL N 95 -26.64 -41.53 27.95
C VAL N 95 -27.32 -40.87 26.77
N CYS N 96 -26.55 -40.65 25.71
CA CYS N 96 -27.10 -40.03 24.53
C CYS N 96 -28.35 -40.80 24.11
N MET N 97 -28.13 -42.07 23.80
CA MET N 97 -29.19 -42.93 23.36
C MET N 97 -30.47 -42.78 24.19
N ASP N 98 -30.34 -42.72 25.52
CA ASP N 98 -31.51 -42.60 26.40
C ASP N 98 -32.37 -41.36 26.17
N GLU N 99 -31.74 -40.22 25.89
CA GLU N 99 -32.48 -38.98 25.66
C GLU N 99 -32.66 -38.75 24.17
N MET N 100 -32.25 -39.73 23.37
CA MET N 100 -32.37 -39.63 21.92
C MET N 100 -33.57 -40.41 21.45
N VAL N 101 -34.60 -40.48 22.27
CA VAL N 101 -35.79 -41.20 21.89
C VAL N 101 -37.03 -40.58 22.52
N ARG N 102 -36.91 -40.19 23.78
CA ARG N 102 -38.04 -39.58 24.48
C ARG N 102 -38.45 -38.27 23.79
N GLU N 103 -39.76 -38.05 23.72
CA GLU N 103 -40.33 -36.88 23.06
C GLU N 103 -41.46 -36.26 23.88
N SER N 104 -41.68 -34.96 23.72
CA SER N 104 -42.75 -34.28 24.48
C SER N 104 -43.45 -33.22 23.63
N GLN N 105 -44.77 -33.31 23.53
CA GLN N 105 -45.57 -32.37 22.74
C GLN N 105 -45.44 -30.93 23.22
N ARG N 106 -45.57 -30.72 24.53
CA ARG N 106 -45.49 -29.39 25.16
C ARG N 106 -44.07 -28.80 25.09
N ASN N 107 -43.24 -29.13 26.09
CA ASN N 107 -41.88 -28.65 26.12
C ASN N 107 -40.97 -29.72 25.53
N GLY N 108 -41.22 -30.05 24.27
CA GLY N 108 -40.41 -31.07 23.60
C GLY N 108 -39.08 -30.55 23.14
N ILE N 109 -38.66 -29.42 23.72
CA ILE N 109 -37.40 -28.79 23.38
C ILE N 109 -36.39 -28.96 24.52
N ALA N 110 -36.90 -29.14 25.73
CA ALA N 110 -36.06 -29.31 26.90
C ALA N 110 -35.69 -30.77 27.16
N PRO N 111 -34.92 -31.03 28.22
CA PRO N 111 -34.47 -32.37 28.63
C PRO N 111 -35.61 -33.25 29.15
N GLN N 112 -35.49 -34.56 28.97
CA GLN N 112 -36.53 -35.48 29.41
C GLN N 112 -36.07 -36.57 30.41
N SER N 113 -35.14 -37.40 29.94
CA SER N 113 -34.59 -38.53 30.71
C SER N 113 -34.17 -38.27 32.15
N ASP N 114 -34.31 -39.30 32.99
CA ASP N 114 -33.93 -39.23 34.39
C ASP N 114 -32.43 -39.06 34.47
N SER N 115 -31.77 -39.23 33.33
CA SER N 115 -30.33 -39.09 33.25
C SER N 115 -29.99 -37.62 33.06
N LEU N 116 -30.60 -37.01 32.05
CA LEU N 116 -30.32 -35.60 31.76
C LEU N 116 -31.00 -34.60 32.69
N ARG N 117 -32.28 -34.82 33.03
CA ARG N 117 -32.99 -33.90 33.93
C ARG N 117 -32.10 -33.59 35.13
N LYS N 118 -31.18 -34.51 35.46
CA LYS N 118 -30.29 -34.34 36.60
C LYS N 118 -29.01 -33.59 36.21
N LEU N 119 -28.71 -33.57 34.92
CA LEU N 119 -27.52 -32.92 34.41
C LEU N 119 -27.66 -31.41 34.35
N SER N 120 -28.84 -30.95 33.95
CA SER N 120 -29.09 -29.53 33.85
C SER N 120 -29.01 -28.92 35.26
N GLY N 121 -28.95 -29.81 36.26
CA GLY N 121 -28.84 -29.35 37.64
C GLY N 121 -27.75 -28.32 37.72
N LEU N 122 -27.77 -27.48 38.76
CA LEU N 122 -26.77 -26.43 38.89
C LEU N 122 -25.38 -26.89 39.31
N LYS N 123 -25.31 -27.77 40.30
CA LYS N 123 -24.04 -28.27 40.81
C LYS N 123 -23.15 -28.90 39.74
N PHE N 124 -23.68 -29.03 38.53
CA PHE N 124 -22.94 -29.64 37.44
C PHE N 124 -22.33 -28.66 36.46
N LYS N 125 -23.02 -27.54 36.24
CA LYS N 125 -22.54 -26.55 35.29
C LYS N 125 -21.07 -26.12 35.49
N ARG N 126 -20.42 -26.65 36.52
CA ARG N 126 -19.00 -26.33 36.76
C ARG N 126 -18.11 -26.94 35.70
N ILE N 127 -18.67 -27.28 34.53
CA ILE N 127 -17.86 -27.94 33.50
C ILE N 127 -17.74 -27.35 32.10
N ASN N 128 -18.83 -26.81 31.56
CA ASN N 128 -18.87 -26.21 30.22
C ASN N 128 -17.52 -25.70 29.69
N PHE N 129 -17.31 -25.79 28.37
CA PHE N 129 -16.09 -25.27 27.71
C PHE N 129 -15.91 -25.68 26.23
N ASP N 130 -15.04 -24.95 25.51
CA ASP N 130 -14.73 -25.14 24.07
C ASP N 130 -15.93 -25.52 23.19
N ASN N 131 -16.87 -24.60 23.05
CA ASN N 131 -18.08 -24.82 22.24
C ASN N 131 -17.89 -24.42 20.77
N SER N 132 -16.90 -25.01 20.11
CA SER N 132 -16.67 -24.68 18.71
C SER N 132 -17.34 -25.66 17.73
N SER N 133 -17.92 -26.75 18.25
CA SER N 133 -18.58 -27.74 17.41
C SER N 133 -19.85 -27.15 16.81
N GLU N 134 -19.74 -26.75 15.54
CA GLU N 134 -20.80 -26.14 14.76
C GLU N 134 -22.19 -26.23 15.37
N TYR N 135 -22.59 -27.41 15.86
CA TYR N 135 -23.92 -27.58 16.43
C TYR N 135 -24.20 -26.96 17.77
N ILE N 136 -23.26 -27.06 18.69
CA ILE N 136 -23.48 -26.47 19.99
C ILE N 136 -23.43 -24.96 19.76
N GLU N 137 -22.46 -24.51 18.95
CA GLU N 137 -22.28 -23.09 18.63
C GLU N 137 -23.66 -22.52 18.33
N ASN N 138 -24.46 -23.32 17.63
CA ASN N 138 -25.80 -22.90 17.26
C ASN N 138 -26.84 -23.19 18.34
N TRP N 139 -26.63 -24.20 19.17
CA TRP N 139 -27.61 -24.44 20.20
C TRP N 139 -27.68 -23.21 21.09
N ASN N 140 -26.54 -22.80 21.64
CA ASN N 140 -26.50 -21.64 22.52
C ASN N 140 -27.20 -20.41 21.94
N LEU N 141 -26.68 -19.90 20.83
CA LEU N 141 -27.23 -18.72 20.17
C LEU N 141 -28.75 -18.74 20.04
N GLN N 142 -29.32 -19.93 20.08
CA GLN N 142 -30.76 -20.11 19.95
C GLN N 142 -31.42 -19.95 21.33
N ASN N 143 -30.74 -20.47 22.35
CA ASN N 143 -31.22 -20.42 23.72
C ASN N 143 -31.07 -18.97 24.19
N ARG N 144 -30.13 -18.26 23.57
CA ARG N 144 -29.88 -16.87 23.90
C ARG N 144 -30.76 -15.92 23.11
N ARG N 145 -31.18 -16.35 21.93
CA ARG N 145 -32.04 -15.55 21.06
C ARG N 145 -31.30 -14.73 20.01
N GLN N 146 -31.02 -15.33 18.86
CA GLN N 146 -30.32 -14.65 17.77
C GLN N 146 -30.30 -15.45 16.47
N ARG N 147 -29.81 -14.83 15.41
CA ARG N 147 -29.75 -15.48 14.10
C ARG N 147 -28.75 -16.64 14.10
N THR N 148 -29.31 -17.84 14.24
CA THR N 148 -28.56 -19.09 14.27
C THR N 148 -27.81 -19.36 12.96
N GLY N 149 -28.18 -20.43 12.27
CA GLY N 149 -27.56 -20.77 10.99
C GLY N 149 -26.68 -22.01 10.88
N PHE N 150 -26.98 -22.87 9.89
CA PHE N 150 -26.22 -24.10 9.63
C PHE N 150 -25.78 -24.15 8.17
N THR N 151 -24.77 -24.98 7.88
CA THR N 151 -24.25 -25.12 6.53
C THR N 151 -24.61 -26.50 5.96
N PHE N 152 -25.01 -26.55 4.69
CA PHE N 152 -25.40 -27.82 4.05
C PHE N 152 -24.83 -28.07 2.65
N HIS N 153 -25.30 -29.14 2.03
CA HIS N 153 -24.91 -29.56 0.68
C HIS N 153 -26.08 -30.42 0.22
N LYS N 154 -26.55 -30.22 -1.01
CA LYS N 154 -27.71 -30.94 -1.53
C LYS N 154 -28.73 -31.17 -0.39
N PRO N 155 -29.08 -30.11 0.39
CA PRO N 155 -30.02 -30.13 1.53
C PRO N 155 -31.30 -30.93 1.25
N ASN N 156 -32.13 -31.20 2.25
CA ASN N 156 -33.28 -32.03 1.95
C ASN N 156 -34.55 -31.26 2.35
N ILE N 157 -34.90 -30.29 1.51
CA ILE N 157 -36.02 -29.40 1.77
C ILE N 157 -37.33 -29.77 1.13
N PHE N 158 -37.28 -30.52 0.03
CA PHE N 158 -38.50 -30.91 -0.68
C PHE N 158 -39.03 -32.28 -0.33
N PRO N 159 -40.24 -32.35 0.26
CA PRO N 159 -40.75 -33.68 0.57
C PRO N 159 -40.97 -34.35 -0.78
N TYR N 160 -40.80 -35.66 -0.85
CA TYR N 160 -40.99 -36.36 -2.10
C TYR N 160 -42.38 -36.08 -2.65
N SER N 161 -42.46 -35.71 -3.91
CA SER N 161 -43.73 -35.45 -4.56
C SER N 161 -43.50 -35.71 -6.03
N ALA N 162 -44.22 -36.67 -6.58
CA ALA N 162 -44.10 -36.99 -8.00
C ALA N 162 -45.52 -37.07 -8.52
N SER N 163 -45.94 -36.11 -9.34
CA SER N 163 -47.31 -36.13 -9.84
C SER N 163 -47.47 -35.33 -11.14
N PHE N 164 -48.72 -35.09 -11.54
CA PHE N 164 -49.01 -34.32 -12.76
C PHE N 164 -50.32 -33.57 -12.59
N THR N 165 -50.58 -32.64 -13.48
CA THR N 165 -51.81 -31.89 -13.46
C THR N 165 -52.17 -31.71 -14.90
N LEU N 166 -53.33 -32.25 -15.29
CA LEU N 166 -53.81 -32.12 -16.65
C LEU N 166 -54.71 -30.90 -16.77
N ASN N 167 -54.23 -29.88 -17.47
CA ASN N 167 -54.99 -28.66 -17.64
C ASN N 167 -56.04 -28.79 -18.77
N ARG N 168 -55.79 -29.70 -19.70
CA ARG N 168 -56.72 -30.02 -20.78
C ARG N 168 -56.62 -31.51 -20.93
N SER N 169 -57.74 -32.20 -20.82
CA SER N 169 -57.74 -33.65 -20.97
C SER N 169 -59.12 -34.05 -21.42
N GLN N 170 -59.22 -35.29 -21.85
CA GLN N 170 -60.47 -35.85 -22.30
C GLN N 170 -60.32 -37.34 -22.05
N PRO N 171 -61.44 -38.08 -21.98
CA PRO N 171 -61.42 -39.53 -21.74
C PRO N 171 -60.36 -40.34 -22.48
N ALA N 172 -60.19 -40.12 -23.78
CA ALA N 172 -59.21 -40.87 -24.55
C ALA N 172 -57.75 -40.51 -24.21
N HIS N 173 -57.55 -39.35 -23.56
CA HIS N 173 -56.22 -38.86 -23.20
C HIS N 173 -55.32 -38.85 -24.44
N ASP N 174 -55.85 -38.32 -25.52
CA ASP N 174 -55.13 -38.25 -26.78
C ASP N 174 -54.73 -36.82 -27.17
N ASN N 175 -55.14 -35.86 -26.36
CA ASN N 175 -54.79 -34.45 -26.59
C ASN N 175 -54.76 -33.71 -25.24
N LEU N 176 -53.73 -34.02 -24.45
CA LEU N 176 -53.54 -33.45 -23.12
C LEU N 176 -52.62 -32.25 -23.11
N MET N 177 -52.73 -31.47 -22.05
CA MET N 177 -51.88 -30.31 -21.84
C MET N 177 -51.78 -30.17 -20.31
N GLY N 178 -50.57 -30.03 -19.80
CA GLY N 178 -50.39 -29.91 -18.36
C GLY N 178 -48.94 -30.02 -17.97
N THR N 179 -48.69 -30.32 -16.71
CA THR N 179 -47.34 -30.46 -16.23
C THR N 179 -47.21 -31.70 -15.36
N MET N 180 -45.99 -32.20 -15.28
CA MET N 180 -45.67 -33.35 -14.44
C MET N 180 -44.33 -32.98 -13.78
N TRP N 181 -44.11 -33.46 -12.57
CA TRP N 181 -42.90 -33.09 -11.86
C TRP N 181 -42.45 -34.11 -10.84
N LEU N 182 -41.26 -33.86 -10.31
CA LEU N 182 -40.66 -34.62 -9.23
C LEU N 182 -39.92 -33.59 -8.35
N ASN N 183 -40.42 -33.42 -7.16
CA ASN N 183 -39.76 -32.58 -6.15
C ASN N 183 -39.24 -33.55 -5.11
N ALA N 184 -37.94 -33.55 -4.87
CA ALA N 184 -37.38 -34.50 -3.90
C ALA N 184 -36.02 -34.02 -3.44
N GLY N 185 -35.85 -33.92 -2.13
CA GLY N 185 -34.57 -33.49 -1.58
C GLY N 185 -34.25 -32.05 -1.91
N SER N 186 -33.21 -31.87 -2.71
CA SER N 186 -32.80 -30.53 -3.10
C SER N 186 -33.08 -30.31 -4.58
N GLU N 187 -33.80 -31.22 -5.21
CA GLU N 187 -34.05 -31.09 -6.64
C GLU N 187 -35.50 -31.04 -7.10
N ILE N 188 -35.69 -30.30 -8.19
CA ILE N 188 -37.00 -30.16 -8.81
C ILE N 188 -36.80 -30.38 -10.31
N GLN N 189 -37.66 -31.20 -10.89
CA GLN N 189 -37.66 -31.37 -12.36
C GLN N 189 -39.13 -31.20 -12.71
N VAL N 190 -39.42 -30.37 -13.70
CA VAL N 190 -40.79 -30.15 -14.10
C VAL N 190 -40.86 -30.03 -15.60
N ALA N 191 -41.87 -30.67 -16.20
CA ALA N 191 -42.09 -30.61 -17.63
C ALA N 191 -43.49 -30.13 -17.92
N GLY N 192 -43.62 -29.35 -18.97
CA GLY N 192 -44.90 -28.87 -19.43
C GLY N 192 -45.07 -29.53 -20.79
N PHE N 193 -46.21 -30.15 -21.02
CA PHE N 193 -46.50 -30.84 -22.29
C PHE N 193 -47.81 -30.31 -22.91
N ASP N 194 -47.86 -30.30 -24.23
CA ASP N 194 -49.04 -29.87 -24.98
C ASP N 194 -49.09 -30.76 -26.21
N TYR N 195 -49.97 -31.76 -26.19
CA TYR N 195 -50.07 -32.69 -27.31
C TYR N 195 -50.33 -32.00 -28.65
N SER N 196 -51.03 -30.86 -28.62
CA SER N 196 -51.35 -30.11 -29.83
C SER N 196 -50.23 -29.19 -30.34
N CYS N 197 -49.13 -29.10 -29.60
CA CYS N 197 -47.99 -28.24 -29.96
C CYS N 197 -48.46 -26.80 -30.20
N ALA N 198 -49.34 -26.34 -29.32
CA ALA N 198 -49.89 -24.99 -29.36
C ALA N 198 -50.49 -24.58 -30.72
N ILE N 199 -51.03 -25.54 -31.47
CA ILE N 199 -51.61 -25.31 -32.80
C ILE N 199 -52.75 -24.26 -32.81
N ASN N 200 -53.58 -24.26 -31.75
CA ASN N 200 -54.70 -23.33 -31.58
C ASN N 200 -54.48 -22.36 -30.43
N ALA N 201 -53.25 -22.30 -29.93
CA ALA N 201 -52.96 -21.39 -28.81
C ALA N 201 -52.59 -19.99 -29.27
N PRO N 202 -52.98 -18.96 -28.48
CA PRO N 202 -52.67 -17.56 -28.80
C PRO N 202 -51.16 -17.39 -28.94
N ALA N 203 -50.74 -16.85 -30.08
CA ALA N 203 -49.33 -16.64 -30.39
C ALA N 203 -48.61 -17.98 -30.50
N ASN N 204 -49.37 -19.07 -30.65
CA ASN N 204 -48.83 -20.42 -30.75
C ASN N 204 -47.88 -20.72 -29.59
N THR N 205 -48.25 -20.23 -28.42
CA THR N 205 -47.44 -20.39 -27.23
C THR N 205 -48.32 -20.88 -26.07
N GLN N 206 -47.86 -21.92 -25.38
CA GLN N 206 -48.59 -22.44 -24.23
C GLN N 206 -47.74 -22.10 -23.00
N GLN N 207 -48.34 -21.45 -22.01
CA GLN N 207 -47.63 -21.08 -20.80
C GLN N 207 -47.70 -22.19 -19.76
N PHE N 208 -46.61 -22.37 -19.01
CA PHE N 208 -46.56 -23.37 -17.94
C PHE N 208 -46.01 -22.70 -16.69
N GLU N 209 -46.25 -23.31 -15.55
CA GLU N 209 -45.79 -22.74 -14.32
C GLU N 209 -45.70 -23.85 -13.28
N HIS N 210 -44.69 -23.79 -12.42
CA HIS N 210 -44.55 -24.77 -11.36
C HIS N 210 -44.13 -24.00 -10.13
N ILE N 211 -44.91 -24.13 -9.06
CA ILE N 211 -44.61 -23.44 -7.80
C ILE N 211 -44.32 -24.43 -6.69
N VAL N 212 -43.25 -24.19 -5.95
CA VAL N 212 -42.86 -25.08 -4.86
C VAL N 212 -42.68 -24.22 -3.61
N GLN N 213 -43.42 -24.56 -2.58
CA GLN N 213 -43.36 -23.84 -1.31
C GLN N 213 -42.51 -24.56 -0.28
N LEU N 214 -41.40 -23.96 0.13
CA LEU N 214 -40.52 -24.60 1.10
C LEU N 214 -41.15 -24.50 2.47
N ARG N 215 -40.90 -25.50 3.31
CA ARG N 215 -41.43 -25.50 4.67
C ARG N 215 -40.58 -24.62 5.57
N ARG N 216 -39.38 -24.29 5.12
CA ARG N 216 -38.47 -23.42 5.86
C ARG N 216 -37.77 -22.56 4.83
N VAL N 217 -37.39 -21.35 5.24
CA VAL N 217 -36.69 -20.43 4.36
C VAL N 217 -35.25 -20.92 4.20
N LEU N 218 -34.75 -20.79 2.98
CA LEU N 218 -33.37 -21.12 2.74
C LEU N 218 -32.72 -19.80 2.37
N THR N 219 -31.52 -19.57 2.88
CA THR N 219 -30.77 -18.37 2.55
C THR N 219 -29.43 -18.80 1.93
N THR N 220 -28.78 -17.87 1.25
CA THR N 220 -27.45 -18.10 0.65
C THR N 220 -27.35 -19.42 -0.16
N ALA N 221 -28.38 -19.72 -0.94
CA ALA N 221 -28.44 -20.91 -1.78
C ALA N 221 -27.71 -20.75 -3.12
N THR N 222 -26.85 -21.73 -3.39
CA THR N 222 -26.15 -21.84 -4.68
C THR N 222 -26.92 -22.87 -5.47
N ILE N 223 -27.44 -22.45 -6.60
CA ILE N 223 -28.35 -23.30 -7.36
C ILE N 223 -27.97 -23.52 -8.84
N THR N 224 -28.18 -24.74 -9.32
CA THR N 224 -27.91 -25.08 -10.72
C THR N 224 -29.27 -25.14 -11.39
N LEU N 225 -29.44 -24.41 -12.49
CA LEU N 225 -30.70 -24.39 -13.22
C LEU N 225 -30.32 -24.79 -14.62
N LEU N 226 -31.00 -25.79 -15.15
CA LEU N 226 -30.70 -26.27 -16.50
C LEU N 226 -31.99 -26.45 -17.26
N PRO N 227 -31.95 -26.26 -18.59
CA PRO N 227 -33.17 -26.44 -19.36
C PRO N 227 -33.35 -27.94 -19.52
N ASP N 228 -34.59 -28.37 -19.75
CA ASP N 228 -34.97 -29.78 -19.95
C ASP N 228 -35.16 -30.55 -18.67
N ALA N 229 -36.09 -31.50 -18.70
CA ALA N 229 -36.37 -32.37 -17.56
C ALA N 229 -36.18 -33.78 -18.13
N GLU N 230 -34.97 -34.31 -18.01
CA GLU N 230 -34.65 -35.64 -18.53
C GLU N 230 -35.60 -36.71 -18.02
N ARG N 231 -35.99 -36.59 -16.77
CA ARG N 231 -36.89 -37.53 -16.15
C ARG N 231 -38.25 -37.64 -16.90
N PHE N 232 -38.64 -36.59 -17.60
CA PHE N 232 -39.91 -36.58 -18.31
C PHE N 232 -39.69 -36.43 -19.81
N SER N 233 -38.61 -37.01 -20.30
CA SER N 233 -38.29 -36.90 -21.71
C SER N 233 -38.44 -38.23 -22.43
N PHE N 234 -38.94 -39.22 -21.72
CA PHE N 234 -39.12 -40.52 -22.36
C PHE N 234 -40.60 -41.00 -22.33
N PRO N 235 -40.93 -41.96 -23.20
CA PRO N 235 -42.30 -42.51 -23.30
C PRO N 235 -42.76 -43.15 -22.03
N ARG N 236 -43.99 -42.84 -21.66
CA ARG N 236 -44.54 -43.36 -20.44
C ARG N 236 -46.01 -43.73 -20.63
N VAL N 237 -46.41 -44.68 -19.83
CA VAL N 237 -47.79 -45.10 -19.69
C VAL N 237 -48.10 -44.75 -18.24
N ILE N 238 -49.02 -43.84 -18.06
CA ILE N 238 -49.32 -43.29 -16.74
C ILE N 238 -50.76 -43.54 -16.31
N ASN N 239 -51.00 -43.61 -15.01
CA ASN N 239 -52.34 -43.81 -14.51
C ASN N 239 -53.08 -42.49 -14.64
N SER N 240 -54.38 -42.56 -14.94
CA SER N 240 -55.20 -41.36 -15.07
C SER N 240 -55.39 -40.76 -13.68
N ALA N 241 -55.80 -39.50 -13.62
CA ALA N 241 -56.01 -38.85 -12.34
C ALA N 241 -56.94 -39.63 -11.39
N ASP N 242 -57.99 -40.24 -11.92
CA ASP N 242 -58.95 -41.01 -11.11
C ASP N 242 -58.58 -42.47 -10.90
N GLY N 243 -57.44 -42.86 -11.46
CA GLY N 243 -56.96 -44.24 -11.34
C GLY N 243 -57.75 -45.27 -12.15
N ALA N 244 -58.73 -44.82 -12.91
CA ALA N 244 -59.56 -45.72 -13.71
C ALA N 244 -58.94 -46.28 -14.99
N THR N 245 -57.92 -45.62 -15.53
CA THR N 245 -57.28 -46.09 -16.78
C THR N 245 -55.84 -45.57 -16.88
N THR N 246 -55.21 -45.80 -18.04
CA THR N 246 -53.84 -45.35 -18.28
C THR N 246 -53.74 -44.60 -19.59
N TRP N 247 -52.92 -43.54 -19.60
CA TRP N 247 -52.68 -42.72 -20.78
C TRP N 247 -51.25 -42.87 -21.28
N TYR N 248 -51.02 -42.49 -22.53
CA TYR N 248 -49.72 -42.60 -23.15
C TYR N 248 -49.05 -41.24 -23.34
N PHE N 249 -47.80 -41.13 -22.91
CA PHE N 249 -47.03 -39.90 -23.04
C PHE N 249 -45.84 -40.26 -23.93
N ASN N 250 -45.75 -39.59 -25.07
CA ASN N 250 -44.70 -39.85 -26.04
C ASN N 250 -44.01 -38.51 -26.33
N PRO N 251 -43.16 -38.00 -25.43
CA PRO N 251 -42.54 -36.69 -25.58
C PRO N 251 -41.49 -36.57 -26.68
N VAL N 252 -41.45 -35.34 -27.17
CA VAL N 252 -40.43 -34.80 -28.10
C VAL N 252 -40.10 -33.45 -27.47
N ILE N 253 -38.83 -33.20 -27.23
CA ILE N 253 -38.43 -32.03 -26.45
C ILE N 253 -38.01 -30.81 -27.24
N LEU N 254 -38.50 -29.65 -26.82
CA LEU N 254 -38.17 -28.36 -27.44
C LEU N 254 -37.59 -27.50 -26.32
N ARG N 255 -36.84 -26.45 -26.68
CA ARG N 255 -36.25 -25.63 -25.64
C ARG N 255 -37.30 -24.82 -24.94
N PRO N 256 -37.21 -24.74 -23.60
CA PRO N 256 -38.21 -23.96 -22.89
C PRO N 256 -38.02 -22.49 -23.28
N ASN N 257 -39.13 -21.85 -23.61
CA ASN N 257 -39.18 -20.46 -24.04
C ASN N 257 -39.58 -19.51 -22.90
N ASN N 258 -38.95 -18.33 -22.83
CA ASN N 258 -39.24 -17.33 -21.78
C ASN N 258 -39.18 -17.85 -20.36
N VAL N 259 -38.10 -18.55 -20.06
CA VAL N 259 -37.91 -19.12 -18.75
C VAL N 259 -37.72 -18.00 -17.73
N GLU N 260 -38.46 -18.07 -16.64
CA GLU N 260 -38.32 -17.11 -15.57
C GLU N 260 -38.43 -17.82 -14.24
N VAL N 261 -37.37 -17.72 -13.43
CA VAL N 261 -37.36 -18.34 -12.12
C VAL N 261 -37.45 -17.23 -11.09
N GLU N 262 -38.40 -17.36 -10.17
CA GLU N 262 -38.51 -16.39 -9.12
C GLU N 262 -38.37 -17.06 -7.78
N PHE N 263 -37.56 -16.48 -6.93
CA PHE N 263 -37.35 -16.96 -5.57
C PHE N 263 -38.03 -15.91 -4.75
N LEU N 264 -39.15 -16.28 -4.15
CA LEU N 264 -39.94 -15.34 -3.39
C LEU N 264 -39.85 -15.57 -1.90
N LEU N 265 -40.09 -14.52 -1.14
CA LEU N 265 -40.09 -14.58 0.31
C LEU N 265 -41.35 -13.87 0.72
N ASN N 266 -42.27 -14.58 1.36
CA ASN N 266 -43.53 -13.97 1.78
C ASN N 266 -44.26 -13.25 0.65
N GLY N 267 -44.25 -13.85 -0.55
CA GLY N 267 -44.93 -13.26 -1.67
C GLY N 267 -44.15 -12.25 -2.45
N GLN N 268 -43.02 -11.81 -1.91
CA GLN N 268 -42.19 -10.83 -2.60
C GLN N 268 -41.08 -11.49 -3.40
N ILE N 269 -40.81 -10.97 -4.59
CA ILE N 269 -39.73 -11.48 -5.42
C ILE N 269 -38.42 -10.98 -4.80
N ILE N 270 -37.55 -11.90 -4.40
CA ILE N 270 -36.26 -11.53 -3.83
C ILE N 270 -35.25 -11.68 -4.96
N ASN N 271 -35.34 -12.76 -5.73
CA ASN N 271 -34.43 -12.96 -6.86
C ASN N 271 -35.25 -13.40 -8.06
N THR N 272 -34.86 -12.91 -9.23
CA THR N 272 -35.53 -13.31 -10.45
C THR N 272 -34.48 -13.47 -11.53
N TYR N 273 -34.60 -14.54 -12.29
CA TYR N 273 -33.67 -14.86 -13.37
C TYR N 273 -34.45 -15.20 -14.63
N GLN N 274 -34.09 -14.54 -15.73
CA GLN N 274 -34.76 -14.75 -16.99
C GLN N 274 -33.88 -15.55 -17.88
N ALA N 275 -34.27 -16.78 -18.14
CA ALA N 275 -33.53 -17.64 -19.06
C ALA N 275 -32.04 -17.78 -18.75
N ARG N 276 -31.69 -17.77 -17.47
CA ARG N 276 -30.29 -17.91 -17.11
C ARG N 276 -30.01 -19.31 -16.60
N PHE N 277 -29.32 -20.12 -17.41
CA PHE N 277 -29.00 -21.48 -17.03
C PHE N 277 -27.56 -21.55 -16.52
N GLY N 278 -27.30 -22.48 -15.61
CA GLY N 278 -25.97 -22.59 -15.04
C GLY N 278 -26.10 -22.33 -13.55
N THR N 279 -25.16 -21.61 -12.98
CA THR N 279 -25.18 -21.34 -11.54
C THR N 279 -25.76 -19.96 -11.20
N ILE N 280 -26.80 -19.96 -10.35
CA ILE N 280 -27.45 -18.73 -9.89
C ILE N 280 -27.56 -18.75 -8.37
N ILE N 281 -27.60 -17.56 -7.77
CA ILE N 281 -27.72 -17.41 -6.32
C ILE N 281 -29.12 -16.93 -5.89
N ALA N 282 -29.72 -17.59 -4.91
CA ALA N 282 -31.03 -17.20 -4.39
C ALA N 282 -30.70 -16.90 -2.92
N ARG N 283 -30.71 -15.65 -2.54
CA ARG N 283 -30.19 -15.29 -1.21
C ARG N 283 -31.15 -15.46 -0.01
N ASN N 284 -32.44 -15.57 -0.24
CA ASN N 284 -33.41 -15.66 0.87
C ASN N 284 -34.79 -15.91 0.28
N PHE N 285 -35.34 -17.10 0.47
CA PHE N 285 -36.62 -17.40 -0.14
C PHE N 285 -37.33 -18.56 0.55
N ASP N 286 -38.66 -18.58 0.44
CA ASP N 286 -39.47 -19.65 1.01
C ASP N 286 -40.32 -20.26 -0.10
N THR N 287 -40.15 -19.75 -1.32
CA THR N 287 -40.92 -20.24 -2.46
C THR N 287 -40.14 -20.11 -3.74
N ILE N 288 -40.29 -21.08 -4.63
CA ILE N 288 -39.66 -21.04 -5.93
C ILE N 288 -40.79 -21.13 -6.95
N ARG N 289 -40.74 -20.27 -7.95
CA ARG N 289 -41.75 -20.31 -8.99
C ARG N 289 -41.03 -20.39 -10.33
N LEU N 290 -41.30 -21.45 -11.08
CA LEU N 290 -40.70 -21.64 -12.38
C LEU N 290 -41.76 -21.44 -13.45
N SER N 291 -41.57 -20.48 -14.34
CA SER N 291 -42.51 -20.21 -15.43
C SER N 291 -41.75 -20.42 -16.69
N PHE N 292 -42.36 -21.12 -17.64
CA PHE N 292 -41.74 -21.43 -18.91
C PHE N 292 -42.84 -21.71 -19.93
N GLN N 293 -42.49 -21.61 -21.21
CA GLN N 293 -43.46 -21.78 -22.27
C GLN N 293 -43.02 -22.73 -23.35
N LEU N 294 -43.99 -23.24 -24.08
CA LEU N 294 -43.75 -24.08 -25.23
C LEU N 294 -44.19 -23.18 -26.37
N MET N 295 -43.30 -22.90 -27.30
CA MET N 295 -43.71 -22.08 -28.41
C MET N 295 -43.63 -22.95 -29.64
N ARG N 296 -44.72 -23.06 -30.38
CA ARG N 296 -44.73 -23.86 -31.60
C ARG N 296 -43.67 -23.28 -32.54
N PRO N 297 -42.75 -24.12 -33.06
CA PRO N 297 -41.71 -23.62 -33.96
C PRO N 297 -42.33 -22.94 -35.18
N PRO N 298 -42.00 -21.66 -35.41
CA PRO N 298 -42.58 -20.95 -36.56
C PRO N 298 -42.07 -21.51 -37.91
N ASN N 299 -40.87 -22.09 -37.92
CA ASN N 299 -40.29 -22.66 -39.12
C ASN N 299 -39.89 -24.07 -38.83
N MET N 300 -40.35 -24.99 -39.67
CA MET N 300 -40.07 -26.41 -39.46
C MET N 300 -39.59 -27.16 -40.68
N THR N 301 -38.53 -27.93 -40.56
CA THR N 301 -38.07 -28.74 -41.68
C THR N 301 -39.15 -29.83 -41.83
N PRO N 302 -39.21 -30.52 -42.98
CA PRO N 302 -40.21 -31.58 -43.19
C PRO N 302 -40.33 -32.58 -42.05
N ALA N 303 -39.18 -33.07 -41.58
CA ALA N 303 -39.14 -34.06 -40.50
C ALA N 303 -39.83 -33.53 -39.24
N VAL N 304 -39.66 -32.24 -38.96
CA VAL N 304 -40.28 -31.63 -37.80
C VAL N 304 -41.77 -31.40 -38.06
N ALA N 305 -42.07 -30.83 -39.22
CA ALA N 305 -43.45 -30.54 -39.61
C ALA N 305 -44.34 -31.79 -39.49
N ALA N 306 -43.76 -32.94 -39.83
CA ALA N 306 -44.44 -34.24 -39.78
C ALA N 306 -44.86 -34.67 -38.38
N LEU N 307 -44.20 -34.14 -37.36
CA LEU N 307 -44.51 -34.52 -35.98
C LEU N 307 -45.71 -33.77 -35.47
N PHE N 308 -45.93 -32.57 -36.04
CA PHE N 308 -46.99 -31.65 -35.61
C PHE N 308 -48.05 -31.28 -36.66
N PRO N 309 -49.02 -32.19 -36.90
CA PRO N 309 -50.10 -31.99 -37.86
C PRO N 309 -51.12 -30.96 -37.41
N ASN N 310 -51.96 -30.52 -38.34
CA ASN N 310 -52.99 -29.54 -37.99
C ASN N 310 -54.17 -30.18 -37.30
N ALA N 311 -54.30 -31.49 -37.46
CA ALA N 311 -55.40 -32.24 -36.87
C ALA N 311 -54.91 -33.50 -36.18
N GLN N 312 -55.69 -33.96 -35.20
CA GLN N 312 -55.38 -35.19 -34.47
C GLN N 312 -55.43 -36.32 -35.49
N PRO N 313 -54.86 -37.48 -35.15
CA PRO N 313 -54.15 -37.82 -33.91
C PRO N 313 -52.81 -37.12 -33.70
N PHE N 314 -52.57 -36.70 -32.46
CA PHE N 314 -51.32 -36.06 -32.09
C PHE N 314 -50.47 -37.20 -31.52
N GLU N 315 -49.46 -37.61 -32.28
CA GLU N 315 -48.63 -38.74 -31.88
C GLU N 315 -47.29 -38.41 -31.25
N HIS N 316 -46.82 -37.20 -31.42
CA HIS N 316 -45.55 -36.76 -30.82
C HIS N 316 -45.98 -35.60 -29.96
N HIS N 317 -45.69 -35.71 -28.67
CA HIS N 317 -46.11 -34.72 -27.70
C HIS N 317 -45.06 -33.70 -27.27
N ALA N 318 -45.21 -32.47 -27.78
CA ALA N 318 -44.30 -31.37 -27.48
C ALA N 318 -44.16 -31.16 -25.99
N THR N 319 -42.91 -31.17 -25.54
CA THR N 319 -42.58 -31.03 -24.14
C THR N 319 -41.41 -30.10 -23.90
N VAL N 320 -41.54 -29.24 -22.90
CA VAL N 320 -40.48 -28.31 -22.51
C VAL N 320 -40.28 -28.53 -21.00
N GLY N 321 -39.07 -28.38 -20.49
CA GLY N 321 -38.86 -28.59 -19.07
C GLY N 321 -37.70 -27.83 -18.46
N LEU N 322 -37.56 -27.97 -17.15
CA LEU N 322 -36.49 -27.32 -16.39
C LEU N 322 -36.05 -28.25 -15.26
N THR N 323 -34.79 -28.09 -14.86
CA THR N 323 -34.22 -28.86 -13.76
C THR N 323 -33.54 -27.85 -12.86
N LEU N 324 -33.83 -27.90 -11.57
CA LEU N 324 -33.26 -26.97 -10.61
C LEU N 324 -32.71 -27.78 -9.44
N ARG N 325 -31.45 -27.55 -9.08
CA ARG N 325 -30.84 -28.24 -7.94
C ARG N 325 -30.18 -27.28 -6.97
N ILE N 326 -30.53 -27.40 -5.69
CA ILE N 326 -29.95 -26.55 -4.67
C ILE N 326 -28.69 -27.28 -4.19
N GLU N 327 -27.53 -26.82 -4.62
CA GLU N 327 -26.26 -27.44 -4.23
C GLU N 327 -25.95 -27.23 -2.76
N SER N 328 -26.11 -26.00 -2.28
CA SER N 328 -25.83 -25.68 -0.89
C SER N 328 -26.72 -24.54 -0.50
N ALA N 329 -26.95 -24.42 0.81
CA ALA N 329 -27.77 -23.34 1.36
C ALA N 329 -27.63 -23.33 2.85
N VAL N 330 -28.13 -22.26 3.46
CA VAL N 330 -28.10 -22.13 4.91
C VAL N 330 -29.56 -22.12 5.36
N CYS N 331 -29.85 -22.76 6.49
CA CYS N 331 -31.21 -22.74 7.00
C CYS N 331 -31.11 -22.47 8.49
N GLU N 332 -32.08 -21.71 9.00
CA GLU N 332 -32.11 -21.41 10.42
C GLU N 332 -32.62 -22.63 11.21
N SER N 333 -33.25 -23.59 10.53
CA SER N 333 -33.76 -24.82 11.16
C SER N 333 -32.92 -26.02 10.73
N VAL N 334 -32.78 -27.02 11.62
CA VAL N 334 -32.03 -28.21 11.21
C VAL N 334 -32.80 -28.91 10.10
N LEU N 335 -32.06 -29.53 9.18
CA LEU N 335 -32.66 -30.29 8.07
C LEU N 335 -31.71 -31.41 7.80
N ALA N 336 -32.21 -32.41 7.08
CA ALA N 336 -31.35 -33.50 6.62
C ALA N 336 -30.71 -32.93 5.33
N ASP N 337 -29.53 -33.41 4.97
CA ASP N 337 -28.89 -32.99 3.72
C ASP N 337 -28.10 -34.21 3.18
N ALA N 338 -27.27 -34.03 2.15
CA ALA N 338 -26.55 -35.16 1.56
C ALA N 338 -25.21 -35.50 2.19
N SER N 339 -24.82 -34.77 3.23
CA SER N 339 -23.53 -35.02 3.86
C SER N 339 -23.54 -35.37 5.34
N GLU N 340 -24.42 -34.72 6.11
CA GLU N 340 -24.50 -34.96 7.53
C GLU N 340 -25.18 -36.26 7.87
N THR N 341 -24.70 -36.91 8.93
CA THR N 341 -25.22 -38.22 9.35
C THR N 341 -26.23 -38.14 10.48
N MET N 342 -26.58 -36.93 10.92
CA MET N 342 -27.53 -36.75 12.04
C MET N 342 -28.82 -37.50 11.92
N LEU N 343 -29.58 -37.28 10.85
CA LEU N 343 -30.84 -37.96 10.68
C LEU N 343 -30.61 -39.47 10.72
N ALA N 344 -29.60 -39.94 9.99
CA ALA N 344 -29.29 -41.37 9.95
C ALA N 344 -28.90 -41.91 11.32
N ASN N 345 -28.17 -41.13 12.13
CA ASN N 345 -27.76 -41.57 13.48
C ASN N 345 -28.97 -41.75 14.38
N VAL N 346 -29.83 -40.74 14.42
CA VAL N 346 -31.04 -40.77 15.24
C VAL N 346 -31.95 -41.91 14.80
N THR N 347 -32.17 -42.00 13.49
CA THR N 347 -33.03 -43.03 12.94
C THR N 347 -32.44 -44.41 13.23
N SER N 348 -31.12 -44.54 13.09
CA SER N 348 -30.46 -45.81 13.32
C SER N 348 -30.50 -46.27 14.76
N VAL N 349 -30.28 -45.36 15.71
CA VAL N 349 -30.30 -45.77 17.11
C VAL N 349 -31.72 -46.23 17.47
N ARG N 350 -32.72 -45.49 17.04
CA ARG N 350 -34.11 -45.86 17.32
C ARG N 350 -34.49 -47.23 16.73
N GLN N 351 -34.04 -47.49 15.49
CA GLN N 351 -34.33 -48.76 14.81
C GLN N 351 -33.62 -49.94 15.50
N GLU N 352 -32.33 -49.76 15.81
CA GLU N 352 -31.56 -50.82 16.45
C GLU N 352 -32.17 -51.25 17.80
N TYR N 353 -32.63 -50.28 18.59
CA TYR N 353 -33.19 -50.61 19.89
C TYR N 353 -34.69 -50.78 19.91
N ALA N 354 -35.27 -50.97 18.75
CA ALA N 354 -36.72 -51.17 18.66
C ALA N 354 -37.53 -50.16 19.47
N ILE N 355 -37.17 -48.89 19.35
CA ILE N 355 -37.87 -47.84 20.08
C ILE N 355 -39.28 -47.67 19.52
N PRO N 356 -40.32 -47.73 20.37
CA PRO N 356 -41.71 -47.59 19.93
C PRO N 356 -41.99 -46.20 19.32
N VAL N 357 -42.94 -46.12 18.39
CA VAL N 357 -43.32 -44.83 17.80
C VAL N 357 -43.78 -43.95 18.95
N GLY N 358 -43.38 -42.68 18.93
CA GLY N 358 -43.78 -41.78 19.99
C GLY N 358 -44.84 -40.79 19.53
N PRO N 359 -45.12 -39.77 20.32
CA PRO N 359 -46.12 -38.76 19.97
C PRO N 359 -45.66 -37.63 19.04
N VAL N 360 -44.36 -37.47 18.86
CA VAL N 360 -43.86 -36.37 18.03
C VAL N 360 -43.46 -36.74 16.61
N PHE N 361 -42.51 -37.66 16.48
CA PHE N 361 -41.99 -38.05 15.17
C PHE N 361 -42.80 -39.07 14.38
N PRO N 362 -42.82 -38.95 13.03
CA PRO N 362 -43.58 -39.92 12.22
C PRO N 362 -42.90 -41.27 12.34
N PRO N 363 -43.65 -42.36 12.09
CA PRO N 363 -43.06 -43.69 12.16
C PRO N 363 -41.77 -43.75 11.30
N GLY N 364 -40.73 -44.33 11.90
CA GLY N 364 -39.45 -44.49 11.23
C GLY N 364 -38.67 -43.22 11.00
N MET N 365 -39.06 -42.13 11.65
CA MET N 365 -38.41 -40.83 11.45
C MET N 365 -38.50 -40.50 9.96
N ASN N 366 -39.56 -40.94 9.28
CA ASN N 366 -39.69 -40.72 7.83
C ASN N 366 -39.48 -39.27 7.43
N TRP N 367 -38.46 -39.00 6.61
CA TRP N 367 -38.16 -37.63 6.26
C TRP N 367 -39.26 -36.92 5.53
N THR N 368 -39.82 -37.53 4.50
CA THR N 368 -40.90 -36.86 3.80
C THR N 368 -42.02 -36.45 4.75
N ASP N 369 -42.48 -37.36 5.60
CA ASP N 369 -43.55 -37.05 6.54
C ASP N 369 -43.13 -35.94 7.49
N LEU N 370 -41.90 -36.01 7.95
CA LEU N 370 -41.40 -35.01 8.88
C LEU N 370 -41.39 -33.61 8.28
N ILE N 371 -40.76 -33.45 7.13
CA ILE N 371 -40.66 -32.14 6.49
C ILE N 371 -42.01 -31.65 5.96
N THR N 372 -42.93 -32.55 5.63
CA THR N 372 -44.24 -32.14 5.14
C THR N 372 -45.03 -31.42 6.24
N ASN N 373 -44.93 -31.93 7.47
CA ASN N 373 -45.61 -31.33 8.60
C ASN N 373 -44.57 -31.03 9.64
N TYR N 374 -43.69 -30.10 9.31
CA TYR N 374 -42.58 -29.72 10.16
C TYR N 374 -43.04 -28.73 11.23
N SER N 375 -43.78 -29.24 12.21
CA SER N 375 -44.28 -28.41 13.28
C SER N 375 -43.19 -27.90 14.21
N PRO N 376 -43.51 -26.87 15.02
CA PRO N 376 -42.50 -26.36 15.94
C PRO N 376 -42.00 -27.46 16.87
N SER N 377 -42.92 -28.30 17.35
CA SER N 377 -42.54 -29.41 18.24
C SER N 377 -41.59 -30.38 17.55
N ARG N 378 -41.89 -30.76 16.32
CA ARG N 378 -40.98 -31.67 15.63
C ARG N 378 -39.59 -31.02 15.44
N GLU N 379 -39.56 -29.72 15.13
CA GLU N 379 -38.29 -29.03 14.94
C GLU N 379 -37.47 -28.93 16.23
N ASP N 380 -38.14 -28.61 17.34
CA ASP N 380 -37.41 -28.50 18.60
C ASP N 380 -36.87 -29.86 19.01
N ASN N 381 -37.68 -30.90 18.87
CA ASN N 381 -37.25 -32.26 19.18
C ASN N 381 -36.12 -32.69 18.21
N LEU N 382 -36.28 -32.38 16.92
CA LEU N 382 -35.28 -32.72 15.92
C LEU N 382 -33.97 -32.04 16.25
N GLN N 383 -34.01 -30.76 16.62
CA GLN N 383 -32.78 -30.07 16.93
C GLN N 383 -32.10 -30.65 18.15
N ARG N 384 -32.89 -30.98 19.16
CA ARG N 384 -32.31 -31.54 20.38
C ARG N 384 -31.62 -32.85 20.07
N VAL N 385 -32.34 -33.64 19.33
CA VAL N 385 -31.95 -34.98 18.96
C VAL N 385 -30.74 -34.94 17.98
N PHE N 386 -30.72 -33.97 17.06
CA PHE N 386 -29.58 -33.81 16.09
C PHE N 386 -28.32 -33.33 16.84
N THR N 387 -28.52 -32.38 17.76
CA THR N 387 -27.39 -31.88 18.53
C THR N 387 -26.76 -33.01 19.35
N VAL N 388 -27.58 -33.89 19.93
CA VAL N 388 -27.06 -35.03 20.71
C VAL N 388 -26.32 -36.00 19.79
N ALA N 389 -26.86 -36.24 18.61
CA ALA N 389 -26.22 -37.13 17.65
C ALA N 389 -24.84 -36.58 17.28
N SER N 390 -24.73 -35.27 17.15
CA SER N 390 -23.46 -34.65 16.81
C SER N 390 -22.47 -34.74 17.97
N ILE N 391 -22.97 -34.73 19.21
CA ILE N 391 -22.11 -34.82 20.38
C ILE N 391 -21.56 -36.23 20.42
N ARG N 392 -22.43 -37.19 20.16
CA ARG N 392 -22.05 -38.59 20.14
C ARG N 392 -21.01 -38.93 19.06
N SER N 393 -21.18 -38.37 17.86
CA SER N 393 -20.25 -38.63 16.75
C SER N 393 -18.82 -38.10 16.95
N MET N 394 -18.59 -37.38 18.05
CA MET N 394 -17.27 -36.82 18.32
C MET N 394 -16.44 -37.95 18.89
N LEU N 395 -17.12 -38.96 19.42
CA LEU N 395 -16.46 -40.09 20.08
C LEU N 395 -16.76 -41.44 19.48
N VAL N 396 -18.01 -41.62 19.06
CA VAL N 396 -18.50 -42.88 18.54
C VAL N 396 -19.07 -42.71 17.15
N LYS N 397 -18.47 -43.37 16.18
CA LYS N 397 -18.97 -43.28 14.82
C LYS N 397 -19.30 -44.67 14.38
N MET O 1 25.61 -73.05 16.75
CA MET O 1 24.25 -73.64 16.55
C MET O 1 23.40 -73.66 17.81
N ASP O 2 23.70 -74.56 18.74
CA ASP O 2 22.91 -74.63 19.97
C ASP O 2 22.67 -73.20 20.43
N VAL O 3 23.66 -72.35 20.13
CA VAL O 3 23.60 -70.94 20.46
C VAL O 3 22.23 -70.50 19.99
N LEU O 4 22.12 -70.42 18.66
CA LEU O 4 20.91 -70.01 18.02
C LEU O 4 19.66 -70.39 18.80
N TYR O 5 19.51 -71.66 19.13
CA TYR O 5 18.33 -72.11 19.86
C TYR O 5 17.98 -71.13 20.96
N SER O 6 18.80 -71.08 22.00
CA SER O 6 18.58 -70.20 23.13
C SER O 6 17.96 -68.86 22.74
N LEU O 7 18.64 -68.17 21.82
CA LEU O 7 18.22 -66.86 21.35
C LEU O 7 16.70 -66.77 21.22
N SER O 8 16.08 -67.91 20.99
CA SER O 8 14.64 -67.95 20.84
C SER O 8 13.89 -68.22 22.14
N LYS O 9 13.98 -69.45 22.69
CA LYS O 9 13.26 -69.79 23.93
C LYS O 9 13.48 -68.64 24.89
N THR O 10 14.52 -67.86 24.59
CA THR O 10 14.86 -66.68 25.34
C THR O 10 13.70 -65.73 25.11
N LEU O 11 13.52 -65.35 23.86
CA LEU O 11 12.47 -64.44 23.49
C LEU O 11 11.05 -64.96 23.76
N LYS O 12 10.72 -66.19 23.34
CA LYS O 12 9.36 -66.74 23.58
C LYS O 12 9.06 -66.74 25.08
N ASP O 13 9.84 -67.52 25.82
CA ASP O 13 9.67 -67.59 27.27
C ASP O 13 9.83 -66.16 27.80
N ALA O 14 10.00 -65.20 26.89
CA ALA O 14 10.15 -63.78 27.25
C ALA O 14 8.90 -63.01 26.84
N ARG O 15 8.71 -62.83 25.55
CA ARG O 15 7.56 -62.11 25.02
C ARG O 15 6.27 -62.73 25.58
N ASP O 16 6.43 -63.84 26.30
CA ASP O 16 5.31 -64.55 26.89
C ASP O 16 5.19 -64.36 28.41
N LYS O 17 6.29 -64.58 29.14
CA LYS O 17 6.28 -64.46 30.60
C LYS O 17 6.37 -63.02 31.13
N ILE O 18 6.51 -62.05 30.23
CA ILE O 18 6.61 -60.65 30.61
C ILE O 18 5.43 -59.82 30.18
N VAL O 19 4.51 -59.53 31.09
CA VAL O 19 3.34 -58.73 30.73
C VAL O 19 2.79 -57.87 31.87
N GLU O 20 2.25 -56.71 31.51
CA GLU O 20 1.68 -55.77 32.46
C GLU O 20 0.94 -56.54 33.57
N GLY O 21 1.58 -56.68 34.72
CA GLY O 21 0.94 -57.37 35.83
C GLY O 21 1.74 -58.27 36.75
N THR O 22 2.18 -59.42 36.22
CA THR O 22 2.93 -60.41 36.99
C THR O 22 3.76 -59.86 38.14
N LEU O 23 3.82 -60.66 39.20
CA LEU O 23 4.60 -60.32 40.39
C LEU O 23 6.09 -60.37 40.05
N TYR O 24 6.92 -59.92 40.99
CA TYR O 24 8.36 -59.91 40.76
C TYR O 24 9.02 -61.25 40.46
N SER O 25 9.27 -62.02 41.51
CA SER O 25 9.94 -63.31 41.41
C SER O 25 9.33 -64.44 40.58
N ASN O 26 8.85 -64.14 39.38
CA ASN O 26 8.30 -65.16 38.49
C ASN O 26 9.16 -65.02 37.26
N VAL O 27 10.08 -64.07 37.36
CA VAL O 27 10.97 -63.74 36.27
C VAL O 27 12.40 -63.55 36.74
N SER O 28 12.65 -63.78 38.02
CA SER O 28 14.00 -63.59 38.52
C SER O 28 14.98 -64.50 37.80
N ASP O 29 14.70 -65.80 37.82
CA ASP O 29 15.57 -66.78 37.16
C ASP O 29 15.63 -66.50 35.68
N LEU O 30 14.65 -65.75 35.18
CA LEU O 30 14.58 -65.42 33.77
C LEU O 30 15.33 -64.15 33.41
N ILE O 31 14.92 -63.05 34.03
CA ILE O 31 15.54 -61.77 33.77
C ILE O 31 17.03 -62.01 33.59
N GLN O 32 17.65 -62.51 34.66
CA GLN O 32 19.08 -62.79 34.67
C GLN O 32 19.52 -63.33 33.31
N GLN O 33 19.22 -64.60 33.04
CA GLN O 33 19.60 -65.23 31.78
C GLN O 33 19.60 -64.22 30.65
N PHE O 34 18.50 -63.48 30.56
CA PHE O 34 18.37 -62.49 29.52
C PHE O 34 19.57 -61.55 29.44
N ASN O 35 19.67 -60.67 30.43
CA ASN O 35 20.76 -59.71 30.47
C ASN O 35 22.06 -60.35 29.98
N GLN O 36 22.51 -61.39 30.68
CA GLN O 36 23.74 -62.10 30.32
C GLN O 36 24.00 -62.01 28.82
N MET O 37 22.94 -62.23 28.05
CA MET O 37 23.02 -62.16 26.61
C MET O 37 23.49 -60.79 26.15
N ILE O 38 22.60 -59.81 26.30
CA ILE O 38 22.87 -58.43 25.92
C ILE O 38 24.36 -58.12 25.99
N ILE O 39 24.94 -58.40 27.15
CA ILE O 39 26.36 -58.14 27.37
C ILE O 39 27.22 -58.74 26.27
N THR O 40 27.25 -60.06 26.24
CA THR O 40 28.03 -60.80 25.26
C THR O 40 27.94 -60.18 23.86
N MET O 41 26.75 -59.68 23.53
CA MET O 41 26.48 -59.08 22.23
C MET O 41 27.11 -57.71 21.96
N ASN O 42 26.43 -56.67 22.43
CA ASN O 42 26.88 -55.30 22.27
C ASN O 42 28.35 -55.20 21.90
N GLY O 43 28.62 -54.57 20.76
CA GLY O 43 29.98 -54.41 20.32
C GLY O 43 30.23 -55.21 19.05
N ASN O 44 29.77 -56.46 19.03
CA ASN O 44 29.97 -57.30 17.86
C ASN O 44 28.98 -56.92 16.75
N GLU O 45 29.50 -56.73 15.53
CA GLU O 45 28.70 -56.35 14.36
C GLU O 45 28.32 -57.54 13.49
N PHE O 46 27.13 -57.50 12.89
CA PHE O 46 26.68 -58.60 12.04
C PHE O 46 26.18 -58.25 10.65
N GLN O 47 26.20 -59.25 9.78
CA GLN O 47 25.77 -59.09 8.39
C GLN O 47 25.03 -60.30 7.82
N THR O 48 23.94 -60.02 7.11
CA THR O 48 23.09 -61.04 6.49
C THR O 48 22.71 -60.71 5.05
N GLY O 49 22.58 -61.74 4.23
CA GLY O 49 22.21 -61.54 2.85
C GLY O 49 23.32 -61.82 1.86
N GLY O 50 23.23 -61.17 0.70
CA GLY O 50 24.23 -61.34 -0.34
C GLY O 50 24.04 -62.60 -1.16
N ILE O 51 22.78 -62.91 -1.47
CA ILE O 51 22.48 -64.10 -2.23
C ILE O 51 21.06 -64.01 -2.79
N GLY O 52 20.95 -63.96 -4.11
CA GLY O 52 19.65 -63.85 -4.73
C GLY O 52 18.97 -62.58 -4.28
N ASN O 53 17.65 -62.62 -4.12
CA ASN O 53 16.90 -61.45 -3.69
C ASN O 53 16.86 -61.34 -2.17
N LEU O 54 18.02 -61.51 -1.54
CA LEU O 54 18.06 -61.42 -0.10
C LEU O 54 18.68 -60.11 0.37
N PRO O 55 17.86 -59.22 0.96
CA PRO O 55 18.31 -57.93 1.46
C PRO O 55 19.53 -58.03 2.38
N ILE O 56 20.63 -57.42 1.95
CA ILE O 56 21.88 -57.43 2.71
C ILE O 56 21.77 -56.45 3.89
N ARG O 57 21.14 -56.87 4.98
CA ARG O 57 20.99 -55.98 6.13
C ARG O 57 22.14 -56.01 7.13
N ASN O 58 22.44 -54.84 7.70
CA ASN O 58 23.52 -54.68 8.69
C ASN O 58 22.95 -54.50 10.10
N TRP O 59 23.56 -55.17 11.08
CA TRP O 59 23.09 -55.09 12.46
C TRP O 59 24.13 -54.62 13.46
N ASN O 60 23.66 -53.87 14.47
CA ASN O 60 24.52 -53.34 15.49
C ASN O 60 23.89 -53.53 16.86
N PHE O 61 24.69 -53.47 17.92
CA PHE O 61 24.17 -53.65 19.27
C PHE O 61 24.68 -52.61 20.26
N ASP O 62 23.80 -52.18 21.16
CA ASP O 62 24.14 -51.19 22.17
C ASP O 62 22.87 -50.87 22.97
N PHE O 63 22.39 -51.85 23.74
CA PHE O 63 21.17 -51.68 24.53
C PHE O 63 21.34 -51.80 26.04
N GLY O 64 20.68 -50.89 26.75
CA GLY O 64 20.74 -50.89 28.20
C GLY O 64 20.18 -52.15 28.80
N LEU O 65 20.57 -52.43 30.05
CA LEU O 65 20.12 -53.62 30.76
C LEU O 65 18.64 -53.52 31.13
N LEU O 66 18.39 -53.36 32.43
CA LEU O 66 17.03 -53.28 32.95
C LEU O 66 16.91 -52.51 34.25
N GLY O 67 15.68 -52.35 34.71
CA GLY O 67 15.42 -51.68 35.95
C GLY O 67 14.94 -52.80 36.86
N THR O 68 15.73 -53.88 36.91
CA THR O 68 15.44 -55.07 37.71
C THR O 68 14.80 -54.67 39.04
N THR O 69 13.58 -54.19 38.97
CA THR O 69 12.86 -53.72 40.14
C THR O 69 11.35 -53.71 39.94
N LEU O 70 10.67 -52.84 40.69
CA LEU O 70 9.21 -52.72 40.64
C LEU O 70 8.62 -54.08 40.95
N LEU O 71 7.52 -54.09 41.69
CA LEU O 71 6.93 -55.37 42.04
C LEU O 71 6.01 -55.90 40.97
N ASN O 72 4.80 -55.37 40.93
CA ASN O 72 3.86 -55.81 39.92
C ASN O 72 4.16 -55.02 38.65
N LEU O 73 4.99 -55.61 37.79
CA LEU O 73 5.41 -54.99 36.52
C LEU O 73 4.55 -53.84 36.02
N ASP O 74 5.11 -52.63 35.97
CA ASP O 74 4.31 -51.51 35.50
C ASP O 74 4.41 -51.42 33.99
N ALA O 75 3.27 -51.16 33.36
CA ALA O 75 3.18 -51.06 31.92
C ALA O 75 4.46 -50.46 31.33
N ASN O 76 4.83 -49.28 31.83
CA ASN O 76 6.02 -48.59 31.36
C ASN O 76 7.23 -49.52 31.23
N TYR O 77 7.30 -50.53 32.08
CA TYR O 77 8.42 -51.47 32.06
C TYR O 77 8.38 -52.30 30.79
N VAL O 78 7.18 -52.77 30.46
CA VAL O 78 7.01 -53.59 29.28
C VAL O 78 7.50 -52.87 28.03
N GLU O 79 6.76 -51.85 27.59
CA GLU O 79 7.10 -51.08 26.40
C GLU O 79 8.58 -50.78 26.18
N THR O 80 9.29 -50.41 27.25
CA THR O 80 10.72 -50.11 27.14
C THR O 80 11.50 -51.38 26.90
N ALA O 81 10.79 -52.51 26.98
CA ALA O 81 11.39 -53.81 26.77
C ALA O 81 11.01 -54.33 25.39
N ARG O 82 9.71 -54.35 25.10
CA ARG O 82 9.22 -54.82 23.81
C ARG O 82 9.98 -54.14 22.67
N ASN O 83 10.29 -52.86 22.85
CA ASN O 83 11.01 -52.09 21.84
C ASN O 83 12.42 -52.63 21.63
N THR O 84 12.94 -53.31 22.64
CA THR O 84 14.29 -53.86 22.53
C THR O 84 14.22 -55.29 22.00
N ILE O 85 13.08 -55.94 22.17
CA ILE O 85 12.94 -57.29 21.68
C ILE O 85 12.70 -57.27 20.18
N ASP O 86 11.84 -56.35 19.75
CA ASP O 86 11.51 -56.23 18.34
C ASP O 86 12.69 -55.98 17.43
N TYR O 87 13.89 -55.84 17.98
CA TYR O 87 15.08 -55.64 17.14
C TYR O 87 15.70 -57.03 17.02
N PHE O 88 15.50 -57.85 18.05
CA PHE O 88 16.03 -59.20 18.06
C PHE O 88 15.15 -60.09 17.23
N VAL O 89 13.85 -59.83 17.28
CA VAL O 89 12.92 -60.59 16.48
C VAL O 89 13.36 -60.35 15.03
N ASP O 90 13.02 -59.18 14.49
CA ASP O 90 13.37 -58.78 13.10
C ASP O 90 14.81 -59.13 12.75
N PHE O 91 15.60 -59.48 13.76
CA PHE O 91 16.98 -59.85 13.54
C PHE O 91 17.02 -61.33 13.24
N VAL O 92 16.78 -62.13 14.27
CA VAL O 92 16.80 -63.57 14.13
C VAL O 92 16.17 -64.04 12.82
N ASP O 93 15.05 -63.43 12.44
CA ASP O 93 14.36 -63.79 11.20
C ASP O 93 15.44 -63.73 10.12
N ASN O 94 16.01 -62.53 9.93
CA ASN O 94 17.06 -62.29 8.94
C ASN O 94 18.27 -63.19 9.16
N VAL O 95 18.36 -63.84 10.31
CA VAL O 95 19.49 -64.72 10.59
C VAL O 95 19.16 -66.14 10.14
N CYS O 96 18.02 -66.63 10.58
CA CYS O 96 17.60 -67.96 10.19
C CYS O 96 17.64 -68.07 8.68
N MET O 97 16.84 -67.24 8.05
CA MET O 97 16.72 -67.22 6.61
C MET O 97 18.09 -67.30 5.90
N ASP O 98 19.08 -66.53 6.38
CA ASP O 98 20.40 -66.52 5.75
C ASP O 98 21.12 -67.87 5.73
N GLU O 99 21.00 -68.65 6.80
CA GLU O 99 21.65 -69.96 6.87
C GLU O 99 20.66 -71.05 6.46
N MET O 100 19.48 -70.64 6.03
CA MET O 100 18.46 -71.58 5.61
C MET O 100 18.46 -71.70 4.11
N VAL O 101 19.63 -71.60 3.50
CA VAL O 101 19.74 -71.70 2.05
C VAL O 101 21.05 -72.26 1.56
N ARG O 102 22.15 -71.88 2.21
CA ARG O 102 23.48 -72.31 1.81
C ARG O 102 23.70 -73.83 1.96
N GLU O 103 24.21 -74.44 0.88
CA GLU O 103 24.46 -75.89 0.84
C GLU O 103 25.96 -76.17 0.68
N SER O 104 26.44 -77.25 1.30
CA SER O 104 27.84 -77.61 1.21
C SER O 104 27.97 -79.11 1.07
N GLN O 105 28.77 -79.56 0.10
CA GLN O 105 28.97 -80.99 -0.13
C GLN O 105 29.82 -81.70 0.94
N ARG O 106 31.13 -81.80 0.67
CA ARG O 106 32.11 -82.45 1.55
C ARG O 106 31.65 -82.61 3.00
N ASN O 107 31.43 -81.47 3.65
CA ASN O 107 30.97 -81.38 5.02
C ASN O 107 29.88 -80.31 4.98
N GLY O 108 28.65 -80.73 4.73
CA GLY O 108 27.56 -79.79 4.65
C GLY O 108 26.76 -79.67 5.92
N ILE O 109 26.93 -80.65 6.80
CA ILE O 109 26.24 -80.69 8.08
C ILE O 109 26.47 -79.48 8.99
N ALA O 110 27.63 -78.85 8.83
CA ALA O 110 28.01 -77.70 9.66
C ALA O 110 27.50 -76.34 9.17
N PRO O 111 27.72 -75.28 9.97
CA PRO O 111 27.32 -73.89 9.71
C PRO O 111 27.99 -73.31 8.47
N GLN O 112 27.30 -72.43 7.77
CA GLN O 112 27.87 -71.84 6.56
C GLN O 112 27.99 -70.31 6.54
N SER O 113 26.88 -69.62 6.79
CA SER O 113 26.80 -68.14 6.77
C SER O 113 27.79 -67.34 7.61
N ASP O 114 28.14 -66.15 7.13
CA ASP O 114 29.06 -65.26 7.83
C ASP O 114 28.42 -64.81 9.13
N SER O 115 27.13 -65.12 9.26
CA SER O 115 26.38 -64.77 10.45
C SER O 115 26.58 -65.85 11.49
N LEU O 116 26.33 -67.09 11.11
CA LEU O 116 26.48 -68.20 12.03
C LEU O 116 27.91 -68.66 12.30
N ARG O 117 28.76 -68.72 11.27
CA ARG O 117 30.15 -69.16 11.47
C ARG O 117 30.75 -68.38 12.65
N LYS O 118 30.20 -67.19 12.92
CA LYS O 118 30.68 -66.34 14.01
C LYS O 118 29.98 -66.66 15.33
N LEU O 119 28.84 -67.32 15.25
CA LEU O 119 28.06 -67.68 16.43
C LEU O 119 28.63 -68.89 17.15
N SER O 120 29.09 -69.87 16.38
CA SER O 120 29.67 -71.07 16.97
C SER O 120 30.92 -70.67 17.72
N GLY O 121 31.34 -69.42 17.55
CA GLY O 121 32.52 -68.91 18.23
C GLY O 121 32.40 -69.25 19.70
N LEU O 122 33.52 -69.29 20.42
CA LEU O 122 33.48 -69.64 21.84
C LEU O 122 32.92 -68.58 22.77
N LYS O 123 33.34 -67.34 22.57
CA LYS O 123 32.89 -66.25 23.41
C LYS O 123 31.37 -66.08 23.48
N PHE O 124 30.65 -66.88 22.70
CA PHE O 124 29.18 -66.81 22.64
C PHE O 124 28.44 -67.90 23.42
N LYS O 125 29.08 -69.05 23.53
CA LYS O 125 28.48 -70.19 24.21
C LYS O 125 27.87 -69.87 25.59
N ARG O 126 28.19 -68.70 26.14
CA ARG O 126 27.67 -68.28 27.45
C ARG O 126 26.16 -68.11 27.42
N ILE O 127 25.44 -68.86 26.59
CA ILE O 127 24.01 -68.64 26.52
C ILE O 127 23.04 -69.83 26.56
N ASN O 128 23.37 -70.90 25.85
CA ASN O 128 22.53 -72.11 25.77
C ASN O 128 21.64 -72.39 27.00
N PHE O 129 20.37 -72.77 26.76
CA PHE O 129 19.44 -73.09 27.87
C PHE O 129 18.04 -73.57 27.45
N ASP O 130 17.41 -74.38 28.31
CA ASP O 130 16.06 -75.00 28.12
C ASP O 130 15.87 -75.67 26.76
N ASN O 131 16.57 -76.79 26.57
CA ASN O 131 16.50 -77.55 25.32
C ASN O 131 15.40 -78.61 25.33
N SER O 132 14.17 -78.19 25.60
CA SER O 132 13.09 -79.14 25.59
C SER O 132 12.34 -79.11 24.26
N SER O 133 12.75 -78.24 23.33
CA SER O 133 12.08 -78.19 22.02
C SER O 133 12.50 -79.41 21.21
N GLU O 134 11.61 -80.39 21.19
CA GLU O 134 11.78 -81.66 20.51
C GLU O 134 12.94 -81.73 19.51
N TYR O 135 13.10 -80.71 18.68
CA TYR O 135 14.16 -80.72 17.68
C TYR O 135 15.58 -80.52 18.15
N ILE O 136 15.76 -79.58 19.07
CA ILE O 136 17.09 -79.36 19.57
C ILE O 136 17.43 -80.58 20.41
N GLU O 137 16.46 -81.03 21.20
CA GLU O 137 16.63 -82.21 22.06
C GLU O 137 17.33 -83.27 21.22
N ASN O 138 16.90 -83.38 19.96
CA ASN O 138 17.46 -84.36 19.06
C ASN O 138 18.74 -83.92 18.36
N TRP O 139 18.90 -82.62 18.16
CA TRP O 139 20.13 -82.19 17.52
C TRP O 139 21.29 -82.61 18.40
N ASN O 140 21.27 -82.20 19.66
CA ASN O 140 22.35 -82.53 20.59
C ASN O 140 22.70 -84.01 20.58
N LEU O 141 21.75 -84.84 21.00
CA LEU O 141 21.96 -86.29 21.06
C LEU O 141 22.62 -86.86 19.82
N GLN O 142 22.50 -86.15 18.70
CA GLN O 142 23.09 -86.60 17.45
C GLN O 142 24.57 -86.24 17.40
N ASN O 143 24.95 -85.10 17.97
CA ASN O 143 26.35 -84.74 17.97
C ASN O 143 27.09 -85.61 18.99
N ARG O 144 26.33 -86.43 19.69
CA ARG O 144 26.87 -87.34 20.68
C ARG O 144 26.75 -88.78 20.23
N ARG O 145 27.01 -89.03 18.95
CA ARG O 145 26.97 -90.37 18.37
C ARG O 145 25.76 -91.22 18.78
N GLN O 146 24.81 -90.66 19.53
CA GLN O 146 23.67 -91.45 20.01
C GLN O 146 22.32 -91.48 19.28
N ARG O 147 21.62 -92.59 19.51
CA ARG O 147 20.31 -92.88 18.92
C ARG O 147 19.14 -92.13 19.52
N THR O 148 18.13 -91.96 18.68
CA THR O 148 16.87 -91.31 19.01
C THR O 148 16.43 -90.57 17.76
N GLY O 149 15.12 -90.63 17.51
CA GLY O 149 14.55 -89.97 16.35
C GLY O 149 13.45 -89.00 16.71
N PHE O 150 12.57 -88.73 15.76
CA PHE O 150 11.47 -87.81 15.97
C PHE O 150 10.12 -88.48 15.72
N THR O 151 9.06 -87.92 16.27
CA THR O 151 7.72 -88.48 16.10
C THR O 151 7.10 -87.84 14.87
N PHE O 152 6.75 -88.66 13.89
CA PHE O 152 6.18 -88.15 12.66
C PHE O 152 4.71 -88.41 12.43
N HIS O 153 4.26 -88.13 11.21
CA HIS O 153 2.86 -88.34 10.94
C HIS O 153 2.25 -88.39 9.55
N LYS O 154 1.62 -89.54 9.25
CA LYS O 154 1.07 -89.76 7.92
C LYS O 154 2.34 -89.29 7.17
N PRO O 155 3.56 -89.77 7.61
CA PRO O 155 4.95 -89.53 7.16
C PRO O 155 5.16 -89.48 5.66
N ASN O 156 6.32 -89.03 5.18
CA ASN O 156 6.39 -89.00 3.72
C ASN O 156 7.62 -89.80 3.28
N ILE O 157 7.49 -91.12 3.34
CA ILE O 157 8.58 -92.04 3.08
C ILE O 157 8.62 -92.60 1.66
N PHE O 158 7.47 -92.65 0.99
CA PHE O 158 7.43 -93.20 -0.36
C PHE O 158 7.51 -92.17 -1.48
N PRO O 159 8.57 -92.23 -2.30
CA PRO O 159 8.63 -91.25 -3.38
C PRO O 159 7.45 -91.60 -4.28
N TYR O 160 6.87 -90.60 -4.93
CA TYR O 160 5.74 -90.85 -5.80
C TYR O 160 6.13 -91.87 -6.87
N SER O 161 5.31 -92.89 -7.04
CA SER O 161 5.55 -93.91 -8.04
C SER O 161 4.19 -94.46 -8.41
N ALA O 162 3.81 -94.33 -9.66
CA ALA O 162 2.52 -94.84 -10.11
C ALA O 162 2.82 -95.58 -11.41
N SER O 163 2.73 -96.91 -11.39
CA SER O 163 3.03 -97.68 -12.59
C SER O 163 2.37 -99.06 -12.59
N PHE O 164 2.79 -99.93 -13.52
CA PHE O 164 2.25 -101.28 -13.62
C PHE O 164 3.32 -102.21 -14.18
N THR O 165 3.07 -103.50 -14.07
CA THR O 165 3.99 -104.49 -14.58
C THR O 165 3.11 -105.57 -15.14
N LEU O 166 3.22 -105.80 -16.44
CA LEU O 166 2.44 -106.84 -17.10
C LEU O 166 3.23 -108.15 -17.12
N ASN O 167 2.79 -109.12 -16.34
CA ASN O 167 3.47 -110.40 -16.28
C ASN O 167 3.09 -111.32 -17.45
N ARG O 168 1.93 -111.07 -18.03
CA ARG O 168 1.44 -111.79 -19.22
C ARG O 168 0.76 -110.73 -20.04
N SER O 169 1.19 -110.55 -21.28
CA SER O 169 0.58 -109.58 -22.15
C SER O 169 0.80 -110.02 -23.57
N GLN O 170 0.09 -109.38 -24.47
CA GLN O 170 0.20 -109.66 -25.88
C GLN O 170 -0.20 -108.37 -26.56
N PRO O 171 0.18 -108.18 -27.83
CA PRO O 171 -0.13 -106.98 -28.59
C PRO O 171 -1.54 -106.39 -28.43
N ALA O 172 -2.56 -107.23 -28.52
CA ALA O 172 -3.93 -106.77 -28.38
C ALA O 172 -4.30 -106.31 -26.95
N HIS O 173 -3.51 -106.74 -25.97
CA HIS O 173 -3.75 -106.41 -24.56
C HIS O 173 -5.17 -106.78 -24.18
N ASP O 174 -5.57 -107.98 -24.57
CA ASP O 174 -6.91 -108.49 -24.30
C ASP O 174 -6.92 -109.62 -23.28
N ASN O 175 -5.74 -110.03 -22.81
CA ASN O 175 -5.62 -111.07 -21.80
C ASN O 175 -4.33 -110.85 -20.98
N LEU O 176 -4.35 -109.81 -20.16
CA LEU O 176 -3.22 -109.42 -19.34
C LEU O 176 -3.28 -109.97 -17.94
N MET O 177 -2.12 -109.98 -17.29
CA MET O 177 -1.99 -110.41 -15.91
C MET O 177 -0.80 -109.63 -15.36
N GLY O 178 -0.99 -109.00 -14.20
CA GLY O 178 0.09 -108.22 -13.62
C GLY O 178 -0.39 -107.39 -12.46
N THR O 179 0.37 -106.36 -12.12
CA THR O 179 -0.02 -105.50 -11.02
C THR O 179 0.17 -104.04 -11.40
N MET O 180 -0.57 -103.18 -10.72
CA MET O 180 -0.47 -101.74 -10.92
C MET O 180 -0.53 -101.16 -9.50
N TRP O 181 0.15 -100.03 -9.29
CA TRP O 181 0.21 -99.48 -7.94
C TRP O 181 0.42 -97.98 -7.92
N LEU O 182 0.31 -97.44 -6.71
CA LEU O 182 0.58 -96.04 -6.40
C LEU O 182 1.23 -96.05 -5.02
N ASN O 183 2.49 -95.69 -4.99
CA ASN O 183 3.23 -95.50 -3.74
C ASN O 183 3.44 -94.00 -3.61
N ALA O 184 2.95 -93.40 -2.56
CA ALA O 184 3.11 -91.94 -2.40
C ALA O 184 2.92 -91.54 -0.96
N GLY O 185 3.89 -90.82 -0.42
CA GLY O 185 3.79 -90.37 0.96
C GLY O 185 3.87 -91.51 1.95
N SER O 186 2.77 -91.71 2.65
CA SER O 186 2.71 -92.78 3.64
C SER O 186 1.76 -93.88 3.17
N GLU O 187 1.33 -93.83 1.91
CA GLU O 187 0.39 -94.82 1.42
C GLU O 187 0.80 -95.65 0.22
N ILE O 188 0.29 -96.87 0.20
CA ILE O 188 0.53 -97.80 -0.89
C ILE O 188 -0.81 -98.40 -1.26
N GLN O 189 -1.11 -98.44 -2.55
CA GLN O 189 -2.31 -99.14 -3.03
C GLN O 189 -1.76 -100.00 -4.16
N VAL O 190 -2.11 -101.27 -4.17
CA VAL O 190 -1.64 -102.16 -5.22
C VAL O 190 -2.74 -103.12 -5.59
N ALA O 191 -2.89 -103.35 -6.90
CA ALA O 191 -3.89 -104.28 -7.40
C ALA O 191 -3.22 -105.30 -8.29
N GLY O 192 -3.72 -106.53 -8.22
CA GLY O 192 -3.24 -107.61 -9.05
C GLY O 192 -4.45 -107.94 -9.92
N PHE O 193 -4.24 -108.03 -11.23
CA PHE O 193 -5.32 -108.34 -12.17
C PHE O 193 -4.95 -109.55 -13.05
N ASP O 194 -5.96 -110.31 -13.43
CA ASP O 194 -5.78 -111.49 -14.28
C ASP O 194 -7.03 -111.54 -15.16
N TYR O 195 -6.90 -111.10 -16.40
CA TYR O 195 -8.04 -111.08 -17.32
C TYR O 195 -8.72 -112.45 -17.47
N SER O 196 -7.93 -113.53 -17.34
CA SER O 196 -8.46 -114.88 -17.48
C SER O 196 -9.14 -115.44 -16.22
N CYS O 197 -9.09 -114.70 -15.12
CA CYS O 197 -9.67 -115.13 -13.83
C CYS O 197 -9.13 -116.51 -13.42
N ALA O 198 -7.81 -116.67 -13.62
CA ALA O 198 -7.10 -117.89 -13.28
C ALA O 198 -7.72 -119.18 -13.84
N ILE O 199 -8.36 -119.08 -15.02
CA ILE O 199 -9.01 -120.21 -15.69
C ILE O 199 -8.06 -121.41 -15.96
N ASN O 200 -6.81 -121.11 -16.33
CA ASN O 200 -5.78 -122.11 -16.63
C ASN O 200 -4.67 -122.10 -15.59
N ALA O 201 -4.88 -121.43 -14.46
CA ALA O 201 -3.84 -121.36 -13.44
C ALA O 201 -3.92 -122.53 -12.46
N PRO O 202 -2.75 -122.98 -11.96
CA PRO O 202 -2.67 -124.09 -11.01
C PRO O 202 -3.51 -123.75 -9.77
N ALA O 203 -4.43 -124.65 -9.43
CA ALA O 203 -5.33 -124.46 -8.31
C ALA O 203 -6.26 -123.26 -8.54
N ASN O 204 -6.36 -122.83 -9.80
CA ASN O 204 -7.18 -121.67 -10.20
C ASN O 204 -6.87 -120.46 -9.32
N THR O 205 -5.59 -120.30 -9.01
CA THR O 205 -5.13 -119.22 -8.17
C THR O 205 -3.93 -118.52 -8.82
N GLN O 206 -3.98 -117.19 -8.90
CA GLN O 206 -2.88 -116.42 -9.44
C GLN O 206 -2.25 -115.67 -8.29
N GLN O 207 -0.94 -115.82 -8.11
CA GLN O 207 -0.23 -115.15 -7.03
C GLN O 207 0.23 -113.76 -7.46
N PHE O 208 0.19 -112.81 -6.53
CA PHE O 208 0.68 -111.45 -6.77
C PHE O 208 1.59 -111.05 -5.64
N GLU O 209 2.40 -110.04 -5.88
CA GLU O 209 3.32 -109.60 -4.87
C GLU O 209 3.72 -108.16 -5.17
N HIS O 210 3.88 -107.34 -4.13
CA HIS O 210 4.30 -105.97 -4.31
C HIS O 210 5.32 -105.70 -3.21
N ILE O 211 6.52 -105.28 -3.61
CA ILE O 211 7.58 -104.98 -2.66
C ILE O 211 7.96 -103.50 -2.71
N VAL O 212 8.05 -102.88 -1.55
CA VAL O 212 8.41 -101.46 -1.48
C VAL O 212 9.58 -101.33 -0.51
N GLN O 213 10.67 -100.76 -1.02
CA GLN O 213 11.87 -100.56 -0.22
C GLN O 213 11.99 -99.14 0.29
N LEU O 214 11.94 -98.96 1.60
CA LEU O 214 12.03 -97.61 2.16
C LEU O 214 13.46 -97.14 2.10
N ARG O 215 13.65 -95.83 1.94
CA ARG O 215 15.00 -95.27 1.88
C ARG O 215 15.56 -95.10 3.28
N ARG O 216 14.69 -95.16 4.28
CA ARG O 216 15.11 -95.06 5.68
C ARG O 216 14.21 -96.03 6.46
N VAL O 217 14.76 -96.56 7.54
CA VAL O 217 14.02 -97.48 8.39
C VAL O 217 12.99 -96.68 9.19
N LEU O 218 11.81 -97.28 9.32
CA LEU O 218 10.80 -96.68 10.15
C LEU O 218 10.62 -97.64 11.32
N THR O 219 10.48 -97.09 12.50
CA THR O 219 10.24 -97.89 13.68
C THR O 219 8.91 -97.44 14.32
N THR O 220 8.36 -98.27 15.18
CA THR O 220 7.13 -97.96 15.91
C THR O 220 5.99 -97.39 15.02
N ALA O 221 5.80 -98.00 13.85
CA ALA O 221 4.77 -97.60 12.90
C ALA O 221 3.39 -98.22 13.21
N THR O 222 2.40 -97.34 13.24
CA THR O 222 0.99 -97.73 13.39
C THR O 222 0.42 -97.68 11.98
N ILE O 223 -0.06 -98.82 11.53
CA ILE O 223 -0.46 -98.95 10.13
C ILE O 223 -1.90 -99.47 9.91
N THR O 224 -2.59 -98.92 8.92
CA THR O 224 -3.93 -99.35 8.57
C THR O 224 -3.77 -100.19 7.30
N LEU O 225 -4.30 -101.41 7.31
CA LEU O 225 -4.21 -102.28 6.15
C LEU O 225 -5.64 -102.65 5.85
N LEU O 226 -6.05 -102.45 4.62
CA LEU O 226 -7.42 -102.74 4.22
C LEU O 226 -7.41 -103.51 2.91
N PRO O 227 -8.40 -104.38 2.71
CA PRO O 227 -8.44 -105.13 1.45
C PRO O 227 -8.99 -104.16 0.40
N ASP O 228 -8.66 -104.43 -0.86
CA ASP O 228 -9.11 -103.63 -2.01
C ASP O 228 -8.28 -102.39 -2.28
N ALA O 229 -8.14 -102.05 -3.55
CA ALA O 229 -7.40 -100.87 -3.98
C ALA O 229 -8.43 -100.07 -4.78
N GLU O 230 -9.15 -99.16 -4.12
CA GLU O 230 -10.17 -98.37 -4.78
C GLU O 230 -9.65 -97.62 -6.00
N ARG O 231 -8.41 -97.15 -5.90
CA ARG O 231 -7.78 -96.44 -6.98
C ARG O 231 -7.71 -97.26 -8.29
N PHE O 232 -7.70 -98.57 -8.17
CA PHE O 232 -7.60 -99.44 -9.34
C PHE O 232 -8.83 -100.32 -9.47
N SER O 233 -9.98 -99.78 -9.09
CA SER O 233 -11.21 -100.53 -9.15
C SER O 233 -12.14 -100.01 -10.22
N PHE O 234 -11.68 -99.06 -11.00
CA PHE O 234 -12.52 -98.52 -12.05
C PHE O 234 -11.90 -98.68 -13.46
N PRO O 235 -12.73 -98.59 -14.50
CA PRO O 235 -12.30 -98.72 -15.90
C PRO O 235 -11.27 -97.69 -16.29
N ARG O 236 -10.25 -98.17 -16.96
CA ARG O 236 -9.17 -97.29 -17.39
C ARG O 236 -8.69 -97.65 -18.78
N VAL O 237 -8.19 -96.64 -19.42
CA VAL O 237 -7.50 -96.75 -20.69
C VAL O 237 -6.08 -96.30 -20.37
N ILE O 238 -5.16 -97.22 -20.50
CA ILE O 238 -3.78 -96.97 -20.08
C ILE O 238 -2.78 -97.06 -21.22
N ASN O 239 -1.65 -96.37 -21.10
CA ASN O 239 -0.64 -96.44 -22.14
C ASN O 239 0.10 -97.75 -21.98
N SER O 240 0.51 -98.34 -23.09
CA SER O 240 1.24 -99.59 -23.08
C SER O 240 2.63 -99.32 -22.51
N ALA O 241 3.33 -100.37 -22.10
CA ALA O 241 4.67 -100.22 -21.55
C ALA O 241 5.63 -99.43 -22.46
N ASP O 242 5.54 -99.66 -23.78
CA ASP O 242 6.41 -98.99 -24.75
C ASP O 242 5.88 -97.65 -25.25
N GLY O 243 4.71 -97.25 -24.74
CA GLY O 243 4.10 -96.00 -25.13
C GLY O 243 3.52 -95.97 -26.54
N ALA O 244 3.58 -97.10 -27.25
CA ALA O 244 3.07 -97.16 -28.61
C ALA O 244 1.55 -97.25 -28.79
N THR O 245 0.83 -97.68 -27.76
CA THR O 245 -0.63 -97.80 -27.86
C THR O 245 -1.30 -97.72 -26.47
N THR O 246 -2.60 -97.98 -26.42
CA THR O 246 -3.34 -97.95 -25.16
C THR O 246 -4.18 -99.22 -24.99
N TRP O 247 -4.23 -99.71 -23.76
CA TRP O 247 -5.01 -100.90 -23.40
C TRP O 247 -6.20 -100.55 -22.51
N TYR O 248 -7.16 -101.45 -22.45
CA TYR O 248 -8.36 -101.24 -21.67
C TYR O 248 -8.39 -102.13 -20.42
N PHE O 249 -8.66 -101.51 -19.26
CA PHE O 249 -8.75 -102.23 -17.99
C PHE O 249 -10.17 -102.03 -17.52
N ASN O 250 -10.88 -103.13 -17.35
CA ASN O 250 -12.27 -103.11 -16.94
C ASN O 250 -12.42 -104.01 -15.71
N PRO O 251 -11.97 -103.57 -14.53
CA PRO O 251 -11.97 -104.42 -13.33
C PRO O 251 -13.32 -104.74 -12.74
N VAL O 252 -13.32 -105.92 -12.13
CA VAL O 252 -14.38 -106.47 -11.27
C VAL O 252 -13.59 -107.01 -10.07
N ILE O 253 -13.98 -106.59 -8.90
CA ILE O 253 -13.17 -106.88 -7.69
C ILE O 253 -13.61 -108.08 -6.87
N LEU O 254 -12.62 -108.87 -6.47
CA LEU O 254 -12.83 -110.07 -5.64
C LEU O 254 -11.97 -109.86 -4.40
N ARG O 255 -12.27 -110.57 -3.31
CA ARG O 255 -11.48 -110.39 -2.10
C ARG O 255 -10.10 -110.97 -2.27
N PRO O 256 -9.09 -110.24 -1.81
CA PRO O 256 -7.74 -110.78 -1.95
C PRO O 256 -7.65 -112.02 -1.05
N ASN O 257 -7.10 -113.09 -1.62
CA ASN O 257 -6.94 -114.38 -0.98
C ASN O 257 -5.51 -114.59 -0.45
N ASN O 258 -5.38 -115.19 0.74
CA ASN O 258 -4.08 -115.45 1.37
C ASN O 258 -3.17 -114.24 1.48
N VAL O 259 -3.73 -113.16 2.00
CA VAL O 259 -3.00 -111.93 2.16
C VAL O 259 -1.92 -112.12 3.22
N GLU O 260 -0.70 -111.72 2.89
CA GLU O 260 0.40 -111.78 3.83
C GLU O 260 1.25 -110.53 3.69
N VAL O 261 1.37 -109.77 4.78
CA VAL O 261 2.18 -108.57 4.77
C VAL O 261 3.41 -108.84 5.60
N GLU O 262 4.58 -108.57 5.03
CA GLU O 262 5.79 -108.75 5.79
C GLU O 262 6.54 -107.44 5.85
N PHE O 263 6.98 -107.09 7.04
CA PHE O 263 7.78 -105.89 7.29
C PHE O 263 9.13 -106.47 7.58
N LEU O 264 10.06 -106.25 6.65
CA LEU O 264 11.38 -106.80 6.78
C LEU O 264 12.42 -105.76 7.10
N LEU O 265 13.51 -106.20 7.72
CA LEU O 265 14.61 -105.34 8.06
C LEU O 265 15.84 -106.10 7.61
N ASN O 266 16.56 -105.54 6.65
CA ASN O 266 17.77 -106.20 6.14
C ASN O 266 17.51 -107.65 5.69
N GLY O 267 16.37 -107.86 5.04
CA GLY O 267 16.04 -109.19 4.55
C GLY O 267 15.36 -110.10 5.54
N GLN O 268 15.34 -109.70 6.81
CA GLN O 268 14.71 -110.52 7.83
C GLN O 268 13.28 -110.08 8.12
N ILE O 269 12.39 -111.05 8.30
CA ILE O 269 11.00 -110.74 8.64
C ILE O 269 10.98 -110.28 10.10
N ILE O 270 10.52 -109.07 10.34
CA ILE O 270 10.43 -108.55 11.70
C ILE O 270 8.97 -108.71 12.12
N ASN O 271 8.05 -108.39 11.22
CA ASN O 271 6.62 -108.54 11.51
C ASN O 271 5.96 -109.18 10.32
N THR O 272 5.01 -110.07 10.57
CA THR O 272 4.27 -110.70 9.52
C THR O 272 2.82 -110.81 9.97
N TYR O 273 1.91 -110.49 9.05
CA TYR O 273 0.48 -110.53 9.31
C TYR O 273 -0.22 -111.26 8.18
N GLN O 274 -1.04 -112.24 8.54
CA GLN O 274 -1.75 -113.04 7.57
C GLN O 274 -3.19 -112.64 7.57
N ALA O 275 -3.61 -112.01 6.49
CA ALA O 275 -5.00 -111.62 6.33
C ALA O 275 -5.57 -110.80 7.48
N ARG O 276 -4.76 -109.96 8.10
CA ARG O 276 -5.25 -109.15 9.18
C ARG O 276 -5.48 -107.72 8.73
N PHE O 277 -6.75 -107.33 8.59
CA PHE O 277 -7.09 -105.99 8.15
C PHE O 277 -7.45 -105.12 9.36
N GLY O 278 -7.20 -103.83 9.27
CA GLY O 278 -7.48 -102.95 10.39
C GLY O 278 -6.15 -102.34 10.81
N THR O 279 -5.94 -102.22 12.11
CA THR O 279 -4.71 -101.62 12.62
C THR O 279 -3.68 -102.64 13.06
N ILE O 280 -2.48 -102.54 12.48
CA ILE O 280 -1.36 -103.45 12.80
C ILE O 280 -0.10 -102.61 13.10
N ILE O 281 0.79 -103.17 13.92
CA ILE O 281 2.03 -102.50 14.29
C ILE O 281 3.27 -103.13 13.58
N ALA O 282 4.12 -102.30 13.00
CA ALA O 282 5.34 -102.77 12.35
C ALA O 282 6.41 -102.04 13.16
N ARG O 283 7.15 -102.76 13.97
CA ARG O 283 8.05 -102.09 14.93
C ARG O 283 9.43 -101.64 14.40
N ASN O 284 9.88 -102.16 13.28
CA ASN O 284 11.23 -101.80 12.77
C ASN O 284 11.39 -102.45 11.40
N PHE O 285 11.41 -101.65 10.35
CA PHE O 285 11.49 -102.24 9.01
C PHE O 285 12.00 -101.25 7.97
N ASP O 286 12.61 -101.78 6.91
CA ASP O 286 13.11 -100.96 5.80
C ASP O 286 12.47 -101.44 4.52
N THR O 287 11.60 -102.43 4.62
CA THR O 287 10.94 -103.00 3.44
C THR O 287 9.57 -103.54 3.78
N ILE O 288 8.63 -103.37 2.87
CA ILE O 288 7.29 -103.90 3.05
C ILE O 288 7.06 -104.82 1.85
N ARG O 289 6.54 -106.01 2.13
CA ARG O 289 6.23 -106.94 1.05
C ARG O 289 4.78 -107.37 1.21
N LEU O 290 3.97 -107.11 0.20
CA LEU O 290 2.57 -107.48 0.22
C LEU O 290 2.36 -108.61 -0.78
N SER O 291 1.88 -109.76 -0.30
CA SER O 291 1.61 -110.91 -1.16
C SER O 291 0.15 -111.19 -1.03
N PHE O 292 -0.50 -111.42 -2.15
CA PHE O 292 -1.94 -111.68 -2.18
C PHE O 292 -2.26 -112.46 -3.45
N GLN O 293 -3.39 -113.13 -3.46
CA GLN O 293 -3.79 -113.95 -4.59
C GLN O 293 -5.19 -113.69 -5.08
N LEU O 294 -5.43 -114.08 -6.32
CA LEU O 294 -6.74 -114.01 -6.92
C LEU O 294 -7.10 -115.48 -7.04
N MET O 295 -8.19 -115.89 -6.44
CA MET O 295 -8.57 -117.28 -6.57
C MET O 295 -9.88 -117.30 -7.33
N ARG O 296 -9.92 -118.03 -8.43
CA ARG O 296 -11.14 -118.12 -9.21
C ARG O 296 -12.23 -118.70 -8.30
N PRO O 297 -13.40 -118.04 -8.21
CA PRO O 297 -14.48 -118.54 -7.36
C PRO O 297 -14.88 -119.96 -7.76
N PRO O 298 -14.80 -120.92 -6.83
CA PRO O 298 -15.16 -122.30 -7.17
C PRO O 298 -16.66 -122.47 -7.45
N ASN O 299 -17.48 -121.60 -6.86
CA ASN O 299 -18.93 -121.66 -7.05
C ASN O 299 -19.40 -120.29 -7.49
N MET O 300 -20.13 -120.25 -8.59
CA MET O 300 -20.59 -118.98 -9.14
C MET O 300 -22.06 -118.95 -9.50
N THR O 301 -22.77 -117.91 -9.09
CA THR O 301 -24.17 -117.79 -9.50
C THR O 301 -24.10 -117.45 -11.00
N PRO O 302 -25.20 -117.61 -11.74
CA PRO O 302 -25.20 -117.30 -13.18
C PRO O 302 -24.60 -115.95 -13.55
N ALA O 303 -25.00 -114.90 -12.83
CA ALA O 303 -24.51 -113.55 -13.08
C ALA O 303 -22.99 -113.49 -12.98
N VAL O 304 -22.42 -114.23 -12.03
CA VAL O 304 -20.97 -114.25 -11.86
C VAL O 304 -20.32 -115.10 -12.95
N ALA O 305 -20.88 -116.30 -13.16
CA ALA O 305 -20.37 -117.23 -14.17
C ALA O 305 -20.25 -116.55 -15.54
N ALA O 306 -21.21 -115.68 -15.83
CA ALA O 306 -21.25 -114.93 -17.09
C ALA O 306 -20.09 -113.97 -17.31
N LEU O 307 -19.44 -113.55 -16.23
CA LEU O 307 -18.34 -112.62 -16.33
C LEU O 307 -17.06 -113.31 -16.68
N PHE O 308 -16.98 -114.59 -16.32
CA PHE O 308 -15.78 -115.41 -16.50
C PHE O 308 -15.93 -116.66 -17.38
N PRO O 309 -15.92 -116.48 -18.72
CA PRO O 309 -16.06 -117.56 -19.69
C PRO O 309 -14.81 -118.44 -19.78
N ASN O 310 -14.95 -119.60 -20.40
CA ASN O 310 -13.81 -120.50 -20.56
C ASN O 310 -12.88 -120.06 -21.65
N ALA O 311 -13.39 -119.23 -22.56
CA ALA O 311 -12.61 -118.74 -23.67
C ALA O 311 -12.75 -117.23 -23.85
N GLN O 312 -11.73 -116.63 -24.46
CA GLN O 312 -11.75 -115.19 -24.73
C GLN O 312 -12.90 -114.94 -25.70
N PRO O 313 -13.34 -113.68 -25.83
CA PRO O 313 -12.85 -112.48 -25.15
C PRO O 313 -13.14 -112.39 -23.65
N PHE O 314 -12.15 -111.91 -22.90
CA PHE O 314 -12.28 -111.72 -21.47
C PHE O 314 -12.67 -110.25 -21.32
N GLU O 315 -13.93 -110.01 -20.97
CA GLU O 315 -14.43 -108.66 -20.87
C GLU O 315 -14.53 -108.04 -19.48
N HIS O 316 -14.49 -108.88 -18.45
CA HIS O 316 -14.53 -108.41 -17.09
C HIS O 316 -13.24 -108.94 -16.52
N HIS O 317 -12.41 -108.01 -16.02
CA HIS O 317 -11.10 -108.36 -15.52
C HIS O 317 -10.95 -108.49 -14.00
N ALA O 318 -10.85 -109.74 -13.55
CA ALA O 318 -10.72 -110.08 -12.13
C ALA O 318 -9.55 -109.34 -11.51
N THR O 319 -9.84 -108.63 -10.43
CA THR O 319 -8.86 -107.82 -9.73
C THR O 319 -8.98 -107.96 -8.22
N VAL O 320 -7.83 -108.07 -7.56
CA VAL O 320 -7.75 -108.15 -6.10
C VAL O 320 -6.75 -107.08 -5.69
N GLY O 321 -6.94 -106.47 -4.52
CA GLY O 321 -6.00 -105.42 -4.11
C GLY O 321 -5.87 -105.23 -2.62
N LEU O 322 -4.95 -104.33 -2.25
CA LEU O 322 -4.68 -104.00 -0.84
C LEU O 322 -4.36 -102.51 -0.74
N THR O 323 -4.65 -101.94 0.43
CA THR O 323 -4.34 -100.55 0.71
C THR O 323 -3.64 -100.54 2.06
N LEU O 324 -2.50 -99.89 2.13
CA LEU O 324 -1.73 -99.82 3.36
C LEU O 324 -1.37 -98.37 3.64
N ARG O 325 -1.66 -97.88 4.84
CA ARG O 325 -1.32 -96.50 5.21
C ARG O 325 -0.57 -96.42 6.53
N ILE O 326 0.57 -95.75 6.52
CA ILE O 326 1.36 -95.59 7.73
C ILE O 326 0.84 -94.33 8.41
N GLU O 327 0.05 -94.49 9.46
CA GLU O 327 -0.52 -93.35 10.18
C GLU O 327 0.55 -92.56 10.93
N SER O 328 1.42 -93.26 11.65
CA SER O 328 2.48 -92.62 12.41
C SER O 328 3.65 -93.58 12.48
N ALA O 329 4.82 -93.00 12.71
CA ALA O 329 6.04 -93.78 12.83
C ALA O 329 7.15 -92.90 13.35
N VAL O 330 8.25 -93.54 13.74
CA VAL O 330 9.41 -92.80 14.21
C VAL O 330 10.52 -93.08 13.20
N CYS O 331 11.34 -92.08 12.89
CA CYS O 331 12.46 -92.28 12.00
C CYS O 331 13.67 -91.61 12.61
N GLU O 332 14.82 -92.24 12.44
CA GLU O 332 16.06 -91.69 12.96
C GLU O 332 16.53 -90.51 12.07
N SER O 333 15.99 -90.40 10.85
CA SER O 333 16.33 -89.33 9.91
C SER O 333 15.14 -88.37 9.75
N VAL O 334 15.42 -87.08 9.52
CA VAL O 334 14.31 -86.16 9.32
C VAL O 334 13.60 -86.54 8.02
N LEU O 335 12.28 -86.33 8.00
CA LEU O 335 11.46 -86.62 6.81
C LEU O 335 10.37 -85.59 6.82
N ALA O 336 9.73 -85.43 5.67
CA ALA O 336 8.55 -84.57 5.60
C ALA O 336 7.40 -85.49 6.07
N ASP O 337 6.34 -84.92 6.62
CA ASP O 337 5.17 -85.69 7.04
C ASP O 337 3.92 -84.81 6.79
N ALA O 338 2.75 -85.23 7.28
CA ALA O 338 1.53 -84.46 7.03
C ALA O 338 1.21 -83.37 8.03
N SER O 339 2.07 -83.18 9.03
CA SER O 339 1.81 -82.18 10.05
C SER O 339 2.85 -81.09 10.22
N GLU O 340 4.13 -81.45 10.12
CA GLU O 340 5.21 -80.50 10.30
C GLU O 340 5.39 -79.58 9.10
N THR O 341 5.73 -78.33 9.37
CA THR O 341 5.89 -77.33 8.34
C THR O 341 7.33 -77.10 7.90
N MET O 342 8.28 -77.88 8.43
CA MET O 342 9.69 -77.73 8.09
C MET O 342 10.02 -77.69 6.62
N LEU O 343 9.65 -78.74 5.90
CA LEU O 343 9.92 -78.78 4.47
C LEU O 343 9.33 -77.55 3.80
N ALA O 344 8.07 -77.26 4.12
CA ALA O 344 7.40 -76.10 3.52
C ALA O 344 8.08 -74.79 3.87
N ASN O 345 8.61 -74.65 5.10
CA ASN O 345 9.30 -73.42 5.51
C ASN O 345 10.57 -73.20 4.70
N VAL O 346 11.39 -74.26 4.64
CA VAL O 346 12.65 -74.20 3.90
C VAL O 346 12.39 -73.93 2.43
N THR O 347 11.45 -74.69 1.85
CA THR O 347 11.10 -74.54 0.45
C THR O 347 10.55 -73.15 0.19
N SER O 348 9.72 -72.65 1.10
CA SER O 348 9.12 -71.33 0.94
C SER O 348 10.12 -70.19 1.02
N VAL O 349 11.06 -70.25 1.97
CA VAL O 349 12.03 -69.16 2.08
C VAL O 349 12.88 -69.13 0.82
N ARG O 350 13.32 -70.30 0.34
CA ARG O 350 14.12 -70.35 -0.87
C ARG O 350 13.38 -69.81 -2.10
N GLN O 351 12.10 -70.16 -2.24
CA GLN O 351 11.28 -69.69 -3.37
C GLN O 351 11.05 -68.18 -3.32
N GLU O 352 10.69 -67.68 -2.14
CA GLU O 352 10.43 -66.25 -1.98
C GLU O 352 11.65 -65.39 -2.34
N TYR O 353 12.84 -65.82 -1.93
CA TYR O 353 14.04 -65.05 -2.22
C TYR O 353 14.77 -65.46 -3.46
N ALA O 354 14.11 -66.18 -4.35
CA ALA O 354 14.71 -66.60 -5.61
C ALA O 354 16.11 -67.20 -5.45
N ILE O 355 16.28 -68.07 -4.45
CA ILE O 355 17.57 -68.70 -4.19
C ILE O 355 17.91 -69.65 -5.34
N PRO O 356 19.09 -69.50 -5.96
CA PRO O 356 19.53 -70.35 -7.07
C PRO O 356 19.66 -71.83 -6.65
N VAL O 357 19.47 -72.77 -7.58
CA VAL O 357 19.63 -74.18 -7.29
C VAL O 357 21.08 -74.36 -6.84
N GLY O 358 21.29 -75.16 -5.80
CA GLY O 358 22.64 -75.38 -5.30
C GLY O 358 23.16 -76.75 -5.69
N PRO O 359 24.28 -77.17 -5.10
CA PRO O 359 24.87 -78.48 -5.40
C PRO O 359 24.29 -79.67 -4.63
N VAL O 360 23.52 -79.43 -3.57
CA VAL O 360 22.99 -80.53 -2.77
C VAL O 360 21.55 -80.92 -3.05
N PHE O 361 20.64 -79.96 -2.87
CA PHE O 361 19.21 -80.22 -3.03
C PHE O 361 18.65 -80.20 -4.46
N PRO O 362 17.65 -81.07 -4.76
CA PRO O 362 17.08 -81.06 -6.11
C PRO O 362 16.36 -79.75 -6.34
N PRO O 363 16.18 -79.36 -7.62
CA PRO O 363 15.48 -78.12 -7.90
C PRO O 363 14.11 -78.09 -7.17
N GLY O 364 13.84 -76.95 -6.54
CA GLY O 364 12.60 -76.74 -5.81
C GLY O 364 12.44 -77.54 -4.53
N MET O 365 13.53 -78.12 -4.04
CA MET O 365 13.49 -78.96 -2.84
C MET O 365 12.47 -80.07 -3.10
N ASN O 366 12.34 -80.52 -4.36
CA ASN O 366 11.35 -81.55 -4.72
C ASN O 366 11.42 -82.78 -3.81
N TRP O 367 10.35 -83.06 -3.09
CA TRP O 367 10.38 -84.16 -2.16
C TRP O 367 10.63 -85.51 -2.80
N THR O 368 9.89 -85.84 -3.85
CA THR O 368 10.13 -87.12 -4.48
C THR O 368 11.61 -87.29 -4.86
N ASP O 369 12.19 -86.30 -5.52
CA ASP O 369 13.59 -86.40 -5.93
C ASP O 369 14.50 -86.53 -4.71
N LEU O 370 14.21 -85.77 -3.68
CA LEU O 370 15.02 -85.81 -2.48
C LEU O 370 15.02 -87.18 -1.81
N ILE O 371 13.84 -87.73 -1.53
CA ILE O 371 13.74 -89.02 -0.88
C ILE O 371 14.20 -90.17 -1.78
N THR O 372 14.10 -90.03 -3.10
CA THR O 372 14.54 -91.08 -4.01
C THR O 372 16.07 -91.27 -3.92
N ASN O 373 16.79 -90.16 -3.81
CA ASN O 373 18.24 -90.23 -3.69
C ASN O 373 18.61 -89.48 -2.44
N TYR O 374 18.22 -90.05 -1.31
CA TYR O 374 18.44 -89.45 -0.01
C TYR O 374 19.86 -89.74 0.48
N SER O 375 20.83 -89.07 -0.12
CA SER O 375 22.22 -89.27 0.23
C SER O 375 22.55 -88.73 1.62
N PRO O 376 23.71 -89.14 2.18
CA PRO O 376 24.08 -88.65 3.51
C PRO O 376 24.17 -87.12 3.49
N SER O 377 24.73 -86.56 2.42
CA SER O 377 24.86 -85.11 2.32
C SER O 377 23.49 -84.43 2.31
N ARG O 378 22.54 -84.95 1.54
CA ARG O 378 21.22 -84.34 1.53
C ARG O 378 20.59 -84.42 2.94
N GLU O 379 20.77 -85.55 3.63
CA GLU O 379 20.20 -85.69 4.96
C GLU O 379 20.82 -84.77 5.99
N ASP O 380 22.13 -84.62 5.96
CA ASP O 380 22.79 -83.71 6.91
C ASP O 380 22.37 -82.28 6.65
N ASN O 381 22.32 -81.89 5.38
CA ASN O 381 21.87 -80.54 5.02
C ASN O 381 20.39 -80.37 5.39
N LEU O 382 19.56 -81.38 5.11
CA LEU O 382 18.14 -81.32 5.43
C LEU O 382 17.94 -81.17 6.92
N GLN O 383 18.70 -81.92 7.72
CA GLN O 383 18.53 -81.82 9.16
C GLN O 383 18.94 -80.46 9.67
N ARG O 384 20.03 -79.93 9.13
CA ARG O 384 20.50 -78.61 9.57
C ARG O 384 19.44 -77.57 9.26
N VAL O 385 18.97 -77.66 8.06
CA VAL O 385 18.02 -76.73 7.50
C VAL O 385 16.63 -76.88 8.20
N PHE O 386 16.24 -78.11 8.54
CA PHE O 386 14.94 -78.36 9.25
C PHE O 386 15.04 -77.85 10.70
N THR O 387 16.18 -78.09 11.34
CA THR O 387 16.38 -77.63 12.70
C THR O 387 16.30 -76.09 12.75
N VAL O 388 16.89 -75.41 11.76
CA VAL O 388 16.84 -73.95 11.71
C VAL O 388 15.39 -73.47 11.49
N ALA O 389 14.67 -74.16 10.62
CA ALA O 389 13.28 -73.81 10.34
C ALA O 389 12.47 -73.91 11.65
N SER O 390 12.76 -74.93 12.45
CA SER O 390 12.04 -75.12 13.70
C SER O 390 12.41 -74.04 14.72
N ILE O 391 13.63 -73.53 14.66
CA ILE O 391 14.08 -72.49 15.60
C ILE O 391 13.34 -71.22 15.21
N ARG O 392 13.26 -70.98 13.91
CA ARG O 392 12.57 -69.81 13.40
C ARG O 392 11.07 -69.78 13.73
N SER O 393 10.40 -70.94 13.60
CA SER O 393 8.96 -71.04 13.89
C SER O 393 8.57 -70.80 15.34
N MET O 394 9.55 -70.63 16.23
CA MET O 394 9.26 -70.41 17.64
C MET O 394 8.90 -68.95 17.78
N LEU O 395 9.32 -68.14 16.81
CA LEU O 395 9.10 -66.71 16.86
C LEU O 395 8.33 -66.15 15.67
N VAL O 396 8.59 -66.71 14.51
CA VAL O 396 8.01 -66.24 13.26
C VAL O 396 7.27 -67.37 12.55
N LYS O 397 5.98 -67.20 12.38
CA LYS O 397 5.19 -68.22 11.69
C LYS O 397 4.55 -67.54 10.53
ZN ZN P . -66.88 -5.96 22.29
ZN ZN Q . 11.14 54.27 -37.69
ZN ZN R . 17.70 -3.09 -33.25
ZN ZN S . -22.92 -34.04 -4.26
ZN ZN T . -4.24 -86.34 11.09
#